data_6PYT
#
_entry.id   6PYT
#
_cell.length_a   1.00
_cell.length_b   1.00
_cell.length_c   1.00
_cell.angle_alpha   90.00
_cell.angle_beta   90.00
_cell.angle_gamma   90.00
#
_symmetry.space_group_name_H-M   'P 1'
#
loop_
_entity.id
_entity.type
_entity.pdbx_description
1 polymer 'Pyocin tube PA0623'
2 polymer 'Pyocin sheath PA0622'
#
loop_
_entity_poly.entity_id
_entity_poly.type
_entity_poly.pdbx_seq_one_letter_code
_entity_poly.pdbx_strand_id
1 'polypeptide(L)'
;MIPQTLTNTNLFIDGVSFAGDVPSLTLPKLAVKTEQYRAGGMDAPVSIDMGLEAMEAKFSTNGARREALNFFGLADQSAF
NGVFRGSFKGQKGASVPVVATLRGLLKEVDPGDWKAGEKAEFKYAVAVSYYKLEVDGREVYEIDPVNGVRAINGVDQLAG
MRNDLGL
;
m,a,n,o,p,q,r,b,c,d,e,f
2 'polypeptide(L)'
;MSFFHGVTVTNVDIGARTIALPASSVIGLCDVFTPGAQASAKPNVPVLLTSKKDAAAAFGIGSSIYLACEAIYNRAQAVI
VAVGVETAETPEAQASAVIGGISAAGERTGLQALLDGKSRFNAQPRLLVAPGHSAQQAVATAMDGLAEKLRAIAILDGPN
STDEAAVAYAKNFGSKRLFMVDPGVQVWDSATNAARNAPASAYAAGLFAWTDAEYGFWSSPSNKEIKGVTGTSRPVEFLD
GDETCRANLLNNANIATIIRDDGYRLWGNRTLSSDSKWAFVTRVRTMDLVMDAILAGHKWAVDRGITKTYVKDVTEGLRA
FMRDLKNQGAVINFEVYADPDLNSASQLAQGKVYWNIRFTDVPPAENPNFRVEVTDQWLTEVLDVA
;
M,A,N,O,P,Q,R,B,C,D,E,F
#
# COMPACT_ATOMS: atom_id res chain seq x y z
N MET A 1 -54.70 18.85 29.07
CA MET A 1 -53.70 19.76 29.59
C MET A 1 -54.11 21.21 29.43
N ILE A 2 -53.22 22.10 29.86
CA ILE A 2 -53.42 23.53 29.79
C ILE A 2 -52.43 24.07 28.77
N PRO A 3 -52.85 24.96 27.87
CA PRO A 3 -51.89 25.59 26.94
C PRO A 3 -50.88 26.44 27.68
N GLN A 4 -49.61 26.04 27.58
CA GLN A 4 -48.53 26.57 28.38
C GLN A 4 -47.40 27.00 27.46
N THR A 5 -46.80 28.15 27.73
CA THR A 5 -45.79 28.73 26.87
C THR A 5 -44.86 29.57 27.75
N LEU A 6 -43.58 29.57 27.40
CA LEU A 6 -42.61 30.50 27.98
C LEU A 6 -43.07 31.93 27.76
N THR A 7 -42.86 32.78 28.75
CA THR A 7 -43.05 34.22 28.57
C THR A 7 -41.82 35.03 28.94
N ASN A 8 -40.95 34.52 29.80
CA ASN A 8 -39.85 35.33 30.32
C ASN A 8 -38.66 34.44 30.61
N THR A 9 -37.46 35.00 30.43
CA THR A 9 -36.21 34.30 30.66
C THR A 9 -35.34 35.12 31.60
N ASN A 10 -34.33 34.47 32.16
CA ASN A 10 -33.34 35.16 32.97
C ASN A 10 -32.04 34.36 32.91
N LEU A 11 -30.96 35.00 33.35
CA LEU A 11 -29.64 34.39 33.34
C LEU A 11 -28.86 34.85 34.56
N PHE A 12 -28.27 33.89 35.26
CA PHE A 12 -27.32 34.12 36.34
C PHE A 12 -26.00 33.50 35.91
N ILE A 13 -24.94 34.30 35.81
CA ILE A 13 -23.66 33.72 35.42
C ILE A 13 -22.92 33.20 36.65
N ASP A 14 -22.50 34.09 37.52
CA ASP A 14 -21.78 33.66 38.71
C ASP A 14 -22.47 34.22 39.94
N GLY A 15 -23.78 34.04 39.96
CA GLY A 15 -24.63 34.68 40.93
C GLY A 15 -25.09 36.06 40.53
N VAL A 16 -24.40 36.71 39.60
CA VAL A 16 -24.81 38.02 39.13
C VAL A 16 -25.96 37.86 38.16
N SER A 17 -26.95 38.74 38.26
CA SER A 17 -28.14 38.63 37.45
C SER A 17 -27.99 39.41 36.16
N PHE A 18 -28.41 38.81 35.05
CA PHE A 18 -28.41 39.51 33.78
C PHE A 18 -29.81 39.98 33.41
N ALA A 19 -30.54 40.50 34.38
CA ALA A 19 -31.96 40.81 34.25
C ALA A 19 -32.22 42.07 33.43
N GLY A 20 -31.26 42.58 32.67
CA GLY A 20 -31.51 43.65 31.75
C GLY A 20 -31.10 43.35 30.33
N ASP A 21 -30.13 42.46 30.12
CA ASP A 21 -29.49 42.37 28.81
C ASP A 21 -29.21 40.95 28.35
N VAL A 22 -30.17 40.04 28.45
CA VAL A 22 -30.04 38.80 27.68
C VAL A 22 -31.26 38.60 26.80
N PRO A 23 -31.20 38.95 25.51
CA PRO A 23 -32.38 38.79 24.65
C PRO A 23 -32.68 37.34 24.30
N SER A 24 -31.70 36.47 24.21
CA SER A 24 -31.96 35.08 23.84
C SER A 24 -31.11 34.11 24.66
N LEU A 25 -31.72 33.01 25.06
CA LEU A 25 -31.04 31.90 25.72
C LEU A 25 -31.17 30.69 24.81
N THR A 26 -30.31 29.69 25.03
CA THR A 26 -30.49 28.41 24.38
C THR A 26 -29.96 27.32 25.31
N LEU A 27 -30.85 26.48 25.80
CA LEU A 27 -30.45 25.33 26.56
C LEU A 27 -29.72 24.35 25.65
N PRO A 28 -28.86 23.49 26.20
CA PRO A 28 -28.18 22.52 25.36
C PRO A 28 -29.12 21.48 24.79
N LYS A 29 -28.94 21.18 23.51
CA LYS A 29 -29.71 20.15 22.83
C LYS A 29 -29.22 18.79 23.30
N LEU A 30 -30.06 18.10 24.06
CA LEU A 30 -29.73 16.76 24.51
C LEU A 30 -30.06 15.79 23.39
N ALA A 31 -29.04 15.30 22.71
CA ALA A 31 -29.21 14.29 21.68
C ALA A 31 -28.45 13.06 22.11
N VAL A 32 -29.08 11.91 22.01
CA VAL A 32 -28.35 10.68 22.26
C VAL A 32 -27.65 10.31 20.95
N LYS A 33 -26.51 9.63 21.07
CA LYS A 33 -25.73 9.29 19.89
C LYS A 33 -26.23 7.95 19.39
N THR A 34 -27.17 7.97 18.46
CA THR A 34 -27.67 6.73 17.88
C THR A 34 -26.76 6.26 16.77
N GLU A 35 -26.63 4.95 16.66
CA GLU A 35 -26.12 4.31 15.46
C GLU A 35 -27.24 3.45 14.90
N GLN A 36 -27.55 3.64 13.62
CA GLN A 36 -28.62 2.89 12.98
C GLN A 36 -28.16 1.45 12.81
N TYR A 37 -28.82 0.54 13.50
CA TYR A 37 -28.33 -0.83 13.64
C TYR A 37 -29.18 -1.77 12.81
N ARG A 38 -28.65 -2.18 11.67
CA ARG A 38 -29.25 -3.16 10.77
C ARG A 38 -28.35 -4.39 10.78
N ALA A 39 -28.93 -5.55 11.01
CA ALA A 39 -28.15 -6.78 11.16
C ALA A 39 -28.96 -7.93 10.61
N GLY A 40 -28.63 -9.14 11.07
CA GLY A 40 -29.21 -10.33 10.48
C GLY A 40 -30.67 -10.49 10.83
N GLY A 41 -31.44 -10.97 9.86
CA GLY A 41 -32.83 -11.27 10.10
C GLY A 41 -33.73 -10.08 10.28
N MET A 42 -33.39 -8.93 9.71
CA MET A 42 -34.21 -7.74 9.88
C MET A 42 -34.04 -6.78 8.71
N ASP A 43 -35.14 -6.12 8.34
CA ASP A 43 -35.20 -5.28 7.15
C ASP A 43 -34.97 -3.80 7.44
N ALA A 44 -34.98 -3.39 8.70
CA ALA A 44 -34.89 -1.98 9.02
C ALA A 44 -33.93 -1.80 10.19
N PRO A 45 -33.25 -0.64 10.26
CA PRO A 45 -32.40 -0.36 11.42
C PRO A 45 -33.23 -0.10 12.66
N VAL A 46 -32.55 -0.06 13.82
CA VAL A 46 -33.28 -0.06 15.07
C VAL A 46 -32.74 0.97 16.07
N SER A 47 -31.58 1.56 15.77
CA SER A 47 -31.02 2.72 16.50
C SER A 47 -30.72 2.43 17.98
N ILE A 48 -29.67 1.65 18.18
CA ILE A 48 -29.09 1.46 19.52
C ILE A 48 -28.45 2.77 19.99
N ASP A 49 -28.49 3.03 21.30
CA ASP A 49 -27.81 4.18 21.87
C ASP A 49 -26.33 3.91 22.10
N MET A 50 -25.52 4.95 21.96
CA MET A 50 -24.08 4.86 22.13
C MET A 50 -23.56 5.91 23.10
N GLY A 51 -24.43 6.49 23.92
CA GLY A 51 -24.07 7.58 24.79
C GLY A 51 -24.67 8.89 24.30
N LEU A 52 -24.42 9.95 25.06
CA LEU A 52 -24.93 11.26 24.67
C LEU A 52 -23.97 11.98 23.73
N GLU A 53 -24.52 12.96 23.02
CA GLU A 53 -23.75 13.88 22.21
C GLU A 53 -23.12 14.95 23.07
N ALA A 54 -22.29 15.78 22.45
CA ALA A 54 -21.70 16.91 23.14
C ALA A 54 -22.71 18.04 23.26
N MET A 55 -22.78 18.63 24.45
CA MET A 55 -23.78 19.65 24.76
C MET A 55 -23.16 21.03 24.64
N GLU A 56 -23.82 21.92 23.91
CA GLU A 56 -23.45 23.32 23.91
C GLU A 56 -24.67 24.15 24.27
N ALA A 57 -24.50 25.06 25.24
CA ALA A 57 -25.50 26.06 25.56
C ALA A 57 -24.98 27.40 25.07
N LYS A 58 -25.79 28.10 24.30
CA LYS A 58 -25.38 29.38 23.79
C LYS A 58 -26.35 30.44 24.27
N PHE A 59 -25.86 31.66 24.40
CA PHE A 59 -26.68 32.76 24.87
C PHE A 59 -26.07 34.05 24.38
N SER A 60 -26.90 35.08 24.32
CA SER A 60 -26.47 36.35 23.77
C SER A 60 -26.76 37.47 24.75
N THR A 61 -25.80 38.37 24.87
CA THR A 61 -26.02 39.66 25.49
C THR A 61 -25.81 40.73 24.43
N ASN A 62 -26.34 41.92 24.67
CA ASN A 62 -26.15 42.98 23.69
C ASN A 62 -25.75 44.30 24.33
N GLY A 63 -25.33 44.29 25.58
CA GLY A 63 -24.51 45.32 26.16
C GLY A 63 -23.07 44.87 26.23
N ALA A 64 -22.27 45.59 27.02
CA ALA A 64 -20.86 45.25 27.14
C ALA A 64 -20.64 44.01 27.99
N ARG A 65 -21.02 44.11 29.27
CA ARG A 65 -21.20 42.98 30.20
C ARG A 65 -19.92 42.17 30.38
N ARG A 66 -18.98 42.83 31.08
CA ARG A 66 -17.75 42.17 31.52
C ARG A 66 -18.02 40.98 32.42
N GLU A 67 -19.14 40.95 33.12
CA GLU A 67 -19.50 39.83 33.99
C GLU A 67 -19.75 38.53 33.24
N ALA A 68 -19.86 38.58 31.91
CA ALA A 68 -19.80 37.40 31.08
C ALA A 68 -18.59 37.36 30.15
N LEU A 69 -17.99 38.50 29.83
CA LEU A 69 -16.79 38.51 29.00
C LEU A 69 -15.57 37.97 29.74
N ASN A 70 -15.53 38.10 31.06
CA ASN A 70 -14.37 37.68 31.82
C ASN A 70 -14.32 36.17 32.09
N PHE A 71 -15.24 35.39 31.54
CA PHE A 71 -15.19 33.94 31.68
C PHE A 71 -14.76 33.23 30.42
N PHE A 72 -14.44 33.96 29.36
CA PHE A 72 -13.92 33.32 28.15
C PHE A 72 -12.52 32.82 28.36
N GLY A 73 -12.27 31.58 27.92
CA GLY A 73 -10.93 31.09 27.69
C GLY A 73 -10.06 31.00 28.91
N LEU A 74 -10.65 30.70 30.06
CA LEU A 74 -9.86 30.53 31.26
C LEU A 74 -9.09 29.21 31.19
N ALA A 75 -8.04 29.13 31.99
CA ALA A 75 -7.31 27.87 32.10
C ALA A 75 -8.17 26.81 32.76
N ASP A 76 -9.01 27.22 33.70
CA ASP A 76 -9.94 26.33 34.37
C ASP A 76 -11.14 26.11 33.46
N GLN A 77 -11.15 24.99 32.74
CA GLN A 77 -12.39 24.58 32.11
C GLN A 77 -13.37 24.13 33.18
N SER A 78 -14.66 24.11 32.82
CA SER A 78 -15.77 23.85 33.74
C SER A 78 -15.77 24.80 34.95
N ALA A 79 -15.35 26.05 34.70
CA ALA A 79 -15.41 27.09 35.71
C ALA A 79 -16.48 28.13 35.44
N PHE A 80 -16.92 28.26 34.20
CA PHE A 80 -18.14 29.00 33.89
C PHE A 80 -19.29 28.24 34.53
N ASN A 81 -19.81 28.75 35.63
CA ASN A 81 -21.11 28.27 36.08
C ASN A 81 -22.18 29.19 35.49
N GLY A 82 -23.43 28.78 35.65
CA GLY A 82 -24.48 29.52 34.98
C GLY A 82 -25.84 28.89 35.15
N VAL A 83 -26.86 29.72 35.30
CA VAL A 83 -28.22 29.26 35.55
C VAL A 83 -29.11 29.89 34.49
N PHE A 84 -29.66 29.07 33.60
CA PHE A 84 -30.65 29.55 32.64
C PHE A 84 -32.03 29.34 33.26
N ARG A 85 -32.80 30.40 33.36
CA ARG A 85 -34.13 30.31 33.95
C ARG A 85 -35.19 30.72 32.94
N GLY A 86 -36.34 30.07 33.03
CA GLY A 86 -37.47 30.42 32.20
C GLY A 86 -38.74 30.28 33.02
N SER A 87 -39.71 31.11 32.67
CA SER A 87 -41.02 31.08 33.31
C SER A 87 -42.04 30.69 32.25
N PHE A 88 -42.62 29.50 32.37
CA PHE A 88 -43.62 29.06 31.42
C PHE A 88 -44.98 29.39 32.02
N LYS A 89 -45.83 30.06 31.24
CA LYS A 89 -46.96 30.77 31.82
C LYS A 89 -48.16 29.88 32.09
N GLY A 90 -48.75 29.33 31.04
CA GLY A 90 -50.00 28.61 31.25
C GLY A 90 -51.20 29.52 31.19
N GLN A 91 -52.32 28.97 30.71
CA GLN A 91 -53.50 29.79 30.48
C GLN A 91 -54.20 30.18 31.77
N LYS A 92 -54.24 29.27 32.74
CA LYS A 92 -54.90 29.57 34.01
C LYS A 92 -54.08 30.45 34.93
N GLY A 93 -52.85 30.77 34.57
CA GLY A 93 -52.02 31.66 35.36
C GLY A 93 -51.04 31.01 36.30
N ALA A 94 -50.85 29.70 36.19
CA ALA A 94 -49.92 28.97 37.06
C ALA A 94 -48.56 28.92 36.38
N SER A 95 -47.69 29.86 36.72
CA SER A 95 -46.38 29.94 36.11
C SER A 95 -45.45 28.86 36.65
N VAL A 96 -44.86 28.09 35.75
CA VAL A 96 -44.01 26.95 36.07
C VAL A 96 -42.57 27.32 35.75
N PRO A 97 -41.67 27.28 36.73
CA PRO A 97 -40.27 27.62 36.45
C PRO A 97 -39.53 26.48 35.79
N VAL A 98 -38.67 26.83 34.82
CA VAL A 98 -37.78 25.87 34.17
C VAL A 98 -36.38 26.41 34.37
N VAL A 99 -35.61 25.79 35.25
CA VAL A 99 -34.30 26.29 35.66
C VAL A 99 -33.23 25.26 35.30
N ALA A 100 -32.24 25.69 34.56
CA ALA A 100 -31.21 24.80 34.02
C ALA A 100 -29.85 25.29 34.49
N THR A 101 -29.43 24.83 35.66
CA THR A 101 -28.07 25.08 36.11
C THR A 101 -27.09 24.29 35.25
N LEU A 102 -26.03 24.96 34.82
CA LEU A 102 -25.09 24.31 33.94
C LEU A 102 -23.70 24.88 34.18
N ARG A 103 -22.71 24.12 33.73
CA ARG A 103 -21.32 24.37 34.06
C ARG A 103 -20.46 23.92 32.90
N GLY A 104 -19.45 24.69 32.56
CA GLY A 104 -18.62 24.31 31.43
C GLY A 104 -17.61 25.36 31.04
N LEU A 105 -17.24 25.35 29.78
CA LEU A 105 -16.23 26.26 29.25
C LEU A 105 -16.90 27.21 28.28
N LEU A 106 -16.80 28.51 28.54
CA LEU A 106 -17.27 29.52 27.61
C LEU A 106 -16.35 29.51 26.41
N LYS A 107 -16.80 28.86 25.33
CA LYS A 107 -15.88 28.47 24.28
C LYS A 107 -15.81 29.43 23.09
N GLU A 108 -16.81 30.27 22.87
CA GLU A 108 -16.64 31.30 21.87
C GLU A 108 -17.40 32.55 22.25
N VAL A 109 -16.77 33.69 22.03
CA VAL A 109 -17.39 35.00 22.15
C VAL A 109 -17.43 35.58 20.74
N ASP A 110 -18.64 35.89 20.28
CA ASP A 110 -18.87 36.32 18.90
C ASP A 110 -19.50 37.72 18.93
N PRO A 111 -18.69 38.78 19.04
CA PRO A 111 -19.22 40.12 18.74
C PRO A 111 -19.48 40.23 17.25
N GLY A 112 -20.73 40.47 16.89
CA GLY A 112 -21.13 40.46 15.51
C GLY A 112 -20.72 41.70 14.76
N ASP A 113 -21.48 42.03 13.73
CA ASP A 113 -21.25 43.27 13.00
C ASP A 113 -21.64 44.45 13.87
N TRP A 114 -20.85 45.50 13.81
CA TRP A 114 -21.14 46.75 14.50
C TRP A 114 -21.50 47.81 13.47
N LYS A 115 -22.77 47.87 13.13
CA LYS A 115 -23.28 49.00 12.38
C LYS A 115 -23.77 50.04 13.36
N ALA A 116 -23.85 51.29 12.89
CA ALA A 116 -24.09 52.42 13.79
C ALA A 116 -25.50 52.40 14.36
N GLY A 117 -26.50 52.49 13.52
CA GLY A 117 -27.84 52.51 14.06
C GLY A 117 -28.40 51.18 14.48
N GLU A 118 -27.69 50.08 14.26
CA GLU A 118 -28.21 48.75 14.48
C GLU A 118 -27.75 48.23 15.85
N LYS A 119 -28.64 47.48 16.50
CA LYS A 119 -28.34 46.81 17.77
C LYS A 119 -27.23 45.79 17.60
N ALA A 120 -26.20 45.89 18.44
CA ALA A 120 -25.04 45.00 18.37
C ALA A 120 -25.16 43.93 19.43
N GLU A 121 -25.02 42.67 19.04
CA GLU A 121 -25.32 41.51 19.87
C GLU A 121 -24.08 40.65 20.03
N PHE A 122 -23.59 40.54 21.26
CA PHE A 122 -22.52 39.61 21.59
C PHE A 122 -23.12 38.21 21.70
N LYS A 123 -22.73 37.30 20.82
CA LYS A 123 -23.19 35.92 20.90
C LYS A 123 -22.14 35.07 21.59
N TYR A 124 -22.55 34.36 22.64
CA TYR A 124 -21.64 33.51 23.39
C TYR A 124 -22.05 32.06 23.19
N ALA A 125 -21.18 31.13 23.56
CA ALA A 125 -21.51 29.71 23.51
C ALA A 125 -20.65 29.00 24.54
N VAL A 126 -21.26 28.14 25.34
CA VAL A 126 -20.51 27.43 26.36
C VAL A 126 -20.48 25.96 25.99
N ALA A 127 -19.45 25.28 26.47
CA ALA A 127 -19.26 23.86 26.20
C ALA A 127 -19.58 23.13 27.49
N VAL A 128 -20.78 22.54 27.54
CA VAL A 128 -21.41 22.18 28.80
C VAL A 128 -20.77 20.92 29.38
N SER A 129 -20.21 21.06 30.58
CA SER A 129 -19.56 19.96 31.30
C SER A 129 -20.42 19.43 32.44
N TYR A 130 -21.53 20.06 32.73
CA TYR A 130 -22.49 19.60 33.72
C TYR A 130 -23.81 20.26 33.41
N TYR A 131 -24.89 19.51 33.49
CA TYR A 131 -26.18 20.07 33.13
C TYR A 131 -27.27 19.44 33.98
N LYS A 132 -28.01 20.27 34.71
CA LYS A 132 -29.17 19.81 35.45
C LYS A 132 -30.36 20.68 35.09
N LEU A 133 -31.41 20.05 34.58
CA LEU A 133 -32.65 20.73 34.24
C LEU A 133 -33.70 20.42 35.30
N GLU A 134 -34.20 21.44 35.97
CA GLU A 134 -35.33 21.30 36.88
C GLU A 134 -36.56 21.97 36.29
N VAL A 135 -37.66 21.25 36.26
CA VAL A 135 -38.94 21.76 35.80
C VAL A 135 -39.92 21.68 36.96
N ASP A 136 -40.50 22.82 37.31
CA ASP A 136 -41.37 22.99 38.47
C ASP A 136 -40.66 22.57 39.76
N GLY A 137 -39.37 22.90 39.84
CA GLY A 137 -38.56 22.54 40.97
C GLY A 137 -38.31 21.05 41.14
N ARG A 138 -38.40 20.28 40.07
CA ARG A 138 -38.23 18.84 40.14
C ARG A 138 -37.21 18.44 39.09
N GLU A 139 -36.23 17.62 39.49
CA GLU A 139 -35.12 17.26 38.63
C GLU A 139 -35.60 16.44 37.44
N VAL A 140 -35.42 16.98 36.24
CA VAL A 140 -35.71 16.22 35.03
C VAL A 140 -34.41 15.62 34.55
N TYR A 141 -33.43 16.44 34.24
CA TYR A 141 -32.19 15.94 33.69
C TYR A 141 -31.06 16.21 34.67
N GLU A 142 -30.05 15.35 34.65
CA GLU A 142 -28.82 15.61 35.36
C GLU A 142 -27.71 14.86 34.63
N ILE A 143 -26.88 15.60 33.90
CA ILE A 143 -25.88 15.01 33.03
C ILE A 143 -24.52 15.51 33.47
N ASP A 144 -23.68 14.59 33.92
CA ASP A 144 -22.31 14.89 34.32
C ASP A 144 -21.44 13.86 33.61
N PRO A 145 -20.77 14.24 32.50
CA PRO A 145 -19.98 13.28 31.72
C PRO A 145 -18.86 12.61 32.49
N VAL A 146 -17.89 13.38 33.00
CA VAL A 146 -16.98 12.85 34.00
C VAL A 146 -17.79 12.63 35.26
N ASN A 147 -17.50 11.55 36.01
CA ASN A 147 -18.41 10.94 36.98
C ASN A 147 -19.74 10.62 36.30
N GLY A 148 -19.69 9.64 35.41
CA GLY A 148 -20.76 9.40 34.45
C GLY A 148 -22.15 9.16 35.02
N VAL A 149 -22.96 10.21 34.95
CA VAL A 149 -24.29 10.26 35.53
C VAL A 149 -25.24 10.73 34.45
N ARG A 150 -26.32 9.98 34.23
CA ARG A 150 -27.39 10.41 33.35
C ARG A 150 -28.71 10.10 34.05
N ALA A 151 -29.18 11.04 34.87
CA ALA A 151 -30.41 10.88 35.61
C ALA A 151 -31.57 11.50 34.85
N ILE A 152 -32.70 10.78 34.79
CA ILE A 152 -33.81 11.17 33.93
C ILE A 152 -35.08 11.44 34.75
N ASN A 153 -35.21 10.83 35.91
CA ASN A 153 -36.24 11.31 36.81
C ASN A 153 -35.74 11.26 38.25
N GLY A 154 -34.47 11.60 38.43
CA GLY A 154 -33.75 11.20 39.62
C GLY A 154 -33.19 9.80 39.54
N VAL A 155 -33.50 9.06 38.47
CA VAL A 155 -33.07 7.68 38.29
C VAL A 155 -31.85 7.68 37.40
N ASP A 156 -30.71 7.29 37.96
CA ASP A 156 -29.46 7.26 37.21
C ASP A 156 -29.49 6.11 36.22
N GLN A 157 -29.54 6.43 34.93
CA GLN A 157 -29.60 5.40 33.90
C GLN A 157 -28.28 4.70 33.70
N LEU A 158 -27.19 5.28 34.16
CA LEU A 158 -25.87 4.70 33.97
C LEU A 158 -25.39 3.88 35.15
N ALA A 159 -26.29 3.42 36.02
CA ALA A 159 -25.89 2.49 37.07
C ALA A 159 -25.55 1.13 36.49
N GLY A 160 -26.07 0.82 35.30
CA GLY A 160 -25.73 -0.43 34.64
C GLY A 160 -24.28 -0.45 34.19
N MET A 161 -23.86 0.58 33.46
CA MET A 161 -22.47 0.64 33.00
C MET A 161 -21.49 0.96 34.12
N ARG A 162 -21.97 1.53 35.23
CA ARG A 162 -21.07 1.91 36.30
C ARG A 162 -20.52 0.70 37.03
N ASN A 163 -21.37 -0.30 37.27
CA ASN A 163 -20.90 -1.54 37.88
C ASN A 163 -20.13 -2.41 36.90
N ASP A 164 -20.44 -2.30 35.61
CA ASP A 164 -19.70 -3.07 34.61
C ASP A 164 -18.28 -2.58 34.47
N LEU A 165 -18.09 -1.26 34.51
CA LEU A 165 -16.76 -0.70 34.38
C LEU A 165 -16.02 -0.62 35.70
N GLY A 166 -16.67 -0.94 36.81
CA GLY A 166 -16.04 -0.82 38.11
C GLY A 166 -15.77 0.60 38.53
N LEU A 167 -16.64 1.53 38.16
CA LEU A 167 -16.40 2.95 38.39
C LEU A 167 -16.67 3.35 39.83
N SER B 2 33.59 42.42 47.16
CA SER B 2 34.06 42.19 45.81
C SER B 2 33.15 41.18 45.11
N PHE B 3 33.56 40.73 43.93
CA PHE B 3 32.82 39.73 43.18
C PHE B 3 33.80 38.77 42.54
N PHE B 4 33.29 37.95 41.64
CA PHE B 4 34.11 37.03 40.87
C PHE B 4 33.54 36.96 39.47
N HIS B 5 34.41 36.86 38.48
CA HIS B 5 33.99 36.68 37.11
C HIS B 5 34.64 35.43 36.55
N GLY B 6 33.86 34.59 35.89
CA GLY B 6 34.29 33.27 35.53
C GLY B 6 33.67 32.24 36.44
N VAL B 7 34.14 31.01 36.31
CA VAL B 7 33.56 29.88 37.02
C VAL B 7 34.44 29.51 38.21
N THR B 8 33.82 29.39 39.39
CA THR B 8 34.51 28.88 40.55
C THR B 8 34.27 27.39 40.68
N VAL B 9 35.25 26.69 41.24
CA VAL B 9 35.04 25.36 41.79
C VAL B 9 35.37 25.42 43.27
N THR B 10 34.63 24.67 44.07
CA THR B 10 34.78 24.71 45.52
C THR B 10 34.64 23.31 46.06
N ASN B 11 35.68 22.83 46.73
CA ASN B 11 35.59 21.58 47.46
C ASN B 11 34.80 21.81 48.73
N VAL B 12 33.62 21.21 48.82
CA VAL B 12 32.77 21.37 50.00
C VAL B 12 31.98 20.09 50.20
N ASP B 13 31.94 19.61 51.44
CA ASP B 13 31.23 18.39 51.78
C ASP B 13 29.76 18.70 52.02
N ILE B 14 28.89 18.09 51.24
CA ILE B 14 27.44 18.16 51.43
C ILE B 14 26.85 16.78 51.32
N GLY B 15 26.00 16.43 52.28
CA GLY B 15 25.68 15.05 52.57
C GLY B 15 24.52 14.37 51.87
N ALA B 16 24.69 13.96 50.61
CA ALA B 16 23.89 12.89 50.00
C ALA B 16 22.39 13.18 49.93
N ARG B 17 21.98 14.02 48.97
CA ARG B 17 20.66 14.68 48.92
C ARG B 17 19.49 13.73 49.15
N THR B 18 18.40 14.29 49.61
CA THR B 18 17.32 13.59 50.32
C THR B 18 15.97 13.87 49.66
N ILE B 19 15.91 13.59 48.35
CA ILE B 19 14.75 13.86 47.50
C ILE B 19 13.46 13.28 48.09
N ALA B 20 12.43 14.11 48.08
CA ALA B 20 11.13 13.75 48.63
C ALA B 20 10.07 14.42 47.78
N LEU B 21 8.88 13.85 47.79
CA LEU B 21 7.77 14.46 47.07
C LEU B 21 7.37 15.76 47.75
N PRO B 22 7.19 16.85 47.01
CA PRO B 22 6.70 18.10 47.61
C PRO B 22 5.24 17.96 48.01
N ALA B 23 4.96 18.13 49.29
CA ALA B 23 3.63 17.95 49.85
C ALA B 23 2.98 19.30 50.12
N SER B 24 1.64 19.31 50.15
CA SER B 24 0.89 20.52 50.42
C SER B 24 0.44 20.65 51.86
N SER B 25 0.56 19.59 52.65
CA SER B 25 0.14 19.65 54.04
C SER B 25 1.10 20.49 54.86
N VAL B 26 0.56 21.15 55.89
CA VAL B 26 1.35 21.97 56.80
C VAL B 26 1.38 21.30 58.17
N ILE B 27 2.49 21.45 58.87
CA ILE B 27 2.80 20.69 60.08
C ILE B 27 3.20 21.67 61.17
N GLY B 28 2.59 21.54 62.36
CA GLY B 28 2.92 22.38 63.48
C GLY B 28 3.88 21.69 64.42
N LEU B 29 5.07 22.25 64.56
CA LEU B 29 6.17 21.61 65.25
C LEU B 29 6.59 22.49 66.43
N CYS B 30 7.02 21.83 67.50
CA CYS B 30 7.37 22.53 68.74
C CYS B 30 8.33 21.67 69.53
N ASP B 31 9.57 22.16 69.72
CA ASP B 31 10.61 21.40 70.41
C ASP B 31 11.64 22.41 70.91
N VAL B 32 12.75 21.90 71.46
CA VAL B 32 13.72 22.76 72.14
C VAL B 32 14.88 23.10 71.21
N PHE B 33 15.45 24.29 71.43
CA PHE B 33 16.66 24.69 70.74
C PHE B 33 17.35 25.73 71.60
N THR B 34 18.58 26.09 71.22
CA THR B 34 19.32 27.11 71.94
C THR B 34 19.40 28.37 71.10
N PRO B 35 18.83 29.48 71.54
CA PRO B 35 18.97 30.72 70.79
C PRO B 35 20.37 31.30 70.87
N GLY B 36 21.12 31.21 69.79
CA GLY B 36 22.51 31.61 69.77
C GLY B 36 22.76 32.61 68.66
N ALA B 37 23.95 32.52 68.07
CA ALA B 37 24.33 33.45 67.01
C ALA B 37 23.75 33.02 65.66
N GLN B 38 24.10 31.81 65.22
CA GLN B 38 23.67 31.35 63.90
C GLN B 38 22.20 30.94 63.88
N ALA B 39 21.63 30.59 65.03
CA ALA B 39 20.21 30.31 65.12
C ALA B 39 19.45 31.64 65.01
N SER B 40 18.88 31.91 63.85
CA SER B 40 18.19 33.17 63.63
C SER B 40 16.69 33.02 63.87
N ALA B 41 16.35 32.61 65.08
CA ALA B 41 14.96 32.51 65.50
C ALA B 41 14.82 33.00 66.93
N LYS B 42 13.89 33.91 67.15
CA LYS B 42 13.46 34.20 68.50
C LYS B 42 12.67 33.00 69.03
N PRO B 43 12.74 32.73 70.36
CA PRO B 43 12.15 31.50 70.90
C PRO B 43 10.65 31.29 70.68
N ASN B 44 9.80 32.16 71.19
CA ASN B 44 8.36 31.91 71.06
C ASN B 44 7.77 32.63 69.85
N VAL B 45 8.41 32.50 68.70
CA VAL B 45 7.95 33.09 67.46
C VAL B 45 7.91 31.99 66.40
N PRO B 46 6.76 31.69 65.81
CA PRO B 46 6.72 30.67 64.76
C PRO B 46 7.37 31.16 63.48
N VAL B 47 8.03 30.24 62.78
CA VAL B 47 8.70 30.52 61.51
C VAL B 47 8.29 29.46 60.50
N LEU B 48 8.14 29.86 59.24
CA LEU B 48 7.77 28.93 58.18
C LEU B 48 9.01 28.32 57.56
N LEU B 49 8.99 27.00 57.40
CA LEU B 49 10.15 26.23 56.97
C LEU B 49 9.79 25.47 55.71
N THR B 50 10.69 25.50 54.72
CA THR B 50 10.53 24.72 53.51
C THR B 50 11.76 23.89 53.14
N SER B 51 12.79 23.86 53.99
CA SER B 51 14.04 23.20 53.62
C SER B 51 14.78 22.79 54.89
N LYS B 52 15.69 21.82 54.73
CA LYS B 52 16.62 21.52 55.81
C LYS B 52 17.60 22.67 56.02
N LYS B 53 17.91 23.43 54.97
CA LYS B 53 18.71 24.63 55.14
C LYS B 53 17.93 25.70 55.89
N ASP B 54 16.63 25.83 55.61
CA ASP B 54 15.80 26.79 56.33
C ASP B 54 15.54 26.37 57.76
N ALA B 55 15.67 25.08 58.07
CA ALA B 55 15.55 24.60 59.44
C ALA B 55 16.86 24.78 60.21
N ALA B 56 17.99 24.70 59.53
CA ALA B 56 19.29 24.87 60.16
C ALA B 56 19.79 26.30 60.11
N ALA B 57 19.10 27.19 59.42
CA ALA B 57 19.43 28.61 59.49
C ALA B 57 18.63 29.30 60.59
N ALA B 58 17.37 28.92 60.77
CA ALA B 58 16.57 29.48 61.84
C ALA B 58 16.96 28.86 63.18
N PHE B 59 17.14 27.56 63.22
CA PHE B 59 17.46 26.84 64.44
C PHE B 59 18.86 26.28 64.30
N GLY B 60 19.42 25.81 65.42
CA GLY B 60 20.73 25.21 65.36
C GLY B 60 20.69 23.86 64.66
N ILE B 61 21.82 23.51 64.04
CA ILE B 61 21.91 22.20 63.39
C ILE B 61 22.03 21.11 64.43
N GLY B 62 22.49 21.42 65.64
CA GLY B 62 22.48 20.48 66.73
C GLY B 62 21.24 20.55 67.59
N SER B 63 20.22 21.29 67.20
CA SER B 63 19.04 21.47 68.01
C SER B 63 18.13 20.26 67.92
N SER B 64 17.10 20.25 68.77
CA SER B 64 16.09 19.21 68.68
C SER B 64 14.94 19.59 67.76
N ILE B 65 14.80 20.87 67.43
CA ILE B 65 13.93 21.28 66.34
C ILE B 65 14.40 20.67 65.03
N TYR B 66 15.69 20.85 64.73
CA TYR B 66 16.24 20.44 63.44
C TYR B 66 16.21 18.93 63.27
N LEU B 67 16.40 18.17 64.36
CA LEU B 67 16.28 16.72 64.27
C LEU B 67 14.85 16.30 63.99
N ALA B 68 13.88 17.07 64.48
CA ALA B 68 12.49 16.83 64.12
C ALA B 68 12.19 17.28 62.70
N CYS B 69 12.84 18.35 62.24
CA CYS B 69 12.61 18.83 60.89
C CYS B 69 13.35 17.99 59.86
N GLU B 70 14.52 17.45 60.20
CA GLU B 70 15.16 16.47 59.34
C GLU B 70 14.34 15.19 59.25
N ALA B 71 13.62 14.85 60.32
CA ALA B 71 12.75 13.68 60.33
C ALA B 71 11.57 13.82 59.38
N ILE B 72 11.17 15.04 59.05
CA ILE B 72 10.04 15.25 58.14
C ILE B 72 10.53 15.42 56.71
N TYR B 73 11.64 16.11 56.52
CA TYR B 73 12.15 16.38 55.19
C TYR B 73 12.80 15.17 54.52
N ASN B 74 13.03 14.09 55.25
CA ASN B 74 13.47 12.86 54.60
C ASN B 74 12.32 12.14 53.90
N ARG B 75 11.09 12.50 54.19
CA ARG B 75 9.94 11.83 53.61
C ARG B 75 9.09 12.74 52.75
N ALA B 76 8.87 13.98 53.17
CA ALA B 76 8.06 14.91 52.42
C ALA B 76 8.68 16.29 52.48
N GLN B 77 8.61 17.02 51.37
CA GLN B 77 9.06 18.40 51.33
C GLN B 77 7.92 19.30 51.79
N ALA B 78 7.63 19.20 53.08
CA ALA B 78 6.43 19.76 53.66
C ALA B 78 6.68 21.17 54.20
N VAL B 79 5.60 21.86 54.48
CA VAL B 79 5.65 23.19 55.07
C VAL B 79 5.50 23.02 56.58
N ILE B 80 6.44 23.57 57.34
CA ILE B 80 6.48 23.39 58.78
C ILE B 80 6.46 24.74 59.45
N VAL B 81 5.38 25.02 60.19
CA VAL B 81 5.33 26.13 61.13
C VAL B 81 5.93 25.63 62.43
N ALA B 82 7.14 26.07 62.74
CA ALA B 82 7.89 25.56 63.88
C ALA B 82 8.08 26.64 64.93
N VAL B 83 7.89 26.29 66.18
CA VAL B 83 8.01 27.20 67.32
C VAL B 83 9.10 26.67 68.23
N GLY B 84 10.23 27.37 68.27
CA GLY B 84 11.38 26.96 69.05
C GLY B 84 11.35 27.31 70.52
N VAL B 85 10.62 26.55 71.34
CA VAL B 85 10.59 26.78 72.77
C VAL B 85 11.97 26.60 73.38
N GLU B 86 12.43 27.61 74.12
CA GLU B 86 13.73 27.54 74.79
C GLU B 86 13.72 26.47 75.88
N THR B 87 14.92 25.96 76.17
CA THR B 87 15.05 24.86 77.12
C THR B 87 14.90 25.35 78.56
N ALA B 88 14.65 24.40 79.45
CA ALA B 88 14.45 24.71 80.87
C ALA B 88 14.96 23.53 81.68
N GLU B 89 15.11 23.75 82.99
CA GLU B 89 15.77 22.76 83.84
C GLU B 89 14.86 21.60 84.16
N THR B 90 13.81 21.85 84.93
CA THR B 90 12.96 20.77 85.41
C THR B 90 11.92 20.38 84.36
N PRO B 91 11.53 19.10 84.30
CA PRO B 91 10.49 18.70 83.34
C PRO B 91 9.11 19.26 83.65
N GLU B 92 8.87 19.74 84.87
CA GLU B 92 7.64 20.47 85.14
C GLU B 92 7.67 21.83 84.45
N ALA B 93 8.80 22.52 84.50
CA ALA B 93 8.93 23.81 83.83
C ALA B 93 9.18 23.66 82.34
N GLN B 94 9.65 22.49 81.90
CA GLN B 94 9.82 22.29 80.46
C GLN B 94 8.49 22.01 79.80
N ALA B 95 7.68 21.15 80.40
CA ALA B 95 6.32 20.91 79.90
C ALA B 95 5.46 22.16 80.00
N SER B 96 5.73 23.03 80.97
CA SER B 96 4.99 24.28 81.06
C SER B 96 5.39 25.25 79.95
N ALA B 97 6.62 25.13 79.45
CA ALA B 97 7.09 26.01 78.39
C ALA B 97 6.72 25.50 77.00
N VAL B 98 6.56 24.20 76.85
CA VAL B 98 6.08 23.66 75.58
C VAL B 98 4.59 23.96 75.40
N ILE B 99 3.81 23.81 76.47
CA ILE B 99 2.41 24.23 76.44
C ILE B 99 2.31 25.73 76.23
N GLY B 100 2.99 26.50 77.08
CA GLY B 100 3.01 27.94 76.90
C GLY B 100 1.69 28.57 77.29
N GLY B 101 1.32 29.59 76.57
CA GLY B 101 0.04 30.25 76.80
C GLY B 101 0.12 31.71 76.40
N ILE B 102 -0.74 32.50 77.04
CA ILE B 102 -0.79 33.93 76.82
C ILE B 102 -0.06 34.68 77.92
N SER B 103 0.88 34.02 78.61
CA SER B 103 1.59 34.55 79.77
C SER B 103 2.59 35.66 79.44
N ALA B 104 2.66 36.13 78.19
CA ALA B 104 3.47 37.28 77.81
C ALA B 104 2.77 38.59 78.16
N ALA B 105 3.24 39.69 77.57
CA ALA B 105 2.47 40.93 77.57
C ALA B 105 1.12 40.71 76.91
N GLY B 106 1.12 40.29 75.64
CA GLY B 106 -0.08 39.79 75.01
C GLY B 106 0.18 38.68 74.00
N GLU B 107 1.43 38.24 73.89
CA GLU B 107 1.80 37.29 72.86
C GLU B 107 1.43 35.86 73.25
N ARG B 108 1.57 34.96 72.30
CA ARG B 108 1.25 33.55 72.48
C ARG B 108 2.53 32.74 72.41
N THR B 109 2.74 31.87 73.39
CA THR B 109 3.98 31.14 73.54
C THR B 109 3.73 29.64 73.48
N GLY B 110 4.76 28.90 73.07
CA GLY B 110 4.70 27.45 73.10
C GLY B 110 3.90 26.83 71.99
N LEU B 111 3.06 25.84 72.34
CA LEU B 111 2.14 25.28 71.36
C LEU B 111 1.10 26.29 70.92
N GLN B 112 0.76 27.24 71.78
CA GLN B 112 -0.27 28.22 71.51
C GLN B 112 0.09 29.18 70.39
N ALA B 113 1.39 29.30 70.08
CA ALA B 113 1.82 30.08 68.94
C ALA B 113 1.54 29.40 67.61
N LEU B 114 1.18 28.11 67.61
CA LEU B 114 0.81 27.46 66.36
C LEU B 114 -0.57 27.88 65.89
N LEU B 115 -1.39 28.46 66.78
CA LEU B 115 -2.64 29.08 66.36
C LEU B 115 -2.40 30.36 65.57
N ASP B 116 -1.20 30.91 65.66
CA ASP B 116 -0.77 32.05 64.88
C ASP B 116 -0.14 31.64 63.56
N GLY B 117 -0.24 30.36 63.19
CA GLY B 117 0.44 29.90 61.98
C GLY B 117 -0.19 30.46 60.72
N LYS B 118 -1.51 30.43 60.63
CA LYS B 118 -2.21 31.25 59.67
C LYS B 118 -2.21 32.69 60.20
N SER B 119 -2.28 33.65 59.27
CA SER B 119 -2.19 35.11 59.42
C SER B 119 -0.78 35.59 59.71
N ARG B 120 0.15 34.68 59.95
CA ARG B 120 1.57 34.99 59.89
C ARG B 120 2.22 34.44 58.64
N PHE B 121 1.74 33.31 58.13
CA PHE B 121 2.39 32.65 57.02
C PHE B 121 1.45 32.01 56.02
N ASN B 122 0.13 32.14 56.21
CA ASN B 122 -0.92 31.45 55.43
C ASN B 122 -0.72 29.94 55.45
N ALA B 123 -0.50 29.41 56.65
CA ALA B 123 -0.26 27.97 56.84
C ALA B 123 -0.90 27.57 58.16
N GLN B 124 -2.15 27.11 58.09
CA GLN B 124 -2.89 26.70 59.27
C GLN B 124 -2.63 25.23 59.54
N PRO B 125 -1.89 24.88 60.60
CA PRO B 125 -1.28 23.55 60.73
C PRO B 125 -2.29 22.42 60.87
N ARG B 126 -2.30 21.53 59.88
CA ARG B 126 -3.15 20.36 59.87
C ARG B 126 -2.55 19.18 60.63
N LEU B 127 -1.30 19.26 61.02
CA LEU B 127 -0.63 18.22 61.79
C LEU B 127 0.15 18.86 62.92
N LEU B 128 -0.01 18.33 64.12
CA LEU B 128 0.61 18.88 65.31
C LEU B 128 1.55 17.84 65.91
N VAL B 129 2.78 18.24 66.15
CA VAL B 129 3.80 17.33 66.63
C VAL B 129 4.66 18.07 67.65
N ALA B 130 4.91 17.42 68.78
CA ALA B 130 5.80 17.93 69.82
C ALA B 130 6.73 16.79 70.18
N PRO B 131 7.86 16.66 69.47
CA PRO B 131 8.67 15.44 69.57
C PRO B 131 9.41 15.34 70.91
N GLY B 132 9.15 14.26 71.63
CA GLY B 132 9.76 14.03 72.92
C GLY B 132 9.01 14.64 74.09
N HIS B 133 8.10 15.56 73.82
CA HIS B 133 7.35 16.24 74.87
C HIS B 133 5.92 15.78 74.98
N SER B 134 5.38 15.10 73.97
CA SER B 134 4.02 14.62 74.01
C SER B 134 3.86 13.39 74.89
N ALA B 135 4.97 12.84 75.41
CA ALA B 135 4.90 11.75 76.37
C ALA B 135 4.40 12.20 77.73
N GLN B 136 4.52 13.47 78.06
CA GLN B 136 3.92 13.98 79.29
C GLN B 136 2.44 14.23 79.08
N GLN B 137 1.66 13.97 80.12
CA GLN B 137 0.21 13.98 79.99
C GLN B 137 -0.36 15.38 79.94
N ALA B 138 0.40 16.38 80.41
CA ALA B 138 -0.04 17.77 80.35
C ALA B 138 0.14 18.37 78.97
N VAL B 139 1.26 18.05 78.30
CA VAL B 139 1.49 18.53 76.95
C VAL B 139 0.52 17.88 75.99
N ALA B 140 0.28 16.59 76.15
CA ALA B 140 -0.62 15.85 75.28
C ALA B 140 -2.08 16.21 75.49
N THR B 141 -2.42 16.95 76.55
CA THR B 141 -3.74 17.56 76.65
C THR B 141 -3.77 18.93 75.98
N ALA B 142 -2.66 19.68 76.05
CA ALA B 142 -2.56 20.91 75.28
C ALA B 142 -2.47 20.63 73.79
N MET B 143 -1.87 19.51 73.40
CA MET B 143 -1.96 19.05 72.03
C MET B 143 -3.40 18.74 71.64
N ASP B 144 -4.18 18.20 72.58
CA ASP B 144 -5.55 17.78 72.31
C ASP B 144 -6.46 18.97 72.10
N GLY B 145 -6.51 19.88 73.07
CA GLY B 145 -7.39 21.04 72.98
C GLY B 145 -7.03 22.00 71.87
N LEU B 146 -5.78 21.99 71.44
CA LEU B 146 -5.38 22.82 70.30
C LEU B 146 -5.62 22.14 68.98
N ALA B 147 -5.59 20.79 68.94
CA ALA B 147 -6.01 20.10 67.73
C ALA B 147 -7.50 20.22 67.51
N GLU B 148 -8.27 20.38 68.59
CA GLU B 148 -9.71 20.60 68.44
C GLU B 148 -9.98 22.00 67.91
N LYS B 149 -9.24 23.00 68.38
CA LYS B 149 -9.38 24.35 67.87
C LYS B 149 -8.91 24.46 66.43
N LEU B 150 -7.67 24.07 66.18
CA LEU B 150 -7.04 24.25 64.88
C LEU B 150 -7.54 23.25 63.84
N ARG B 151 -8.38 22.30 64.26
CA ARG B 151 -8.97 21.24 63.44
C ARG B 151 -7.89 20.43 62.73
N ALA B 152 -7.12 19.73 63.55
CA ALA B 152 -5.94 19.01 63.10
C ALA B 152 -5.93 17.66 63.79
N ILE B 153 -4.89 16.88 63.50
CA ILE B 153 -4.62 15.64 64.21
C ILE B 153 -3.29 15.80 64.92
N ALA B 154 -3.30 15.71 66.24
CA ALA B 154 -2.08 15.75 67.02
C ALA B 154 -1.47 14.36 67.04
N ILE B 155 -0.18 14.27 66.78
CA ILE B 155 0.52 12.99 66.77
C ILE B 155 1.32 12.90 68.06
N LEU B 156 0.86 12.04 68.97
CA LEU B 156 1.49 11.88 70.26
C LEU B 156 2.59 10.82 70.17
N ASP B 157 3.20 10.53 71.30
CA ASP B 157 4.06 9.36 71.46
C ASP B 157 4.09 8.99 72.93
N GLY B 158 4.32 7.71 73.20
CA GLY B 158 4.39 7.25 74.56
C GLY B 158 5.80 7.41 75.07
N PRO B 159 6.12 6.73 76.16
CA PRO B 159 7.49 6.73 76.67
C PRO B 159 8.34 5.69 75.94
N ASN B 160 9.59 5.58 76.39
CA ASN B 160 10.53 4.57 75.92
C ASN B 160 10.25 3.22 76.56
N SER B 161 9.34 3.16 77.52
CA SER B 161 9.16 1.99 78.38
C SER B 161 8.40 0.88 77.68
N THR B 162 7.89 -0.07 78.46
CA THR B 162 7.28 -1.28 77.94
C THR B 162 5.94 -1.00 77.25
N ASP B 163 5.31 -2.09 76.81
CA ASP B 163 4.01 -1.99 76.16
C ASP B 163 2.93 -1.54 77.13
N GLU B 164 3.04 -1.95 78.40
CA GLU B 164 1.99 -1.62 79.36
C GLU B 164 2.06 -0.16 79.77
N ALA B 165 3.25 0.44 79.72
CA ALA B 165 3.35 1.88 79.93
C ALA B 165 2.78 2.66 78.75
N ALA B 166 2.70 2.05 77.58
CA ALA B 166 2.05 2.68 76.44
C ALA B 166 0.53 2.53 76.52
N VAL B 167 0.07 1.36 76.95
CA VAL B 167 -1.37 1.11 77.04
C VAL B 167 -1.98 1.97 78.15
N ALA B 168 -1.33 2.02 79.31
CA ALA B 168 -1.84 2.81 80.42
C ALA B 168 -1.75 4.30 80.17
N TYR B 169 -0.84 4.73 79.30
CA TYR B 169 -0.79 6.12 78.88
C TYR B 169 -1.82 6.43 77.81
N ALA B 170 -2.23 5.43 77.04
CA ALA B 170 -3.26 5.64 76.03
C ALA B 170 -4.67 5.61 76.61
N LYS B 171 -4.83 5.13 77.84
CA LYS B 171 -6.14 5.19 78.49
C LYS B 171 -6.43 6.54 79.10
N ASN B 172 -5.45 7.44 79.10
CA ASN B 172 -5.69 8.80 79.58
C ASN B 172 -6.39 9.66 78.54
N PHE B 173 -6.63 9.15 77.34
CA PHE B 173 -7.21 9.95 76.27
C PHE B 173 -8.31 9.18 75.57
N GLY B 174 -9.45 9.81 75.41
CA GLY B 174 -10.51 9.29 74.57
C GLY B 174 -10.87 10.31 73.51
N SER B 175 -9.86 11.00 72.97
CA SER B 175 -10.09 12.11 72.07
C SER B 175 -9.92 11.70 70.61
N LYS B 176 -10.76 12.27 69.77
CA LYS B 176 -10.81 11.93 68.35
C LYS B 176 -9.55 12.39 67.61
N ARG B 177 -8.99 13.53 68.00
CA ARG B 177 -7.93 14.16 67.24
C ARG B 177 -6.53 13.70 67.65
N LEU B 178 -6.42 12.64 68.44
CA LEU B 178 -5.12 12.18 68.94
C LEU B 178 -4.72 10.89 68.24
N PHE B 179 -3.43 10.79 67.93
CA PHE B 179 -2.89 9.66 67.18
C PHE B 179 -1.55 9.30 67.80
N MET B 180 -1.53 8.28 68.64
CA MET B 180 -0.32 7.94 69.37
C MET B 180 0.52 6.97 68.56
N VAL B 181 1.82 7.24 68.48
CA VAL B 181 2.80 6.33 67.91
C VAL B 181 3.80 6.04 69.02
N ASP B 182 3.68 4.89 69.68
CA ASP B 182 4.51 4.69 70.86
C ASP B 182 5.99 4.36 70.64
N PRO B 183 6.40 3.38 69.83
CA PRO B 183 7.82 3.00 69.83
C PRO B 183 8.68 4.06 69.17
N GLY B 184 9.74 4.44 69.86
CA GLY B 184 10.64 5.44 69.33
C GLY B 184 11.46 4.92 68.18
N VAL B 185 11.96 5.83 67.41
CA VAL B 185 12.83 5.56 66.29
C VAL B 185 14.28 5.52 66.76
N GLN B 186 15.03 4.53 66.28
CA GLN B 186 16.45 4.42 66.52
C GLN B 186 17.13 4.77 65.19
N VAL B 187 17.67 5.99 65.09
CA VAL B 187 18.24 6.50 63.86
C VAL B 187 19.75 6.63 64.01
N TRP B 188 20.47 6.27 62.95
CA TRP B 188 21.94 6.28 63.01
C TRP B 188 22.46 7.71 62.95
N ASP B 189 23.19 8.11 63.99
CA ASP B 189 23.80 9.43 64.05
C ASP B 189 25.15 9.39 63.35
N SER B 190 25.41 10.38 62.49
CA SER B 190 26.67 10.43 61.76
C SER B 190 27.81 10.89 62.66
N ALA B 191 27.53 11.73 63.65
CA ALA B 191 28.58 12.29 64.50
C ALA B 191 29.13 11.24 65.46
N THR B 192 28.26 10.66 66.27
CA THR B 192 28.68 9.64 67.22
C THR B 192 28.95 8.29 66.57
N ASN B 193 28.57 8.15 65.29
CA ASN B 193 28.74 6.92 64.50
C ASN B 193 28.04 5.73 65.16
N ALA B 194 26.89 6.00 65.76
CA ALA B 194 26.06 4.99 66.39
C ALA B 194 24.61 5.37 66.18
N ALA B 195 23.71 4.59 66.77
CA ALA B 195 22.28 4.73 66.57
C ALA B 195 21.71 5.58 67.70
N ARG B 196 21.23 6.76 67.35
CA ARG B 196 20.61 7.70 68.28
C ARG B 196 19.11 7.46 68.34
N ASN B 197 18.54 7.59 69.53
CA ASN B 197 17.10 7.47 69.64
C ASN B 197 16.41 8.73 69.10
N ALA B 198 15.13 8.57 68.77
CA ALA B 198 14.30 9.64 68.23
C ALA B 198 12.87 9.31 68.64
N PRO B 199 12.06 10.32 68.97
CA PRO B 199 10.75 10.06 69.55
C PRO B 199 9.66 9.66 68.56
N ALA B 200 9.96 9.54 67.27
CA ALA B 200 9.11 8.96 66.22
C ALA B 200 7.80 9.69 65.94
N SER B 201 7.55 10.83 66.58
CA SER B 201 6.35 11.58 66.26
C SER B 201 6.55 12.38 64.98
N ALA B 202 7.75 12.89 64.77
CA ALA B 202 8.02 13.66 63.56
C ALA B 202 8.15 12.75 62.35
N TYR B 203 8.55 11.50 62.54
CA TYR B 203 8.59 10.55 61.43
C TYR B 203 7.20 10.13 61.01
N ALA B 204 6.24 10.11 61.94
CA ALA B 204 4.86 9.87 61.57
C ALA B 204 4.29 11.06 60.81
N ALA B 205 4.62 12.29 61.23
CA ALA B 205 4.05 13.47 60.62
C ALA B 205 4.59 13.74 59.23
N GLY B 206 5.82 13.32 58.96
CA GLY B 206 6.34 13.44 57.60
C GLY B 206 5.70 12.44 56.66
N LEU B 207 5.33 11.28 57.18
CA LEU B 207 4.63 10.26 56.39
C LEU B 207 3.15 10.55 56.32
N PHE B 208 2.61 11.24 57.31
CA PHE B 208 1.20 11.59 57.30
C PHE B 208 0.92 12.63 56.23
N ALA B 209 1.90 13.52 55.99
CA ALA B 209 1.81 14.54 54.96
C ALA B 209 2.26 14.05 53.60
N TRP B 210 3.09 13.00 53.58
CA TRP B 210 3.48 12.38 52.31
C TRP B 210 2.32 11.64 51.68
N THR B 211 1.44 11.07 52.50
CA THR B 211 0.31 10.31 52.00
C THR B 211 -0.72 11.23 51.33
N ASP B 212 -0.76 12.49 51.74
CA ASP B 212 -1.63 13.46 51.10
C ASP B 212 -1.17 13.79 49.69
N ALA B 213 0.14 13.71 49.44
CA ALA B 213 0.67 14.05 48.13
C ALA B 213 0.37 12.96 47.12
N GLU B 214 0.84 11.74 47.37
CA GLU B 214 0.66 10.70 46.37
C GLU B 214 -0.72 10.05 46.45
N TYR B 215 -1.20 9.74 47.64
CA TYR B 215 -2.41 8.94 47.75
C TYR B 215 -3.66 9.74 48.12
N GLY B 216 -3.51 10.99 48.53
CA GLY B 216 -4.65 11.79 48.94
C GLY B 216 -4.94 11.65 50.42
N PHE B 217 -5.61 12.68 50.96
CA PHE B 217 -5.83 12.78 52.40
C PHE B 217 -6.79 11.74 52.94
N TRP B 218 -7.58 11.10 52.08
CA TRP B 218 -8.49 10.06 52.54
C TRP B 218 -7.82 8.72 52.72
N SER B 219 -6.60 8.55 52.20
CA SER B 219 -5.91 7.29 52.36
C SER B 219 -5.32 7.18 53.75
N SER B 220 -5.14 5.97 54.17
CA SER B 220 -4.54 5.85 55.49
C SER B 220 -3.02 5.80 55.36
N PRO B 221 -2.30 6.31 56.36
CA PRO B 221 -0.84 6.22 56.33
C PRO B 221 -0.32 4.94 56.95
N SER B 222 -1.20 3.96 57.08
CA SER B 222 -1.03 2.84 57.99
C SER B 222 -0.23 1.68 57.44
N ASN B 223 0.32 1.81 56.25
CA ASN B 223 1.22 0.77 55.78
C ASN B 223 2.38 1.39 55.01
N LYS B 224 2.53 2.70 55.06
CA LYS B 224 3.53 3.40 54.27
C LYS B 224 4.87 3.37 54.98
N GLU B 225 5.90 3.79 54.26
CA GLU B 225 7.28 3.50 54.60
C GLU B 225 7.91 4.73 55.25
N ILE B 226 8.39 4.57 56.48
CA ILE B 226 9.11 5.63 57.16
C ILE B 226 10.56 5.61 56.66
N LYS B 227 11.03 6.73 56.14
CA LYS B 227 12.37 6.79 55.56
C LYS B 227 13.33 7.53 56.46
N GLY B 228 14.59 7.15 56.38
CA GLY B 228 15.63 7.76 57.18
C GLY B 228 15.83 7.13 58.55
N VAL B 229 15.34 5.92 58.76
CA VAL B 229 15.34 5.27 60.07
C VAL B 229 16.04 3.92 59.95
N THR B 230 16.58 3.46 61.07
CA THR B 230 17.37 2.23 61.09
C THR B 230 16.83 1.19 62.06
N GLY B 231 15.77 1.48 62.77
CA GLY B 231 15.23 0.55 63.75
C GLY B 231 14.37 1.28 64.75
N THR B 232 13.71 0.49 65.59
CA THR B 232 12.87 1.03 66.63
C THR B 232 13.53 0.84 67.99
N SER B 233 12.99 1.54 69.00
CA SER B 233 13.53 1.44 70.34
C SER B 233 13.22 0.09 70.96
N ARG B 234 12.06 -0.45 70.65
CA ARG B 234 11.68 -1.80 71.03
C ARG B 234 11.28 -2.55 69.78
N PRO B 235 11.61 -3.84 69.67
CA PRO B 235 11.18 -4.61 68.50
C PRO B 235 9.69 -4.88 68.61
N VAL B 236 8.95 -4.47 67.60
CA VAL B 236 7.50 -4.63 67.60
C VAL B 236 7.14 -5.80 66.70
N GLU B 237 6.21 -6.61 67.17
CA GLU B 237 6.02 -7.99 66.74
C GLU B 237 4.64 -8.10 66.08
N PHE B 238 4.59 -8.10 64.77
CA PHE B 238 3.33 -8.39 64.10
C PHE B 238 3.31 -9.85 63.66
N LEU B 239 2.52 -10.65 64.36
CA LEU B 239 2.30 -12.06 64.11
C LEU B 239 0.80 -12.31 64.08
N ASP B 240 0.39 -13.55 63.86
CA ASP B 240 -1.02 -13.90 63.80
C ASP B 240 -1.33 -14.93 64.89
N GLY B 241 -2.55 -15.45 64.85
CA GLY B 241 -2.93 -16.57 65.67
C GLY B 241 -3.68 -16.27 66.95
N ASP B 242 -4.42 -15.15 67.00
CA ASP B 242 -5.16 -14.67 68.18
C ASP B 242 -4.22 -14.54 69.39
N GLU B 243 -3.02 -14.02 69.15
CA GLU B 243 -1.96 -14.07 70.12
C GLU B 243 -1.80 -12.73 70.82
N THR B 244 -0.83 -12.67 71.73
CA THR B 244 -0.43 -11.43 72.37
C THR B 244 0.73 -10.79 71.62
N CYS B 245 0.47 -10.53 70.34
CA CYS B 245 1.45 -9.87 69.50
C CYS B 245 1.64 -8.44 69.97
N ARG B 246 2.86 -7.95 69.91
CA ARG B 246 3.14 -6.61 70.38
C ARG B 246 2.53 -5.55 69.46
N ALA B 247 2.45 -5.84 68.16
CA ALA B 247 1.75 -4.94 67.25
C ALA B 247 0.24 -5.01 67.43
N ASN B 248 -0.28 -6.15 67.87
CA ASN B 248 -1.72 -6.28 68.04
C ASN B 248 -2.16 -5.85 69.43
N LEU B 249 -1.26 -5.94 70.41
CA LEU B 249 -1.55 -5.40 71.73
C LEU B 249 -1.67 -3.88 71.68
N LEU B 250 -0.79 -3.23 70.94
CA LEU B 250 -0.79 -1.78 70.91
C LEU B 250 -1.86 -1.23 69.98
N ASN B 251 -2.25 -1.96 68.94
CA ASN B 251 -3.36 -1.49 68.11
C ASN B 251 -4.68 -1.55 68.88
N ASN B 252 -4.86 -2.55 69.73
CA ASN B 252 -6.08 -2.62 70.52
C ASN B 252 -6.13 -1.62 71.65
N ALA B 253 -5.02 -0.94 71.93
CA ALA B 253 -5.02 0.23 72.79
C ALA B 253 -5.03 1.53 71.97
N ASN B 254 -5.35 1.41 70.68
CA ASN B 254 -5.46 2.53 69.72
C ASN B 254 -4.13 3.26 69.54
N ILE B 255 -3.06 2.51 69.37
CA ILE B 255 -1.72 3.05 69.17
C ILE B 255 -1.16 2.50 67.87
N ALA B 256 -0.66 3.38 67.01
CA ALA B 256 0.09 2.93 65.84
C ALA B 256 1.50 2.56 66.22
N THR B 257 2.06 1.58 65.52
CA THR B 257 3.39 1.08 65.78
C THR B 257 4.23 1.15 64.50
N ILE B 258 5.46 0.65 64.61
CA ILE B 258 6.38 0.48 63.49
C ILE B 258 6.89 -0.95 63.56
N ILE B 259 6.66 -1.73 62.49
CA ILE B 259 6.52 -3.17 62.64
C ILE B 259 7.64 -3.99 62.00
N ARG B 260 8.14 -3.63 60.82
CA ARG B 260 9.03 -4.57 60.14
C ARG B 260 10.36 -3.92 59.80
N ASP B 261 11.32 -4.77 59.41
CA ASP B 261 12.44 -4.47 58.50
C ASP B 261 13.25 -3.24 58.92
N ASP B 262 13.90 -3.37 60.07
CA ASP B 262 14.67 -2.28 60.71
C ASP B 262 13.83 -1.03 60.90
N GLY B 263 12.61 -1.21 61.40
CA GLY B 263 11.70 -0.11 61.55
C GLY B 263 11.26 0.45 60.22
N TYR B 264 10.35 -0.20 59.51
CA TYR B 264 10.12 0.17 58.12
C TYR B 264 8.79 0.85 57.88
N ARG B 265 7.71 0.41 58.53
CA ARG B 265 6.36 0.83 58.18
C ARG B 265 5.56 1.25 59.40
N LEU B 266 4.95 2.43 59.36
CA LEU B 266 3.94 2.79 60.33
C LEU B 266 2.75 1.87 60.16
N TRP B 267 2.12 1.49 61.27
CA TRP B 267 1.26 0.32 61.21
C TRP B 267 -0.20 0.58 61.58
N GLY B 268 -0.49 1.19 62.71
CA GLY B 268 -1.88 1.36 63.09
C GLY B 268 -2.59 2.46 62.30
N ASN B 269 -3.92 2.41 62.33
CA ASN B 269 -4.74 3.48 61.78
C ASN B 269 -5.93 3.86 62.64
N ARG B 270 -6.01 3.39 63.87
CA ARG B 270 -7.02 3.86 64.79
C ARG B 270 -6.53 5.10 65.49
N THR B 271 -7.41 6.07 65.66
CA THR B 271 -7.12 7.21 66.51
C THR B 271 -7.53 6.89 67.94
N LEU B 272 -7.19 7.78 68.87
CA LEU B 272 -7.47 7.50 70.27
C LEU B 272 -8.88 7.88 70.69
N SER B 273 -9.88 7.48 69.93
CA SER B 273 -11.25 7.89 70.19
C SER B 273 -12.00 6.82 70.95
N SER B 274 -12.89 7.26 71.83
CA SER B 274 -13.79 6.39 72.56
C SER B 274 -15.09 6.15 71.81
N ASP B 275 -15.18 6.57 70.56
CA ASP B 275 -16.38 6.42 69.75
C ASP B 275 -16.02 5.62 68.50
N SER B 276 -16.76 4.54 68.25
CA SER B 276 -16.51 3.69 67.10
C SER B 276 -16.91 4.36 65.79
N LYS B 277 -17.68 5.45 65.85
CA LYS B 277 -17.97 6.22 64.65
C LYS B 277 -16.75 6.99 64.18
N TRP B 278 -15.84 7.32 65.09
CA TRP B 278 -14.62 8.04 64.78
C TRP B 278 -13.39 7.22 65.08
N ALA B 279 -13.40 5.94 64.70
CA ALA B 279 -12.31 5.05 65.04
C ALA B 279 -11.08 5.31 64.18
N PHE B 280 -11.27 5.40 62.87
CA PHE B 280 -10.15 5.50 61.95
C PHE B 280 -9.73 6.94 61.75
N VAL B 281 -8.42 7.15 61.55
CA VAL B 281 -7.95 8.46 61.18
C VAL B 281 -8.35 8.83 59.77
N THR B 282 -8.66 7.84 58.94
CA THR B 282 -9.28 8.10 57.64
C THR B 282 -10.58 8.87 57.81
N ARG B 283 -11.43 8.44 58.75
CA ARG B 283 -12.68 9.15 59.03
C ARG B 283 -12.43 10.55 59.57
N VAL B 284 -11.42 10.71 60.40
CA VAL B 284 -11.19 12.00 61.03
C VAL B 284 -10.51 12.96 60.06
N ARG B 285 -9.59 12.47 59.24
CA ARG B 285 -8.85 13.34 58.33
C ARG B 285 -9.71 13.73 57.13
N THR B 286 -10.57 12.82 56.65
CA THR B 286 -11.39 13.11 55.48
C THR B 286 -12.43 14.17 55.80
N MET B 287 -13.14 13.99 56.92
CA MET B 287 -14.13 14.97 57.37
C MET B 287 -13.49 16.31 57.68
N ASP B 288 -12.24 16.30 58.12
CA ASP B 288 -11.54 17.54 58.41
C ASP B 288 -11.12 18.25 57.14
N LEU B 289 -10.68 17.51 56.13
CA LEU B 289 -10.18 18.11 54.90
C LEU B 289 -11.16 18.03 53.74
N VAL B 290 -12.36 17.46 53.93
CA VAL B 290 -13.40 17.75 52.98
C VAL B 290 -13.91 19.16 53.21
N MET B 291 -13.86 19.65 54.45
CA MET B 291 -14.43 20.95 54.71
C MET B 291 -13.44 22.04 54.42
N ASP B 292 -12.16 21.80 54.67
CA ASP B 292 -11.13 22.77 54.34
C ASP B 292 -11.00 22.99 52.84
N ALA B 293 -11.42 22.02 52.02
CA ALA B 293 -11.55 22.27 50.59
C ALA B 293 -12.87 22.95 50.27
N ILE B 294 -13.92 22.61 51.02
CA ILE B 294 -15.22 23.27 50.87
C ILE B 294 -15.14 24.73 51.31
N LEU B 295 -14.50 25.00 52.46
CA LEU B 295 -14.43 26.37 52.95
C LEU B 295 -13.49 27.21 52.08
N ALA B 296 -12.26 26.76 51.90
CA ALA B 296 -11.33 27.45 51.02
C ALA B 296 -11.73 27.13 49.58
N GLY B 297 -12.64 27.95 49.06
CA GLY B 297 -13.31 27.66 47.81
C GLY B 297 -14.71 28.20 47.83
N HIS B 298 -15.22 28.47 49.04
CA HIS B 298 -16.47 29.20 49.23
C HIS B 298 -16.25 30.33 50.22
N LYS B 299 -15.21 31.12 49.97
CA LYS B 299 -14.96 32.32 50.74
C LYS B 299 -15.85 33.48 50.30
N TRP B 300 -16.59 33.32 49.22
CA TRP B 300 -17.50 34.36 48.76
C TRP B 300 -18.85 34.34 49.47
N ALA B 301 -19.06 33.43 50.42
CA ALA B 301 -20.34 33.28 51.08
C ALA B 301 -20.42 33.99 52.42
N VAL B 302 -19.41 34.76 52.79
CA VAL B 302 -19.43 35.52 54.05
C VAL B 302 -19.68 37.00 53.78
N ASP B 303 -19.14 37.52 52.69
CA ASP B 303 -19.69 38.70 52.02
C ASP B 303 -20.84 38.26 51.12
N ARG B 304 -21.19 39.08 50.13
CA ARG B 304 -22.25 38.80 49.16
C ARG B 304 -23.59 38.63 49.89
N GLY B 305 -24.09 39.79 50.35
CA GLY B 305 -25.39 39.95 50.97
C GLY B 305 -26.53 39.20 50.31
N ILE B 306 -27.45 38.72 51.13
CA ILE B 306 -28.36 37.63 50.77
C ILE B 306 -29.37 38.12 49.76
N THR B 307 -29.29 37.59 48.54
CA THR B 307 -30.29 37.78 47.51
C THR B 307 -31.22 36.58 47.52
N LYS B 308 -32.09 36.49 46.51
CA LYS B 308 -33.06 35.40 46.44
C LYS B 308 -32.38 34.07 46.17
N THR B 309 -31.47 34.03 45.21
CA THR B 309 -30.76 32.81 44.86
C THR B 309 -29.40 32.72 45.52
N TYR B 310 -29.25 33.27 46.72
CA TYR B 310 -28.03 33.04 47.49
C TYR B 310 -27.96 31.60 47.97
N VAL B 311 -29.06 31.09 48.51
CA VAL B 311 -29.06 29.74 49.07
C VAL B 311 -29.00 28.69 47.95
N LYS B 312 -29.47 29.02 46.75
CA LYS B 312 -29.36 28.08 45.65
C LYS B 312 -27.97 28.09 45.04
N ASP B 313 -27.33 29.25 44.95
CA ASP B 313 -26.00 29.32 44.38
C ASP B 313 -24.93 28.77 45.30
N VAL B 314 -25.23 28.59 46.58
CA VAL B 314 -24.28 27.91 47.45
C VAL B 314 -24.39 26.40 47.32
N THR B 315 -25.63 25.86 47.25
CA THR B 315 -25.83 24.42 47.12
C THR B 315 -25.21 23.89 45.83
N GLU B 316 -25.47 24.56 44.71
CA GLU B 316 -24.87 24.14 43.46
C GLU B 316 -23.38 24.43 43.42
N GLY B 317 -22.91 25.36 44.24
CA GLY B 317 -21.49 25.52 44.44
C GLY B 317 -20.94 24.46 45.38
N LEU B 318 -21.70 24.10 46.41
CA LEU B 318 -21.27 23.03 47.30
C LEU B 318 -21.28 21.69 46.60
N ARG B 319 -22.29 21.43 45.77
CA ARG B 319 -22.32 20.17 45.03
C ARG B 319 -21.21 20.08 44.00
N ALA B 320 -20.78 21.22 43.46
CA ALA B 320 -19.75 21.20 42.43
C ALA B 320 -18.37 20.96 43.01
N PHE B 321 -18.08 21.51 44.18
CA PHE B 321 -16.83 21.24 44.88
C PHE B 321 -16.91 19.99 45.73
N MET B 322 -17.91 19.16 45.51
CA MET B 322 -18.07 17.89 46.19
C MET B 322 -18.13 16.73 45.21
N ARG B 323 -18.51 16.98 43.95
CA ARG B 323 -18.34 16.01 42.88
C ARG B 323 -16.92 16.00 42.36
N ASP B 324 -16.12 17.01 42.68
CA ASP B 324 -14.68 16.96 42.45
C ASP B 324 -14.03 16.03 43.47
N LEU B 325 -14.67 15.86 44.62
CA LEU B 325 -14.14 14.97 45.65
C LEU B 325 -14.59 13.54 45.42
N LYS B 326 -15.79 13.35 44.87
CA LYS B 326 -16.22 12.01 44.51
C LYS B 326 -15.46 11.52 43.28
N ASN B 327 -15.00 12.46 42.45
CA ASN B 327 -14.26 12.08 41.25
C ASN B 327 -12.91 11.49 41.59
N GLN B 328 -12.18 12.14 42.48
CA GLN B 328 -10.84 11.67 42.83
C GLN B 328 -10.86 10.62 43.92
N GLY B 329 -12.02 10.27 44.45
CA GLY B 329 -12.14 9.16 45.35
C GLY B 329 -12.14 9.48 46.83
N ALA B 330 -12.36 10.73 47.20
CA ALA B 330 -12.33 11.09 48.62
C ALA B 330 -13.58 10.62 49.33
N VAL B 331 -14.73 10.72 48.67
CA VAL B 331 -16.01 10.31 49.20
C VAL B 331 -16.60 9.30 48.25
N ILE B 332 -17.79 8.82 48.59
CA ILE B 332 -18.62 8.00 47.72
C ILE B 332 -20.08 8.43 47.89
N ASN B 333 -20.64 9.07 46.87
CA ASN B 333 -22.05 9.47 46.77
C ASN B 333 -22.47 10.38 47.92
N PHE B 334 -21.93 11.59 47.91
CA PHE B 334 -22.34 12.66 48.83
C PHE B 334 -23.81 13.05 48.76
N GLU B 335 -24.22 13.96 49.63
CA GLU B 335 -25.56 14.53 49.56
C GLU B 335 -25.52 15.93 50.16
N VAL B 336 -25.83 16.95 49.35
CA VAL B 336 -25.80 18.34 49.79
C VAL B 336 -27.16 18.95 49.52
N TYR B 337 -27.74 19.60 50.53
CA TYR B 337 -29.01 20.29 50.34
C TYR B 337 -29.18 21.34 51.43
N ALA B 338 -29.92 22.40 51.09
CA ALA B 338 -30.25 23.41 52.08
C ALA B 338 -31.25 22.85 53.09
N ASP B 339 -31.05 23.19 54.35
CA ASP B 339 -31.87 22.66 55.43
C ASP B 339 -33.24 23.29 55.39
N PRO B 340 -34.31 22.55 55.06
CA PRO B 340 -35.60 23.19 54.85
C PRO B 340 -36.29 23.61 56.13
N ASP B 341 -35.93 23.01 57.27
CA ASP B 341 -36.63 23.26 58.52
C ASP B 341 -36.03 24.41 59.31
N LEU B 342 -34.78 24.79 59.06
CA LEU B 342 -34.12 25.81 59.85
C LEU B 342 -33.72 27.05 59.06
N ASN B 343 -34.19 27.21 57.84
CA ASN B 343 -33.95 28.44 57.08
C ASN B 343 -35.19 29.33 57.21
N SER B 344 -35.29 29.96 58.37
CA SER B 344 -36.32 30.95 58.61
C SER B 344 -35.93 32.29 57.99
N ALA B 345 -36.82 33.26 58.10
CA ALA B 345 -36.47 34.64 57.78
C ALA B 345 -35.96 35.39 59.00
N SER B 346 -36.34 34.95 60.21
CA SER B 346 -35.72 35.50 61.41
C SER B 346 -34.26 35.08 61.52
N GLN B 347 -33.91 33.92 61.01
CA GLN B 347 -32.51 33.53 60.90
C GLN B 347 -31.82 34.31 59.80
N LEU B 348 -32.56 34.65 58.74
CA LEU B 348 -31.96 35.31 57.58
C LEU B 348 -31.72 36.78 57.83
N ALA B 349 -32.47 37.39 58.76
CA ALA B 349 -32.17 38.75 59.16
C ALA B 349 -30.89 38.83 59.97
N GLN B 350 -30.56 37.77 60.70
CA GLN B 350 -29.29 37.69 61.40
C GLN B 350 -28.15 37.27 60.52
N GLY B 351 -28.41 36.94 59.26
CA GLY B 351 -27.38 36.47 58.36
C GLY B 351 -27.12 34.99 58.41
N LYS B 352 -27.90 34.23 59.16
CA LYS B 352 -27.69 32.80 59.29
C LYS B 352 -28.52 32.05 58.26
N VAL B 353 -27.92 31.02 57.67
CA VAL B 353 -28.55 30.19 56.64
C VAL B 353 -27.83 28.85 56.61
N TYR B 354 -28.59 27.75 56.63
CA TYR B 354 -28.01 26.47 56.98
C TYR B 354 -28.00 25.53 55.78
N TRP B 355 -27.07 24.58 55.79
CA TRP B 355 -26.96 23.56 54.75
C TRP B 355 -26.57 22.23 55.39
N ASN B 356 -26.88 21.14 54.67
CA ASN B 356 -26.64 19.78 55.15
C ASN B 356 -25.77 19.05 54.15
N ILE B 357 -24.60 18.58 54.59
CA ILE B 357 -23.54 18.11 53.71
C ILE B 357 -23.16 16.66 54.03
N ARG B 358 -24.16 15.79 54.19
CA ARG B 358 -23.92 14.36 54.38
C ARG B 358 -23.05 13.75 53.30
N PHE B 359 -22.13 12.87 53.71
CA PHE B 359 -21.34 12.08 52.76
C PHE B 359 -20.90 10.78 53.41
N THR B 360 -20.32 9.90 52.60
CA THR B 360 -19.79 8.61 53.04
C THR B 360 -18.31 8.55 52.73
N ASP B 361 -17.51 8.22 53.74
CA ASP B 361 -16.07 8.11 53.60
C ASP B 361 -15.68 6.73 53.11
N VAL B 362 -14.53 6.65 52.46
CA VAL B 362 -14.01 5.37 51.96
C VAL B 362 -13.41 4.59 53.13
N PRO B 363 -13.76 3.32 53.31
CA PRO B 363 -13.23 2.55 54.43
C PRO B 363 -11.86 1.99 54.13
N PRO B 364 -10.95 2.01 55.09
CA PRO B 364 -9.65 1.38 54.88
C PRO B 364 -9.72 -0.13 55.05
N ALA B 365 -8.93 -0.83 54.24
CA ALA B 365 -8.90 -2.29 54.25
C ALA B 365 -8.06 -2.77 55.43
N GLU B 366 -8.66 -2.70 56.62
CA GLU B 366 -7.91 -2.87 57.85
C GLU B 366 -7.50 -4.32 58.08
N ASN B 367 -8.36 -5.26 57.71
CA ASN B 367 -8.16 -6.67 58.05
C ASN B 367 -8.55 -7.56 56.87
N PRO B 368 -7.65 -7.76 55.92
CA PRO B 368 -7.89 -8.81 54.92
C PRO B 368 -7.73 -10.18 55.53
N ASN B 369 -8.67 -11.08 55.22
CA ASN B 369 -8.74 -12.38 55.86
C ASN B 369 -8.57 -13.47 54.82
N PHE B 370 -7.59 -14.33 55.03
CA PHE B 370 -7.28 -15.43 54.13
C PHE B 370 -7.67 -16.73 54.81
N ARG B 371 -8.59 -17.46 54.20
CA ARG B 371 -9.06 -18.73 54.75
C ARG B 371 -8.45 -19.84 53.90
N VAL B 372 -7.28 -20.30 54.32
CA VAL B 372 -6.47 -21.20 53.53
C VAL B 372 -6.67 -22.63 54.01
N GLU B 373 -6.74 -23.56 53.07
CA GLU B 373 -7.01 -24.97 53.35
C GLU B 373 -6.14 -25.85 52.47
N VAL B 374 -5.57 -26.90 53.05
CA VAL B 374 -4.84 -27.90 52.30
C VAL B 374 -5.78 -29.08 52.07
N THR B 375 -6.03 -29.40 50.80
CA THR B 375 -6.93 -30.47 50.44
C THR B 375 -6.17 -31.58 49.72
N ASP B 376 -6.82 -32.74 49.62
CA ASP B 376 -6.38 -33.81 48.74
C ASP B 376 -7.32 -33.96 47.55
N GLN B 377 -7.97 -32.85 47.16
CA GLN B 377 -8.93 -32.91 46.06
C GLN B 377 -8.22 -33.15 44.73
N TRP B 378 -7.18 -32.39 44.45
CA TRP B 378 -6.43 -32.56 43.20
C TRP B 378 -5.24 -33.49 43.40
N LEU B 379 -5.48 -34.61 44.06
CA LEU B 379 -4.48 -35.66 44.17
C LEU B 379 -4.69 -36.72 43.13
N THR B 380 -5.90 -36.80 42.57
CA THR B 380 -6.24 -37.70 41.48
C THR B 380 -6.25 -37.00 40.13
N GLU B 381 -6.62 -35.72 40.10
CA GLU B 381 -6.68 -34.94 38.85
C GLU B 381 -5.31 -34.85 38.19
N VAL B 382 -4.26 -34.84 38.98
CA VAL B 382 -2.90 -35.04 38.49
C VAL B 382 -2.36 -36.27 39.21
N LEU B 383 -1.08 -36.57 38.96
CA LEU B 383 -0.33 -37.66 39.60
C LEU B 383 -0.94 -39.02 39.28
N ASP B 384 -1.41 -39.19 38.06
CA ASP B 384 -2.11 -40.41 37.70
C ASP B 384 -1.92 -40.64 36.21
N VAL B 385 -2.23 -41.86 35.76
CA VAL B 385 -2.15 -42.19 34.34
C VAL B 385 -3.16 -41.37 33.55
N ALA B 386 -4.37 -41.21 34.09
CA ALA B 386 -5.46 -40.38 33.57
C ALA B 386 -5.85 -40.70 32.12
N SER C 2 49.47 3.00 60.76
CA SER C 2 50.22 3.06 59.51
C SER C 2 49.51 2.28 58.44
N PHE C 3 50.17 2.10 57.30
CA PHE C 3 49.62 1.31 56.20
C PHE C 3 50.74 0.50 55.57
N PHE C 4 50.45 -0.09 54.43
CA PHE C 4 51.44 -0.84 53.67
C PHE C 4 51.18 -0.58 52.21
N HIS C 5 52.25 -0.47 51.43
CA HIS C 5 52.14 -0.32 49.99
C HIS C 5 52.92 -1.44 49.32
N GLY C 6 52.31 -2.07 48.34
CA GLY C 6 52.84 -3.29 47.78
C GLY C 6 52.05 -4.48 48.28
N VAL C 7 52.57 -5.67 47.97
CA VAL C 7 51.87 -6.90 48.27
C VAL C 7 52.46 -7.57 49.51
N THR C 8 51.61 -7.93 50.46
CA THR C 8 52.04 -8.71 51.59
C THR C 8 51.80 -10.19 51.33
N VAL C 9 52.65 -11.03 51.91
CA VAL C 9 52.35 -12.44 52.09
C VAL C 9 52.34 -12.72 53.58
N THR C 10 51.46 -13.62 54.00
CA THR C 10 51.30 -13.89 55.42
C THR C 10 51.07 -15.39 55.58
N ASN C 11 51.94 -16.03 56.34
CA ASN C 11 51.73 -17.42 56.72
C ASN C 11 50.67 -17.46 57.82
N VAL C 12 49.51 -18.02 57.52
CA VAL C 12 48.43 -18.10 58.48
C VAL C 12 47.62 -19.36 58.21
N ASP C 13 47.33 -20.11 59.27
CA ASP C 13 46.59 -21.36 59.17
C ASP C 13 45.09 -21.06 59.15
N ILE C 14 44.42 -21.46 58.07
CA ILE C 14 42.97 -21.37 57.96
C ILE C 14 42.43 -22.68 57.42
N GLY C 15 41.41 -23.21 58.06
CA GLY C 15 41.05 -24.60 57.96
C GLY C 15 40.08 -25.07 56.88
N ALA C 16 40.54 -25.19 55.62
CA ALA C 16 39.91 -26.06 54.64
C ALA C 16 38.45 -25.72 54.32
N ARG C 17 38.24 -24.67 53.51
CA ARG C 17 36.96 -23.98 53.33
C ARG C 17 35.79 -24.92 53.07
N THR C 18 34.60 -24.44 53.41
CA THR C 18 33.42 -25.25 53.68
C THR C 18 32.24 -24.79 52.84
N ILE C 19 32.47 -24.75 51.51
CA ILE C 19 31.50 -24.26 50.52
C ILE C 19 30.15 -24.92 50.67
N ALA C 20 29.11 -24.08 50.63
CA ALA C 20 27.73 -24.51 50.79
C ALA C 20 26.87 -23.62 49.91
N LEU C 21 25.72 -24.14 49.53
CA LEU C 21 24.79 -23.35 48.74
C LEU C 21 24.21 -22.23 49.60
N PRO C 22 24.19 -20.99 49.10
CA PRO C 22 23.56 -19.90 49.84
C PRO C 22 22.04 -20.08 49.89
N ALA C 23 21.49 -20.19 51.08
CA ALA C 23 20.08 -20.44 51.29
C ALA C 23 19.36 -19.17 51.72
N SER C 24 18.05 -19.14 51.45
CA SER C 24 17.23 -17.99 51.81
C SER C 24 16.49 -18.17 53.13
N SER C 25 16.44 -19.38 53.66
CA SER C 25 15.73 -19.62 54.90
C SER C 25 16.47 -19.02 56.08
N VAL C 26 15.72 -18.60 57.09
CA VAL C 26 16.26 -18.03 58.31
C VAL C 26 16.01 -19.00 59.45
N ILE C 27 16.95 -19.05 60.40
CA ILE C 27 16.99 -20.06 61.45
C ILE C 27 17.13 -19.36 62.78
N GLY C 28 16.28 -19.74 63.75
CA GLY C 28 16.34 -19.19 65.08
C GLY C 28 17.09 -20.11 66.01
N LEU C 29 18.20 -19.63 66.54
CA LEU C 29 19.14 -20.44 67.30
C LEU C 29 19.28 -19.88 68.70
N CYS C 30 19.48 -20.77 69.66
CA CYS C 30 19.54 -20.38 71.07
C CYS C 30 20.34 -21.43 71.84
N ASP C 31 21.47 -21.04 72.38
CA ASP C 31 22.36 -21.96 73.10
C ASP C 31 23.24 -21.13 74.02
N VAL C 32 24.22 -21.78 74.66
CA VAL C 32 24.99 -21.13 75.71
C VAL C 32 26.32 -20.62 75.17
N PHE C 33 26.81 -19.54 75.76
CA PHE C 33 28.13 -19.03 75.46
C PHE C 33 28.60 -18.23 76.66
N THR C 34 29.87 -17.85 76.65
CA THR C 34 30.42 -17.04 77.72
C THR C 34 30.66 -15.62 77.23
N PRO C 35 29.99 -14.62 77.79
CA PRO C 35 30.27 -13.24 77.38
C PRO C 35 31.61 -12.75 77.89
N GLY C 36 32.58 -12.63 76.99
CA GLY C 36 33.93 -12.26 77.37
C GLY C 36 34.40 -11.04 76.60
N ALA C 37 35.69 -11.04 76.29
CA ALA C 37 36.27 -9.91 75.56
C ALA C 37 36.01 -10.01 74.08
N GLN C 38 36.48 -11.09 73.45
CA GLN C 38 36.35 -11.23 72.00
C GLN C 38 34.93 -11.58 71.56
N ALA C 39 34.12 -12.16 72.46
CA ALA C 39 32.71 -12.39 72.17
C ALA C 39 31.99 -11.07 72.21
N SER C 40 31.68 -10.51 71.05
CA SER C 40 31.03 -9.21 70.97
C SER C 40 29.52 -9.37 70.84
N ALA C 41 28.92 -10.03 71.83
CA ALA C 41 27.48 -10.17 71.90
C ALA C 41 27.02 -10.02 73.33
N LYS C 42 26.04 -9.15 73.55
CA LYS C 42 25.33 -9.16 74.81
C LYS C 42 24.47 -10.42 74.87
N PRO C 43 24.25 -10.99 76.08
CA PRO C 43 23.58 -12.29 76.19
C PRO C 43 22.17 -12.39 75.62
N ASN C 44 21.21 -11.63 76.12
CA ASN C 44 19.84 -11.80 75.62
C ASN C 44 19.51 -10.80 74.51
N VAL C 45 20.40 -10.69 73.52
CA VAL C 45 20.19 -9.83 72.38
C VAL C 45 20.41 -10.66 71.12
N PRO C 46 19.43 -10.77 70.24
CA PRO C 46 19.64 -11.53 69.01
C PRO C 46 20.53 -10.78 68.03
N VAL C 47 21.34 -11.54 67.30
CA VAL C 47 22.27 -11.01 66.31
C VAL C 47 22.11 -11.80 65.02
N LEU C 48 22.23 -11.13 63.89
CA LEU C 48 22.11 -11.78 62.59
C LEU C 48 23.47 -12.26 62.11
N LEU C 49 23.51 -13.52 61.68
CA LEU C 49 24.74 -14.21 61.33
C LEU C 49 24.69 -14.66 59.88
N THR C 50 25.77 -14.43 59.15
CA THR C 50 25.90 -14.90 57.78
C THR C 50 27.19 -15.67 57.52
N SER C 51 28.02 -15.92 58.54
CA SER C 51 29.31 -16.53 58.30
C SER C 51 29.78 -17.23 59.58
N LYS C 52 30.71 -18.17 59.40
CA LYS C 52 31.40 -18.74 60.55
C LYS C 52 32.28 -17.71 61.23
N LYS C 53 32.80 -16.74 60.47
CA LYS C 53 33.53 -15.63 61.07
C LYS C 53 32.58 -14.74 61.87
N ASP C 54 31.38 -14.50 61.35
CA ASP C 54 30.39 -13.70 62.07
C ASP C 54 29.83 -14.43 63.28
N ALA C 55 29.93 -15.76 63.31
CA ALA C 55 29.52 -16.52 64.47
C ALA C 55 30.61 -16.57 65.53
N ALA C 56 31.87 -16.54 65.10
CA ALA C 56 32.99 -16.55 66.02
C ALA C 56 33.47 -15.15 66.41
N ALA C 57 32.93 -14.12 65.80
CA ALA C 57 33.21 -12.77 66.27
C ALA C 57 32.19 -12.31 67.29
N ALA C 58 30.91 -12.68 67.10
CA ALA C 58 29.90 -12.36 68.09
C ALA C 58 29.99 -13.26 69.31
N PHE C 59 30.19 -14.55 69.08
CA PHE C 59 30.25 -15.53 70.14
C PHE C 59 31.65 -16.11 70.18
N GLY C 60 31.97 -16.83 71.25
CA GLY C 60 33.26 -17.45 71.35
C GLY C 60 33.41 -18.59 70.37
N ILE C 61 34.65 -18.83 69.94
CA ILE C 61 34.90 -19.96 69.05
C ILE C 61 34.81 -21.28 69.82
N GLY C 62 34.99 -21.25 71.13
CA GLY C 62 34.76 -22.42 71.95
C GLY C 62 33.36 -22.51 72.52
N SER C 63 32.45 -21.66 72.09
CA SER C 63 31.11 -21.63 72.65
C SER C 63 30.26 -22.75 72.09
N SER C 64 29.08 -22.92 72.67
CA SER C 64 28.13 -23.89 72.14
C SER C 64 27.20 -23.27 71.09
N ILE C 65 27.11 -21.94 71.05
CA ILE C 65 26.48 -21.27 69.91
C ILE C 65 27.24 -21.58 68.64
N TYR C 66 28.57 -21.38 68.67
CA TYR C 66 29.39 -21.51 67.47
C TYR C 66 29.42 -22.95 66.96
N LEU C 67 29.39 -23.93 67.86
CA LEU C 67 29.32 -25.32 67.42
C LEU C 67 27.99 -25.61 66.75
N ALA C 68 26.92 -24.95 67.18
CA ALA C 68 25.64 -25.06 66.49
C ALA C 68 25.65 -24.28 65.18
N CYS C 69 26.36 -23.16 65.13
CA CYS C 69 26.43 -22.38 63.89
C CYS C 69 27.39 -22.99 62.89
N GLU C 70 28.47 -23.64 63.35
CA GLU C 70 29.30 -24.41 62.44
C GLU C 70 28.54 -25.61 61.89
N ALA C 71 27.60 -26.16 62.67
CA ALA C 71 26.77 -27.27 62.23
C ALA C 71 25.83 -26.88 61.10
N ILE C 72 25.48 -25.60 60.98
CA ILE C 72 24.58 -25.16 59.93
C ILE C 72 25.37 -24.69 58.71
N TYR C 73 26.48 -24.02 58.92
CA TYR C 73 27.27 -23.46 57.83
C TYR C 73 28.06 -24.50 57.06
N ASN C 74 28.15 -25.73 57.55
CA ASN C 74 28.73 -26.79 56.75
C ASN C 74 27.79 -27.30 55.69
N ARG C 75 26.51 -26.97 55.77
CA ARG C 75 25.53 -27.46 54.82
C ARG C 75 24.85 -26.35 54.03
N ALA C 76 24.54 -25.23 54.67
CA ALA C 76 23.90 -24.13 53.98
C ALA C 76 24.47 -22.83 54.49
N GLN C 77 24.62 -21.86 53.59
CA GLN C 77 25.05 -20.52 53.96
C GLN C 77 23.81 -19.72 54.36
N ALA C 78 23.26 -20.09 55.50
CA ALA C 78 21.94 -19.64 55.92
C ALA C 78 22.05 -18.41 56.80
N VAL C 79 20.92 -17.75 56.99
CA VAL C 79 20.83 -16.60 57.88
C VAL C 79 20.36 -17.09 59.23
N ILE C 80 21.09 -16.75 60.28
CA ILE C 80 20.82 -17.27 61.62
C ILE C 80 20.62 -16.09 62.57
N VAL C 81 19.42 -15.97 63.09
CA VAL C 81 19.15 -15.08 64.22
C VAL C 81 19.46 -15.89 65.48
N ALA C 82 20.56 -15.57 66.14
CA ALA C 82 21.06 -16.35 67.25
C ALA C 82 20.99 -15.53 68.54
N VAL C 83 20.54 -16.16 69.61
CA VAL C 83 20.39 -15.54 70.92
C VAL C 83 21.27 -16.29 71.90
N GLY C 84 22.34 -15.65 72.34
CA GLY C 84 23.31 -16.27 73.24
C GLY C 84 22.96 -16.25 74.71
N VAL C 85 22.08 -17.16 75.15
CA VAL C 85 21.72 -17.26 76.56
C VAL C 85 22.95 -17.61 77.39
N GLU C 86 23.22 -16.82 78.43
CA GLU C 86 24.34 -17.08 79.33
C GLU C 86 24.13 -18.37 80.11
N THR C 87 25.23 -18.97 80.54
CA THR C 87 25.18 -20.26 81.21
C THR C 87 24.71 -20.10 82.66
N ALA C 88 24.28 -21.21 83.24
CA ALA C 88 23.77 -21.24 84.60
C ALA C 88 24.12 -22.57 85.22
N GLU C 89 23.98 -22.67 86.55
CA GLU C 89 24.46 -23.84 87.27
C GLU C 89 23.51 -25.02 87.11
N THR C 90 22.31 -24.91 87.67
CA THR C 90 21.41 -26.05 87.71
C THR C 90 20.63 -26.15 86.39
N PRO C 91 20.28 -27.37 85.97
CA PRO C 91 19.48 -27.51 84.74
C PRO C 91 18.07 -26.99 84.86
N GLU C 92 17.55 -26.79 86.08
CA GLU C 92 16.29 -26.10 86.23
C GLU C 92 16.43 -24.62 85.89
N ALA C 93 17.52 -24.00 86.34
CA ALA C 93 17.76 -22.60 86.03
C ALA C 93 18.33 -22.42 84.64
N GLN C 94 18.91 -23.47 84.05
CA GLN C 94 19.39 -23.35 82.68
C GLN C 94 18.24 -23.42 81.69
N ALA C 95 17.32 -24.37 81.90
CA ALA C 95 16.13 -24.45 81.07
C ALA C 95 15.24 -23.23 81.27
N SER C 96 15.28 -22.61 82.45
CA SER C 96 14.51 -21.39 82.65
C SER C 96 15.13 -20.21 81.91
N ALA C 97 16.43 -20.25 81.67
CA ALA C 97 17.11 -19.16 80.97
C ALA C 97 17.06 -19.32 79.46
N VAL C 98 16.96 -20.56 78.97
CA VAL C 98 16.78 -20.79 77.54
C VAL C 98 15.37 -20.40 77.12
N ILE C 99 14.37 -20.77 77.93
CA ILE C 99 12.99 -20.31 77.70
C ILE C 99 12.92 -18.79 77.82
N GLY C 100 13.38 -18.26 78.95
CA GLY C 100 13.42 -16.81 79.11
C GLY C 100 12.03 -16.25 79.34
N GLY C 101 11.80 -15.07 78.80
CA GLY C 101 10.51 -14.45 78.90
C GLY C 101 10.64 -12.93 78.87
N ILE C 102 9.65 -12.28 79.46
CA ILE C 102 9.62 -10.84 79.58
C ILE C 102 10.09 -10.39 80.96
N SER C 103 10.86 -11.21 81.65
CA SER C 103 11.29 -10.99 83.04
C SER C 103 12.32 -9.85 83.19
N ALA C 104 12.64 -9.12 82.12
CA ALA C 104 13.50 -7.94 82.19
C ALA C 104 12.72 -6.72 82.68
N ALA C 105 13.29 -5.54 82.47
CA ALA C 105 12.52 -4.31 82.58
C ALA C 105 11.34 -4.32 81.62
N GLY C 106 11.64 -4.45 80.32
CA GLY C 106 10.61 -4.75 79.35
C GLY C 106 11.09 -5.61 78.19
N GLU C 107 12.35 -6.06 78.26
CA GLU C 107 12.95 -6.77 77.14
C GLU C 107 12.53 -8.22 77.11
N ARG C 108 12.89 -8.90 76.03
CA ARG C 108 12.55 -10.29 75.80
C ARG C 108 13.84 -11.11 75.83
N THR C 109 13.84 -12.19 76.62
CA THR C 109 15.03 -12.97 76.86
C THR C 109 14.83 -14.41 76.40
N GLY C 110 15.94 -15.07 76.06
CA GLY C 110 15.90 -16.49 75.76
C GLY C 110 15.37 -16.82 74.38
N LEU C 111 14.49 -17.82 74.31
CA LEU C 111 13.81 -18.13 73.05
C LEU C 111 12.88 -17.01 72.64
N GLN C 112 12.35 -16.27 73.62
CA GLN C 112 11.37 -15.22 73.35
C GLN C 112 11.97 -14.05 72.59
N ALA C 113 13.29 -13.90 72.60
CA ALA C 113 13.96 -12.89 71.78
C ALA C 113 13.98 -13.25 70.30
N LEU C 114 13.65 -14.49 69.93
CA LEU C 114 13.56 -14.82 68.52
C LEU C 114 12.31 -14.27 67.87
N LEU C 115 11.31 -13.88 68.66
CA LEU C 115 10.17 -13.14 68.14
C LEU C 115 10.56 -11.73 67.74
N ASP C 116 11.70 -11.24 68.21
CA ASP C 116 12.26 -9.97 67.81
C ASP C 116 13.17 -10.10 66.60
N GLY C 117 13.18 -11.25 65.93
CA GLY C 117 14.11 -11.46 64.83
C GLY C 117 13.77 -10.60 63.63
N LYS C 118 12.49 -10.56 63.26
CA LYS C 118 12.01 -9.52 62.38
C LYS C 118 11.87 -8.25 63.21
N SER C 119 11.99 -7.10 62.52
CA SER C 119 12.02 -5.71 63.02
C SER C 119 13.32 -5.35 63.71
N ARG C 120 14.19 -6.33 63.93
CA ARG C 120 15.58 -6.06 64.25
C ARG C 120 16.50 -6.34 63.08
N PHE C 121 16.16 -7.31 62.24
CA PHE C 121 17.06 -7.72 61.16
C PHE C 121 16.35 -8.08 59.87
N ASN C 122 15.03 -7.96 59.80
CA ASN C 122 14.18 -8.41 58.67
C ASN C 122 14.41 -9.90 58.40
N ALA C 123 14.38 -10.69 59.46
CA ALA C 123 14.59 -12.13 59.36
C ALA C 123 13.68 -12.81 60.38
N GLN C 124 12.49 -13.21 59.94
CA GLN C 124 11.52 -13.83 60.82
C GLN C 124 11.74 -15.34 60.80
N PRO C 125 12.23 -15.94 61.89
CA PRO C 125 12.82 -17.30 61.83
C PRO C 125 11.82 -18.39 61.49
N ARG C 126 12.05 -19.05 60.35
CA ARG C 126 11.23 -20.16 59.88
C ARG C 126 11.68 -21.48 60.47
N LEU C 127 12.82 -21.53 61.12
CA LEU C 127 13.32 -22.75 61.76
C LEU C 127 13.83 -22.41 63.15
N LEU C 128 13.41 -23.19 64.14
CA LEU C 128 13.75 -22.94 65.52
C LEU C 128 14.55 -24.10 66.05
N VAL C 129 15.70 -23.82 66.64
CA VAL C 129 16.61 -24.85 67.12
C VAL C 129 17.21 -24.39 68.44
N ALA C 130 17.22 -25.28 69.42
CA ALA C 130 17.86 -25.05 70.72
C ALA C 130 18.71 -26.27 70.99
N PRO C 131 19.96 -26.27 70.54
CA PRO C 131 20.75 -27.52 70.53
C PRO C 131 21.19 -27.93 71.92
N GLY C 132 20.80 -29.14 72.31
CA GLY C 132 21.11 -29.68 73.62
C GLY C 132 20.13 -29.33 74.71
N HIS C 133 19.27 -28.33 74.46
CA HIS C 133 18.30 -27.89 75.45
C HIS C 133 16.89 -28.31 75.14
N SER C 134 16.61 -28.73 73.91
CA SER C 134 15.26 -29.16 73.55
C SER C 134 14.94 -30.56 74.08
N ALA C 135 15.92 -31.24 74.68
CA ALA C 135 15.67 -32.52 75.33
C ALA C 135 14.87 -32.38 76.61
N GLN C 136 14.89 -31.21 77.25
CA GLN C 136 14.04 -30.97 78.39
C GLN C 136 12.63 -30.64 77.94
N GLN C 137 11.64 -31.10 78.70
CA GLN C 137 10.25 -31.01 78.27
C GLN C 137 9.69 -29.61 78.41
N ALA C 138 10.31 -28.77 79.25
CA ALA C 138 9.87 -27.39 79.42
C ALA C 138 10.33 -26.51 78.27
N VAL C 139 11.57 -26.70 77.82
CA VAL C 139 12.09 -25.93 76.70
C VAL C 139 11.37 -26.31 75.42
N ALA C 140 11.12 -27.61 75.23
CA ALA C 140 10.44 -28.10 74.04
C ALA C 140 8.96 -27.75 74.00
N THR C 141 8.38 -27.26 75.10
CA THR C 141 7.08 -26.65 75.05
C THR C 141 7.16 -25.16 74.73
N ALA C 142 8.21 -24.48 75.20
CA ALA C 142 8.46 -23.11 74.77
C ALA C 142 8.87 -23.04 73.31
N MET C 143 9.56 -24.07 72.82
CA MET C 143 9.78 -24.21 71.38
C MET C 143 8.47 -24.37 70.64
N ASP C 144 7.51 -25.09 71.24
CA ASP C 144 6.25 -25.39 70.60
C ASP C 144 5.38 -24.15 70.47
N GLY C 145 5.10 -23.48 71.59
CA GLY C 145 4.24 -22.31 71.58
C GLY C 145 4.82 -21.13 70.82
N LEU C 146 6.14 -21.08 70.67
CA LEU C 146 6.75 -20.04 69.88
C LEU C 146 6.81 -20.40 68.40
N ALA C 147 6.88 -21.69 68.07
CA ALA C 147 6.75 -22.08 66.67
C ALA C 147 5.33 -21.87 66.17
N GLU C 148 4.35 -21.93 67.06
CA GLU C 148 2.97 -21.63 66.66
C GLU C 148 2.79 -20.15 66.41
N LYS C 149 3.41 -19.30 67.25
CA LYS C 149 3.35 -17.85 67.06
C LYS C 149 4.12 -17.45 65.81
N LEU C 150 5.39 -17.81 65.74
CA LEU C 150 6.29 -17.36 64.69
C LEU C 150 6.05 -18.09 63.37
N ARG C 151 5.15 -19.09 63.37
CA ARG C 151 4.77 -19.89 62.22
C ARG C 151 5.99 -20.57 61.60
N ALA C 152 6.59 -21.45 62.39
CA ALA C 152 7.83 -22.10 62.04
C ALA C 152 7.73 -23.57 62.39
N ILE C 153 8.81 -24.30 62.16
CA ILE C 153 8.95 -25.67 62.62
C ILE C 153 10.09 -25.71 63.62
N ALA C 154 9.79 -26.11 64.85
CA ALA C 154 10.82 -26.28 65.85
C ALA C 154 11.42 -27.66 65.70
N ILE C 155 12.75 -27.73 65.70
CA ILE C 155 13.45 -29.00 65.56
C ILE C 155 13.96 -29.40 66.93
N LEU C 156 13.33 -30.43 67.50
CA LEU C 156 13.66 -30.91 68.82
C LEU C 156 14.77 -31.94 68.73
N ASP C 157 15.13 -32.51 69.87
CA ASP C 157 15.95 -33.71 69.94
C ASP C 157 15.68 -34.40 71.26
N GLY C 158 15.85 -35.71 71.27
CA GLY C 158 15.66 -36.47 72.47
C GLY C 158 16.90 -36.48 73.30
N PRO C 159 16.98 -37.40 74.25
CA PRO C 159 18.21 -37.56 75.03
C PRO C 159 19.22 -38.44 74.29
N ASN C 160 20.34 -38.67 74.95
CA ASN C 160 21.38 -39.59 74.48
C ASN C 160 21.00 -41.05 74.72
N SER C 161 19.90 -41.29 75.42
CA SER C 161 19.56 -42.61 75.93
C SER C 161 18.99 -43.50 74.85
N THR C 162 18.33 -44.59 75.26
CA THR C 162 17.88 -45.63 74.37
C THR C 162 16.72 -45.16 73.49
N ASP C 163 16.21 -46.10 72.68
CA ASP C 163 15.08 -45.83 71.81
C ASP C 163 13.81 -45.57 72.60
N GLU C 164 13.65 -46.25 73.73
CA GLU C 164 12.42 -46.11 74.49
C GLU C 164 12.37 -44.79 75.24
N ALA C 165 13.53 -44.23 75.58
CA ALA C 165 13.55 -42.88 76.12
C ALA C 165 13.24 -41.84 75.07
N ALA C 166 13.43 -42.16 73.80
CA ALA C 166 13.02 -41.28 72.72
C ALA C 166 11.53 -41.39 72.43
N VAL C 167 11.00 -42.61 72.47
CA VAL C 167 9.58 -42.82 72.19
C VAL C 167 8.73 -42.22 73.31
N ALA C 168 9.12 -42.45 74.56
CA ALA C 168 8.36 -41.92 75.69
C ALA C 168 8.48 -40.41 75.80
N TYR C 169 9.55 -39.83 75.27
CA TYR C 169 9.66 -38.37 75.21
C TYR C 169 8.88 -37.80 74.03
N ALA C 170 8.67 -38.58 72.98
CA ALA C 170 7.87 -38.13 71.85
C ALA C 170 6.38 -38.24 72.09
N LYS C 171 5.96 -38.98 73.11
CA LYS C 171 4.54 -39.02 73.46
C LYS C 171 4.10 -37.83 74.29
N ASN C 172 5.04 -36.99 74.72
CA ASN C 172 4.69 -35.77 75.42
C ASN C 172 4.21 -34.67 74.48
N PHE C 173 4.24 -34.90 73.17
CA PHE C 173 3.90 -33.85 72.23
C PHE C 173 2.99 -34.41 71.14
N GLY C 174 1.91 -33.71 70.88
CA GLY C 174 1.06 -34.00 69.74
C GLY C 174 0.93 -32.76 68.89
N SER C 175 2.01 -32.00 68.75
CA SER C 175 1.96 -30.71 68.09
C SER C 175 2.46 -30.78 66.66
N LYS C 176 1.80 -30.01 65.81
CA LYS C 176 2.07 -30.01 64.37
C LYS C 176 3.45 -29.45 64.04
N ARG C 177 3.90 -28.45 64.79
CA ARG C 177 5.09 -27.69 64.45
C ARG C 177 6.37 -28.28 65.03
N LEU C 178 6.32 -29.49 65.57
CA LEU C 178 7.49 -30.10 66.21
C LEU C 178 8.06 -31.20 65.34
N PHE C 179 9.39 -31.28 65.30
CA PHE C 179 10.09 -32.22 64.44
C PHE C 179 11.27 -32.75 65.25
N MET C 180 11.13 -33.94 65.81
CA MET C 180 12.16 -34.47 66.68
C MET C 180 13.17 -35.27 65.88
N VAL C 181 14.45 -35.03 66.14
CA VAL C 181 15.54 -35.82 65.61
C VAL C 181 16.29 -36.38 66.81
N ASP C 182 16.05 -37.64 67.14
CA ASP C 182 16.61 -38.13 68.40
C ASP C 182 18.10 -38.45 68.44
N PRO C 183 18.70 -39.24 67.53
CA PRO C 183 20.09 -39.66 67.76
C PRO C 183 21.05 -38.50 67.56
N GLY C 184 21.94 -38.32 68.53
CA GLY C 184 22.91 -37.26 68.45
C GLY C 184 23.96 -37.53 67.40
N VAL C 185 24.60 -36.48 67.00
CA VAL C 185 25.71 -36.53 66.05
C VAL C 185 27.01 -36.72 66.81
N GLN C 186 27.87 -37.60 66.29
CA GLN C 186 29.21 -37.81 66.78
C GLN C 186 30.16 -37.19 65.75
N VAL C 187 30.67 -36.01 66.06
CA VAL C 187 31.49 -35.23 65.13
C VAL C 187 32.94 -35.19 65.62
N TRP C 188 33.88 -35.33 64.70
CA TRP C 188 35.29 -35.38 65.07
C TRP C 188 35.79 -33.99 65.45
N ASP C 189 36.27 -33.86 66.68
CA ASP C 189 36.83 -32.61 67.18
C ASP C 189 38.30 -32.53 66.79
N SER C 190 38.71 -31.38 66.25
CA SER C 190 40.10 -31.21 65.85
C SER C 190 41.02 -31.01 67.06
N ALA C 191 40.51 -30.40 68.12
CA ALA C 191 41.35 -30.08 69.27
C ALA C 191 41.69 -31.34 70.08
N THR C 192 40.67 -32.06 70.53
CA THR C 192 40.89 -33.29 71.29
C THR C 192 41.33 -34.45 70.41
N ASN C 193 41.24 -34.30 69.09
CA ASN C 193 41.60 -35.32 68.09
C ASN C 193 40.79 -36.60 68.31
N ALA C 194 39.53 -36.43 68.68
CA ALA C 194 38.60 -37.54 68.87
C ALA C 194 37.22 -37.07 68.45
N ALA C 195 36.24 -37.93 68.64
CA ALA C 195 34.88 -37.70 68.17
C ALA C 195 34.06 -37.12 69.31
N ARG C 196 33.65 -35.86 69.14
CA ARG C 196 32.84 -35.14 70.11
C ARG C 196 31.35 -35.35 69.79
N ASN C 197 30.54 -35.47 70.82
CA ASN C 197 29.10 -35.56 70.59
C ASN C 197 28.53 -34.19 70.22
N ALA C 198 27.34 -34.23 69.60
CA ALA C 198 26.65 -33.05 69.15
C ALA C 198 25.17 -33.40 69.15
N PRO C 199 24.29 -32.46 69.52
CA PRO C 199 22.88 -32.82 69.73
C PRO C 199 22.04 -32.95 68.47
N ALA C 200 22.62 -32.78 67.27
CA ALA C 200 22.03 -33.08 65.97
C ALA C 200 20.79 -32.27 65.58
N SER C 201 20.39 -31.30 66.39
CA SER C 201 19.28 -30.44 66.01
C SER C 201 19.74 -29.39 65.01
N ALA C 202 20.95 -28.88 65.19
CA ALA C 202 21.46 -27.87 64.27
C ALA C 202 21.86 -28.48 62.94
N TYR C 203 22.24 -29.76 62.93
CA TYR C 203 22.53 -30.43 61.67
C TYR C 203 21.28 -30.71 60.87
N ALA C 204 20.14 -30.89 61.55
CA ALA C 204 18.87 -30.99 60.84
C ALA C 204 18.47 -29.65 60.26
N ALA C 205 18.68 -28.56 61.01
CA ALA C 205 18.21 -27.25 60.58
C ALA C 205 19.05 -26.70 59.44
N GLY C 206 20.32 -27.09 59.35
CA GLY C 206 21.11 -26.68 58.20
C GLY C 206 20.71 -27.41 56.94
N LEU C 207 20.27 -28.65 57.09
CA LEU C 207 19.76 -29.44 55.97
C LEU C 207 18.33 -29.09 55.63
N PHE C 208 17.57 -28.63 56.62
CA PHE C 208 16.19 -28.24 56.39
C PHE C 208 16.15 -26.98 55.54
N ALA C 209 17.13 -26.10 55.73
CA ALA C 209 17.25 -24.86 54.98
C ALA C 209 18.00 -25.06 53.67
N TRP C 210 18.82 -26.09 53.58
CA TRP C 210 19.49 -26.42 52.33
C TRP C 210 18.51 -26.96 51.30
N THR C 211 17.48 -27.67 51.75
CA THR C 211 16.50 -28.26 50.87
C THR C 211 15.63 -27.18 50.21
N ASP C 212 15.48 -26.04 50.89
CA ASP C 212 14.75 -24.93 50.32
C ASP C 212 15.50 -24.30 49.16
N ALA C 213 16.83 -24.37 49.18
CA ALA C 213 17.63 -23.76 48.13
C ALA C 213 17.58 -24.58 46.85
N GLU C 214 18.01 -25.84 46.91
CA GLU C 214 18.06 -26.63 45.69
C GLU C 214 16.71 -27.22 45.31
N TYR C 215 15.98 -27.78 46.28
CA TYR C 215 14.79 -28.55 45.94
C TYR C 215 13.49 -27.81 46.21
N GLY C 216 13.52 -26.69 46.91
CA GLY C 216 12.31 -25.98 47.23
C GLY C 216 11.70 -26.43 48.54
N PHE C 217 10.91 -25.53 49.14
CA PHE C 217 10.38 -25.75 50.48
C PHE C 217 9.34 -26.85 50.56
N TRP C 218 8.77 -27.26 49.43
CA TRP C 218 7.80 -28.34 49.43
C TRP C 218 8.45 -29.70 49.44
N SER C 219 9.75 -29.80 49.17
CA SER C 219 10.41 -31.09 49.18
C SER C 219 10.68 -31.53 50.60
N SER C 220 10.79 -32.80 50.77
CA SER C 220 11.10 -33.25 52.12
C SER C 220 12.61 -33.30 52.32
N PRO C 221 13.08 -33.06 53.53
CA PRO C 221 14.51 -33.18 53.81
C PRO C 221 14.91 -34.59 54.21
N SER C 222 14.05 -35.55 53.93
CA SER C 222 14.02 -36.84 54.58
C SER C 222 14.95 -37.87 53.96
N ASN C 223 15.75 -37.51 52.98
CA ASN C 223 16.74 -38.43 52.48
C ASN C 223 18.02 -37.70 52.14
N LYS C 224 18.15 -36.44 52.53
CA LYS C 224 19.27 -35.62 52.14
C LYS C 224 20.43 -35.84 53.11
N GLU C 225 21.58 -35.30 52.73
CA GLU C 225 22.87 -35.70 53.30
C GLU C 225 23.31 -34.68 54.32
N ILE C 226 23.52 -35.12 55.56
CA ILE C 226 24.07 -34.27 56.60
C ILE C 226 25.58 -34.23 56.44
N LYS C 227 26.14 -33.04 56.29
CA LYS C 227 27.55 -32.89 56.05
C LYS C 227 28.29 -32.40 57.28
N GLY C 228 29.55 -32.80 57.40
CA GLY C 228 30.37 -32.42 58.52
C GLY C 228 30.29 -33.34 59.71
N VAL C 229 29.78 -34.55 59.53
CA VAL C 229 29.51 -35.48 60.62
C VAL C 229 30.24 -36.79 60.35
N THR C 230 30.53 -37.51 61.42
CA THR C 230 31.31 -38.74 61.33
C THR C 230 30.61 -39.95 61.91
N GLY C 231 29.41 -39.80 62.43
CA GLY C 231 28.69 -40.92 63.02
C GLY C 231 27.62 -40.40 63.94
N THR C 232 26.81 -41.34 64.43
CA THR C 232 25.75 -41.02 65.37
C THR C 232 26.10 -41.53 66.75
N SER C 233 25.34 -41.06 67.75
CA SER C 233 25.58 -41.48 69.12
C SER C 233 25.17 -42.92 69.33
N ARG C 234 24.11 -43.34 68.66
CA ARG C 234 23.68 -44.72 68.64
C ARG C 234 23.58 -45.16 67.18
N PRO C 235 23.94 -46.40 66.86
CA PRO C 235 23.80 -46.87 65.48
C PRO C 235 22.32 -47.12 65.20
N VAL C 236 21.80 -46.45 64.18
CA VAL C 236 20.39 -46.57 63.83
C VAL C 236 20.27 -47.49 62.64
N GLU C 237 19.27 -48.36 62.69
CA GLU C 237 19.19 -49.60 61.93
C GLU C 237 18.00 -49.52 60.99
N PHE C 238 18.23 -49.21 59.72
CA PHE C 238 17.16 -49.31 58.75
C PHE C 238 17.26 -50.62 58.00
N LEU C 239 16.35 -51.54 58.32
CA LEU C 239 16.21 -52.85 57.71
C LEU C 239 14.76 -53.03 57.29
N ASP C 240 14.44 -54.18 56.72
CA ASP C 240 13.08 -54.46 56.28
C ASP C 240 12.54 -55.69 57.01
N GLY C 241 11.37 -56.15 56.60
CA GLY C 241 10.85 -57.43 57.04
C GLY C 241 9.82 -57.39 58.15
N ASP C 242 9.08 -56.28 58.30
CA ASP C 242 8.10 -56.07 59.37
C ASP C 242 8.74 -56.25 60.75
N GLU C 243 9.95 -55.71 60.89
CA GLU C 243 10.79 -56.02 62.05
C GLU C 243 10.76 -54.87 63.05
N THR C 244 11.51 -55.06 64.12
CA THR C 244 11.74 -54.01 65.11
C THR C 244 13.03 -53.25 64.79
N CYS C 245 13.05 -52.70 63.58
CA CYS C 245 14.17 -51.90 63.14
C CYS C 245 14.22 -50.62 63.95
N ARG C 246 15.43 -50.17 64.27
CA ARG C 246 15.57 -48.97 65.09
C ARG C 246 15.15 -47.73 64.32
N ALA C 247 15.37 -47.71 63.00
CA ALA C 247 14.87 -46.60 62.19
C ALA C 247 13.36 -46.66 62.02
N ASN C 248 12.77 -47.85 62.05
CA ASN C 248 11.33 -47.97 61.89
C ASN C 248 10.60 -47.85 63.20
N LEU C 249 11.26 -48.19 64.31
CA LEU C 249 10.68 -47.95 65.63
C LEU C 249 10.54 -46.47 65.90
N LEU C 250 11.56 -45.69 65.52
CA LEU C 250 11.53 -44.27 65.83
C LEU C 250 10.68 -43.48 64.85
N ASN C 251 10.54 -43.95 63.61
CA ASN C 251 9.63 -43.28 62.69
C ASN C 251 8.18 -43.46 63.12
N ASN C 252 7.83 -44.62 63.66
CA ASN C 252 6.47 -44.83 64.12
C ASN C 252 6.16 -44.10 65.42
N ALA C 253 7.16 -43.54 66.09
CA ALA C 253 6.96 -42.59 67.17
C ALA C 253 7.11 -41.16 66.69
N ASN C 254 7.08 -40.96 65.36
CA ASN C 254 7.16 -39.66 64.68
C ASN C 254 8.48 -38.95 64.97
N ILE C 255 9.59 -39.68 64.87
CA ILE C 255 10.92 -39.14 65.09
C ILE C 255 11.75 -39.41 63.84
N ALA C 256 12.42 -38.37 63.34
CA ALA C 256 13.40 -38.56 62.28
C ALA C 256 14.72 -39.06 62.87
N THR C 257 15.42 -39.88 62.10
CA THR C 257 16.69 -40.47 62.51
C THR C 257 17.77 -40.14 61.50
N ILE C 258 18.95 -40.69 61.76
CA ILE C 258 20.11 -40.63 60.85
C ILE C 258 20.61 -42.05 60.69
N ILE C 259 20.63 -42.57 59.47
CA ILE C 259 20.48 -44.00 59.24
C ILE C 259 21.74 -44.68 58.69
N ARG C 260 22.48 -44.08 57.76
CA ARG C 260 23.51 -44.87 57.09
C ARG C 260 24.87 -44.20 57.20
N ASP C 261 25.91 -44.97 56.85
CA ASP C 261 27.20 -44.52 56.29
C ASP C 261 27.87 -43.44 57.14
N ASP C 262 28.27 -43.85 58.35
CA ASP C 262 28.85 -42.96 59.38
C ASP C 262 27.97 -41.76 59.66
N GLY C 263 26.67 -42.02 59.82
CA GLY C 263 25.72 -40.93 60.02
C GLY C 263 25.58 -40.07 58.78
N TYR C 264 24.86 -40.52 57.77
CA TYR C 264 24.93 -39.84 56.49
C TYR C 264 23.66 -39.08 56.13
N ARG C 265 22.48 -39.62 56.42
CA ARG C 265 21.23 -39.08 55.89
C ARG C 265 20.18 -38.93 56.97
N LEU C 266 19.58 -37.75 57.06
CA LEU C 266 18.36 -37.58 57.85
C LEU C 266 17.25 -38.41 57.23
N TRP C 267 16.41 -39.00 58.06
CA TRP C 267 15.60 -40.10 57.55
C TRP C 267 14.10 -39.89 57.65
N GLY C 268 13.56 -39.54 58.80
CA GLY C 268 12.12 -39.40 58.89
C GLY C 268 11.58 -38.15 58.23
N ASN C 269 10.26 -38.16 57.97
CA ASN C 269 9.57 -36.95 57.52
C ASN C 269 8.22 -36.74 58.16
N ARG C 270 7.88 -37.47 59.20
CA ARG C 270 6.68 -37.19 59.97
C ARG C 270 7.00 -36.16 61.03
N THR C 271 6.08 -35.22 61.21
CA THR C 271 6.15 -34.31 62.34
C THR C 271 5.45 -34.94 63.53
N LEU C 272 5.56 -34.30 64.69
CA LEU C 272 5.00 -34.87 65.91
C LEU C 272 3.52 -34.56 66.09
N SER C 273 2.71 -34.74 65.05
CA SER C 273 1.31 -34.36 65.10
C SER C 273 0.43 -35.54 65.42
N SER C 274 -0.63 -35.28 66.16
CA SER C 274 -1.65 -36.27 66.47
C SER C 274 -2.76 -36.29 65.42
N ASP C 275 -2.58 -35.59 64.30
CA ASP C 275 -3.57 -35.52 63.24
C ASP C 275 -2.93 -36.02 61.95
N SER C 276 -3.59 -36.99 61.32
CA SER C 276 -3.08 -37.56 60.07
C SER C 276 -3.20 -36.60 58.89
N LYS C 277 -3.98 -35.54 59.03
CA LYS C 277 -4.02 -34.51 58.01
C LYS C 277 -2.73 -33.70 58.00
N TRP C 278 -2.05 -33.60 59.14
CA TRP C 278 -0.81 -32.87 59.27
C TRP C 278 0.35 -33.79 59.64
N ALA C 279 0.43 -34.94 58.97
CA ALA C 279 1.44 -35.92 59.34
C ALA C 279 2.83 -35.52 58.84
N PHE C 280 2.93 -35.12 57.58
CA PHE C 280 4.22 -34.86 56.96
C PHE C 280 4.65 -33.42 57.20
N VAL C 281 5.96 -33.22 57.33
CA VAL C 281 6.48 -31.86 57.38
C VAL C 281 6.39 -31.17 56.04
N THR C 282 6.29 -31.94 54.95
CA THR C 282 5.96 -31.38 53.65
C THR C 282 4.63 -30.63 53.71
N ARG C 283 3.61 -31.22 54.33
CA ARG C 283 2.32 -30.56 54.48
C ARG C 283 2.43 -29.33 55.37
N VAL C 284 3.23 -29.39 56.42
CA VAL C 284 3.30 -28.28 57.36
C VAL C 284 4.15 -27.15 56.79
N ARG C 285 5.24 -27.48 56.10
CA ARG C 285 6.13 -26.44 55.59
C ARG C 285 5.56 -25.77 54.35
N THR C 286 4.84 -26.51 53.51
CA THR C 286 4.28 -25.94 52.29
C THR C 286 3.17 -24.95 52.62
N MET C 287 2.24 -25.35 53.49
CA MET C 287 1.16 -24.48 53.92
C MET C 287 1.69 -23.25 54.66
N ASP C 288 2.82 -23.41 55.34
CA ASP C 288 3.42 -22.29 56.05
C ASP C 288 4.10 -21.32 55.09
N LEU C 289 4.75 -21.83 54.06
CA LEU C 289 5.50 -20.98 53.14
C LEU C 289 4.80 -20.78 51.81
N VAL C 290 3.60 -21.33 51.61
CA VAL C 290 2.78 -20.79 50.53
C VAL C 290 2.21 -19.45 50.97
N MET C 291 1.97 -19.26 52.26
CA MET C 291 1.34 -18.04 52.70
C MET C 291 2.35 -16.93 52.88
N ASP C 292 3.55 -17.27 53.33
CA ASP C 292 4.61 -16.28 53.46
C ASP C 292 5.06 -15.74 52.12
N ALA C 293 4.85 -16.48 51.03
CA ALA C 293 5.03 -15.91 49.70
C ALA C 293 3.79 -15.14 49.27
N ILE C 294 2.60 -15.61 49.67
CA ILE C 294 1.37 -14.88 49.40
C ILE C 294 1.32 -13.56 50.17
N LEU C 295 1.69 -13.58 51.45
CA LEU C 295 1.64 -12.36 52.25
C LEU C 295 2.71 -11.38 51.82
N ALA C 296 3.97 -11.82 51.80
CA ALA C 296 5.06 -10.97 51.33
C ALA C 296 4.98 -10.94 49.81
N GLY C 297 4.19 -10.00 49.30
CA GLY C 297 3.81 -9.98 47.91
C GLY C 297 2.43 -9.41 47.75
N HIS C 298 1.67 -9.41 48.84
CA HIS C 298 0.40 -8.70 48.92
C HIS C 298 0.38 -7.83 50.17
N LYS C 299 1.43 -7.04 50.34
CA LYS C 299 1.49 -6.05 51.39
C LYS C 299 0.70 -4.79 51.05
N TRP C 300 0.20 -4.68 49.83
CA TRP C 300 -0.60 -3.53 49.42
C TRP C 300 -2.06 -3.67 49.81
N ALA C 301 -2.46 -4.76 50.45
CA ALA C 301 -3.85 -5.01 50.77
C ALA C 301 -4.24 -4.63 52.19
N VAL C 302 -3.34 -3.98 52.94
CA VAL C 302 -3.65 -3.53 54.29
C VAL C 302 -3.87 -2.02 54.33
N ASP C 303 -3.11 -1.29 53.53
CA ASP C 303 -3.52 0.02 53.05
C ASP C 303 -4.44 -0.17 51.84
N ARG C 304 -4.59 0.87 51.01
CA ARG C 304 -5.41 0.85 49.80
C ARG C 304 -6.87 0.57 50.16
N GLY C 305 -7.48 1.60 50.75
CA GLY C 305 -8.89 1.67 51.10
C GLY C 305 -9.83 1.12 50.06
N ILE C 306 -10.91 0.50 50.53
CA ILE C 306 -11.70 -0.46 49.75
C ILE C 306 -12.47 0.29 48.67
N THR C 307 -12.12 0.05 47.42
CA THR C 307 -12.87 0.49 46.27
C THR C 307 -13.76 -0.65 45.79
N LYS C 308 -14.39 -0.48 44.62
CA LYS C 308 -15.30 -1.49 44.11
C LYS C 308 -14.56 -2.75 43.70
N THR C 309 -13.45 -2.60 42.98
CA THR C 309 -12.67 -3.73 42.52
C THR C 309 -11.49 -4.01 43.42
N TYR C 310 -11.61 -3.75 44.71
CA TYR C 310 -10.59 -4.18 45.66
C TYR C 310 -10.58 -5.70 45.79
N VAL C 311 -11.77 -6.29 45.95
CA VAL C 311 -11.87 -7.72 46.18
C VAL C 311 -11.54 -8.50 44.90
N LYS C 312 -11.74 -7.88 43.73
CA LYS C 312 -11.39 -8.55 42.49
C LYS C 312 -9.89 -8.46 42.21
N ASP C 313 -9.28 -7.32 42.53
CA ASP C 313 -7.85 -7.17 42.29
C ASP C 313 -7.00 -7.94 43.27
N VAL C 314 -7.56 -8.41 44.38
CA VAL C 314 -6.82 -9.30 45.26
C VAL C 314 -6.88 -10.74 44.76
N THR C 315 -8.05 -11.19 44.31
CA THR C 315 -8.19 -12.56 43.81
C THR C 315 -7.30 -12.81 42.60
N GLU C 316 -7.33 -11.90 41.63
CA GLU C 316 -6.46 -12.04 40.48
C GLU C 316 -5.00 -11.81 40.83
N GLY C 317 -4.74 -11.11 41.93
CA GLY C 317 -3.40 -11.04 42.46
C GLY C 317 -3.05 -12.30 43.22
N LEU C 318 -4.01 -12.86 43.96
CA LEU C 318 -3.76 -14.11 44.65
C LEU C 318 -3.60 -15.27 43.69
N ARG C 319 -4.39 -15.30 42.62
CA ARG C 319 -4.25 -16.35 41.62
C ARG C 319 -2.94 -16.24 40.86
N ALA C 320 -2.41 -15.03 40.70
CA ALA C 320 -1.18 -14.84 39.94
C ALA C 320 0.04 -15.25 40.73
N PHE C 321 0.05 -14.99 42.03
CA PHE C 321 1.13 -15.45 42.90
C PHE C 321 0.89 -16.86 43.41
N MET C 322 -0.03 -17.59 42.80
CA MET C 322 -0.31 -18.97 43.11
C MET C 322 -0.13 -19.88 41.90
N ARG C 323 -0.23 -19.33 40.70
CA ARG C 323 0.17 -20.04 39.49
C ARG C 323 1.68 -19.99 39.30
N ASP C 324 2.38 -19.10 40.00
CA ASP C 324 3.83 -19.15 40.08
C ASP C 324 4.26 -20.30 40.99
N LEU C 325 3.40 -20.70 41.90
CA LEU C 325 3.70 -21.82 42.78
C LEU C 325 3.33 -23.15 42.14
N LYS C 326 2.29 -23.16 41.32
CA LYS C 326 1.97 -24.38 40.58
C LYS C 326 2.98 -24.60 39.47
N ASN C 327 3.60 -23.52 38.98
CA ASN C 327 4.58 -23.63 37.92
C ASN C 327 5.83 -24.33 38.41
N GLN C 328 6.36 -23.92 39.56
CA GLN C 328 7.58 -24.50 40.06
C GLN C 328 7.36 -25.78 40.86
N GLY C 329 6.11 -26.19 41.04
CA GLY C 329 5.82 -27.48 41.61
C GLY C 329 5.49 -27.50 43.08
N ALA C 330 5.18 -26.35 43.68
CA ALA C 330 4.89 -26.32 45.11
C ALA C 330 3.53 -26.91 45.40
N VAL C 331 2.55 -26.61 44.56
CA VAL C 331 1.19 -27.10 44.70
C VAL C 331 0.83 -27.85 43.43
N ILE C 332 -0.41 -28.35 43.40
CA ILE C 332 -1.00 -28.92 42.20
C ILE C 332 -2.47 -28.51 42.15
N ASN C 333 -2.80 -27.62 41.20
CA ASN C 333 -4.17 -27.17 40.89
C ASN C 333 -4.84 -26.53 42.10
N PHE C 334 -4.34 -25.37 42.48
CA PHE C 334 -4.95 -24.52 43.51
C PHE C 334 -6.38 -24.08 43.22
N GLU C 335 -6.99 -23.37 44.16
CA GLU C 335 -8.29 -22.76 43.94
C GLU C 335 -8.40 -21.53 44.83
N VAL C 336 -8.55 -20.35 44.23
CA VAL C 336 -8.64 -19.10 44.97
C VAL C 336 -9.92 -18.39 44.56
N TYR C 337 -10.72 -17.97 45.54
CA TYR C 337 -11.93 -17.22 45.25
C TYR C 337 -12.35 -16.44 46.48
N ALA C 338 -13.02 -15.30 46.26
CA ALA C 338 -13.57 -14.54 47.35
C ALA C 338 -14.76 -15.27 47.95
N ASP C 339 -14.84 -15.23 49.27
CA ASP C 339 -15.86 -15.96 50.00
C ASP C 339 -17.21 -15.29 49.81
N PRO C 340 -18.16 -15.92 49.10
CA PRO C 340 -19.39 -15.20 48.77
C PRO C 340 -20.35 -15.06 49.94
N ASP C 341 -20.24 -15.91 50.95
CA ASP C 341 -21.18 -15.92 52.05
C ASP C 341 -20.80 -15.00 53.19
N LEU C 342 -19.53 -14.62 53.30
CA LEU C 342 -19.07 -13.83 54.44
C LEU C 342 -18.53 -12.46 54.05
N ASN C 343 -18.73 -12.00 52.82
CA ASN C 343 -18.36 -10.65 52.43
C ASN C 343 -19.60 -9.77 52.49
N SER C 344 -19.97 -9.40 53.72
CA SER C 344 -21.05 -8.47 53.96
C SER C 344 -20.55 -7.04 53.74
N ALA C 345 -21.47 -6.08 53.89
CA ALA C 345 -21.08 -4.68 53.98
C ALA C 345 -20.86 -4.24 55.41
N SER C 346 -21.48 -4.92 56.37
CA SER C 346 -21.16 -4.69 57.77
C SER C 346 -19.75 -5.16 58.09
N GLN C 347 -19.27 -6.21 57.42
CA GLN C 347 -17.87 -6.59 57.54
C GLN C 347 -16.98 -5.61 56.81
N LEU C 348 -17.47 -5.02 55.73
CA LEU C 348 -16.65 -4.14 54.91
C LEU C 348 -16.50 -2.77 55.53
N ALA C 349 -17.44 -2.36 56.39
CA ALA C 349 -17.26 -1.13 57.14
C ALA C 349 -16.19 -1.27 58.21
N GLN C 350 -16.00 -2.48 58.72
CA GLN C 350 -14.92 -2.76 59.65
C GLN C 350 -13.59 -3.01 58.95
N GLY C 351 -13.57 -3.05 57.63
CA GLY C 351 -12.37 -3.33 56.90
C GLY C 351 -12.09 -4.80 56.67
N LYS C 352 -13.01 -5.67 57.04
CA LYS C 352 -12.81 -7.10 56.87
C LYS C 352 -13.38 -7.57 55.55
N VAL C 353 -12.65 -8.46 54.88
CA VAL C 353 -13.03 -9.01 53.58
C VAL C 353 -12.29 -10.34 53.40
N TYR C 354 -13.02 -11.38 53.01
CA TYR C 354 -12.51 -12.74 53.17
C TYR C 354 -12.22 -13.38 51.82
N TRP C 355 -11.30 -14.34 51.82
CA TRP C 355 -10.95 -15.10 50.62
C TRP C 355 -10.68 -16.54 51.00
N ASN C 356 -10.80 -17.43 50.02
CA ASN C 356 -10.66 -18.88 50.21
C ASN C 356 -9.57 -19.39 49.27
N ILE C 357 -8.52 -19.99 49.84
CA ILE C 357 -7.28 -20.28 49.12
C ILE C 357 -6.95 -21.77 49.19
N ARG C 358 -7.95 -22.62 48.92
CA ARG C 358 -7.74 -24.07 48.84
C ARG C 358 -6.64 -24.45 47.86
N PHE C 359 -5.81 -25.43 48.24
CA PHE C 359 -4.82 -26.01 47.33
C PHE C 359 -4.51 -27.43 47.75
N THR C 360 -3.75 -28.12 46.89
CA THR C 360 -3.30 -29.49 47.14
C THR C 360 -1.79 -29.54 47.16
N ASP C 361 -1.23 -30.12 48.20
CA ASP C 361 0.21 -30.23 48.36
C ASP C 361 0.73 -31.48 47.66
N VAL C 362 1.99 -31.45 47.26
CA VAL C 362 2.62 -32.61 46.62
C VAL C 362 2.96 -33.64 47.69
N PRO C 363 2.61 -34.91 47.48
CA PRO C 363 2.89 -35.93 48.50
C PRO C 363 4.31 -36.45 48.38
N PRO C 364 4.99 -36.68 49.49
CA PRO C 364 6.33 -37.29 49.42
C PRO C 364 6.24 -38.79 49.24
N ALA C 365 7.19 -39.32 48.47
CA ALA C 365 7.25 -40.74 48.15
C ALA C 365 7.82 -41.50 49.34
N GLU C 366 6.97 -41.68 50.36
CA GLU C 366 7.44 -42.15 51.66
C GLU C 366 7.82 -43.62 51.63
N ASN C 367 7.08 -44.43 50.88
CA ASN C 367 7.22 -45.88 50.92
C ASN C 367 7.12 -46.47 49.52
N PRO C 368 8.21 -46.48 48.76
CA PRO C 368 8.21 -47.27 47.52
C PRO C 368 8.25 -48.75 47.83
N ASN C 369 7.43 -49.52 47.12
CA ASN C 369 7.23 -50.93 47.42
C ASN C 369 7.64 -51.77 46.22
N PHE C 370 8.58 -52.68 46.43
CA PHE C 370 9.09 -53.55 45.40
C PHE C 370 8.58 -54.96 45.66
N ARG C 371 7.83 -55.50 44.71
CA ARG C 371 7.27 -56.85 44.84
C ARG C 371 8.08 -57.76 43.93
N VAL C 372 9.13 -58.34 44.47
CA VAL C 372 10.11 -59.07 43.69
C VAL C 372 9.83 -60.56 43.77
N GLU C 373 9.99 -61.25 42.65
CA GLU C 373 9.69 -62.68 42.55
C GLU C 373 10.76 -63.36 41.69
N VAL C 374 11.20 -64.53 42.13
CA VAL C 374 12.10 -65.36 41.35
C VAL C 374 11.25 -66.43 40.66
N THR C 375 11.29 -66.45 39.32
CA THR C 375 10.50 -67.37 38.54
C THR C 375 11.41 -68.31 37.77
N ASP C 376 10.83 -69.40 37.27
CA ASP C 376 11.47 -70.26 36.29
C ASP C 376 10.81 -70.11 34.92
N GLN C 377 10.24 -68.93 34.66
CA GLN C 377 9.55 -68.69 33.40
C GLN C 377 10.52 -68.65 32.24
N TRP C 378 11.59 -67.87 32.36
CA TRP C 378 12.59 -67.79 31.31
C TRP C 378 13.73 -68.78 31.53
N LEU C 379 13.38 -70.01 31.86
CA LEU C 379 14.35 -71.08 31.94
C LEU C 379 14.38 -71.89 30.66
N THR C 380 13.33 -71.79 29.85
CA THR C 380 13.25 -72.41 28.54
C THR C 380 13.52 -71.43 27.40
N GLU C 381 13.14 -70.15 27.59
CA GLU C 381 13.34 -69.12 26.58
C GLU C 381 14.82 -68.92 26.26
N VAL C 382 15.68 -69.13 27.25
CA VAL C 382 17.11 -69.26 27.03
C VAL C 382 17.50 -70.63 27.54
N LEU C 383 18.81 -70.91 27.51
CA LEU C 383 19.42 -72.14 28.03
C LEU C 383 18.93 -73.38 27.30
N ASP C 384 18.73 -73.25 25.99
CA ASP C 384 18.15 -74.33 25.22
C ASP C 384 18.68 -74.22 23.80
N VAL C 385 18.48 -75.30 23.02
CA VAL C 385 18.88 -75.29 21.62
C VAL C 385 18.05 -74.28 20.84
N ALA C 386 16.75 -74.23 21.13
CA ALA C 386 15.78 -73.26 20.58
C ALA C 386 15.71 -73.23 19.06
N SER D 2 41.97 53.59 -22.99
CA SER D 2 41.59 52.45 -23.81
C SER D 2 40.76 51.47 -22.98
N PHE D 3 40.49 50.30 -23.55
CA PHE D 3 39.75 49.27 -22.85
C PHE D 3 40.38 47.93 -23.18
N PHE D 4 39.68 46.86 -22.81
CA PHE D 4 40.11 45.51 -23.13
C PHE D 4 38.87 44.69 -23.44
N HIS D 5 38.97 43.79 -24.40
CA HIS D 5 37.90 42.88 -24.72
C HIS D 5 38.41 41.46 -24.63
N GLY D 6 37.64 40.61 -23.96
CA GLY D 6 38.12 39.30 -23.60
C GLY D 6 38.45 39.27 -22.12
N VAL D 7 39.07 38.16 -21.72
CA VAL D 7 39.35 37.91 -20.32
C VAL D 7 40.81 38.19 -20.02
N THR D 8 41.07 38.98 -18.98
CA THR D 8 42.42 39.20 -18.50
C THR D 8 42.72 38.22 -17.36
N VAL D 9 43.98 37.83 -17.25
CA VAL D 9 44.50 37.25 -16.03
C VAL D 9 45.61 38.16 -15.52
N THR D 10 45.72 38.27 -14.21
CA THR D 10 46.67 39.20 -13.60
C THR D 10 47.27 38.54 -12.38
N ASN D 11 48.59 38.37 -12.37
CA ASN D 11 49.29 37.92 -11.19
C ASN D 11 49.37 39.09 -10.21
N VAL D 12 48.69 38.96 -9.08
CA VAL D 12 48.69 40.02 -8.08
C VAL D 12 48.55 39.38 -6.70
N ASP D 13 49.38 39.82 -5.76
CA ASP D 13 49.38 39.30 -4.40
C ASP D 13 48.31 40.03 -3.59
N ILE D 14 47.35 39.26 -3.06
CA ILE D 14 46.35 39.79 -2.15
C ILE D 14 46.20 38.82 -0.98
N GLY D 15 46.22 39.37 0.23
CA GLY D 15 46.51 38.60 1.42
C GLY D 15 45.40 37.93 2.19
N ALA D 16 44.89 36.77 1.71
CA ALA D 16 44.21 35.79 2.54
C ALA D 16 42.96 36.29 3.25
N ARG D 17 41.85 36.41 2.50
CA ARG D 17 40.64 37.16 2.86
C ARG D 17 40.14 36.86 4.27
N THR D 18 39.43 37.84 4.82
CA THR D 18 39.22 38.01 6.26
C THR D 18 37.73 38.11 6.57
N ILE D 19 36.98 37.09 6.12
CA ILE D 19 35.52 37.01 6.24
C ILE D 19 35.05 37.25 7.67
N ALA D 20 34.03 38.09 7.80
CA ALA D 20 33.47 38.47 9.07
C ALA D 20 31.98 38.67 8.87
N LEU D 21 31.22 38.54 9.95
CA LEU D 21 29.79 38.78 9.88
C LEU D 21 29.53 40.27 9.67
N PRO D 22 28.66 40.64 8.73
CA PRO D 22 28.31 42.05 8.57
C PRO D 22 27.47 42.54 9.73
N ALA D 23 27.97 43.54 10.43
CA ALA D 23 27.34 44.07 11.63
C ALA D 23 26.64 45.39 11.34
N SER D 24 25.64 45.71 12.15
CA SER D 24 24.89 46.95 12.00
C SER D 24 25.37 48.06 12.91
N SER D 25 26.21 47.76 13.89
CA SER D 25 26.69 48.79 14.80
C SER D 25 27.68 49.70 14.12
N VAL D 26 27.70 50.96 14.55
CA VAL D 26 28.62 51.97 14.02
C VAL D 26 29.62 52.33 15.11
N ILE D 27 30.84 52.62 14.68
CA ILE D 27 31.99 52.77 15.58
C ILE D 27 32.68 54.09 15.27
N GLY D 28 32.95 54.89 16.31
CA GLY D 28 33.63 56.14 16.17
C GLY D 28 35.10 56.00 16.48
N LEU D 29 35.94 56.24 15.47
CA LEU D 29 37.36 55.95 15.55
C LEU D 29 38.15 57.24 15.35
N CYS D 30 39.28 57.35 16.04
CA CYS D 30 40.08 58.56 16.00
C CYS D 30 41.52 58.22 16.34
N ASP D 31 42.43 58.41 15.39
CA ASP D 31 43.83 58.06 15.58
C ASP D 31 44.65 58.87 14.57
N VAL D 32 45.96 58.59 14.49
CA VAL D 32 46.86 59.43 13.72
C VAL D 32 47.11 58.84 12.34
N PHE D 33 47.35 59.72 11.38
CA PHE D 33 47.74 59.31 10.03
C PHE D 33 48.51 60.46 9.41
N THR D 34 49.12 60.21 8.26
CA THR D 34 49.83 61.24 7.54
C THR D 34 49.05 61.62 6.29
N PRO D 35 48.59 62.86 6.17
CA PRO D 35 47.92 63.27 4.94
C PRO D 35 48.88 63.43 3.78
N GLY D 36 48.83 62.49 2.83
CA GLY D 36 49.77 62.46 1.73
C GLY D 36 49.03 62.45 0.40
N ALA D 37 49.62 61.73 -0.56
CA ALA D 37 49.04 61.66 -1.89
C ALA D 37 47.92 60.63 -1.94
N GLN D 38 48.24 59.36 -1.64
CA GLN D 38 47.27 58.29 -1.75
C GLN D 38 46.24 58.31 -0.62
N ALA D 39 46.58 58.91 0.52
CA ALA D 39 45.63 59.09 1.61
C ALA D 39 44.64 60.17 1.18
N SER D 40 43.44 59.77 0.78
CA SER D 40 42.43 60.72 0.31
C SER D 40 41.48 61.10 1.43
N ALA D 41 42.05 61.65 2.50
CA ALA D 41 41.26 62.15 3.61
C ALA D 41 41.86 63.44 4.12
N LYS D 42 41.03 64.48 4.23
CA LYS D 42 41.43 65.64 4.99
C LYS D 42 41.47 65.28 6.47
N PRO D 43 42.37 65.90 7.25
CA PRO D 43 42.57 65.47 8.64
C PRO D 43 41.36 65.52 9.57
N ASN D 44 40.79 66.69 9.81
CA ASN D 44 39.68 66.74 10.77
C ASN D 44 38.33 66.65 10.08
N VAL D 45 38.17 65.67 9.19
CA VAL D 45 36.92 65.43 8.50
C VAL D 45 36.56 63.95 8.67
N PRO D 46 35.42 63.62 9.25
CA PRO D 46 35.05 62.21 9.37
C PRO D 46 34.65 61.61 8.04
N VAL D 47 35.00 60.34 7.85
CA VAL D 47 34.68 59.59 6.64
C VAL D 47 34.07 58.25 7.04
N LEU D 48 33.09 57.78 6.25
CA LEU D 48 32.44 56.51 6.53
C LEU D 48 33.18 55.38 5.83
N LEU D 49 33.44 54.31 6.58
CA LEU D 49 34.26 53.21 6.14
C LEU D 49 33.46 51.93 6.20
N THR D 50 33.55 51.12 5.14
CA THR D 50 32.92 49.81 5.10
C THR D 50 33.87 48.69 4.69
N SER D 51 35.16 48.96 4.51
CA SER D 51 36.07 47.96 3.97
C SER D 51 37.49 48.29 4.41
N LYS D 52 38.35 47.26 4.38
CA LYS D 52 39.78 47.51 4.53
C LYS D 52 40.34 48.27 3.34
N LYS D 53 39.75 48.10 2.16
CA LYS D 53 40.13 48.91 1.02
C LYS D 53 39.70 50.35 1.21
N ASP D 54 38.51 50.56 1.76
CA ASP D 54 38.04 51.92 2.05
C ASP D 54 38.81 52.57 3.18
N ALA D 55 39.43 51.78 4.05
CA ALA D 55 40.28 52.33 5.10
C ALA D 55 41.67 52.66 4.59
N ALA D 56 42.16 51.90 3.61
CA ALA D 56 43.47 52.13 3.04
C ALA D 56 43.44 53.05 1.82
N ALA D 57 42.25 53.42 1.34
CA ALA D 57 42.19 54.44 0.31
C ALA D 57 42.03 55.83 0.91
N ALA D 58 41.28 55.95 2.00
CA ALA D 58 41.16 57.23 2.68
C ALA D 58 42.40 57.54 3.49
N PHE D 59 42.92 56.56 4.21
CA PHE D 59 44.06 56.72 5.07
C PHE D 59 45.21 55.89 4.50
N GLY D 60 46.41 56.12 5.01
CA GLY D 60 47.54 55.35 4.56
C GLY D 60 47.47 53.91 5.06
N ILE D 61 48.05 53.00 4.27
CA ILE D 61 48.09 51.61 4.71
C ILE D 61 49.10 51.43 5.83
N GLY D 62 50.07 52.33 5.96
CA GLY D 62 50.96 52.32 7.10
C GLY D 62 50.52 53.20 8.25
N SER D 63 49.29 53.73 8.19
CA SER D 63 48.83 54.65 9.21
C SER D 63 48.40 53.90 10.46
N SER D 64 48.13 54.67 11.52
CA SER D 64 47.59 54.08 12.73
C SER D 64 46.06 54.03 12.74
N ILE D 65 45.42 54.81 11.86
CA ILE D 65 44.00 54.61 11.60
C ILE D 65 43.75 53.24 11.03
N TYR D 66 44.51 52.88 9.99
CA TYR D 66 44.28 51.62 9.27
C TYR D 66 44.57 50.41 10.12
N LEU D 67 45.55 50.50 11.02
CA LEU D 67 45.80 49.40 11.95
C LEU D 67 44.66 49.24 12.93
N ALA D 68 44.00 50.33 13.30
CA ALA D 68 42.80 50.25 14.11
C ALA D 68 41.61 49.76 13.30
N CYS D 69 41.55 50.10 12.01
CA CYS D 69 40.45 49.65 11.18
C CYS D 69 40.62 48.21 10.73
N GLU D 70 41.87 47.77 10.53
CA GLU D 70 42.12 46.34 10.31
C GLU D 70 41.79 45.53 11.55
N ALA D 71 41.95 46.13 12.74
CA ALA D 71 41.61 45.46 13.99
C ALA D 71 40.11 45.24 14.14
N ILE D 72 39.29 46.02 13.48
CA ILE D 72 37.84 45.87 13.57
C ILE D 72 37.32 44.96 12.46
N TYR D 73 37.86 45.10 11.26
CA TYR D 73 37.40 44.34 10.11
C TYR D 73 37.82 42.88 10.13
N ASN D 74 38.72 42.49 11.03
CA ASN D 74 39.00 41.07 11.20
C ASN D 74 37.91 40.36 11.97
N ARG D 75 37.04 41.09 12.65
CA ARG D 75 36.01 40.47 13.46
C ARG D 75 34.60 40.81 13.00
N ALA D 76 34.36 42.04 12.57
CA ALA D 76 33.04 42.43 12.11
C ALA D 76 33.18 43.35 10.92
N GLN D 77 32.27 43.21 9.96
CA GLN D 77 32.23 44.10 8.81
C GLN D 77 31.38 45.32 9.18
N ALA D 78 31.95 46.13 10.06
CA ALA D 78 31.22 47.18 10.73
C ALA D 78 31.36 48.51 9.98
N VAL D 79 30.51 49.44 10.34
CA VAL D 79 30.55 50.78 9.79
C VAL D 79 31.37 51.64 10.74
N ILE D 80 32.38 52.33 10.21
CA ILE D 80 33.31 53.08 11.03
C ILE D 80 33.32 54.53 10.55
N VAL D 81 32.86 55.44 11.39
CA VAL D 81 33.07 56.87 11.20
C VAL D 81 34.44 57.19 11.80
N ALA D 82 35.42 57.43 10.95
CA ALA D 82 36.81 57.61 11.38
C ALA D 82 37.27 59.03 11.12
N VAL D 83 37.97 59.60 12.10
CA VAL D 83 38.47 60.97 12.03
C VAL D 83 39.98 60.91 12.15
N GLY D 84 40.68 61.20 11.05
CA GLY D 84 42.13 61.12 10.99
C GLY D 84 42.88 62.32 11.53
N VAL D 85 43.00 62.43 12.85
CA VAL D 85 43.76 63.54 13.45
C VAL D 85 45.23 63.46 13.02
N GLU D 86 45.74 64.57 12.50
CA GLU D 86 47.14 64.64 12.09
C GLU D 86 48.07 64.55 13.29
N THR D 87 49.29 64.09 13.03
CA THR D 87 50.25 63.84 14.10
C THR D 87 50.85 65.15 14.61
N ALA D 88 51.44 65.09 15.80
CA ALA D 88 52.04 66.24 16.44
C ALA D 88 53.23 65.76 17.27
N GLU D 89 54.05 66.72 17.70
CA GLU D 89 55.32 66.38 18.32
C GLU D 89 55.13 65.93 19.77
N THR D 90 54.72 66.85 20.64
CA THR D 90 54.65 66.55 22.06
C THR D 90 53.34 65.84 22.40
N PRO D 91 53.35 64.95 23.40
CA PRO D 91 52.11 64.27 23.79
C PRO D 91 51.09 65.19 24.44
N GLU D 92 51.49 66.38 24.90
CA GLU D 92 50.52 67.37 25.33
C GLU D 92 49.76 67.94 24.12
N ALA D 93 50.48 68.22 23.04
CA ALA D 93 49.82 68.72 21.83
C ALA D 93 49.18 67.61 21.03
N GLN D 94 49.59 66.35 21.23
CA GLN D 94 48.93 65.26 20.55
C GLN D 94 47.60 64.93 21.18
N ALA D 95 47.56 64.87 22.51
CA ALA D 95 46.31 64.68 23.23
C ALA D 95 45.37 65.86 23.03
N SER D 96 45.91 67.06 22.82
CA SER D 96 45.06 68.21 22.53
C SER D 96 44.46 68.13 21.14
N ALA D 97 45.12 67.45 20.22
CA ALA D 97 44.62 67.32 18.87
C ALA D 97 43.66 66.15 18.70
N VAL D 98 43.80 65.12 19.54
CA VAL D 98 42.82 64.03 19.52
C VAL D 98 41.51 64.47 20.14
N ILE D 99 41.59 65.22 21.25
CA ILE D 99 40.39 65.83 21.83
C ILE D 99 39.79 66.83 20.85
N GLY D 100 40.59 67.78 20.39
CA GLY D 100 40.12 68.74 19.40
C GLY D 100 39.17 69.75 20.01
N GLY D 101 38.18 70.14 19.24
CA GLY D 101 37.17 71.05 19.72
C GLY D 101 36.61 71.86 18.57
N ILE D 102 36.11 73.04 18.93
CA ILE D 102 35.55 73.98 17.97
C ILE D 102 36.57 75.06 17.61
N SER D 103 37.86 74.79 17.79
CA SER D 103 38.95 75.76 17.63
C SER D 103 39.21 76.15 16.15
N ALA D 104 38.39 75.69 15.20
CA ALA D 104 38.48 76.11 13.81
C ALA D 104 37.80 77.45 13.60
N ALA D 105 37.52 77.79 12.33
CA ALA D 105 36.60 78.88 12.04
C ALA D 105 35.24 78.60 12.67
N GLY D 106 34.61 77.50 12.29
CA GLY D 106 33.45 77.00 13.01
C GLY D 106 33.36 75.48 13.03
N GLU D 107 34.36 74.80 12.50
CA GLU D 107 34.30 73.35 12.33
C GLU D 107 34.63 72.64 13.63
N ARG D 108 34.41 71.33 13.63
CA ARG D 108 34.65 70.48 14.79
C ARG D 108 35.81 69.54 14.47
N THR D 109 36.78 69.47 15.38
CA THR D 109 38.01 68.74 15.15
C THR D 109 38.19 67.65 16.20
N GLY D 110 38.93 66.61 15.83
CA GLY D 110 39.30 65.58 16.77
C GLY D 110 38.20 64.59 17.09
N LEU D 111 38.03 64.28 18.38
CA LEU D 111 36.91 63.45 18.79
C LEU D 111 35.58 64.16 18.58
N GLN D 112 35.59 65.49 18.64
CA GLN D 112 34.36 66.29 18.52
C GLN D 112 33.73 66.19 17.14
N ALA D 113 34.50 65.79 16.13
CA ALA D 113 33.94 65.54 14.81
C ALA D 113 33.13 64.26 14.74
N LEU D 114 33.20 63.39 15.74
CA LEU D 114 32.36 62.20 15.75
C LEU D 114 30.91 62.53 16.09
N LEU D 115 30.66 63.71 16.67
CA LEU D 115 29.30 64.19 16.84
C LEU D 115 28.67 64.58 15.51
N ASP D 116 29.48 64.77 14.48
CA ASP D 116 29.04 65.02 13.12
C ASP D 116 28.85 63.73 12.35
N GLY D 117 28.90 62.57 13.01
CA GLY D 117 28.83 61.31 12.28
C GLY D 117 27.46 61.07 11.67
N LYS D 118 26.41 61.30 12.45
CA LYS D 118 25.10 61.46 11.89
C LYS D 118 25.01 62.86 11.27
N SER D 119 24.15 62.99 10.25
CA SER D 119 23.92 64.14 9.37
C SER D 119 25.04 64.35 8.36
N ARG D 120 26.13 63.63 8.48
CA ARG D 120 27.09 63.48 7.40
C ARG D 120 27.00 62.14 6.72
N PHE D 121 26.65 61.09 7.45
CA PHE D 121 26.66 59.75 6.90
C PHE D 121 25.51 58.87 7.38
N ASN D 122 24.59 59.39 8.19
CA ASN D 122 23.52 58.63 8.85
C ASN D 122 24.10 57.47 9.67
N ALA D 123 25.11 57.79 10.47
CA ALA D 123 25.79 56.80 11.30
C ALA D 123 26.19 57.47 12.61
N GLN D 124 25.32 57.38 13.61
CA GLN D 124 25.57 58.00 14.90
C GLN D 124 26.32 57.02 15.79
N PRO D 125 27.60 57.26 16.09
CA PRO D 125 28.50 56.22 16.61
C PRO D 125 28.11 55.71 17.99
N ARG D 126 27.78 54.43 18.05
CA ARG D 126 27.43 53.75 19.29
C ARG D 126 28.65 53.22 20.03
N LEU D 127 29.83 53.24 19.41
CA LEU D 127 31.06 52.81 20.04
C LEU D 127 32.15 53.82 19.74
N LEU D 128 32.87 54.22 20.76
CA LEU D 128 33.90 55.24 20.64
C LEU D 128 35.24 54.65 21.01
N VAL D 129 36.22 54.81 20.13
CA VAL D 129 37.52 54.21 20.32
C VAL D 129 38.58 55.20 19.85
N ALA D 130 39.62 55.39 20.67
CA ALA D 130 40.77 56.21 20.33
C ALA D 130 42.00 55.38 20.66
N PRO D 131 42.47 54.58 19.70
CA PRO D 131 43.48 53.56 20.02
C PRO D 131 44.85 54.16 20.29
N GLY D 132 45.38 53.88 21.48
CA GLY D 132 46.66 54.39 21.90
C GLY D 132 46.62 55.75 22.56
N HIS D 133 45.51 56.48 22.42
CA HIS D 133 45.38 57.80 22.97
C HIS D 133 44.47 57.86 24.19
N SER D 134 43.66 56.85 24.41
CA SER D 134 42.78 56.83 25.56
C SER D 134 43.50 56.52 26.86
N ALA D 135 44.80 56.19 26.79
CA ALA D 135 45.61 56.00 27.97
C ALA D 135 45.91 57.31 28.69
N GLN D 136 45.85 58.43 27.99
CA GLN D 136 45.99 59.72 28.66
C GLN D 136 44.66 60.10 29.30
N GLN D 137 44.75 60.75 30.46
CA GLN D 137 43.57 61.01 31.27
C GLN D 137 42.73 62.15 30.71
N ALA D 138 43.32 63.02 29.87
CA ALA D 138 42.56 64.10 29.26
C ALA D 138 41.73 63.62 28.09
N VAL D 139 42.28 62.72 27.27
CA VAL D 139 41.53 62.16 26.15
C VAL D 139 40.39 61.29 26.66
N ALA D 140 40.66 60.49 27.68
CA ALA D 140 39.66 59.60 28.25
C ALA D 140 38.56 60.33 29.02
N THR D 141 38.74 61.63 29.30
CA THR D 141 37.63 62.44 29.78
C THR D 141 36.85 63.04 28.61
N ALA D 142 37.52 63.38 27.51
CA ALA D 142 36.82 63.78 26.31
C ALA D 142 36.07 62.62 25.67
N MET D 143 36.60 61.41 25.82
CA MET D 143 35.86 60.21 25.46
C MET D 143 34.61 60.07 26.33
N ASP D 144 34.73 60.44 27.60
CA ASP D 144 33.65 60.27 28.56
C ASP D 144 32.50 61.23 28.26
N GLY D 145 32.79 62.53 28.22
CA GLY D 145 31.75 63.52 28.00
C GLY D 145 31.11 63.45 26.64
N LEU D 146 31.81 62.88 25.66
CA LEU D 146 31.23 62.69 24.34
C LEU D 146 30.44 61.39 24.25
N ALA D 147 30.80 60.37 25.03
CA ALA D 147 29.96 59.19 25.11
C ALA D 147 28.66 59.48 25.84
N GLU D 148 28.67 60.46 26.74
CA GLU D 148 27.42 60.86 27.40
C GLU D 148 26.52 61.61 26.44
N LYS D 149 27.11 62.48 25.61
CA LYS D 149 26.32 63.20 24.60
C LYS D 149 25.81 62.25 23.53
N LEU D 150 26.71 61.52 22.89
CA LEU D 150 26.37 60.69 21.75
C LEU D 150 25.66 59.41 22.15
N ARG D 151 25.52 59.16 23.46
CA ARG D 151 24.86 57.99 24.05
C ARG D 151 25.49 56.69 23.55
N ALA D 152 26.75 56.53 23.92
CA ALA D 152 27.57 55.43 23.42
C ALA D 152 28.36 54.87 24.60
N ILE D 153 29.18 53.87 24.31
CA ILE D 153 30.14 53.35 25.27
C ILE D 153 31.52 53.62 24.70
N ALA D 154 32.33 54.39 25.43
CA ALA D 154 33.70 54.62 25.05
C ALA D 154 34.56 53.48 25.57
N ILE D 155 35.41 52.94 24.71
CA ILE D 155 36.28 51.84 25.06
C ILE D 155 37.68 52.40 25.28
N LEU D 156 38.10 52.45 26.54
CA LEU D 156 39.38 53.00 26.90
C LEU D 156 40.45 51.92 26.85
N ASP D 157 41.66 52.27 27.23
CA ASP D 157 42.72 51.31 27.51
C ASP D 157 43.71 51.96 28.45
N GLY D 158 44.37 51.14 29.24
CA GLY D 158 45.37 51.64 30.15
C GLY D 158 46.71 51.76 29.46
N PRO D 159 47.77 51.87 30.23
CA PRO D 159 49.11 51.89 29.67
C PRO D 159 49.61 50.46 29.42
N ASN D 160 50.85 50.38 28.96
CA ASN D 160 51.56 49.13 28.78
C ASN D 160 52.10 48.59 30.10
N SER D 161 51.99 49.37 31.17
CA SER D 161 52.67 49.08 32.43
C SER D 161 51.97 47.99 33.22
N THR D 162 52.30 47.91 34.51
CA THR D 162 51.86 46.83 35.36
C THR D 162 50.36 46.90 35.66
N ASP D 163 49.91 45.97 36.49
CA ASP D 163 48.51 45.92 36.90
C ASP D 163 48.15 47.11 37.77
N GLU D 164 49.08 47.59 38.58
CA GLU D 164 48.76 48.67 39.49
C GLU D 164 48.67 50.00 38.75
N ALA D 165 49.38 50.14 37.64
CA ALA D 165 49.19 51.31 36.80
C ALA D 165 47.85 51.28 36.08
N ALA D 166 47.27 50.11 35.91
CA ALA D 166 45.92 50.00 35.35
C ALA D 166 44.86 50.27 36.39
N VAL D 167 45.06 49.79 37.62
CA VAL D 167 44.10 50.01 38.69
C VAL D 167 44.05 51.47 39.09
N ALA D 168 45.22 52.10 39.24
CA ALA D 168 45.29 53.50 39.62
C ALA D 168 44.79 54.42 38.52
N TYR D 169 44.86 53.98 37.27
CA TYR D 169 44.27 54.74 36.16
C TYR D 169 42.77 54.52 36.06
N ALA D 170 42.27 53.39 36.54
CA ALA D 170 40.83 53.13 36.54
C ALA D 170 40.12 53.79 37.70
N LYS D 171 40.84 54.27 38.71
CA LYS D 171 40.22 55.01 39.79
C LYS D 171 40.00 56.47 39.44
N ASN D 172 40.50 56.92 38.29
CA ASN D 172 40.23 58.27 37.82
C ASN D 172 38.85 58.42 37.21
N PHE D 173 38.10 57.33 37.07
CA PHE D 173 36.81 57.38 36.39
C PHE D 173 35.78 56.61 37.18
N GLY D 174 34.63 57.24 37.39
CA GLY D 174 33.48 56.57 37.94
C GLY D 174 32.30 56.73 37.00
N SER D 175 32.58 56.67 35.70
CA SER D 175 31.57 56.97 34.69
C SER D 175 30.95 55.71 34.11
N LYS D 176 29.65 55.78 33.86
CA LYS D 176 28.87 54.65 33.37
C LYS D 176 29.27 54.22 31.97
N ARG D 177 29.62 55.18 31.12
CA ARG D 177 29.82 54.93 29.70
C ARG D 177 31.24 54.52 29.34
N LEU D 178 32.08 54.22 30.32
CA LEU D 178 33.48 53.90 30.08
C LEU D 178 33.72 52.41 30.27
N PHE D 179 34.55 51.84 29.40
CA PHE D 179 34.82 50.41 29.39
C PHE D 179 36.30 50.24 29.11
N MET D 180 37.09 50.00 30.14
CA MET D 180 38.53 49.94 29.99
C MET D 180 38.96 48.51 29.67
N VAL D 181 39.83 48.37 28.68
CA VAL D 181 40.48 47.11 28.37
C VAL D 181 41.97 47.38 28.49
N ASP D 182 42.58 46.96 29.60
CA ASP D 182 43.96 47.37 29.81
C ASP D 182 45.06 46.66 29.01
N PRO D 183 45.16 45.32 28.96
CA PRO D 183 46.35 44.72 28.34
C PRO D 183 46.32 44.89 26.83
N GLY D 184 47.44 45.37 26.30
CA GLY D 184 47.53 45.57 24.87
C GLY D 184 47.61 44.26 24.11
N VAL D 185 47.31 44.34 22.86
CA VAL D 185 47.37 43.22 21.94
C VAL D 185 48.76 43.16 21.32
N GLN D 186 49.32 41.95 21.25
CA GLN D 186 50.57 41.69 20.56
C GLN D 186 50.22 40.96 19.27
N VAL D 187 50.24 41.67 18.15
CA VAL D 187 49.80 41.14 16.86
C VAL D 187 51.01 40.99 15.94
N TRP D 188 51.03 39.88 15.19
CA TRP D 188 52.18 39.59 14.34
C TRP D 188 52.15 40.49 13.10
N ASP D 189 53.22 41.27 12.92
CA ASP D 189 53.36 42.16 11.78
C ASP D 189 53.99 41.37 10.63
N SER D 190 53.41 41.50 9.43
CA SER D 190 53.94 40.79 8.28
C SER D 190 55.21 41.43 7.75
N ALA D 191 55.35 42.75 7.90
CA ALA D 191 56.49 43.46 7.34
C ALA D 191 57.76 43.16 8.13
N THR D 192 57.74 43.46 9.43
CA THR D 192 58.89 43.20 10.28
C THR D 192 59.07 41.73 10.62
N ASN D 193 58.07 40.89 10.29
CA ASN D 193 58.07 39.45 10.56
C ASN D 193 58.25 39.16 12.05
N ALA D 194 57.65 39.99 12.88
CA ALA D 194 57.66 39.84 14.32
C ALA D 194 56.32 40.32 14.86
N ALA D 195 56.21 40.32 16.19
CA ALA D 195 54.96 40.63 16.86
C ALA D 195 54.96 42.09 17.26
N ARG D 196 54.07 42.86 16.63
CA ARG D 196 53.90 44.28 16.89
C ARG D 196 52.86 44.49 17.99
N ASN D 197 53.09 45.48 18.85
CA ASN D 197 52.08 45.78 19.85
C ASN D 197 50.90 46.52 19.23
N ALA D 198 49.77 46.50 19.93
CA ALA D 198 48.55 47.13 19.51
C ALA D 198 47.78 47.48 20.77
N PRO D 199 47.08 48.61 20.80
CA PRO D 199 46.50 49.08 22.07
C PRO D 199 45.20 48.42 22.48
N ALA D 200 44.70 47.45 21.71
CA ALA D 200 43.59 46.55 22.07
C ALA D 200 42.22 47.20 22.27
N SER D 201 42.11 48.51 22.05
CA SER D 201 40.79 49.14 22.13
C SER D 201 39.98 48.87 20.89
N ALA D 202 40.64 48.84 19.72
CA ALA D 202 39.92 48.57 18.49
C ALA D 202 39.54 47.11 18.37
N TYR D 203 40.30 46.21 19.00
CA TYR D 203 39.94 44.81 18.99
C TYR D 203 38.74 44.54 19.90
N ALA D 204 38.58 45.34 20.95
CA ALA D 204 37.36 45.25 21.74
C ALA D 204 36.16 45.77 20.98
N ALA D 205 36.33 46.86 20.23
CA ALA D 205 35.21 47.49 19.55
C ALA D 205 34.74 46.69 18.35
N GLY D 206 35.62 45.91 17.72
CA GLY D 206 35.18 45.02 16.67
C GLY D 206 34.42 43.84 17.20
N LEU D 207 34.75 43.38 18.39
CA LEU D 207 34.03 42.31 19.05
C LEU D 207 32.77 42.80 19.74
N PHE D 208 32.76 44.07 20.13
CA PHE D 208 31.59 44.65 20.77
C PHE D 208 30.47 44.79 19.76
N ALA D 209 30.84 45.08 18.50
CA ALA D 209 29.89 45.21 17.40
C ALA D 209 29.57 43.87 16.76
N TRP D 210 30.45 42.89 16.89
CA TRP D 210 30.18 41.55 16.40
C TRP D 210 29.12 40.87 17.24
N THR D 211 29.08 41.16 18.55
CA THR D 211 28.13 40.54 19.44
C THR D 211 26.71 41.03 19.16
N ASP D 212 26.59 42.24 18.61
CA ASP D 212 25.28 42.75 18.23
C ASP D 212 24.72 41.99 17.04
N ALA D 213 25.58 41.47 16.17
CA ALA D 213 25.12 40.77 14.98
C ALA D 213 24.60 39.39 15.33
N GLU D 214 25.43 38.54 15.93
CA GLU D 214 24.98 37.18 16.18
C GLU D 214 24.15 37.08 17.45
N TYR D 215 24.58 37.71 18.53
CA TYR D 215 23.93 37.47 19.81
C TYR D 215 22.99 38.57 20.26
N GLY D 216 23.01 39.72 19.60
CA GLY D 216 22.16 40.82 20.01
C GLY D 216 22.85 41.74 21.01
N PHE D 217 22.37 42.99 21.05
CA PHE D 217 23.03 44.02 21.83
C PHE D 217 22.90 43.82 23.34
N TRP D 218 21.97 42.99 23.78
CA TRP D 218 21.82 42.72 25.20
C TRP D 218 22.81 41.69 25.70
N SER D 219 23.46 40.94 24.82
CA SER D 219 24.43 39.96 25.26
C SER D 219 25.73 40.62 25.67
N SER D 220 26.44 39.96 26.52
CA SER D 220 27.70 40.56 26.89
C SER D 220 28.80 40.10 25.92
N PRO D 221 29.80 40.94 25.68
CA PRO D 221 30.92 40.53 24.83
C PRO D 221 32.02 39.85 25.62
N SER D 222 31.70 39.41 26.82
CA SER D 222 32.67 39.13 27.87
C SER D 222 33.26 37.74 27.82
N ASN D 223 32.95 36.96 26.81
CA ASN D 223 33.63 35.68 26.68
C ASN D 223 33.90 35.39 25.21
N LYS D 224 33.69 36.36 24.33
CA LYS D 224 33.79 36.14 22.91
C LYS D 224 35.24 36.26 22.45
N GLU D 225 35.48 35.88 21.21
CA GLU D 225 36.82 35.57 20.72
C GLU D 225 37.35 36.74 19.91
N ILE D 226 38.48 37.29 20.32
CA ILE D 226 39.14 38.34 19.57
C ILE D 226 39.95 37.67 18.47
N LYS D 227 39.70 38.07 17.23
CA LYS D 227 40.36 37.43 16.09
C LYS D 227 41.43 38.34 15.50
N GLY D 228 42.45 37.72 14.93
CA GLY D 228 43.55 38.44 14.33
C GLY D 228 44.67 38.80 15.26
N VAL D 229 44.75 38.14 16.42
CA VAL D 229 45.69 38.49 17.47
C VAL D 229 46.52 37.26 17.82
N THR D 230 47.72 37.50 18.35
CA THR D 230 48.66 36.43 18.64
C THR D 230 49.11 36.40 20.09
N GLY D 231 48.65 37.31 20.92
CA GLY D 231 49.06 37.36 22.31
C GLY D 231 48.79 38.72 22.88
N THR D 232 49.01 38.83 24.19
CA THR D 232 48.83 40.09 24.88
C THR D 232 50.19 40.65 25.29
N SER D 233 50.17 41.92 25.69
CA SER D 233 51.41 42.58 26.09
C SER D 233 51.90 42.05 27.42
N ARG D 234 50.98 41.72 28.31
CA ARG D 234 51.28 41.05 29.55
C ARG D 234 50.44 39.79 29.64
N PRO D 235 50.98 38.70 30.17
CA PRO D 235 50.16 37.48 30.33
C PRO D 235 49.17 37.69 31.45
N VAL D 236 47.89 37.54 31.14
CA VAL D 236 46.83 37.74 32.12
C VAL D 236 46.35 36.39 32.61
N GLU D 237 46.14 36.29 33.91
CA GLU D 237 46.11 35.05 34.66
C GLU D 237 44.71 34.87 35.24
N PHE D 238 43.88 34.05 34.61
CA PHE D 238 42.62 33.70 35.22
C PHE D 238 42.73 32.35 35.91
N LEU D 239 42.77 32.38 37.23
CA LEU D 239 42.83 31.23 38.11
C LEU D 239 41.72 31.37 39.16
N ASP D 240 41.63 30.40 40.07
CA ASP D 240 40.61 30.43 41.11
C ASP D 240 41.30 30.43 42.48
N GLY D 241 40.49 30.32 43.52
CA GLY D 241 40.98 30.08 44.86
C GLY D 241 41.07 31.29 45.77
N ASP D 242 40.24 32.32 45.54
CA ASP D 242 40.25 33.59 46.29
C ASP D 242 41.64 34.24 46.25
N GLU D 243 42.26 34.19 45.08
CA GLU D 243 43.68 34.53 44.95
C GLU D 243 43.83 35.93 44.37
N THR D 244 45.10 36.32 44.20
CA THR D 244 45.44 37.56 43.52
C THR D 244 45.71 37.29 42.05
N CYS D 245 44.70 36.73 41.40
CA CYS D 245 44.75 36.46 39.98
C CYS D 245 44.80 37.78 39.22
N ARG D 246 45.57 37.81 38.13
CA ARG D 246 45.69 39.05 37.37
C ARG D 246 44.40 39.38 36.64
N ALA D 247 43.65 38.36 36.22
CA ALA D 247 42.34 38.60 35.63
C ALA D 247 41.31 39.01 36.67
N ASN D 248 41.48 38.57 37.91
CA ASN D 248 40.52 38.92 38.95
C ASN D 248 40.89 40.21 39.65
N LEU D 249 42.17 40.56 39.65
CA LEU D 249 42.58 41.86 40.15
C LEU D 249 42.06 42.97 39.27
N LEU D 250 42.11 42.78 37.96
CA LEU D 250 41.70 43.85 37.05
C LEU D 250 40.19 43.91 36.89
N ASN D 251 39.48 42.80 37.06
CA ASN D 251 38.02 42.87 37.03
C ASN D 251 37.48 43.61 38.24
N ASN D 252 38.12 43.46 39.41
CA ASN D 252 37.67 44.18 40.58
C ASN D 252 38.04 45.66 40.56
N ALA D 253 38.85 46.08 39.61
CA ALA D 253 39.05 47.49 39.31
C ALA D 253 38.22 47.93 38.11
N ASN D 254 37.24 47.10 37.73
CA ASN D 254 36.29 47.33 36.63
C ASN D 254 36.99 47.47 35.28
N ILE D 255 37.92 46.55 35.01
CA ILE D 255 38.67 46.52 33.76
C ILE D 255 38.48 45.17 33.11
N ALA D 256 38.11 45.15 31.83
CA ALA D 256 38.12 43.92 31.07
C ALA D 256 39.52 43.55 30.63
N THR D 257 39.79 42.26 30.55
CA THR D 257 41.10 41.74 30.17
C THR D 257 40.97 40.80 28.99
N ILE D 258 42.09 40.22 28.61
CA ILE D 258 42.18 39.18 27.59
C ILE D 258 43.00 38.04 28.20
N ILE D 259 42.41 36.85 28.29
CA ILE D 259 42.77 35.90 29.34
C ILE D 259 43.46 34.64 28.84
N ARG D 260 43.05 34.03 27.72
CA ARG D 260 43.59 32.71 27.42
C ARG D 260 44.22 32.68 26.04
N ASP D 261 44.95 31.57 25.79
CA ASP D 261 45.19 30.96 24.46
C ASP D 261 45.72 31.95 23.43
N ASP D 262 46.94 32.45 23.68
CA ASP D 262 47.61 33.47 22.87
C ASP D 262 46.74 34.71 22.71
N GLY D 263 46.16 35.17 23.81
CA GLY D 263 45.25 36.29 23.75
C GLY D 263 43.98 35.95 23.00
N TYR D 264 43.04 35.24 23.61
CA TYR D 264 41.96 34.68 22.81
C TYR D 264 40.61 35.34 23.09
N ARG D 265 40.29 35.67 24.34
CA ARG D 265 38.94 36.07 24.72
C ARG D 265 38.95 37.34 25.56
N LEU D 266 38.13 38.32 25.17
CA LEU D 266 37.83 39.44 26.06
C LEU D 266 37.08 38.92 27.27
N TRP D 267 37.36 39.49 28.43
CA TRP D 267 36.99 38.79 29.65
C TRP D 267 36.03 39.54 30.56
N GLY D 268 36.30 40.77 30.93
CA GLY D 268 35.42 41.47 31.85
C GLY D 268 34.12 41.92 31.21
N ASN D 269 33.13 42.22 32.07
CA ASN D 269 31.90 42.85 31.61
C ASN D 269 31.40 43.95 32.54
N ARG D 270 32.20 44.39 33.50
CA ARG D 270 31.84 45.56 34.28
C ARG D 270 32.29 46.81 33.56
N THR D 271 31.46 47.83 33.59
CA THR D 271 31.86 49.15 33.13
C THR D 271 32.49 49.91 34.30
N LEU D 272 33.05 51.08 34.01
CA LEU D 272 33.74 51.83 35.05
C LEU D 272 32.82 52.69 35.89
N SER D 273 31.72 52.14 36.36
CA SER D 273 30.72 52.93 37.06
C SER D 273 30.88 52.78 38.56
N SER D 274 30.60 53.87 39.27
CA SER D 274 30.58 53.90 40.72
C SER D 274 29.22 53.54 41.29
N ASP D 275 28.29 53.08 40.45
CA ASP D 275 26.94 52.73 40.86
C ASP D 275 26.70 51.27 40.51
N SER D 276 26.28 50.49 41.50
CA SER D 276 26.00 49.07 41.29
C SER D 276 24.75 48.83 40.47
N LYS D 277 23.91 49.84 40.29
CA LYS D 277 22.77 49.72 39.39
C LYS D 277 23.22 49.71 37.94
N TRP D 278 24.36 50.32 37.65
CA TRP D 278 24.91 50.38 36.30
C TRP D 278 26.25 49.68 36.22
N ALA D 279 26.36 48.50 36.82
CA ALA D 279 27.64 47.81 36.87
C ALA D 279 27.99 47.16 35.55
N PHE D 280 27.05 46.45 34.94
CA PHE D 280 27.33 45.69 33.75
C PHE D 280 27.15 46.53 32.50
N VAL D 281 27.97 46.25 31.48
CA VAL D 281 27.76 46.89 30.19
C VAL D 281 26.52 46.35 29.50
N THR D 282 26.06 45.16 29.89
CA THR D 282 24.75 44.68 29.45
C THR D 282 23.65 45.65 29.86
N ARG D 283 23.68 46.13 31.10
CA ARG D 283 22.71 47.11 31.56
C ARG D 283 22.83 48.43 30.81
N VAL D 284 24.05 48.85 30.52
CA VAL D 284 24.26 50.15 29.90
C VAL D 284 23.94 50.09 28.41
N ARG D 285 24.30 48.98 27.74
CA ARG D 285 24.07 48.88 26.30
C ARG D 285 22.62 48.60 25.97
N THR D 286 21.92 47.83 26.82
CA THR D 286 20.53 47.50 26.55
C THR D 286 19.63 48.71 26.69
N MET D 287 19.80 49.46 27.80
CA MET D 287 19.05 50.69 28.02
C MET D 287 19.36 51.73 26.96
N ASP D 288 20.57 51.72 26.42
CA ASP D 288 20.94 52.66 25.38
C ASP D 288 20.32 52.29 24.04
N LEU D 289 20.26 50.99 23.73
CA LEU D 289 19.75 50.55 22.45
C LEU D 289 18.35 49.97 22.51
N VAL D 290 17.70 49.95 23.67
CA VAL D 290 16.26 49.79 23.65
C VAL D 290 15.64 51.11 23.20
N MET D 291 16.27 52.24 23.51
CA MET D 291 15.64 53.50 23.18
C MET D 291 15.93 53.89 21.75
N ASP D 292 17.12 53.58 21.25
CA ASP D 292 17.44 53.85 19.87
C ASP D 292 16.60 53.03 18.89
N ALA D 293 16.06 51.90 19.34
CA ALA D 293 15.05 51.21 18.54
C ALA D 293 13.67 51.81 18.77
N ILE D 294 13.40 52.27 19.99
CA ILE D 294 12.15 52.96 20.29
C ILE D 294 12.08 54.30 19.56
N LEU D 295 13.16 55.07 19.59
CA LEU D 295 13.15 56.38 18.95
C LEU D 295 13.12 56.24 17.43
N ALA D 296 14.06 55.50 16.87
CA ALA D 296 14.07 55.25 15.42
C ALA D 296 13.00 54.20 15.15
N GLY D 297 11.79 54.68 14.93
CA GLY D 297 10.62 53.82 14.90
C GLY D 297 9.42 54.57 15.42
N HIS D 298 9.67 55.63 16.16
CA HIS D 298 8.64 56.58 16.57
C HIS D 298 9.08 58.00 16.24
N LYS D 299 9.52 58.18 14.99
CA LYS D 299 9.83 59.50 14.48
C LYS D 299 8.60 60.28 14.08
N TRP D 300 7.41 59.65 14.10
CA TRP D 300 6.17 60.34 13.77
C TRP D 300 5.58 61.08 14.96
N ALA D 301 6.22 61.06 16.12
CA ALA D 301 5.68 61.66 17.33
C ALA D 301 6.21 63.05 17.61
N VAL D 302 7.00 63.63 16.70
CA VAL D 302 7.51 64.99 16.87
C VAL D 302 6.77 65.98 15.98
N ASP D 303 6.40 65.54 14.78
CA ASP D 303 5.27 66.11 14.05
C ASP D 303 3.98 65.47 14.58
N ARG D 304 2.90 65.54 13.79
CA ARG D 304 1.60 64.96 14.13
C ARG D 304 1.05 65.61 15.39
N GLY D 305 0.63 66.86 15.21
CA GLY D 305 -0.03 67.67 16.22
C GLY D 305 -1.08 66.95 17.04
N ILE D 306 -1.18 67.34 18.32
CA ILE D 306 -1.78 66.52 19.35
C ILE D 306 -3.29 66.47 19.15
N THR D 307 -3.79 65.29 18.82
CA THR D 307 -5.22 65.00 18.79
C THR D 307 -5.60 64.32 20.10
N LYS D 308 -6.83 63.81 20.18
CA LYS D 308 -7.31 63.20 21.41
C LYS D 308 -6.59 61.89 21.69
N THR D 309 -6.46 61.05 20.67
CA THR D 309 -5.80 59.76 20.82
C THR D 309 -4.35 59.79 20.39
N TYR D 310 -3.68 60.94 20.55
CA TYR D 310 -2.23 60.98 20.35
C TYR D 310 -1.51 60.19 21.42
N VAL D 311 -1.89 60.40 22.68
CA VAL D 311 -1.19 59.76 23.79
C VAL D 311 -1.52 58.28 23.84
N LYS D 312 -2.67 57.85 23.32
CA LYS D 312 -2.99 56.44 23.29
C LYS D 312 -2.30 55.74 22.13
N ASP D 313 -2.17 56.40 20.99
CA ASP D 313 -1.52 55.78 19.84
C ASP D 313 -0.01 55.72 19.99
N VAL D 314 0.56 56.46 20.93
CA VAL D 314 2.00 56.29 21.21
C VAL D 314 2.23 55.11 22.15
N THR D 315 1.39 54.96 23.19
CA THR D 315 1.55 53.86 24.13
C THR D 315 1.40 52.50 23.45
N GLU D 316 0.36 52.35 22.64
CA GLU D 316 0.19 51.11 21.89
C GLU D 316 1.23 50.96 20.79
N GLY D 317 1.83 52.06 20.36
CA GLY D 317 2.98 51.98 19.49
C GLY D 317 4.23 51.66 20.28
N LEU D 318 4.36 52.22 21.48
CA LEU D 318 5.51 51.91 22.32
C LEU D 318 5.45 50.47 22.81
N ARG D 319 4.26 49.97 23.17
CA ARG D 319 4.14 48.59 23.60
C ARG D 319 4.39 47.62 22.46
N ALA D 320 4.11 48.02 21.22
CA ALA D 320 4.28 47.11 20.09
C ALA D 320 5.74 46.99 19.69
N PHE D 321 6.50 48.07 19.77
CA PHE D 321 7.94 48.03 19.52
C PHE D 321 8.72 47.66 20.77
N MET D 322 8.06 47.14 21.79
CA MET D 322 8.67 46.66 23.00
C MET D 322 8.36 45.20 23.26
N ARG D 323 7.26 44.68 22.71
CA ARG D 323 7.02 43.25 22.68
C ARG D 323 7.80 42.57 21.55
N ASP D 324 8.33 43.35 20.60
CA ASP D 324 9.30 42.83 19.65
C ASP D 324 10.65 42.65 20.34
N LEU D 325 10.89 43.40 21.40
CA LEU D 325 12.13 43.27 22.14
C LEU D 325 12.04 42.17 23.20
N LYS D 326 10.85 41.96 23.76
CA LYS D 326 10.68 40.83 24.67
C LYS D 326 10.67 39.52 23.90
N ASN D 327 10.26 39.58 22.63
CA ASN D 327 10.22 38.38 21.80
C ASN D 327 11.62 37.85 21.53
N GLN D 328 12.53 38.72 21.11
CA GLN D 328 13.87 38.29 20.78
C GLN D 328 14.79 38.20 21.97
N GLY D 329 14.31 38.56 23.17
CA GLY D 329 15.05 38.33 24.38
C GLY D 329 15.83 39.50 24.92
N ALA D 330 15.55 40.72 24.45
CA ALA D 330 16.31 41.87 24.93
C ALA D 330 15.90 42.25 26.34
N VAL D 331 14.61 42.18 26.63
CA VAL D 331 14.06 42.50 27.94
C VAL D 331 13.32 41.28 28.45
N ILE D 332 12.75 41.43 29.64
CA ILE D 332 11.82 40.46 30.20
C ILE D 332 10.70 41.21 30.92
N ASN D 333 9.49 41.17 30.34
CA ASN D 333 8.25 41.72 30.90
C ASN D 333 8.37 43.22 31.18
N PHE D 334 8.44 43.99 30.10
CA PHE D 334 8.40 45.44 30.14
C PHE D 334 7.12 46.03 30.77
N GLU D 335 7.08 47.35 30.89
CA GLU D 335 5.87 48.05 31.31
C GLU D 335 5.87 49.44 30.71
N VAL D 336 4.89 49.74 29.87
CA VAL D 336 4.80 51.04 29.21
C VAL D 336 3.42 51.64 29.53
N TYR D 337 3.40 52.89 30.00
CA TYR D 337 2.15 53.58 30.24
C TYR D 337 2.37 55.08 30.23
N ALA D 338 1.34 55.81 29.87
CA ALA D 338 1.39 57.27 29.94
C ALA D 338 1.37 57.72 31.39
N ASP D 339 2.16 58.73 31.69
CA ASP D 339 2.33 59.20 33.05
C ASP D 339 1.09 59.96 33.48
N PRO D 340 0.29 59.45 34.41
CA PRO D 340 -1.00 60.08 34.71
C PRO D 340 -0.88 61.36 35.50
N ASP D 341 0.21 61.56 36.23
CA ASP D 341 0.36 62.70 37.12
C ASP D 341 0.98 63.91 36.44
N LEU D 342 1.68 63.74 35.32
CA LEU D 342 2.37 64.85 34.69
C LEU D 342 1.88 65.18 33.28
N ASN D 343 0.75 64.62 32.86
CA ASN D 343 0.15 64.99 31.58
C ASN D 343 -0.95 66.02 31.84
N SER D 344 -0.52 67.24 32.08
CA SER D 344 -1.42 68.37 32.23
C SER D 344 -1.86 68.86 30.86
N ALA D 345 -2.73 69.86 30.85
CA ALA D 345 -3.02 70.60 29.64
C ALA D 345 -2.11 71.81 29.47
N SER D 346 -1.57 72.34 30.57
CA SER D 346 -0.55 73.36 30.46
C SER D 346 0.74 72.80 29.89
N GLN D 347 1.02 71.52 30.14
CA GLN D 347 2.13 70.85 29.47
C GLN D 347 1.79 70.57 28.02
N LEU D 348 0.52 70.32 27.73
CA LEU D 348 0.12 69.94 26.39
C LEU D 348 0.05 71.13 25.45
N ALA D 349 -0.14 72.33 26.00
CA ALA D 349 -0.06 73.53 25.17
C ALA D 349 1.39 73.81 24.76
N GLN D 350 2.35 73.41 25.57
CA GLN D 350 3.76 73.51 25.20
C GLN D 350 4.22 72.36 24.32
N GLY D 351 3.36 71.39 24.07
CA GLY D 351 3.75 70.24 23.28
C GLY D 351 4.37 69.11 24.06
N LYS D 352 4.43 69.21 25.39
CA LYS D 352 5.05 68.19 26.20
C LYS D 352 4.01 67.17 26.65
N VAL D 353 4.40 65.90 26.63
CA VAL D 353 3.54 64.78 27.00
C VAL D 353 4.43 63.60 27.38
N TYR D 354 4.15 62.97 28.53
CA TYR D 354 5.16 62.12 29.15
C TYR D 354 4.70 60.66 29.12
N TRP D 355 5.68 59.75 29.15
CA TRP D 355 5.43 58.32 29.19
C TRP D 355 6.45 57.65 30.09
N ASN D 356 6.09 56.46 30.59
CA ASN D 356 6.92 55.70 31.52
C ASN D 356 7.19 54.33 30.95
N ILE D 357 8.47 53.99 30.75
CA ILE D 357 8.87 52.84 29.95
C ILE D 357 9.75 51.89 30.78
N ARG D 358 9.31 51.58 31.99
CA ARG D 358 10.00 50.59 32.84
C ARG D 358 10.19 49.25 32.14
N PHE D 359 11.37 48.65 32.33
CA PHE D 359 11.63 47.29 31.86
C PHE D 359 12.70 46.64 32.73
N THR D 360 12.90 45.33 32.51
CA THR D 360 13.91 44.54 33.20
C THR D 360 14.87 43.97 32.18
N ASP D 361 16.16 44.17 32.42
CA ASP D 361 17.20 43.68 31.53
C ASP D 361 17.58 42.25 31.90
N VAL D 362 18.10 41.52 30.93
CA VAL D 362 18.54 40.14 31.17
C VAL D 362 19.89 40.17 31.87
N PRO D 363 20.08 39.41 32.95
CA PRO D 363 21.35 39.44 33.67
C PRO D 363 22.36 38.53 33.02
N PRO D 364 23.63 38.94 32.95
CA PRO D 364 24.66 38.05 32.44
C PRO D 364 25.12 37.05 33.50
N ALA D 365 25.43 35.84 33.05
CA ALA D 365 25.85 34.76 33.94
C ALA D 365 27.31 34.96 34.31
N GLU D 366 27.54 35.90 35.23
CA GLU D 366 28.89 36.40 35.50
C GLU D 366 29.72 35.38 36.26
N ASN D 367 29.10 34.64 37.17
CA ASN D 367 29.83 33.77 38.09
C ASN D 367 29.08 32.45 38.29
N PRO D 368 29.27 31.49 37.39
CA PRO D 368 28.78 30.14 37.68
C PRO D 368 29.63 29.47 38.75
N ASN D 369 28.97 28.83 39.69
CA ASN D 369 29.65 28.29 40.87
C ASN D 369 29.45 26.79 40.93
N PHE D 370 30.56 26.06 40.96
CA PHE D 370 30.56 24.61 41.00
C PHE D 370 31.01 24.17 42.38
N ARG D 371 30.14 23.45 43.09
CA ARG D 371 30.45 22.96 44.44
C ARG D 371 30.73 21.48 44.32
N VAL D 372 31.98 21.14 44.11
CA VAL D 372 32.37 19.77 43.77
C VAL D 372 32.88 19.08 45.02
N GLU D 373 32.54 17.80 45.17
CA GLU D 373 32.88 17.00 46.34
C GLU D 373 33.25 15.59 45.91
N VAL D 374 34.32 15.06 46.50
CA VAL D 374 34.70 13.67 46.30
C VAL D 374 34.16 12.87 47.49
N THR D 375 33.32 11.89 47.20
CA THR D 375 32.70 11.07 48.23
C THR D 375 33.15 9.63 48.09
N ASP D 376 32.91 8.85 49.15
CA ASP D 376 33.02 7.40 49.10
C ASP D 376 31.65 6.76 49.17
N GLN D 377 30.62 7.47 48.69
CA GLN D 377 29.26 6.96 48.75
C GLN D 377 29.08 5.77 47.82
N TRP D 378 29.50 5.92 46.56
CA TRP D 378 29.38 4.83 45.59
C TRP D 378 30.65 4.00 45.54
N LEU D 379 31.17 3.64 46.71
CA LEU D 379 32.28 2.71 46.80
C LEU D 379 31.79 1.30 47.07
N THR D 380 30.56 1.18 47.56
CA THR D 380 29.90 -0.10 47.78
C THR D 380 28.90 -0.44 46.68
N GLU D 381 28.26 0.58 46.09
CA GLU D 381 27.27 0.37 45.03
C GLU D 381 27.89 -0.30 43.81
N VAL D 382 29.17 -0.03 43.56
CA VAL D 382 29.96 -0.80 42.62
C VAL D 382 31.12 -1.38 43.41
N LEU D 383 32.03 -2.05 42.69
CA LEU D 383 33.28 -2.62 43.23
C LEU D 383 33.00 -3.69 44.29
N ASP D 384 31.96 -4.48 44.06
CA ASP D 384 31.54 -5.45 45.06
C ASP D 384 30.87 -6.60 44.33
N VAL D 385 30.70 -7.72 45.05
CA VAL D 385 30.02 -8.88 44.49
C VAL D 385 28.56 -8.54 44.21
N ALA D 386 27.92 -7.81 45.11
CA ALA D 386 26.55 -7.28 45.00
C ALA D 386 25.49 -8.34 44.71
N SER E 2 3.84 15.44 -70.06
CA SER E 2 3.37 14.17 -69.54
C SER E 2 3.48 14.16 -68.02
N PHE E 3 3.26 12.99 -67.42
CA PHE E 3 3.38 12.84 -65.98
C PHE E 3 4.03 11.49 -65.69
N PHE E 4 4.00 11.10 -64.43
CA PHE E 4 4.50 9.80 -64.02
C PHE E 4 3.59 9.29 -62.91
N HIS E 5 3.33 8.00 -62.90
CA HIS E 5 2.56 7.37 -61.85
C HIS E 5 3.39 6.26 -61.23
N GLY E 6 3.43 6.22 -59.91
CA GLY E 6 4.36 5.38 -59.20
C GLY E 6 5.49 6.20 -58.64
N VAL E 7 6.49 5.50 -58.13
CA VAL E 7 7.60 6.14 -57.44
C VAL E 7 8.82 6.20 -58.36
N THR E 8 9.41 7.38 -58.48
CA THR E 8 10.67 7.52 -59.19
C THR E 8 11.83 7.45 -58.19
N VAL E 9 12.96 6.95 -58.66
CA VAL E 9 14.24 7.17 -58.01
C VAL E 9 15.14 7.90 -58.98
N THR E 10 15.97 8.79 -58.46
CA THR E 10 16.80 9.64 -59.31
C THR E 10 18.15 9.78 -58.64
N ASN E 11 19.21 9.36 -59.33
CA ASN E 11 20.56 9.62 -58.88
C ASN E 11 20.89 11.07 -59.17
N VAL E 12 21.08 11.85 -58.12
CA VAL E 12 21.38 13.28 -58.27
C VAL E 12 22.26 13.71 -57.10
N ASP E 13 23.33 14.43 -57.40
CA ASP E 13 24.27 14.90 -56.38
C ASP E 13 23.74 16.20 -55.78
N ILE E 14 23.53 16.19 -54.47
CA ILE E 14 23.16 17.38 -53.73
C ILE E 14 24.00 17.45 -52.46
N GLY E 15 24.58 18.61 -52.19
CA GLY E 15 25.71 18.73 -51.31
C GLY E 15 25.50 18.97 -49.83
N ALA E 16 25.14 17.93 -49.05
CA ALA E 16 25.38 17.88 -47.61
C ALA E 16 24.70 19.00 -46.82
N ARG E 17 23.38 18.87 -46.59
CA ARG E 17 22.47 19.93 -46.14
C ARG E 17 23.01 20.73 -44.95
N THR E 18 22.53 21.96 -44.84
CA THR E 18 23.17 23.04 -44.10
C THR E 18 22.20 23.66 -43.10
N ILE E 19 21.64 22.79 -42.24
CA ILE E 19 20.61 23.15 -41.25
C ILE E 19 21.04 24.33 -40.40
N ALA E 20 20.11 25.26 -40.24
CA ALA E 20 20.33 26.49 -39.49
C ALA E 20 19.02 26.86 -38.82
N LEU E 21 19.13 27.61 -37.73
CA LEU E 21 17.93 28.08 -37.05
C LEU E 21 17.21 29.11 -37.93
N PRO E 22 15.91 28.99 -38.10
CA PRO E 22 15.16 30.01 -38.84
C PRO E 22 15.07 31.30 -38.04
N ALA E 23 15.60 32.38 -38.61
CA ALA E 23 15.68 33.67 -37.96
C ALA E 23 14.63 34.61 -38.50
N SER E 24 14.27 35.61 -37.68
CA SER E 24 13.27 36.60 -38.07
C SER E 24 13.88 37.88 -38.60
N SER E 25 15.18 38.08 -38.43
CA SER E 25 15.81 39.31 -38.89
C SER E 25 15.91 39.32 -40.40
N VAL E 26 15.85 40.52 -40.98
CA VAL E 26 15.96 40.73 -42.41
C VAL E 26 17.28 41.44 -42.70
N ILE E 27 17.89 41.11 -43.84
CA ILE E 27 19.25 41.52 -44.17
C ILE E 27 19.23 42.14 -45.56
N GLY E 28 19.85 43.33 -45.69
CA GLY E 28 19.94 44.00 -46.96
C GLY E 28 21.29 43.75 -47.60
N LEU E 29 21.26 43.10 -48.76
CA LEU E 29 22.46 42.61 -49.41
C LEU E 29 22.61 43.26 -50.78
N CYS E 30 23.85 43.50 -51.19
CA CYS E 30 24.12 44.20 -52.44
C CYS E 30 25.50 43.83 -52.92
N ASP E 31 25.58 43.15 -54.07
CA ASP E 31 26.85 42.68 -54.61
C ASP E 31 26.67 42.47 -56.10
N VAL E 32 27.68 41.90 -56.77
CA VAL E 32 27.69 41.83 -58.22
C VAL E 32 27.23 40.46 -58.70
N PHE E 33 26.60 40.45 -59.88
CA PHE E 33 26.23 39.20 -60.53
C PHE E 33 26.12 39.49 -62.02
N THR E 34 25.98 38.43 -62.81
CA THR E 34 25.82 38.57 -64.24
C THR E 34 24.40 38.24 -64.63
N PRO E 35 23.64 39.18 -65.17
CA PRO E 35 22.28 38.87 -65.63
C PRO E 35 22.29 38.02 -66.90
N GLY E 36 21.95 36.75 -66.76
CA GLY E 36 22.01 35.81 -67.87
C GLY E 36 20.68 35.15 -68.09
N ALA E 37 20.75 33.87 -68.48
CA ALA E 37 19.53 33.11 -68.75
C ALA E 37 18.93 32.56 -67.46
N GLN E 38 19.70 31.75 -66.72
CA GLN E 38 19.17 31.11 -65.53
C GLN E 38 19.05 32.07 -64.35
N ALA E 39 19.82 33.16 -64.35
CA ALA E 39 19.68 34.21 -63.34
C ALA E 39 18.40 34.97 -63.62
N SER E 40 17.35 34.69 -62.85
CA SER E 40 16.06 35.33 -63.06
C SER E 40 15.89 36.54 -62.16
N ALA E 41 16.81 37.49 -62.32
CA ALA E 41 16.73 38.75 -61.59
C ALA E 41 17.14 39.88 -62.49
N LYS E 42 16.31 40.91 -62.57
CA LYS E 42 16.74 42.16 -63.15
C LYS E 42 17.75 42.82 -62.21
N PRO E 43 18.73 43.57 -62.74
CA PRO E 43 19.82 44.07 -61.90
C PRO E 43 19.44 44.98 -60.74
N ASN E 44 18.83 46.13 -60.98
CA ASN E 44 18.53 47.02 -59.87
C ASN E 44 17.12 46.84 -59.34
N VAL E 45 16.73 45.59 -59.09
CA VAL E 45 15.44 45.26 -58.53
C VAL E 45 15.67 44.36 -57.32
N PRO E 46 15.22 44.74 -56.13
CA PRO E 46 15.39 43.86 -54.97
C PRO E 46 14.45 42.67 -55.03
N VAL E 47 14.95 41.54 -54.54
CA VAL E 47 14.20 40.29 -54.49
C VAL E 47 14.32 39.71 -53.10
N LEU E 48 13.24 39.07 -52.61
CA LEU E 48 13.24 38.46 -51.30
C LEU E 48 13.69 37.01 -51.40
N LEU E 49 14.61 36.64 -50.52
CA LEU E 49 15.28 35.35 -50.55
C LEU E 49 15.05 34.62 -49.24
N THR E 50 14.70 33.34 -49.33
CA THR E 50 14.55 32.49 -48.16
C THR E 50 15.33 31.19 -48.25
N SER E 51 16.12 30.97 -49.29
CA SER E 51 16.78 29.68 -49.49
C SER E 51 18.02 29.87 -50.33
N LYS E 52 18.94 28.90 -50.23
CA LYS E 52 20.05 28.84 -51.18
C LYS E 52 19.57 28.52 -52.59
N LYS E 53 18.47 27.79 -52.71
CA LYS E 53 17.86 27.57 -54.02
C LYS E 53 17.27 28.86 -54.55
N ASP E 54 16.64 29.65 -53.68
CA ASP E 54 16.08 30.93 -54.10
C ASP E 54 17.16 31.96 -54.40
N ALA E 55 18.36 31.78 -53.85
CA ALA E 55 19.48 32.65 -54.17
C ALA E 55 20.15 32.24 -55.47
N ALA E 56 20.15 30.96 -55.79
CA ALA E 56 20.75 30.46 -57.02
C ALA E 56 19.76 30.37 -58.17
N ALA E 57 18.48 30.62 -57.93
CA ALA E 57 17.54 30.74 -59.03
C ALA E 57 17.40 32.18 -59.50
N ALA E 58 17.45 33.14 -58.56
CA ALA E 58 17.42 34.55 -58.95
C ALA E 58 18.77 35.00 -59.49
N PHE E 59 19.84 34.60 -58.82
CA PHE E 59 21.18 35.00 -59.20
C PHE E 59 21.93 33.76 -59.66
N GLY E 60 23.08 33.98 -60.27
CA GLY E 60 23.89 32.86 -60.70
C GLY E 60 24.51 32.13 -59.52
N ILE E 61 24.74 30.83 -59.70
CA ILE E 61 25.39 30.06 -58.65
C ILE E 61 26.88 30.41 -58.59
N GLY E 62 27.45 30.93 -59.66
CA GLY E 62 28.80 31.44 -59.63
C GLY E 62 28.90 32.91 -59.33
N SER E 63 27.81 33.56 -58.95
CA SER E 63 27.81 34.99 -58.72
C SER E 63 28.42 35.32 -57.37
N SER E 64 28.63 36.61 -57.15
CA SER E 64 29.09 37.07 -55.84
C SER E 64 27.95 37.39 -54.90
N ILE E 65 26.74 37.57 -55.41
CA ILE E 65 25.54 37.59 -54.58
C ILE E 65 25.39 36.26 -53.86
N TYR E 66 25.45 35.16 -54.62
CA TYR E 66 25.18 33.83 -54.07
C TYR E 66 26.23 33.41 -53.07
N LEU E 67 27.48 33.81 -53.26
CA LEU E 67 28.52 33.53 -52.28
C LEU E 67 28.27 34.30 -50.99
N ALA E 68 27.70 35.49 -51.09
CA ALA E 68 27.27 36.23 -49.90
C ALA E 68 26.03 35.62 -49.28
N CYS E 69 25.13 35.08 -50.10
CA CYS E 69 23.91 34.47 -49.57
C CYS E 69 24.16 33.08 -49.02
N GLU E 70 25.12 32.34 -49.59
CA GLU E 70 25.55 31.09 -48.97
C GLU E 70 26.24 31.35 -47.64
N ALA E 71 26.92 32.50 -47.52
CA ALA E 71 27.57 32.89 -46.28
C ALA E 71 26.59 33.16 -45.15
N ILE E 72 25.35 33.51 -45.47
CA ILE E 72 24.35 33.78 -44.46
C ILE E 72 23.53 32.54 -44.13
N TYR E 73 23.20 31.75 -45.15
CA TYR E 73 22.37 30.57 -44.98
C TYR E 73 23.09 29.41 -44.32
N ASN E 74 24.41 29.48 -44.18
CA ASN E 74 25.11 28.47 -43.39
C ASN E 74 24.94 28.69 -41.89
N ARG E 75 24.48 29.86 -41.48
CA ARG E 75 24.33 30.17 -40.06
C ARG E 75 22.90 30.44 -39.66
N ALA E 76 22.13 31.13 -40.48
CA ALA E 76 20.75 31.43 -40.16
C ALA E 76 19.91 31.33 -41.41
N GLN E 77 18.69 30.83 -41.25
CA GLN E 77 17.73 30.77 -42.35
C GLN E 77 16.99 32.10 -42.40
N ALA E 78 17.73 33.12 -42.82
CA ALA E 78 17.29 34.50 -42.70
C ALA E 78 16.59 34.97 -43.96
N VAL E 79 15.91 36.09 -43.85
CA VAL E 79 15.26 36.73 -44.98
C VAL E 79 16.21 37.78 -45.52
N ILE E 80 16.49 37.71 -46.82
CA ILE E 80 17.48 38.58 -47.45
C ILE E 80 16.81 39.34 -48.59
N VAL E 81 16.73 40.65 -48.45
CA VAL E 81 16.39 41.52 -49.55
C VAL E 81 17.70 41.83 -50.28
N ALA E 82 17.88 41.25 -51.45
CA ALA E 82 19.14 41.33 -52.19
C ALA E 82 18.96 42.11 -53.47
N VAL E 83 19.91 42.99 -53.76
CA VAL E 83 19.90 43.84 -54.94
C VAL E 83 21.14 43.51 -55.76
N GLY E 84 20.94 42.88 -56.91
CA GLY E 84 22.03 42.44 -57.76
C GLY E 84 22.59 43.50 -58.69
N VAL E 85 23.45 44.39 -58.18
CA VAL E 85 24.09 45.41 -59.02
C VAL E 85 24.96 44.75 -60.07
N GLU E 86 24.75 45.11 -61.34
CA GLU E 86 25.55 44.59 -62.43
C GLU E 86 27.00 45.07 -62.33
N THR E 87 27.90 44.28 -62.91
CA THR E 87 29.33 44.55 -62.80
C THR E 87 29.74 45.70 -63.72
N ALA E 88 30.90 46.26 -63.43
CA ALA E 88 31.43 47.39 -64.19
C ALA E 88 32.95 47.28 -64.21
N GLU E 89 33.57 48.08 -65.09
CA GLU E 89 35.00 47.92 -65.33
C GLU E 89 35.83 48.55 -64.21
N THR E 90 35.79 49.87 -64.09
CA THR E 90 36.65 50.56 -63.15
C THR E 90 36.05 50.55 -61.75
N PRO E 91 36.89 50.52 -60.71
CA PRO E 91 36.35 50.57 -59.34
C PRO E 91 35.71 51.88 -58.97
N GLU E 92 35.97 52.96 -59.71
CA GLU E 92 35.21 54.19 -59.52
C GLU E 92 33.78 54.03 -60.02
N ALA E 93 33.61 53.38 -61.17
CA ALA E 93 32.27 53.14 -61.69
C ALA E 93 31.60 51.95 -61.01
N GLN E 94 32.36 51.06 -60.38
CA GLN E 94 31.75 49.97 -59.66
C GLN E 94 31.20 50.44 -58.32
N ALA E 95 31.98 51.25 -57.60
CA ALA E 95 31.49 51.84 -56.36
C ALA E 95 30.35 52.82 -56.62
N SER E 96 30.32 53.44 -57.80
CA SER E 96 29.20 54.30 -58.14
C SER E 96 27.94 53.51 -58.42
N ALA E 97 28.08 52.27 -58.86
CA ALA E 97 26.93 51.43 -59.16
C ALA E 97 26.41 50.69 -57.94
N VAL E 98 27.28 50.42 -56.96
CA VAL E 98 26.82 49.82 -55.72
C VAL E 98 26.07 50.86 -54.88
N ILE E 99 26.59 52.09 -54.83
CA ILE E 99 25.85 53.18 -54.20
C ILE E 99 24.55 53.44 -54.94
N GLY E 100 24.64 53.67 -56.25
CA GLY E 100 23.44 53.86 -57.04
C GLY E 100 22.81 55.21 -56.78
N GLY E 101 21.49 55.24 -56.81
CA GLY E 101 20.77 56.45 -56.53
C GLY E 101 19.44 56.46 -57.26
N ILE E 102 18.96 57.67 -57.52
CA ILE E 102 17.72 57.88 -58.24
C ILE E 102 17.99 58.23 -59.70
N SER E 103 19.15 57.84 -60.23
CA SER E 103 19.63 58.20 -61.57
C SER E 103 18.85 57.50 -62.70
N ALA E 104 17.79 56.75 -62.41
CA ALA E 104 16.92 56.15 -63.41
C ALA E 104 15.92 57.17 -63.94
N ALA E 105 14.88 56.69 -64.60
CA ALA E 105 13.71 57.52 -64.87
C ALA E 105 13.11 58.03 -63.57
N GLY E 106 12.70 57.12 -62.69
CA GLY E 106 12.38 57.47 -61.32
C GLY E 106 12.72 56.39 -60.32
N GLU E 107 13.36 55.31 -60.77
CA GLU E 107 13.59 54.16 -59.92
C GLU E 107 14.81 54.37 -59.02
N ARG E 108 14.99 53.45 -58.09
CA ARG E 108 16.09 53.51 -57.12
C ARG E 108 17.03 52.34 -57.41
N THR E 109 18.32 52.64 -57.49
CA THR E 109 19.32 51.67 -57.90
C THR E 109 20.37 51.48 -56.81
N GLY E 110 20.98 50.31 -56.80
CA GLY E 110 22.10 50.05 -55.91
C GLY E 110 21.71 49.77 -54.48
N LEU E 111 22.42 50.39 -53.54
CA LEU E 111 22.04 50.31 -52.14
C LEU E 111 20.71 51.01 -51.89
N GLN E 112 20.39 52.03 -52.67
CA GLN E 112 19.19 52.82 -52.48
C GLN E 112 17.92 52.02 -52.74
N ALA E 113 18.00 50.91 -53.46
CA ALA E 113 16.87 50.02 -53.63
C ALA E 113 16.55 49.22 -52.39
N LEU E 114 17.44 49.19 -51.39
CA LEU E 114 17.10 48.52 -50.14
C LEU E 114 16.13 49.31 -49.30
N LEU E 115 15.96 50.61 -49.58
CA LEU E 115 14.90 51.39 -48.97
C LEU E 115 13.52 50.98 -49.50
N ASP E 116 13.48 50.28 -50.62
CA ASP E 116 12.28 49.71 -51.18
C ASP E 116 12.02 48.31 -50.67
N GLY E 117 12.76 47.85 -49.65
CA GLY E 117 12.61 46.48 -49.20
C GLY E 117 11.27 46.24 -48.51
N LYS E 118 10.88 47.14 -47.63
CA LYS E 118 9.49 47.21 -47.22
C LYS E 118 8.70 47.87 -48.34
N SER E 119 7.41 47.52 -48.42
CA SER E 119 6.40 47.87 -49.43
C SER E 119 6.59 47.13 -50.75
N ARG E 120 7.70 46.42 -50.90
CA ARG E 120 7.82 45.41 -51.93
C ARG E 120 7.71 44.00 -51.39
N PHE E 121 8.16 43.77 -50.16
CA PHE E 121 8.19 42.43 -49.61
C PHE E 121 7.83 42.34 -48.13
N ASN E 122 7.48 43.45 -47.48
CA ASN E 122 7.25 43.56 -46.04
C ASN E 122 8.50 43.09 -45.26
N ALA E 123 9.66 43.59 -45.67
CA ALA E 123 10.93 43.22 -45.05
C ALA E 123 11.82 44.46 -45.06
N GLN E 124 11.78 45.22 -43.97
CA GLN E 124 12.55 46.45 -43.86
C GLN E 124 13.91 46.11 -43.26
N PRO E 125 15.01 46.19 -44.04
CA PRO E 125 16.28 45.53 -43.68
C PRO E 125 16.93 46.11 -42.44
N ARG E 126 17.05 45.28 -41.41
CA ARG E 126 17.70 45.64 -40.15
C ARG E 126 19.21 45.44 -40.19
N LEU E 127 19.73 44.78 -41.23
CA LEU E 127 21.16 44.58 -41.39
C LEU E 127 21.54 44.88 -42.83
N LEU E 128 22.60 45.66 -43.00
CA LEU E 128 23.03 46.10 -44.31
C LEU E 128 24.42 45.58 -44.57
N VAL E 129 24.61 44.92 -45.71
CA VAL E 129 25.88 44.29 -46.04
C VAL E 129 26.15 44.49 -47.52
N ALA E 130 27.37 44.91 -47.85
CA ALA E 130 27.82 45.04 -49.23
C ALA E 130 29.16 44.35 -49.30
N PRO E 131 29.18 43.04 -49.56
CA PRO E 131 30.40 42.24 -49.38
C PRO E 131 31.45 42.55 -50.45
N GLY E 132 32.63 42.97 -50.00
CA GLY E 132 33.72 43.31 -50.89
C GLY E 132 33.71 44.74 -51.36
N HIS E 133 32.59 45.44 -51.21
CA HIS E 133 32.47 46.81 -51.68
C HIS E 133 32.47 47.84 -50.57
N SER E 134 32.26 47.41 -49.32
CA SER E 134 32.27 48.34 -48.20
C SER E 134 33.68 48.75 -47.80
N ALA E 135 34.71 48.17 -48.41
CA ALA E 135 36.08 48.58 -48.19
C ALA E 135 36.38 49.93 -48.83
N GLN E 136 35.62 50.35 -49.83
CA GLN E 136 35.77 51.68 -50.38
C GLN E 136 35.05 52.69 -49.49
N GLN E 137 35.62 53.88 -49.37
CA GLN E 137 35.14 54.85 -48.41
C GLN E 137 33.86 55.54 -48.89
N ALA E 138 33.58 55.50 -50.18
CA ALA E 138 32.36 56.10 -50.72
C ALA E 138 31.16 55.20 -50.50
N VAL E 139 31.33 53.88 -50.69
CA VAL E 139 30.25 52.93 -50.44
C VAL E 139 29.92 52.88 -48.96
N ALA E 140 30.95 52.87 -48.12
CA ALA E 140 30.75 52.80 -46.68
C ALA E 140 30.18 54.08 -46.08
N THR E 141 30.12 55.18 -46.84
CA THR E 141 29.35 56.33 -46.45
C THR E 141 27.90 56.23 -46.93
N ALA E 142 27.68 55.63 -48.09
CA ALA E 142 26.32 55.33 -48.52
C ALA E 142 25.70 54.24 -47.67
N MET E 143 26.51 53.30 -47.17
CA MET E 143 26.04 52.37 -46.15
C MET E 143 25.65 53.11 -44.87
N ASP E 144 26.38 54.16 -44.54
CA ASP E 144 26.17 54.89 -43.29
C ASP E 144 24.87 55.67 -43.34
N GLY E 145 24.72 56.54 -44.34
CA GLY E 145 23.53 57.38 -44.45
C GLY E 145 22.26 56.61 -44.69
N LEU E 146 22.37 55.41 -45.25
CA LEU E 146 21.19 54.58 -45.44
C LEU E 146 20.89 53.74 -44.21
N ALA E 147 21.90 53.39 -43.41
CA ALA E 147 21.61 52.76 -42.13
C ALA E 147 20.98 53.73 -41.16
N GLU E 148 21.25 55.03 -41.31
CA GLU E 148 20.59 56.02 -40.47
C GLU E 148 19.13 56.19 -40.88
N LYS E 149 18.86 56.17 -42.18
CA LYS E 149 17.48 56.25 -42.67
C LYS E 149 16.71 54.99 -42.30
N LEU E 150 17.21 53.84 -42.71
CA LEU E 150 16.50 52.57 -42.57
C LEU E 150 16.53 52.04 -41.14
N ARG E 151 17.27 52.73 -40.25
CA ARG E 151 17.43 52.39 -38.84
C ARG E 151 17.96 50.96 -38.66
N ALA E 152 19.17 50.77 -39.14
CA ALA E 152 19.81 49.47 -39.20
C ALA E 152 21.24 49.61 -38.74
N ILE E 153 21.97 48.50 -38.77
CA ILE E 153 23.41 48.50 -38.55
C ILE E 153 24.06 48.02 -39.84
N ALA E 154 24.89 48.87 -40.43
CA ALA E 154 25.65 48.48 -41.60
C ALA E 154 26.91 47.76 -41.15
N ILE E 155 27.19 46.63 -41.77
CA ILE E 155 28.37 45.84 -41.44
C ILE E 155 29.41 46.06 -42.52
N LEU E 156 30.46 46.80 -42.18
CA LEU E 156 31.50 47.13 -43.11
C LEU E 156 32.57 46.04 -43.11
N ASP E 157 33.62 46.27 -43.87
CA ASP E 157 34.84 45.50 -43.78
C ASP E 157 35.99 46.35 -44.32
N GLY E 158 37.18 46.08 -43.81
CA GLY E 158 38.34 46.79 -44.26
C GLY E 158 38.92 46.14 -45.49
N PRO E 159 40.16 46.47 -45.81
CA PRO E 159 40.83 45.80 -46.93
C PRO E 159 41.46 44.49 -46.47
N ASN E 160 42.14 43.84 -47.41
CA ASN E 160 42.92 42.63 -47.15
C ASN E 160 44.25 42.95 -46.48
N SER E 161 44.59 44.22 -46.35
CA SER E 161 45.93 44.65 -45.96
C SER E 161 46.16 44.51 -44.47
N THR E 162 47.19 45.18 -43.97
CA THR E 162 47.65 45.02 -42.59
C THR E 162 46.66 45.62 -41.59
N ASP E 163 47.06 45.56 -40.32
CA ASP E 163 46.25 46.11 -39.24
C ASP E 163 46.17 47.62 -39.32
N GLU E 164 47.23 48.27 -39.77
CA GLU E 164 47.24 49.72 -39.81
C GLU E 164 46.37 50.26 -40.94
N ALA E 165 46.22 49.49 -42.01
CA ALA E 165 45.27 49.87 -43.04
C ALA E 165 43.83 49.70 -42.57
N ALA E 166 43.60 48.85 -41.57
CA ALA E 166 42.28 48.74 -40.98
C ALA E 166 42.00 49.85 -39.97
N VAL E 167 43.02 50.22 -39.19
CA VAL E 167 42.85 51.27 -38.20
C VAL E 167 42.67 52.62 -38.88
N ALA E 168 43.47 52.91 -39.90
CA ALA E 168 43.37 54.17 -40.61
C ALA E 168 42.10 54.27 -41.43
N TYR E 169 41.53 53.14 -41.84
CA TYR E 169 40.23 53.14 -42.50
C TYR E 169 39.09 53.26 -41.51
N ALA E 170 39.29 52.84 -40.26
CA ALA E 170 38.27 52.99 -39.24
C ALA E 170 38.23 54.37 -38.63
N LYS E 171 39.24 55.19 -38.86
CA LYS E 171 39.21 56.58 -38.39
C LYS E 171 38.44 57.48 -39.34
N ASN E 172 38.04 56.97 -40.50
CA ASN E 172 37.19 57.74 -41.40
C ASN E 172 35.74 57.77 -40.97
N PHE E 173 35.37 57.06 -39.91
CA PHE E 173 33.98 56.96 -39.51
C PHE E 173 33.86 57.14 -38.01
N GLY E 174 32.95 58.00 -37.60
CA GLY E 174 32.58 58.12 -36.21
C GLY E 174 31.09 57.92 -36.07
N SER E 175 30.53 56.98 -36.84
CA SER E 175 29.09 56.80 -36.92
C SER E 175 28.62 55.64 -36.06
N LYS E 176 27.46 55.83 -35.46
CA LYS E 176 26.88 54.88 -34.52
C LYS E 176 26.46 53.59 -35.21
N ARG E 177 25.98 53.67 -36.44
CA ARG E 177 25.36 52.54 -37.10
C ARG E 177 26.33 51.69 -37.90
N LEU E 178 27.64 51.89 -37.73
CA LEU E 178 28.64 51.17 -38.50
C LEU E 178 29.34 50.13 -37.63
N PHE E 179 29.60 48.97 -38.22
CA PHE E 179 30.19 47.85 -37.50
C PHE E 179 31.20 47.20 -38.43
N MET E 180 32.47 47.50 -38.25
CA MET E 180 33.49 47.02 -39.15
C MET E 180 34.01 45.67 -38.69
N VAL E 181 34.12 44.73 -39.63
CA VAL E 181 34.77 43.44 -39.40
C VAL E 181 35.92 43.38 -40.41
N ASP E 182 37.14 43.63 -39.96
CA ASP E 182 38.21 43.75 -40.95
C ASP E 182 38.76 42.46 -41.57
N PRO E 183 39.15 41.42 -40.83
CA PRO E 183 39.85 40.31 -41.48
C PRO E 183 38.90 39.48 -42.34
N GLY E 184 39.30 39.24 -43.57
CA GLY E 184 38.49 38.46 -44.47
C GLY E 184 38.45 37.00 -44.08
N VAL E 185 37.46 36.34 -44.57
CA VAL E 185 37.27 34.91 -44.39
C VAL E 185 37.97 34.15 -45.51
N GLN E 186 38.67 33.09 -45.13
CA GLN E 186 39.30 32.17 -46.07
C GLN E 186 38.46 30.90 -46.05
N VAL E 187 37.62 30.71 -47.06
CA VAL E 187 36.66 29.60 -47.13
C VAL E 187 37.09 28.63 -48.22
N TRP E 188 36.95 27.33 -47.93
CA TRP E 188 37.40 26.31 -48.88
C TRP E 188 36.41 26.20 -50.03
N ASP E 189 36.90 26.43 -51.25
CA ASP E 189 36.11 26.31 -52.45
C ASP E 189 36.11 24.87 -52.92
N SER E 190 34.92 24.35 -53.25
CA SER E 190 34.83 22.97 -53.71
C SER E 190 35.33 22.81 -55.15
N ALA E 191 35.16 23.84 -55.97
CA ALA E 191 35.52 23.74 -57.38
C ALA E 191 37.03 23.75 -57.57
N THR E 192 37.70 24.79 -57.08
CA THR E 192 39.15 24.87 -57.20
C THR E 192 39.88 23.95 -56.23
N ASN E 193 39.15 23.36 -55.27
CA ASN E 193 39.69 22.45 -54.24
C ASN E 193 40.79 23.14 -53.43
N ALA E 194 40.60 24.42 -53.16
CA ALA E 194 41.50 25.22 -52.35
C ALA E 194 40.67 26.22 -51.57
N ALA E 195 41.37 27.09 -50.84
CA ALA E 195 40.73 28.03 -49.92
C ALA E 195 40.57 29.37 -50.63
N ARG E 196 39.31 29.75 -50.89
CA ARG E 196 38.97 31.00 -51.53
C ARG E 196 38.77 32.08 -50.48
N ASN E 197 39.19 33.30 -50.79
CA ASN E 197 38.93 34.40 -49.87
C ASN E 197 37.46 34.83 -49.93
N ALA E 198 37.02 35.52 -48.88
CA ALA E 198 35.67 36.00 -48.73
C ALA E 198 35.75 37.23 -47.86
N PRO E 199 34.93 38.25 -48.12
CA PRO E 199 35.11 39.54 -47.42
C PRO E 199 34.53 39.60 -46.01
N ALA E 200 33.97 38.51 -45.49
CA ALA E 200 33.57 38.34 -44.09
C ALA E 200 32.48 39.26 -43.57
N SER E 201 31.91 40.11 -44.42
CA SER E 201 30.78 40.94 -43.97
C SER E 201 29.50 40.14 -43.94
N ALA E 202 29.32 39.24 -44.90
CA ALA E 202 28.12 38.42 -44.92
C ALA E 202 28.15 37.34 -43.85
N TYR E 203 29.34 36.91 -43.43
CA TYR E 203 29.44 35.95 -42.35
C TYR E 203 29.13 36.59 -41.01
N ALA E 204 29.40 37.89 -40.87
CA ALA E 204 28.98 38.61 -39.68
C ALA E 204 27.47 38.79 -39.66
N ALA E 205 26.87 39.09 -40.81
CA ALA E 205 25.45 39.38 -40.87
C ALA E 205 24.60 38.13 -40.68
N GLY E 206 25.11 36.97 -41.06
CA GLY E 206 24.38 35.74 -40.78
C GLY E 206 24.42 35.37 -39.32
N LEU E 207 25.51 35.72 -38.63
CA LEU E 207 25.63 35.51 -37.20
C LEU E 207 24.95 36.59 -36.40
N PHE E 208 24.84 37.78 -36.98
CA PHE E 208 24.17 38.88 -36.31
C PHE E 208 22.68 38.61 -36.23
N ALA E 209 22.14 37.95 -37.25
CA ALA E 209 20.73 37.57 -37.31
C ALA E 209 20.46 36.25 -36.61
N TRP E 210 21.48 35.40 -36.48
CA TRP E 210 21.33 34.16 -35.73
C TRP E 210 21.21 34.43 -34.24
N THR E 211 21.88 35.48 -33.75
CA THR E 211 21.84 35.81 -32.34
C THR E 211 20.47 36.32 -31.92
N ASP E 212 19.73 36.90 -32.86
CA ASP E 212 18.36 37.33 -32.59
C ASP E 212 17.43 36.15 -32.38
N ALA E 213 17.73 35.02 -33.02
CA ALA E 213 16.86 33.86 -32.90
C ALA E 213 17.02 33.17 -31.55
N GLU E 214 18.24 32.73 -31.24
CA GLU E 214 18.41 31.98 -30.00
C GLU E 214 18.56 32.90 -28.78
N TYR E 215 19.35 33.96 -28.90
CA TYR E 215 19.69 34.74 -27.71
C TYR E 215 18.94 36.06 -27.60
N GLY E 216 18.25 36.49 -28.65
CA GLY E 216 17.56 37.76 -28.61
C GLY E 216 18.43 38.90 -29.09
N PHE E 217 17.76 39.97 -29.56
CA PHE E 217 18.45 41.08 -30.20
C PHE E 217 19.29 41.91 -29.24
N TRP E 218 19.06 41.78 -27.94
CA TRP E 218 19.86 42.52 -26.97
C TRP E 218 21.19 41.85 -26.68
N SER E 219 21.36 40.59 -27.06
CA SER E 219 22.61 39.91 -26.82
C SER E 219 23.67 40.36 -27.81
N SER E 220 24.89 40.25 -27.41
CA SER E 220 25.91 40.62 -28.37
C SER E 220 26.30 39.43 -29.23
N PRO E 221 26.70 39.66 -30.46
CA PRO E 221 27.16 38.57 -31.31
C PRO E 221 28.64 38.31 -31.17
N SER E 222 29.22 38.82 -30.09
CA SER E 222 30.65 39.05 -29.99
C SER E 222 31.45 37.85 -29.51
N ASN E 223 30.82 36.70 -29.35
CA ASN E 223 31.60 35.51 -29.03
C ASN E 223 31.01 34.30 -29.75
N LYS E 224 30.09 34.51 -30.66
CA LYS E 224 29.37 33.43 -31.31
C LYS E 224 30.17 32.90 -32.49
N GLU E 225 29.73 31.77 -33.01
CA GLU E 225 30.54 30.93 -33.88
C GLU E 225 30.14 31.16 -35.34
N ILE E 226 31.12 31.57 -36.15
CA ILE E 226 30.90 31.72 -37.58
C ILE E 226 31.04 30.34 -38.21
N LYS E 227 30.01 29.90 -38.93
CA LYS E 227 30.01 28.57 -39.50
C LYS E 227 30.23 28.61 -41.01
N GLY E 228 30.84 27.56 -41.53
CA GLY E 228 31.12 27.45 -42.94
C GLY E 228 32.44 28.05 -43.37
N VAL E 229 33.36 28.28 -42.43
CA VAL E 229 34.60 28.98 -42.69
C VAL E 229 35.77 28.10 -42.25
N THR E 230 36.93 28.33 -42.86
CA THR E 230 38.10 27.51 -42.63
C THR E 230 39.31 28.30 -42.16
N GLY E 231 39.20 29.60 -42.02
CA GLY E 231 40.32 30.42 -41.60
C GLY E 231 40.10 31.85 -42.00
N THR E 232 41.00 32.71 -41.53
CA THR E 232 40.95 34.13 -41.86
C THR E 232 42.06 34.48 -42.83
N SER E 233 41.95 35.68 -43.40
CA SER E 233 42.96 36.12 -44.36
C SER E 233 44.27 36.47 -43.66
N ARG E 234 44.17 36.99 -42.45
CA ARG E 234 45.31 37.22 -41.60
C ARG E 234 45.05 36.54 -40.27
N PRO E 235 46.07 35.94 -39.64
CA PRO E 235 45.87 35.33 -38.33
C PRO E 235 45.72 36.43 -37.28
N VAL E 236 44.61 36.41 -36.57
CA VAL E 236 44.32 37.42 -35.58
C VAL E 236 44.60 36.84 -34.20
N GLU E 237 45.23 37.65 -33.36
CA GLU E 237 45.99 37.21 -32.20
C GLU E 237 45.32 37.76 -30.95
N PHE E 238 44.53 36.95 -30.26
CA PHE E 238 44.02 37.36 -28.96
C PHE E 238 44.88 36.78 -27.85
N LEU E 239 45.68 37.63 -27.24
CA LEU E 239 46.55 37.32 -26.11
C LEU E 239 46.29 38.34 -25.01
N ASP E 240 47.01 38.22 -23.90
CA ASP E 240 46.85 39.14 -22.78
C ASP E 240 48.17 39.84 -22.51
N GLY E 241 48.20 40.61 -21.42
CA GLY E 241 49.43 41.16 -20.91
C GLY E 241 49.72 42.61 -21.25
N ASP E 242 48.67 43.42 -21.50
CA ASP E 242 48.79 44.83 -21.92
C ASP E 242 49.65 44.96 -23.17
N GLU E 243 49.45 44.04 -24.10
CA GLU E 243 50.35 43.89 -25.23
C GLU E 243 49.76 44.52 -26.50
N THR E 244 50.52 44.41 -27.58
CA THR E 244 50.05 44.82 -28.90
C THR E 244 49.46 43.62 -29.63
N CYS E 245 48.44 43.04 -29.00
CA CYS E 245 47.72 41.92 -29.58
C CYS E 245 46.95 42.40 -30.80
N ARG E 246 46.90 41.57 -31.83
CA ARG E 246 46.21 41.97 -33.05
C ARG E 246 44.70 42.05 -32.84
N ALA E 247 44.16 41.21 -31.97
CA ALA E 247 42.74 41.32 -31.63
C ALA E 247 42.47 42.51 -30.73
N ASN E 248 43.45 42.93 -29.94
CA ASN E 248 43.24 44.07 -29.05
C ASN E 248 43.58 45.38 -29.73
N LEU E 249 44.47 45.34 -30.72
CA LEU E 249 44.73 46.53 -31.51
C LEU E 249 43.52 46.92 -32.33
N LEU E 250 42.83 45.94 -32.91
CA LEU E 250 41.70 46.24 -33.77
C LEU E 250 40.44 46.53 -32.97
N ASN E 251 40.30 45.98 -31.77
CA ASN E 251 39.15 46.36 -30.95
C ASN E 251 39.25 47.80 -30.47
N ASN E 252 40.47 48.26 -30.18
CA ASN E 252 40.64 49.65 -29.76
C ASN E 252 40.50 50.65 -30.90
N ALA E 253 40.45 50.18 -32.14
CA ALA E 253 40.04 50.98 -33.27
C ALA E 253 38.58 50.74 -33.64
N ASN E 254 37.83 50.11 -32.73
CA ASN E 254 36.39 49.81 -32.86
C ASN E 254 36.11 48.89 -34.04
N ILE E 255 36.89 47.83 -34.17
CA ILE E 255 36.73 46.84 -35.24
C ILE E 255 36.56 45.47 -34.60
N ALA E 256 35.54 44.74 -35.02
CA ALA E 256 35.42 43.35 -34.64
C ALA E 256 36.32 42.47 -35.49
N THR E 257 36.83 41.41 -34.89
CA THR E 257 37.74 40.48 -35.55
C THR E 257 37.19 39.06 -35.47
N ILE E 258 37.98 38.13 -35.99
CA ILE E 258 37.73 36.69 -35.91
C ILE E 258 39.00 36.05 -35.39
N ILE E 259 38.93 35.36 -34.26
CA ILE E 259 40.08 35.24 -33.37
C ILE E 259 40.64 33.83 -33.27
N ARG E 260 39.83 32.77 -33.21
CA ARG E 260 40.41 31.48 -32.85
C ARG E 260 40.09 30.44 -33.91
N ASP E 261 40.79 29.29 -33.81
CA ASP E 261 40.36 27.95 -34.23
C ASP E 261 39.88 27.91 -35.68
N ASP E 262 40.83 28.15 -36.59
CA ASP E 262 40.59 28.24 -38.04
C ASP E 262 39.50 29.25 -38.37
N GLY E 263 39.59 30.42 -37.73
CA GLY E 263 38.55 31.43 -37.91
C GLY E 263 37.24 31.00 -37.31
N TYR E 264 37.08 31.07 -36.00
CA TYR E 264 35.93 30.41 -35.39
C TYR E 264 34.89 31.38 -34.84
N ARG E 265 35.29 32.48 -34.24
CA ARG E 265 34.39 33.33 -33.48
C ARG E 265 34.55 34.80 -33.84
N LEU E 266 33.44 35.48 -34.14
CA LEU E 266 33.44 36.93 -34.21
C LEU E 266 33.72 37.49 -32.83
N TRP E 267 34.47 38.59 -32.76
CA TRP E 267 35.09 38.92 -31.49
C TRP E 267 34.69 40.26 -30.93
N GLY E 268 34.79 41.35 -31.67
CA GLY E 268 34.48 42.64 -31.09
C GLY E 268 32.99 42.88 -30.92
N ASN E 269 32.66 43.87 -30.07
CA ASN E 269 31.29 44.34 -29.94
C ASN E 269 31.17 45.85 -29.86
N ARG E 270 32.21 46.60 -30.13
CA ARG E 270 32.09 48.04 -30.24
C ARG E 270 31.68 48.40 -31.65
N THR E 271 30.79 49.37 -31.76
CA THR E 271 30.49 49.96 -33.05
C THR E 271 31.43 51.12 -33.32
N LEU E 272 31.39 51.67 -34.52
CA LEU E 272 32.33 52.72 -34.88
C LEU E 272 31.89 54.11 -34.44
N SER E 273 31.47 54.26 -33.19
CA SER E 273 30.92 55.51 -32.72
C SER E 273 31.97 56.31 -31.98
N SER E 274 31.88 57.63 -32.13
CA SER E 274 32.72 58.56 -31.40
C SER E 274 32.11 58.98 -30.07
N ASP E 275 31.04 58.32 -29.65
CA ASP E 275 30.34 58.64 -28.41
C ASP E 275 30.34 57.39 -27.53
N SER E 276 30.81 57.54 -26.30
CA SER E 276 30.86 56.42 -25.37
C SER E 276 29.49 56.01 -24.87
N LYS E 277 28.47 56.85 -25.08
CA LYS E 277 27.10 56.45 -24.76
C LYS E 277 26.59 55.42 -25.75
N TRP E 278 27.13 55.42 -26.97
CA TRP E 278 26.73 54.49 -28.01
C TRP E 278 27.89 53.60 -28.44
N ALA E 279 28.64 53.09 -27.47
CA ALA E 279 29.83 52.31 -27.79
C ALA E 279 29.49 50.91 -28.28
N PHE E 280 28.60 50.22 -27.57
CA PHE E 280 28.32 48.83 -27.86
C PHE E 280 27.22 48.72 -28.90
N VAL E 281 27.31 47.67 -29.74
CA VAL E 281 26.22 47.39 -30.64
C VAL E 281 25.01 46.84 -29.91
N THR E 282 25.21 46.31 -28.71
CA THR E 282 24.08 45.97 -27.83
C THR E 282 23.22 47.20 -27.55
N ARG E 283 23.85 48.34 -27.25
CA ARG E 283 23.13 49.59 -27.04
C ARG E 283 22.43 50.06 -28.31
N VAL E 284 23.08 49.90 -29.45
CA VAL E 284 22.51 50.41 -30.69
C VAL E 284 21.40 49.50 -31.20
N ARG E 285 21.58 48.19 -31.08
CA ARG E 285 20.58 47.26 -31.60
C ARG E 285 19.35 47.18 -30.71
N THR E 286 19.53 47.30 -29.38
CA THR E 286 18.39 47.21 -28.47
C THR E 286 17.49 48.41 -28.61
N MET E 287 18.06 49.62 -28.62
CA MET E 287 17.30 50.84 -28.81
C MET E 287 16.62 50.86 -30.18
N ASP E 288 17.23 50.24 -31.17
CA ASP E 288 16.65 50.19 -32.50
C ASP E 288 15.48 49.21 -32.56
N LEU E 289 15.61 48.07 -31.89
CA LEU E 289 14.58 47.04 -31.95
C LEU E 289 13.70 46.99 -30.71
N VAL E 290 13.90 47.87 -29.72
CA VAL E 290 12.82 48.06 -28.76
C VAL E 290 11.74 48.89 -29.41
N MET E 291 12.09 49.77 -30.35
CA MET E 291 11.09 50.64 -30.92
C MET E 291 10.35 49.96 -32.05
N ASP E 292 11.05 49.15 -32.82
CA ASP E 292 10.41 48.39 -33.89
C ASP E 292 9.42 47.37 -33.35
N ALA E 293 9.55 46.93 -32.10
CA ALA E 293 8.50 46.16 -31.46
C ALA E 293 7.44 47.07 -30.89
N ILE E 294 7.83 48.24 -30.39
CA ILE E 294 6.87 49.23 -29.91
C ILE E 294 6.03 49.78 -31.06
N LEU E 295 6.66 50.12 -32.18
CA LEU E 295 5.91 50.68 -33.30
C LEU E 295 5.04 49.62 -33.97
N ALA E 296 5.62 48.50 -34.36
CA ALA E 296 4.84 47.40 -34.94
C ALA E 296 4.15 46.71 -33.78
N GLY E 297 2.96 47.19 -33.44
CA GLY E 297 2.28 46.82 -32.23
C GLY E 297 1.48 47.97 -31.70
N HIS E 298 1.83 49.18 -32.13
CA HIS E 298 1.03 50.37 -31.90
C HIS E 298 0.78 51.10 -33.20
N LYS E 299 0.34 50.35 -34.20
CA LYS E 299 -0.07 50.93 -35.47
C LYS E 299 -1.46 51.55 -35.40
N TRP E 300 -2.17 51.36 -34.30
CA TRP E 300 -3.50 51.95 -34.12
C TRP E 300 -3.45 53.39 -33.63
N ALA E 301 -2.27 53.95 -33.42
CA ALA E 301 -2.13 55.29 -32.86
C ALA E 301 -1.92 56.37 -33.91
N VAL E 302 -2.02 56.05 -35.19
CA VAL E 302 -1.89 57.04 -36.25
C VAL E 302 -3.24 57.38 -36.87
N ASP E 303 -4.13 56.38 -36.96
CA ASP E 303 -5.56 56.61 -37.00
C ASP E 303 -6.07 56.77 -35.57
N ARG E 304 -7.36 56.56 -35.36
CA ARG E 304 -8.01 56.65 -34.05
C ARG E 304 -7.85 58.06 -33.47
N GLY E 305 -8.61 58.97 -34.07
CA GLY E 305 -8.74 60.36 -33.68
C GLY E 305 -8.86 60.59 -32.19
N ILE E 306 -8.28 61.70 -31.73
CA ILE E 306 -7.90 61.89 -30.33
C ILE E 306 -9.16 62.08 -29.49
N THR E 307 -9.43 61.10 -28.62
CA THR E 307 -10.45 61.20 -27.59
C THR E 307 -9.79 61.63 -26.29
N LYS E 308 -10.55 61.58 -25.19
CA LYS E 308 -10.03 62.01 -23.90
C LYS E 308 -8.96 61.05 -23.39
N THR E 309 -9.23 59.76 -23.46
CA THR E 309 -8.30 58.75 -22.98
C THR E 309 -7.46 58.16 -24.10
N TYR E 310 -7.16 58.96 -25.13
CA TYR E 310 -6.20 58.52 -26.13
C TYR E 310 -4.79 58.45 -25.56
N VAL E 311 -4.39 59.50 -24.82
CA VAL E 311 -3.04 59.56 -24.29
C VAL E 311 -2.86 58.56 -23.14
N LYS E 312 -3.94 58.20 -22.45
CA LYS E 312 -3.83 57.19 -21.39
C LYS E 312 -3.79 55.79 -21.96
N ASP E 313 -4.55 55.52 -23.03
CA ASP E 313 -4.56 54.20 -23.61
C ASP E 313 -3.30 53.89 -24.41
N VAL E 314 -2.50 54.90 -24.74
CA VAL E 314 -1.22 54.63 -25.36
C VAL E 314 -0.17 54.30 -24.31
N THR E 315 -0.15 55.04 -23.19
CA THR E 315 0.83 54.77 -22.12
C THR E 315 0.67 53.37 -21.55
N GLU E 316 -0.56 52.98 -21.22
CA GLU E 316 -0.79 51.64 -20.73
C GLU E 316 -0.62 50.61 -21.82
N GLY E 317 -0.72 50.99 -23.08
CA GLY E 317 -0.32 50.12 -24.16
C GLY E 317 1.18 50.10 -24.33
N LEU E 318 1.83 51.25 -24.15
CA LEU E 318 3.29 51.27 -24.22
C LEU E 318 3.92 50.53 -23.05
N ARG E 319 3.36 50.67 -21.86
CA ARG E 319 3.88 49.94 -20.70
C ARG E 319 3.66 48.44 -20.83
N ALA E 320 2.61 48.02 -21.52
CA ALA E 320 2.32 46.60 -21.64
C ALA E 320 3.23 45.91 -22.64
N PHE E 321 3.55 46.60 -23.74
CA PHE E 321 4.52 46.08 -24.70
C PHE E 321 5.95 46.40 -24.32
N MET E 322 6.18 46.82 -23.08
CA MET E 322 7.50 47.09 -22.56
C MET E 322 7.81 46.24 -21.33
N ARG E 323 6.78 45.77 -20.62
CA ARG E 323 6.96 44.74 -19.62
C ARG E 323 7.06 43.36 -20.23
N ASP E 324 6.69 43.20 -21.51
CA ASP E 324 7.02 41.99 -22.25
C ASP E 324 8.50 41.97 -22.61
N LEU E 325 9.11 43.15 -22.68
CA LEU E 325 10.54 43.24 -22.98
C LEU E 325 11.38 43.12 -21.73
N LYS E 326 10.86 43.59 -20.59
CA LYS E 326 11.56 43.37 -19.33
C LYS E 326 11.45 41.92 -18.90
N ASN E 327 10.37 41.25 -19.33
CA ASN E 327 10.18 39.84 -18.98
C ASN E 327 11.22 38.95 -19.63
N GLN E 328 11.43 39.13 -20.93
CA GLN E 328 12.37 38.29 -21.65
C GLN E 328 13.80 38.77 -21.55
N GLY E 329 14.05 39.89 -20.88
CA GLY E 329 15.39 40.32 -20.58
C GLY E 329 15.99 41.35 -21.51
N ALA E 330 15.18 42.01 -22.32
CA ALA E 330 15.73 43.00 -23.26
C ALA E 330 16.15 44.26 -22.54
N VAL E 331 15.36 44.69 -21.55
CA VAL E 331 15.62 45.89 -20.77
C VAL E 331 15.69 45.48 -19.31
N ILE E 332 15.91 46.47 -18.46
CA ILE E 332 15.80 46.32 -17.02
C ILE E 332 15.17 47.59 -16.45
N ASN E 333 13.93 47.48 -15.98
CA ASN E 333 13.16 48.52 -15.29
C ASN E 333 13.01 49.78 -16.15
N PHE E 334 12.23 49.65 -17.20
CA PHE E 334 11.83 50.77 -18.06
C PHE E 334 11.07 51.89 -17.34
N GLU E 335 10.76 52.95 -18.07
CA GLU E 335 9.89 54.01 -17.55
C GLU E 335 9.18 54.66 -18.72
N VAL E 336 7.85 54.59 -18.73
CA VAL E 336 7.04 55.16 -19.80
C VAL E 336 6.04 56.11 -19.19
N TYR E 337 5.95 57.33 -19.71
CA TYR E 337 4.96 58.29 -19.25
C TYR E 337 4.73 59.35 -20.32
N ALA E 338 3.52 59.90 -20.33
CA ALA E 338 3.22 61.00 -21.22
C ALA E 338 3.94 62.25 -20.76
N ASP E 339 4.46 63.01 -21.72
CA ASP E 339 5.27 64.18 -21.43
C ASP E 339 4.36 65.31 -20.93
N PRO E 340 4.45 65.69 -19.66
CA PRO E 340 3.47 66.66 -19.13
C PRO E 340 3.69 68.08 -19.60
N ASP E 341 4.90 68.43 -20.01
CA ASP E 341 5.24 69.79 -20.36
C ASP E 341 4.97 70.12 -21.82
N LEU E 342 4.89 69.13 -22.69
CA LEU E 342 4.76 69.39 -24.13
C LEU E 342 3.47 68.85 -24.73
N ASN E 343 2.50 68.43 -23.91
CA ASN E 343 1.19 68.04 -24.43
C ASN E 343 0.23 69.22 -24.26
N SER E 344 0.38 70.18 -25.16
CA SER E 344 -0.52 71.31 -25.23
C SER E 344 -1.80 70.91 -25.98
N ALA E 345 -2.73 71.85 -26.07
CA ALA E 345 -3.87 71.69 -26.95
C ALA E 345 -3.60 72.28 -28.32
N SER E 346 -2.68 73.24 -28.43
CA SER E 346 -2.23 73.69 -29.74
C SER E 346 -1.44 72.60 -30.46
N GLN E 347 -0.74 71.76 -29.71
CA GLN E 347 -0.11 70.59 -30.31
C GLN E 347 -1.14 69.53 -30.65
N LEU E 348 -2.22 69.46 -29.88
CA LEU E 348 -3.22 68.42 -30.06
C LEU E 348 -4.14 68.73 -31.23
N ALA E 349 -4.29 70.01 -31.58
CA ALA E 349 -5.02 70.35 -32.80
C ALA E 349 -4.26 69.97 -34.05
N GLN E 350 -2.93 69.97 -33.98
CA GLN E 350 -2.10 69.48 -35.07
C GLN E 350 -1.97 67.97 -35.09
N GLY E 351 -2.50 67.27 -34.10
CA GLY E 351 -2.37 65.84 -34.01
C GLY E 351 -1.13 65.36 -33.31
N LYS E 352 -0.34 66.26 -32.74
CA LYS E 352 0.89 65.87 -32.07
C LYS E 352 0.63 65.64 -30.58
N VAL E 353 1.25 64.59 -30.04
CA VAL E 353 1.12 64.20 -28.64
C VAL E 353 2.33 63.37 -28.26
N TYR E 354 2.97 63.69 -27.13
CA TYR E 354 4.33 63.22 -26.90
C TYR E 354 4.36 62.23 -25.74
N TRP E 355 5.36 61.35 -25.75
CA TRP E 355 5.57 60.37 -24.70
C TRP E 355 7.06 60.21 -24.45
N ASN E 356 7.40 59.73 -23.25
CA ASN E 356 8.78 59.57 -22.81
C ASN E 356 9.02 58.12 -22.41
N ILE E 357 9.97 57.46 -23.08
CA ILE E 357 10.11 56.00 -23.02
C ILE E 357 11.52 55.62 -22.54
N ARG E 358 11.99 56.26 -21.48
CA ARG E 358 13.27 55.91 -20.85
C ARG E 358 13.37 54.43 -20.49
N PHE E 359 14.53 53.83 -20.74
CA PHE E 359 14.81 52.47 -20.30
C PHE E 359 16.31 52.29 -20.10
N THR E 360 16.68 51.15 -19.53
CA THR E 360 18.07 50.76 -19.30
C THR E 360 18.36 49.46 -20.04
N ASP E 361 19.43 49.47 -20.83
CA ASP E 361 19.83 48.30 -21.60
C ASP E 361 20.72 47.39 -20.76
N VAL E 362 20.73 46.11 -21.11
CA VAL E 362 21.57 45.14 -20.41
C VAL E 362 23.01 45.29 -20.90
N PRO E 363 23.99 45.38 -20.00
CA PRO E 363 25.38 45.56 -20.42
C PRO E 363 26.02 44.24 -20.79
N PRO E 364 26.83 44.20 -21.85
CA PRO E 364 27.55 42.98 -22.18
C PRO E 364 28.78 42.82 -21.31
N ALA E 365 29.07 41.56 -20.98
CA ALA E 365 30.21 41.23 -20.11
C ALA E 365 31.49 41.28 -20.93
N GLU E 366 31.96 42.50 -21.20
CA GLU E 366 33.01 42.72 -22.18
C GLU E 366 34.36 42.25 -21.68
N ASN E 367 34.63 42.43 -20.39
CA ASN E 367 35.96 42.19 -19.83
C ASN E 367 35.86 41.52 -18.46
N PRO E 368 35.73 40.20 -18.43
CA PRO E 368 35.88 39.50 -17.15
C PRO E 368 37.33 39.49 -16.72
N ASN E 369 37.57 39.76 -15.44
CA ASN E 369 38.92 39.94 -14.93
C ASN E 369 39.21 38.92 -13.86
N PHE E 370 40.26 38.14 -14.07
CA PHE E 370 40.67 37.10 -13.15
C PHE E 370 41.95 37.54 -12.45
N ARG E 371 41.90 37.65 -11.13
CA ARG E 371 43.06 38.08 -10.35
C ARG E 371 43.60 36.83 -9.64
N VAL E 372 44.52 36.16 -10.29
CA VAL E 372 44.99 34.85 -9.87
C VAL E 372 46.30 35.00 -9.12
N GLU E 373 46.46 34.23 -8.05
CA GLU E 373 47.62 34.30 -7.17
C GLU E 373 48.03 32.90 -6.75
N VAL E 374 49.33 32.63 -6.76
CA VAL E 374 49.88 31.39 -6.23
C VAL E 374 50.38 31.67 -4.82
N THR E 375 49.83 30.96 -3.85
CA THR E 375 50.18 31.15 -2.46
C THR E 375 50.84 29.89 -1.90
N ASP E 376 51.48 30.04 -0.75
CA ASP E 376 51.92 28.91 0.06
C ASP E 376 51.09 28.81 1.32
N GLN E 377 49.83 29.26 1.26
CA GLN E 377 48.97 29.23 2.43
C GLN E 377 48.59 27.81 2.81
N TRP E 378 48.13 27.02 1.84
CA TRP E 378 47.76 25.64 2.10
C TRP E 378 48.92 24.69 1.81
N LEU E 379 50.10 25.05 2.31
CA LEU E 379 51.24 24.16 2.25
C LEU E 379 51.41 23.41 3.56
N THR E 380 50.79 23.91 4.63
CA THR E 380 50.76 23.26 5.93
C THR E 380 49.45 22.54 6.19
N GLU E 381 48.34 23.06 5.65
CA GLU E 381 47.02 22.47 5.84
C GLU E 381 46.94 21.06 5.28
N VAL E 382 47.70 20.81 4.21
CA VAL E 382 47.95 19.47 3.73
C VAL E 382 49.46 19.26 3.78
N LEU E 383 49.91 18.10 3.29
CA LEU E 383 51.32 17.73 3.15
C LEU E 383 52.01 17.67 4.51
N ASP E 384 51.30 17.19 5.52
CA ASP E 384 51.83 17.20 6.87
C ASP E 384 51.21 16.04 7.62
N VAL E 385 51.79 15.71 8.77
CA VAL E 385 51.25 14.66 9.63
C VAL E 385 49.88 15.06 10.15
N ALA E 386 49.74 16.33 10.55
CA ALA E 386 48.49 16.96 11.00
C ALA E 386 47.79 16.25 12.15
N SER F 2 -42.52 -33.95 -46.73
CA SER F 2 -42.21 -34.44 -45.39
C SER F 2 -41.22 -33.52 -44.70
N PHE F 3 -40.73 -33.95 -43.54
CA PHE F 3 -39.74 -33.18 -42.80
C PHE F 3 -38.72 -34.14 -42.22
N PHE F 4 -37.88 -33.63 -41.33
CA PHE F 4 -36.90 -34.44 -40.63
C PHE F 4 -36.81 -33.91 -39.21
N HIS F 5 -36.64 -34.81 -38.26
CA HIS F 5 -36.43 -34.43 -36.87
C HIS F 5 -35.13 -35.05 -36.39
N GLY F 6 -34.32 -34.25 -35.72
CA GLY F 6 -32.96 -34.63 -35.42
C GLY F 6 -31.99 -33.94 -36.34
N VAL F 7 -30.74 -34.36 -36.26
CA VAL F 7 -29.67 -33.70 -36.98
C VAL F 7 -29.30 -34.51 -38.22
N THR F 8 -29.24 -33.85 -39.37
CA THR F 8 -28.74 -34.47 -40.58
C THR F 8 -27.26 -34.17 -40.74
N VAL F 9 -26.54 -35.10 -41.36
CA VAL F 9 -25.24 -34.80 -41.95
C VAL F 9 -25.34 -35.09 -43.44
N THR F 10 -24.64 -34.29 -44.23
CA THR F 10 -24.74 -34.38 -45.68
C THR F 10 -23.35 -34.16 -46.26
N ASN F 11 -22.86 -35.15 -46.99
CA ASN F 11 -21.62 -34.99 -47.75
C ASN F 11 -21.93 -34.16 -48.98
N VAL F 12 -21.39 -32.96 -49.05
CA VAL F 12 -21.63 -32.08 -50.19
C VAL F 12 -20.39 -31.22 -50.41
N ASP F 13 -19.95 -31.12 -51.66
CA ASP F 13 -18.78 -30.34 -52.01
C ASP F 13 -19.17 -28.88 -52.19
N ILE F 14 -18.56 -28.01 -51.39
CA ILE F 14 -18.72 -26.56 -51.53
C ILE F 14 -17.34 -25.91 -51.44
N GLY F 15 -17.07 -25.01 -52.38
CA GLY F 15 -15.71 -24.62 -52.70
C GLY F 15 -15.07 -23.45 -51.98
N ALA F 16 -14.60 -23.65 -50.74
CA ALA F 16 -13.56 -22.82 -50.13
C ALA F 16 -13.90 -21.34 -50.01
N ARG F 17 -14.74 -20.99 -49.01
CA ARG F 17 -15.45 -19.72 -48.88
C ARG F 17 -14.55 -18.49 -49.10
N THR F 18 -15.19 -17.41 -49.52
CA THR F 18 -14.56 -16.30 -50.20
C THR F 18 -14.87 -14.98 -49.49
N ILE F 19 -14.56 -14.94 -48.18
CA ILE F 19 -14.84 -13.83 -47.28
C ILE F 19 -14.34 -12.50 -47.84
N ALA F 20 -15.21 -11.50 -47.77
CA ALA F 20 -14.93 -10.17 -48.29
C ALA F 20 -15.62 -9.18 -47.38
N LEU F 21 -15.11 -7.95 -47.36
CA LEU F 21 -15.74 -6.90 -46.58
C LEU F 21 -17.08 -6.54 -47.21
N PRO F 22 -18.15 -6.43 -46.42
CA PRO F 22 -19.44 -5.98 -46.96
C PRO F 22 -19.37 -4.49 -47.32
N ALA F 23 -19.60 -4.19 -48.59
CA ALA F 23 -19.51 -2.84 -49.10
C ALA F 23 -20.88 -2.23 -49.31
N SER F 24 -20.94 -0.90 -49.29
CA SER F 24 -22.20 -0.18 -49.48
C SER F 24 -22.40 0.29 -50.90
N SER F 25 -21.37 0.26 -51.74
CA SER F 25 -21.49 0.73 -53.10
C SER F 25 -22.31 -0.25 -53.94
N VAL F 26 -23.02 0.30 -54.92
CA VAL F 26 -23.85 -0.49 -55.83
C VAL F 26 -23.21 -0.44 -57.22
N ILE F 27 -23.33 -1.54 -57.96
CA ILE F 27 -22.61 -1.76 -59.21
C ILE F 27 -23.61 -2.17 -60.27
N GLY F 28 -23.54 -1.52 -61.45
CA GLY F 28 -24.40 -1.85 -62.55
C GLY F 28 -23.70 -2.74 -63.54
N LEU F 29 -24.22 -3.95 -63.71
CA LEU F 29 -23.56 -5.00 -64.47
C LEU F 29 -24.44 -5.42 -65.62
N CYS F 30 -23.80 -5.79 -66.74
CA CYS F 30 -24.54 -6.12 -67.96
C CYS F 30 -23.66 -7.03 -68.81
N ASP F 31 -24.10 -8.26 -69.02
CA ASP F 31 -23.32 -9.24 -69.78
C ASP F 31 -24.29 -10.30 -70.28
N VAL F 32 -23.76 -11.37 -70.88
CA VAL F 32 -24.59 -12.35 -71.57
C VAL F 32 -24.86 -13.55 -70.68
N PHE F 33 -26.02 -14.17 -70.88
CA PHE F 33 -26.34 -15.41 -70.21
C PHE F 33 -27.38 -16.12 -71.07
N THR F 34 -27.67 -17.38 -70.73
CA THR F 34 -28.68 -18.14 -71.43
C THR F 34 -29.91 -18.30 -70.56
N PRO F 35 -31.06 -17.77 -70.95
CA PRO F 35 -32.28 -18.00 -70.16
C PRO F 35 -32.78 -19.42 -70.28
N GLY F 36 -32.62 -20.20 -69.22
CA GLY F 36 -32.97 -21.61 -69.23
C GLY F 36 -33.92 -21.94 -68.11
N ALA F 37 -33.76 -23.14 -67.57
CA ALA F 37 -34.62 -23.60 -66.49
C ALA F 37 -34.18 -23.05 -65.15
N GLN F 38 -32.94 -23.37 -64.75
CA GLN F 38 -32.46 -22.97 -63.43
C GLN F 38 -32.12 -21.48 -63.37
N ALA F 39 -31.83 -20.85 -64.50
CA ALA F 39 -31.62 -19.40 -64.56
C ALA F 39 -32.97 -18.73 -64.38
N SER F 40 -33.23 -18.21 -63.20
CA SER F 40 -34.52 -17.58 -62.89
C SER F 40 -34.43 -16.07 -63.10
N ALA F 41 -34.08 -15.67 -64.31
CA ALA F 41 -34.06 -14.27 -64.67
C ALA F 41 -34.59 -14.09 -66.08
N LYS F 42 -35.55 -13.19 -66.24
CA LYS F 42 -35.91 -12.73 -67.57
C LYS F 42 -34.76 -11.88 -68.11
N PRO F 43 -34.54 -11.89 -69.43
CA PRO F 43 -33.35 -11.22 -70.00
C PRO F 43 -33.19 -9.73 -69.74
N ASN F 44 -34.13 -8.90 -70.20
CA ASN F 44 -33.93 -7.46 -70.01
C ASN F 44 -34.65 -6.94 -68.77
N VAL F 45 -34.44 -7.61 -67.63
CA VAL F 45 -35.01 -7.21 -66.36
C VAL F 45 -33.87 -7.17 -65.33
N PRO F 46 -33.61 -6.04 -64.72
CA PRO F 46 -32.55 -5.98 -63.69
C PRO F 46 -32.98 -6.70 -62.43
N VAL F 47 -32.01 -7.34 -61.79
CA VAL F 47 -32.21 -8.06 -60.53
C VAL F 47 -31.14 -7.64 -59.55
N LEU F 48 -31.50 -7.55 -58.26
CA LEU F 48 -30.55 -7.17 -57.22
C LEU F 48 -29.87 -8.40 -56.66
N LEU F 49 -28.55 -8.33 -56.56
CA LEU F 49 -27.71 -9.46 -56.19
C LEU F 49 -26.93 -9.12 -54.94
N THR F 50 -26.88 -10.05 -53.98
CA THR F 50 -26.08 -9.90 -52.79
C THR F 50 -25.18 -11.10 -52.49
N SER F 51 -25.13 -12.10 -53.38
CA SER F 51 -24.41 -13.32 -53.09
C SER F 51 -24.01 -14.01 -54.37
N LYS F 52 -22.99 -14.87 -54.29
CA LYS F 52 -22.69 -15.76 -55.40
C LYS F 52 -23.79 -16.78 -55.62
N LYS F 53 -24.51 -17.16 -54.55
CA LYS F 53 -25.68 -18.00 -54.72
C LYS F 53 -26.80 -17.25 -55.41
N ASP F 54 -26.98 -15.97 -55.07
CA ASP F 54 -28.00 -15.16 -55.73
C ASP F 54 -27.64 -14.84 -57.16
N ALA F 55 -26.36 -14.89 -57.51
CA ALA F 55 -25.93 -14.71 -58.89
C ALA F 55 -26.07 -15.98 -59.70
N ALA F 56 -25.93 -17.14 -59.07
CA ALA F 56 -26.06 -18.42 -59.74
C ALA F 56 -27.46 -18.98 -59.67
N ALA F 57 -28.36 -18.36 -58.92
CA ALA F 57 -29.76 -18.75 -58.96
C ALA F 57 -30.52 -17.95 -60.01
N ALA F 58 -30.20 -16.67 -60.15
CA ALA F 58 -30.83 -15.86 -61.19
C ALA F 58 -30.25 -16.17 -62.55
N PHE F 59 -28.94 -16.29 -62.64
CA PHE F 59 -28.24 -16.53 -63.89
C PHE F 59 -27.61 -17.91 -63.82
N GLY F 60 -27.16 -18.41 -64.96
CA GLY F 60 -26.50 -19.70 -64.98
C GLY F 60 -25.14 -19.63 -64.32
N ILE F 61 -24.72 -20.75 -63.75
CA ILE F 61 -23.39 -20.80 -63.15
C ILE F 61 -22.32 -20.84 -64.23
N GLY F 62 -22.66 -21.27 -65.44
CA GLY F 62 -21.76 -21.18 -66.56
C GLY F 62 -21.89 -19.92 -67.38
N SER F 63 -22.68 -18.95 -66.92
CA SER F 63 -22.93 -17.75 -67.69
C SER F 63 -21.76 -16.79 -67.60
N SER F 64 -21.83 -15.73 -68.40
CA SER F 64 -20.83 -14.68 -68.32
C SER F 64 -21.22 -13.59 -67.34
N ILE F 65 -22.50 -13.50 -66.97
CA ILE F 65 -22.91 -12.69 -65.83
C ILE F 65 -22.24 -13.19 -64.56
N TYR F 66 -22.35 -14.49 -64.30
CA TYR F 66 -21.87 -15.06 -63.05
C TYR F 66 -20.36 -14.98 -62.93
N LEU F 67 -19.63 -15.09 -64.05
CA LEU F 67 -18.19 -14.92 -64.00
C LEU F 67 -17.82 -13.47 -63.67
N ALA F 68 -18.64 -12.52 -64.11
CA ALA F 68 -18.46 -11.14 -63.71
C ALA F 68 -18.88 -10.90 -62.27
N CYS F 69 -19.90 -11.62 -61.80
CA CYS F 69 -20.34 -11.46 -60.42
C CYS F 69 -19.44 -12.20 -59.44
N GLU F 70 -18.86 -13.32 -59.85
CA GLU F 70 -17.82 -13.95 -59.04
C GLU F 70 -16.58 -13.07 -58.96
N ALA F 71 -16.30 -12.30 -60.01
CA ALA F 71 -15.19 -11.38 -60.03
C ALA F 71 -15.34 -10.24 -59.03
N ILE F 72 -16.56 -9.91 -58.65
CA ILE F 72 -16.80 -8.83 -57.70
C ILE F 72 -16.88 -9.36 -56.28
N TYR F 73 -17.53 -10.52 -56.11
CA TYR F 73 -17.74 -11.09 -54.79
C TYR F 73 -16.48 -11.70 -54.18
N ASN F 74 -15.41 -11.85 -54.96
CA ASN F 74 -14.14 -12.26 -54.37
C ASN F 74 -13.45 -11.11 -53.64
N ARG F 75 -13.87 -9.88 -53.88
CA ARG F 75 -13.23 -8.73 -53.27
C ARG F 75 -14.15 -7.94 -52.36
N ALA F 76 -15.41 -7.77 -52.74
CA ALA F 76 -16.35 -7.03 -51.91
C ALA F 76 -17.70 -7.71 -51.96
N GLN F 77 -18.40 -7.70 -50.83
CA GLN F 77 -19.76 -8.23 -50.76
C GLN F 77 -20.71 -7.10 -51.15
N ALA F 78 -20.68 -6.77 -52.43
CA ALA F 78 -21.31 -5.58 -52.95
C ALA F 78 -22.72 -5.87 -53.45
N VAL F 79 -23.47 -4.82 -53.66
CA VAL F 79 -24.81 -4.92 -54.23
C VAL F 79 -24.70 -4.71 -55.73
N ILE F 80 -25.24 -5.64 -56.50
CA ILE F 80 -25.10 -5.61 -57.95
C ILE F 80 -26.47 -5.63 -58.58
N VAL F 81 -26.81 -4.54 -59.27
CA VAL F 81 -27.97 -4.52 -60.17
C VAL F 81 -27.47 -5.04 -61.51
N ALA F 82 -27.88 -6.26 -61.85
CA ALA F 82 -27.37 -6.95 -63.03
C ALA F 82 -28.48 -7.14 -64.04
N VAL F 83 -28.17 -6.89 -65.31
CA VAL F 83 -29.12 -7.01 -66.42
C VAL F 83 -28.57 -8.05 -67.38
N GLY F 84 -29.23 -9.20 -67.44
CA GLY F 84 -28.78 -10.32 -68.27
C GLY F 84 -29.19 -10.25 -69.73
N VAL F 85 -28.48 -9.45 -70.54
CA VAL F 85 -28.77 -9.38 -71.97
C VAL F 85 -28.54 -10.73 -72.62
N GLU F 86 -29.56 -11.21 -73.35
CA GLU F 86 -29.45 -12.48 -74.07
C GLU F 86 -28.42 -12.40 -75.19
N THR F 87 -27.88 -13.55 -75.55
CA THR F 87 -26.80 -13.60 -76.53
C THR F 87 -27.34 -13.43 -77.95
N ALA F 88 -26.44 -13.09 -78.86
CA ALA F 88 -26.80 -12.87 -80.26
C ALA F 88 -25.63 -13.30 -81.12
N GLU F 89 -25.89 -13.40 -82.43
CA GLU F 89 -24.89 -14.00 -83.33
C GLU F 89 -23.78 -13.01 -83.66
N THR F 90 -24.11 -11.95 -84.39
CA THR F 90 -23.08 -11.05 -84.87
C THR F 90 -22.70 -10.03 -83.79
N PRO F 91 -21.45 -9.58 -83.77
CA PRO F 91 -21.05 -8.55 -82.78
C PRO F 91 -21.68 -7.19 -83.02
N GLU F 92 -22.21 -6.93 -84.21
CA GLU F 92 -23.01 -5.73 -84.41
C GLU F 92 -24.34 -5.84 -83.69
N ALA F 93 -24.98 -7.00 -83.75
CA ALA F 93 -26.24 -7.21 -83.05
C ALA F 93 -26.03 -7.51 -81.57
N GLN F 94 -24.83 -7.95 -81.18
CA GLN F 94 -24.57 -8.15 -79.77
C GLN F 94 -24.33 -6.83 -79.05
N ALA F 95 -23.53 -5.95 -79.66
CA ALA F 95 -23.33 -4.62 -79.12
C ALA F 95 -24.61 -3.80 -79.15
N SER F 96 -25.51 -4.08 -80.10
CA SER F 96 -26.79 -3.40 -80.12
C SER F 96 -27.70 -3.88 -79.00
N ALA F 97 -27.52 -5.12 -78.55
CA ALA F 97 -28.34 -5.66 -77.48
C ALA F 97 -27.81 -5.32 -76.10
N VAL F 98 -26.49 -5.10 -75.98
CA VAL F 98 -25.94 -4.64 -74.70
C VAL F 98 -26.30 -3.18 -74.46
N ILE F 99 -26.22 -2.35 -75.51
CA ILE F 99 -26.70 -0.98 -75.42
C ILE F 99 -28.20 -0.96 -75.15
N GLY F 100 -28.97 -1.64 -76.00
CA GLY F 100 -30.40 -1.73 -75.79
C GLY F 100 -31.09 -0.42 -76.10
N GLY F 101 -32.12 -0.12 -75.33
CA GLY F 101 -32.83 1.13 -75.50
C GLY F 101 -34.27 0.97 -75.05
N ILE F 102 -35.11 1.81 -75.64
CA ILE F 102 -36.54 1.80 -75.37
C ILE F 102 -37.30 1.06 -76.49
N SER F 103 -36.61 0.18 -77.22
CA SER F 103 -37.15 -0.51 -78.40
C SER F 103 -38.22 -1.57 -78.05
N ALA F 104 -38.64 -1.70 -76.80
CA ALA F 104 -39.74 -2.57 -76.41
C ALA F 104 -41.08 -1.93 -76.69
N ALA F 105 -42.14 -2.47 -76.08
CA ALA F 105 -43.41 -1.76 -76.02
C ALA F 105 -43.23 -0.42 -75.32
N GLY F 106 -42.77 -0.45 -74.07
CA GLY F 106 -42.31 0.75 -73.41
C GLY F 106 -41.15 0.51 -72.44
N GLU F 107 -40.64 -0.72 -72.39
CA GLU F 107 -39.65 -1.09 -71.40
C GLU F 107 -38.25 -0.64 -71.83
N ARG F 108 -37.32 -0.77 -70.90
CA ARG F 108 -35.93 -0.37 -71.12
C ARG F 108 -35.06 -1.62 -71.12
N THR F 109 -34.22 -1.76 -72.14
CA THR F 109 -33.44 -2.96 -72.35
C THR F 109 -31.94 -2.64 -72.34
N GLY F 110 -31.15 -3.65 -71.99
CA GLY F 110 -29.71 -3.53 -72.06
C GLY F 110 -29.08 -2.74 -70.94
N LEU F 111 -28.15 -1.84 -71.29
CA LEU F 111 -27.60 -0.93 -70.30
C LEU F 111 -28.64 0.05 -69.79
N GLN F 112 -29.62 0.37 -70.62
CA GLN F 112 -30.64 1.35 -70.27
C GLN F 112 -31.54 0.90 -69.13
N ALA F 113 -31.60 -0.41 -68.87
CA ALA F 113 -32.32 -0.92 -67.72
C ALA F 113 -31.61 -0.65 -66.40
N LEU F 114 -30.34 -0.24 -66.42
CA LEU F 114 -29.67 0.13 -65.19
C LEU F 114 -30.14 1.47 -64.66
N LEU F 115 -30.77 2.30 -65.50
CA LEU F 115 -31.44 3.50 -65.01
C LEU F 115 -32.67 3.17 -64.19
N ASP F 116 -33.18 1.95 -64.31
CA ASP F 116 -34.27 1.45 -63.50
C ASP F 116 -33.78 0.79 -62.22
N GLY F 117 -32.50 0.93 -61.88
CA GLY F 117 -31.97 0.24 -60.72
C GLY F 117 -32.51 0.79 -59.42
N LYS F 118 -32.54 2.11 -59.29
CA LYS F 118 -33.37 2.74 -58.28
C LYS F 118 -34.81 2.69 -58.76
N SER F 119 -35.74 2.68 -57.79
CA SER F 119 -37.20 2.54 -57.91
C SER F 119 -37.63 1.11 -58.23
N ARG F 120 -36.68 0.24 -58.54
CA ARG F 120 -36.93 -1.19 -58.51
C ARG F 120 -36.31 -1.87 -57.31
N PHE F 121 -35.18 -1.36 -56.82
CA PHE F 121 -34.46 -2.02 -55.74
C PHE F 121 -33.83 -1.07 -54.74
N ASN F 122 -34.04 0.25 -54.88
CA ASN F 122 -33.37 1.29 -54.08
C ASN F 122 -31.84 1.15 -54.16
N ALA F 123 -31.35 1.00 -55.39
CA ALA F 123 -29.91 0.83 -55.62
C ALA F 123 -29.57 1.55 -56.93
N GLN F 124 -29.17 2.81 -56.82
CA GLN F 124 -28.84 3.60 -58.00
C GLN F 124 -27.37 3.42 -58.32
N PRO F 125 -27.02 2.74 -59.42
CA PRO F 125 -25.67 2.19 -59.61
C PRO F 125 -24.59 3.26 -59.74
N ARG F 126 -23.66 3.27 -58.80
CA ARG F 126 -22.52 4.18 -58.79
C ARG F 126 -21.35 3.66 -59.60
N LEU F 127 -21.40 2.41 -60.03
CA LEU F 127 -20.35 1.83 -60.87
C LEU F 127 -20.99 1.05 -62.00
N LEU F 128 -20.50 1.28 -63.21
CA LEU F 128 -21.07 0.68 -64.41
C LEU F 128 -20.01 -0.19 -65.07
N VAL F 129 -20.37 -1.43 -65.34
CA VAL F 129 -19.43 -2.40 -65.89
C VAL F 129 -20.16 -3.25 -66.91
N ALA F 130 -19.54 -3.43 -68.08
CA ALA F 130 -20.05 -4.31 -69.13
C ALA F 130 -18.88 -5.17 -69.55
N PRO F 131 -18.67 -6.31 -68.90
CA PRO F 131 -17.42 -7.06 -69.07
C PRO F 131 -17.34 -7.76 -70.41
N GLY F 132 -16.30 -7.42 -71.17
CA GLY F 132 -16.08 -7.97 -72.49
C GLY F 132 -16.76 -7.22 -73.60
N HIS F 133 -17.72 -6.35 -73.28
CA HIS F 133 -18.45 -5.60 -74.28
C HIS F 133 -18.06 -4.14 -74.36
N SER F 134 -17.38 -3.62 -73.34
CA SER F 134 -16.95 -2.23 -73.36
C SER F 134 -15.76 -1.99 -74.27
N ALA F 135 -15.19 -3.04 -74.84
CA ALA F 135 -14.13 -2.90 -75.83
C ALA F 135 -14.64 -2.37 -77.15
N GLN F 136 -15.93 -2.54 -77.45
CA GLN F 136 -16.50 -1.92 -78.63
C GLN F 136 -16.80 -0.47 -78.37
N GLN F 137 -16.61 0.37 -79.39
CA GLN F 137 -16.68 1.81 -79.21
C GLN F 137 -18.11 2.31 -79.09
N ALA F 138 -19.09 1.52 -79.55
CA ALA F 138 -20.49 1.90 -79.44
C ALA F 138 -21.03 1.65 -78.04
N VAL F 139 -20.65 0.52 -77.44
CA VAL F 139 -21.07 0.21 -76.07
C VAL F 139 -20.43 1.18 -75.10
N ALA F 140 -19.15 1.48 -75.29
CA ALA F 140 -18.43 2.38 -74.41
C ALA F 140 -18.86 3.85 -74.55
N THR F 141 -19.64 4.18 -75.57
CA THR F 141 -20.32 5.47 -75.60
C THR F 141 -21.67 5.42 -74.90
N ALA F 142 -22.36 4.28 -74.99
CA ALA F 142 -23.56 4.10 -74.18
C ALA F 142 -23.25 3.97 -72.70
N MET F 143 -22.08 3.42 -72.38
CA MET F 143 -21.57 3.47 -71.01
C MET F 143 -21.33 4.91 -70.58
N ASP F 144 -20.84 5.74 -71.51
CA ASP F 144 -20.47 7.11 -71.21
C ASP F 144 -21.70 7.96 -70.92
N GLY F 145 -22.64 8.00 -71.87
CA GLY F 145 -23.83 8.83 -71.71
C GLY F 145 -24.74 8.38 -70.59
N LEU F 146 -24.66 7.12 -70.18
CA LEU F 146 -25.44 6.65 -69.05
C LEU F 146 -24.72 6.88 -67.73
N ALA F 147 -23.38 6.90 -67.74
CA ALA F 147 -22.66 7.31 -66.54
C ALA F 147 -22.84 8.80 -66.26
N GLU F 148 -23.06 9.59 -67.31
CA GLU F 148 -23.36 11.00 -67.10
C GLU F 148 -24.74 11.20 -66.51
N LYS F 149 -25.71 10.43 -66.98
CA LYS F 149 -27.06 10.49 -66.43
C LYS F 149 -27.10 9.97 -65.01
N LEU F 150 -26.64 8.74 -64.81
CA LEU F 150 -26.75 8.06 -63.53
C LEU F 150 -25.73 8.56 -62.51
N ARG F 151 -24.84 9.46 -62.93
CA ARG F 151 -23.79 10.07 -62.11
C ARG F 151 -22.91 9.00 -61.47
N ALA F 152 -22.20 8.28 -62.34
CA ALA F 152 -21.41 7.14 -61.95
C ALA F 152 -20.09 7.20 -62.68
N ILE F 153 -19.25 6.21 -62.46
CA ILE F 153 -18.03 6.01 -63.22
C ILE F 153 -18.16 4.70 -63.97
N ALA F 154 -18.11 4.76 -65.30
CA ALA F 154 -18.12 3.56 -66.11
C ALA F 154 -16.70 3.02 -66.21
N ILE F 155 -16.55 1.73 -65.99
CA ILE F 155 -15.24 1.09 -66.05
C ILE F 155 -15.16 0.33 -67.37
N LEU F 156 -14.35 0.86 -68.29
CA LEU F 156 -14.21 0.28 -69.61
C LEU F 156 -13.10 -0.77 -69.58
N ASP F 157 -12.82 -1.33 -70.75
CA ASP F 157 -11.62 -2.12 -70.97
C ASP F 157 -11.30 -2.09 -72.45
N GLY F 158 -10.02 -2.24 -72.77
CA GLY F 158 -9.60 -2.26 -74.15
C GLY F 158 -9.70 -3.65 -74.71
N PRO F 159 -9.05 -3.89 -75.82
CA PRO F 159 -9.01 -5.25 -76.38
C PRO F 159 -7.91 -6.07 -75.72
N ASN F 160 -7.76 -7.30 -76.22
CA ASN F 160 -6.70 -8.20 -75.81
C ASN F 160 -5.38 -7.85 -76.49
N SER F 161 -5.40 -6.90 -77.42
CA SER F 161 -4.27 -6.64 -78.30
C SER F 161 -3.16 -5.86 -77.61
N THR F 162 -2.27 -5.28 -78.40
CA THR F 162 -1.07 -4.63 -77.90
C THR F 162 -1.38 -3.34 -77.15
N ASP F 163 -0.32 -2.67 -76.72
CA ASP F 163 -0.44 -1.39 -76.03
C ASP F 163 -0.97 -0.30 -76.94
N GLU F 164 -0.60 -0.35 -78.22
CA GLU F 164 -1.01 0.71 -79.13
C GLU F 164 -2.48 0.59 -79.51
N ALA F 165 -3.02 -0.63 -79.48
CA ALA F 165 -4.46 -0.78 -79.64
C ALA F 165 -5.23 -0.29 -78.43
N ALA F 166 -4.58 -0.22 -77.27
CA ALA F 166 -5.20 0.36 -76.09
C ALA F 166 -5.12 1.88 -76.11
N VAL F 167 -3.99 2.42 -76.56
CA VAL F 167 -3.81 3.86 -76.62
C VAL F 167 -4.72 4.48 -77.67
N ALA F 168 -4.79 3.86 -78.85
CA ALA F 168 -5.63 4.37 -79.92
C ALA F 168 -7.11 4.21 -79.62
N TYR F 169 -7.48 3.24 -78.77
CA TYR F 169 -8.85 3.12 -78.32
C TYR F 169 -9.17 4.10 -77.19
N ALA F 170 -8.16 4.53 -76.43
CA ALA F 170 -8.37 5.52 -75.38
C ALA F 170 -8.43 6.94 -75.92
N LYS F 171 -8.00 7.17 -77.15
CA LYS F 171 -8.14 8.49 -77.75
C LYS F 171 -9.52 8.74 -78.31
N ASN F 172 -10.38 7.73 -78.33
CA ASN F 172 -11.76 7.91 -78.74
C ASN F 172 -12.62 8.54 -77.66
N PHE F 173 -12.07 8.76 -76.46
CA PHE F 173 -12.87 9.27 -75.36
C PHE F 173 -12.11 10.37 -74.65
N GLY F 174 -12.80 11.48 -74.42
CA GLY F 174 -12.30 12.52 -73.56
C GLY F 174 -13.29 12.81 -72.46
N SER F 175 -13.91 11.75 -71.93
CA SER F 175 -15.01 11.89 -70.98
C SER F 175 -14.54 11.69 -69.54
N LYS F 176 -15.12 12.49 -68.66
CA LYS F 176 -14.74 12.50 -67.25
C LYS F 176 -15.11 11.19 -66.54
N ARG F 177 -16.23 10.60 -66.92
CA ARG F 177 -16.79 9.48 -66.17
C ARG F 177 -16.29 8.12 -66.65
N LEU F 178 -15.26 8.08 -67.48
CA LEU F 178 -14.75 6.83 -68.03
C LEU F 178 -13.43 6.46 -67.39
N PHE F 179 -13.26 5.17 -67.13
CA PHE F 179 -12.08 4.66 -66.43
C PHE F 179 -11.69 3.36 -67.12
N MET F 180 -10.69 3.41 -67.98
CA MET F 180 -10.32 2.24 -68.77
C MET F 180 -9.29 1.42 -68.02
N VAL F 181 -9.50 0.11 -67.98
CA VAL F 181 -8.53 -0.84 -67.47
C VAL F 181 -8.23 -1.80 -68.63
N ASP F 182 -7.11 -1.61 -69.32
CA ASP F 182 -6.91 -2.38 -70.53
C ASP F 182 -6.52 -3.86 -70.38
N PRO F 183 -5.48 -4.25 -69.61
CA PRO F 183 -5.04 -5.65 -69.69
C PRO F 183 -6.05 -6.58 -69.02
N GLY F 184 -6.40 -7.64 -69.73
CA GLY F 184 -7.34 -8.59 -69.21
C GLY F 184 -6.74 -9.42 -68.10
N VAL F 185 -7.61 -10.00 -67.33
CA VAL F 185 -7.26 -10.89 -66.24
C VAL F 185 -7.18 -12.32 -66.76
N GLN F 186 -6.13 -13.03 -66.35
CA GLN F 186 -5.97 -14.45 -66.63
C GLN F 186 -6.24 -15.19 -65.32
N VAL F 187 -7.43 -15.78 -65.21
CA VAL F 187 -7.89 -16.41 -63.98
C VAL F 187 -7.95 -17.93 -64.18
N TRP F 188 -7.52 -18.67 -63.16
CA TRP F 188 -7.48 -20.12 -63.27
C TRP F 188 -8.88 -20.71 -63.19
N ASP F 189 -9.27 -21.43 -64.23
CA ASP F 189 -10.57 -22.09 -64.28
C ASP F 189 -10.45 -23.47 -63.63
N SER F 190 -11.40 -23.78 -62.75
CA SER F 190 -11.36 -25.08 -62.07
C SER F 190 -11.80 -26.21 -62.99
N ALA F 191 -12.69 -25.93 -63.95
CA ALA F 191 -13.23 -26.98 -64.80
C ALA F 191 -12.19 -27.44 -65.82
N THR F 192 -11.68 -26.52 -66.63
CA THR F 192 -10.67 -26.86 -67.62
C THR F 192 -9.30 -27.09 -67.01
N ASN F 193 -9.12 -26.76 -65.73
CA ASN F 193 -7.86 -26.90 -64.98
C ASN F 193 -6.72 -26.13 -65.66
N ALA F 194 -7.07 -24.96 -66.21
CA ALA F 194 -6.11 -24.07 -66.84
C ALA F 194 -6.56 -22.64 -66.57
N ALA F 195 -5.83 -21.70 -67.15
CA ALA F 195 -6.03 -20.28 -66.89
C ALA F 195 -6.93 -19.70 -67.97
N ARG F 196 -8.14 -19.29 -67.56
CA ARG F 196 -9.13 -18.69 -68.44
C ARG F 196 -8.95 -17.17 -68.45
N ASN F 197 -9.14 -16.57 -69.63
CA ASN F 197 -9.10 -15.12 -69.68
C ASN F 197 -10.37 -14.51 -69.08
N ALA F 198 -10.25 -13.23 -68.71
CA ALA F 198 -11.33 -12.47 -68.11
C ALA F 198 -11.09 -11.02 -68.47
N PRO F 199 -12.15 -10.25 -68.74
CA PRO F 199 -11.95 -8.89 -69.28
C PRO F 199 -11.57 -7.82 -68.27
N ALA F 200 -11.40 -8.17 -67.00
CA ALA F 200 -10.82 -7.33 -65.94
C ALA F 200 -11.60 -6.06 -65.59
N SER F 201 -12.76 -5.84 -66.18
CA SER F 201 -13.57 -4.70 -65.79
C SER F 201 -14.31 -4.97 -64.50
N ALA F 202 -14.76 -6.20 -64.30
CA ALA F 202 -15.47 -6.55 -63.08
C ALA F 202 -14.52 -6.67 -61.91
N TYR F 203 -13.26 -7.00 -62.16
CA TYR F 203 -12.28 -7.05 -61.08
C TYR F 203 -11.90 -5.66 -60.62
N ALA F 204 -11.96 -4.67 -61.52
CA ALA F 204 -11.77 -3.29 -61.11
C ALA F 204 -12.95 -2.81 -60.28
N ALA F 205 -14.17 -3.17 -60.68
CA ALA F 205 -15.37 -2.67 -60.02
C ALA F 205 -15.56 -3.27 -58.64
N GLY F 206 -15.08 -4.50 -58.42
CA GLY F 206 -15.12 -5.06 -57.09
C GLY F 206 -14.13 -4.41 -56.15
N LEU F 207 -13.00 -3.98 -56.69
CA LEU F 207 -12.00 -3.25 -55.92
C LEU F 207 -12.35 -1.78 -55.77
N PHE F 208 -13.10 -1.25 -56.72
CA PHE F 208 -13.51 0.15 -56.65
C PHE F 208 -14.52 0.33 -55.54
N ALA F 209 -15.35 -0.69 -55.31
CA ALA F 209 -16.34 -0.69 -54.25
C ALA F 209 -15.78 -1.15 -52.93
N TRP F 210 -14.70 -1.93 -52.96
CA TRP F 210 -14.03 -2.34 -51.74
C TRP F 210 -13.31 -1.17 -51.08
N THR F 211 -12.81 -0.24 -51.89
CA THR F 211 -12.08 0.91 -51.36
C THR F 211 -13.03 1.86 -50.63
N ASP F 212 -14.30 1.86 -51.01
CA ASP F 212 -15.29 2.67 -50.30
C ASP F 212 -15.55 2.13 -48.91
N ALA F 213 -15.40 0.83 -48.71
CA ALA F 213 -15.67 0.24 -47.40
C ALA F 213 -14.56 0.55 -46.41
N GLU F 214 -13.33 0.15 -46.72
CA GLU F 214 -12.26 0.34 -45.74
C GLU F 214 -11.69 1.75 -45.80
N TYR F 215 -11.43 2.29 -46.98
CA TYR F 215 -10.70 3.54 -47.08
C TYR F 215 -11.56 4.75 -47.37
N GLY F 216 -12.81 4.56 -47.75
CA GLY F 216 -13.67 5.67 -48.09
C GLY F 216 -13.60 6.03 -49.56
N PHE F 217 -14.67 6.67 -50.03
CA PHE F 217 -14.84 6.93 -51.46
C PHE F 217 -13.86 7.96 -52.00
N TRP F 218 -13.22 8.75 -51.14
CA TRP F 218 -12.25 9.73 -51.59
C TRP F 218 -10.88 9.11 -51.85
N SER F 219 -10.64 7.90 -51.37
CA SER F 219 -9.35 7.26 -51.59
C SER F 219 -9.26 6.72 -53.02
N SER F 220 -8.06 6.62 -53.49
CA SER F 220 -7.95 6.07 -54.82
C SER F 220 -7.85 4.55 -54.75
N PRO F 221 -8.34 3.85 -55.76
CA PRO F 221 -8.20 2.39 -55.78
C PRO F 221 -6.91 1.94 -56.46
N SER F 222 -5.97 2.87 -56.59
CA SER F 222 -4.89 2.79 -57.55
C SER F 222 -3.68 2.02 -57.05
N ASN F 223 -3.74 1.41 -55.89
CA ASN F 223 -2.64 0.55 -55.48
C ASN F 223 -3.18 -0.66 -54.73
N LYS F 224 -4.49 -0.86 -54.75
CA LYS F 224 -5.11 -1.92 -53.98
C LYS F 224 -5.06 -3.24 -54.73
N GLU F 225 -5.40 -4.30 -54.02
CA GLU F 225 -5.07 -5.66 -54.43
C GLU F 225 -6.28 -6.32 -55.06
N ILE F 226 -6.15 -6.74 -56.31
CA ILE F 226 -7.20 -7.50 -56.99
C ILE F 226 -7.09 -8.95 -56.54
N LYS F 227 -8.17 -9.49 -56.00
CA LYS F 227 -8.16 -10.84 -55.47
C LYS F 227 -8.89 -11.81 -56.39
N GLY F 228 -8.44 -13.06 -56.37
CA GLY F 228 -9.03 -14.10 -57.18
C GLY F 228 -8.45 -14.22 -58.57
N VAL F 229 -7.26 -13.67 -58.80
CA VAL F 229 -6.65 -13.60 -60.12
C VAL F 229 -5.28 -14.23 -60.07
N THR F 230 -4.82 -14.71 -61.23
CA THR F 230 -3.57 -15.44 -61.32
C THR F 230 -2.59 -14.84 -62.30
N GLY F 231 -2.94 -13.76 -62.98
CA GLY F 231 -2.07 -13.15 -63.96
C GLY F 231 -2.86 -12.29 -64.90
N THR F 232 -2.14 -11.56 -65.74
CA THR F 232 -2.76 -10.72 -66.74
C THR F 232 -2.58 -11.32 -68.12
N SER F 233 -3.33 -10.77 -69.08
CA SER F 233 -3.26 -11.27 -70.44
C SER F 233 -1.94 -10.87 -71.10
N ARG F 234 -1.44 -9.69 -70.76
CA ARG F 234 -0.13 -9.24 -71.17
C ARG F 234 0.65 -8.85 -69.92
N PRO F 235 1.95 -9.13 -69.88
CA PRO F 235 2.75 -8.70 -68.71
C PRO F 235 2.95 -7.20 -68.77
N VAL F 236 2.52 -6.51 -67.73
CA VAL F 236 2.63 -5.05 -67.68
C VAL F 236 3.81 -4.68 -66.80
N GLU F 237 4.57 -3.70 -67.27
CA GLU F 237 5.95 -3.46 -66.88
C GLU F 237 6.02 -2.10 -66.18
N PHE F 238 6.06 -2.10 -64.86
CA PHE F 238 6.32 -0.85 -64.16
C PHE F 238 7.79 -0.78 -63.76
N LEU F 239 8.53 0.07 -64.47
CA LEU F 239 9.94 0.35 -64.25
C LEU F 239 10.12 1.85 -64.17
N ASP F 240 11.35 2.31 -63.96
CA ASP F 240 11.64 3.73 -63.88
C ASP F 240 12.62 4.13 -64.98
N GLY F 241 13.08 5.37 -64.93
CA GLY F 241 14.16 5.83 -65.77
C GLY F 241 13.78 6.61 -67.00
N ASP F 242 12.62 7.30 -66.99
CA ASP F 242 12.07 8.05 -68.13
C ASP F 242 11.96 7.16 -69.36
N GLU F 243 11.49 5.93 -69.15
CA GLU F 243 11.55 4.90 -70.16
C GLU F 243 10.20 4.71 -70.82
N THR F 244 10.15 3.76 -71.76
CA THR F 244 8.91 3.34 -72.38
C THR F 244 8.35 2.12 -71.65
N CYS F 245 8.11 2.32 -70.36
CA CYS F 245 7.53 1.29 -69.52
C CYS F 245 6.09 1.05 -69.96
N ARG F 246 5.67 -0.21 -69.93
CA ARG F 246 4.31 -0.52 -70.37
C ARG F 246 3.27 0.02 -69.39
N ALA F 247 3.60 0.06 -68.10
CA ALA F 247 2.70 0.68 -67.14
C ALA F 247 2.70 2.20 -67.25
N ASN F 248 3.79 2.79 -67.71
CA ASN F 248 3.86 4.24 -67.84
C ASN F 248 3.36 4.71 -69.19
N LEU F 249 3.46 3.85 -70.21
CA LEU F 249 2.86 4.15 -71.51
C LEU F 249 1.35 4.20 -71.40
N LEU F 250 0.76 3.27 -70.67
CA LEU F 250 -0.70 3.21 -70.60
C LEU F 250 -1.27 4.21 -69.61
N ASN F 251 -0.51 4.60 -68.58
CA ASN F 251 -0.99 5.66 -67.71
C ASN F 251 -1.02 7.01 -68.41
N ASN F 252 -0.06 7.26 -69.30
CA ASN F 252 -0.06 8.51 -70.04
C ASN F 252 -1.11 8.55 -71.14
N ALA F 253 -1.75 7.43 -71.44
CA ALA F 253 -2.96 7.40 -72.26
C ALA F 253 -4.21 7.32 -71.40
N ASN F 254 -4.07 7.61 -70.10
CA ASN F 254 -5.15 7.63 -69.11
C ASN F 254 -5.83 6.27 -68.95
N ILE F 255 -5.01 5.22 -68.84
CA ILE F 255 -5.50 3.85 -68.68
C ILE F 255 -4.88 3.28 -67.41
N ALA F 256 -5.71 2.70 -66.54
CA ALA F 256 -5.19 1.95 -65.42
C ALA F 256 -4.77 0.55 -65.87
N THR F 257 -3.74 0.02 -65.21
CA THR F 257 -3.19 -1.28 -65.53
C THR F 257 -3.17 -2.16 -64.29
N ILE F 258 -2.63 -3.36 -64.45
CA ILE F 258 -2.39 -4.31 -63.38
C ILE F 258 -0.93 -4.75 -63.50
N ILE F 259 -0.12 -4.53 -62.46
CA ILE F 259 1.30 -4.31 -62.64
C ILE F 259 2.18 -5.42 -62.07
N ARG F 260 1.88 -5.98 -60.90
CA ARG F 260 2.88 -6.85 -60.28
C ARG F 260 2.30 -8.22 -59.97
N ASP F 261 3.21 -9.15 -59.64
CA ASP F 261 2.99 -10.32 -58.76
C ASP F 261 1.79 -11.15 -59.18
N ASP F 262 1.91 -11.77 -60.36
CA ASP F 262 0.83 -12.57 -60.99
C ASP F 262 -0.47 -11.77 -61.11
N GLY F 263 -0.35 -10.53 -61.57
CA GLY F 263 -1.50 -9.66 -61.65
C GLY F 263 -2.04 -9.30 -60.28
N TYR F 264 -1.40 -8.38 -59.57
CA TYR F 264 -1.73 -8.22 -58.16
C TYR F 264 -2.46 -6.93 -57.84
N ARG F 265 -2.09 -5.81 -58.48
CA ARG F 265 -2.56 -4.50 -58.06
C ARG F 265 -3.05 -3.68 -59.24
N LEU F 266 -4.26 -3.12 -59.13
CA LEU F 266 -4.69 -2.08 -60.06
C LEU F 266 -3.82 -0.86 -59.88
N TRP F 267 -3.51 -0.18 -60.97
CA TRP F 267 -2.38 0.73 -60.92
C TRP F 267 -2.71 2.18 -61.23
N GLY F 268 -3.37 2.49 -62.34
CA GLY F 268 -3.62 3.87 -62.65
C GLY F 268 -4.71 4.51 -61.80
N ASN F 269 -4.73 5.84 -61.79
CA ASN F 269 -5.82 6.59 -61.17
C ASN F 269 -6.28 7.79 -61.98
N ARG F 270 -5.84 7.94 -63.22
CA ARG F 270 -6.39 8.96 -64.08
C ARG F 270 -7.64 8.43 -64.77
N THR F 271 -8.64 9.27 -64.86
CA THR F 271 -9.81 8.97 -65.69
C THR F 271 -9.55 9.44 -67.11
N LEU F 272 -10.46 9.09 -68.02
CA LEU F 272 -10.23 9.43 -69.43
C LEU F 272 -10.68 10.83 -69.79
N SER F 273 -10.30 11.82 -69.00
CA SER F 273 -10.78 13.18 -69.20
C SER F 273 -9.77 14.02 -69.96
N SER F 274 -10.29 14.91 -70.80
CA SER F 274 -9.48 15.87 -71.52
C SER F 274 -9.26 17.15 -70.74
N ASP F 275 -9.65 17.18 -69.47
CA ASP F 275 -9.53 18.36 -68.62
C ASP F 275 -8.67 17.99 -67.41
N SER F 276 -7.62 18.77 -67.17
CA SER F 276 -6.73 18.52 -66.05
C SER F 276 -7.37 18.85 -64.70
N LYS F 277 -8.49 19.56 -64.70
CA LYS F 277 -9.23 19.79 -63.47
C LYS F 277 -9.93 18.51 -63.02
N TRP F 278 -10.24 17.62 -63.96
CA TRP F 278 -10.91 16.36 -63.66
C TRP F 278 -10.03 15.17 -64.04
N ALA F 279 -8.75 15.23 -63.70
CA ALA F 279 -7.82 14.19 -64.11
C ALA F 279 -8.00 12.92 -63.28
N PHE F 280 -8.06 13.06 -61.97
CA PHE F 280 -8.06 11.91 -61.08
C PHE F 280 -9.48 11.41 -60.85
N VAL F 281 -9.63 10.10 -60.69
CA VAL F 281 -10.92 9.55 -60.30
C VAL F 281 -11.25 9.89 -58.86
N THR F 282 -10.25 10.20 -58.05
CA THR F 282 -10.49 10.77 -56.73
C THR F 282 -11.32 12.05 -56.81
N ARG F 283 -10.97 12.94 -57.75
CA ARG F 283 -11.74 14.17 -57.97
C ARG F 283 -13.14 13.88 -58.46
N VAL F 284 -13.28 12.88 -59.33
CA VAL F 284 -14.58 12.61 -59.93
C VAL F 284 -15.48 11.87 -58.95
N ARG F 285 -14.91 10.93 -58.18
CA ARG F 285 -15.73 10.13 -57.26
C ARG F 285 -16.11 10.92 -56.01
N THR F 286 -15.23 11.81 -55.54
CA THR F 286 -15.52 12.58 -54.33
C THR F 286 -16.62 13.58 -54.58
N MET F 287 -16.52 14.33 -55.69
CA MET F 287 -17.55 15.29 -56.07
C MET F 287 -18.88 14.61 -56.35
N ASP F 288 -18.82 13.38 -56.84
CA ASP F 288 -20.04 12.62 -57.12
C ASP F 288 -20.69 12.13 -55.83
N LEU F 289 -19.89 11.69 -54.88
CA LEU F 289 -20.43 11.13 -53.64
C LEU F 289 -20.36 12.06 -52.45
N VAL F 290 -19.85 13.29 -52.62
CA VAL F 290 -20.16 14.29 -51.60
C VAL F 290 -21.60 14.73 -51.78
N MET F 291 -22.11 14.71 -53.00
CA MET F 291 -23.45 15.23 -53.21
C MET F 291 -24.49 14.18 -52.91
N ASP F 292 -24.20 12.92 -53.22
CA ASP F 292 -25.11 11.84 -52.90
C ASP F 292 -25.27 11.64 -51.40
N ALA F 293 -24.30 12.08 -50.60
CA ALA F 293 -24.51 12.15 -49.15
C ALA F 293 -25.23 13.44 -48.77
N ILE F 294 -24.96 14.52 -49.49
CA ILE F 294 -25.68 15.78 -49.27
C ILE F 294 -27.14 15.65 -49.67
N LEU F 295 -27.41 15.05 -50.82
CA LEU F 295 -28.80 14.92 -51.27
C LEU F 295 -29.57 13.92 -50.42
N ALA F 296 -29.05 12.70 -50.28
CA ALA F 296 -29.68 11.71 -49.42
C ALA F 296 -29.34 12.08 -47.99
N GLY F 297 -30.17 12.93 -47.40
CA GLY F 297 -29.86 13.57 -46.15
C GLY F 297 -30.48 14.95 -46.11
N HIS F 298 -30.80 15.48 -47.27
CA HIS F 298 -31.59 16.70 -47.41
C HIS F 298 -32.74 16.47 -48.36
N LYS F 299 -33.47 15.38 -48.12
CA LYS F 299 -34.69 15.11 -48.86
C LYS F 299 -35.88 15.91 -48.36
N TRP F 300 -35.71 16.64 -47.25
CA TRP F 300 -36.78 17.49 -46.72
C TRP F 300 -36.84 18.85 -47.38
N ALA F 301 -35.97 19.14 -48.36
CA ALA F 301 -35.90 20.45 -48.97
C ALA F 301 -36.66 20.54 -50.30
N VAL F 302 -37.40 19.51 -50.68
CA VAL F 302 -38.20 19.54 -51.90
C VAL F 302 -39.68 19.71 -51.59
N ASP F 303 -40.13 19.12 -50.49
CA ASP F 303 -41.31 19.58 -49.77
C ASP F 303 -40.88 20.72 -48.85
N ARG F 304 -41.70 21.00 -47.82
CA ARG F 304 -41.43 22.05 -46.82
C ARG F 304 -41.35 23.41 -47.51
N GLY F 305 -42.54 23.88 -47.90
CA GLY F 305 -42.78 25.19 -48.48
C GLY F 305 -42.04 26.33 -47.80
N ILE F 306 -41.65 27.31 -48.61
CA ILE F 306 -40.59 28.25 -48.24
C ILE F 306 -41.09 29.20 -47.18
N THR F 307 -40.52 29.10 -45.98
CA THR F 307 -40.71 30.06 -44.91
C THR F 307 -39.56 31.03 -44.92
N LYS F 308 -39.46 31.88 -43.88
CA LYS F 308 -38.42 32.89 -43.82
C LYS F 308 -37.05 32.26 -43.62
N THR F 309 -36.95 31.32 -42.69
CA THR F 309 -35.69 30.66 -42.41
C THR F 309 -35.55 29.33 -43.12
N TYR F 310 -36.14 29.20 -44.31
CA TYR F 310 -35.89 28.02 -45.13
C TYR F 310 -34.46 28.02 -45.65
N VAL F 311 -34.01 29.16 -46.17
CA VAL F 311 -32.69 29.24 -46.77
C VAL F 311 -31.60 29.19 -45.69
N LYS F 312 -31.90 29.60 -44.46
CA LYS F 312 -30.93 29.50 -43.39
C LYS F 312 -30.85 28.09 -42.83
N ASP F 313 -31.99 27.40 -42.73
CA ASP F 313 -31.98 26.04 -42.20
C ASP F 313 -31.42 25.03 -43.18
N VAL F 314 -31.28 25.39 -44.45
CA VAL F 314 -30.59 24.49 -45.38
C VAL F 314 -29.08 24.68 -45.29
N THR F 315 -28.60 25.93 -45.20
CA THR F 315 -27.16 26.20 -45.09
C THR F 315 -26.56 25.55 -43.86
N GLU F 316 -27.21 25.75 -42.70
CA GLU F 316 -26.72 25.12 -41.48
C GLU F 316 -26.95 23.62 -41.50
N GLY F 317 -27.87 23.13 -42.32
CA GLY F 317 -27.98 21.71 -42.56
C GLY F 317 -26.93 21.25 -43.54
N LEU F 318 -26.64 22.07 -44.55
CA LEU F 318 -25.58 21.71 -45.49
C LEU F 318 -24.22 21.75 -44.84
N ARG F 319 -23.97 22.74 -43.98
CA ARG F 319 -22.69 22.81 -43.28
C ARG F 319 -22.52 21.68 -42.28
N ALA F 320 -23.62 21.16 -41.74
CA ALA F 320 -23.53 20.11 -40.74
C ALA F 320 -23.24 18.75 -41.38
N PHE F 321 -23.82 18.49 -42.54
CA PHE F 321 -23.52 17.28 -43.29
C PHE F 321 -22.30 17.43 -44.18
N MET F 322 -21.50 18.47 -43.96
CA MET F 322 -20.26 18.71 -44.66
C MET F 322 -19.08 18.79 -43.72
N ARG F 323 -19.31 19.12 -42.45
CA ARG F 323 -18.30 18.96 -41.42
C ARG F 323 -18.20 17.51 -40.93
N ASP F 324 -19.20 16.68 -41.26
CA ASP F 324 -19.06 15.24 -41.08
C ASP F 324 -18.14 14.66 -42.15
N LEU F 325 -18.04 15.35 -43.29
CA LEU F 325 -17.17 14.90 -44.35
C LEU F 325 -15.74 15.41 -44.16
N LYS F 326 -15.59 16.59 -43.57
CA LYS F 326 -14.26 17.08 -43.24
C LYS F 326 -13.70 16.29 -42.06
N ASN F 327 -14.58 15.77 -41.20
CA ASN F 327 -14.15 15.00 -40.05
C ASN F 327 -13.50 13.70 -40.46
N GLN F 328 -14.14 12.95 -41.35
CA GLN F 328 -13.63 11.66 -41.77
C GLN F 328 -12.61 11.76 -42.88
N GLY F 329 -12.34 12.95 -43.39
CA GLY F 329 -11.26 13.16 -44.32
C GLY F 329 -11.64 13.19 -45.78
N ALA F 330 -12.92 13.36 -46.11
CA ALA F 330 -13.31 13.37 -47.51
C ALA F 330 -12.91 14.66 -48.19
N VAL F 331 -13.06 15.77 -47.48
CA VAL F 331 -12.72 17.09 -47.99
C VAL F 331 -11.69 17.71 -47.04
N ILE F 332 -11.29 18.93 -47.36
CA ILE F 332 -10.47 19.76 -46.48
C ILE F 332 -10.96 21.20 -46.60
N ASN F 333 -11.60 21.70 -45.52
CA ASN F 333 -12.06 23.09 -45.36
C ASN F 333 -13.02 23.50 -46.48
N PHE F 334 -14.21 22.91 -46.43
CA PHE F 334 -15.32 23.30 -47.31
C PHE F 334 -15.77 24.75 -47.18
N GLU F 335 -16.73 25.14 -48.00
CA GLU F 335 -17.37 26.46 -47.87
C GLU F 335 -18.78 26.36 -48.42
N VAL F 336 -19.78 26.60 -47.57
CA VAL F 336 -21.19 26.52 -47.96
C VAL F 336 -21.84 27.85 -47.63
N TYR F 337 -22.54 28.44 -48.59
CA TYR F 337 -23.28 29.67 -48.34
C TYR F 337 -24.38 29.83 -49.38
N ALA F 338 -25.46 30.50 -49.00
CA ALA F 338 -26.51 30.83 -49.94
C ALA F 338 -26.03 31.88 -50.92
N ASP F 339 -26.40 31.72 -52.17
CA ASP F 339 -25.94 32.58 -53.25
C ASP F 339 -26.64 33.93 -53.13
N PRO F 340 -25.93 35.01 -52.79
CA PRO F 340 -26.63 36.27 -52.52
C PRO F 340 -27.12 36.99 -53.75
N ASP F 341 -26.54 36.69 -54.92
CA ASP F 341 -26.86 37.41 -56.14
C ASP F 341 -28.01 36.80 -56.91
N LEU F 342 -28.32 35.52 -56.69
CA LEU F 342 -29.34 34.85 -57.48
C LEU F 342 -30.53 34.36 -56.67
N ASN F 343 -30.68 34.79 -55.41
CA ASN F 343 -31.87 34.46 -54.63
C ASN F 343 -32.82 35.65 -54.69
N SER F 344 -33.50 35.77 -55.81
CA SER F 344 -34.53 36.77 -55.99
C SER F 344 -35.82 36.29 -55.35
N ALA F 345 -36.84 37.14 -55.40
CA ALA F 345 -38.19 36.72 -55.05
C ALA F 345 -38.96 36.23 -56.26
N SER F 346 -38.58 36.67 -57.46
CA SER F 346 -39.13 36.07 -58.67
C SER F 346 -38.66 34.63 -58.85
N GLN F 347 -37.45 34.31 -58.38
CA GLN F 347 -37.02 32.93 -58.34
C GLN F 347 -37.73 32.17 -57.23
N LEU F 348 -38.06 32.85 -56.15
CA LEU F 348 -38.64 32.19 -54.99
C LEU F 348 -40.13 31.89 -55.21
N ALA F 349 -40.79 32.64 -56.08
CA ALA F 349 -42.16 32.30 -56.45
C ALA F 349 -42.21 31.04 -57.31
N GLN F 350 -41.16 30.78 -58.07
CA GLN F 350 -41.05 29.55 -58.83
C GLN F 350 -40.54 28.38 -57.99
N GLY F 351 -40.17 28.62 -56.73
CA GLY F 351 -39.63 27.58 -55.90
C GLY F 351 -38.14 27.39 -56.01
N LYS F 352 -37.45 28.24 -56.75
CA LYS F 352 -36.02 28.10 -56.93
C LYS F 352 -35.27 28.92 -55.89
N VAL F 353 -34.20 28.35 -55.35
CA VAL F 353 -33.37 28.98 -54.34
C VAL F 353 -31.99 28.32 -54.38
N TYR F 354 -30.93 29.13 -54.39
CA TYR F 354 -29.62 28.62 -54.81
C TYR F 354 -28.65 28.62 -53.64
N TRP F 355 -27.66 27.73 -53.72
CA TRP F 355 -26.61 27.63 -52.72
C TRP F 355 -25.29 27.32 -53.40
N ASN F 356 -24.20 27.65 -52.72
CA ASN F 356 -22.84 27.50 -53.24
C ASN F 356 -22.03 26.62 -52.30
N ILE F 357 -21.53 25.49 -52.81
CA ILE F 357 -20.98 24.42 -51.97
C ILE F 357 -19.53 24.12 -52.35
N ARG F 358 -18.71 25.16 -52.49
CA ARG F 358 -17.27 25.00 -52.75
C ARG F 358 -16.59 24.11 -51.72
N PHE F 359 -15.69 23.24 -52.19
CA PHE F 359 -14.84 22.46 -51.30
C PHE F 359 -13.53 22.10 -52.00
N THR F 360 -12.61 21.54 -51.23
CA THR F 360 -11.31 21.08 -51.73
C THR F 360 -11.17 19.59 -51.49
N ASP F 361 -10.83 18.85 -52.53
CA ASP F 361 -10.67 17.42 -52.44
C ASP F 361 -9.25 17.06 -52.00
N VAL F 362 -9.10 15.89 -51.39
CA VAL F 362 -7.78 15.43 -50.97
C VAL F 362 -7.02 14.90 -52.18
N PRO F 363 -5.77 15.31 -52.39
CA PRO F 363 -5.02 14.86 -53.55
C PRO F 363 -4.38 13.51 -53.32
N PRO F 364 -4.39 12.62 -54.32
CA PRO F 364 -3.70 11.35 -54.18
C PRO F 364 -2.20 11.49 -54.39
N ALA F 365 -1.43 10.71 -53.63
CA ALA F 365 0.02 10.76 -53.68
C ALA F 365 0.49 9.97 -54.91
N GLU F 366 0.35 10.61 -56.07
CA GLU F 366 0.52 9.91 -57.34
C GLU F 366 1.97 9.57 -57.63
N ASN F 367 2.89 10.46 -57.26
CA ASN F 367 4.29 10.34 -57.64
C ASN F 367 5.20 10.73 -56.49
N PRO F 368 5.49 9.79 -55.58
CA PRO F 368 6.55 10.06 -54.59
C PRO F 368 7.91 9.98 -55.26
N ASN F 369 8.77 10.94 -54.93
CA ASN F 369 10.04 11.10 -55.62
C ASN F 369 11.18 10.95 -54.62
N PHE F 370 12.06 10.00 -54.89
CA PHE F 370 13.21 9.72 -54.03
C PHE F 370 14.47 10.20 -54.74
N ARG F 371 15.18 11.12 -54.13
CA ARG F 371 16.41 11.68 -54.69
C ARG F 371 17.57 11.08 -53.91
N VAL F 372 18.06 9.95 -54.38
CA VAL F 372 19.02 9.15 -53.65
C VAL F 372 20.44 9.44 -54.17
N GLU F 373 21.39 9.51 -53.26
CA GLU F 373 22.78 9.86 -53.56
C GLU F 373 23.72 8.99 -52.75
N VAL F 374 24.77 8.49 -53.38
CA VAL F 374 25.83 7.78 -52.70
C VAL F 374 26.97 8.77 -52.46
N THR F 375 27.33 8.98 -51.20
CA THR F 375 28.37 9.93 -50.83
C THR F 375 29.53 9.19 -50.18
N ASP F 376 30.66 9.89 -50.10
CA ASP F 376 31.77 9.46 -49.26
C ASP F 376 31.92 10.37 -48.05
N GLN F 377 30.82 10.95 -47.60
CA GLN F 377 30.85 11.88 -46.47
C GLN F 377 31.17 11.14 -45.18
N TRP F 378 30.46 10.05 -44.90
CA TRP F 378 30.72 9.27 -43.70
C TRP F 378 31.68 8.13 -43.97
N LEU F 379 32.77 8.44 -44.66
CA LEU F 379 33.85 7.49 -44.84
C LEU F 379 34.96 7.72 -43.82
N THR F 380 34.98 8.91 -43.22
CA THR F 380 35.90 9.25 -42.15
C THR F 380 35.26 9.19 -40.77
N GLU F 381 33.96 9.49 -40.69
CA GLU F 381 33.23 9.47 -39.42
C GLU F 381 33.22 8.08 -38.80
N VAL F 382 33.24 7.06 -39.63
CA VAL F 382 33.51 5.70 -39.20
C VAL F 382 34.73 5.23 -39.96
N LEU F 383 35.10 3.96 -39.77
CA LEU F 383 36.20 3.28 -40.48
C LEU F 383 37.54 3.94 -40.18
N ASP F 384 37.73 4.38 -38.95
CA ASP F 384 38.93 5.12 -38.60
C ASP F 384 39.21 4.88 -37.13
N VAL F 385 40.43 5.23 -36.71
CA VAL F 385 40.80 5.11 -35.31
C VAL F 385 39.97 6.06 -34.45
N ALA F 386 39.75 7.28 -34.94
CA ALA F 386 38.89 8.32 -34.36
C ALA F 386 39.24 8.67 -32.91
N SER G 2 -50.95 -45.06 23.23
CA SER G 2 -49.79 -44.64 24.02
C SER G 2 -48.88 -43.75 23.21
N PHE G 3 -47.71 -43.45 23.74
CA PHE G 3 -46.73 -42.64 23.04
C PHE G 3 -45.35 -43.21 23.30
N PHE G 4 -44.32 -42.46 22.92
CA PHE G 4 -42.95 -42.83 23.18
C PHE G 4 -42.18 -41.57 23.50
N HIS G 5 -41.25 -41.67 24.44
CA HIS G 5 -40.38 -40.56 24.77
C HIS G 5 -38.94 -41.00 24.60
N GLY G 6 -38.14 -40.17 23.95
CA GLY G 6 -36.83 -40.58 23.52
C GLY G 6 -36.82 -40.87 22.04
N VAL G 7 -35.70 -41.41 21.58
CA VAL G 7 -35.49 -41.64 20.15
C VAL G 7 -35.71 -43.11 19.82
N THR G 8 -36.53 -43.35 18.79
CA THR G 8 -36.69 -44.70 18.27
C THR G 8 -35.75 -44.92 17.10
N VAL G 9 -35.31 -46.15 16.93
CA VAL G 9 -34.74 -46.61 15.66
C VAL G 9 -35.62 -47.74 15.15
N THR G 10 -35.78 -47.81 13.84
CA THR G 10 -36.68 -48.78 13.23
C THR G 10 -36.03 -49.30 11.96
N ASN G 11 -35.81 -50.61 11.91
CA ASN G 11 -35.37 -51.25 10.68
C ASN G 11 -36.55 -51.36 9.75
N VAL G 12 -36.51 -50.63 8.64
CA VAL G 12 -37.60 -50.65 7.67
C VAL G 12 -37.01 -50.43 6.28
N ASP G 13 -37.44 -51.25 5.32
CA ASP G 13 -36.96 -51.17 3.95
C ASP G 13 -37.76 -50.11 3.19
N ILE G 14 -37.06 -49.10 2.69
CA ILE G 14 -37.67 -48.09 1.82
C ILE G 14 -36.74 -47.86 0.62
N GLY G 15 -37.32 -47.86 -0.56
CA GLY G 15 -36.58 -48.08 -1.79
C GLY G 15 -35.99 -46.91 -2.54
N ALA G 16 -34.85 -46.37 -2.07
CA ALA G 16 -33.92 -45.62 -2.92
C ALA G 16 -34.51 -44.38 -3.56
N ARG G 17 -34.65 -43.29 -2.77
CA ARG G 17 -35.46 -42.11 -3.06
C ARG G 17 -35.23 -41.54 -4.47
N THR G 18 -36.25 -40.86 -4.95
CA THR G 18 -36.48 -40.61 -6.37
C THR G 18 -36.65 -39.12 -6.64
N ILE G 19 -35.65 -38.34 -6.20
CA ILE G 19 -35.64 -36.88 -6.27
C ILE G 19 -35.95 -36.36 -7.66
N ALA G 20 -36.83 -35.38 -7.73
CA ALA G 20 -37.29 -34.80 -8.97
C ALA G 20 -37.54 -33.32 -8.70
N LEU G 21 -37.48 -32.52 -9.77
CA LEU G 21 -37.78 -31.11 -9.64
C LEU G 21 -39.27 -30.92 -9.37
N PRO G 22 -39.65 -30.11 -8.40
CA PRO G 22 -41.07 -29.82 -8.17
C PRO G 22 -41.63 -28.96 -9.29
N ALA G 23 -42.64 -29.49 -9.98
CA ALA G 23 -43.23 -28.84 -11.14
C ALA G 23 -44.57 -28.21 -10.77
N SER G 24 -44.96 -27.20 -11.55
CA SER G 24 -46.23 -26.51 -11.32
C SER G 24 -47.35 -27.01 -12.21
N SER G 25 -47.04 -27.80 -13.23
CA SER G 25 -48.07 -28.30 -14.13
C SER G 25 -48.92 -29.35 -13.45
N VAL G 26 -50.19 -29.41 -13.84
CA VAL G 26 -51.14 -30.38 -13.32
C VAL G 26 -51.49 -31.37 -14.43
N ILE G 27 -51.72 -32.62 -14.04
CA ILE G 27 -51.84 -33.74 -14.97
C ILE G 27 -53.12 -34.49 -14.64
N GLY G 28 -53.94 -34.77 -15.67
CA GLY G 28 -55.16 -35.52 -15.51
C GLY G 28 -54.96 -36.97 -15.87
N LEU G 29 -55.12 -37.84 -14.89
CA LEU G 29 -54.79 -39.26 -15.03
C LEU G 29 -56.03 -40.10 -14.81
N CYS G 30 -56.11 -41.21 -15.53
CA CYS G 30 -57.29 -42.07 -15.50
C CYS G 30 -56.89 -43.48 -15.89
N ASP G 31 -57.00 -44.42 -14.97
CA ASP G 31 -56.60 -45.81 -15.22
C ASP G 31 -57.35 -46.69 -14.23
N VAL G 32 -57.01 -47.98 -14.18
CA VAL G 32 -57.78 -48.95 -13.41
C VAL G 32 -57.13 -49.22 -12.07
N PHE G 33 -57.97 -49.53 -11.08
CA PHE G 33 -57.49 -49.96 -9.78
C PHE G 33 -58.59 -50.78 -9.14
N THR G 34 -58.27 -51.43 -8.02
CA THR G 34 -59.25 -52.21 -7.30
C THR G 34 -59.62 -51.49 -6.01
N PRO G 35 -60.88 -51.08 -5.83
CA PRO G 35 -61.28 -50.48 -4.57
C PRO G 35 -61.35 -51.49 -3.43
N GLY G 36 -60.38 -51.42 -2.52
CA GLY G 36 -60.28 -52.39 -1.46
C GLY G 36 -60.26 -51.71 -0.11
N ALA G 37 -59.49 -52.29 0.81
CA ALA G 37 -59.39 -51.75 2.16
C ALA G 37 -58.40 -50.59 2.22
N GLN G 38 -57.14 -50.86 1.86
CA GLN G 38 -56.11 -49.83 1.98
C GLN G 38 -56.21 -48.78 0.89
N ALA G 39 -56.83 -49.10 -0.24
CA ALA G 39 -57.09 -48.11 -1.29
C ALA G 39 -58.20 -47.19 -0.80
N SER G 40 -57.84 -46.00 -0.37
CA SER G 40 -58.81 -45.05 0.17
C SER G 40 -59.27 -44.08 -0.91
N ALA G 41 -59.83 -44.63 -1.98
CA ALA G 41 -60.41 -43.82 -3.04
C ALA G 41 -61.69 -44.47 -3.53
N LYS G 42 -62.76 -43.69 -3.58
CA LYS G 42 -63.94 -44.11 -4.32
C LYS G 42 -63.61 -44.07 -5.81
N PRO G 43 -64.22 -44.98 -6.60
CA PRO G 43 -63.83 -45.12 -8.01
C PRO G 43 -63.96 -43.88 -8.89
N ASN G 44 -65.16 -43.35 -9.07
CA ASN G 44 -65.29 -42.21 -10.00
C ASN G 44 -65.25 -40.88 -9.26
N VAL G 45 -64.24 -40.70 -8.40
CA VAL G 45 -64.03 -39.47 -7.66
C VAL G 45 -62.58 -39.05 -7.87
N PRO G 46 -62.31 -37.87 -8.41
CA PRO G 46 -60.92 -37.44 -8.58
C PRO G 46 -60.31 -37.06 -7.25
N VAL G 47 -59.02 -37.35 -7.12
CA VAL G 47 -58.24 -37.04 -5.93
C VAL G 47 -56.94 -36.35 -6.34
N LEU G 48 -56.49 -35.40 -5.54
CA LEU G 48 -55.26 -34.66 -5.82
C LEU G 48 -54.07 -35.37 -5.19
N LEU G 49 -53.03 -35.56 -5.98
CA LEU G 49 -51.86 -36.35 -5.60
C LEU G 49 -50.63 -35.48 -5.68
N THR G 50 -49.78 -35.57 -4.65
CA THR G 50 -48.50 -34.89 -4.63
C THR G 50 -47.33 -35.80 -4.28
N SER G 51 -47.54 -37.11 -4.14
CA SER G 51 -46.48 -37.99 -3.67
C SER G 51 -46.76 -39.41 -4.14
N LYS G 52 -45.70 -40.22 -4.18
CA LYS G 52 -45.88 -41.65 -4.38
C LYS G 52 -46.58 -42.29 -3.18
N LYS G 53 -46.39 -41.73 -1.99
CA LYS G 53 -47.14 -42.20 -0.83
C LYS G 53 -48.61 -41.82 -0.97
N ASP G 54 -48.90 -40.62 -1.47
CA ASP G 54 -50.28 -40.21 -1.68
C ASP G 54 -50.94 -40.95 -2.82
N ALA G 55 -50.15 -41.52 -3.74
CA ALA G 55 -50.69 -42.35 -4.80
C ALA G 55 -50.94 -43.77 -4.33
N ALA G 56 -50.13 -44.26 -3.40
CA ALA G 56 -50.29 -45.60 -2.86
C ALA G 56 -51.16 -45.65 -1.62
N ALA G 57 -51.57 -44.50 -1.09
CA ALA G 57 -52.55 -44.51 -0.02
C ALA G 57 -53.97 -44.40 -0.57
N ALA G 58 -54.16 -43.62 -1.63
CA ALA G 58 -55.47 -43.53 -2.26
C ALA G 58 -55.75 -44.76 -3.12
N PHE G 59 -54.76 -45.20 -3.87
CA PHE G 59 -54.90 -46.33 -4.77
C PHE G 59 -54.00 -47.46 -4.27
N GLY G 60 -54.21 -48.65 -4.81
CA GLY G 60 -53.36 -49.76 -4.42
C GLY G 60 -51.96 -49.60 -4.97
N ILE G 61 -50.99 -50.17 -4.23
CA ILE G 61 -49.62 -50.13 -4.72
C ILE G 61 -49.42 -51.09 -5.89
N GLY G 62 -50.29 -52.09 -6.02
CA GLY G 62 -50.28 -52.94 -7.18
C GLY G 62 -51.21 -52.50 -8.29
N SER G 63 -51.80 -51.31 -8.17
CA SER G 63 -52.78 -50.85 -9.14
C SER G 63 -52.09 -50.35 -10.41
N SER G 64 -52.90 -50.08 -11.42
CA SER G 64 -52.37 -49.47 -12.63
C SER G 64 -52.38 -47.95 -12.59
N ILE G 65 -53.17 -47.37 -11.67
CA ILE G 65 -53.03 -45.95 -11.35
C ILE G 65 -51.63 -45.66 -10.83
N TYR G 66 -51.21 -46.44 -9.82
CA TYR G 66 -49.95 -46.18 -9.13
C TYR G 66 -48.75 -46.38 -10.03
N LEU G 67 -48.82 -47.34 -10.97
CA LEU G 67 -47.75 -47.50 -11.93
C LEU G 67 -47.67 -46.32 -12.88
N ALA G 68 -48.81 -45.70 -13.19
CA ALA G 68 -48.81 -44.47 -13.95
C ALA G 68 -48.33 -43.29 -13.12
N CYS G 69 -48.64 -43.29 -11.83
CA CYS G 69 -48.21 -42.20 -10.97
C CYS G 69 -46.76 -42.33 -10.57
N GLU G 70 -46.25 -43.55 -10.44
CA GLU G 70 -44.80 -43.74 -10.26
C GLU G 70 -44.05 -43.33 -11.52
N ALA G 71 -44.68 -43.48 -12.69
CA ALA G 71 -44.07 -43.07 -13.95
C ALA G 71 -43.93 -41.56 -14.06
N ILE G 72 -44.72 -40.79 -13.34
CA ILE G 72 -44.62 -39.34 -13.38
C ILE G 72 -43.71 -38.82 -12.29
N TYR G 73 -43.78 -39.40 -11.10
CA TYR G 73 -43.01 -38.95 -9.96
C TYR G 73 -41.54 -39.30 -10.04
N ASN G 74 -41.13 -40.14 -10.98
CA ASN G 74 -39.71 -40.36 -11.21
C ASN G 74 -39.07 -39.22 -11.97
N ARG G 75 -39.86 -38.36 -12.59
CA ARG G 75 -39.33 -37.27 -13.39
C ARG G 75 -39.70 -35.90 -12.86
N ALA G 76 -40.93 -35.73 -12.39
CA ALA G 76 -41.35 -34.43 -11.87
C ALA G 76 -42.22 -34.66 -10.65
N GLN G 77 -42.10 -33.78 -9.67
CA GLN G 77 -42.95 -33.82 -8.48
C GLN G 77 -44.21 -33.01 -8.79
N ALA G 78 -45.03 -33.59 -9.66
CA ALA G 78 -46.14 -32.89 -10.28
C ALA G 78 -47.43 -33.11 -9.49
N VAL G 79 -48.41 -32.29 -9.79
CA VAL G 79 -49.73 -32.41 -9.20
C VAL G 79 -50.59 -33.23 -10.15
N ILE G 80 -51.21 -34.29 -9.63
CA ILE G 80 -51.95 -35.23 -10.46
C ILE G 80 -53.37 -35.32 -9.93
N VAL G 81 -54.33 -34.87 -10.73
CA VAL G 81 -55.74 -35.16 -10.50
C VAL G 81 -56.01 -36.52 -11.14
N ALA G 82 -56.20 -37.53 -10.32
CA ALA G 82 -56.32 -38.90 -10.79
C ALA G 82 -57.72 -39.44 -10.50
N VAL G 83 -58.29 -40.14 -11.48
CA VAL G 83 -59.62 -40.70 -11.39
C VAL G 83 -59.50 -42.21 -11.56
N GLY G 84 -59.72 -42.95 -10.48
CA GLY G 84 -59.58 -44.39 -10.49
C GLY G 84 -60.77 -45.18 -11.00
N VAL G 85 -60.92 -45.26 -12.33
CA VAL G 85 -62.00 -46.06 -12.92
C VAL G 85 -61.85 -47.52 -12.55
N GLU G 86 -62.92 -48.10 -12.01
CA GLU G 86 -62.92 -49.52 -11.64
C GLU G 86 -62.82 -50.41 -12.88
N THR G 87 -62.30 -51.61 -12.68
CA THR G 87 -62.05 -52.52 -13.80
C THR G 87 -63.34 -53.16 -14.28
N ALA G 88 -63.28 -53.71 -15.49
CA ALA G 88 -64.44 -54.34 -16.11
C ALA G 88 -63.95 -55.47 -16.99
N GLU G 89 -64.88 -56.32 -17.42
CA GLU G 89 -64.50 -57.55 -18.10
C GLU G 89 -64.11 -57.29 -19.56
N THR G 90 -65.07 -56.90 -20.38
CA THR G 90 -64.82 -56.76 -21.80
C THR G 90 -64.18 -55.41 -22.12
N PRO G 91 -63.33 -55.35 -23.14
CA PRO G 91 -62.72 -54.07 -23.52
C PRO G 91 -63.70 -53.07 -24.09
N GLU G 92 -64.88 -53.51 -24.54
CA GLU G 92 -65.93 -52.57 -24.89
C GLU G 92 -66.49 -51.88 -23.65
N ALA G 93 -66.70 -52.64 -22.58
CA ALA G 93 -67.19 -52.06 -21.34
C ALA G 93 -66.08 -51.39 -20.54
N GLN G 94 -64.82 -51.73 -20.81
CA GLN G 94 -63.73 -51.05 -20.13
C GLN G 94 -63.48 -49.68 -20.73
N ALA G 95 -63.47 -49.60 -22.06
CA ALA G 95 -63.36 -48.32 -22.74
C ALA G 95 -64.57 -47.43 -22.48
N SER G 96 -65.74 -48.04 -22.24
CA SER G 96 -66.92 -47.26 -21.89
C SER G 96 -66.81 -46.69 -20.48
N ALA G 97 -66.07 -47.36 -19.61
CA ALA G 97 -65.92 -46.89 -18.23
C ALA G 97 -64.79 -45.89 -18.07
N VAL G 98 -63.79 -45.95 -18.94
CA VAL G 98 -62.73 -44.94 -18.93
C VAL G 98 -63.26 -43.62 -19.49
N ILE G 99 -64.04 -43.69 -20.57
CA ILE G 99 -64.73 -42.51 -21.09
C ILE G 99 -65.72 -41.98 -20.06
N GLY G 100 -66.62 -42.84 -19.60
CA GLY G 100 -67.56 -42.45 -18.57
C GLY G 100 -68.63 -41.53 -19.11
N GLY G 101 -69.03 -40.58 -18.29
CA GLY G 101 -70.00 -39.60 -18.70
C GLY G 101 -70.80 -39.11 -17.52
N ILE G 102 -72.01 -38.66 -17.82
CA ILE G 102 -72.94 -38.17 -16.81
C ILE G 102 -73.97 -39.24 -16.45
N SER G 103 -73.65 -40.52 -16.69
CA SER G 103 -74.56 -41.65 -16.52
C SER G 103 -74.88 -41.98 -15.06
N ALA G 104 -74.43 -41.18 -14.09
CA ALA G 104 -74.79 -41.33 -12.69
C ALA G 104 -76.16 -40.72 -12.42
N ALA G 105 -76.47 -40.50 -11.14
CA ALA G 105 -77.58 -39.64 -10.77
C ALA G 105 -77.40 -38.25 -11.35
N GLY G 106 -76.30 -37.59 -10.99
CA GLY G 106 -75.88 -36.39 -11.68
C GLY G 106 -74.38 -36.22 -11.75
N GLU G 107 -73.63 -37.21 -11.27
CA GLU G 107 -72.18 -37.08 -11.15
C GLU G 107 -71.50 -37.34 -12.49
N ARG G 108 -70.20 -37.06 -12.52
CA ARG G 108 -69.38 -37.22 -13.71
C ARG G 108 -68.39 -38.35 -13.47
N THR G 109 -68.31 -39.28 -14.41
CA THR G 109 -67.51 -40.50 -14.25
C THR G 109 -66.45 -40.58 -15.34
N GLY G 110 -65.37 -41.28 -15.02
CA GLY G 110 -64.35 -41.57 -16.01
C GLY G 110 -63.43 -40.43 -16.32
N LEU G 111 -63.17 -40.20 -17.61
CA LEU G 111 -62.40 -39.02 -18.01
C LEU G 111 -63.16 -37.74 -17.72
N GLN G 112 -64.49 -37.80 -17.74
CA GLN G 112 -65.32 -36.62 -17.55
C GLN G 112 -65.21 -36.03 -16.16
N ALA G 113 -64.75 -36.81 -15.20
CA ALA G 113 -64.48 -36.30 -13.86
C ALA G 113 -63.24 -35.43 -13.80
N LEU G 114 -62.40 -35.42 -14.84
CA LEU G 114 -61.26 -34.53 -14.85
C LEU G 114 -61.66 -33.09 -15.14
N LEU G 115 -62.86 -32.87 -15.68
CA LEU G 115 -63.41 -31.52 -15.77
C LEU G 115 -63.78 -30.96 -14.41
N ASP G 116 -63.90 -31.82 -13.41
CA ASP G 116 -64.12 -31.43 -12.02
C ASP G 116 -62.82 -31.21 -11.28
N GLY G 117 -61.68 -31.18 -11.97
CA GLY G 117 -60.40 -31.08 -11.29
C GLY G 117 -60.20 -29.72 -10.65
N LYS G 118 -60.51 -28.67 -11.38
CA LYS G 118 -60.70 -27.38 -10.76
C LYS G 118 -62.07 -27.37 -10.10
N SER G 119 -62.22 -26.56 -9.04
CA SER G 119 -63.34 -26.41 -8.12
C SER G 119 -63.48 -27.57 -7.14
N ARG G 120 -62.71 -28.62 -7.32
CA ARG G 120 -62.49 -29.61 -6.29
C ARG G 120 -61.12 -29.48 -5.64
N PHE G 121 -60.12 -29.06 -6.40
CA PHE G 121 -58.76 -29.03 -5.89
C PHE G 121 -57.94 -27.82 -6.35
N ASN G 122 -58.53 -26.90 -7.11
CA ASN G 122 -57.84 -25.77 -7.76
C ASN G 122 -56.69 -26.28 -8.64
N ALA G 123 -56.99 -27.27 -9.46
CA ALA G 123 -55.99 -27.88 -10.35
C ALA G 123 -56.69 -28.26 -11.64
N GLN G 124 -56.68 -27.36 -12.62
CA GLN G 124 -57.33 -27.59 -13.90
C GLN G 124 -56.35 -28.27 -14.84
N PRO G 125 -56.54 -29.55 -15.18
CA PRO G 125 -55.48 -30.38 -15.76
C PRO G 125 -55.03 -29.93 -17.14
N ARG G 126 -53.76 -29.52 -17.24
CA ARG G 126 -53.14 -29.11 -18.49
C ARG G 126 -52.59 -30.28 -19.28
N LEU G 127 -52.54 -31.47 -18.70
CA LEU G 127 -52.07 -32.66 -19.39
C LEU G 127 -53.02 -33.81 -19.09
N LEU G 128 -53.43 -34.52 -20.13
CA LEU G 128 -54.40 -35.59 -20.01
C LEU G 128 -53.75 -36.89 -20.45
N VAL G 129 -53.84 -37.90 -19.60
CA VAL G 129 -53.19 -39.17 -19.85
C VAL G 129 -54.12 -40.29 -19.39
N ALA G 130 -54.29 -41.30 -20.25
CA ALA G 130 -55.06 -42.49 -19.92
C ALA G 130 -54.18 -43.68 -20.31
N PRO G 131 -53.33 -44.15 -19.39
CA PRO G 131 -52.27 -45.10 -19.78
C PRO G 131 -52.82 -46.49 -20.08
N GLY G 132 -52.56 -46.95 -21.30
CA GLY G 132 -53.02 -48.25 -21.74
C GLY G 132 -54.41 -48.24 -22.36
N HIS G 133 -55.17 -47.18 -22.16
CA HIS G 133 -56.53 -47.09 -22.66
C HIS G 133 -56.67 -46.14 -23.84
N SER G 134 -55.69 -45.27 -24.07
CA SER G 134 -55.75 -44.36 -25.20
C SER G 134 -55.45 -45.02 -26.52
N ALA G 135 -55.07 -46.30 -26.50
CA ALA G 135 -54.88 -47.06 -27.73
C ALA G 135 -56.19 -47.40 -28.41
N GLN G 136 -57.30 -47.41 -27.68
CA GLN G 136 -58.60 -47.59 -28.31
C GLN G 136 -59.06 -46.26 -28.89
N GLN G 137 -59.76 -46.34 -30.03
CA GLN G 137 -60.08 -45.15 -30.78
C GLN G 137 -61.23 -44.37 -30.16
N ALA G 138 -62.05 -45.03 -29.32
CA ALA G 138 -63.14 -44.35 -28.65
C ALA G 138 -62.66 -43.53 -27.46
N VAL G 139 -61.72 -44.06 -26.69
CA VAL G 139 -61.15 -43.33 -25.57
C VAL G 139 -60.35 -42.14 -26.06
N ALA G 140 -59.57 -42.34 -27.13
CA ALA G 140 -58.75 -41.28 -27.68
C ALA G 140 -59.56 -40.19 -28.39
N THR G 141 -60.84 -40.41 -28.63
CA THR G 141 -61.72 -39.33 -29.04
C THR G 141 -62.32 -38.61 -27.83
N ALA G 142 -62.59 -39.34 -26.75
CA ALA G 142 -62.98 -38.69 -25.51
C ALA G 142 -61.83 -37.92 -24.89
N MET G 143 -60.60 -38.39 -25.08
CA MET G 143 -59.42 -37.60 -24.74
C MET G 143 -59.38 -36.32 -25.56
N ASP G 144 -59.78 -36.41 -26.83
CA ASP G 144 -59.69 -35.29 -27.76
C ASP G 144 -60.69 -34.19 -27.39
N GLY G 145 -61.97 -34.55 -27.32
CA GLY G 145 -63.01 -33.58 -27.03
C GLY G 145 -62.92 -32.97 -25.64
N LEU G 146 -62.28 -33.67 -24.70
CA LEU G 146 -62.07 -33.12 -23.38
C LEU G 146 -60.81 -32.29 -23.30
N ALA G 147 -59.81 -32.58 -24.13
CA ALA G 147 -58.66 -31.68 -24.21
C ALA G 147 -59.03 -30.37 -24.89
N GLU G 148 -60.04 -30.38 -25.76
CA GLU G 148 -60.51 -29.15 -26.36
C GLU G 148 -61.28 -28.31 -25.34
N LYS G 149 -62.08 -28.96 -24.50
CA LYS G 149 -62.81 -28.25 -23.45
C LYS G 149 -61.84 -27.72 -22.39
N LEU G 150 -61.05 -28.61 -21.81
CA LEU G 150 -60.20 -28.28 -20.68
C LEU G 150 -58.96 -27.49 -21.10
N ARG G 151 -58.77 -27.31 -22.41
CA ARG G 151 -57.65 -26.58 -23.01
C ARG G 151 -56.31 -27.16 -22.57
N ALA G 152 -56.10 -28.40 -22.98
CA ALA G 152 -54.95 -29.19 -22.56
C ALA G 152 -54.39 -29.90 -23.78
N ILE G 153 -53.36 -30.69 -23.56
CA ILE G 153 -52.83 -31.60 -24.56
C ILE G 153 -53.02 -33.01 -24.03
N ALA G 154 -53.77 -33.81 -24.78
CA ALA G 154 -53.93 -35.21 -24.43
C ALA G 154 -52.77 -35.99 -25.01
N ILE G 155 -52.17 -36.85 -24.20
CA ILE G 155 -51.04 -37.66 -24.63
C ILE G 155 -51.55 -39.08 -24.87
N LEU G 156 -51.63 -39.45 -26.14
CA LEU G 156 -52.12 -40.75 -26.53
C LEU G 156 -50.99 -41.76 -26.54
N ASP G 157 -51.31 -42.98 -26.96
CA ASP G 157 -50.31 -43.98 -27.31
C ASP G 157 -50.95 -44.98 -28.26
N GLY G 158 -50.12 -45.57 -29.10
CA GLY G 158 -50.60 -46.55 -30.03
C GLY G 158 -50.64 -47.92 -29.39
N PRO G 159 -50.74 -48.96 -30.20
CA PRO G 159 -50.67 -50.31 -29.67
C PRO G 159 -49.23 -50.76 -29.50
N ASN G 160 -49.07 -52.02 -29.07
CA ASN G 160 -47.78 -52.66 -28.96
C ASN G 160 -47.27 -53.14 -30.31
N SER G 161 -48.08 -53.03 -31.36
CA SER G 161 -47.82 -53.65 -32.64
C SER G 161 -46.78 -52.88 -33.45
N THR G 162 -46.72 -53.16 -34.74
CA THR G 162 -45.69 -52.64 -35.63
C THR G 162 -45.84 -51.14 -35.86
N ASP G 163 -44.95 -50.61 -36.71
CA ASP G 163 -44.99 -49.21 -37.07
C ASP G 163 -46.22 -48.86 -37.89
N GLU G 164 -46.68 -49.79 -38.72
CA GLU G 164 -47.82 -49.49 -39.57
C GLU G 164 -49.12 -49.48 -38.80
N ALA G 165 -49.19 -50.23 -37.70
CA ALA G 165 -50.34 -50.12 -36.82
C ALA G 165 -50.34 -48.82 -36.06
N ALA G 166 -49.18 -48.18 -35.90
CA ALA G 166 -49.12 -46.86 -35.29
C ALA G 166 -49.48 -45.77 -36.29
N VAL G 167 -49.02 -45.92 -37.54
CA VAL G 167 -49.31 -44.92 -38.56
C VAL G 167 -50.80 -44.93 -38.91
N ALA G 168 -51.37 -46.12 -39.09
CA ALA G 168 -52.79 -46.23 -39.43
C ALA G 168 -53.69 -45.82 -38.28
N TYR G 169 -53.21 -45.91 -37.04
CA TYR G 169 -53.95 -45.39 -35.90
C TYR G 169 -53.79 -43.89 -35.75
N ALA G 170 -52.70 -43.32 -36.25
CA ALA G 170 -52.51 -41.88 -36.20
C ALA G 170 -53.25 -41.15 -37.32
N LYS G 171 -53.72 -41.87 -38.33
CA LYS G 171 -54.52 -41.24 -39.37
C LYS G 171 -55.98 -41.10 -38.96
N ASN G 172 -56.37 -41.66 -37.82
CA ASN G 172 -57.71 -41.46 -37.30
C ASN G 172 -57.90 -40.12 -36.63
N PHE G 173 -56.84 -39.32 -36.51
CA PHE G 173 -56.93 -38.06 -35.78
C PHE G 173 -56.23 -36.97 -36.56
N GLY G 174 -56.92 -35.85 -36.71
CA GLY G 174 -56.31 -34.65 -37.23
C GLY G 174 -56.50 -33.51 -36.25
N SER G 175 -56.37 -33.81 -34.96
CA SER G 175 -56.68 -32.86 -33.91
C SER G 175 -55.43 -32.21 -33.35
N LYS G 176 -55.57 -30.93 -33.04
CA LYS G 176 -54.45 -30.11 -32.58
C LYS G 176 -53.97 -30.54 -31.20
N ARG G 177 -54.87 -30.96 -30.33
CA ARG G 177 -54.56 -31.19 -28.93
C ARG G 177 -54.09 -32.60 -28.64
N LEU G 178 -53.78 -33.40 -29.65
CA LEU G 178 -53.39 -34.78 -29.46
C LEU G 178 -51.90 -34.96 -29.71
N PHE G 179 -51.26 -35.79 -28.88
CA PHE G 179 -49.83 -35.99 -28.93
C PHE G 179 -49.58 -37.48 -28.71
N MET G 180 -49.34 -38.22 -29.79
CA MET G 180 -49.21 -39.66 -29.69
C MET G 180 -47.76 -40.03 -29.44
N VAL G 181 -47.54 -40.91 -28.47
CA VAL G 181 -46.24 -41.53 -28.22
C VAL G 181 -46.45 -43.03 -28.39
N ASP G 182 -46.04 -43.58 -29.53
CA ASP G 182 -46.40 -44.97 -29.78
C ASP G 182 -45.61 -46.05 -29.03
N PRO G 183 -44.27 -46.10 -29.03
CA PRO G 183 -43.60 -47.28 -28.48
C PRO G 183 -43.72 -47.32 -26.96
N GLY G 184 -44.13 -48.47 -26.45
CA GLY G 184 -44.28 -48.62 -25.02
C GLY G 184 -42.94 -48.66 -24.31
N VAL G 185 -43.00 -48.40 -23.05
CA VAL G 185 -41.84 -48.46 -22.17
C VAL G 185 -41.70 -49.86 -21.60
N GLN G 186 -40.46 -50.36 -21.58
CA GLN G 186 -40.13 -51.63 -20.95
C GLN G 186 -39.37 -51.28 -19.67
N VAL G 187 -40.04 -51.37 -18.54
CA VAL G 187 -39.49 -50.96 -17.25
C VAL G 187 -39.25 -52.18 -16.38
N TRP G 188 -38.13 -52.19 -15.67
CA TRP G 188 -37.76 -53.35 -14.86
C TRP G 188 -38.62 -53.41 -13.60
N ASP G 189 -39.34 -54.51 -13.43
CA ASP G 189 -40.17 -54.73 -12.26
C ASP G 189 -39.34 -55.36 -11.16
N SER G 190 -39.45 -54.82 -9.94
CA SER G 190 -38.68 -55.36 -8.83
C SER G 190 -39.24 -56.68 -8.32
N ALA G 191 -40.55 -56.87 -8.44
CA ALA G 191 -41.19 -58.07 -7.90
C ALA G 191 -40.87 -59.29 -8.75
N THR G 192 -41.22 -59.24 -10.03
CA THR G 192 -40.93 -60.35 -10.93
C THR G 192 -39.47 -60.45 -11.32
N ASN G 193 -38.66 -59.43 -10.98
CA ASN G 193 -37.23 -59.34 -11.29
C ASN G 193 -36.98 -59.47 -12.80
N ALA G 194 -37.87 -58.88 -13.58
CA ALA G 194 -37.76 -58.83 -15.03
C ALA G 194 -38.32 -57.50 -15.51
N ALA G 195 -38.37 -57.34 -16.82
CA ALA G 195 -38.75 -56.08 -17.44
C ALA G 195 -40.23 -56.13 -17.80
N ARG G 196 -41.01 -55.30 -17.11
CA ARG G 196 -42.45 -55.19 -17.32
C ARG G 196 -42.73 -54.12 -18.37
N ASN G 197 -43.73 -54.37 -19.22
CA ASN G 197 -44.12 -53.34 -20.16
C ASN G 197 -44.90 -52.22 -19.47
N ALA G 198 -44.95 -51.07 -20.14
CA ALA G 198 -45.62 -49.88 -19.65
C ALA G 198 -46.04 -49.10 -20.88
N PRO G 199 -47.20 -48.45 -20.86
CA PRO G 199 -47.74 -47.84 -22.08
C PRO G 199 -47.15 -46.49 -22.46
N ALA G 200 -46.17 -45.97 -21.71
CA ALA G 200 -45.33 -44.82 -22.06
C ALA G 200 -46.06 -43.49 -22.20
N SER G 201 -47.36 -43.43 -21.92
CA SER G 201 -48.05 -42.15 -21.95
C SER G 201 -47.77 -41.36 -20.68
N ALA G 202 -47.68 -42.06 -19.54
CA ALA G 202 -47.41 -41.37 -18.29
C ALA G 202 -45.95 -40.93 -18.19
N TYR G 203 -45.05 -41.63 -18.88
CA TYR G 203 -43.66 -41.20 -18.92
C TYR G 203 -43.47 -39.97 -19.78
N ALA G 204 -44.31 -39.80 -20.80
CA ALA G 204 -44.31 -38.55 -21.56
C ALA G 204 -44.84 -37.40 -20.72
N ALA G 205 -45.91 -37.65 -19.95
CA ALA G 205 -46.57 -36.58 -19.22
C ALA G 205 -45.74 -36.12 -18.03
N GLY G 206 -44.91 -36.99 -17.46
CA GLY G 206 -44.01 -36.55 -16.41
C GLY G 206 -42.87 -35.71 -16.96
N LEU G 207 -42.44 -35.98 -18.18
CA LEU G 207 -41.42 -35.19 -18.84
C LEU G 207 -42.00 -33.93 -19.46
N PHE G 208 -43.28 -33.96 -19.82
CA PHE G 208 -43.93 -32.80 -20.39
C PHE G 208 -44.09 -31.73 -19.34
N ALA G 209 -44.31 -32.15 -18.09
CA ALA G 209 -44.45 -31.24 -16.95
C ALA G 209 -43.11 -30.88 -16.34
N TRP G 210 -42.09 -31.72 -16.54
CA TRP G 210 -40.75 -31.40 -16.07
C TRP G 210 -40.14 -30.28 -16.91
N THR G 211 -40.48 -30.22 -18.19
CA THR G 211 -39.93 -29.20 -19.08
C THR G 211 -40.47 -27.82 -18.73
N ASP G 212 -41.67 -27.76 -18.14
CA ASP G 212 -42.22 -26.50 -17.69
C ASP G 212 -41.45 -25.94 -16.51
N ALA G 213 -40.87 -26.82 -15.69
CA ALA G 213 -40.14 -26.36 -14.51
C ALA G 213 -38.81 -25.76 -14.88
N GLU G 214 -37.94 -26.54 -15.53
CA GLU G 214 -36.60 -26.02 -15.81
C GLU G 214 -36.58 -25.14 -17.05
N TYR G 215 -37.22 -25.56 -18.13
CA TYR G 215 -37.06 -24.87 -19.40
C TYR G 215 -38.22 -23.96 -19.78
N GLY G 216 -39.34 -24.04 -19.08
CA GLY G 216 -40.50 -23.24 -19.42
C GLY G 216 -41.40 -23.93 -20.41
N PHE G 217 -42.68 -23.52 -20.40
CA PHE G 217 -43.71 -24.19 -21.18
C PHE G 217 -43.56 -24.00 -22.68
N TRP G 218 -42.78 -23.01 -23.12
CA TRP G 218 -42.57 -22.80 -24.54
C TRP G 218 -41.51 -23.73 -25.11
N SER G 219 -40.72 -24.38 -24.27
CA SER G 219 -39.70 -25.28 -24.78
C SER G 219 -40.32 -26.60 -25.21
N SER G 220 -39.66 -27.25 -26.10
CA SER G 220 -40.22 -28.53 -26.49
C SER G 220 -39.69 -29.63 -25.60
N PRO G 221 -40.47 -30.67 -25.36
CA PRO G 221 -39.97 -31.80 -24.56
C PRO G 221 -39.28 -32.85 -25.41
N SER G 222 -38.89 -32.47 -26.61
CA SER G 222 -38.61 -33.38 -27.70
C SER G 222 -37.19 -33.91 -27.72
N ASN G 223 -36.38 -33.60 -26.73
CA ASN G 223 -35.07 -34.24 -26.65
C ASN G 223 -34.72 -34.54 -25.20
N LYS G 224 -35.67 -34.41 -24.29
CA LYS G 224 -35.39 -34.54 -22.87
C LYS G 224 -35.45 -36.00 -22.47
N GLU G 225 -35.01 -36.28 -21.25
CA GLU G 225 -34.62 -37.61 -20.81
C GLU G 225 -35.74 -38.22 -19.99
N ILE G 226 -36.26 -39.36 -20.43
CA ILE G 226 -37.25 -40.10 -19.66
C ILE G 226 -36.52 -40.91 -18.62
N LYS G 227 -36.88 -40.72 -17.36
CA LYS G 227 -36.18 -41.39 -16.27
C LYS G 227 -37.02 -42.52 -15.68
N GLY G 228 -36.33 -43.53 -15.17
CA GLY G 228 -36.98 -44.68 -14.58
C GLY G 228 -37.32 -45.78 -15.55
N VAL G 229 -36.71 -45.79 -16.73
CA VAL G 229 -37.05 -46.72 -17.80
C VAL G 229 -35.79 -47.47 -18.22
N THR G 230 -35.99 -48.66 -18.77
CA THR G 230 -34.89 -49.54 -19.14
C THR G 230 -34.90 -49.95 -20.59
N GLY G 231 -35.86 -49.49 -21.38
CA GLY G 231 -35.93 -49.86 -22.78
C GLY G 231 -37.32 -49.64 -23.30
N THR G 232 -37.46 -49.81 -24.61
CA THR G 232 -38.75 -49.67 -25.25
C THR G 232 -39.26 -51.04 -25.69
N SER G 233 -40.55 -51.07 -26.05
CA SER G 233 -41.17 -52.32 -26.47
C SER G 233 -40.66 -52.74 -27.84
N ARG G 234 -40.39 -51.77 -28.70
CA ARG G 234 -39.76 -52.00 -29.98
C ARG G 234 -38.54 -51.09 -30.07
N PRO G 235 -37.44 -51.57 -30.66
CA PRO G 235 -36.27 -50.70 -30.82
C PRO G 235 -36.55 -49.67 -31.91
N VAL G 236 -36.45 -48.40 -31.56
CA VAL G 236 -36.74 -47.32 -32.49
C VAL G 236 -35.42 -46.76 -33.00
N GLU G 237 -35.38 -46.50 -34.29
CA GLU G 237 -34.17 -46.39 -35.09
C GLU G 237 -34.07 -44.97 -35.62
N PHE G 238 -33.26 -44.12 -34.99
CA PHE G 238 -32.98 -42.82 -35.56
C PHE G 238 -31.65 -42.85 -36.30
N LEU G 239 -31.74 -42.84 -37.62
CA LEU G 239 -30.61 -42.82 -38.55
C LEU G 239 -30.83 -41.70 -39.54
N ASP G 240 -29.90 -41.52 -40.47
CA ASP G 240 -30.01 -40.48 -41.48
C ASP G 240 -30.02 -41.11 -42.87
N GLY G 241 -29.97 -40.27 -43.89
CA GLY G 241 -29.76 -40.70 -45.25
C GLY G 241 -30.99 -40.81 -46.12
N ASP G 242 -32.05 -40.05 -45.83
CA ASP G 242 -33.34 -40.08 -46.55
C ASP G 242 -33.93 -41.50 -46.53
N GLU G 243 -33.81 -42.16 -45.39
CA GLU G 243 -34.10 -43.59 -45.30
C GLU G 243 -35.46 -43.83 -44.68
N THR G 244 -35.79 -45.11 -44.54
CA THR G 244 -37.00 -45.54 -43.84
C THR G 244 -36.66 -45.85 -42.38
N CYS G 245 -36.13 -44.82 -41.72
CA CYS G 245 -35.80 -44.92 -40.30
C CYS G 245 -37.09 -45.05 -39.51
N ARG G 246 -37.05 -45.86 -38.45
CA ARG G 246 -38.26 -46.06 -37.66
C ARG G 246 -38.62 -44.81 -36.87
N ALA G 247 -37.63 -44.03 -36.45
CA ALA G 247 -37.91 -42.75 -35.81
C ALA G 247 -38.39 -41.71 -36.80
N ASN G 248 -37.99 -41.81 -38.06
CA ASN G 248 -38.41 -40.84 -39.06
C ASN G 248 -39.71 -41.24 -39.71
N LEU G 249 -40.00 -42.54 -39.75
CA LEU G 249 -41.31 -42.99 -40.23
C LEU G 249 -42.41 -42.54 -39.30
N LEU G 250 -42.17 -42.64 -37.99
CA LEU G 250 -43.22 -42.31 -37.04
C LEU G 250 -43.34 -40.81 -36.82
N ASN G 251 -42.27 -40.04 -37.00
CA ASN G 251 -42.40 -38.60 -36.92
C ASN G 251 -43.21 -38.04 -38.09
N ASN G 252 -43.06 -38.64 -39.27
CA ASN G 252 -43.85 -38.18 -40.42
C ASN G 252 -45.30 -38.61 -40.35
N ALA G 253 -45.66 -39.48 -39.42
CA ALA G 253 -47.05 -39.74 -39.09
C ALA G 253 -47.48 -38.97 -37.85
N ASN G 254 -46.68 -37.97 -37.46
CA ASN G 254 -46.93 -37.08 -36.32
C ASN G 254 -46.98 -37.83 -34.99
N ILE G 255 -46.02 -38.72 -34.77
CA ILE G 255 -45.92 -39.51 -33.56
C ILE G 255 -44.55 -39.28 -32.94
N ALA G 256 -44.51 -38.97 -31.66
CA ALA G 256 -43.25 -38.93 -30.94
C ALA G 256 -42.81 -40.34 -30.55
N THR G 257 -41.50 -40.55 -30.53
CA THR G 257 -40.92 -41.84 -30.21
C THR G 257 -39.94 -41.70 -29.06
N ILE G 258 -39.30 -42.82 -28.74
CA ILE G 258 -38.22 -42.90 -27.75
C ILE G 258 -37.07 -43.63 -28.44
N ILE G 259 -35.90 -43.00 -28.53
CA ILE G 259 -34.98 -43.27 -29.63
C ILE G 259 -33.67 -43.93 -29.18
N ARG G 260 -33.07 -43.53 -28.07
CA ARG G 260 -31.70 -44.01 -27.84
C ARG G 260 -31.59 -44.69 -26.49
N ASP G 261 -30.46 -45.38 -26.29
CA ASP G 261 -29.78 -45.63 -25.00
C ASP G 261 -30.72 -46.24 -23.95
N ASP G 262 -31.16 -47.47 -24.23
CA ASP G 262 -32.13 -48.22 -23.42
C ASP G 262 -33.41 -47.42 -23.18
N GLY G 263 -33.92 -46.81 -24.24
CA GLY G 263 -35.08 -45.96 -24.13
C GLY G 263 -34.78 -44.69 -23.33
N TYR G 264 -34.12 -43.71 -23.93
CA TYR G 264 -33.58 -42.62 -23.12
C TYR G 264 -34.31 -41.31 -23.33
N ARG G 265 -34.70 -40.96 -24.55
CA ARG G 265 -35.17 -39.62 -24.87
C ARG G 265 -36.46 -39.66 -25.68
N LEU G 266 -37.46 -38.89 -25.23
CA LEU G 266 -38.62 -38.62 -26.07
C LEU G 266 -38.19 -37.80 -27.26
N TRP G 267 -38.78 -38.06 -28.42
CA TRP G 267 -38.13 -37.62 -29.64
C TRP G 267 -38.95 -36.67 -30.49
N GLY G 268 -40.19 -36.98 -30.83
CA GLY G 268 -40.94 -36.10 -31.70
C GLY G 268 -41.44 -34.85 -31.00
N ASN G 269 -41.81 -33.85 -31.81
CA ASN G 269 -42.48 -32.66 -31.29
C ASN G 269 -43.62 -32.17 -32.17
N ARG G 270 -44.07 -32.96 -33.14
CA ARG G 270 -45.27 -32.62 -33.88
C ARG G 270 -46.47 -33.17 -33.13
N THR G 271 -47.54 -32.37 -33.09
CA THR G 271 -48.82 -32.86 -32.60
C THR G 271 -49.59 -33.47 -33.78
N LEU G 272 -50.72 -34.09 -33.46
CA LEU G 272 -51.47 -34.79 -34.50
C LEU G 272 -52.40 -33.87 -35.28
N SER G 273 -51.92 -32.73 -35.73
CA SER G 273 -52.77 -31.74 -36.37
C SER G 273 -52.67 -31.85 -37.88
N SER G 274 -53.79 -31.59 -38.54
CA SER G 274 -53.86 -31.53 -39.98
C SER G 274 -53.59 -30.12 -40.52
N ASP G 275 -53.15 -29.21 -39.67
CA ASP G 275 -52.87 -27.84 -40.04
C ASP G 275 -51.41 -27.54 -39.73
N SER G 276 -50.68 -27.06 -40.73
CA SER G 276 -49.26 -26.73 -40.56
C SER G 276 -49.05 -25.49 -39.70
N LYS G 277 -50.10 -24.70 -39.45
CA LYS G 277 -49.99 -23.59 -38.53
C LYS G 277 -49.91 -24.08 -37.10
N TRP G 278 -50.47 -25.26 -36.82
CA TRP G 278 -50.46 -25.86 -35.49
C TRP G 278 -49.70 -27.17 -35.48
N ALA G 279 -48.53 -27.20 -36.12
CA ALA G 279 -47.79 -28.45 -36.25
C ALA G 279 -47.08 -28.82 -34.95
N PHE G 280 -46.40 -27.87 -34.33
CA PHE G 280 -45.57 -28.16 -33.17
C PHE G 280 -46.39 -28.05 -31.90
N VAL G 281 -46.04 -28.90 -30.91
CA VAL G 281 -46.64 -28.75 -29.60
C VAL G 281 -46.14 -27.52 -28.89
N THR G 282 -44.98 -26.99 -29.28
CA THR G 282 -44.54 -25.68 -28.83
C THR G 282 -45.57 -24.61 -29.15
N ARG G 283 -46.09 -24.61 -30.38
CA ARG G 283 -47.13 -23.68 -30.78
C ARG G 283 -48.41 -23.89 -30.00
N VAL G 284 -48.77 -25.14 -29.73
CA VAL G 284 -50.04 -25.41 -29.08
C VAL G 284 -49.94 -25.14 -27.58
N ARG G 285 -48.81 -25.48 -26.96
CA ARG G 285 -48.68 -25.30 -25.52
C ARG G 285 -48.44 -23.84 -25.15
N THR G 286 -47.73 -23.08 -25.99
CA THR G 286 -47.45 -21.68 -25.69
C THR G 286 -48.71 -20.86 -25.76
N MET G 287 -49.48 -21.01 -26.85
CA MET G 287 -50.75 -20.31 -27.01
C MET G 287 -51.74 -20.69 -25.92
N ASP G 288 -51.65 -21.93 -25.43
CA ASP G 288 -52.55 -22.38 -24.37
C ASP G 288 -52.15 -21.78 -23.03
N LEU G 289 -50.86 -21.68 -22.75
CA LEU G 289 -50.39 -21.19 -21.46
C LEU G 289 -49.88 -19.76 -21.50
N VAL G 290 -49.93 -19.08 -22.64
CA VAL G 290 -49.83 -17.62 -22.57
C VAL G 290 -51.15 -17.08 -22.05
N MET G 291 -52.26 -17.75 -22.34
CA MET G 291 -53.54 -17.19 -21.96
C MET G 291 -53.87 -17.55 -20.53
N ASP G 292 -53.49 -18.74 -20.08
CA ASP G 292 -53.71 -19.13 -18.69
C ASP G 292 -52.89 -18.28 -17.73
N ALA G 293 -51.80 -17.67 -18.19
CA ALA G 293 -51.12 -16.66 -17.38
C ALA G 293 -51.79 -15.30 -17.54
N ILE G 294 -52.31 -15.01 -18.74
CA ILE G 294 -53.06 -13.79 -18.97
C ILE G 294 -54.38 -13.80 -18.19
N LEU G 295 -55.10 -14.92 -18.23
CA LEU G 295 -56.39 -14.97 -17.54
C LEU G 295 -56.20 -15.00 -16.03
N ALA G 296 -55.40 -15.93 -15.53
CA ALA G 296 -55.10 -15.97 -14.10
C ALA G 296 -54.10 -14.87 -13.83
N GLY G 297 -54.62 -13.68 -13.55
CA GLY G 297 -53.82 -12.47 -13.50
C GLY G 297 -54.62 -11.29 -13.95
N HIS G 298 -55.71 -11.56 -14.67
CA HIS G 298 -56.71 -10.57 -15.02
C HIS G 298 -58.09 -11.08 -14.65
N LYS G 299 -58.22 -11.57 -13.42
CA LYS G 299 -59.50 -11.96 -12.88
C LYS G 299 -60.33 -10.76 -12.41
N TRP G 300 -59.75 -9.57 -12.40
CA TRP G 300 -60.47 -8.36 -12.01
C TRP G 300 -61.29 -7.76 -13.15
N ALA G 301 -61.27 -8.37 -14.34
CA ALA G 301 -61.94 -7.81 -15.50
C ALA G 301 -63.31 -8.40 -15.76
N VAL G 302 -63.82 -9.24 -14.86
CA VAL G 302 -65.16 -9.81 -15.00
C VAL G 302 -66.15 -9.15 -14.06
N ASP G 303 -65.70 -8.79 -12.86
CA ASP G 303 -66.29 -7.72 -12.08
C ASP G 303 -65.73 -6.39 -12.58
N ARG G 304 -65.81 -5.34 -11.75
CA ARG G 304 -65.30 -4.00 -12.05
C ARG G 304 -66.02 -3.44 -13.29
N GLY G 305 -67.28 -3.08 -13.05
CA GLY G 305 -68.16 -2.41 -14.00
C GLY G 305 -67.51 -1.31 -14.81
N ILE G 306 -67.94 -1.19 -16.07
CA ILE G 306 -67.18 -0.52 -17.11
C ILE G 306 -67.19 0.98 -16.86
N THR G 307 -66.03 1.54 -16.55
CA THR G 307 -65.80 2.96 -16.47
C THR G 307 -65.18 3.41 -17.79
N LYS G 308 -64.74 4.68 -17.84
CA LYS G 308 -64.18 5.23 -19.07
C LYS G 308 -62.85 4.58 -19.42
N THR G 309 -61.96 4.45 -18.43
CA THR G 309 -60.65 3.85 -18.65
C THR G 309 -60.62 2.39 -18.26
N TYR G 310 -61.73 1.67 -18.42
CA TYR G 310 -61.70 0.23 -18.26
C TYR G 310 -60.93 -0.43 -19.38
N VAL G 311 -61.20 -0.02 -20.62
CA VAL G 311 -60.56 -0.65 -21.77
C VAL G 311 -59.08 -0.26 -21.86
N LYS G 312 -58.70 0.90 -21.31
CA LYS G 312 -57.29 1.28 -21.31
C LYS G 312 -56.53 0.58 -20.21
N ASP G 313 -57.15 0.38 -19.04
CA ASP G 313 -56.47 -0.28 -17.94
C ASP G 313 -56.34 -1.77 -18.15
N VAL G 314 -57.08 -2.35 -19.09
CA VAL G 314 -56.87 -3.76 -19.42
C VAL G 314 -55.72 -3.90 -20.41
N THR G 315 -55.63 -3.03 -21.42
CA THR G 315 -54.55 -3.11 -22.40
C THR G 315 -53.19 -2.92 -21.75
N GLU G 316 -53.05 -1.90 -20.91
CA GLU G 316 -51.79 -1.71 -20.21
C GLU G 316 -51.56 -2.77 -19.15
N GLY G 317 -52.62 -3.44 -18.69
CA GLY G 317 -52.46 -4.62 -17.87
C GLY G 317 -52.11 -5.82 -18.71
N LEU G 318 -52.71 -5.93 -19.91
CA LEU G 318 -52.37 -7.03 -20.79
C LEU G 318 -50.95 -6.90 -21.33
N ARG G 319 -50.52 -5.67 -21.65
CA ARG G 319 -49.16 -5.47 -22.12
C ARG G 319 -48.14 -5.72 -21.02
N ALA G 320 -48.51 -5.50 -19.76
CA ALA G 320 -47.57 -5.67 -18.67
C ALA G 320 -47.36 -7.14 -18.33
N PHE G 321 -48.42 -7.94 -18.40
CA PHE G 321 -48.30 -9.38 -18.21
C PHE G 321 -47.94 -10.10 -19.49
N MET G 322 -47.48 -9.37 -20.50
CA MET G 322 -47.02 -9.93 -21.75
C MET G 322 -45.58 -9.55 -22.04
N ARG G 323 -45.09 -8.45 -21.47
CA ARG G 323 -43.68 -8.14 -21.47
C ARG G 323 -42.93 -8.93 -20.41
N ASP G 324 -43.64 -9.52 -19.44
CA ASP G 324 -43.06 -10.50 -18.55
C ASP G 324 -42.83 -11.82 -19.28
N LEU G 325 -43.61 -12.06 -20.34
CA LEU G 325 -43.45 -13.27 -21.12
C LEU G 325 -42.40 -13.09 -22.21
N LYS G 326 -42.25 -11.87 -22.74
CA LYS G 326 -41.16 -11.62 -23.67
C LYS G 326 -39.83 -11.56 -22.94
N ASN G 327 -39.86 -11.22 -21.65
CA ASN G 327 -38.64 -11.14 -20.87
C ASN G 327 -38.03 -12.53 -20.66
N GLN G 328 -38.86 -13.49 -20.26
CA GLN G 328 -38.35 -14.83 -19.97
C GLN G 328 -38.27 -15.69 -21.22
N GLY G 329 -38.68 -15.19 -22.37
CA GLY G 329 -38.46 -15.88 -23.62
C GLY G 329 -39.61 -16.70 -24.14
N ALA G 330 -40.83 -16.48 -23.64
CA ALA G 330 -41.95 -17.28 -24.09
C ALA G 330 -42.41 -16.84 -25.47
N VAL G 331 -42.39 -15.54 -25.73
CA VAL G 331 -42.80 -14.96 -27.00
C VAL G 331 -41.63 -14.15 -27.52
N ILE G 332 -41.83 -13.54 -28.69
CA ILE G 332 -40.92 -12.55 -29.25
C ILE G 332 -41.75 -11.44 -29.90
N ASN G 333 -41.74 -10.26 -29.28
CA ASN G 333 -42.36 -9.03 -29.79
C ASN G 333 -43.87 -9.19 -30.01
N PHE G 334 -44.59 -9.34 -28.91
CA PHE G 334 -46.05 -9.36 -28.90
C PHE G 334 -46.70 -8.10 -29.47
N GLU G 335 -48.03 -8.11 -29.54
CA GLU G 335 -48.80 -6.91 -29.90
C GLU G 335 -50.17 -7.00 -29.27
N VAL G 336 -50.49 -6.06 -28.38
CA VAL G 336 -51.77 -6.04 -27.68
C VAL G 336 -52.43 -4.70 -27.93
N TYR G 337 -53.69 -4.72 -28.34
CA TYR G 337 -54.45 -3.49 -28.53
C TYR G 337 -55.94 -3.77 -28.49
N ALA G 338 -56.71 -2.79 -28.06
CA ALA G 338 -58.16 -2.90 -28.09
C ALA G 338 -58.65 -2.86 -29.52
N ASP G 339 -59.63 -3.69 -29.81
CA ASP G 339 -60.15 -3.83 -31.17
C ASP G 339 -60.98 -2.60 -31.52
N PRO G 340 -60.52 -1.75 -32.45
CA PRO G 340 -61.24 -0.49 -32.67
C PRO G 340 -62.54 -0.63 -33.43
N ASP G 341 -62.70 -1.72 -34.19
CA ASP G 341 -63.86 -1.89 -35.05
C ASP G 341 -65.03 -2.57 -34.35
N LEU G 342 -64.79 -3.30 -33.27
CA LEU G 342 -65.84 -4.07 -32.63
C LEU G 342 -66.14 -3.63 -31.19
N ASN G 343 -65.63 -2.49 -30.74
CA ASN G 343 -65.98 -1.96 -29.43
C ASN G 343 -67.06 -0.91 -29.62
N SER G 344 -68.28 -1.37 -29.85
CA SER G 344 -69.44 -0.52 -29.92
C SER G 344 -69.91 -0.16 -28.52
N ALA G 345 -70.95 0.66 -28.45
CA ALA G 345 -71.65 0.88 -27.20
C ALA G 345 -72.82 -0.07 -27.04
N SER G 346 -73.36 -0.60 -28.13
CA SER G 346 -74.33 -1.67 -28.03
C SER G 346 -73.69 -2.96 -27.52
N GLN G 347 -72.41 -3.17 -27.83
CA GLN G 347 -71.67 -4.28 -27.22
C GLN G 347 -71.35 -3.98 -25.76
N LEU G 348 -71.15 -2.71 -25.43
CA LEU G 348 -70.74 -2.33 -24.09
C LEU G 348 -71.91 -2.35 -23.12
N ALA G 349 -73.14 -2.20 -23.62
CA ALA G 349 -74.30 -2.36 -22.76
C ALA G 349 -74.50 -3.83 -22.39
N GLN G 350 -74.09 -4.74 -23.24
CA GLN G 350 -74.11 -6.16 -22.93
C GLN G 350 -72.93 -6.60 -22.10
N GLY G 351 -71.97 -5.72 -21.84
CA GLY G 351 -70.78 -6.07 -21.11
C GLY G 351 -69.66 -6.62 -21.94
N LYS G 352 -69.81 -6.63 -23.27
CA LYS G 352 -68.78 -7.18 -24.13
C LYS G 352 -67.82 -6.07 -24.57
N VAL G 353 -66.54 -6.41 -24.61
CA VAL G 353 -65.47 -5.48 -24.98
C VAL G 353 -64.27 -6.31 -25.44
N TYR G 354 -63.68 -5.97 -26.59
CA TYR G 354 -62.80 -6.91 -27.27
C TYR G 354 -61.37 -6.40 -27.28
N TRP G 355 -60.42 -7.33 -27.37
CA TRP G 355 -59.01 -7.00 -27.44
C TRP G 355 -58.32 -7.96 -28.40
N ASN G 356 -57.17 -7.54 -28.92
CA ASN G 356 -56.41 -8.30 -29.91
C ASN G 356 -55.00 -8.52 -29.39
N ILE G 357 -54.61 -9.79 -29.26
CA ILE G 357 -53.41 -10.19 -28.50
C ILE G 357 -52.45 -10.98 -29.39
N ARG G 358 -52.19 -10.49 -30.60
CA ARG G 358 -51.21 -11.10 -31.50
C ARG G 358 -49.83 -11.26 -30.85
N PHE G 359 -49.19 -12.40 -31.10
CA PHE G 359 -47.81 -12.61 -30.68
C PHE G 359 -47.13 -13.62 -31.60
N THR G 360 -45.82 -13.76 -31.43
CA THR G 360 -45.01 -14.71 -32.19
C THR G 360 -44.36 -15.69 -31.23
N ASP G 361 -44.51 -16.98 -31.50
CA ASP G 361 -43.95 -18.02 -30.67
C ASP G 361 -42.52 -18.32 -31.10
N VAL G 362 -41.73 -18.85 -30.17
CA VAL G 362 -40.34 -19.21 -30.46
C VAL G 362 -40.34 -20.55 -31.20
N PRO G 363 -39.62 -20.66 -32.32
CA PRO G 363 -39.61 -21.90 -33.09
C PRO G 363 -38.62 -22.90 -32.50
N PRO G 364 -38.98 -24.17 -32.46
CA PRO G 364 -38.02 -25.19 -32.02
C PRO G 364 -37.05 -25.56 -33.13
N ALA G 365 -35.81 -25.84 -32.72
CA ALA G 365 -34.74 -26.17 -33.67
C ALA G 365 -34.90 -27.63 -34.07
N GLU G 366 -35.85 -27.86 -34.97
CA GLU G 366 -36.30 -29.23 -35.27
C GLU G 366 -35.26 -29.98 -36.09
N ASN G 367 -34.58 -29.30 -37.01
CA ASN G 367 -33.71 -29.96 -37.97
C ASN G 367 -32.44 -29.15 -38.19
N PRO G 368 -31.43 -29.33 -37.34
CA PRO G 368 -30.12 -28.76 -37.65
C PRO G 368 -29.46 -29.54 -38.76
N ASN G 369 -28.87 -28.83 -39.71
CA ASN G 369 -28.35 -29.44 -40.92
C ASN G 369 -26.86 -29.18 -41.03
N PHE G 370 -26.08 -30.24 -41.11
CA PHE G 370 -24.63 -30.17 -41.20
C PHE G 370 -24.22 -30.56 -42.61
N ARG G 371 -23.57 -29.64 -43.31
CA ARG G 371 -23.11 -29.88 -44.68
C ARG G 371 -21.61 -30.09 -44.62
N VAL G 372 -21.21 -31.33 -44.47
CA VAL G 372 -19.82 -31.68 -44.19
C VAL G 372 -19.13 -32.12 -45.48
N GLU G 373 -17.88 -31.70 -45.65
CA GLU G 373 -17.11 -31.97 -46.86
C GLU G 373 -15.67 -32.29 -46.48
N VAL G 374 -15.11 -33.32 -47.13
CA VAL G 374 -13.70 -33.64 -46.99
C VAL G 374 -12.97 -33.03 -48.18
N THR G 375 -12.02 -32.15 -47.90
CA THR G 375 -11.27 -31.46 -48.93
C THR G 375 -9.79 -31.85 -48.86
N ASP G 376 -9.06 -31.54 -49.92
CA ASP G 376 -7.61 -31.58 -49.92
C ASP G 376 -7.03 -30.18 -49.97
N GLN G 377 -7.77 -29.21 -49.43
CA GLN G 377 -7.32 -27.82 -49.45
C GLN G 377 -6.11 -27.62 -48.54
N TRP G 378 -6.20 -28.09 -47.30
CA TRP G 378 -5.09 -27.96 -46.37
C TRP G 378 -4.20 -29.19 -46.39
N LEU G 379 -3.86 -29.65 -47.58
CA LEU G 379 -2.89 -30.71 -47.74
C LEU G 379 -1.51 -30.15 -48.05
N THR G 380 -1.46 -28.89 -48.49
CA THR G 380 -0.22 -28.17 -48.72
C THR G 380 0.12 -27.20 -47.61
N GLU G 381 -0.90 -26.62 -46.96
CA GLU G 381 -0.71 -25.67 -45.88
C GLU G 381 0.03 -26.30 -44.70
N VAL G 382 -0.17 -27.59 -44.50
CA VAL G 382 0.66 -28.38 -43.60
C VAL G 382 1.26 -29.49 -44.44
N LEU G 383 2.00 -30.39 -43.78
CA LEU G 383 2.60 -31.59 -44.38
C LEU G 383 3.62 -31.23 -45.46
N ASP G 384 4.37 -30.17 -45.23
CA ASP G 384 5.29 -29.67 -46.24
C ASP G 384 6.44 -28.97 -45.52
N VAL G 385 7.52 -28.73 -46.27
CA VAL G 385 8.67 -28.01 -45.73
C VAL G 385 8.27 -26.58 -45.38
N ALA G 386 7.49 -25.94 -46.24
CA ALA G 386 6.90 -24.60 -46.06
C ALA G 386 7.92 -23.50 -45.77
N SER H 2 -12.89 -6.85 70.33
CA SER H 2 -11.65 -6.31 69.77
C SER H 2 -11.68 -6.37 68.26
N PHE H 3 -10.56 -6.08 67.62
CA PHE H 3 -10.44 -6.16 66.18
C PHE H 3 -9.07 -6.73 65.83
N PHE H 4 -8.73 -6.66 64.55
CA PHE H 4 -7.42 -7.09 64.08
C PHE H 4 -6.99 -6.12 63.00
N HIS H 5 -5.70 -5.81 62.95
CA HIS H 5 -5.14 -4.99 61.90
C HIS H 5 -4.02 -5.75 61.23
N GLY H 6 -4.03 -5.74 59.91
CA GLY H 6 -3.17 -6.61 59.14
C GLY H 6 -3.96 -7.77 58.57
N VAL H 7 -3.24 -8.71 58.01
CA VAL H 7 -3.85 -9.84 57.31
C VAL H 7 -3.82 -11.08 58.19
N THR H 8 -4.98 -11.73 58.32
CA THR H 8 -5.05 -13.01 58.99
C THR H 8 -4.96 -14.13 57.97
N VAL H 9 -4.39 -15.26 58.39
CA VAL H 9 -4.59 -16.53 57.70
C VAL H 9 -5.25 -17.48 58.67
N THR H 10 -6.12 -18.33 58.15
CA THR H 10 -6.91 -19.22 58.99
C THR H 10 -7.02 -20.56 58.29
N ASN H 11 -6.54 -21.61 58.94
CA ASN H 11 -6.74 -22.97 58.45
C ASN H 11 -8.17 -23.36 58.77
N VAL H 12 -8.98 -23.55 57.74
CA VAL H 12 -10.38 -23.92 57.92
C VAL H 12 -10.81 -24.78 56.74
N ASP H 13 -11.48 -25.89 57.04
CA ASP H 13 -11.95 -26.81 56.01
C ASP H 13 -13.28 -26.33 55.46
N ILE H 14 -13.33 -26.07 54.16
CA ILE H 14 -14.56 -25.74 53.47
C ILE H 14 -14.64 -26.54 52.17
N GLY H 15 -15.77 -27.15 51.93
CA GLY H 15 -15.88 -28.27 51.01
C GLY H 15 -16.17 -28.03 49.54
N ALA H 16 -15.18 -27.59 48.76
CA ALA H 16 -15.17 -27.78 47.30
C ALA H 16 -16.33 -27.14 46.57
N ARG H 17 -16.27 -25.80 46.37
CA ARG H 17 -17.39 -24.93 45.99
C ARG H 17 -18.19 -25.46 44.80
N THR H 18 -19.45 -25.03 44.75
CA THR H 18 -20.52 -25.69 44.02
C THR H 18 -21.21 -24.73 43.07
N ILE H 19 -20.39 -24.10 42.20
CA ILE H 19 -20.82 -23.06 41.26
C ILE H 19 -22.02 -23.51 40.43
N ALA H 20 -23.00 -22.61 40.32
CA ALA H 20 -24.23 -22.86 39.62
C ALA H 20 -24.67 -21.55 38.98
N LEU H 21 -25.46 -21.66 37.92
CA LEU H 21 -25.99 -20.46 37.30
C LEU H 21 -27.02 -19.82 38.22
N PRO H 22 -26.95 -18.51 38.43
CA PRO H 22 -27.98 -17.82 39.23
C PRO H 22 -29.30 -17.78 38.48
N ALA H 23 -30.33 -18.37 39.06
CA ALA H 23 -31.64 -18.49 38.45
C ALA H 23 -32.61 -17.48 39.05
N SER H 24 -33.64 -17.14 38.27
CA SER H 24 -34.66 -16.20 38.72
C SER H 24 -35.90 -16.87 39.27
N SER H 25 -36.06 -18.18 39.07
CA SER H 25 -37.24 -18.87 39.54
C SER H 25 -37.19 -19.03 41.05
N VAL H 26 -38.38 -19.03 41.67
CA VAL H 26 -38.53 -19.19 43.11
C VAL H 26 -39.18 -20.54 43.38
N ILE H 27 -38.79 -21.17 44.49
CA ILE H 27 -39.13 -22.56 44.79
C ILE H 27 -39.71 -22.61 46.20
N GLY H 28 -40.86 -23.28 46.34
CA GLY H 28 -41.50 -23.44 47.63
C GLY H 28 -41.17 -24.79 48.22
N LEU H 29 -40.48 -24.78 49.36
CA LEU H 29 -39.92 -25.98 49.95
C LEU H 29 -40.52 -26.18 51.34
N CYS H 30 -40.70 -27.44 51.71
CA CYS H 30 -41.34 -27.78 52.98
C CYS H 30 -40.89 -29.16 53.40
N ASP H 31 -40.19 -29.25 54.53
CA ASP H 31 -39.64 -30.51 55.01
C ASP H 31 -39.39 -30.36 56.51
N VAL H 32 -38.76 -31.37 57.12
CA VAL H 32 -38.64 -31.42 58.58
C VAL H 32 -37.28 -30.91 59.02
N PHE H 33 -37.25 -30.32 60.22
CA PHE H 33 -36.00 -29.92 60.84
C PHE H 33 -36.24 -29.88 62.34
N THR H 34 -35.16 -29.71 63.10
CA THR H 34 -35.27 -29.60 64.54
C THR H 34 -34.99 -28.17 64.96
N PRO H 35 -35.95 -27.47 65.55
CA PRO H 35 -35.67 -26.12 66.06
C PRO H 35 -34.78 -26.13 67.29
N GLY H 36 -33.53 -25.73 67.13
CA GLY H 36 -32.56 -25.79 68.20
C GLY H 36 -31.93 -24.44 68.43
N ALA H 37 -30.65 -24.45 68.78
CA ALA H 37 -29.92 -23.22 69.06
C ALA H 37 -29.45 -22.56 67.78
N GLN H 38 -28.63 -23.26 67.00
CA GLN H 38 -28.05 -22.68 65.79
C GLN H 38 -29.05 -22.57 64.66
N ALA H 39 -30.10 -23.38 64.67
CA ALA H 39 -31.19 -23.26 63.70
C ALA H 39 -32.00 -22.01 64.04
N SER H 40 -31.78 -20.94 63.30
CA SER H 40 -32.46 -19.67 63.57
C SER H 40 -33.72 -19.54 62.71
N ALA H 41 -34.62 -20.50 62.86
CA ALA H 41 -35.91 -20.45 62.17
C ALA H 41 -37.00 -20.94 63.11
N LYS H 42 -38.05 -20.15 63.25
CA LYS H 42 -39.27 -20.65 63.85
C LYS H 42 -39.90 -21.65 62.89
N PRO H 43 -40.60 -22.69 63.42
CA PRO H 43 -41.09 -23.77 62.57
C PRO H 43 -42.05 -23.39 61.44
N ASN H 44 -43.21 -22.83 61.74
CA ASN H 44 -44.16 -22.54 60.67
C ASN H 44 -44.05 -21.11 60.17
N VAL H 45 -42.82 -20.67 59.89
CA VAL H 45 -42.57 -19.34 59.37
C VAL H 45 -41.69 -19.49 58.12
N PRO H 46 -42.13 -19.03 56.96
CA PRO H 46 -41.29 -19.12 55.77
C PRO H 46 -40.13 -18.15 55.83
N VAL H 47 -38.99 -18.58 55.29
CA VAL H 47 -37.78 -17.77 55.22
C VAL H 47 -37.23 -17.82 53.80
N LEU H 48 -36.66 -16.71 53.34
CA LEU H 48 -36.09 -16.63 52.00
C LEU H 48 -34.63 -17.04 52.03
N LEU H 49 -34.25 -17.91 51.12
CA LEU H 49 -32.93 -18.53 51.09
C LEU H 49 -32.26 -18.22 49.76
N THR H 50 -30.98 -17.83 49.83
CA THR H 50 -30.18 -17.61 48.64
C THR H 50 -28.84 -18.33 48.66
N SER H 51 -28.56 -19.15 49.67
CA SER H 51 -27.25 -19.75 49.81
C SER H 51 -27.34 -21.03 50.62
N LYS H 52 -26.34 -21.90 50.46
CA LYS H 52 -26.21 -23.03 51.36
C LYS H 52 -25.87 -22.58 52.78
N LYS H 53 -25.17 -21.46 52.91
CA LYS H 53 -24.95 -20.89 54.24
C LYS H 53 -26.23 -20.36 54.82
N ASP H 54 -27.08 -19.74 54.00
CA ASP H 54 -28.36 -19.24 54.47
C ASP H 54 -29.34 -20.37 54.77
N ALA H 55 -29.13 -21.55 54.18
CA ALA H 55 -29.94 -22.72 54.49
C ALA H 55 -29.47 -23.41 55.76
N ALA H 56 -28.17 -23.36 56.05
CA ALA H 56 -27.62 -23.97 57.24
C ALA H 56 -27.54 -23.01 58.41
N ALA H 57 -27.84 -21.74 58.21
CA ALA H 57 -27.96 -20.84 59.35
C ALA H 57 -29.39 -20.78 59.87
N ALA H 58 -30.38 -20.84 58.96
CA ALA H 58 -31.76 -20.87 59.39
C ALA H 58 -32.15 -22.26 59.89
N PHE H 59 -31.72 -23.29 59.20
CA PHE H 59 -32.05 -24.66 59.54
C PHE H 59 -30.77 -25.38 59.93
N GLY H 60 -30.92 -26.55 60.52
CA GLY H 60 -29.76 -27.32 60.89
C GLY H 60 -29.04 -27.88 59.67
N ILE H 61 -27.73 -28.05 59.80
CA ILE H 61 -26.97 -28.64 58.71
C ILE H 61 -27.25 -30.14 58.60
N GLY H 62 -27.72 -30.76 59.67
CA GLY H 62 -28.17 -32.13 59.62
C GLY H 62 -29.65 -32.29 59.36
N SER H 63 -30.36 -31.21 59.03
CA SER H 63 -31.79 -31.27 58.85
C SER H 63 -32.15 -31.85 57.50
N SER H 64 -33.43 -32.11 57.31
CA SER H 64 -33.91 -32.55 56.00
C SER H 64 -34.31 -31.40 55.10
N ILE H 65 -34.52 -30.21 55.67
CA ILE H 65 -34.62 -28.99 54.86
C ILE H 65 -33.31 -28.76 54.11
N TYR H 66 -32.18 -28.79 54.84
CA TYR H 66 -30.90 -28.45 54.26
C TYR H 66 -30.46 -29.46 53.20
N LEU H 67 -30.81 -30.73 53.37
CA LEU H 67 -30.51 -31.72 52.35
C LEU H 67 -31.33 -31.47 51.09
N ALA H 68 -32.55 -30.94 51.25
CA ALA H 68 -33.33 -30.52 50.09
C ALA H 68 -32.80 -29.23 49.49
N CYS H 69 -32.27 -28.33 50.32
CA CYS H 69 -31.73 -27.08 49.82
C CYS H 69 -30.35 -27.26 49.22
N GLU H 70 -29.55 -28.20 49.73
CA GLU H 70 -28.31 -28.55 49.06
C GLU H 70 -28.58 -29.23 47.72
N ALA H 71 -29.70 -29.93 47.61
CA ALA H 71 -30.10 -30.57 46.36
C ALA H 71 -30.45 -29.57 45.28
N ILE H 72 -30.84 -28.35 45.65
CA ILE H 72 -31.19 -27.33 44.67
C ILE H 72 -29.99 -26.46 44.34
N TYR H 73 -29.19 -26.13 45.35
CA TYR H 73 -28.05 -25.24 45.16
C TYR H 73 -26.87 -25.90 44.44
N ASN H 74 -26.89 -27.21 44.26
CA ASN H 74 -25.89 -27.84 43.41
C ASN H 74 -26.16 -27.63 41.93
N ARG H 75 -27.36 -27.21 41.57
CA ARG H 75 -27.71 -27.03 40.17
C ARG H 75 -28.06 -25.60 39.81
N ALA H 76 -28.76 -24.89 40.69
CA ALA H 76 -29.13 -23.52 40.42
C ALA H 76 -29.02 -22.70 41.69
N GLN H 77 -28.58 -21.46 41.56
CA GLN H 77 -28.52 -20.54 42.69
C GLN H 77 -29.88 -19.85 42.80
N ALA H 78 -30.86 -20.64 43.22
CA ALA H 78 -32.25 -20.26 43.15
C ALA H 78 -32.71 -19.62 44.45
N VAL H 79 -33.86 -18.99 44.40
CA VAL H 79 -34.48 -18.39 45.57
C VAL H 79 -35.48 -19.40 46.13
N ILE H 80 -35.35 -19.71 47.41
CA ILE H 80 -36.16 -20.76 48.02
C ILE H 80 -36.90 -20.16 49.20
N VAL H 81 -38.23 -20.13 49.11
CA VAL H 81 -39.09 -19.87 50.26
C VAL H 81 -39.31 -21.20 50.95
N ALA H 82 -38.68 -21.40 52.10
CA ALA H 82 -38.68 -22.68 52.79
C ALA H 82 -39.43 -22.57 54.11
N VAL H 83 -40.26 -23.58 54.39
CA VAL H 83 -41.08 -23.63 55.60
C VAL H 83 -40.67 -24.87 56.37
N GLY H 84 -40.00 -24.69 57.51
CA GLY H 84 -39.50 -25.78 58.31
C GLY H 84 -40.51 -26.42 59.25
N VAL H 85 -41.38 -27.29 58.75
CA VAL H 85 -42.33 -27.99 59.59
C VAL H 85 -41.61 -28.88 60.59
N GLU H 86 -41.94 -28.71 61.87
CA GLU H 86 -41.35 -29.54 62.93
C GLU H 86 -41.76 -30.99 62.79
N THR H 87 -40.93 -31.87 63.33
CA THR H 87 -41.14 -33.30 63.18
C THR H 87 -42.24 -33.79 64.12
N ALA H 88 -42.77 -34.97 63.82
CA ALA H 88 -43.84 -35.57 64.59
C ALA H 88 -43.68 -37.08 64.56
N GLU H 89 -44.42 -37.76 65.44
CA GLU H 89 -44.19 -39.20 65.63
C GLU H 89 -44.82 -40.02 64.51
N THR H 90 -46.14 -40.02 64.44
CA THR H 90 -46.83 -40.88 63.49
C THR H 90 -46.88 -40.24 62.11
N PRO H 91 -46.86 -41.05 61.03
CA PRO H 91 -46.97 -40.47 59.68
C PRO H 91 -48.33 -39.88 59.38
N GLU H 92 -49.36 -40.21 60.15
CA GLU H 92 -50.63 -39.50 60.02
C GLU H 92 -50.51 -38.07 60.56
N ALA H 93 -49.84 -37.90 61.68
CA ALA H 93 -49.63 -36.57 62.24
C ALA H 93 -48.50 -35.83 61.56
N GLN H 94 -47.61 -36.54 60.87
CA GLN H 94 -46.56 -35.87 60.13
C GLN H 94 -47.10 -35.29 58.82
N ALA H 95 -47.89 -36.08 58.10
CA ALA H 95 -48.55 -35.58 56.91
C ALA H 95 -49.56 -34.49 57.23
N SER H 96 -50.14 -34.52 58.42
CA SER H 96 -51.04 -33.45 58.82
C SER H 96 -50.28 -32.16 59.13
N ALA H 97 -49.03 -32.26 59.53
CA ALA H 97 -48.23 -31.09 59.84
C ALA H 97 -47.55 -30.50 58.61
N VAL H 98 -47.27 -31.34 57.59
CA VAL H 98 -46.73 -30.81 56.34
C VAL H 98 -47.83 -30.09 55.56
N ILE H 99 -49.03 -30.65 55.53
CA ILE H 99 -50.18 -29.94 54.96
C ILE H 99 -50.47 -28.67 55.75
N GLY H 100 -50.66 -28.81 57.06
CA GLY H 100 -50.87 -27.65 57.90
C GLY H 100 -52.25 -27.06 57.71
N GLY H 101 -52.34 -25.75 57.77
CA GLY H 101 -53.59 -25.07 57.55
C GLY H 101 -53.63 -23.77 58.33
N ILE H 102 -54.84 -23.35 58.63
CA ILE H 102 -55.08 -22.14 59.40
C ILE H 102 -55.37 -22.46 60.86
N SER H 103 -54.93 -23.63 61.33
CA SER H 103 -55.21 -24.15 62.67
C SER H 103 -54.51 -23.39 63.81
N ALA H 104 -53.81 -22.28 63.52
CA ALA H 104 -53.22 -21.42 64.53
C ALA H 104 -54.26 -20.48 65.12
N ALA H 105 -53.80 -19.44 65.81
CA ALA H 105 -54.67 -18.32 66.14
C ALA H 105 -55.25 -17.71 64.86
N GLY H 106 -54.38 -17.23 63.97
CA GLY H 106 -54.79 -16.88 62.63
C GLY H 106 -53.73 -17.15 61.58
N GLU H 107 -52.61 -17.76 61.98
CA GLU H 107 -51.48 -17.92 61.09
C GLU H 107 -51.66 -19.11 60.16
N ARG H 108 -50.77 -19.23 59.19
CA ARG H 108 -50.81 -20.29 58.20
C ARG H 108 -49.60 -21.20 58.41
N THR H 109 -49.84 -22.50 58.47
CA THR H 109 -48.81 -23.47 58.82
C THR H 109 -48.63 -24.47 57.69
N GLY H 110 -47.43 -25.04 57.63
CA GLY H 110 -47.16 -26.12 56.69
C GLY H 110 -46.94 -25.68 55.26
N LEU H 111 -47.57 -26.38 54.32
CA LEU H 111 -47.54 -25.95 52.94
C LEU H 111 -48.29 -24.65 52.74
N GLN H 112 -49.31 -24.40 53.58
CA GLN H 112 -50.15 -23.22 53.44
C GLN H 112 -49.40 -21.93 53.71
N ALA H 113 -48.27 -21.99 54.40
CA ALA H 113 -47.41 -20.83 54.57
C ALA H 113 -46.67 -20.43 53.32
N LEU H 114 -46.64 -21.29 52.29
CA LEU H 114 -46.01 -20.89 51.03
C LEU H 114 -46.88 -19.92 50.24
N LEU H 115 -48.17 -19.82 50.57
CA LEU H 115 -49.01 -18.77 50.02
C LEU H 115 -48.64 -17.40 50.58
N ASP H 116 -47.91 -17.37 51.69
CA ASP H 116 -47.37 -16.15 52.26
C ASP H 116 -46.00 -15.82 51.72
N GLY H 117 -45.55 -16.51 50.66
CA GLY H 117 -44.20 -16.29 50.17
C GLY H 117 -44.03 -14.92 49.53
N LYS H 118 -44.98 -14.54 48.69
CA LYS H 118 -45.11 -13.14 48.31
C LYS H 118 -45.77 -12.41 49.48
N SER H 119 -45.47 -11.11 49.59
CA SER H 119 -45.84 -10.15 50.64
C SER H 119 -45.05 -10.35 51.93
N ARG H 120 -44.29 -11.43 52.02
CA ARG H 120 -43.24 -11.54 53.01
C ARG H 120 -41.85 -11.35 52.43
N PHE H 121 -41.65 -11.74 51.18
CA PHE H 121 -40.33 -11.72 50.60
C PHE H 121 -40.29 -11.32 49.13
N ASN H 122 -41.44 -10.98 48.53
CA ASN H 122 -41.60 -10.72 47.09
C ASN H 122 -41.11 -11.91 46.26
N ALA H 123 -41.55 -13.11 46.65
CA ALA H 123 -41.15 -14.35 45.98
C ALA H 123 -42.35 -15.29 46.00
N GLN H 124 -43.15 -15.24 44.94
CA GLN H 124 -44.33 -16.07 44.84
C GLN H 124 -43.97 -17.41 44.19
N PRO H 125 -43.97 -18.52 44.94
CA PRO H 125 -43.27 -19.75 44.51
C PRO H 125 -43.87 -20.38 43.26
N ARG H 126 -43.07 -20.45 42.21
CA ARG H 126 -43.44 -21.07 40.96
C ARG H 126 -43.18 -22.57 40.94
N LEU H 127 -42.47 -23.09 41.93
CA LEU H 127 -42.21 -24.51 42.05
C LEU H 127 -42.43 -24.95 43.48
N LEU H 128 -43.17 -26.04 43.64
CA LEU H 128 -43.55 -26.53 44.95
C LEU H 128 -42.97 -27.91 45.16
N VAL H 129 -42.26 -28.11 46.25
CA VAL H 129 -41.57 -29.35 46.53
C VAL H 129 -41.70 -29.67 48.01
N ALA H 130 -42.07 -30.91 48.31
CA ALA H 130 -42.13 -31.42 49.69
C ALA H 130 -41.38 -32.73 49.69
N PRO H 131 -40.07 -32.70 49.92
CA PRO H 131 -39.23 -33.88 49.67
C PRO H 131 -39.45 -34.97 50.71
N GLY H 132 -39.85 -36.15 50.24
CA GLY H 132 -40.11 -37.28 51.09
C GLY H 132 -41.53 -37.35 51.62
N HIS H 133 -42.28 -36.25 51.53
CA HIS H 133 -43.64 -36.21 52.04
C HIS H 133 -44.69 -36.22 50.96
N SER H 134 -44.32 -35.95 49.71
CA SER H 134 -45.27 -35.97 48.62
C SER H 134 -45.64 -37.38 48.18
N ALA H 135 -44.99 -38.40 48.76
CA ALA H 135 -45.36 -39.78 48.50
C ALA H 135 -46.69 -40.16 49.16
N GLN H 136 -47.09 -39.46 50.21
CA GLN H 136 -48.40 -39.68 50.78
C GLN H 136 -49.46 -38.96 49.96
N GLN H 137 -50.63 -39.58 49.86
CA GLN H 137 -51.66 -39.11 48.94
C GLN H 137 -52.37 -37.88 49.47
N ALA H 138 -52.31 -37.65 50.78
CA ALA H 138 -52.93 -36.46 51.37
C ALA H 138 -52.10 -35.22 51.16
N VAL H 139 -50.77 -35.34 51.30
CA VAL H 139 -49.88 -34.21 51.06
C VAL H 139 -49.88 -33.83 49.59
N ALA H 140 -49.86 -34.83 48.71
CA ALA H 140 -49.85 -34.60 47.29
C ALA H 140 -51.17 -34.06 46.75
N THR H 141 -52.23 -34.08 47.54
CA THR H 141 -53.44 -33.33 47.21
C THR H 141 -53.38 -31.90 47.72
N ALA H 142 -52.75 -31.69 48.88
CA ALA H 142 -52.49 -30.33 49.34
C ALA H 142 -51.45 -29.64 48.47
N MET H 143 -50.51 -30.40 47.92
CA MET H 143 -49.63 -29.86 46.89
C MET H 143 -50.42 -29.45 45.66
N ASP H 144 -51.45 -30.23 45.32
CA ASP H 144 -52.23 -30.01 44.11
C ASP H 144 -53.06 -28.74 44.22
N GLY H 145 -53.91 -28.66 45.25
CA GLY H 145 -54.78 -27.51 45.42
C GLY H 145 -54.06 -26.22 45.69
N LEU H 146 -52.84 -26.29 46.20
CA LEU H 146 -52.05 -25.09 46.40
C LEU H 146 -51.27 -24.71 45.15
N ALA H 147 -50.91 -25.68 44.32
CA ALA H 147 -50.33 -25.33 43.02
C ALA H 147 -51.35 -24.71 42.10
N GLU H 148 -52.64 -25.04 42.28
CA GLU H 148 -53.68 -24.40 41.50
C GLU H 148 -53.90 -22.96 41.96
N LYS H 149 -53.84 -22.72 43.27
CA LYS H 149 -53.96 -21.37 43.80
C LYS H 149 -52.75 -20.53 43.41
N LEU H 150 -51.56 -21.00 43.78
CA LEU H 150 -50.34 -20.23 43.62
C LEU H 150 -49.85 -20.21 42.17
N ARG H 151 -50.52 -20.94 41.28
CA ARG H 151 -50.24 -21.04 39.85
C ARG H 151 -48.79 -21.50 39.62
N ALA H 152 -48.54 -22.73 40.05
CA ALA H 152 -47.21 -23.30 40.05
C ALA H 152 -47.31 -24.73 39.56
N ILE H 153 -46.17 -25.41 39.53
CA ILE H 153 -46.12 -26.84 39.26
C ILE H 153 -45.56 -27.50 40.51
N ALA H 154 -46.36 -28.38 41.10
CA ALA H 154 -45.91 -29.16 42.24
C ALA H 154 -45.15 -30.38 41.73
N ILE H 155 -43.99 -30.63 42.30
CA ILE H 155 -43.16 -31.76 41.90
C ILE H 155 -43.31 -32.85 42.96
N LEU H 156 -44.01 -33.91 42.60
CA LEU H 156 -44.28 -35.00 43.52
C LEU H 156 -43.15 -36.01 43.45
N ASP H 157 -43.30 -37.10 44.20
CA ASP H 157 -42.48 -38.29 44.03
C ASP H 157 -43.26 -39.48 44.56
N GLY H 158 -42.95 -40.65 44.01
CA GLY H 158 -43.61 -41.85 44.45
C GLY H 158 -42.90 -42.44 45.64
N PRO H 159 -43.16 -43.69 45.93
CA PRO H 159 -42.43 -44.38 47.00
C PRO H 159 -41.11 -44.93 46.48
N ASN H 160 -40.40 -45.62 47.37
CA ASN H 160 -39.18 -46.33 47.05
C ASN H 160 -39.45 -47.65 46.35
N SER H 161 -40.72 -48.05 46.26
CA SER H 161 -41.10 -49.39 45.85
C SER H 161 -41.01 -49.57 44.33
N THR H 162 -41.65 -50.61 43.82
CA THR H 162 -41.52 -51.02 42.44
C THR H 162 -42.18 -50.03 41.49
N ASP H 163 -42.15 -50.39 40.21
CA ASP H 163 -42.76 -49.57 39.17
C ASP H 163 -44.27 -49.55 39.29
N GLU H 164 -44.87 -50.65 39.74
CA GLU H 164 -46.31 -50.72 39.81
C GLU H 164 -46.85 -49.92 40.98
N ALA H 165 -46.05 -49.76 42.03
CA ALA H 165 -46.44 -48.85 43.10
C ALA H 165 -46.34 -47.40 42.68
N ALA H 166 -45.54 -47.10 41.65
CA ALA H 166 -45.50 -45.76 41.10
C ALA H 166 -46.65 -45.51 40.15
N VAL H 167 -47.01 -46.51 39.34
CA VAL H 167 -48.09 -46.37 38.39
C VAL H 167 -49.43 -46.25 39.12
N ALA H 168 -49.65 -47.10 40.12
CA ALA H 168 -50.89 -47.08 40.87
C ALA H 168 -51.02 -45.84 41.75
N TYR H 169 -49.89 -45.22 42.12
CA TYR H 169 -49.93 -43.95 42.82
C TYR H 169 -50.13 -42.78 41.87
N ALA H 170 -49.74 -42.93 40.61
CA ALA H 170 -49.95 -41.89 39.62
C ALA H 170 -51.37 -41.89 39.06
N LYS H 171 -52.14 -42.95 39.28
CA LYS H 171 -53.53 -42.96 38.86
C LYS H 171 -54.44 -42.26 39.86
N ASN H 172 -53.91 -41.86 41.01
CA ASN H 172 -54.68 -41.08 41.96
C ASN H 172 -54.79 -39.61 41.58
N PHE H 173 -54.13 -39.19 40.51
CA PHE H 173 -54.10 -37.78 40.15
C PHE H 173 -54.33 -37.63 38.66
N GLY H 174 -55.24 -36.75 38.30
CA GLY H 174 -55.41 -36.33 36.93
C GLY H 174 -55.28 -34.83 36.84
N SER H 175 -54.35 -34.26 37.59
CA SER H 175 -54.23 -32.82 37.71
C SER H 175 -53.11 -32.27 36.83
N LYS H 176 -53.37 -31.09 36.27
CA LYS H 176 -52.48 -30.46 35.32
C LYS H 176 -51.18 -30.00 35.98
N ARG H 177 -51.24 -29.55 37.23
CA ARG H 177 -50.12 -28.90 37.88
C ARG H 177 -49.20 -29.88 38.62
N LEU H 178 -49.35 -31.18 38.42
CA LEU H 178 -48.57 -32.18 39.13
C LEU H 178 -47.53 -32.80 38.21
N PHE H 179 -46.35 -33.04 38.75
CA PHE H 179 -45.21 -33.55 37.98
C PHE H 179 -44.50 -34.56 38.86
N MET H 180 -44.76 -35.84 38.64
CA MET H 180 -44.20 -36.87 39.50
C MET H 180 -42.85 -37.32 38.98
N VAL H 181 -41.88 -37.40 39.88
CA VAL H 181 -40.58 -38.00 39.60
C VAL H 181 -40.43 -39.16 40.57
N ASP H 182 -40.64 -40.39 40.10
CA ASP H 182 -40.69 -41.49 41.05
C ASP H 182 -39.35 -42.00 41.61
N PRO H 183 -38.32 -42.34 40.82
CA PRO H 183 -37.16 -43.01 41.43
C PRO H 183 -36.35 -42.05 42.28
N GLY H 184 -36.05 -42.47 43.49
CA GLY H 184 -35.28 -41.66 44.39
C GLY H 184 -33.83 -41.54 43.96
N VAL H 185 -33.19 -40.54 44.46
CA VAL H 185 -31.79 -40.27 44.24
C VAL H 185 -30.97 -40.99 45.31
N GLN H 186 -29.88 -41.63 44.88
CA GLN H 186 -28.91 -42.24 45.77
C GLN H 186 -27.67 -41.35 45.74
N VAL H 187 -27.48 -40.54 46.78
CA VAL H 187 -26.43 -39.54 46.82
C VAL H 187 -25.39 -39.95 47.87
N TRP H 188 -24.11 -39.76 47.55
CA TRP H 188 -23.05 -40.18 48.45
C TRP H 188 -22.94 -39.23 49.63
N ASP H 189 -23.10 -39.77 50.84
CA ASP H 189 -22.99 -39.00 52.06
C ASP H 189 -21.53 -38.96 52.49
N SER H 190 -21.05 -37.76 52.84
CA SER H 190 -19.66 -37.62 53.26
C SER H 190 -19.43 -38.15 54.67
N ALA H 191 -20.44 -38.06 55.53
CA ALA H 191 -20.29 -38.45 56.92
C ALA H 191 -20.22 -39.97 57.07
N THR H 192 -21.24 -40.67 56.60
CA THR H 192 -21.26 -42.12 56.66
C THR H 192 -20.35 -42.78 55.64
N ASN H 193 -19.82 -42.00 54.69
CA ASN H 193 -18.93 -42.46 53.62
C ASN H 193 -19.59 -43.57 52.79
N ALA H 194 -20.89 -43.42 52.58
CA ALA H 194 -21.67 -44.33 51.76
C ALA H 194 -22.73 -43.53 51.03
N ALA H 195 -23.59 -44.23 50.31
CA ALA H 195 -24.58 -43.61 49.45
C ALA H 195 -25.91 -43.52 50.20
N ARG H 196 -26.33 -42.31 50.50
CA ARG H 196 -27.58 -42.03 51.20
C ARG H 196 -28.70 -41.84 50.18
N ASN H 197 -29.89 -42.33 50.52
CA ASN H 197 -31.03 -42.08 49.64
C ASN H 197 -31.51 -40.64 49.77
N ALA H 198 -32.25 -40.20 48.75
CA ALA H 198 -32.80 -38.86 48.67
C ALA H 198 -34.05 -38.96 47.82
N PRO H 199 -35.10 -38.20 48.14
CA PRO H 199 -36.40 -38.40 47.47
C PRO H 199 -36.54 -37.79 46.10
N ALA H 200 -35.48 -37.16 45.55
CA ALA H 200 -35.36 -36.72 44.16
C ALA H 200 -36.36 -35.65 43.71
N SER H 201 -37.20 -35.14 44.60
CA SER H 201 -38.09 -34.05 44.21
C SER H 201 -37.34 -32.73 44.19
N ALA H 202 -36.41 -32.55 45.13
CA ALA H 202 -35.65 -31.30 45.16
C ALA H 202 -34.61 -31.26 44.05
N TYR H 203 -34.14 -32.42 43.59
CA TYR H 203 -33.21 -32.45 42.47
C TYR H 203 -33.91 -32.13 41.16
N ALA H 204 -35.20 -32.45 41.06
CA ALA H 204 -35.98 -32.02 39.91
C ALA H 204 -36.21 -30.52 39.93
N ALA H 205 -36.50 -29.97 41.12
CA ALA H 205 -36.84 -28.55 41.23
C ALA H 205 -35.64 -27.65 41.02
N GLY H 206 -34.44 -28.13 41.35
CA GLY H 206 -33.26 -27.35 41.06
C GLY H 206 -32.94 -27.33 39.58
N LEU H 207 -33.26 -28.40 38.88
CA LEU H 207 -33.09 -28.48 37.43
C LEU H 207 -34.23 -27.81 36.69
N PHE H 208 -35.41 -27.77 37.31
CA PHE H 208 -36.56 -27.13 36.70
C PHE H 208 -36.35 -25.62 36.66
N ALA H 209 -35.67 -25.09 37.68
CA ALA H 209 -35.34 -23.67 37.77
C ALA H 209 -34.06 -23.33 37.03
N TRP H 210 -33.18 -24.30 36.85
CA TRP H 210 -31.98 -24.08 36.06
C TRP H 210 -32.30 -23.92 34.58
N THR H 211 -33.32 -24.62 34.11
CA THR H 211 -33.71 -24.55 32.71
C THR H 211 -34.29 -23.19 32.35
N ASP H 212 -34.87 -22.51 33.33
CA ASP H 212 -35.36 -21.16 33.11
C ASP H 212 -34.23 -20.16 32.90
N ALA H 213 -33.06 -20.43 33.49
CA ALA H 213 -31.94 -19.52 33.36
C ALA H 213 -31.31 -19.61 31.99
N GLU H 214 -30.82 -20.80 31.62
CA GLU H 214 -30.11 -20.90 30.35
C GLU H 214 -31.05 -21.05 29.18
N TYR H 215 -32.08 -21.89 29.28
CA TYR H 215 -32.87 -22.22 28.12
C TYR H 215 -34.23 -21.53 28.08
N GLY H 216 -34.65 -20.89 29.15
CA GLY H 216 -35.95 -20.25 29.19
C GLY H 216 -37.05 -21.18 29.67
N PHE H 217 -38.11 -20.58 30.18
CA PHE H 217 -39.18 -21.32 30.84
C PHE H 217 -40.00 -22.17 29.89
N TRP H 218 -39.93 -21.90 28.58
CA TRP H 218 -40.67 -22.69 27.61
C TRP H 218 -39.95 -23.99 27.26
N SER H 219 -38.68 -24.12 27.61
CA SER H 219 -37.94 -25.34 27.29
C SER H 219 -38.32 -26.44 28.27
N SER H 220 -38.17 -27.64 27.82
CA SER H 220 -38.48 -28.71 28.76
C SER H 220 -37.24 -29.07 29.57
N PRO H 221 -37.42 -29.51 30.80
CA PRO H 221 -36.27 -29.95 31.61
C PRO H 221 -35.96 -31.41 31.41
N SER H 222 -36.47 -31.99 30.34
CA SER H 222 -36.66 -33.42 30.18
C SER H 222 -35.44 -34.15 29.64
N ASN H 223 -34.32 -33.47 29.46
CA ASN H 223 -33.11 -34.19 29.09
C ASN H 223 -31.92 -33.58 29.79
N LYS H 224 -32.14 -32.68 30.74
CA LYS H 224 -31.05 -31.94 31.36
C LYS H 224 -30.45 -32.76 32.50
N GLU H 225 -29.33 -32.28 33.02
CA GLU H 225 -28.42 -33.09 33.83
C GLU H 225 -28.63 -32.74 35.29
N ILE H 226 -28.97 -33.75 36.09
CA ILE H 226 -29.08 -33.58 37.53
C ILE H 226 -27.68 -33.68 38.12
N LYS H 227 -27.26 -32.66 38.86
CA LYS H 227 -25.91 -32.62 39.39
C LYS H 227 -25.90 -32.89 40.89
N GLY H 228 -24.79 -33.47 41.35
CA GLY H 228 -24.64 -33.79 42.75
C GLY H 228 -25.17 -35.14 43.15
N VAL H 229 -25.39 -36.03 42.20
CA VAL H 229 -26.04 -37.32 42.44
C VAL H 229 -25.12 -38.43 41.94
N THR H 230 -25.28 -39.62 42.52
CA THR H 230 -24.42 -40.75 42.22
C THR H 230 -25.17 -41.98 41.73
N GLY H 231 -26.49 -41.92 41.64
CA GLY H 231 -27.26 -43.07 41.22
C GLY H 231 -28.69 -42.91 41.67
N THR H 232 -29.52 -43.84 41.21
CA THR H 232 -30.93 -43.85 41.58
C THR H 232 -31.21 -45.00 42.51
N SER H 233 -32.39 -44.96 43.13
CA SER H 233 -32.77 -46.02 44.07
C SER H 233 -33.07 -47.30 43.34
N ARG H 234 -33.64 -47.21 42.16
CA ARG H 234 -33.86 -48.33 41.27
C ARG H 234 -33.22 -48.00 39.93
N PRO H 235 -32.60 -48.97 39.26
CA PRO H 235 -32.04 -48.70 37.92
C PRO H 235 -33.17 -48.58 36.91
N VAL H 236 -33.23 -47.44 36.25
CA VAL H 236 -34.29 -47.17 35.28
C VAL H 236 -33.74 -47.39 33.88
N GLU H 237 -34.55 -48.03 33.05
CA GLU H 237 -34.12 -48.73 31.85
C GLU H 237 -34.74 -48.04 30.64
N PHE H 238 -33.98 -47.20 29.95
CA PHE H 238 -34.45 -46.67 28.69
C PHE H 238 -33.87 -47.47 27.53
N LEU H 239 -34.71 -48.28 26.92
CA LEU H 239 -34.41 -49.11 25.76
C LEU H 239 -35.47 -48.87 24.71
N ASP H 240 -35.35 -49.54 23.57
CA ASP H 240 -36.31 -49.38 22.48
C ASP H 240 -36.97 -50.72 22.19
N GLY H 241 -37.77 -50.76 21.13
CA GLY H 241 -38.29 -51.99 20.59
C GLY H 241 -39.71 -52.35 20.97
N ASP H 242 -40.55 -51.36 21.28
CA ASP H 242 -41.94 -51.54 21.73
C ASP H 242 -42.00 -52.44 22.97
N GLU H 243 -41.06 -52.23 23.88
CA GLU H 243 -40.83 -53.15 24.97
C GLU H 243 -41.45 -52.64 26.26
N THR H 244 -41.27 -53.41 27.33
CA THR H 244 -41.66 -53.00 28.67
C THR H 244 -40.46 -52.38 29.38
N CYS H 245 -39.94 -51.33 28.76
CA CYS H 245 -38.83 -50.57 29.33
C CYS H 245 -39.31 -49.87 30.59
N ARG H 246 -38.45 -49.80 31.59
CA ARG H 246 -38.84 -49.17 32.84
C ARG H 246 -38.98 -47.66 32.69
N ALA H 247 -38.19 -47.05 31.81
CA ALA H 247 -38.37 -45.63 31.52
C ALA H 247 -39.61 -45.39 30.67
N ASN H 248 -40.01 -46.35 29.85
CA ASN H 248 -41.18 -46.17 29.01
C ASN H 248 -42.46 -46.59 29.72
N LEU H 249 -42.35 -47.51 30.68
CA LEU H 249 -43.49 -47.85 31.51
C LEU H 249 -43.91 -46.67 32.36
N LEU H 250 -42.94 -45.96 32.93
CA LEU H 250 -43.26 -44.88 33.84
C LEU H 250 -43.62 -43.60 33.09
N ASN H 251 -43.13 -43.40 31.88
CA ASN H 251 -43.58 -42.24 31.11
C ASN H 251 -45.02 -42.40 30.67
N ASN H 252 -45.45 -43.62 30.36
CA ASN H 252 -46.84 -43.83 29.98
C ASN H 252 -47.79 -43.77 31.15
N ALA H 253 -47.28 -43.74 32.38
CA ALA H 253 -48.08 -43.39 33.55
C ALA H 253 -47.89 -41.95 33.95
N ASN H 254 -47.31 -41.14 33.04
CA ASN H 254 -47.07 -39.70 33.21
C ASN H 254 -46.13 -39.40 34.37
N ILE H 255 -45.03 -40.15 34.45
CA ILE H 255 -44.02 -39.97 35.48
C ILE H 255 -42.68 -39.73 34.81
N ALA H 256 -41.97 -38.69 35.24
CA ALA H 256 -40.60 -38.50 34.82
C ALA H 256 -39.66 -39.40 35.61
N THR H 257 -38.59 -39.83 34.96
CA THR H 257 -37.61 -40.72 35.57
C THR H 257 -36.23 -40.11 35.46
N ILE H 258 -35.24 -40.88 35.92
CA ILE H 258 -33.82 -40.56 35.82
C ILE H 258 -33.15 -41.79 35.24
N ILE H 259 -32.49 -41.66 34.08
CA ILE H 259 -32.36 -42.77 33.15
C ILE H 259 -30.93 -43.28 32.98
N ARG H 260 -29.91 -42.42 32.92
CA ARG H 260 -28.60 -42.94 32.51
C ARG H 260 -27.54 -42.60 33.54
N ASP H 261 -26.37 -43.24 33.37
CA ASP H 261 -25.04 -42.77 33.77
C ASP H 261 -24.96 -42.34 35.24
N ASP H 262 -25.13 -43.33 36.13
CA ASP H 262 -25.18 -43.13 37.58
C ASP H 262 -26.24 -42.09 37.98
N GLY H 263 -27.42 -42.21 37.38
CA GLY H 263 -28.46 -41.23 37.61
C GLY H 263 -28.11 -39.87 37.05
N TYR H 264 -28.23 -39.68 35.74
CA TYR H 264 -27.64 -38.49 35.15
C TYR H 264 -28.66 -37.47 34.67
N ARG H 265 -29.77 -37.91 34.08
CA ARG H 265 -30.68 -37.01 33.38
C ARG H 265 -32.13 -37.25 33.78
N LEU H 266 -32.84 -36.18 34.13
CA LEU H 266 -34.29 -36.24 34.25
C LEU H 266 -34.88 -36.50 32.88
N TRP H 267 -35.94 -37.29 32.82
CA TRP H 267 -36.29 -37.89 31.54
C TRP H 267 -37.67 -37.53 31.03
N GLY H 268 -38.73 -37.70 31.81
CA GLY H 268 -40.06 -37.43 31.28
C GLY H 268 -40.36 -35.94 31.16
N ASN H 269 -41.39 -35.64 30.36
CA ASN H 269 -41.91 -34.27 30.29
C ASN H 269 -43.43 -34.21 30.25
N ARG H 270 -44.13 -35.30 30.52
CA ARG H 270 -45.57 -35.25 30.67
C ARG H 270 -45.90 -34.89 32.11
N THR H 271 -46.90 -34.04 32.27
CA THR H 271 -47.47 -33.80 33.59
C THR H 271 -48.57 -34.81 33.86
N LEU H 272 -49.08 -34.82 35.09
CA LEU H 272 -50.08 -35.82 35.45
C LEU H 272 -51.49 -35.42 35.06
N SER H 273 -51.70 -34.98 33.83
CA SER H 273 -52.99 -34.46 33.42
C SER H 273 -53.78 -35.52 32.67
N SER H 274 -55.09 -35.49 32.86
CA SER H 274 -56.01 -36.34 32.15
C SER H 274 -56.50 -35.72 30.84
N ASP H 275 -55.90 -34.60 30.44
CA ASP H 275 -56.28 -33.89 29.23
C ASP H 275 -55.06 -33.80 28.31
N SER H 276 -55.23 -34.25 27.07
CA SER H 276 -54.15 -34.23 26.10
C SER H 276 -53.80 -32.81 25.63
N LYS H 277 -54.68 -31.84 25.91
CA LYS H 277 -54.35 -30.46 25.61
C LYS H 277 -53.31 -29.93 26.60
N TRP H 278 -53.25 -30.50 27.79
CA TRP H 278 -52.30 -30.09 28.82
C TRP H 278 -51.35 -31.23 29.17
N ALA H 279 -50.84 -31.93 28.17
CA ALA H 279 -50.01 -33.10 28.43
C ALA H 279 -48.61 -32.70 28.88
N PHE H 280 -47.98 -31.76 28.18
CA PHE H 280 -46.59 -31.43 28.44
C PHE H 280 -46.49 -30.36 29.51
N VAL H 281 -45.42 -30.44 30.30
CA VAL H 281 -45.14 -29.36 31.24
C VAL H 281 -44.67 -28.11 30.52
N THR H 282 -44.17 -28.25 29.30
CA THR H 282 -43.91 -27.09 28.45
C THR H 282 -45.19 -26.27 28.25
N ARG H 283 -46.30 -26.93 27.95
CA ARG H 283 -47.58 -26.26 27.80
C ARG H 283 -48.04 -25.62 29.10
N VAL H 284 -47.82 -26.29 30.22
CA VAL H 284 -48.33 -25.78 31.50
C VAL H 284 -47.44 -24.66 32.00
N ARG H 285 -46.12 -24.78 31.84
CA ARG H 285 -45.21 -23.76 32.37
C ARG H 285 -45.22 -22.50 31.51
N THR H 286 -45.38 -22.64 30.19
CA THR H 286 -45.36 -21.48 29.31
C THR H 286 -46.58 -20.62 29.52
N MET H 287 -47.76 -21.25 29.54
CA MET H 287 -49.02 -20.54 29.79
C MET H 287 -49.03 -19.91 31.17
N ASP H 288 -48.34 -20.53 32.13
CA ASP H 288 -48.27 -19.98 33.48
C ASP H 288 -47.34 -18.78 33.55
N LEU H 289 -46.23 -18.83 32.83
CA LEU H 289 -45.25 -17.76 32.89
C LEU H 289 -45.26 -16.84 31.68
N VAL H 290 -46.15 -17.05 30.71
CA VAL H 290 -46.43 -15.96 29.80
C VAL H 290 -47.28 -14.92 30.51
N MET H 291 -48.12 -15.34 31.46
CA MET H 291 -49.01 -14.39 32.09
C MET H 291 -48.33 -13.67 33.21
N ASP H 292 -47.45 -14.36 33.94
CA ASP H 292 -46.69 -13.71 35.00
C ASP H 292 -45.73 -12.66 34.47
N ALA H 293 -45.33 -12.75 33.20
CA ALA H 293 -44.61 -11.65 32.57
C ALA H 293 -45.59 -10.60 32.05
N ILE H 294 -46.76 -11.02 31.60
CA ILE H 294 -47.80 -10.09 31.17
C ILE H 294 -48.35 -9.31 32.37
N LEU H 295 -48.62 -9.99 33.48
CA LEU H 295 -49.18 -9.30 34.64
C LEU H 295 -48.14 -8.40 35.28
N ALA H 296 -46.99 -8.95 35.63
CA ALA H 296 -45.90 -8.15 36.20
C ALA H 296 -45.27 -7.38 35.04
N GLY H 297 -45.82 -6.21 34.75
CA GLY H 297 -45.51 -5.48 33.55
C GLY H 297 -46.71 -4.72 33.08
N HIS H 298 -47.89 -5.12 33.54
CA HIS H 298 -49.13 -4.37 33.37
C HIS H 298 -49.82 -4.20 34.71
N LYS H 299 -49.06 -3.75 35.69
CA LYS H 299 -49.62 -3.40 36.99
C LYS H 299 -50.28 -2.04 36.98
N TRP H 300 -50.16 -1.28 35.90
CA TRP H 300 -50.81 0.01 35.78
C TRP H 300 -52.26 -0.07 35.34
N ALA H 301 -52.78 -1.28 35.11
CA ALA H 301 -54.12 -1.45 34.58
C ALA H 301 -55.17 -1.73 35.66
N VAL H 302 -54.81 -1.66 36.93
CA VAL H 302 -55.76 -1.87 38.02
C VAL H 302 -56.13 -0.55 38.68
N ASP H 303 -55.18 0.37 38.78
CA ASP H 303 -55.46 1.80 38.87
C ASP H 303 -55.68 2.33 37.46
N ARG H 304 -55.54 3.66 37.28
CA ARG H 304 -55.69 4.32 35.98
C ARG H 304 -57.11 4.13 35.46
N GLY H 305 -58.03 4.83 36.11
CA GLY H 305 -59.44 4.91 35.76
C GLY H 305 -59.73 5.06 34.29
N ILE H 306 -60.82 4.46 33.84
CA ILE H 306 -61.05 4.11 32.44
C ILE H 306 -61.30 5.39 31.65
N THR H 307 -60.38 5.72 30.76
CA THR H 307 -60.55 6.77 29.77
C THR H 307 -60.99 6.13 28.45
N LYS H 308 -61.01 6.92 27.38
CA LYS H 308 -61.46 6.42 26.09
C LYS H 308 -60.47 5.41 25.51
N THR H 309 -59.19 5.74 25.55
CA THR H 309 -58.16 4.86 25.01
C THR H 309 -57.50 4.01 26.10
N TYR H 310 -58.25 3.64 27.13
CA TYR H 310 -57.75 2.68 28.09
C TYR H 310 -57.64 1.29 27.47
N VAL H 311 -58.68 0.87 26.76
CA VAL H 311 -58.70 -0.46 26.18
C VAL H 311 -57.75 -0.57 25.00
N LYS H 312 -57.45 0.54 24.33
CA LYS H 312 -56.48 0.51 23.24
C LYS H 312 -55.05 0.50 23.76
N ASP H 313 -54.78 1.25 24.84
CA ASP H 313 -53.44 1.29 25.39
C ASP H 313 -53.05 0.04 26.13
N VAL H 314 -54.02 -0.81 26.47
CA VAL H 314 -53.68 -2.11 27.05
C VAL H 314 -53.33 -3.11 25.95
N THR H 315 -54.10 -3.13 24.85
CA THR H 315 -53.84 -4.06 23.75
C THR H 315 -52.47 -3.83 23.13
N GLU H 316 -52.14 -2.56 22.84
CA GLU H 316 -50.83 -2.27 22.31
C GLU H 316 -49.74 -2.43 23.36
N GLY H 317 -50.09 -2.39 24.63
CA GLY H 317 -49.18 -2.77 25.68
C GLY H 317 -49.08 -4.28 25.80
N LEU H 318 -50.21 -4.98 25.63
CA LEU H 318 -50.17 -6.43 25.66
C LEU H 318 -49.45 -6.99 24.45
N ARG H 319 -49.64 -6.40 23.27
CA ARG H 319 -48.94 -6.87 22.09
C ARG H 319 -47.44 -6.58 22.17
N ALA H 320 -47.05 -5.54 22.88
CA ALA H 320 -45.64 -5.19 22.96
C ALA H 320 -44.88 -6.10 23.92
N PHE H 321 -45.50 -6.49 25.02
CA PHE H 321 -44.92 -7.46 25.94
C PHE H 321 -45.20 -8.89 25.53
N MET H 322 -45.64 -9.10 24.30
CA MET H 322 -45.88 -10.41 23.73
C MET H 322 -45.06 -10.64 22.48
N ARG H 323 -44.65 -9.58 21.79
CA ARG H 323 -43.65 -9.69 20.74
C ARG H 323 -42.24 -9.75 21.31
N ASP H 324 -42.07 -9.42 22.59
CA ASP H 324 -40.82 -9.71 23.28
C ASP H 324 -40.73 -11.20 23.59
N LEU H 325 -41.87 -11.87 23.69
CA LEU H 325 -41.89 -13.30 23.94
C LEU H 325 -41.78 -14.09 22.66
N LYS H 326 -42.30 -13.56 21.56
CA LYS H 326 -42.10 -14.22 20.27
C LYS H 326 -40.66 -14.03 19.80
N ASN H 327 -40.03 -12.94 20.24
CA ASN H 327 -38.65 -12.67 19.85
C ASN H 327 -37.70 -13.70 20.45
N GLN H 328 -37.82 -13.96 21.74
CA GLN H 328 -36.92 -14.88 22.40
C GLN H 328 -37.35 -16.33 22.27
N GLY H 329 -38.48 -16.59 21.63
CA GLY H 329 -38.86 -17.95 21.29
C GLY H 329 -39.82 -18.62 22.24
N ALA H 330 -40.51 -17.86 23.10
CA ALA H 330 -41.43 -18.48 24.05
C ALA H 330 -42.70 -18.93 23.35
N VAL H 331 -43.19 -18.14 22.41
CA VAL H 331 -44.40 -18.43 21.67
C VAL H 331 -44.04 -18.43 20.19
N ILE H 332 -45.05 -18.67 19.36
CA ILE H 332 -44.95 -18.50 17.91
C ILE H 332 -46.26 -17.91 17.40
N ASN H 333 -46.21 -16.65 16.97
CA ASN H 333 -47.31 -15.91 16.34
C ASN H 333 -48.55 -15.84 17.24
N PHE H 334 -48.42 -15.08 18.32
CA PHE H 334 -49.52 -14.75 19.22
C PHE H 334 -50.68 -14.03 18.55
N GLU H 335 -51.75 -13.78 19.33
CA GLU H 335 -52.85 -12.95 18.86
C GLU H 335 -53.50 -12.29 20.08
N VAL H 336 -53.48 -10.97 20.13
CA VAL H 336 -54.04 -10.21 21.24
C VAL H 336 -55.06 -9.22 20.69
N TYR H 337 -56.26 -9.21 21.26
CA TYR H 337 -57.27 -8.25 20.86
C TYR H 337 -58.31 -8.09 21.96
N ALA H 338 -58.90 -6.91 22.03
CA ALA H 338 -60.00 -6.68 22.96
C ALA H 338 -61.23 -7.45 22.53
N ASP H 339 -61.93 -8.02 23.49
CA ASP H 339 -63.08 -8.87 23.20
C ASP H 339 -64.24 -8.00 22.77
N PRO H 340 -64.68 -8.06 21.52
CA PRO H 340 -65.70 -7.11 21.05
C PRO H 340 -67.09 -7.41 21.54
N ASP H 341 -67.38 -8.64 21.94
CA ASP H 341 -68.71 -9.04 22.32
C ASP H 341 -69.01 -8.84 23.79
N LEU H 342 -67.99 -8.74 24.64
CA LEU H 342 -68.21 -8.66 26.08
C LEU H 342 -67.71 -7.37 26.70
N ASN H 343 -67.36 -6.36 25.91
CA ASN H 343 -67.00 -5.05 26.46
C ASN H 343 -68.22 -4.14 26.35
N SER H 344 -69.15 -4.36 27.28
CA SER H 344 -70.31 -3.49 27.41
C SER H 344 -69.94 -2.23 28.17
N ALA H 345 -70.91 -1.35 28.33
CA ALA H 345 -70.77 -0.23 29.25
C ALA H 345 -71.31 -0.56 30.63
N SER H 346 -72.22 -1.52 30.72
CA SER H 346 -72.61 -2.03 32.04
C SER H 346 -71.47 -2.79 32.70
N GLN H 347 -70.62 -3.45 31.90
CA GLN H 347 -69.41 -4.04 32.45
C GLN H 347 -68.39 -2.97 32.79
N LEU H 348 -68.38 -1.86 32.04
CA LEU H 348 -67.38 -0.83 32.23
C LEU H 348 -67.69 0.04 33.43
N ALA H 349 -68.96 0.12 33.83
CA ALA H 349 -69.29 0.81 35.08
C ALA H 349 -68.84 0.02 36.29
N GLN H 350 -68.78 -1.31 36.18
CA GLN H 350 -68.23 -2.15 37.23
C GLN H 350 -66.71 -2.22 37.20
N GLY H 351 -66.07 -1.62 36.20
CA GLY H 351 -64.64 -1.69 36.06
C GLY H 351 -64.13 -2.89 35.31
N LYS H 352 -65.02 -3.69 34.74
CA LYS H 352 -64.60 -4.88 34.02
C LYS H 352 -64.42 -4.58 32.55
N VAL H 353 -63.37 -5.13 31.95
CA VAL H 353 -63.04 -4.94 30.54
C VAL H 353 -62.17 -6.11 30.10
N TYR H 354 -62.49 -6.73 28.96
CA TYR H 354 -61.97 -8.06 28.68
C TYR H 354 -61.02 -8.01 27.48
N TRP H 355 -60.10 -8.97 27.43
CA TRP H 355 -59.15 -9.11 26.34
C TRP H 355 -58.94 -10.59 26.05
N ASN H 356 -58.48 -10.86 24.83
CA ASN H 356 -58.28 -12.23 24.33
C ASN H 356 -56.84 -12.39 23.88
N ILE H 357 -56.11 -13.32 24.50
CA ILE H 357 -54.65 -13.42 24.39
C ILE H 357 -54.24 -14.79 23.86
N ARG H 358 -54.89 -15.25 22.80
CA ARG H 358 -54.51 -16.50 22.12
C ARG H 358 -53.03 -16.52 21.72
N PHE H 359 -52.38 -17.67 21.90
CA PHE H 359 -51.03 -17.87 21.41
C PHE H 359 -50.79 -19.36 21.17
N THR H 360 -49.64 -19.67 20.54
CA THR H 360 -49.22 -21.03 20.26
C THR H 360 -47.89 -21.29 20.95
N ASP H 361 -47.82 -22.37 21.71
CA ASP H 361 -46.61 -22.74 22.43
C ASP H 361 -45.69 -23.57 21.54
N VAL H 362 -44.41 -23.54 21.84
CA VAL H 362 -43.43 -24.33 21.09
C VAL H 362 -43.51 -25.79 21.54
N PRO H 363 -43.57 -26.73 20.61
CA PRO H 363 -43.69 -28.14 21.00
C PRO H 363 -42.33 -28.73 21.30
N PRO H 364 -42.23 -29.57 22.34
CA PRO H 364 -40.96 -30.26 22.60
C PRO H 364 -40.77 -31.46 21.69
N ALA H 365 -39.52 -31.68 21.31
CA ALA H 365 -39.17 -32.77 20.40
C ALA H 365 -39.14 -34.07 21.19
N GLU H 366 -40.34 -34.60 21.47
CA GLU H 366 -40.48 -35.69 22.42
C GLU H 366 -39.97 -37.01 21.86
N ASN H 367 -40.18 -37.25 20.57
CA ASN H 367 -39.90 -38.55 19.96
C ASN H 367 -39.28 -38.38 18.59
N PRO H 368 -37.96 -38.19 18.52
CA PRO H 368 -37.30 -38.27 17.21
C PRO H 368 -37.24 -39.71 16.74
N ASN H 369 -37.55 -39.92 15.46
CA ASN H 369 -37.69 -41.26 14.92
C ASN H 369 -36.69 -41.48 13.80
N PHE H 370 -35.86 -42.50 13.96
CA PHE H 370 -34.83 -42.84 12.98
C PHE H 370 -35.25 -44.11 12.27
N ARG H 371 -35.41 -44.03 10.95
CA ARG H 371 -35.81 -45.18 10.15
C ARG H 371 -34.57 -45.65 9.39
N VAL H 372 -33.83 -46.55 10.00
CA VAL H 372 -32.52 -46.96 9.51
C VAL H 372 -32.64 -48.26 8.72
N GLU H 373 -31.90 -48.35 7.62
CA GLU H 373 -31.95 -49.48 6.71
C GLU H 373 -30.55 -49.82 6.23
N VAL H 374 -30.23 -51.11 6.20
CA VAL H 374 -28.99 -51.59 5.61
C VAL H 374 -29.30 -52.06 4.20
N THR H 375 -28.64 -51.45 3.22
CA THR H 375 -28.85 -51.77 1.82
C THR H 375 -27.58 -52.35 1.22
N ASP H 376 -27.75 -52.96 0.04
CA ASP H 376 -26.63 -53.34 -0.81
C ASP H 376 -26.60 -52.46 -2.05
N GLN H 377 -27.10 -51.23 -1.94
CA GLN H 377 -27.15 -50.33 -3.08
C GLN H 377 -25.75 -49.88 -3.48
N TRP H 378 -24.96 -49.42 -2.53
CA TRP H 378 -23.59 -48.98 -2.82
C TRP H 378 -22.60 -50.10 -2.59
N LEU H 379 -22.91 -51.28 -3.12
CA LEU H 379 -21.98 -52.40 -3.12
C LEU H 379 -21.27 -52.48 -4.46
N THR H 380 -21.83 -51.87 -5.50
CA THR H 380 -21.22 -51.76 -6.81
C THR H 380 -20.56 -50.41 -7.06
N GLU H 381 -21.12 -49.34 -6.47
CA GLU H 381 -20.58 -47.99 -6.64
C GLU H 381 -19.16 -47.87 -6.11
N VAL H 382 -18.85 -48.65 -5.08
CA VAL H 382 -17.47 -48.86 -4.65
C VAL H 382 -17.21 -50.35 -4.75
N LEU H 383 -16.02 -50.76 -4.31
CA LEU H 383 -15.59 -52.17 -4.23
C LEU H 383 -15.55 -52.82 -5.61
N ASP H 384 -15.13 -52.05 -6.61
CA ASP H 384 -15.16 -52.55 -7.97
C ASP H 384 -14.04 -51.85 -8.74
N VAL H 385 -13.73 -52.39 -9.93
CA VAL H 385 -12.73 -51.78 -10.79
C VAL H 385 -13.20 -50.41 -11.27
N ALA H 386 -14.49 -50.31 -11.62
CA ALA H 386 -15.19 -49.07 -12.00
C ALA H 386 -14.54 -48.31 -13.16
N SER I 2 72.68 29.46 -1.53
CA SER I 2 72.50 28.55 -2.65
C SER I 2 71.53 27.44 -2.27
N PHE I 3 71.42 26.44 -3.13
CA PHE I 3 70.55 25.29 -2.86
C PHE I 3 71.26 24.04 -3.35
N PHE I 4 70.53 22.94 -3.39
CA PHE I 4 71.04 21.69 -3.91
C PHE I 4 69.91 21.00 -4.64
N HIS I 5 70.24 20.34 -5.75
CA HIS I 5 69.26 19.57 -6.50
C HIS I 5 69.76 18.14 -6.61
N GLY I 6 68.90 17.19 -6.36
CA GLY I 6 69.30 15.82 -6.19
C GLY I 6 69.31 15.43 -4.74
N VAL I 7 69.84 14.25 -4.46
CA VAL I 7 69.82 13.67 -3.13
C VAL I 7 71.18 13.84 -2.47
N THR I 8 71.19 14.37 -1.25
CA THR I 8 72.41 14.41 -0.46
C THR I 8 72.46 13.20 0.46
N VAL I 9 73.68 12.76 0.76
CA VAL I 9 73.94 11.90 1.89
C VAL I 9 74.89 12.63 2.82
N THR I 10 74.71 12.44 4.12
CA THR I 10 75.49 13.16 5.11
C THR I 10 75.82 12.23 6.24
N ASN I 11 77.10 12.03 6.50
CA ASN I 11 77.54 11.29 7.67
C ASN I 11 77.39 12.20 8.88
N VAL I 12 76.49 11.86 9.79
CA VAL I 12 76.25 12.66 10.98
C VAL I 12 75.82 11.72 12.11
N ASP I 13 76.42 11.92 13.28
CA ASP I 13 76.13 11.10 14.45
C ASP I 13 74.90 11.65 15.16
N ILE I 14 73.87 10.83 15.27
CA ILE I 14 72.68 11.15 16.05
C ILE I 14 72.30 9.96 16.91
N GLY I 15 72.05 10.21 18.18
CA GLY I 15 72.09 9.19 19.20
C GLY I 15 70.85 8.39 19.54
N ALA I 16 70.48 7.40 18.71
CA ALA I 16 69.66 6.27 19.13
C ALA I 16 68.27 6.65 19.65
N ARG I 17 67.35 6.97 18.72
CA ARG I 17 66.08 7.65 18.97
C ARG I 17 65.28 7.05 20.15
N THR I 18 64.45 7.90 20.74
CA THR I 18 63.94 7.75 22.09
C THR I 18 62.41 7.82 22.09
N ILE I 19 61.79 6.96 21.27
CA ILE I 19 60.35 6.90 21.06
C ILE I 19 59.57 6.83 22.36
N ALA I 20 58.54 7.65 22.44
CA ALA I 20 57.70 7.75 23.63
C ALA I 20 56.28 8.04 23.16
N LEU I 21 55.32 7.68 24.00
CA LEU I 21 53.93 7.98 23.67
C LEU I 21 53.70 9.48 23.76
N PRO I 22 53.05 10.09 22.77
CA PRO I 22 52.71 11.52 22.85
C PRO I 22 51.63 11.75 23.90
N ALA I 23 51.95 12.55 24.91
CA ALA I 23 51.06 12.81 26.02
C ALA I 23 50.42 14.19 25.89
N SER I 24 49.26 14.35 26.53
CA SER I 24 48.54 15.61 26.50
C SER I 24 48.79 16.48 27.72
N SER I 25 49.40 15.93 28.76
CA SER I 25 49.65 16.71 29.97
C SER I 25 50.76 17.72 29.74
N VAL I 26 50.66 18.85 30.44
CA VAL I 26 51.64 19.91 30.37
C VAL I 26 52.38 19.99 31.69
N ILE I 27 53.66 20.33 31.63
CA ILE I 27 54.59 20.23 32.76
C ILE I 27 55.29 21.57 32.91
N GLY I 28 55.33 22.09 34.15
CA GLY I 28 56.00 23.33 34.43
C GLY I 28 57.37 23.08 35.02
N LEU I 29 58.41 23.51 34.30
CA LEU I 29 59.78 23.18 34.62
C LEU I 29 60.56 24.45 34.88
N CYS I 30 61.52 24.35 35.80
CA CYS I 30 62.29 25.52 36.23
C CYS I 30 63.63 25.06 36.77
N ASP I 31 64.72 25.43 36.12
CA ASP I 31 66.05 25.00 36.51
C ASP I 31 67.04 26.00 35.92
N VAL I 32 68.34 25.70 36.05
CA VAL I 32 69.38 26.67 35.71
C VAL I 32 69.93 26.40 34.31
N PHE I 33 70.36 27.46 33.65
CA PHE I 33 71.04 27.35 32.38
C PHE I 33 71.90 28.60 32.21
N THR I 34 72.76 28.59 31.19
CA THR I 34 73.59 29.73 30.89
C THR I 34 73.09 30.41 29.63
N PRO I 35 72.64 31.66 29.69
CA PRO I 35 72.24 32.36 28.48
C PRO I 35 73.43 32.74 27.62
N GLY I 36 73.61 32.05 26.50
CA GLY I 36 74.76 32.25 25.64
C GLY I 36 74.33 32.56 24.23
N ALA I 37 75.12 32.05 23.28
CA ALA I 37 74.85 32.31 21.87
C ALA I 37 73.78 31.34 21.34
N GLN I 38 74.06 30.04 21.41
CA GLN I 38 73.15 29.05 20.85
C GLN I 38 71.92 28.84 21.71
N ALA I 39 71.98 29.15 23.00
CA ALA I 39 70.81 29.13 23.86
C ALA I 39 69.91 30.30 23.50
N SER I 40 68.84 30.04 22.76
CA SER I 40 67.95 31.10 22.32
C SER I 40 66.77 31.25 23.27
N ALA I 41 67.08 31.52 24.53
CA ALA I 41 66.06 31.79 25.52
C ALA I 41 66.51 32.91 26.43
N LYS I 42 65.67 33.92 26.60
CA LYS I 42 65.86 34.87 27.67
C LYS I 42 65.59 34.18 29.01
N PRO I 43 66.28 34.58 30.08
CA PRO I 43 66.19 33.82 31.35
C PRO I 43 64.81 33.71 31.98
N ASN I 44 64.17 34.81 32.35
CA ASN I 44 62.88 34.68 33.03
C ASN I 44 61.71 34.79 32.07
N VAL I 45 61.76 34.05 30.96
CA VAL I 45 60.70 34.01 29.98
C VAL I 45 60.35 32.54 29.73
N PRO I 46 59.11 32.12 29.96
CA PRO I 46 58.75 30.73 29.68
C PRO I 46 58.66 30.46 28.18
N VAL I 47 59.06 29.26 27.80
CA VAL I 47 59.03 28.81 26.41
C VAL I 47 58.36 27.44 26.35
N LEU I 48 57.60 27.19 25.29
CA LEU I 48 56.92 25.91 25.11
C LEU I 48 57.81 24.95 24.35
N LEU I 49 57.92 23.74 24.88
CA LEU I 49 58.84 22.72 24.38
C LEU I 49 58.07 21.49 23.97
N THR I 50 58.40 20.95 22.81
CA THR I 50 57.82 19.70 22.33
C THR I 50 58.85 18.67 21.89
N SER I 51 60.15 18.94 22.06
CA SER I 51 61.17 18.05 21.52
C SER I 51 62.46 18.23 22.30
N LYS I 52 63.33 17.21 22.24
CA LYS I 52 64.68 17.37 22.74
C LYS I 52 65.47 18.36 21.90
N LYS I 53 65.15 18.48 20.62
CA LYS I 53 65.76 19.52 19.80
C LYS I 53 65.27 20.89 20.22
N ASP I 54 63.98 21.01 20.54
CA ASP I 54 63.45 22.29 21.01
C ASP I 54 63.93 22.64 22.41
N ALA I 55 64.36 21.65 23.19
CA ALA I 55 64.96 21.92 24.49
C ALA I 55 66.42 22.31 24.38
N ALA I 56 67.13 21.78 23.38
CA ALA I 56 68.52 22.09 23.17
C ALA I 56 68.73 23.25 22.22
N ALA I 57 67.68 23.77 21.60
CA ALA I 57 67.81 25.00 20.83
C ALA I 57 67.51 26.22 21.69
N ALA I 58 66.54 26.11 22.59
CA ALA I 58 66.25 27.21 23.50
C ALA I 58 67.28 27.29 24.61
N PHE I 59 67.65 26.14 25.17
CA PHE I 59 68.59 26.07 26.27
C PHE I 59 69.84 25.36 25.80
N GLY I 60 70.90 25.44 26.59
CA GLY I 60 72.11 24.74 26.22
C GLY I 60 71.96 23.24 26.36
N ILE I 61 72.71 22.51 25.53
CA ILE I 61 72.68 21.06 25.64
C ILE I 61 73.42 20.59 26.88
N GLY I 62 74.32 21.41 27.41
CA GLY I 62 74.94 21.12 28.68
C GLY I 62 74.25 21.73 29.88
N SER I 63 73.07 22.29 29.69
CA SER I 63 72.37 22.97 30.77
C SER I 63 71.69 21.97 31.70
N SER I 64 71.18 22.49 32.81
CA SER I 64 70.40 21.65 33.71
C SER I 64 68.92 21.65 33.38
N ILE I 65 68.46 22.63 32.59
CA ILE I 65 67.13 22.55 31.99
C ILE I 65 67.05 21.34 31.08
N TYR I 66 68.01 21.20 30.17
CA TYR I 66 67.98 20.16 29.14
C TYR I 66 68.09 18.77 29.75
N LEU I 67 68.86 18.62 30.83
CA LEU I 67 68.92 17.33 31.51
C LEU I 67 67.59 16.99 32.16
N ALA I 68 66.86 18.00 32.62
CA ALA I 68 65.51 17.78 33.11
C ALA I 68 64.53 17.51 31.97
N CYS I 69 64.74 18.15 30.82
CA CYS I 69 63.85 17.92 29.69
C CYS I 69 64.16 16.62 28.96
N GLU I 70 65.41 16.20 28.95
CA GLU I 70 65.73 14.85 28.47
C GLU I 70 65.15 13.79 29.39
N ALA I 71 65.05 14.09 30.69
CA ALA I 71 64.46 13.18 31.65
C ALA I 71 62.96 12.97 31.42
N ILE I 72 62.29 13.91 30.78
CA ILE I 72 60.86 13.78 30.53
C ILE I 72 60.60 13.17 29.16
N TYR I 73 61.40 13.56 28.17
CA TYR I 73 61.21 13.10 26.80
C TYR I 73 61.63 11.66 26.58
N ASN I 74 62.33 11.04 27.53
CA ASN I 74 62.60 9.61 27.43
C ASN I 74 61.38 8.78 27.78
N ARG I 75 60.37 9.37 28.39
CA ARG I 75 59.19 8.62 28.81
C ARG I 75 57.92 9.10 28.14
N ALA I 76 57.75 10.40 27.96
CA ALA I 76 56.55 10.92 27.33
C ALA I 76 56.93 12.08 26.44
N GLN I 77 56.26 12.19 25.29
CA GLN I 77 56.44 13.32 24.40
C GLN I 77 55.51 14.45 24.85
N ALA I 78 55.87 15.02 25.99
CA ALA I 78 54.99 15.93 26.71
C ALA I 78 55.27 17.37 26.33
N VAL I 79 54.34 18.23 26.71
CA VAL I 79 54.48 19.66 26.50
C VAL I 79 55.05 20.27 27.77
N ILE I 80 56.13 21.01 27.65
CA ILE I 80 56.86 21.54 28.80
C ILE I 80 56.94 23.05 28.66
N VAL I 81 56.30 23.76 29.58
CA VAL I 81 56.52 25.18 29.77
C VAL I 81 57.72 25.31 30.71
N ALA I 82 58.85 25.72 30.16
CA ALA I 82 60.10 25.74 30.91
C ALA I 82 60.59 27.17 31.09
N VAL I 83 61.05 27.48 32.29
CA VAL I 83 61.53 28.82 32.66
C VAL I 83 62.99 28.67 33.07
N GLY I 84 63.90 29.19 32.25
CA GLY I 84 65.32 29.08 32.50
C GLY I 84 65.91 30.10 33.44
N VAL I 85 65.75 29.91 34.75
CA VAL I 85 66.34 30.82 35.73
C VAL I 85 67.86 30.80 35.62
N GLU I 86 68.46 31.98 35.48
CA GLU I 86 69.92 32.10 35.42
C GLU I 86 70.56 31.70 36.74
N THR I 87 71.81 31.28 36.66
CA THR I 87 72.52 30.76 37.81
C THR I 87 72.98 31.90 38.72
N ALA I 88 73.29 31.54 39.96
CA ALA I 88 73.73 32.51 40.97
C ALA I 88 74.71 31.83 41.89
N GLU I 89 75.40 32.64 42.70
CA GLU I 89 76.52 32.11 43.49
C GLU I 89 76.02 31.36 44.73
N THR I 90 75.41 32.07 45.66
CA THR I 90 75.04 31.45 46.93
C THR I 90 73.71 30.73 46.81
N PRO I 91 73.52 29.64 47.56
CA PRO I 91 72.23 28.93 47.51
C PRO I 91 71.08 29.71 48.12
N GLU I 92 71.35 30.74 48.91
CA GLU I 92 70.28 31.65 49.33
C GLU I 92 69.81 32.49 48.17
N ALA I 93 70.73 32.99 47.34
CA ALA I 93 70.35 33.76 46.17
C ALA I 93 69.92 32.89 45.02
N GLN I 94 70.29 31.61 45.01
CA GLN I 94 69.82 30.72 43.97
C GLN I 94 68.38 30.30 44.22
N ALA I 95 68.06 29.94 45.46
CA ALA I 95 66.69 29.63 45.82
C ALA I 95 65.79 30.86 45.72
N SER I 96 66.34 32.05 45.89
CA SER I 96 65.55 33.27 45.71
C SER I 96 65.26 33.52 44.23
N ALA I 97 66.13 33.04 43.34
CA ALA I 97 65.94 33.25 41.92
C ALA I 97 65.05 32.18 41.30
N VAL I 98 65.02 30.98 41.87
CA VAL I 98 64.11 29.95 41.40
C VAL I 98 62.68 30.28 41.81
N ILE I 99 62.49 30.76 43.04
CA ILE I 99 61.19 31.27 43.47
C ILE I 99 60.80 32.48 42.65
N GLY I 100 61.66 33.48 42.60
CA GLY I 100 61.41 34.65 41.78
C GLY I 100 60.32 35.52 42.39
N GLY I 101 59.52 36.11 41.53
CA GLY I 101 58.41 36.93 41.98
C GLY I 101 58.09 38.00 40.95
N ILE I 102 57.52 39.08 41.45
CA ILE I 102 57.16 40.22 40.63
C ILE I 102 58.21 41.33 40.76
N SER I 103 59.43 40.99 41.16
CA SER I 103 60.52 41.93 41.44
C SER I 103 61.08 42.63 40.20
N ALA I 104 60.51 42.43 39.01
CA ALA I 104 60.87 43.14 37.81
C ALA I 104 60.24 44.52 37.76
N ALA I 105 60.23 45.15 36.59
CA ALA I 105 59.37 46.30 36.35
C ALA I 105 57.92 45.94 36.60
N GLY I 106 57.41 44.97 35.85
CA GLY I 106 56.13 44.36 36.16
C GLY I 106 56.06 42.88 35.82
N GLU I 107 57.17 42.30 35.37
CA GLU I 107 57.17 40.93 34.88
C GLU I 107 57.22 39.94 36.02
N ARG I 108 57.04 38.67 35.67
CA ARG I 108 57.03 37.56 36.62
C ARG I 108 58.25 36.70 36.36
N THR I 109 59.00 36.39 37.41
CA THR I 109 60.27 35.68 37.30
C THR I 109 60.23 34.38 38.08
N GLY I 110 61.05 33.42 37.65
CA GLY I 110 61.22 32.20 38.39
C GLY I 110 60.11 31.20 38.23
N LEU I 111 59.67 30.61 39.34
CA LEU I 111 58.50 29.75 39.30
C LEU I 111 57.23 30.53 38.98
N GLN I 112 57.20 31.81 39.34
CA GLN I 112 56.02 32.64 39.14
C GLN I 112 55.69 32.88 37.68
N ALA I 113 56.67 32.70 36.79
CA ALA I 113 56.43 32.78 35.36
C ALA I 113 55.67 31.58 34.83
N LEU I 114 55.54 30.50 35.60
CA LEU I 114 54.73 29.37 35.15
C LEU I 114 53.24 29.66 35.25
N LEU I 115 52.85 30.67 36.01
CA LEU I 115 51.47 31.15 35.98
C LEU I 115 51.15 31.85 34.68
N ASP I 116 52.16 32.26 33.92
CA ASP I 116 52.01 32.81 32.59
C ASP I 116 52.03 31.74 31.52
N GLY I 117 51.95 30.46 31.88
CA GLY I 117 52.06 29.41 30.90
C GLY I 117 50.86 29.34 29.97
N LYS I 118 49.67 29.43 30.55
CA LYS I 118 48.49 29.75 29.75
C LYS I 118 48.53 31.25 29.47
N SER I 119 47.91 31.63 28.34
CA SER I 119 47.85 32.97 27.72
C SER I 119 49.15 33.39 27.04
N ARG I 120 50.21 32.60 27.24
CA ARG I 120 51.38 32.68 26.39
C ARG I 120 51.47 31.53 25.41
N PHE I 121 50.98 30.35 25.79
CA PHE I 121 51.14 29.17 24.97
C PHE I 121 49.93 28.24 24.97
N ASN I 122 48.84 28.59 25.66
CA ASN I 122 47.67 27.73 25.89
C ASN I 122 48.08 26.40 26.53
N ALA I 123 48.90 26.50 27.58
CA ALA I 123 49.40 25.32 28.29
C ALA I 123 49.48 25.67 29.76
N GLN I 124 48.42 25.38 30.51
CA GLN I 124 48.37 25.69 31.93
C GLN I 124 48.93 24.51 32.71
N PRO I 125 50.11 24.64 33.33
CA PRO I 125 50.90 23.47 33.77
C PRO I 125 50.22 22.67 34.88
N ARG I 126 49.91 21.41 34.57
CA ARG I 126 49.32 20.49 35.53
C ARG I 126 50.36 19.77 36.37
N LEU I 127 51.64 19.90 36.04
CA LEU I 127 52.71 19.29 36.81
C LEU I 127 53.82 20.30 36.97
N LEU I 128 54.31 20.45 38.20
CA LEU I 128 55.31 21.43 38.54
C LEU I 128 56.55 20.72 39.04
N VAL I 129 57.69 21.05 38.45
CA VAL I 129 58.94 20.38 38.78
C VAL I 129 60.06 21.42 38.79
N ALA I 130 60.88 21.38 39.84
CA ALA I 130 62.06 22.23 39.95
C ALA I 130 63.21 21.30 40.32
N PRO I 131 63.89 20.73 39.34
CA PRO I 131 64.83 19.63 39.62
C PRO I 131 66.09 20.11 40.32
N GLY I 132 66.35 19.55 41.49
CA GLY I 132 67.50 19.91 42.28
C GLY I 132 67.30 21.08 43.21
N HIS I 133 66.24 21.86 43.00
CA HIS I 133 65.97 23.03 43.81
C HIS I 133 64.82 22.85 44.78
N SER I 134 63.98 21.82 44.58
CA SER I 134 62.88 21.57 45.49
C SER I 134 63.31 20.95 46.80
N ALA I 135 64.60 20.61 46.93
CA ALA I 135 65.14 20.13 48.19
C ALA I 135 65.25 21.23 49.24
N GLN I 136 65.32 22.49 48.82
CA GLN I 136 65.29 23.59 49.78
C GLN I 136 63.85 23.86 50.20
N GLN I 137 63.67 24.23 51.45
CA GLN I 137 62.34 24.34 52.03
C GLN I 137 61.62 25.59 51.58
N ALA I 138 62.36 26.60 51.10
CA ALA I 138 61.74 27.82 50.61
C ALA I 138 61.18 27.65 49.21
N VAL I 139 61.91 26.94 48.34
CA VAL I 139 61.44 26.67 46.99
C VAL I 139 60.23 25.74 47.03
N ALA I 140 60.28 24.73 47.88
CA ALA I 140 59.20 23.77 48.00
C ALA I 140 57.96 24.34 48.67
N THR I 141 58.03 25.53 49.26
CA THR I 141 56.84 26.25 49.65
C THR I 141 56.31 27.13 48.52
N ALA I 142 57.21 27.69 47.71
CA ALA I 142 56.77 28.37 46.49
C ALA I 142 56.21 27.40 45.48
N MET I 143 56.72 26.16 45.44
CA MET I 143 56.08 25.11 44.67
C MET I 143 54.69 24.82 45.20
N ASP I 144 54.51 24.88 46.52
CA ASP I 144 53.25 24.55 47.15
C ASP I 144 52.18 25.58 46.84
N GLY I 145 52.44 26.84 47.17
CA GLY I 145 51.47 27.90 46.96
C GLY I 145 51.14 28.16 45.51
N LEU I 146 52.04 27.80 44.60
CA LEU I 146 51.76 27.93 43.18
C LEU I 146 51.03 26.71 42.63
N ALA I 147 51.24 25.54 43.22
CA ALA I 147 50.42 24.39 42.83
C ALA I 147 48.99 24.54 43.32
N GLU I 148 48.78 25.30 44.40
CA GLU I 148 47.42 25.57 44.85
C GLU I 148 46.73 26.56 43.91
N LYS I 149 47.46 27.57 43.45
CA LYS I 149 46.91 28.52 42.49
C LYS I 149 46.66 27.86 41.15
N LEU I 150 47.69 27.26 40.56
CA LEU I 150 47.62 26.72 39.22
C LEU I 150 46.86 25.41 39.15
N ARG I 151 46.45 24.88 40.31
CA ARG I 151 45.70 23.63 40.47
C ARG I 151 46.44 22.46 39.82
N ALA I 152 47.60 22.17 40.40
CA ALA I 152 48.52 21.19 39.87
C ALA I 152 49.05 20.35 41.01
N ILE I 153 49.93 19.42 40.69
CA ILE I 153 50.68 18.66 41.69
C ILE I 153 52.15 19.00 41.51
N ALA I 154 52.75 19.56 42.56
CA ALA I 154 54.17 19.84 42.55
C ALA I 154 54.91 18.57 42.96
N ILE I 155 55.94 18.23 42.19
CA ILE I 155 56.74 17.04 42.48
C ILE I 155 58.05 17.49 43.11
N LEU I 156 58.17 17.25 44.41
CA LEU I 156 59.35 17.65 45.16
C LEU I 156 60.40 16.57 45.08
N ASP I 157 61.51 16.80 45.79
CA ASP I 157 62.49 15.77 46.06
C ASP I 157 63.26 16.15 47.31
N GLY I 158 63.75 15.15 48.03
CA GLY I 158 64.51 15.40 49.22
C GLY I 158 65.96 15.63 48.87
N PRO I 159 66.82 15.54 49.87
CA PRO I 159 68.26 15.63 49.61
C PRO I 159 68.83 14.28 49.17
N ASN I 160 70.14 14.28 48.97
CA ASN I 160 70.89 13.06 48.67
C ASN I 160 71.14 12.22 49.91
N SER I 161 70.79 12.74 51.09
CA SER I 161 71.19 12.16 52.36
C SER I 161 70.36 10.94 52.71
N THR I 162 70.39 10.56 53.99
CA THR I 162 69.80 9.32 54.47
C THR I 162 68.28 9.38 54.44
N ASP I 163 67.67 8.29 54.92
CA ASP I 163 66.22 8.20 55.00
C ASP I 163 65.65 9.17 56.01
N GLU I 164 66.38 9.43 57.09
CA GLU I 164 65.85 10.29 58.14
C GLU I 164 65.89 11.75 57.72
N ALA I 165 66.82 12.11 56.85
CA ALA I 165 66.80 13.46 56.27
C ALA I 165 65.66 13.63 55.29
N ALA I 166 65.14 12.54 54.74
CA ALA I 166 63.95 12.60 53.89
C ALA I 166 62.68 12.68 54.72
N VAL I 167 62.63 11.91 55.82
CA VAL I 167 61.44 11.91 56.67
C VAL I 167 61.29 13.26 57.38
N ALA I 168 62.38 13.79 57.91
CA ALA I 168 62.34 15.07 58.61
C ALA I 168 62.08 16.23 57.67
N TYR I 169 62.42 16.08 56.39
CA TYR I 169 62.08 17.09 55.39
C TYR I 169 60.64 16.95 54.92
N ALA I 170 60.07 15.75 55.01
CA ALA I 170 58.67 15.55 54.64
C ALA I 170 57.71 15.95 55.74
N LYS I 171 58.18 16.16 56.96
CA LYS I 171 57.33 16.66 58.02
C LYS I 171 57.17 18.17 57.97
N ASN I 172 57.90 18.85 57.10
CA ASN I 172 57.71 20.28 56.91
C ASN I 172 56.50 20.61 56.06
N PHE I 173 55.81 19.60 55.52
CA PHE I 173 54.70 19.85 54.61
C PHE I 173 53.54 18.96 54.96
N GLY I 174 52.36 19.56 55.06
CA GLY I 174 51.13 18.81 55.17
C GLY I 174 50.18 19.23 54.07
N SER I 175 50.73 19.45 52.88
CA SER I 175 49.95 19.99 51.77
C SER I 175 49.50 18.92 50.80
N LYS I 176 48.29 19.10 50.29
CA LYS I 176 47.65 18.13 49.41
C LYS I 176 48.36 18.03 48.06
N ARG I 177 48.86 19.14 47.55
CA ARG I 177 49.37 19.21 46.19
C ARG I 177 50.85 18.85 46.07
N LEU I 178 51.45 18.30 47.11
CA LEU I 178 52.88 18.00 47.10
C LEU I 178 53.10 16.50 46.99
N PHE I 179 54.11 16.12 46.22
CA PHE I 179 54.40 14.71 45.94
C PHE I 179 55.91 14.57 45.95
N MET I 180 56.46 14.07 47.05
CA MET I 180 57.90 14.00 47.21
C MET I 180 58.42 12.67 46.68
N VAL I 181 59.47 12.74 45.88
CA VAL I 181 60.21 11.55 45.43
C VAL I 181 61.63 11.74 45.92
N ASP I 182 62.00 11.06 47.02
CA ASP I 182 63.29 11.37 47.62
C ASP I 182 64.54 10.82 46.92
N PRO I 183 64.67 9.52 46.59
CA PRO I 183 65.98 9.04 46.13
C PRO I 183 66.28 9.55 44.72
N GLY I 184 67.47 10.10 44.56
CA GLY I 184 67.88 10.61 43.27
C GLY I 184 68.14 9.51 42.28
N VAL I 185 68.11 9.89 41.05
CA VAL I 185 68.40 9.00 39.93
C VAL I 185 69.89 9.04 39.62
N GLN I 186 70.47 7.87 39.40
CA GLN I 186 71.85 7.72 38.96
C GLN I 186 71.80 7.31 37.49
N VAL I 187 72.05 8.26 36.59
CA VAL I 187 71.91 8.06 35.15
C VAL I 187 73.28 8.07 34.50
N TRP I 188 73.50 7.17 33.55
CA TRP I 188 74.81 7.04 32.91
C TRP I 188 75.04 8.20 31.94
N ASP I 189 76.10 8.97 32.18
CA ASP I 189 76.47 10.08 31.32
C ASP I 189 77.34 9.56 30.19
N SER I 190 77.03 9.98 28.96
CA SER I 190 77.81 9.53 27.80
C SER I 190 79.15 10.23 27.73
N ALA I 191 79.23 11.47 28.20
CA ALA I 191 80.46 12.25 28.07
C ALA I 191 81.53 11.75 29.04
N THR I 192 81.22 11.74 30.33
CA THR I 192 82.17 11.26 31.34
C THR I 192 82.30 9.75 31.35
N ASN I 193 81.41 9.04 30.64
CA ASN I 193 81.37 7.57 30.56
C ASN I 193 81.24 6.94 31.94
N ALA I 194 80.45 7.59 32.80
CA ALA I 194 80.16 7.11 34.13
C ALA I 194 78.73 7.50 34.47
N ALA I 195 78.32 7.21 35.70
CA ALA I 195 76.95 7.39 36.14
C ALA I 195 76.83 8.72 36.85
N ARG I 196 76.09 9.64 36.24
CA ARG I 196 75.84 10.97 36.78
C ARG I 196 74.58 10.96 37.64
N ASN I 197 74.60 11.71 38.73
CA ASN I 197 73.39 11.82 39.54
C ASN I 197 72.36 12.72 38.86
N ALA I 198 71.12 12.58 39.28
CA ALA I 198 69.99 13.33 38.76
C ALA I 198 68.97 13.40 39.87
N PRO I 199 68.26 14.52 40.02
CA PRO I 199 67.41 14.71 41.20
C PRO I 199 66.06 14.01 41.15
N ALA I 200 65.76 13.25 40.09
CA ALA I 200 64.61 12.33 39.99
C ALA I 200 63.23 12.97 40.05
N SER I 201 63.14 14.30 40.10
CA SER I 201 61.83 14.94 40.05
C SER I 201 61.31 14.98 38.63
N ALA I 202 62.20 15.20 37.66
CA ALA I 202 61.77 15.24 36.27
C ALA I 202 61.45 13.85 35.74
N TYR I 203 62.08 12.81 36.30
CA TYR I 203 61.75 11.45 35.89
C TYR I 203 60.39 11.03 36.43
N ALA I 204 59.99 11.57 37.57
CA ALA I 204 58.63 11.34 38.06
C ALA I 204 57.61 12.06 37.18
N ALA I 205 57.92 13.29 36.76
CA ALA I 205 56.96 14.10 36.02
C ALA I 205 56.78 13.59 34.59
N GLY I 206 57.80 12.95 34.01
CA GLY I 206 57.62 12.35 32.71
C GLY I 206 56.76 11.10 32.78
N LEU I 207 56.85 10.37 33.88
CA LEU I 207 56.01 9.20 34.10
C LEU I 207 54.64 9.57 34.60
N PHE I 208 54.52 10.71 35.26
CA PHE I 208 53.23 11.17 35.75
C PHE I 208 52.35 11.58 34.58
N ALA I 209 52.96 12.12 33.53
CA ALA I 209 52.28 12.52 32.31
C ALA I 209 52.13 11.39 31.32
N TRP I 210 52.99 10.37 31.42
CA TRP I 210 52.84 9.19 30.59
C TRP I 210 51.64 8.36 31.00
N THR I 211 51.32 8.36 32.29
CA THR I 211 50.20 7.57 32.80
C THR I 211 48.87 8.17 32.34
N ASP I 212 48.85 9.47 32.07
CA ASP I 212 47.65 10.10 31.54
C ASP I 212 47.37 9.65 30.11
N ALA I 213 48.42 9.31 29.36
CA ALA I 213 48.24 8.91 27.97
C ALA I 213 47.67 7.51 27.87
N GLU I 214 48.37 6.51 28.42
CA GLU I 214 47.90 5.15 28.25
C GLU I 214 46.81 4.79 29.26
N TYR I 215 46.99 5.14 30.52
CA TYR I 215 46.08 4.64 31.55
C TYR I 215 45.05 5.64 32.03
N GLY I 216 45.18 6.91 31.66
CA GLY I 216 44.26 7.92 32.12
C GLY I 216 44.69 8.56 33.43
N PHE I 217 44.19 9.78 33.65
CA PHE I 217 44.65 10.58 34.77
C PHE I 217 44.20 10.05 36.13
N TRP I 218 43.20 9.17 36.16
CA TRP I 218 42.75 8.59 37.41
C TRP I 218 43.63 7.45 37.87
N SER I 219 44.48 6.90 37.00
CA SER I 219 45.34 5.81 37.40
C SER I 219 46.51 6.32 38.22
N SER I 220 47.03 5.46 39.03
CA SER I 220 48.18 5.93 39.79
C SER I 220 49.46 5.66 39.00
N PRO I 221 50.47 6.49 39.18
CA PRO I 221 51.76 6.25 38.52
C PRO I 221 52.69 5.39 39.35
N SER I 222 52.11 4.69 40.33
CA SER I 222 52.83 4.15 41.45
C SER I 222 53.45 2.79 41.23
N ASN I 223 53.38 2.27 40.02
CA ASN I 223 54.10 1.03 39.74
C ASN I 223 54.68 1.07 38.34
N LYS I 224 54.65 2.21 37.68
CA LYS I 224 55.07 2.32 36.30
C LYS I 224 56.57 2.51 36.21
N GLU I 225 57.08 2.41 34.99
CA GLU I 225 58.50 2.17 34.75
C GLU I 225 59.17 3.48 34.36
N ILE I 226 60.18 3.88 35.12
CA ILE I 226 60.97 5.05 34.79
C ILE I 226 62.01 4.63 33.77
N LYS I 227 62.03 5.30 32.63
CA LYS I 227 62.93 4.93 31.55
C LYS I 227 64.08 5.91 31.42
N GLY I 228 65.22 5.40 30.95
CA GLY I 228 66.41 6.20 30.79
C GLY I 228 67.29 6.30 32.00
N VAL I 229 67.12 5.40 32.97
CA VAL I 229 67.81 5.47 34.25
C VAL I 229 68.56 4.16 34.48
N THR I 230 69.62 4.24 35.29
CA THR I 230 70.49 3.11 35.52
C THR I 230 70.62 2.73 36.99
N GLY I 231 69.97 3.45 37.89
CA GLY I 231 70.07 3.16 39.30
C GLY I 231 69.66 4.36 40.10
N THR I 232 69.58 4.16 41.41
CA THR I 232 69.25 5.25 42.32
C THR I 232 70.47 5.65 43.12
N SER I 233 70.35 6.81 43.79
CA SER I 233 71.45 7.32 44.59
C SER I 233 71.65 6.49 45.84
N ARG I 234 70.57 5.98 46.40
CA ARG I 234 70.60 5.04 47.50
C ARG I 234 69.78 3.82 47.10
N PRO I 235 70.21 2.62 47.48
CA PRO I 235 69.41 1.43 47.18
C PRO I 235 68.18 1.40 48.08
N VAL I 236 67.01 1.38 47.48
CA VAL I 236 65.77 1.38 48.22
C VAL I 236 65.21 -0.04 48.28
N GLU I 237 64.72 -0.41 49.44
CA GLU I 237 64.55 -1.79 49.87
C GLU I 237 63.07 -2.05 50.07
N PHE I 238 62.41 -2.68 49.11
CA PHE I 238 61.05 -3.13 49.34
C PHE I 238 61.04 -4.60 49.71
N LEU I 239 60.78 -4.87 50.99
CA LEU I 239 60.68 -6.20 51.57
C LEU I 239 59.38 -6.26 52.36
N ASP I 240 59.10 -7.40 52.97
CA ASP I 240 57.88 -7.57 53.76
C ASP I 240 58.25 -7.91 55.19
N GLY I 241 57.23 -8.23 55.99
CA GLY I 241 57.43 -8.78 57.31
C GLY I 241 57.31 -7.82 58.47
N ASP I 242 56.53 -6.73 58.32
CA ASP I 242 56.35 -5.66 59.31
C ASP I 242 57.70 -5.08 59.72
N GLU I 243 58.57 -4.87 58.73
CA GLU I 243 59.95 -4.56 58.99
C GLU I 243 60.22 -3.07 58.81
N THR I 244 61.48 -2.69 59.00
CA THR I 244 61.94 -1.34 58.71
C THR I 244 62.52 -1.28 57.31
N CYS I 245 61.68 -1.64 56.35
CA CYS I 245 62.06 -1.58 54.94
C CYS I 245 62.24 -0.14 54.53
N ARG I 246 63.22 0.12 53.68
CA ARG I 246 63.49 1.50 53.27
C ARG I 246 62.38 2.03 52.37
N ALA I 247 61.76 1.15 51.57
CA ALA I 247 60.60 1.56 50.78
C ALA I 247 59.37 1.76 51.65
N ASN I 248 59.27 1.04 52.76
CA ASN I 248 58.11 1.17 53.63
C ASN I 248 58.28 2.26 54.65
N LEU I 249 59.54 2.56 55.01
CA LEU I 249 59.81 3.70 55.88
C LEU I 249 59.46 5.01 55.18
N LEU I 250 59.80 5.12 53.90
CA LEU I 250 59.57 6.37 53.20
C LEU I 250 58.14 6.52 52.73
N ASN I 251 57.42 5.42 52.48
CA ASN I 251 56.01 5.54 52.16
C ASN I 251 55.20 6.00 53.36
N ASN I 252 55.57 5.57 54.57
CA ASN I 252 54.87 6.02 55.76
C ASN I 252 55.20 7.44 56.15
N ALA I 253 56.21 8.05 55.53
CA ALA I 253 56.43 9.48 55.60
C ALA I 253 55.87 10.21 54.39
N ASN I 254 55.00 9.52 53.62
CA ASN I 254 54.32 10.03 52.42
C ASN I 254 55.30 10.44 51.33
N ILE I 255 56.28 9.58 51.06
CA ILE I 255 57.28 9.82 50.03
C ILE I 255 57.26 8.65 49.06
N ALA I 256 57.19 8.94 47.77
CA ALA I 256 57.37 7.91 46.76
C ALA I 256 58.85 7.61 46.57
N THR I 257 59.15 6.35 46.25
CA THR I 257 60.52 5.90 46.06
C THR I 257 60.66 5.25 44.69
N ILE I 258 61.85 4.74 44.43
CA ILE I 258 62.18 3.95 43.25
C ILE I 258 62.86 2.68 43.74
N ILE I 259 62.30 1.52 43.43
CA ILE I 259 62.44 0.35 44.29
C ILE I 259 63.25 -0.80 43.67
N ARG I 260 63.10 -1.10 42.39
CA ARG I 260 63.71 -2.35 41.91
C ARG I 260 64.63 -2.09 40.73
N ASP I 261 65.41 -3.12 40.40
CA ASP I 261 65.94 -3.43 39.06
C ASP I 261 66.67 -2.25 38.41
N ASP I 262 67.80 -1.87 39.02
CA ASP I 262 68.61 -0.71 38.64
C ASP I 262 67.77 0.58 38.58
N GLY I 263 66.95 0.78 39.60
CA GLY I 263 66.05 1.92 39.60
C GLY I 263 64.99 1.81 38.54
N TYR I 264 63.96 1.00 38.76
CA TYR I 264 63.07 0.66 37.64
C TYR I 264 61.69 1.29 37.77
N ARG I 265 61.11 1.34 38.96
CA ARG I 265 59.70 1.69 39.11
C ARG I 265 59.50 2.72 40.21
N LEU I 266 58.76 3.79 39.89
CA LEU I 266 58.27 4.70 40.93
C LEU I 266 57.27 3.95 41.79
N TRP I 267 57.28 4.22 43.09
CA TRP I 267 56.67 3.27 44.00
C TRP I 267 55.52 3.83 44.83
N GLY I 268 55.69 4.94 45.52
CA GLY I 268 54.62 5.43 46.36
C GLY I 268 53.48 6.06 45.58
N ASN I 269 52.33 6.19 46.25
CA ASN I 269 51.20 6.94 45.70
C ASN I 269 50.50 7.82 46.72
N ARG I 270 51.05 8.02 47.90
CA ARG I 270 50.51 8.98 48.84
C ARG I 270 51.10 10.34 48.54
N THR I 271 50.25 11.36 48.61
CA THR I 271 50.73 12.74 48.57
C THR I 271 51.06 13.19 49.98
N LEU I 272 51.66 14.38 50.10
CA LEU I 272 52.09 14.85 51.40
C LEU I 272 50.99 15.53 52.20
N SER I 273 49.83 14.92 52.29
CA SER I 273 48.68 15.55 52.91
C SER I 273 48.51 15.07 54.35
N SER I 274 48.07 15.98 55.20
CA SER I 274 47.74 15.67 56.58
C SER I 274 46.29 15.25 56.75
N ASP I 275 45.57 15.02 55.65
CA ASP I 275 44.18 14.63 55.67
C ASP I 275 44.05 13.30 54.95
N SER I 276 43.43 12.32 55.62
CA SER I 276 43.24 10.99 55.04
C SER I 276 42.20 10.99 53.93
N LYS I 277 41.39 12.04 53.81
CA LYS I 277 40.48 12.15 52.69
C LYS I 277 41.23 12.46 51.41
N TRP I 278 42.40 13.09 51.51
CA TRP I 278 43.23 13.44 50.37
C TRP I 278 44.57 12.73 50.41
N ALA I 279 44.56 11.44 50.74
CA ALA I 279 45.82 10.72 50.90
C ALA I 279 46.46 10.38 49.57
N PHE I 280 45.69 9.85 48.63
CA PHE I 280 46.24 9.37 47.38
C PHE I 280 46.31 10.48 46.36
N VAL I 281 47.34 10.41 45.50
CA VAL I 281 47.40 11.33 44.38
C VAL I 281 46.35 11.01 43.34
N THR I 282 45.83 9.78 43.32
CA THR I 282 44.67 9.44 42.53
C THR I 282 43.48 10.33 42.89
N ARG I 283 43.23 10.52 44.19
CA ARG I 283 42.17 11.40 44.65
C ARG I 283 42.43 12.85 44.26
N VAL I 284 43.68 13.28 44.34
CA VAL I 284 43.98 14.69 44.09
C VAL I 284 43.99 14.97 42.59
N ARG I 285 44.51 14.05 41.78
CA ARG I 285 44.60 14.28 40.34
C ARG I 285 43.25 14.12 39.66
N THR I 286 42.42 13.21 40.13
CA THR I 286 41.12 12.98 39.50
C THR I 286 40.19 14.16 39.73
N MET I 287 40.10 14.64 40.98
CA MET I 287 39.30 15.81 41.32
C MET I 287 39.81 17.05 40.60
N ASP I 288 41.12 17.12 40.36
CA ASP I 288 41.68 18.26 39.66
C ASP I 288 41.38 18.22 38.18
N LEU I 289 41.41 17.03 37.57
CA LEU I 289 41.20 16.91 36.13
C LEU I 289 39.83 16.38 35.76
N VAL I 290 38.94 16.12 36.73
CA VAL I 290 37.54 16.02 36.36
C VAL I 290 37.00 17.40 36.10
N MET I 291 37.54 18.43 36.78
CA MET I 291 36.97 19.75 36.62
C MET I 291 37.55 20.45 35.42
N ASP I 292 38.82 20.21 35.13
CA ASP I 292 39.44 20.78 33.94
C ASP I 292 38.85 20.23 32.66
N ALA I 293 38.24 19.05 32.70
CA ALA I 293 37.44 18.59 31.57
C ALA I 293 36.03 19.16 31.63
N ILE I 294 35.50 19.35 32.83
CA ILE I 294 34.20 19.99 33.01
C ILE I 294 34.26 21.46 32.61
N LEU I 295 35.30 22.17 33.04
CA LEU I 295 35.39 23.60 32.71
C LEU I 295 35.71 23.80 31.24
N ALA I 296 36.77 23.18 30.74
CA ALA I 296 37.08 23.26 29.33
C ALA I 296 36.12 22.35 28.60
N GLY I 297 34.97 22.89 28.23
CA GLY I 297 33.85 22.10 27.75
C GLY I 297 32.55 22.75 28.17
N HIS I 298 32.62 23.61 29.17
CA HIS I 298 31.51 24.48 29.55
C HIS I 298 31.99 25.91 29.65
N LYS I 299 32.68 26.36 28.60
CA LYS I 299 33.07 27.75 28.49
C LYS I 299 31.93 28.63 28.02
N TRP I 300 30.80 28.06 27.64
CA TRP I 300 29.64 28.84 27.22
C TRP I 300 28.79 29.32 28.39
N ALA I 301 29.17 29.00 29.62
CA ALA I 301 28.36 29.33 30.79
C ALA I 301 28.80 30.61 31.49
N VAL I 302 29.75 31.36 30.92
CA VAL I 302 30.19 32.61 31.51
C VAL I 302 29.65 33.81 30.73
N ASP I 303 29.54 33.67 29.42
CA ASP I 303 28.59 34.43 28.61
C ASP I 303 27.23 33.73 28.68
N ARG I 304 26.36 34.00 27.71
CA ARG I 304 25.02 33.41 27.63
C ARG I 304 24.19 33.77 28.87
N GLY I 305 23.80 35.05 28.89
CA GLY I 305 22.92 35.63 29.88
C GLY I 305 21.73 34.78 30.28
N ILE I 306 21.35 34.86 31.55
CA ILE I 306 20.55 33.84 32.21
C ILE I 306 19.13 33.89 31.69
N THR I 307 18.73 32.83 30.99
CA THR I 307 17.35 32.60 30.60
C THR I 307 16.71 31.67 31.61
N LYS I 308 15.50 31.19 31.30
CA LYS I 308 14.77 30.33 32.21
C LYS I 308 15.44 28.97 32.34
N THR I 309 15.80 28.36 31.21
CA THR I 309 16.44 27.06 31.21
C THR I 309 17.95 27.15 31.11
N TYR I 310 18.54 28.20 31.68
CA TYR I 310 20.00 28.24 31.79
C TYR I 310 20.49 27.22 32.79
N VAL I 311 19.84 27.15 33.96
CA VAL I 311 20.29 26.25 35.01
C VAL I 311 19.99 24.80 34.65
N LYS I 312 18.98 24.54 33.81
CA LYS I 312 18.71 23.18 33.38
C LYS I 312 19.65 22.74 32.27
N ASP I 313 20.00 23.64 31.37
CA ASP I 313 20.90 23.27 30.28
C ASP I 313 22.34 23.13 30.73
N VAL I 314 22.69 23.61 31.92
CA VAL I 314 24.02 23.35 32.45
C VAL I 314 24.07 21.99 33.13
N THR I 315 23.03 21.63 33.90
CA THR I 315 23.00 20.33 34.58
C THR I 315 23.03 19.18 33.59
N GLU I 316 22.19 19.24 32.56
CA GLU I 316 22.22 18.21 31.53
C GLU I 316 23.47 18.28 30.68
N GLY I 317 24.13 19.43 30.65
CA GLY I 317 25.44 19.51 30.05
C GLY I 317 26.50 18.99 31.00
N LEU I 318 26.35 19.25 32.29
CA LEU I 318 27.29 18.71 33.26
C LEU I 318 27.16 17.20 33.39
N ARG I 319 25.93 16.69 33.36
CA ARG I 319 25.74 15.24 33.43
C ARG I 319 26.25 14.54 32.17
N ALA I 320 26.23 15.22 31.03
CA ALA I 320 26.66 14.60 29.79
C ALA I 320 28.19 14.52 29.70
N PHE I 321 28.89 15.53 30.17
CA PHE I 321 30.34 15.50 30.25
C PHE I 321 30.84 14.83 31.51
N MET I 322 29.98 14.12 32.22
CA MET I 322 30.33 13.36 33.39
C MET I 322 29.99 11.89 33.24
N ARG I 323 29.05 11.54 32.36
CA ARG I 323 28.86 10.16 31.95
C ARG I 323 29.87 9.73 30.90
N ASP I 324 30.58 10.68 30.29
CA ASP I 324 31.74 10.36 29.47
C ASP I 324 32.91 9.98 30.37
N LEU I 325 32.90 10.46 31.61
CA LEU I 325 33.95 10.13 32.56
C LEU I 325 33.66 8.83 33.28
N LYS I 326 32.38 8.54 33.51
CA LYS I 326 32.03 7.24 34.08
C LYS I 326 32.21 6.14 33.04
N ASN I 327 32.10 6.49 31.76
CA ASN I 327 32.26 5.51 30.69
C ASN I 327 33.69 5.01 30.61
N GLN I 328 34.65 5.93 30.62
CA GLN I 328 36.04 5.54 30.48
C GLN I 328 36.67 5.16 31.81
N GLY I 329 35.95 5.25 32.91
CA GLY I 329 36.41 4.72 34.17
C GLY I 329 37.03 5.72 35.12
N ALA I 330 36.84 7.02 34.89
CA ALA I 330 37.46 8.01 35.77
C ALA I 330 36.75 8.07 37.12
N VAL I 331 35.42 7.98 37.10
CA VAL I 331 34.60 8.02 38.29
C VAL I 331 33.79 6.73 38.33
N ILE I 332 32.96 6.63 39.37
CA ILE I 332 31.96 5.58 39.49
C ILE I 332 30.69 6.19 40.10
N ASN I 333 29.64 6.32 39.28
CA ASN I 333 28.30 6.77 39.68
C ASN I 333 28.32 8.16 40.31
N PHE I 334 28.62 9.15 39.47
CA PHE I 334 28.53 10.56 39.83
C PHE I 334 27.15 11.03 40.29
N GLU I 335 27.05 12.29 40.70
CA GLU I 335 25.77 12.90 40.99
C GLU I 335 25.88 14.40 40.75
N VAL I 336 25.09 14.93 39.81
CA VAL I 336 25.12 16.34 39.46
C VAL I 336 23.70 16.89 39.60
N TYR I 337 23.56 18.00 40.32
CA TYR I 337 22.26 18.65 40.45
C TYR I 337 22.45 20.11 40.83
N ALA I 338 21.51 20.95 40.42
CA ALA I 338 21.51 22.34 40.83
C ALA I 338 21.18 22.45 42.31
N ASP I 339 21.88 23.34 43.00
CA ASP I 339 21.73 23.49 44.44
C ASP I 339 20.41 24.16 44.74
N PRO I 340 19.44 23.48 45.35
CA PRO I 340 18.11 24.08 45.50
C PRO I 340 18.03 25.14 46.57
N ASP I 341 18.94 25.12 47.53
CA ASP I 341 18.88 26.03 48.67
C ASP I 341 19.59 27.35 48.44
N LEU I 342 20.52 27.41 47.48
CA LEU I 342 21.32 28.61 47.29
C LEU I 342 21.13 29.26 45.92
N ASN I 343 20.12 28.86 45.15
CA ASN I 343 19.82 29.53 43.89
C ASN I 343 18.67 30.50 44.13
N SER I 344 19.01 31.63 44.74
CA SER I 344 18.08 32.72 44.94
C SER I 344 17.95 33.52 43.65
N ALA I 345 17.08 34.52 43.69
CA ALA I 345 17.04 35.53 42.64
C ALA I 345 17.94 36.72 42.96
N SER I 346 18.22 36.97 44.24
CA SER I 346 19.22 37.95 44.59
C SER I 346 20.61 37.49 44.19
N GLN I 347 20.86 36.17 44.21
CA GLN I 347 22.10 35.65 43.65
C GLN I 347 22.09 35.71 42.14
N LEU I 348 20.92 35.57 41.54
CA LEU I 348 20.81 35.51 40.08
C LEU I 348 20.93 36.90 39.46
N ALA I 349 20.61 37.94 40.20
CA ALA I 349 20.85 39.30 39.71
C ALA I 349 22.34 39.62 39.69
N GLN I 350 23.11 39.01 40.59
CA GLN I 350 24.56 39.15 40.57
C GLN I 350 25.23 38.22 39.56
N GLY I 351 24.47 37.35 38.90
CA GLY I 351 25.03 36.40 37.98
C GLY I 351 25.50 35.11 38.61
N LYS I 352 25.25 34.91 39.89
CA LYS I 352 25.70 33.70 40.56
C LYS I 352 24.61 32.65 40.53
N VAL I 353 25.02 31.40 40.30
CA VAL I 353 24.12 30.25 40.22
C VAL I 353 24.93 28.99 40.51
N TYR I 354 24.43 28.13 41.39
CA TYR I 354 25.28 27.12 42.00
C TYR I 354 24.87 25.72 41.54
N TRP I 355 25.83 24.80 41.58
CA TRP I 355 25.60 23.40 41.23
C TRP I 355 26.42 22.51 42.15
N ASN I 356 25.99 21.26 42.28
CA ASN I 356 26.60 20.29 43.17
C ASN I 356 27.03 19.06 42.37
N ILE I 357 28.31 18.74 42.38
CA ILE I 357 28.92 17.79 41.44
C ILE I 357 29.60 16.66 42.20
N ARG I 358 28.92 16.08 43.19
CA ARG I 358 29.42 14.91 43.92
C ARG I 358 29.79 13.76 42.99
N PHE I 359 30.90 13.08 43.29
CA PHE I 359 31.27 11.86 42.58
C PHE I 359 32.15 11.00 43.49
N THR I 360 32.41 9.78 43.03
CA THR I 360 33.26 8.81 43.72
C THR I 360 34.44 8.45 42.83
N ASP I 361 35.64 8.56 43.38
CA ASP I 361 36.85 8.24 42.65
C ASP I 361 37.18 6.76 42.76
N VAL I 362 37.91 6.25 41.77
CA VAL I 362 38.32 4.84 41.78
C VAL I 362 39.48 4.66 42.75
N PRO I 363 39.44 3.68 43.64
CA PRO I 363 40.53 3.51 44.60
C PRO I 363 41.68 2.72 44.00
N PRO I 364 42.91 3.10 44.29
CA PRO I 364 44.05 2.31 43.83
C PRO I 364 44.28 1.09 44.71
N ALA I 365 44.71 0.01 44.08
CA ALA I 365 44.94 -1.26 44.76
C ALA I 365 46.29 -1.19 45.47
N GLU I 366 46.29 -0.49 46.61
CA GLU I 366 47.54 -0.12 47.26
C GLU I 366 48.21 -1.31 47.93
N ASN I 367 47.42 -2.21 48.50
CA ASN I 367 47.94 -3.30 49.33
C ASN I 367 47.19 -4.59 49.05
N PRO I 368 47.60 -5.34 48.03
CA PRO I 368 47.07 -6.70 47.88
C PRO I 368 47.68 -7.63 48.92
N ASN I 369 46.85 -8.45 49.55
CA ASN I 369 47.26 -9.25 50.68
C ASN I 369 47.09 -10.72 50.36
N PHE I 370 48.18 -11.47 50.45
CA PHE I 370 48.19 -12.89 50.15
C PHE I 370 48.34 -13.65 51.46
N ARG I 371 47.36 -14.49 51.79
CA ARG I 371 47.38 -15.26 53.02
C ARG I 371 47.69 -16.70 52.63
N VAL I 372 48.96 -17.03 52.62
CA VAL I 372 49.46 -18.29 52.08
C VAL I 372 49.70 -19.27 53.21
N GLU I 373 49.34 -20.54 52.98
CA GLU I 373 49.44 -21.59 53.99
C GLU I 373 49.93 -22.87 53.34
N VAL I 374 50.85 -23.56 54.00
CA VAL I 374 51.29 -24.88 53.59
C VAL I 374 50.52 -25.91 54.41
N THR I 375 49.79 -26.78 53.73
CA THR I 375 48.97 -27.78 54.39
C THR I 375 49.47 -29.18 54.03
N ASP I 376 49.02 -30.16 54.80
CA ASP I 376 49.16 -31.57 54.45
C ASP I 376 47.81 -32.16 54.08
N GLN I 377 46.91 -31.33 53.55
CA GLN I 377 45.57 -31.80 53.20
C GLN I 377 45.62 -32.72 52.00
N TRP I 378 46.29 -32.32 50.94
CA TRP I 378 46.41 -33.15 49.75
C TRP I 378 47.68 -33.99 49.78
N LEU I 379 47.93 -34.62 50.92
CA LEU I 379 49.02 -35.58 51.03
C LEU I 379 48.51 -37.00 50.87
N THR I 380 47.20 -37.19 51.04
CA THR I 380 46.53 -38.47 50.81
C THR I 380 45.80 -38.52 49.47
N GLU I 381 45.29 -37.38 49.01
CA GLU I 381 44.56 -37.30 47.74
C GLU I 381 45.44 -37.69 46.56
N VAL I 382 46.73 -37.42 46.67
CA VAL I 382 47.73 -37.97 45.77
C VAL I 382 48.70 -38.75 46.62
N LEU I 383 49.75 -39.28 45.99
CA LEU I 383 50.86 -39.99 46.64
C LEU I 383 50.39 -41.26 47.33
N ASP I 384 49.43 -41.94 46.72
CA ASP I 384 48.83 -43.10 47.36
C ASP I 384 48.35 -44.05 46.26
N VAL I 385 48.06 -45.29 46.65
CA VAL I 385 47.53 -46.27 45.71
C VAL I 385 46.16 -45.83 45.20
N ALA I 386 45.33 -45.30 46.09
CA ALA I 386 44.00 -44.71 45.81
C ALA I 386 43.04 -45.65 45.07
N SER J 2 46.45 4.17 -63.08
CA SER J 2 45.91 2.83 -62.97
C SER J 2 45.69 2.46 -61.51
N PHE J 3 45.37 1.20 -61.25
CA PHE J 3 45.17 0.72 -59.89
C PHE J 3 45.76 -0.67 -59.79
N PHE J 4 45.47 -1.35 -58.68
CA PHE J 4 45.90 -2.72 -58.48
C PHE J 4 44.78 -3.43 -57.74
N HIS J 5 44.56 -4.70 -58.09
CA HIS J 5 43.59 -5.52 -57.38
C HIS J 5 44.29 -6.76 -56.88
N GLY J 6 44.04 -7.10 -55.63
CA GLY J 6 44.81 -8.11 -54.95
C GLY J 6 45.78 -7.47 -53.99
N VAL J 7 46.67 -8.30 -53.44
CA VAL J 7 47.58 -7.86 -52.40
C VAL J 7 48.97 -7.64 -53.00
N THR J 8 49.55 -6.48 -52.72
CA THR J 8 50.93 -6.22 -53.08
C THR J 8 51.85 -6.55 -51.92
N VAL J 9 53.07 -6.97 -52.22
CA VAL J 9 54.17 -6.94 -51.28
C VAL J 9 55.24 -6.03 -51.85
N THR J 10 55.92 -5.31 -50.98
CA THR J 10 56.89 -4.32 -51.40
C THR J 10 58.08 -4.37 -50.45
N ASN J 11 59.26 -4.65 -50.98
CA ASN J 11 60.47 -4.55 -50.20
C ASN J 11 60.83 -3.08 -50.06
N VAL J 12 60.77 -2.55 -48.85
CA VAL J 12 61.08 -1.15 -48.60
C VAL J 12 61.67 -1.02 -47.20
N ASP J 13 62.76 -0.28 -47.10
CA ASP J 13 63.45 -0.08 -45.83
C ASP J 13 62.78 1.06 -45.07
N ILE J 14 62.29 0.76 -43.87
CA ILE J 14 61.74 1.77 -42.97
C ILE J 14 62.29 1.51 -41.56
N GLY J 15 62.77 2.57 -40.93
CA GLY J 15 63.69 2.45 -39.82
C GLY J 15 63.16 2.35 -38.40
N ALA J 16 62.65 1.19 -37.98
CA ALA J 16 62.58 0.80 -36.57
C ALA J 16 61.73 1.72 -35.71
N ARG J 17 60.39 1.59 -35.81
CA ARG J 17 59.39 2.55 -35.33
C ARG J 17 59.64 3.03 -33.90
N THR J 18 59.12 4.22 -33.62
CA THR J 18 59.56 5.08 -32.53
C THR J 18 58.39 5.49 -31.66
N ILE J 19 57.67 4.47 -31.15
CA ILE J 19 56.45 4.62 -30.36
C ILE J 19 56.65 5.57 -29.19
N ALA J 20 55.69 6.47 -29.02
CA ALA J 20 55.73 7.48 -27.98
C ALA J 20 54.30 7.72 -27.54
N LEU J 21 54.15 8.21 -26.32
CA LEU J 21 52.83 8.54 -25.82
C LEU J 21 52.29 9.76 -26.57
N PRO J 22 51.06 9.73 -27.04
CA PRO J 22 50.46 10.92 -27.67
C PRO J 22 50.18 12.00 -26.63
N ALA J 23 50.81 13.16 -26.82
CA ALA J 23 50.72 14.26 -25.89
C ALA J 23 49.78 15.34 -26.42
N SER J 24 49.23 16.14 -25.49
CA SER J 24 48.32 17.21 -25.84
C SER J 24 49.01 18.57 -25.92
N SER J 25 50.23 18.68 -25.43
CA SER J 25 50.93 19.96 -25.46
C SER J 25 51.36 20.31 -26.88
N VAL J 26 51.38 21.61 -27.15
CA VAL J 26 51.81 22.13 -28.45
C VAL J 26 53.13 22.86 -28.27
N ILE J 27 53.99 22.77 -29.30
CA ILE J 27 55.38 23.21 -29.24
C ILE J 27 55.65 24.13 -30.41
N GLY J 28 56.26 25.29 -30.13
CA GLY J 28 56.61 26.23 -31.17
C GLY J 28 58.07 26.10 -31.54
N LEU J 29 58.31 25.73 -32.79
CA LEU J 29 59.64 25.37 -33.26
C LEU J 29 60.05 26.30 -34.39
N CYS J 30 61.35 26.59 -34.45
CA CYS J 30 61.86 27.55 -35.43
C CYS J 30 63.33 27.24 -35.67
N ASP J 31 63.67 26.86 -36.90
CA ASP J 31 65.04 26.48 -37.24
C ASP J 31 65.18 26.62 -38.75
N VAL J 32 66.32 26.18 -39.29
CA VAL J 32 66.65 26.44 -40.70
C VAL J 32 66.32 25.23 -41.56
N PHE J 33 65.97 25.50 -42.81
CA PHE J 33 65.77 24.46 -43.79
C PHE J 33 65.99 25.07 -45.16
N THR J 34 66.04 24.23 -46.19
CA THR J 34 66.20 24.70 -47.55
C THR J 34 64.89 24.50 -48.30
N PRO J 35 64.25 25.57 -48.76
CA PRO J 35 63.03 25.41 -49.57
C PRO J 35 63.34 24.88 -50.96
N GLY J 36 63.00 23.62 -51.19
CA GLY J 36 63.32 22.95 -52.44
C GLY J 36 62.07 22.38 -53.09
N ALA J 37 62.25 21.24 -53.73
CA ALA J 37 61.14 20.59 -54.42
C ALA J 37 60.28 19.78 -53.45
N GLN J 38 60.88 18.80 -52.78
CA GLN J 38 60.13 17.92 -51.90
C GLN J 38 59.74 18.60 -50.59
N ALA J 39 60.47 19.64 -50.18
CA ALA J 39 60.09 20.42 -49.01
C ALA J 39 58.89 21.28 -49.38
N SER J 40 57.70 20.86 -48.94
CA SER J 40 56.47 21.57 -49.27
C SER J 40 56.09 22.55 -48.17
N ALA J 41 57.00 23.48 -47.89
CA ALA J 41 56.74 24.54 -46.93
C ALA J 41 57.32 25.84 -47.46
N LYS J 42 56.50 26.88 -47.48
CA LYS J 42 57.03 28.23 -47.65
C LYS J 42 57.79 28.61 -46.38
N PRO J 43 58.85 29.43 -46.51
CA PRO J 43 59.72 29.71 -45.36
C PRO J 43 59.08 30.34 -44.13
N ASN J 44 58.51 31.53 -44.24
CA ASN J 44 57.97 32.16 -43.04
C ASN J 44 56.47 31.90 -42.88
N VAL J 45 56.06 30.63 -43.01
CA VAL J 45 54.69 30.22 -42.83
C VAL J 45 54.67 29.06 -41.84
N PRO J 46 53.97 29.18 -40.72
CA PRO J 46 53.90 28.06 -39.78
C PRO J 46 53.02 26.94 -40.31
N VAL J 47 53.42 25.71 -40.00
CA VAL J 47 52.71 24.50 -40.40
C VAL J 47 52.53 23.61 -39.18
N LEU J 48 51.39 22.93 -39.11
CA LEU J 48 51.11 22.03 -37.99
C LEU J 48 51.60 20.63 -38.32
N LEU J 49 52.33 20.04 -37.37
CA LEU J 49 53.01 18.77 -37.55
C LEU J 49 52.50 17.78 -36.52
N THR J 50 52.23 16.55 -36.98
CA THR J 50 51.84 15.47 -36.08
C THR J 50 52.64 14.19 -36.30
N SER J 51 53.65 14.20 -37.17
CA SER J 51 54.35 12.97 -37.51
C SER J 51 55.75 13.30 -38.01
N LYS J 52 56.64 12.31 -37.94
CA LYS J 52 57.93 12.43 -38.60
C LYS J 52 57.77 12.46 -40.11
N LYS J 53 56.74 11.80 -40.64
CA LYS J 53 56.44 11.91 -42.06
C LYS J 53 55.94 13.31 -42.40
N ASP J 54 55.12 13.90 -41.53
CA ASP J 54 54.64 15.26 -41.75
C ASP J 54 55.74 16.28 -41.57
N ALA J 55 56.80 15.95 -40.84
CA ALA J 55 57.94 16.83 -40.70
C ALA J 55 58.89 16.72 -41.88
N ALA J 56 58.99 15.54 -42.48
CA ALA J 56 59.84 15.31 -43.64
C ALA J 56 59.13 15.53 -44.96
N ALA J 57 57.82 15.75 -44.94
CA ALA J 57 57.13 16.14 -46.17
C ALA J 57 57.08 17.65 -46.31
N ALA J 58 56.90 18.37 -45.20
CA ALA J 58 56.92 19.83 -45.24
C ALA J 58 58.34 20.35 -45.36
N PHE J 59 59.26 19.79 -44.60
CA PHE J 59 60.64 20.21 -44.57
C PHE J 59 61.51 19.09 -45.12
N GLY J 60 62.76 19.41 -45.42
CA GLY J 60 63.66 18.39 -45.91
C GLY J 60 64.02 17.40 -44.82
N ILE J 61 64.31 16.16 -45.24
CA ILE J 61 64.74 15.16 -44.28
C ILE J 61 66.16 15.43 -43.81
N GLY J 62 66.94 16.17 -44.59
CA GLY J 62 68.24 16.62 -44.16
C GLY J 62 68.25 17.98 -43.51
N SER J 63 67.09 18.55 -43.24
CA SER J 63 67.01 19.90 -42.70
C SER J 63 67.31 19.90 -41.20
N SER J 64 67.44 21.10 -40.65
CA SER J 64 67.60 21.24 -39.22
C SER J 64 66.28 21.37 -38.49
N ILE J 65 65.20 21.69 -39.20
CA ILE J 65 63.86 21.56 -38.65
C ILE J 65 63.57 20.10 -38.31
N TYR J 66 63.82 19.21 -39.27
CA TYR J 66 63.46 17.80 -39.12
C TYR J 66 64.28 17.13 -38.03
N LEU J 67 65.54 17.53 -37.86
CA LEU J 67 66.33 16.99 -36.76
C LEU J 67 65.80 17.45 -35.41
N ALA J 68 65.24 18.66 -35.36
CA ALA J 68 64.56 19.11 -34.16
C ALA J 68 63.22 18.42 -33.97
N CYS J 69 62.53 18.11 -35.06
CA CYS J 69 61.24 17.43 -34.96
C CYS J 69 61.40 15.94 -34.70
N GLU J 70 62.47 15.33 -35.21
CA GLU J 70 62.78 13.96 -34.81
C GLU J 70 63.17 13.89 -33.35
N ALA J 71 63.77 14.96 -32.83
CA ALA J 71 64.13 15.03 -31.41
C ALA J 71 62.92 15.08 -30.49
N ILE J 72 61.78 15.52 -30.99
CA ILE J 72 60.57 15.59 -30.16
C ILE J 72 59.74 14.33 -30.32
N TYR J 73 59.65 13.81 -31.54
CA TYR J 73 58.82 12.65 -31.82
C TYR J 73 59.41 11.33 -31.31
N ASN J 74 60.66 11.32 -30.87
CA ASN J 74 61.20 10.15 -30.20
C ASN J 74 60.70 10.03 -28.77
N ARG J 75 60.14 11.09 -28.21
CA ARG J 75 59.68 11.07 -26.83
C ARG J 75 58.19 11.29 -26.69
N ALA J 76 57.61 12.18 -27.47
CA ALA J 76 56.17 12.43 -27.40
C ALA J 76 55.63 12.65 -28.79
N GLN J 77 54.42 12.15 -29.02
CA GLN J 77 53.72 12.38 -30.28
C GLN J 77 52.98 13.71 -30.18
N ALA J 78 53.77 14.77 -30.18
CA ALA J 78 53.29 16.09 -29.85
C ALA J 78 52.87 16.86 -31.09
N VAL J 79 52.16 17.95 -30.88
CA VAL J 79 51.75 18.85 -31.94
C VAL J 79 52.78 19.96 -32.03
N ILE J 80 53.34 20.18 -33.22
CA ILE J 80 54.41 21.14 -33.40
C ILE J 80 53.99 22.16 -34.45
N VAL J 81 53.86 23.41 -34.03
CA VAL J 81 53.75 24.53 -34.96
C VAL J 81 55.18 24.95 -35.29
N ALA J 82 55.63 24.64 -36.50
CA ALA J 82 57.01 24.84 -36.90
C ALA J 82 57.09 25.90 -37.99
N VAL J 83 58.08 26.79 -37.85
CA VAL J 83 58.30 27.89 -38.79
C VAL J 83 59.69 27.72 -39.37
N GLY J 84 59.76 27.37 -40.66
CA GLY J 84 61.01 27.11 -41.33
C GLY J 84 61.75 28.33 -41.85
N VAL J 85 62.44 29.06 -40.98
CA VAL J 85 63.23 30.22 -41.40
C VAL J 85 64.33 29.79 -42.36
N GLU J 86 64.39 30.44 -43.53
CA GLU J 86 65.42 30.15 -44.52
C GLU J 86 66.80 30.55 -44.00
N THR J 87 67.82 29.88 -44.54
CA THR J 87 69.19 30.08 -44.07
C THR J 87 69.76 31.39 -44.59
N ALA J 88 70.83 31.85 -43.93
CA ALA J 88 71.49 33.10 -44.30
C ALA J 88 72.96 32.95 -44.01
N GLU J 89 73.75 33.90 -44.52
CA GLU J 89 75.20 33.76 -44.47
C GLU J 89 75.76 34.10 -43.09
N THR J 90 75.66 35.35 -42.70
CA THR J 90 76.29 35.79 -41.46
C THR J 90 75.40 35.47 -40.26
N PRO J 91 75.99 35.19 -39.10
CA PRO J 91 75.17 34.94 -37.90
C PRO J 91 74.43 36.16 -37.38
N GLU J 92 74.84 37.36 -37.78
CA GLU J 92 74.04 38.54 -37.49
C GLU J 92 72.74 38.53 -38.30
N ALA J 93 72.83 38.17 -39.58
CA ALA J 93 71.65 38.10 -40.42
C ALA J 93 70.86 36.81 -40.20
N GLN J 94 71.50 35.79 -39.63
CA GLN J 94 70.75 34.57 -39.32
C GLN J 94 69.92 34.74 -38.06
N ALA J 95 70.51 35.33 -37.03
CA ALA J 95 69.76 35.66 -35.82
C ALA J 95 68.69 36.69 -36.09
N SER J 96 68.89 37.57 -37.07
CA SER J 96 67.85 38.53 -37.44
C SER J 96 66.70 37.85 -38.17
N ALA J 97 66.96 36.73 -38.84
CA ALA J 97 65.92 36.03 -39.55
C ALA J 97 65.17 35.04 -38.67
N VAL J 98 65.81 34.53 -37.63
CA VAL J 98 65.09 33.68 -36.67
C VAL J 98 64.17 34.52 -35.81
N ILE J 99 64.63 35.70 -35.37
CA ILE J 99 63.75 36.64 -34.68
C ILE J 99 62.64 37.10 -35.60
N GLY J 100 63.00 37.61 -36.77
CA GLY J 100 62.01 38.01 -37.75
C GLY J 100 61.30 39.29 -37.33
N GLY J 101 60.03 39.37 -37.63
CA GLY J 101 59.23 40.51 -37.23
C GLY J 101 58.09 40.72 -38.21
N ILE J 102 57.66 41.97 -38.29
CA ILE J 102 56.60 42.38 -39.19
C ILE J 102 57.17 43.03 -40.44
N SER J 103 58.44 42.75 -40.78
CA SER J 103 59.17 43.38 -41.87
C SER J 103 58.68 42.98 -43.27
N ALA J 104 57.59 42.21 -43.38
CA ALA J 104 56.97 41.89 -44.66
C ALA J 104 56.09 43.04 -45.14
N ALA J 105 55.23 42.74 -46.11
CA ALA J 105 54.12 43.66 -46.43
C ALA J 105 53.25 43.87 -45.20
N GLY J 106 52.69 42.79 -44.67
CA GLY J 106 52.06 42.83 -43.35
C GLY J 106 52.21 41.55 -42.58
N GLU J 107 52.95 40.58 -43.11
CA GLU J 107 53.01 39.25 -42.52
C GLU J 107 54.01 39.22 -41.35
N ARG J 108 53.99 38.11 -40.63
CA ARG J 108 54.85 37.90 -39.48
C ARG J 108 55.86 36.82 -39.81
N THR J 109 57.13 37.09 -39.55
CA THR J 109 58.22 36.20 -39.94
C THR J 109 59.01 35.74 -38.72
N GLY J 110 59.63 34.58 -38.85
CA GLY J 110 60.53 34.10 -37.82
C GLY J 110 59.85 33.51 -36.60
N LEU J 111 60.33 33.88 -35.42
CA LEU J 111 59.65 33.49 -34.19
C LEU J 111 58.28 34.15 -34.07
N GLN J 112 58.12 35.33 -34.67
CA GLN J 112 56.89 36.10 -34.55
C GLN J 112 55.72 35.42 -35.25
N ALA J 113 55.98 34.50 -36.18
CA ALA J 113 54.94 33.70 -36.79
C ALA J 113 54.37 32.65 -35.86
N LEU J 114 55.02 32.37 -34.73
CA LEU J 114 54.44 31.44 -33.76
C LEU J 114 53.28 32.06 -32.99
N LEU J 115 53.16 33.39 -33.00
CA LEU J 115 51.96 34.03 -32.47
C LEU J 115 50.75 33.79 -33.36
N ASP J 116 50.98 33.38 -34.60
CA ASP J 116 49.93 32.98 -35.51
C ASP J 116 49.59 31.51 -35.41
N GLY J 117 50.10 30.82 -34.38
CA GLY J 117 49.89 29.38 -34.29
C GLY J 117 48.44 29.03 -33.99
N LYS J 118 47.85 29.72 -33.04
CA LYS J 118 46.40 29.73 -32.93
C LYS J 118 45.85 30.65 -34.01
N SER J 119 44.62 30.37 -34.44
CA SER J 119 43.84 30.97 -35.54
C SER J 119 44.33 30.55 -36.91
N ARG J 120 45.45 29.86 -36.99
CA ARG J 120 45.82 29.10 -38.16
C ARG J 120 45.63 27.61 -38.00
N PHE J 121 45.80 27.10 -36.78
CA PHE J 121 45.75 25.67 -36.57
C PHE J 121 45.08 25.25 -35.25
N ASN J 122 44.57 26.20 -34.47
CA ASN J 122 44.04 25.99 -33.11
C ASN J 122 45.08 25.31 -32.22
N ALA J 123 46.30 25.86 -32.24
CA ALA J 123 47.41 25.32 -31.47
C ALA J 123 48.26 26.51 -31.00
N GLN J 124 47.96 27.00 -29.80
CA GLN J 124 48.69 28.14 -29.25
C GLN J 124 49.89 27.63 -28.47
N PRO J 125 51.12 27.85 -28.96
CA PRO J 125 52.29 27.09 -28.49
C PRO J 125 52.65 27.35 -27.03
N ARG J 126 52.57 26.30 -26.21
CA ARG J 126 52.92 26.35 -24.81
C ARG J 126 54.40 26.12 -24.56
N LEU J 127 55.15 25.71 -25.59
CA LEU J 127 56.59 25.50 -25.49
C LEU J 127 57.26 26.10 -26.70
N LEU J 128 58.31 26.87 -26.46
CA LEU J 128 59.01 27.59 -27.51
C LEU J 128 60.44 27.10 -27.57
N VAL J 129 60.88 26.70 -28.76
CA VAL J 129 62.20 26.13 -28.94
C VAL J 129 62.78 26.66 -30.25
N ALA J 130 64.03 27.10 -30.21
CA ALA J 130 64.77 27.53 -31.40
C ALA J 130 66.11 26.82 -31.32
N PRO J 131 66.22 25.62 -31.88
CA PRO J 131 67.39 24.76 -31.62
C PRO J 131 68.62 25.27 -32.35
N GLY J 132 69.67 25.54 -31.57
CA GLY J 132 70.92 26.04 -32.09
C GLY J 132 70.99 27.54 -32.22
N HIS J 133 69.85 28.23 -32.16
CA HIS J 133 69.80 29.67 -32.31
C HIS J 133 69.55 30.40 -31.02
N SER J 134 69.08 29.72 -29.98
CA SER J 134 68.83 30.36 -28.71
C SER J 134 70.11 30.64 -27.92
N ALA J 135 71.25 30.17 -28.42
CA ALA J 135 72.54 30.49 -27.82
C ALA J 135 72.94 31.93 -28.05
N GLN J 136 72.41 32.59 -29.07
CA GLN J 136 72.65 34.02 -29.25
C GLN J 136 71.73 34.81 -28.35
N GLN J 137 72.24 35.92 -27.83
CA GLN J 137 71.53 36.66 -26.80
C GLN J 137 70.38 37.47 -27.37
N ALA J 138 70.39 37.76 -28.68
CA ALA J 138 69.30 38.48 -29.31
C ALA J 138 68.10 37.60 -29.57
N VAL J 139 68.33 36.36 -30.01
CA VAL J 139 67.25 35.42 -30.22
C VAL J 139 66.60 35.03 -28.90
N ALA J 140 67.42 34.80 -27.88
CA ALA J 140 66.93 34.41 -26.57
C ALA J 140 66.21 35.54 -25.83
N THR J 141 66.31 36.78 -26.32
CA THR J 141 65.43 37.84 -25.84
C THR J 141 64.13 37.89 -26.63
N ALA J 142 64.18 37.57 -27.92
CA ALA J 142 62.94 37.42 -28.69
C ALA J 142 62.18 36.19 -28.27
N MET J 143 62.88 35.14 -27.83
CA MET J 143 62.22 34.01 -27.18
C MET J 143 61.54 34.45 -25.89
N ASP J 144 62.18 35.37 -25.16
CA ASP J 144 61.68 35.82 -23.86
C ASP J 144 60.40 36.63 -24.01
N GLY J 145 60.46 37.71 -24.79
CA GLY J 145 59.31 38.58 -24.96
C GLY J 145 58.13 37.92 -25.64
N LEU J 146 58.38 36.89 -26.43
CA LEU J 146 57.29 36.14 -27.04
C LEU J 146 56.75 35.06 -26.13
N ALA J 147 57.56 34.51 -25.23
CA ALA J 147 57.02 33.61 -24.22
C ALA J 147 56.18 34.36 -23.21
N GLU J 148 56.45 35.65 -23.00
CA GLU J 148 55.61 36.45 -22.12
C GLU J 148 54.27 36.75 -22.79
N LYS J 149 54.27 37.03 -24.08
CA LYS J 149 53.04 37.25 -24.82
C LYS J 149 52.23 35.97 -24.92
N LEU J 150 52.83 34.93 -25.48
CA LEU J 150 52.13 33.69 -25.78
C LEU J 150 51.87 32.85 -24.53
N ARG J 151 52.37 33.28 -23.38
CA ARG J 151 52.24 32.63 -22.08
C ARG J 151 52.74 31.19 -22.13
N ALA J 152 54.04 31.08 -22.36
CA ALA J 152 54.69 29.80 -22.58
C ALA J 152 55.99 29.79 -21.81
N ILE J 153 56.73 28.70 -21.92
CA ILE J 153 58.09 28.59 -21.41
C ILE J 153 59.01 28.40 -22.60
N ALA J 154 59.93 29.34 -22.78
CA ALA J 154 60.93 29.21 -23.82
C ALA J 154 62.08 28.36 -23.30
N ILE J 155 62.51 27.39 -24.09
CA ILE J 155 63.60 26.51 -23.69
C ILE J 155 64.85 26.95 -24.44
N LEU J 156 65.78 27.56 -23.72
CA LEU J 156 67.00 28.06 -24.30
C LEU J 156 68.06 26.97 -24.32
N ASP J 157 69.25 27.33 -24.77
CA ASP J 157 70.44 26.51 -24.60
C ASP J 157 71.65 27.42 -24.67
N GLY J 158 72.71 27.02 -23.99
CA GLY J 158 73.93 27.79 -24.01
C GLY J 158 74.78 27.41 -25.21
N PRO J 159 76.05 27.76 -25.17
CA PRO J 159 76.96 27.35 -26.23
C PRO J 159 77.49 25.94 -25.96
N ASN J 160 78.39 25.51 -26.85
CA ASN J 160 79.10 24.25 -26.71
C ASN J 160 80.25 24.36 -25.73
N SER J 161 80.54 25.57 -25.24
CA SER J 161 81.75 25.85 -24.48
C SER J 161 81.66 25.38 -23.05
N THR J 162 82.54 25.88 -22.20
CA THR J 162 82.69 25.40 -20.84
C THR J 162 81.50 25.78 -19.96
N ASP J 163 81.62 25.42 -18.68
CA ASP J 163 80.58 25.73 -17.70
C ASP J 163 80.49 27.23 -17.45
N GLU J 164 81.61 27.93 -17.50
CA GLU J 164 81.59 29.35 -17.20
C GLU J 164 80.99 30.16 -18.34
N ALA J 165 81.08 29.66 -19.56
CA ALA J 165 80.36 30.29 -20.66
C ALA J 165 78.87 30.06 -20.56
N ALA J 166 78.44 29.03 -19.86
CA ALA J 166 77.03 28.81 -19.61
C ALA J 166 76.52 29.68 -18.46
N VAL J 167 77.33 29.83 -17.41
CA VAL J 167 76.94 30.63 -16.26
C VAL J 167 76.87 32.11 -16.64
N ALA J 168 77.88 32.59 -17.37
CA ALA J 168 77.91 33.99 -17.78
C ALA J 168 76.85 34.32 -18.82
N TYR J 169 76.39 33.31 -19.57
CA TYR J 169 75.27 33.51 -20.48
C TYR J 169 73.93 33.43 -19.76
N ALA J 170 73.88 32.74 -18.63
CA ALA J 170 72.65 32.68 -17.85
C ALA J 170 72.45 33.88 -16.97
N LYS J 171 73.48 34.71 -16.77
CA LYS J 171 73.32 35.95 -16.02
C LYS J 171 72.76 37.07 -16.88
N ASN J 172 72.62 36.84 -18.18
CA ASN J 172 71.97 37.82 -19.05
C ASN J 172 70.46 37.80 -18.94
N PHE J 173 69.89 36.88 -18.17
CA PHE J 173 68.44 36.73 -18.12
C PHE J 173 68.01 36.57 -16.67
N GLY J 174 67.01 37.34 -16.29
CA GLY J 174 66.34 37.15 -15.03
C GLY J 174 64.86 36.97 -15.25
N SER J 175 64.50 36.25 -16.32
CA SER J 175 63.11 36.14 -16.74
C SER J 175 62.49 34.83 -16.30
N LYS J 176 61.21 34.92 -15.92
CA LYS J 176 60.48 33.79 -15.38
C LYS J 176 60.25 32.70 -16.42
N ARG J 177 60.03 33.08 -17.67
CA ARG J 177 59.59 32.15 -18.70
C ARG J 177 60.74 31.47 -19.43
N LEU J 178 61.97 31.59 -18.94
CA LEU J 178 63.13 31.02 -19.63
C LEU J 178 63.65 29.81 -18.89
N PHE J 179 64.05 28.80 -19.65
CA PHE J 179 64.49 27.52 -19.10
C PHE J 179 65.69 27.08 -19.92
N MET J 180 66.89 27.28 -19.39
CA MET J 180 68.10 26.99 -20.15
C MET J 180 68.53 25.55 -19.90
N VAL J 181 68.85 24.85 -20.98
CA VAL J 181 69.47 23.53 -20.92
C VAL J 181 70.79 23.65 -21.65
N ASP J 182 71.89 23.77 -20.91
CA ASP J 182 73.15 24.07 -21.59
C ASP J 182 73.84 22.94 -22.36
N PRO J 183 74.10 21.74 -21.80
CA PRO J 183 74.95 20.79 -22.53
C PRO J 183 74.22 20.21 -23.72
N GLY J 184 74.88 20.25 -24.87
CA GLY J 184 74.28 19.71 -26.08
C GLY J 184 74.20 18.21 -26.05
N VAL J 185 73.35 17.70 -26.89
CA VAL J 185 73.14 16.28 -27.08
C VAL J 185 74.09 15.78 -28.15
N GLN J 186 74.72 14.63 -27.90
CA GLN J 186 75.54 13.93 -28.86
C GLN J 186 74.75 12.71 -29.31
N VAL J 187 74.15 12.78 -30.50
CA VAL J 187 73.25 11.76 -31.01
C VAL J 187 73.92 11.03 -32.18
N TRP J 188 73.77 9.71 -32.24
CA TRP J 188 74.42 8.93 -33.27
C TRP J 188 73.71 9.11 -34.60
N ASP J 189 74.45 9.59 -35.60
CA ASP J 189 73.92 9.78 -36.94
C ASP J 189 74.06 8.48 -37.72
N SER J 190 72.98 8.08 -38.40
CA SER J 190 73.03 6.84 -39.17
C SER J 190 73.82 7.00 -40.47
N ALA J 191 73.82 8.20 -41.05
CA ALA J 191 74.47 8.41 -42.34
C ALA J 191 75.99 8.41 -42.19
N THR J 192 76.52 9.29 -41.35
CA THR J 192 77.96 9.35 -41.13
C THR J 192 78.47 8.21 -40.26
N ASN J 193 77.56 7.44 -39.64
CA ASN J 193 77.88 6.31 -38.76
C ASN J 193 78.76 6.76 -37.59
N ALA J 194 78.50 7.96 -37.09
CA ALA J 194 79.19 8.51 -35.94
C ALA J 194 78.20 9.34 -35.14
N ALA J 195 78.70 10.00 -34.11
CA ALA J 195 77.86 10.73 -33.16
C ALA J 195 77.83 12.20 -33.56
N ARG J 196 76.66 12.66 -33.98
CA ARG J 196 76.43 14.04 -34.38
C ARG J 196 75.99 14.86 -33.17
N ASN J 197 76.44 16.11 -33.11
CA ASN J 197 75.97 16.97 -32.04
C ASN J 197 74.54 17.44 -32.31
N ALA J 198 73.87 17.90 -31.25
CA ALA J 198 72.51 18.37 -31.30
C ALA J 198 72.37 19.37 -30.17
N PRO J 199 71.61 20.45 -30.36
CA PRO J 199 71.60 21.54 -29.36
C PRO J 199 70.74 21.30 -28.14
N ALA J 200 70.09 20.14 -28.01
CA ALA J 200 69.41 19.66 -26.81
C ALA J 200 68.21 20.48 -26.33
N SER J 201 67.82 21.51 -27.06
CA SER J 201 66.61 22.25 -26.69
C SER J 201 65.37 21.50 -27.12
N ALA J 202 65.42 20.84 -28.27
CA ALA J 202 64.26 20.09 -28.74
C ALA J 202 64.08 18.80 -27.96
N TYR J 203 65.17 18.25 -27.42
CA TYR J 203 65.05 17.06 -26.58
C TYR J 203 64.45 17.40 -25.23
N ALA J 204 64.66 18.62 -24.74
CA ALA J 204 63.96 19.07 -23.54
C ALA J 204 62.48 19.27 -23.80
N ALA J 205 62.14 19.85 -24.95
CA ALA J 205 60.76 20.19 -25.25
C ALA J 205 59.92 18.96 -25.54
N GLY J 206 60.52 17.89 -26.05
CA GLY J 206 59.78 16.65 -26.22
C GLY J 206 59.50 15.97 -24.90
N LEU J 207 60.42 16.11 -23.95
CA LEU J 207 60.23 15.58 -22.61
C LEU J 207 59.36 16.48 -21.76
N PHE J 208 59.36 17.78 -22.05
CA PHE J 208 58.53 18.71 -21.31
C PHE J 208 57.07 18.47 -21.62
N ALA J 209 56.78 18.07 -22.85
CA ALA J 209 55.43 17.75 -23.30
C ALA J 209 55.04 16.32 -23.00
N TRP J 210 56.02 15.43 -22.85
CA TRP J 210 55.74 14.07 -22.45
C TRP J 210 55.29 13.99 -21.00
N THR J 211 55.81 14.88 -20.16
CA THR J 211 55.47 14.88 -18.74
C THR J 211 54.03 15.33 -18.52
N ASP J 212 53.50 16.13 -19.44
CA ASP J 212 52.10 16.53 -19.37
C ASP J 212 51.17 15.36 -19.64
N ALA J 213 51.61 14.40 -20.45
CA ALA J 213 50.77 13.27 -20.79
C ALA J 213 50.65 12.29 -19.62
N GLU J 214 51.78 11.75 -19.16
CA GLU J 214 51.69 10.74 -18.12
C GLU J 214 51.55 11.35 -16.73
N TYR J 215 52.33 12.38 -16.42
CA TYR J 215 52.38 12.86 -15.06
C TYR J 215 51.61 14.14 -14.81
N GLY J 216 51.16 14.82 -15.85
CA GLY J 216 50.45 16.07 -15.68
C GLY J 216 51.37 17.27 -15.69
N PHE J 217 50.81 18.43 -16.03
CA PHE J 217 51.59 19.63 -16.23
C PHE J 217 52.19 20.20 -14.96
N TRP J 218 51.69 19.79 -13.80
CA TRP J 218 52.25 20.26 -12.54
C TRP J 218 53.48 19.50 -12.13
N SER J 219 53.77 18.36 -12.75
CA SER J 219 54.95 17.60 -12.39
C SER J 219 56.19 18.23 -13.01
N SER J 220 57.29 17.99 -12.39
CA SER J 220 58.49 18.54 -12.99
C SER J 220 59.08 17.57 -14.00
N PRO J 221 59.72 18.06 -15.03
CA PRO J 221 60.38 17.17 -16.00
C PRO J 221 61.81 16.85 -15.60
N SER J 222 62.13 17.07 -14.34
CA SER J 222 63.49 17.23 -13.87
C SER J 222 64.19 15.94 -13.53
N ASN J 223 63.57 14.80 -13.76
CA ASN J 223 64.28 13.55 -13.57
C ASN J 223 63.90 12.56 -14.65
N LYS J 224 63.18 13.00 -15.67
CA LYS J 224 62.65 12.11 -16.69
C LYS J 224 63.70 11.83 -17.76
N GLU J 225 63.40 10.87 -18.62
CA GLU J 225 64.39 10.22 -19.45
C GLU J 225 64.31 10.79 -20.86
N ILE J 226 65.42 11.34 -21.33
CA ILE J 226 65.52 11.81 -22.71
C ILE J 226 65.83 10.61 -23.59
N LYS J 227 64.99 10.38 -24.59
CA LYS J 227 65.13 9.21 -25.44
C LYS J 227 65.67 9.59 -26.81
N GLY J 228 66.40 8.66 -27.41
CA GLY J 228 66.99 8.87 -28.72
C GLY J 228 68.35 9.52 -28.71
N VAL J 229 69.04 9.50 -27.57
CA VAL J 229 70.31 10.20 -27.38
C VAL J 229 71.36 9.22 -26.92
N THR J 230 72.61 9.54 -27.20
CA THR J 230 73.74 8.65 -26.91
C THR J 230 74.79 9.27 -26.02
N GLY J 231 74.62 10.52 -25.62
CA GLY J 231 75.62 11.18 -24.79
C GLY J 231 75.46 12.68 -24.89
N THR J 232 76.22 13.38 -24.06
CA THR J 232 76.21 14.83 -24.06
C THR J 232 77.50 15.36 -24.66
N SER J 233 77.49 16.66 -24.96
CA SER J 233 78.67 17.28 -25.55
C SER J 233 79.78 17.42 -24.53
N ARG J 234 79.42 17.65 -23.27
CA ARG J 234 80.36 17.65 -22.17
C ARG J 234 79.82 16.69 -21.11
N PRO J 235 80.70 15.93 -20.44
CA PRO J 235 80.23 15.05 -19.37
C PRO J 235 79.83 15.88 -18.16
N VAL J 236 78.59 15.74 -17.73
CA VAL J 236 78.08 16.51 -16.61
C VAL J 236 78.07 15.62 -15.37
N GLU J 237 78.49 16.19 -14.26
CA GLU J 237 78.99 15.49 -13.10
C GLU J 237 78.04 15.76 -11.93
N PHE J 238 77.15 14.83 -11.62
CA PHE J 238 76.36 14.97 -10.41
C PHE J 238 76.96 14.11 -9.31
N LEU J 239 77.59 14.78 -8.35
CA LEU J 239 78.22 14.20 -7.17
C LEU J 239 77.71 14.95 -5.95
N ASP J 240 78.17 14.55 -4.77
CA ASP J 240 77.75 15.20 -3.53
C ASP J 240 78.96 15.79 -2.82
N GLY J 241 78.74 16.27 -1.61
CA GLY J 241 79.82 16.66 -0.73
C GLY J 241 80.15 18.14 -0.67
N ASP J 242 79.18 19.02 -0.95
CA ASP J 242 79.34 20.48 -0.99
C ASP J 242 80.46 20.87 -1.98
N GLU J 243 80.48 20.19 -3.12
CA GLU J 243 81.60 20.27 -4.03
C GLU J 243 81.29 21.19 -5.20
N THR J 244 82.26 21.31 -6.10
CA THR J 244 82.07 22.02 -7.36
C THR J 244 81.68 21.04 -8.45
N CYS J 245 80.57 20.35 -8.20
CA CYS J 245 80.01 19.42 -9.17
C CYS J 245 79.52 20.20 -10.37
N ARG J 246 79.70 19.62 -11.56
CA ARG J 246 79.29 20.30 -12.77
C ARG J 246 77.77 20.39 -12.88
N ALA J 247 77.06 19.38 -12.37
CA ALA J 247 75.61 19.45 -12.32
C ALA J 247 75.13 20.42 -11.25
N ASN J 248 75.90 20.62 -10.19
CA ASN J 248 75.49 21.53 -9.13
C ASN J 248 75.93 22.95 -9.40
N LEU J 249 77.02 23.11 -10.16
CA LEU J 249 77.43 24.44 -10.60
C LEU J 249 76.40 25.05 -11.54
N LEU J 250 75.88 24.23 -12.46
CA LEU J 250 74.96 24.76 -13.45
C LEU J 250 73.55 24.90 -12.90
N ASN J 251 73.15 24.10 -11.91
CA ASN J 251 71.85 24.31 -11.29
C ASN J 251 71.83 25.60 -10.48
N ASN J 252 72.94 25.96 -9.84
CA ASN J 252 72.98 27.20 -9.09
C ASN J 252 73.07 28.43 -9.98
N ALA J 253 73.31 28.26 -11.28
CA ALA J 253 73.14 29.31 -12.26
C ALA J 253 71.80 29.20 -12.97
N ASN J 254 70.88 28.41 -12.41
CA ASN J 254 69.52 28.19 -12.90
C ASN J 254 69.50 27.57 -14.30
N ILE J 255 70.32 26.55 -14.51
CA ILE J 255 70.41 25.83 -15.78
C ILE J 255 70.14 24.36 -15.52
N ALA J 256 69.24 23.77 -16.31
CA ALA J 256 69.07 22.33 -16.28
C ALA J 256 70.16 21.65 -17.10
N THR J 257 70.54 20.45 -16.67
CA THR J 257 71.59 19.68 -17.31
C THR J 257 71.06 18.30 -17.68
N ILE J 258 71.96 17.48 -18.22
CA ILE J 258 71.73 16.08 -18.52
C ILE J 258 72.87 15.30 -17.90
N ILE J 259 72.58 14.36 -16.99
CA ILE J 259 73.50 14.02 -15.93
C ILE J 259 74.06 12.60 -16.03
N ARG J 260 73.27 11.58 -16.39
CA ARG J 260 73.79 10.22 -16.23
C ARG J 260 73.74 9.46 -17.54
N ASP J 261 74.42 8.30 -17.54
CA ASP J 261 74.11 7.11 -18.35
C ASP J 261 73.97 7.40 -19.84
N ASP J 262 75.08 7.82 -20.45
CA ASP J 262 75.16 8.24 -21.85
C ASP J 262 74.14 9.34 -22.17
N GLY J 263 74.06 10.33 -21.28
CA GLY J 263 73.08 11.37 -21.44
C GLY J 263 71.67 10.86 -21.25
N TYR J 264 71.23 10.64 -20.02
CA TYR J 264 69.98 9.89 -19.84
C TYR J 264 68.84 10.75 -19.33
N ARG J 265 69.08 11.68 -18.40
CA ARG J 265 68.01 12.36 -17.69
C ARG J 265 68.22 13.86 -17.66
N LEU J 266 67.19 14.62 -18.03
CA LEU J 266 67.18 16.05 -17.77
C LEU J 266 67.13 16.27 -16.27
N TRP J 267 67.83 17.30 -15.80
CA TRP J 267 68.15 17.31 -14.39
C TRP J 267 67.62 18.52 -13.62
N GLY J 268 67.86 19.74 -14.06
CA GLY J 268 67.40 20.88 -13.28
C GLY J 268 65.90 21.11 -13.38
N ASN J 269 65.39 21.90 -12.43
CA ASN J 269 64.00 22.36 -12.49
C ASN J 269 63.83 23.81 -12.08
N ARG J 270 64.91 24.58 -11.95
CA ARG J 270 64.79 26.01 -11.75
C ARG J 270 64.68 26.70 -13.10
N THR J 271 63.81 27.69 -13.18
CA THR J 271 63.77 28.56 -14.34
C THR J 271 64.74 29.72 -14.11
N LEU J 272 64.94 30.53 -15.15
CA LEU J 272 65.92 31.60 -15.04
C LEU J 272 65.37 32.87 -14.40
N SER J 273 64.69 32.74 -13.28
CA SER J 273 64.02 33.87 -12.66
C SER J 273 64.87 34.46 -11.54
N SER J 274 64.79 35.78 -11.40
CA SER J 274 65.43 36.50 -10.33
C SER J 274 64.54 36.62 -9.10
N ASP J 275 63.41 35.91 -9.08
CA ASP J 275 62.46 35.96 -7.98
C ASP J 275 62.29 34.55 -7.43
N SER J 276 62.49 34.40 -6.11
CA SER J 276 62.35 33.09 -5.48
C SER J 276 60.91 32.62 -5.39
N LYS J 277 59.95 33.52 -5.62
CA LYS J 277 58.56 33.10 -5.70
C LYS J 277 58.29 32.34 -6.99
N TRP J 278 59.07 32.60 -8.04
CA TRP J 278 58.94 31.94 -9.32
C TRP J 278 60.17 31.14 -9.67
N ALA J 279 60.71 30.39 -8.71
CA ALA J 279 61.96 29.68 -8.94
C ALA J 279 61.75 28.43 -9.79
N PHE J 280 60.75 27.62 -9.47
CA PHE J 280 60.56 26.35 -10.12
C PHE J 280 59.71 26.50 -11.38
N VAL J 281 60.01 25.68 -12.39
CA VAL J 281 59.14 25.64 -13.55
C VAL J 281 57.82 24.97 -13.23
N THR J 282 57.76 24.17 -12.17
CA THR J 282 56.48 23.69 -11.66
C THR J 282 55.56 24.86 -11.31
N ARG J 283 56.08 25.87 -10.62
CA ARG J 283 55.30 27.05 -10.29
C ARG J 283 54.89 27.82 -11.54
N VAL J 284 55.77 27.91 -12.52
CA VAL J 284 55.47 28.71 -13.70
C VAL J 284 54.52 27.97 -14.63
N ARG J 285 54.69 26.66 -14.77
CA ARG J 285 53.85 25.90 -15.70
C ARG J 285 52.46 25.65 -15.13
N THR J 286 52.34 25.47 -13.82
CA THR J 286 51.04 25.21 -13.20
C THR J 286 50.16 26.44 -13.27
N MET J 287 50.70 27.58 -12.87
CA MET J 287 49.98 28.86 -12.94
C MET J 287 49.60 29.21 -14.37
N ASP J 288 50.43 28.81 -15.33
CA ASP J 288 50.15 29.08 -16.73
C ASP J 288 49.05 28.18 -17.25
N LEU J 289 49.04 26.91 -16.86
CA LEU J 289 48.07 25.95 -17.37
C LEU J 289 46.94 25.64 -16.39
N VAL J 290 46.91 26.26 -15.21
CA VAL J 290 45.65 26.28 -14.49
C VAL J 290 44.71 27.26 -15.15
N MET J 291 45.25 28.32 -15.76
CA MET J 291 44.37 29.33 -16.31
C MET J 291 43.91 28.95 -17.70
N ASP J 292 44.78 28.30 -18.48
CA ASP J 292 44.39 27.82 -19.80
C ASP J 292 43.33 26.74 -19.74
N ALA J 293 43.21 26.04 -18.61
CA ALA J 293 42.06 25.17 -18.41
C ALA J 293 40.86 25.95 -17.89
N ILE J 294 41.12 26.98 -17.07
CA ILE J 294 40.06 27.86 -16.60
C ILE J 294 39.48 28.67 -17.74
N LEU J 295 40.34 29.23 -18.59
CA LEU J 295 39.83 30.06 -19.69
C LEU J 295 39.14 29.21 -20.74
N ALA J 296 39.82 28.19 -21.26
CA ALA J 296 39.21 27.28 -22.22
C ALA J 296 38.29 26.35 -21.43
N GLY J 297 37.05 26.80 -21.25
CA GLY J 297 36.13 26.17 -20.32
C GLY J 297 35.21 27.20 -19.72
N HIS J 298 35.61 28.46 -19.80
CA HIS J 298 34.77 29.60 -19.47
C HIS J 298 34.80 30.61 -20.60
N LYS J 299 34.59 30.12 -21.81
CA LYS J 299 34.45 30.98 -22.97
C LYS J 299 33.07 31.61 -23.06
N TRP J 300 32.13 31.20 -22.21
CA TRP J 300 30.79 31.77 -22.19
C TRP J 300 30.70 33.06 -21.40
N ALA J 301 31.81 33.53 -20.81
CA ALA J 301 31.78 34.69 -19.94
C ALA J 301 32.19 35.98 -20.65
N VAL J 302 32.39 35.96 -21.96
CA VAL J 302 32.72 37.15 -22.72
C VAL J 302 31.53 37.67 -23.50
N ASP J 303 30.72 36.76 -24.02
CA ASP J 303 29.31 37.02 -24.31
C ASP J 303 28.51 36.86 -23.03
N ARG J 304 27.19 36.66 -23.15
CA ARG J 304 26.28 36.46 -22.01
C ARG J 304 26.30 37.71 -21.11
N GLY J 305 25.66 38.75 -21.65
CA GLY J 305 25.41 40.02 -20.98
C GLY J 305 24.98 39.91 -19.54
N ILE J 306 25.41 40.87 -18.72
CA ILE J 306 25.47 40.72 -17.28
C ILE J 306 24.06 40.75 -16.70
N THR J 307 23.63 39.61 -16.16
CA THR J 307 22.41 39.51 -15.38
C THR J 307 22.76 39.60 -13.90
N LYS J 308 21.79 39.33 -13.03
CA LYS J 308 22.01 39.44 -11.60
C LYS J 308 22.96 38.36 -11.10
N THR J 309 22.74 37.12 -11.52
CA THR J 309 23.57 36.01 -11.10
C THR J 309 24.64 35.66 -12.12
N TYR J 310 25.14 36.67 -12.85
CA TYR J 310 26.30 36.43 -13.69
C TYR J 310 27.55 36.20 -12.86
N VAL J 311 27.75 37.03 -11.84
CA VAL J 311 28.96 36.94 -11.03
C VAL J 311 28.92 35.70 -10.13
N LYS J 312 27.72 35.22 -9.78
CA LYS J 312 27.63 33.99 -8.99
C LYS J 312 27.81 32.75 -9.84
N ASP J 313 27.30 32.76 -11.06
CA ASP J 313 27.44 31.60 -11.93
C ASP J 313 28.85 31.45 -12.48
N VAL J 314 29.69 32.49 -12.40
CA VAL J 314 31.08 32.32 -12.78
C VAL J 314 31.88 31.73 -11.63
N THR J 315 31.64 32.19 -10.38
CA THR J 315 32.37 31.67 -9.22
C THR J 315 32.11 30.18 -9.03
N GLU J 316 30.85 29.77 -9.08
CA GLU J 316 30.55 28.35 -8.97
C GLU J 316 30.97 27.58 -10.20
N GLY J 317 31.15 28.25 -11.33
CA GLY J 317 31.78 27.63 -12.47
C GLY J 317 33.28 27.60 -12.32
N LEU J 318 33.86 28.65 -11.73
CA LEU J 318 35.30 28.66 -11.49
C LEU J 318 35.67 27.65 -10.42
N ARG J 319 34.86 27.53 -9.36
CA ARG J 319 35.14 26.55 -8.33
C ARG J 319 34.98 25.12 -8.84
N ALA J 320 34.11 24.90 -9.82
CA ALA J 320 33.88 23.56 -10.31
C ALA J 320 35.00 23.10 -11.23
N PHE J 321 35.54 23.98 -12.05
CA PHE J 321 36.70 23.67 -12.87
C PHE J 321 38.01 23.86 -12.13
N MET J 322 37.96 23.98 -10.81
CA MET J 322 39.13 24.08 -9.96
C MET J 322 39.18 22.98 -8.93
N ARG J 323 38.04 22.37 -8.58
CA ARG J 323 38.01 21.15 -7.82
C ARG J 323 38.28 19.93 -8.69
N ASP J 324 38.19 20.08 -10.02
CA ASP J 324 38.70 19.07 -10.94
C ASP J 324 40.22 19.08 -10.96
N LEU J 325 40.81 20.23 -10.63
CA LEU J 325 42.26 20.34 -10.59
C LEU J 325 42.81 19.91 -9.24
N LYS J 326 42.06 20.13 -8.17
CA LYS J 326 42.47 19.61 -6.88
C LYS J 326 42.29 18.10 -6.82
N ASN J 327 41.36 17.57 -7.62
CA ASN J 327 41.11 16.13 -7.64
C ASN J 327 42.29 15.39 -8.24
N GLN J 328 42.78 15.84 -9.38
CA GLN J 328 43.86 15.16 -10.06
C GLN J 328 45.23 15.56 -9.54
N GLY J 329 45.30 16.50 -8.60
CA GLY J 329 46.54 16.80 -7.92
C GLY J 329 47.30 17.99 -8.45
N ALA J 330 46.68 18.86 -9.23
CA ALA J 330 47.40 20.00 -9.79
C ALA J 330 47.63 21.06 -8.72
N VAL J 331 46.63 21.28 -7.87
CA VAL J 331 46.71 22.26 -6.80
C VAL J 331 46.45 21.53 -5.49
N ILE J 332 46.47 22.29 -4.40
CA ILE J 332 46.05 21.83 -3.09
C ILE J 332 45.29 22.95 -2.39
N ASN J 333 43.98 22.77 -2.25
CA ASN J 333 43.06 23.65 -1.51
C ASN J 333 43.07 25.08 -2.07
N PHE J 334 42.53 25.22 -3.28
CA PHE J 334 42.31 26.51 -3.92
C PHE J 334 41.39 27.45 -3.14
N GLU J 335 41.22 28.67 -3.66
CA GLU J 335 40.25 29.61 -3.11
C GLU J 335 39.79 30.54 -4.22
N VAL J 336 38.50 30.51 -4.54
CA VAL J 336 37.93 31.32 -5.60
C VAL J 336 36.78 32.14 -5.01
N TYR J 337 36.81 33.45 -5.25
CA TYR J 337 35.71 34.31 -4.80
C TYR J 337 35.70 35.59 -5.63
N ALA J 338 34.51 36.17 -5.78
CA ALA J 338 34.38 37.45 -6.44
C ALA J 338 34.97 38.54 -5.56
N ASP J 339 35.66 39.48 -6.18
CA ASP J 339 36.36 40.53 -5.47
C ASP J 339 35.35 41.53 -4.94
N PRO J 340 35.15 41.63 -3.62
CA PRO J 340 34.06 42.47 -3.11
C PRO J 340 34.35 43.95 -3.18
N ASP J 341 35.62 44.34 -3.24
CA ASP J 341 35.99 45.75 -3.18
C ASP J 341 36.04 46.42 -4.55
N LEU J 342 36.18 45.64 -5.62
CA LEU J 342 36.34 46.22 -6.96
C LEU J 342 35.23 45.88 -7.92
N ASN J 343 34.11 45.32 -7.45
CA ASN J 343 32.96 45.09 -8.31
C ASN J 343 31.96 46.23 -8.10
N SER J 344 32.29 47.36 -8.69
CA SER J 344 31.39 48.51 -8.70
C SER J 344 30.32 48.33 -9.76
N ALA J 345 29.41 49.29 -9.83
CA ALA J 345 28.50 49.37 -10.97
C ALA J 345 29.03 50.25 -12.08
N SER J 346 29.94 51.18 -11.76
CA SER J 346 30.65 51.90 -12.80
C SER J 346 31.60 50.98 -13.56
N GLN J 347 32.15 49.97 -12.89
CA GLN J 347 32.91 48.95 -13.60
C GLN J 347 31.99 48.03 -14.38
N LEU J 348 30.78 47.82 -13.89
CA LEU J 348 29.86 46.88 -14.53
C LEU J 348 29.21 47.47 -15.76
N ALA J 349 29.12 48.80 -15.84
CA ALA J 349 28.65 49.42 -17.07
C ALA J 349 29.68 49.31 -18.18
N GLN J 350 30.96 49.25 -17.83
CA GLN J 350 32.02 49.01 -18.79
C GLN J 350 32.18 47.54 -19.13
N GLY J 351 31.45 46.65 -18.47
CA GLY J 351 31.60 45.23 -18.68
C GLY J 351 32.66 44.57 -17.85
N LYS J 352 33.29 45.28 -16.94
CA LYS J 352 34.36 44.72 -16.13
C LYS J 352 33.79 44.17 -14.82
N VAL J 353 34.30 43.01 -14.42
CA VAL J 353 33.87 42.32 -13.20
C VAL J 353 35.00 41.38 -12.78
N TYR J 354 35.37 41.42 -11.50
CA TYR J 354 36.65 40.86 -11.08
C TYR J 354 36.45 39.64 -10.20
N TRP J 355 37.44 38.75 -10.20
CA TRP J 355 37.44 37.55 -9.37
C TRP J 355 38.85 37.30 -8.86
N ASN J 356 38.93 36.55 -7.76
CA ASN J 356 40.19 36.26 -7.08
C ASN J 356 40.35 34.74 -6.98
N ILE J 357 41.44 34.22 -7.56
CA ILE J 357 41.60 32.78 -7.81
C ILE J 357 42.87 32.26 -7.14
N ARG J 358 43.10 32.62 -5.88
CA ARG J 358 44.22 32.11 -5.09
C ARG J 358 44.27 30.58 -5.07
N PHE J 359 45.47 30.02 -5.19
CA PHE J 359 45.67 28.58 -5.01
C PHE J 359 47.10 28.31 -4.55
N THR J 360 47.36 27.06 -4.18
CA THR J 360 48.67 26.60 -3.75
C THR J 360 49.15 25.49 -4.69
N ASP J 361 50.35 25.64 -5.22
CA ASP J 361 50.93 24.67 -6.12
C ASP J 361 51.64 23.56 -5.34
N VAL J 362 51.75 22.40 -5.96
CA VAL J 362 52.44 21.28 -5.34
C VAL J 362 53.95 21.49 -5.46
N PRO J 363 54.71 21.34 -4.38
CA PRO J 363 56.15 21.58 -4.44
C PRO J 363 56.88 20.34 -4.95
N PRO J 364 57.90 20.53 -5.80
CA PRO J 364 58.70 19.39 -6.23
C PRO J 364 59.73 18.99 -5.18
N ALA J 365 59.97 17.69 -5.09
CA ALA J 365 60.89 17.13 -4.09
C ALA J 365 62.31 17.33 -4.60
N GLU J 366 62.80 18.56 -4.46
CA GLU J 366 64.03 18.96 -5.12
C GLU J 366 65.26 18.35 -4.46
N ASN J 367 65.24 18.23 -3.13
CA ASN J 367 66.42 17.83 -2.37
C ASN J 367 66.04 16.87 -1.25
N PRO J 368 65.93 15.58 -1.55
CA PRO J 368 65.82 14.60 -0.46
C PRO J 368 67.14 14.44 0.26
N ASN J 369 67.09 14.42 1.58
CA ASN J 369 68.30 14.45 2.40
C ASN J 369 68.37 13.19 3.25
N PHE J 370 69.46 12.45 3.10
CA PHE J 370 69.68 11.21 3.82
C PHE J 370 70.77 11.44 4.86
N ARG J 371 70.43 11.26 6.13
CA ARG J 371 71.38 11.46 7.23
C ARG J 371 71.78 10.07 7.71
N VAL J 372 72.83 9.53 7.15
CA VAL J 372 73.23 8.15 7.35
C VAL J 372 74.34 8.09 8.38
N GLU J 373 74.29 7.09 9.26
CA GLU J 373 75.22 6.92 10.36
C GLU J 373 75.56 5.45 10.53
N VAL J 374 76.84 5.16 10.73
CA VAL J 374 77.29 3.81 11.07
C VAL J 374 77.47 3.74 12.58
N THR J 375 76.73 2.85 13.23
CA THR J 375 76.77 2.70 14.67
C THR J 375 77.31 1.33 15.04
N ASP J 376 77.69 1.20 16.31
CA ASP J 376 77.97 -0.09 16.92
C ASP J 376 76.88 -0.46 17.92
N GLN J 377 75.66 0.03 17.69
CA GLN J 377 74.56 -0.24 18.61
C GLN J 377 74.15 -1.70 18.55
N TRP J 378 73.93 -2.22 17.36
CA TRP J 378 73.53 -3.62 17.20
C TRP J 378 74.75 -4.50 16.97
N LEU J 379 75.78 -4.31 17.77
CA LEU J 379 76.93 -5.20 17.77
C LEU J 379 76.83 -6.23 18.87
N THR J 380 75.98 -5.97 19.87
CA THR J 380 75.68 -6.89 20.95
C THR J 380 74.36 -7.62 20.76
N GLU J 381 73.39 -6.94 20.12
CA GLU J 381 72.06 -7.53 19.89
C GLU J 381 72.14 -8.76 19.00
N VAL J 382 73.11 -8.80 18.11
CA VAL J 382 73.48 -10.00 17.40
C VAL J 382 74.95 -10.26 17.71
N LEU J 383 75.52 -11.29 17.08
CA LEU J 383 76.93 -11.66 17.18
C LEU J 383 77.33 -12.05 18.59
N ASP J 384 76.41 -12.72 19.29
CA ASP J 384 76.64 -13.04 20.69
C ASP J 384 75.89 -14.32 21.01
N VAL J 385 76.22 -14.92 22.15
CA VAL J 385 75.53 -16.12 22.61
C VAL J 385 74.07 -15.81 22.91
N ALA J 386 73.82 -14.66 23.54
CA ALA J 386 72.49 -14.10 23.83
C ALA J 386 71.57 -15.04 24.62
N SER K 2 -2.95 -47.55 -62.42
CA SER K 2 -2.95 -48.35 -61.21
C SER K 2 -2.15 -47.65 -60.12
N PHE K 3 -1.91 -48.34 -59.01
CA PHE K 3 -1.12 -47.79 -57.92
C PHE K 3 -0.23 -48.89 -57.37
N PHE K 4 0.38 -48.62 -56.23
CA PHE K 4 1.19 -49.60 -55.54
C PHE K 4 0.97 -49.40 -54.05
N HIS K 5 0.94 -50.51 -53.31
CA HIS K 5 0.84 -50.45 -51.86
C HIS K 5 2.01 -51.21 -51.26
N GLY K 6 2.64 -50.61 -50.28
CA GLY K 6 3.91 -51.10 -49.78
C GLY K 6 5.04 -50.24 -50.28
N VAL K 7 6.25 -50.71 -50.03
CA VAL K 7 7.45 -49.94 -50.33
C VAL K 7 8.09 -50.47 -51.61
N THR K 8 8.39 -49.56 -52.54
CA THR K 8 9.15 -49.91 -53.73
C THR K 8 10.63 -49.62 -53.49
N VAL K 9 11.49 -50.41 -54.13
CA VAL K 9 12.88 -50.03 -54.34
C VAL K 9 13.11 -49.97 -55.84
N THR K 10 13.94 -49.04 -56.25
CA THR K 10 14.17 -48.80 -57.67
C THR K 10 15.64 -48.49 -57.87
N ASN K 11 16.31 -49.30 -58.68
CA ASN K 11 17.67 -49.03 -59.10
C ASN K 11 17.62 -47.92 -60.15
N VAL K 12 18.14 -46.75 -59.83
CA VAL K 12 18.15 -45.63 -60.75
C VAL K 12 19.38 -44.79 -60.49
N ASP K 13 20.09 -44.42 -61.56
CA ASP K 13 21.29 -43.62 -61.47
C ASP K 13 20.92 -42.14 -61.38
N ILE K 14 21.33 -41.49 -60.30
CA ILE K 14 21.18 -40.05 -60.14
C ILE K 14 22.49 -39.48 -59.61
N GLY K 15 22.95 -38.41 -60.23
CA GLY K 15 24.34 -38.00 -60.15
C GLY K 15 24.78 -37.04 -59.06
N ALA K 16 24.96 -37.53 -57.82
CA ALA K 16 25.84 -36.90 -56.84
C ALA K 16 25.45 -35.48 -56.46
N ARG K 17 24.41 -35.34 -55.61
CA ARG K 17 23.67 -34.10 -55.36
C ARG K 17 24.56 -32.89 -55.08
N THR K 18 24.02 -31.72 -55.37
CA THR K 18 24.76 -30.50 -55.63
C THR K 18 24.28 -29.37 -54.72
N ILE K 19 24.29 -29.65 -53.40
CA ILE K 19 23.80 -28.75 -52.35
C ILE K 19 24.39 -27.35 -52.47
N ALA K 20 23.51 -26.36 -52.37
CA ALA K 20 23.87 -24.97 -52.49
C ALA K 20 22.98 -24.18 -51.55
N LEU K 21 23.45 -23.01 -51.15
CA LEU K 21 22.64 -22.14 -50.30
C LEU K 21 21.47 -21.60 -51.11
N PRO K 22 20.26 -21.64 -50.57
CA PRO K 22 19.11 -21.03 -51.26
C PRO K 22 19.22 -19.51 -51.24
N ALA K 23 19.27 -18.91 -52.42
CA ALA K 23 19.46 -17.48 -52.58
C ALA K 23 18.14 -16.81 -52.94
N SER K 24 18.06 -15.52 -52.63
CA SER K 24 16.85 -14.73 -52.92
C SER K 24 16.97 -13.93 -54.21
N SER K 25 18.16 -13.82 -54.78
CA SER K 25 18.33 -13.05 -56.01
C SER K 25 17.72 -13.78 -57.20
N VAL K 26 17.23 -13.00 -58.15
CA VAL K 26 16.64 -13.53 -59.38
C VAL K 26 17.57 -13.19 -60.54
N ILE K 27 17.63 -14.09 -61.52
CA ILE K 27 18.61 -14.05 -62.60
C ILE K 27 17.87 -14.17 -63.92
N GLY K 28 18.19 -13.28 -64.88
CA GLY K 28 17.60 -13.32 -66.18
C GLY K 28 18.52 -13.98 -67.17
N LEU K 29 18.07 -15.10 -67.72
CA LEU K 29 18.90 -15.97 -68.54
C LEU K 29 18.30 -16.09 -69.93
N CYS K 30 19.17 -16.22 -70.93
CA CYS K 30 18.73 -16.25 -72.32
C CYS K 30 19.78 -16.96 -73.14
N ASP K 31 19.44 -18.10 -73.72
CA ASP K 31 20.37 -18.90 -74.50
C ASP K 31 19.55 -19.80 -75.43
N VAL K 32 20.23 -20.72 -76.13
CA VAL K 32 19.57 -21.48 -77.18
C VAL K 32 19.15 -22.85 -76.68
N PHE K 33 18.06 -23.36 -77.26
CA PHE K 33 17.62 -24.72 -76.97
C PHE K 33 16.82 -25.18 -78.18
N THR K 34 16.48 -26.47 -78.19
CA THR K 34 15.66 -27.02 -79.27
C THR K 34 14.28 -27.33 -78.74
N PRO K 35 13.23 -26.70 -79.24
CA PRO K 35 11.88 -27.05 -78.80
C PRO K 35 11.43 -28.40 -79.35
N GLY K 36 11.38 -29.40 -78.49
CA GLY K 36 11.07 -30.75 -78.90
C GLY K 36 9.89 -31.30 -78.12
N ALA K 37 9.96 -32.60 -77.84
CA ALA K 37 8.88 -33.25 -77.12
C ALA K 37 9.02 -33.05 -75.61
N GLN K 38 10.14 -33.49 -75.03
CA GLN K 38 10.31 -33.40 -73.59
C GLN K 38 10.60 -31.98 -73.12
N ALA K 39 11.13 -31.13 -74.00
CA ALA K 39 11.31 -29.72 -73.66
C ALA K 39 9.95 -29.05 -73.64
N SER K 40 9.42 -28.80 -72.45
CA SER K 40 8.09 -28.21 -72.31
C SER K 40 8.19 -26.70 -72.13
N ALA K 41 8.79 -26.05 -73.12
CA ALA K 41 8.86 -24.60 -73.13
C ALA K 41 8.65 -24.10 -74.54
N LYS K 42 7.73 -23.15 -74.70
CA LYS K 42 7.67 -22.39 -75.93
C LYS K 42 8.89 -21.48 -76.00
N PRO K 43 9.40 -21.20 -77.21
CA PRO K 43 10.67 -20.45 -77.34
C PRO K 43 10.73 -19.06 -76.72
N ASN K 44 9.92 -18.12 -77.16
CA ASN K 44 10.03 -16.77 -76.62
C ASN K 44 9.06 -16.52 -75.47
N VAL K 45 9.02 -17.44 -74.51
CA VAL K 45 8.18 -17.33 -73.33
C VAL K 45 9.06 -17.55 -72.10
N PRO K 46 9.16 -16.59 -71.19
CA PRO K 46 9.97 -16.81 -69.99
C PRO K 46 9.29 -17.78 -69.03
N VAL K 47 10.11 -18.58 -68.36
CA VAL K 47 9.65 -19.56 -67.38
C VAL K 47 10.48 -19.40 -66.11
N LEU K 48 9.84 -19.60 -64.96
CA LEU K 48 10.53 -19.51 -63.68
C LEU K 48 11.09 -20.85 -63.27
N LEU K 49 12.36 -20.85 -62.87
CA LEU K 49 13.11 -22.06 -62.60
C LEU K 49 13.61 -22.03 -61.17
N THR K 50 13.45 -23.16 -60.47
CA THR K 50 13.97 -23.31 -59.11
C THR K 50 14.81 -24.57 -58.93
N SER K 51 15.07 -25.35 -59.98
CA SER K 51 15.73 -26.63 -59.81
C SER K 51 16.41 -27.02 -61.12
N LYS K 52 17.40 -27.91 -61.01
CA LYS K 52 17.96 -28.53 -62.21
C LYS K 52 16.94 -29.44 -62.89
N LYS K 53 16.02 -30.02 -62.11
CA LYS K 53 14.94 -30.77 -62.71
C LYS K 53 13.97 -29.85 -63.44
N ASP K 54 13.70 -28.68 -62.87
CA ASP K 54 12.83 -27.71 -63.53
C ASP K 54 13.50 -27.07 -64.74
N ALA K 55 14.83 -27.09 -64.81
CA ALA K 55 15.54 -26.61 -65.99
C ALA K 55 15.60 -27.66 -67.08
N ALA K 56 15.63 -28.94 -66.70
CA ALA K 56 15.67 -30.03 -67.67
C ALA K 56 14.29 -30.55 -68.03
N ALA K 57 13.24 -30.07 -67.36
CA ALA K 57 11.90 -30.41 -67.81
C ALA K 57 11.36 -29.36 -68.78
N ALA K 58 11.68 -28.09 -68.55
CA ALA K 58 11.27 -27.05 -69.48
C ALA K 58 12.15 -27.06 -70.73
N PHE K 59 13.44 -27.21 -70.55
CA PHE K 59 14.40 -27.18 -71.64
C PHE K 59 15.04 -28.56 -71.76
N GLY K 60 15.74 -28.80 -72.85
CA GLY K 60 16.40 -30.07 -73.02
C GLY K 60 17.59 -30.19 -72.09
N ILE K 61 17.90 -31.43 -71.71
CA ILE K 61 19.06 -31.67 -70.86
C ILE K 61 20.34 -31.49 -71.66
N GLY K 62 20.28 -31.62 -72.98
CA GLY K 62 21.41 -31.31 -73.83
C GLY K 62 21.42 -29.89 -74.35
N SER K 63 20.54 -29.03 -73.86
CA SER K 63 20.44 -27.67 -74.38
C SER K 63 21.55 -26.80 -73.81
N SER K 64 21.65 -25.59 -74.35
CA SER K 64 22.58 -24.62 -73.81
C SER K 64 21.96 -23.75 -72.72
N ILE K 65 20.63 -23.73 -72.62
CA ILE K 65 19.97 -23.17 -71.45
C ILE K 65 20.35 -23.96 -70.21
N TYR K 66 20.21 -25.29 -70.29
CA TYR K 66 20.42 -26.14 -69.12
C TYR K 66 21.86 -26.14 -68.66
N LEU K 67 22.81 -26.02 -69.59
CA LEU K 67 24.22 -25.90 -69.19
C LEU K 67 24.47 -24.59 -68.47
N ALA K 68 23.75 -23.54 -68.85
CA ALA K 68 23.82 -22.29 -68.12
C ALA K 68 23.09 -22.37 -66.79
N CYS K 69 22.01 -23.14 -66.72
CA CYS K 69 21.26 -23.28 -65.47
C CYS K 69 21.95 -24.25 -64.52
N GLU K 70 22.63 -25.28 -65.03
CA GLU K 70 23.46 -26.11 -64.19
C GLU K 70 24.65 -25.31 -63.64
N ALA K 71 25.13 -24.33 -64.41
CA ALA K 71 26.21 -23.46 -63.97
C ALA K 71 25.82 -22.57 -62.80
N ILE K 72 24.54 -22.30 -62.63
CA ILE K 72 24.08 -21.45 -61.52
C ILE K 72 23.69 -22.30 -60.31
N TYR K 73 23.05 -23.43 -60.55
CA TYR K 73 22.58 -24.29 -59.48
C TYR K 73 23.68 -25.06 -58.78
N ASN K 74 24.89 -25.07 -59.31
CA ASN K 74 26.00 -25.64 -58.56
C ASN K 74 26.51 -24.70 -57.47
N ARG K 75 26.12 -23.44 -57.50
CA ARG K 75 26.59 -22.48 -56.52
C ARG K 75 25.48 -21.89 -55.68
N ALA K 76 24.33 -21.60 -56.27
CA ALA K 76 23.22 -21.03 -55.53
C ALA K 76 21.93 -21.64 -56.01
N GLN K 77 21.00 -21.86 -55.09
CA GLN K 77 19.66 -22.35 -55.44
C GLN K 77 18.80 -21.13 -55.77
N ALA K 78 19.11 -20.52 -56.90
CA ALA K 78 18.58 -19.22 -57.26
C ALA K 78 17.32 -19.35 -58.10
N VAL K 79 16.62 -18.25 -58.23
CA VAL K 79 15.43 -18.17 -59.07
C VAL K 79 15.87 -17.64 -60.42
N ILE K 80 15.53 -18.35 -61.49
CA ILE K 80 15.99 -18.00 -62.82
C ILE K 80 14.78 -17.82 -63.73
N VAL K 81 14.57 -16.60 -64.21
CA VAL K 81 13.65 -16.33 -65.30
C VAL K 81 14.43 -16.56 -66.59
N ALA K 82 14.13 -17.66 -67.28
CA ALA K 82 14.89 -18.08 -68.44
C ALA K 82 14.04 -18.00 -69.70
N VAL K 83 14.61 -17.48 -70.77
CA VAL K 83 13.94 -17.31 -72.05
C VAL K 83 14.70 -18.12 -73.09
N GLY K 84 14.10 -19.21 -73.56
CA GLY K 84 14.73 -20.11 -74.50
C GLY K 84 14.65 -19.70 -75.95
N VAL K 85 15.50 -18.78 -76.39
CA VAL K 85 15.53 -18.36 -77.79
C VAL K 85 15.92 -19.55 -78.67
N GLU K 86 15.10 -19.82 -79.69
CA GLU K 86 15.38 -20.88 -80.64
C GLU K 86 16.63 -20.59 -81.46
N THR K 87 17.27 -21.64 -81.95
CA THR K 87 18.54 -21.51 -82.66
C THR K 87 18.31 -21.00 -84.09
N ALA K 88 19.38 -20.50 -84.68
CA ALA K 88 19.34 -19.95 -86.03
C ALA K 88 20.67 -20.21 -86.69
N GLU K 89 20.71 -20.01 -88.01
CA GLU K 89 21.89 -20.42 -88.78
C GLU K 89 23.03 -19.42 -88.63
N THR K 90 22.85 -18.21 -89.15
CA THR K 90 23.94 -17.25 -89.18
C THR K 90 24.05 -16.52 -87.84
N PRO K 91 25.26 -16.13 -87.44
CA PRO K 91 25.42 -15.37 -86.18
C PRO K 91 24.83 -13.97 -86.24
N GLU K 92 24.57 -13.42 -87.42
CA GLU K 92 23.81 -12.18 -87.52
C GLU K 92 22.35 -12.41 -87.14
N ALA K 93 21.77 -13.51 -87.61
CA ALA K 93 20.39 -13.83 -87.26
C ALA K 93 20.28 -14.46 -85.88
N GLN K 94 21.36 -15.00 -85.35
CA GLN K 94 21.31 -15.54 -84.00
C GLN K 94 21.37 -14.42 -82.97
N ALA K 95 22.27 -13.46 -83.17
CA ALA K 95 22.32 -12.29 -82.30
C ALA K 95 21.06 -11.44 -82.43
N SER K 96 20.40 -11.47 -83.58
CA SER K 96 19.14 -10.76 -83.73
C SER K 96 18.01 -11.45 -82.97
N ALA K 97 18.12 -12.77 -82.79
CA ALA K 97 17.09 -13.50 -82.08
C ALA K 97 17.30 -13.51 -80.58
N VAL K 98 18.55 -13.36 -80.12
CA VAL K 98 18.80 -13.23 -78.69
C VAL K 98 18.38 -11.85 -78.20
N ILE K 99 18.67 -10.81 -78.99
CA ILE K 99 18.16 -9.47 -78.69
C ILE K 99 16.63 -9.47 -78.76
N GLY K 100 16.08 -9.90 -79.89
CA GLY K 100 14.64 -10.00 -80.03
C GLY K 100 14.01 -8.63 -80.17
N GLY K 101 12.84 -8.48 -79.60
CA GLY K 101 12.16 -7.21 -79.62
C GLY K 101 10.65 -7.41 -79.55
N ILE K 102 9.94 -6.43 -80.10
CA ILE K 102 8.50 -6.46 -80.16
C ILE K 102 8.02 -6.90 -81.54
N SER K 103 8.85 -7.61 -82.30
CA SER K 103 8.61 -8.01 -83.68
C SER K 103 7.51 -9.08 -83.83
N ALA K 104 6.82 -9.47 -82.77
CA ALA K 104 5.69 -10.38 -82.83
C ALA K 104 4.42 -9.64 -83.24
N ALA K 105 3.27 -10.27 -83.02
CA ALA K 105 2.00 -9.55 -83.07
C ALA K 105 2.00 -8.41 -82.06
N GLY K 106 2.18 -8.74 -80.78
CA GLY K 106 2.46 -7.74 -79.78
C GLY K 106 3.37 -8.22 -78.67
N GLU K 107 3.89 -9.45 -78.80
CA GLU K 107 4.64 -10.07 -77.72
C GLU K 107 6.10 -9.58 -77.72
N ARG K 108 6.82 -9.95 -76.66
CA ARG K 108 8.20 -9.56 -76.48
C ARG K 108 9.07 -10.80 -76.59
N THR K 109 10.12 -10.72 -77.39
CA THR K 109 10.96 -11.88 -77.70
C THR K 109 12.40 -11.62 -77.29
N GLY K 110 13.12 -12.71 -77.01
CA GLY K 110 14.53 -12.61 -76.74
C GLY K 110 14.89 -12.13 -75.36
N LEU K 111 15.85 -11.20 -75.29
CA LEU K 111 16.16 -10.57 -74.02
C LEU K 111 15.01 -9.69 -73.54
N GLN K 112 14.22 -9.15 -74.47
CA GLN K 112 13.14 -8.24 -74.13
C GLN K 112 12.03 -8.91 -73.36
N ALA K 113 11.93 -10.24 -73.41
CA ALA K 113 10.98 -10.98 -72.59
C ALA K 113 11.39 -11.03 -71.13
N LEU K 114 12.63 -10.67 -70.79
CA LEU K 114 13.00 -10.62 -69.38
C LEU K 114 12.41 -9.41 -68.67
N LEU K 115 11.96 -8.41 -69.42
CA LEU K 115 11.18 -7.32 -68.83
C LEU K 115 9.79 -7.78 -68.40
N ASP K 116 9.35 -8.93 -68.89
CA ASP K 116 8.12 -9.56 -68.47
C ASP K 116 8.32 -10.52 -67.31
N GLY K 117 9.50 -10.49 -66.67
CA GLY K 117 9.78 -11.45 -65.61
C GLY K 117 8.95 -11.19 -64.37
N LYS K 118 8.87 -9.94 -63.96
CA LYS K 118 7.84 -9.52 -63.03
C LYS K 118 6.53 -9.41 -63.81
N SER K 119 5.41 -9.61 -63.10
CA SER K 119 4.01 -9.68 -63.55
C SER K 119 3.68 -10.98 -64.28
N ARG K 120 4.70 -11.79 -64.56
CA ARG K 120 4.48 -13.19 -64.92
C ARG K 120 4.84 -14.13 -63.80
N PHE K 121 5.82 -13.78 -62.97
CA PHE K 121 6.30 -14.70 -61.95
C PHE K 121 6.67 -14.01 -60.64
N ASN K 122 6.48 -12.70 -60.51
CA ASN K 122 6.94 -11.88 -59.37
C ASN K 122 8.44 -12.05 -59.15
N ALA K 123 9.20 -11.93 -60.24
CA ALA K 123 10.66 -12.09 -60.19
C ALA K 123 11.26 -11.11 -61.20
N GLN K 124 11.61 -9.92 -60.72
CA GLN K 124 12.18 -8.89 -61.58
C GLN K 124 13.68 -9.04 -61.62
N PRO K 125 14.27 -9.47 -62.74
CA PRO K 125 15.66 -10.01 -62.74
C PRO K 125 16.71 -8.96 -62.39
N ARG K 126 17.41 -9.21 -61.29
CA ARG K 126 18.50 -8.36 -60.83
C ARG K 126 19.83 -8.72 -61.47
N LEU K 127 19.90 -9.84 -62.17
CA LEU K 127 21.12 -10.25 -62.87
C LEU K 127 20.76 -10.73 -64.26
N LEU K 128 21.49 -10.25 -65.24
CA LEU K 128 21.21 -10.55 -66.64
C LEU K 128 22.40 -11.27 -67.24
N VAL K 129 22.13 -12.41 -67.85
CA VAL K 129 23.19 -13.25 -68.40
C VAL K 129 22.72 -13.83 -69.73
N ALA K 130 23.58 -13.75 -70.73
CA ALA K 130 23.33 -14.36 -72.05
C ALA K 130 24.58 -15.15 -72.39
N PRO K 131 24.66 -16.41 -71.99
CA PRO K 131 25.93 -17.14 -72.04
C PRO K 131 26.32 -17.51 -73.47
N GLY K 132 27.49 -17.05 -73.87
CA GLY K 132 28.00 -17.30 -75.21
C GLY K 132 27.57 -16.28 -76.24
N HIS K 133 26.55 -15.49 -75.94
CA HIS K 133 26.04 -14.50 -76.88
C HIS K 133 26.41 -13.08 -76.53
N SER K 134 26.84 -12.82 -75.31
CA SER K 134 27.23 -11.48 -74.91
C SER K 134 28.59 -11.08 -75.46
N ALA K 135 29.30 -12.00 -76.12
CA ALA K 135 30.55 -11.67 -76.80
C ALA K 135 30.32 -10.83 -78.05
N GLN K 136 29.14 -10.88 -78.64
CA GLN K 136 28.84 -10.00 -79.75
C GLN K 136 28.45 -8.63 -79.23
N GLN K 137 28.84 -7.59 -79.97
CA GLN K 137 28.71 -6.24 -79.49
C GLN K 137 27.28 -5.73 -79.57
N ALA K 138 26.45 -6.36 -80.40
CA ALA K 138 25.04 -5.97 -80.51
C ALA K 138 24.22 -6.51 -79.36
N VAL K 139 24.47 -7.76 -78.95
CA VAL K 139 23.77 -8.35 -77.83
C VAL K 139 24.16 -7.65 -76.53
N ALA K 140 25.45 -7.35 -76.38
CA ALA K 140 25.94 -6.70 -75.18
C ALA K 140 25.53 -5.23 -75.08
N THR K 141 24.98 -4.65 -76.14
CA THR K 141 24.30 -3.36 -76.03
C THR K 141 22.84 -3.53 -75.66
N ALA K 142 22.20 -4.59 -76.14
CA ALA K 142 20.85 -4.92 -75.68
C ALA K 142 20.85 -5.39 -74.24
N MET K 143 21.92 -6.04 -73.81
CA MET K 143 22.11 -6.32 -72.39
C MET K 143 22.24 -5.02 -71.60
N ASP K 144 22.89 -4.01 -72.19
CA ASP K 144 23.16 -2.76 -71.51
C ASP K 144 21.89 -1.95 -71.30
N GLY K 145 21.17 -1.67 -72.39
CA GLY K 145 19.96 -0.86 -72.32
C GLY K 145 18.84 -1.51 -71.55
N LEU K 146 18.85 -2.84 -71.44
CA LEU K 146 17.86 -3.53 -70.64
C LEU K 146 18.27 -3.64 -69.18
N ALA K 147 19.57 -3.65 -68.89
CA ALA K 147 20.00 -3.55 -67.51
C ALA K 147 19.75 -2.17 -66.94
N GLU K 148 19.73 -1.14 -67.80
CA GLU K 148 19.39 0.20 -67.34
C GLU K 148 17.90 0.30 -67.04
N LYS K 149 17.06 -0.32 -67.87
CA LYS K 149 15.63 -0.34 -67.62
C LYS K 149 15.29 -1.16 -66.39
N LEU K 150 15.71 -2.43 -66.40
CA LEU K 150 15.34 -3.38 -65.36
C LEU K 150 16.10 -3.15 -64.06
N ARG K 151 17.05 -2.21 -64.06
CA ARG K 151 17.88 -1.83 -62.91
C ARG K 151 18.62 -3.04 -62.36
N ALA K 152 19.51 -3.56 -63.19
CA ALA K 152 20.22 -4.79 -62.92
C ALA K 152 21.67 -4.61 -63.31
N ILE K 153 22.45 -5.67 -63.14
CA ILE K 153 23.82 -5.72 -63.64
C ILE K 153 23.88 -6.83 -64.68
N ALA K 154 24.22 -6.46 -65.91
CA ALA K 154 24.40 -7.45 -66.96
C ALA K 154 25.82 -8.00 -66.87
N ILE K 155 25.95 -9.31 -66.93
CA ILE K 155 27.25 -9.97 -66.85
C ILE K 155 27.63 -10.40 -68.25
N LEU K 156 28.60 -9.71 -68.83
CA LEU K 156 29.05 -9.97 -70.18
C LEU K 156 30.14 -11.04 -70.16
N ASP K 157 30.68 -11.33 -71.33
CA ASP K 157 31.92 -12.09 -71.45
C ASP K 157 32.56 -11.73 -72.79
N GLY K 158 33.87 -11.85 -72.84
CA GLY K 158 34.58 -11.57 -74.06
C GLY K 158 34.62 -12.80 -74.94
N PRO K 159 35.52 -12.80 -75.91
CA PRO K 159 35.70 -13.99 -76.75
C PRO K 159 36.64 -14.97 -76.07
N ASN K 160 36.92 -16.06 -76.78
CA ASN K 160 37.88 -17.07 -76.38
C ASN K 160 39.31 -16.62 -76.65
N SER K 161 39.49 -15.49 -77.32
CA SER K 161 40.78 -15.08 -77.85
C SER K 161 41.69 -14.50 -76.78
N THR K 162 42.72 -13.78 -77.20
CA THR K 162 43.77 -13.31 -76.32
C THR K 162 43.27 -12.21 -75.38
N ASP K 163 44.21 -11.68 -74.59
CA ASP K 163 43.91 -10.60 -73.67
C ASP K 163 43.58 -9.32 -74.40
N GLU K 164 44.22 -9.08 -75.55
CA GLU K 164 44.00 -7.83 -76.26
C GLU K 164 42.65 -7.82 -76.95
N ALA K 165 42.13 -8.99 -77.33
CA ALA K 165 40.77 -9.05 -77.84
C ALA K 165 39.75 -8.82 -76.74
N ALA K 166 40.12 -9.04 -75.48
CA ALA K 166 39.25 -8.72 -74.37
C ALA K 166 39.31 -7.24 -74.02
N VAL K 167 40.50 -6.65 -74.07
CA VAL K 167 40.67 -5.23 -73.76
C VAL K 167 39.99 -4.38 -74.81
N ALA K 168 40.20 -4.70 -76.09
CA ALA K 168 39.59 -3.94 -77.17
C ALA K 168 38.09 -4.11 -77.25
N TYR K 169 37.57 -5.23 -76.74
CA TYR K 169 36.13 -5.41 -76.63
C TYR K 169 35.56 -4.70 -75.41
N ALA K 170 36.36 -4.49 -74.38
CA ALA K 170 35.91 -3.76 -73.21
C ALA K 170 35.95 -2.25 -73.39
N LYS K 171 36.63 -1.76 -74.42
CA LYS K 171 36.61 -0.33 -74.72
C LYS K 171 35.37 0.09 -75.49
N ASN K 172 34.56 -0.88 -75.93
CA ASN K 172 33.29 -0.56 -76.57
C ASN K 172 32.21 -0.16 -75.59
N PHE K 173 32.48 -0.23 -74.29
CA PHE K 173 31.45 0.04 -73.30
C PHE K 173 32.01 0.91 -72.20
N GLY K 174 31.27 1.97 -71.88
CA GLY K 174 31.56 2.78 -70.72
C GLY K 174 30.33 2.83 -69.83
N SER K 175 29.64 1.70 -69.71
CA SER K 175 28.36 1.66 -69.00
C SER K 175 28.50 1.13 -67.59
N LYS K 176 27.73 1.72 -66.69
CA LYS K 176 27.79 1.40 -65.27
C LYS K 176 27.30 -0.02 -64.97
N ARG K 177 26.30 -0.48 -65.71
CA ARG K 177 25.60 -1.72 -65.39
C ARG K 177 26.23 -2.95 -66.03
N LEU K 178 27.42 -2.83 -66.61
CA LEU K 178 28.06 -3.93 -67.31
C LEU K 178 29.21 -4.49 -66.50
N PHE K 179 29.35 -5.81 -66.51
CA PHE K 179 30.35 -6.51 -65.70
C PHE K 179 30.90 -7.63 -66.57
N MET K 180 32.06 -7.42 -67.17
CA MET K 180 32.62 -8.38 -68.09
C MET K 180 33.48 -9.39 -67.35
N VAL K 181 33.29 -10.67 -67.65
CA VAL K 181 34.15 -11.74 -67.19
C VAL K 181 34.70 -12.42 -68.43
N ASP K 182 35.94 -12.11 -68.79
CA ASP K 182 36.41 -12.60 -70.08
C ASP K 182 36.80 -14.08 -70.19
N PRO K 183 37.64 -14.67 -69.33
CA PRO K 183 38.12 -16.03 -69.63
C PRO K 183 37.01 -17.05 -69.42
N GLY K 184 36.83 -17.91 -70.42
CA GLY K 184 35.82 -18.93 -70.33
C GLY K 184 36.18 -20.00 -69.34
N VAL K 185 35.17 -20.71 -68.94
CA VAL K 185 35.30 -21.84 -68.03
C VAL K 185 35.52 -23.12 -68.84
N GLN K 186 36.45 -23.94 -68.37
CA GLN K 186 36.70 -25.26 -68.93
C GLN K 186 36.16 -26.27 -67.92
N VAL K 187 34.99 -26.83 -68.21
CA VAL K 187 34.28 -27.70 -67.28
C VAL K 187 34.30 -29.13 -67.83
N TRP K 188 34.50 -30.11 -66.94
CA TRP K 188 34.60 -31.49 -67.37
C TRP K 188 33.23 -32.04 -67.73
N ASP K 189 33.08 -32.49 -68.97
CA ASP K 189 31.83 -33.08 -69.44
C ASP K 189 31.83 -34.57 -69.11
N SER K 190 30.72 -35.05 -68.56
CA SER K 190 30.63 -36.46 -68.20
C SER K 190 30.43 -37.34 -69.43
N ALA K 191 29.77 -36.83 -70.46
CA ALA K 191 29.44 -37.63 -71.63
C ALA K 191 30.69 -37.89 -72.48
N THR K 192 31.35 -36.82 -72.92
CA THR K 192 32.56 -36.96 -73.73
C THR K 192 33.78 -37.37 -72.90
N ASN K 193 33.65 -37.34 -71.57
CA ASN K 193 34.73 -37.69 -70.62
C ASN K 193 35.96 -36.82 -70.85
N ALA K 194 35.73 -35.55 -71.17
CA ALA K 194 36.79 -34.57 -71.36
C ALA K 194 36.27 -33.23 -70.87
N ALA K 195 37.08 -32.20 -71.05
CA ALA K 195 36.81 -30.87 -70.52
C ALA K 195 36.14 -30.04 -71.61
N ARG K 196 34.88 -29.68 -71.39
CA ARG K 196 34.10 -28.88 -72.31
C ARG K 196 34.24 -27.39 -71.94
N ASN K 197 34.30 -26.53 -72.94
CA ASN K 197 34.33 -25.11 -72.66
C ASN K 197 32.96 -24.62 -72.22
N ALA K 198 32.95 -23.46 -71.57
CA ALA K 198 31.76 -22.83 -71.06
C ALA K 198 32.04 -21.33 -71.01
N PRO K 199 31.06 -20.49 -71.32
CA PRO K 199 31.34 -19.05 -71.49
C PRO K 199 31.47 -18.25 -70.20
N ALA K 200 31.36 -18.88 -69.02
CA ALA K 200 31.69 -18.32 -67.70
C ALA K 200 30.83 -17.15 -67.24
N SER K 201 29.82 -16.76 -68.02
CA SER K 201 28.93 -15.71 -67.55
C SER K 201 27.93 -16.24 -66.55
N ALA K 202 27.46 -17.47 -66.75
CA ALA K 202 26.51 -18.06 -65.83
C ALA K 202 27.18 -18.48 -64.53
N TYR K 203 28.47 -18.79 -64.57
CA TYR K 203 29.20 -19.11 -63.34
C TYR K 203 29.45 -17.87 -62.51
N ALA K 204 29.56 -16.70 -63.15
CA ALA K 204 29.63 -15.45 -62.40
C ALA K 204 28.29 -15.14 -61.76
N ALA K 205 27.19 -15.36 -62.49
CA ALA K 205 25.87 -14.98 -62.01
C ALA K 205 25.39 -15.88 -60.88
N GLY K 206 25.84 -17.13 -60.84
CA GLY K 206 25.52 -17.98 -59.72
C GLY K 206 26.26 -17.59 -58.47
N LEU K 207 27.48 -17.09 -58.63
CA LEU K 207 28.27 -16.59 -57.52
C LEU K 207 27.87 -15.18 -57.12
N PHE K 208 27.34 -14.42 -58.06
CA PHE K 208 26.90 -13.06 -57.77
C PHE K 208 25.67 -13.11 -56.89
N ALA K 209 24.82 -14.12 -57.08
CA ALA K 209 23.62 -14.33 -56.30
C ALA K 209 23.89 -15.11 -55.02
N TRP K 210 24.96 -15.90 -55.00
CA TRP K 210 25.36 -16.59 -53.78
C TRP K 210 25.89 -15.61 -52.74
N THR K 211 26.55 -14.55 -53.17
CA THR K 211 27.11 -13.57 -52.26
C THR K 211 26.02 -12.78 -51.55
N ASP K 212 24.86 -12.64 -52.19
CA ASP K 212 23.73 -12.00 -51.55
C ASP K 212 23.18 -12.81 -50.40
N ALA K 213 23.30 -14.14 -50.48
CA ALA K 213 22.76 -15.00 -49.43
C ALA K 213 23.62 -14.96 -48.18
N GLU K 214 24.90 -15.33 -48.30
CA GLU K 214 25.72 -15.39 -47.10
C GLU K 214 26.27 -14.02 -46.69
N TYR K 215 26.76 -13.24 -47.65
CA TYR K 215 27.49 -12.03 -47.29
C TYR K 215 26.68 -10.75 -47.49
N GLY K 216 25.54 -10.81 -48.16
CA GLY K 216 24.76 -9.62 -48.41
C GLY K 216 25.14 -8.94 -49.71
N PHE K 217 24.20 -8.18 -50.26
CA PHE K 217 24.35 -7.59 -51.58
C PHE K 217 25.40 -6.49 -51.65
N TRP K 218 25.82 -5.95 -50.52
CA TRP K 218 26.85 -4.93 -50.50
C TRP K 218 28.25 -5.52 -50.59
N SER K 219 28.40 -6.82 -50.36
CA SER K 219 29.72 -7.42 -50.44
C SER K 219 30.13 -7.63 -51.88
N SER K 220 31.40 -7.66 -52.10
CA SER K 220 31.81 -7.91 -53.47
C SER K 220 31.92 -9.40 -53.73
N PRO K 221 31.67 -9.84 -54.95
CA PRO K 221 31.84 -11.26 -55.27
C PRO K 221 33.25 -11.58 -55.74
N SER K 222 34.18 -10.67 -55.45
CA SER K 222 35.46 -10.57 -56.14
C SER K 222 36.54 -11.47 -55.59
N ASN K 223 36.23 -12.32 -54.63
CA ASN K 223 37.23 -13.29 -54.20
C ASN K 223 36.56 -14.62 -53.89
N LYS K 224 35.30 -14.78 -54.24
CA LYS K 224 34.54 -15.96 -53.87
C LYS K 224 34.78 -17.07 -54.88
N GLU K 225 34.32 -18.26 -54.53
CA GLU K 225 34.75 -19.49 -55.15
C GLU K 225 33.71 -19.95 -56.17
N ILE K 226 34.13 -20.10 -57.42
CA ILE K 226 33.27 -20.64 -58.46
C ILE K 226 33.30 -22.16 -58.34
N LYS K 227 32.14 -22.77 -58.20
CA LYS K 227 32.06 -24.21 -57.99
C LYS K 227 31.56 -24.91 -59.24
N GLY K 228 32.02 -26.15 -59.41
CA GLY K 228 31.64 -26.96 -60.55
C GLY K 228 32.52 -26.78 -61.77
N VAL K 229 33.71 -26.23 -61.61
CA VAL K 229 34.59 -25.89 -62.71
C VAL K 229 35.93 -26.56 -62.51
N THR K 230 36.64 -26.78 -63.62
CA THR K 230 37.90 -27.50 -63.60
C THR K 230 39.07 -26.73 -64.18
N GLY K 231 38.84 -25.52 -64.64
CA GLY K 231 39.90 -24.72 -65.25
C GLY K 231 39.32 -23.65 -66.12
N THR K 232 40.19 -22.78 -66.59
CA THR K 232 39.79 -21.71 -67.48
C THR K 232 40.28 -21.98 -68.90
N SER K 233 39.74 -21.21 -69.84
CA SER K 233 40.13 -21.38 -71.24
C SER K 233 41.54 -20.89 -71.48
N ARG K 234 41.94 -19.84 -70.78
CA ARG K 234 43.30 -19.35 -70.78
C ARG K 234 43.78 -19.28 -69.34
N PRO K 235 45.04 -19.60 -69.07
CA PRO K 235 45.55 -19.48 -67.70
C PRO K 235 45.74 -18.01 -67.37
N VAL K 236 45.09 -17.55 -66.32
CA VAL K 236 45.14 -16.16 -65.92
C VAL K 236 46.11 -16.04 -64.74
N GLU K 237 46.93 -15.00 -64.79
CA GLU K 237 48.18 -14.89 -64.07
C GLU K 237 48.08 -13.74 -63.09
N PHE K 238 47.82 -14.03 -61.82
CA PHE K 238 47.91 -12.99 -60.80
C PHE K 238 49.25 -13.05 -60.09
N LEU K 239 50.11 -12.10 -60.41
CA LEU K 239 51.43 -11.92 -59.84
C LEU K 239 51.56 -10.47 -59.38
N ASP K 240 52.72 -10.12 -58.82
CA ASP K 240 52.95 -8.77 -58.34
C ASP K 240 54.13 -8.16 -59.09
N GLY K 241 54.56 -6.97 -58.65
CA GLY K 241 55.78 -6.37 -59.11
C GLY K 241 55.67 -5.32 -60.18
N ASP K 242 54.53 -4.62 -60.27
CA ASP K 242 54.23 -3.61 -61.29
C ASP K 242 54.39 -4.20 -62.70
N GLU K 243 53.92 -5.43 -62.87
CA GLU K 243 54.22 -6.20 -64.06
C GLU K 243 53.04 -6.20 -65.02
N THR K 244 53.22 -6.90 -66.14
CA THR K 244 52.15 -7.13 -67.10
C THR K 244 51.47 -8.46 -66.80
N CYS K 245 50.95 -8.55 -65.58
CA CYS K 245 50.22 -9.72 -65.15
C CYS K 245 48.92 -9.81 -65.94
N ARG K 246 48.52 -11.03 -66.29
CA ARG K 246 47.30 -11.19 -67.06
C ARG K 246 46.06 -10.85 -66.25
N ALA K 247 46.09 -11.12 -64.94
CA ALA K 247 44.99 -10.69 -64.07
C ALA K 247 44.99 -9.20 -63.85
N ASN K 248 46.15 -8.55 -63.90
CA ASN K 248 46.22 -7.11 -63.68
C ASN K 248 46.01 -6.34 -64.97
N LEU K 249 46.35 -6.95 -66.11
CA LEU K 249 46.05 -6.33 -67.39
C LEU K 249 44.55 -6.25 -67.62
N LEU K 250 43.83 -7.32 -67.26
CA LEU K 250 42.39 -7.35 -67.52
C LEU K 250 41.60 -6.57 -66.48
N ASN K 251 42.11 -6.44 -65.25
CA ASN K 251 41.43 -5.60 -64.28
C ASN K 251 41.53 -4.13 -64.66
N ASN K 252 42.66 -3.72 -65.23
CA ASN K 252 42.80 -2.33 -65.65
C ASN K 252 42.01 -2.01 -66.91
N ALA K 253 41.47 -3.01 -67.59
CA ALA K 253 40.48 -2.82 -68.63
C ALA K 253 39.07 -3.04 -68.11
N ASN K 254 38.91 -3.06 -66.78
CA ASN K 254 37.64 -3.23 -66.06
C ASN K 254 36.97 -4.57 -66.38
N ILE K 255 37.76 -5.65 -66.34
CA ILE K 255 37.28 -6.99 -66.60
C ILE K 255 37.62 -7.86 -65.39
N ALA K 256 36.63 -8.59 -64.88
CA ALA K 256 36.90 -9.60 -63.88
C ALA K 256 37.44 -10.87 -64.52
N THR K 257 38.30 -11.56 -63.79
CA THR K 257 38.93 -12.79 -64.28
C THR K 257 38.69 -13.92 -63.30
N ILE K 258 39.29 -15.07 -63.61
CA ILE K 258 39.30 -16.24 -62.75
C ILE K 258 40.76 -16.69 -62.66
N ILE K 259 41.31 -16.73 -61.45
CA ILE K 259 42.74 -16.53 -61.26
C ILE K 259 43.50 -17.77 -60.77
N ARG K 260 42.96 -18.57 -59.86
CA ARG K 260 43.81 -19.59 -59.25
C ARG K 260 43.20 -20.98 -59.39
N ASP K 261 44.03 -21.99 -59.10
CA ASP K 261 43.65 -23.30 -58.58
C ASP K 261 42.58 -24.00 -59.42
N ASP K 262 42.96 -24.34 -60.66
CA ASP K 262 42.08 -24.93 -61.67
C ASP K 262 40.82 -24.08 -61.88
N GLY K 263 41.01 -22.78 -62.01
CA GLY K 263 39.88 -21.88 -62.14
C GLY K 263 39.06 -21.81 -60.87
N TYR K 264 39.50 -21.11 -59.85
CA TYR K 264 38.87 -21.26 -58.55
C TYR K 264 38.06 -20.04 -58.11
N ARG K 265 38.55 -18.83 -58.38
CA ARG K 265 37.97 -17.62 -57.79
C ARG K 265 37.73 -16.54 -58.82
N LEU K 266 36.52 -15.98 -58.86
CA LEU K 266 36.28 -14.76 -59.60
C LEU K 266 37.08 -13.63 -58.96
N TRP K 267 37.61 -12.73 -59.77
CA TRP K 267 38.69 -11.89 -59.27
C TRP K 267 38.40 -10.40 -59.31
N GLY K 268 37.99 -9.83 -60.43
CA GLY K 268 37.79 -8.40 -60.46
C GLY K 268 36.53 -7.94 -59.74
N ASN K 269 36.48 -6.64 -59.43
CA ASN K 269 35.28 -6.02 -58.91
C ASN K 269 34.98 -4.65 -59.50
N ARG K 270 35.67 -4.25 -60.56
CA ARG K 270 35.31 -3.03 -61.26
C ARG K 270 34.25 -3.36 -62.31
N THR K 271 33.27 -2.47 -62.42
CA THR K 271 32.33 -2.55 -63.53
C THR K 271 32.89 -1.78 -64.71
N LEU K 272 32.21 -1.87 -65.86
CA LEU K 272 32.72 -1.24 -67.07
C LEU K 272 32.33 0.22 -67.18
N SER K 273 32.52 1.00 -66.12
CA SER K 273 32.07 2.39 -66.11
C SER K 273 33.21 3.33 -66.43
N SER K 274 32.87 4.41 -67.12
CA SER K 274 33.81 5.48 -67.41
C SER K 274 33.81 6.55 -66.32
N ASP K 275 33.16 6.30 -65.20
CA ASP K 275 33.07 7.25 -64.10
C ASP K 275 33.64 6.59 -62.86
N SER K 276 34.61 7.26 -62.22
CA SER K 276 35.24 6.73 -61.01
C SER K 276 34.32 6.77 -59.81
N LYS K 277 33.20 7.50 -59.88
CA LYS K 277 32.21 7.45 -58.83
C LYS K 277 31.46 6.13 -58.84
N TRP K 278 31.36 5.49 -60.00
CA TRP K 278 30.68 4.22 -60.15
C TRP K 278 31.63 3.12 -60.59
N ALA K 279 32.80 3.06 -59.98
CA ALA K 279 33.81 2.11 -60.40
C ALA K 279 33.50 0.69 -59.94
N PHE K 280 33.14 0.53 -58.68
CA PHE K 280 32.96 -0.79 -58.10
C PHE K 280 31.54 -1.27 -58.31
N VAL K 281 31.39 -2.59 -58.49
CA VAL K 281 30.05 -3.17 -58.51
C VAL K 281 29.41 -3.16 -57.15
N THR K 282 30.20 -3.06 -56.08
CA THR K 282 29.67 -2.81 -54.76
C THR K 282 28.86 -1.51 -54.73
N ARG K 283 29.39 -0.45 -55.32
CA ARG K 283 28.67 0.83 -55.42
C ARG K 283 27.41 0.70 -56.27
N VAL K 284 27.47 -0.07 -57.35
CA VAL K 284 26.34 -0.15 -58.25
C VAL K 284 25.27 -1.07 -57.69
N ARG K 285 25.67 -2.18 -57.05
CA ARG K 285 24.69 -3.14 -56.55
C ARG K 285 24.03 -2.64 -55.27
N THR K 286 24.77 -1.91 -54.43
CA THR K 286 24.21 -1.42 -53.16
C THR K 286 23.16 -0.36 -53.41
N MET K 287 23.49 0.63 -54.26
CA MET K 287 22.55 1.69 -54.63
C MET K 287 21.34 1.12 -55.34
N ASP K 288 21.51 0.02 -56.08
CA ASP K 288 20.40 -0.59 -56.78
C ASP K 288 19.49 -1.36 -55.82
N LEU K 289 20.07 -2.02 -54.83
CA LEU K 289 19.29 -2.84 -53.91
C LEU K 289 19.09 -2.20 -52.55
N VAL K 290 19.59 -0.98 -52.31
CA VAL K 290 19.06 -0.22 -51.19
C VAL K 290 17.68 0.29 -51.57
N MET K 291 17.45 0.57 -52.85
CA MET K 291 16.18 1.16 -53.22
C MET K 291 15.12 0.11 -53.40
N ASP K 292 15.49 -1.06 -53.92
CA ASP K 292 14.55 -2.16 -54.05
C ASP K 292 14.07 -2.68 -52.71
N ALA K 293 14.83 -2.47 -51.63
CA ALA K 293 14.31 -2.71 -50.30
C ALA K 293 13.50 -1.54 -49.79
N ILE K 294 13.89 -0.31 -50.17
CA ILE K 294 13.12 0.88 -49.83
C ILE K 294 11.79 0.89 -50.55
N LEU K 295 11.79 0.57 -51.86
CA LEU K 295 10.53 0.60 -52.60
C LEU K 295 9.62 -0.55 -52.19
N ALA K 296 10.12 -1.78 -52.23
CA ALA K 296 9.33 -2.92 -51.78
C ALA K 296 9.35 -2.89 -50.26
N GLY K 297 8.39 -2.17 -49.69
CA GLY K 297 8.40 -1.84 -48.28
C GLY K 297 7.77 -0.49 -48.06
N HIS K 298 7.69 0.30 -49.11
CA HIS K 298 6.93 1.55 -49.14
C HIS K 298 6.02 1.58 -50.34
N LYS K 299 5.28 0.49 -50.53
CA LYS K 299 4.25 0.42 -51.55
C LYS K 299 2.97 1.14 -51.15
N TRP K 300 2.88 1.59 -49.90
CA TRP K 300 1.72 2.33 -49.44
C TRP K 300 1.77 3.81 -49.77
N ALA K 301 2.82 4.27 -50.44
CA ALA K 301 3.00 5.69 -50.71
C ALA K 301 2.55 6.10 -52.10
N VAL K 302 1.92 5.21 -52.86
CA VAL K 302 1.42 5.54 -54.19
C VAL K 302 -0.10 5.69 -54.17
N ASP K 303 -0.78 4.88 -53.38
CA ASP K 303 -2.09 5.21 -52.83
C ASP K 303 -1.90 6.09 -51.61
N ARG K 304 -2.91 6.16 -50.74
CA ARG K 304 -2.89 6.94 -49.50
C ARG K 304 -2.68 8.42 -49.82
N GLY K 305 -3.77 9.00 -50.35
CA GLY K 305 -3.91 10.41 -50.64
C GLY K 305 -3.36 11.35 -49.59
N ILE K 306 -2.80 12.47 -50.04
CA ILE K 306 -1.87 13.27 -49.25
C ILE K 306 -2.62 13.98 -48.13
N THR K 307 -2.31 13.58 -46.90
CA THR K 307 -2.75 14.27 -45.70
C THR K 307 -1.64 15.20 -45.24
N LYS K 308 -1.80 15.77 -44.04
CA LYS K 308 -0.81 16.72 -43.52
C LYS K 308 0.49 16.02 -43.18
N THR K 309 0.41 14.88 -42.49
CA THR K 309 1.60 14.14 -42.09
C THR K 309 1.90 13.00 -43.04
N TYR K 310 1.59 13.15 -44.33
CA TYR K 310 2.04 12.19 -45.32
C TYR K 310 3.54 12.26 -45.50
N VAL K 311 4.07 13.48 -45.64
CA VAL K 311 5.49 13.64 -45.90
C VAL K 311 6.32 13.32 -44.67
N LYS K 312 5.74 13.44 -43.47
CA LYS K 312 6.47 13.07 -42.25
C LYS K 312 6.45 11.57 -42.02
N ASP K 313 5.33 10.91 -42.34
CA ASP K 313 5.25 9.48 -42.15
C ASP K 313 6.03 8.69 -43.19
N VAL K 314 6.44 9.32 -44.29
CA VAL K 314 7.32 8.64 -45.22
C VAL K 314 8.78 8.75 -44.77
N THR K 315 9.20 9.93 -44.28
CA THR K 315 10.58 10.12 -43.82
C THR K 315 10.90 9.19 -42.65
N GLU K 316 10.02 9.15 -41.65
CA GLU K 316 10.23 8.23 -40.54
C GLU K 316 10.05 6.78 -40.94
N GLY K 317 9.33 6.53 -42.02
CA GLY K 317 9.31 5.21 -42.60
C GLY K 317 10.55 4.95 -43.41
N LEU K 318 11.05 5.96 -44.13
CA LEU K 318 12.29 5.79 -44.87
C LEU K 318 13.48 5.64 -43.95
N ARG K 319 13.51 6.40 -42.85
CA ARG K 319 14.60 6.27 -41.90
C ARG K 319 14.56 4.93 -41.18
N ALA K 320 13.39 4.34 -41.00
CA ALA K 320 13.29 3.09 -40.28
C ALA K 320 13.72 1.91 -41.13
N PHE K 321 13.41 1.93 -42.42
CA PHE K 321 13.90 0.91 -43.35
C PHE K 321 15.28 1.22 -43.88
N MET K 322 15.99 2.16 -43.26
CA MET K 322 17.35 2.51 -43.61
C MET K 322 18.29 2.33 -42.44
N ARG K 323 17.79 2.36 -41.21
CA ARG K 323 18.55 1.95 -40.04
C ARG K 323 18.57 0.43 -39.90
N ASP K 324 17.69 -0.28 -40.61
CA ASP K 324 17.80 -1.72 -40.74
C ASP K 324 18.94 -2.07 -41.69
N LEU K 325 19.28 -1.15 -42.60
CA LEU K 325 20.38 -1.37 -43.52
C LEU K 325 21.70 -0.96 -42.92
N LYS K 326 21.70 0.05 -42.05
CA LYS K 326 22.93 0.39 -41.33
C LYS K 326 23.23 -0.65 -40.27
N ASN K 327 22.19 -1.33 -39.78
CA ASN K 327 22.37 -2.35 -38.75
C ASN K 327 23.12 -3.54 -39.31
N GLN K 328 22.70 -4.05 -40.46
CA GLN K 328 23.31 -5.22 -41.03
C GLN K 328 24.55 -4.91 -41.85
N GLY K 329 24.90 -3.64 -41.99
CA GLY K 329 26.17 -3.27 -42.60
C GLY K 329 26.11 -2.90 -44.06
N ALA K 330 24.93 -2.61 -44.61
CA ALA K 330 24.85 -2.27 -46.02
C ALA K 330 25.36 -0.87 -46.29
N VAL K 331 25.05 0.06 -45.39
CA VAL K 331 25.47 1.44 -45.50
C VAL K 331 26.24 1.79 -44.24
N ILE K 332 26.70 3.04 -44.18
CA ILE K 332 27.27 3.62 -42.97
C ILE K 332 26.79 5.07 -42.86
N ASN K 333 25.93 5.33 -41.87
CA ASN K 333 25.42 6.66 -41.49
C ASN K 333 24.72 7.35 -42.66
N PHE K 334 23.57 6.81 -43.02
CA PHE K 334 22.67 7.40 -44.00
C PHE K 334 22.17 8.81 -43.65
N GLU K 335 21.41 9.42 -44.55
CA GLU K 335 20.74 10.68 -44.26
C GLU K 335 19.48 10.76 -45.11
N VAL K 336 18.32 10.83 -44.46
CA VAL K 336 17.03 10.89 -45.16
C VAL K 336 16.29 12.13 -44.68
N TYR K 337 15.81 12.95 -45.61
CA TYR K 337 15.01 14.11 -45.26
C TYR K 337 14.17 14.53 -46.46
N ALA K 338 13.02 15.14 -46.16
CA ALA K 338 12.19 15.70 -47.21
C ALA K 338 12.85 16.94 -47.80
N ASP K 339 12.77 17.07 -49.11
CA ASP K 339 13.43 18.15 -49.83
C ASP K 339 12.71 19.45 -49.56
N PRO K 340 13.30 20.40 -48.84
CA PRO K 340 12.54 21.60 -48.44
C PRO K 340 12.33 22.58 -49.56
N ASP K 341 13.15 22.55 -50.60
CA ASP K 341 13.08 23.53 -51.67
C ASP K 341 12.13 23.15 -52.79
N LEU K 342 11.81 21.86 -52.94
CA LEU K 342 11.00 21.41 -54.07
C LEU K 342 9.67 20.80 -53.66
N ASN K 343 9.26 20.93 -52.41
CA ASN K 343 7.93 20.49 -52.00
C ASN K 343 6.99 21.69 -51.98
N SER K 344 6.57 22.08 -53.18
CA SER K 344 5.58 23.12 -53.35
C SER K 344 4.19 22.56 -53.12
N ALA K 345 3.19 23.43 -53.19
CA ALA K 345 1.81 22.99 -53.26
C ALA K 345 1.33 22.80 -54.68
N SER K 346 1.95 23.48 -55.64
CA SER K 346 1.69 23.19 -57.05
C SER K 346 2.20 21.82 -57.44
N GLN K 347 3.30 21.37 -56.80
CA GLN K 347 3.74 20.00 -56.99
C GLN K 347 2.82 19.03 -56.26
N LEU K 348 2.24 19.45 -55.16
CA LEU K 348 1.42 18.57 -54.34
C LEU K 348 0.04 18.38 -54.92
N ALA K 349 -0.43 19.33 -55.73
CA ALA K 349 -1.68 19.12 -56.45
C ALA K 349 -1.51 18.10 -57.56
N GLN K 350 -0.31 17.98 -58.12
CA GLN K 350 -0.02 16.95 -59.10
C GLN K 350 0.31 15.60 -58.46
N GLY K 351 0.39 15.54 -57.14
CA GLY K 351 0.75 14.33 -56.46
C GLY K 351 2.22 14.12 -56.28
N LYS K 352 3.06 15.09 -56.65
CA LYS K 352 4.49 14.94 -56.53
C LYS K 352 4.98 15.49 -55.20
N VAL K 353 5.92 14.77 -54.59
CA VAL K 353 6.50 15.13 -53.29
C VAL K 353 7.86 14.45 -53.18
N TYR K 354 8.89 15.21 -52.79
CA TYR K 354 10.25 14.76 -53.02
C TYR K 354 10.95 14.46 -51.70
N TRP K 355 11.95 13.58 -51.76
CA TRP K 355 12.76 13.22 -50.60
C TRP K 355 14.21 13.04 -51.03
N ASN K 356 15.12 13.16 -50.07
CA ASN K 356 16.55 13.09 -50.31
C ASN K 356 17.15 12.00 -49.44
N ILE K 357 17.78 10.99 -50.06
CA ILE K 357 18.14 9.75 -49.40
C ILE K 357 19.65 9.49 -49.52
N ARG K 358 20.46 10.51 -49.24
CA ARG K 358 21.92 10.37 -49.21
C ARG K 358 22.38 9.24 -48.28
N PHE K 359 23.38 8.48 -48.72
CA PHE K 359 24.02 7.49 -47.87
C PHE K 359 25.46 7.26 -48.35
N THR K 360 26.21 6.50 -47.55
CA THR K 360 27.59 6.12 -47.84
C THR K 360 27.69 4.61 -47.92
N ASP K 361 28.27 4.12 -49.00
CA ASP K 361 28.44 2.69 -49.20
C ASP K 361 29.73 2.21 -48.56
N VAL K 362 29.76 0.93 -48.23
CA VAL K 362 30.97 0.33 -47.64
C VAL K 362 31.99 0.07 -48.75
N PRO K 363 33.24 0.47 -48.57
CA PRO K 363 34.23 0.28 -49.62
C PRO K 363 34.82 -1.12 -49.57
N PRO K 364 35.05 -1.75 -50.72
CA PRO K 364 35.72 -3.04 -50.72
C PRO K 364 37.23 -2.91 -50.58
N ALA K 365 37.82 -3.86 -49.86
CA ALA K 365 39.26 -3.86 -49.59
C ALA K 365 39.99 -4.35 -50.82
N GLU K 366 40.10 -3.46 -51.82
CA GLU K 366 40.55 -3.86 -53.14
C GLU K 366 42.04 -4.17 -53.18
N ASN K 367 42.84 -3.42 -52.42
CA ASN K 367 44.29 -3.50 -52.51
C ASN K 367 44.92 -3.42 -51.12
N PRO K 368 45.02 -4.54 -50.41
CA PRO K 368 45.83 -4.54 -49.19
C PRO K 368 47.30 -4.51 -49.55
N ASN K 369 48.05 -3.68 -48.83
CA ASN K 369 49.45 -3.41 -49.17
C ASN K 369 50.34 -3.82 -48.01
N PHE K 370 51.28 -4.71 -48.29
CA PHE K 370 52.21 -5.22 -47.29
C PHE K 370 53.59 -4.63 -47.58
N ARG K 371 54.14 -3.89 -46.63
CA ARG K 371 55.44 -3.27 -46.78
C ARG K 371 56.42 -4.06 -45.92
N VAL K 372 57.02 -5.07 -46.52
CA VAL K 372 57.83 -6.05 -45.79
C VAL K 372 59.30 -5.70 -45.92
N GLU K 373 60.03 -5.86 -44.83
CA GLU K 373 61.45 -5.50 -44.74
C GLU K 373 62.20 -6.56 -43.95
N VAL K 374 63.37 -6.94 -44.44
CA VAL K 374 64.27 -7.82 -43.72
C VAL K 374 65.32 -6.95 -43.04
N THR K 375 65.39 -7.04 -41.71
CA THR K 375 66.30 -6.24 -40.92
C THR K 375 67.31 -7.14 -40.21
N ASP K 376 68.37 -6.52 -39.73
CA ASP K 376 69.29 -7.15 -38.79
C ASP K 376 69.16 -6.55 -37.41
N GLN K 377 67.96 -6.04 -37.08
CA GLN K 377 67.74 -5.41 -35.79
C GLN K 377 67.78 -6.43 -34.67
N TRP K 378 67.05 -7.52 -34.81
CA TRP K 378 67.04 -8.57 -33.78
C TRP K 378 68.07 -9.65 -34.08
N LEU K 379 69.28 -9.23 -34.43
CA LEU K 379 70.39 -10.15 -34.59
C LEU K 379 71.23 -10.19 -33.33
N THR K 380 71.11 -9.17 -32.48
CA THR K 380 71.77 -9.11 -31.18
C THR K 380 70.84 -9.47 -30.04
N GLU K 381 69.54 -9.14 -30.17
CA GLU K 381 68.55 -9.43 -29.13
C GLU K 381 68.43 -10.91 -28.87
N VAL K 382 68.65 -11.73 -29.88
CA VAL K 382 68.84 -13.16 -29.73
C VAL K 382 70.22 -13.48 -30.29
N LEU K 383 70.56 -14.78 -30.32
CA LEU K 383 71.79 -15.32 -30.90
C LEU K 383 73.03 -14.79 -30.19
N ASP K 384 72.93 -14.63 -28.87
CA ASP K 384 74.01 -14.04 -28.12
C ASP K 384 73.97 -14.62 -26.71
N VAL K 385 75.06 -14.40 -25.96
CA VAL K 385 75.12 -14.84 -24.57
C VAL K 385 74.10 -14.09 -23.72
N ALA K 386 73.97 -12.78 -23.97
CA ALA K 386 72.99 -11.88 -23.36
C ALA K 386 73.00 -11.87 -21.83
N SER L 2 -26.21 -74.00 -0.10
CA SER L 2 -25.26 -73.82 0.99
C SER L 2 -24.21 -72.79 0.62
N PHE L 3 -23.18 -72.66 1.44
CA PHE L 3 -22.09 -71.74 1.18
C PHE L 3 -20.79 -72.41 1.59
N PHE L 4 -19.72 -71.61 1.63
CA PHE L 4 -18.43 -72.09 2.08
C PHE L 4 -17.78 -70.95 2.84
N HIS L 5 -17.06 -71.28 3.91
CA HIS L 5 -16.30 -70.31 4.66
C HIS L 5 -14.86 -70.75 4.72
N GLY L 6 -13.95 -69.83 4.46
CA GLY L 6 -12.57 -70.16 4.24
C GLY L 6 -12.24 -70.11 2.77
N VAL L 7 -11.04 -70.57 2.45
CA VAL L 7 -10.51 -70.47 1.10
C VAL L 7 -10.63 -71.82 0.40
N THR L 8 -11.20 -71.81 -0.81
CA THR L 8 -11.22 -72.99 -1.65
C THR L 8 -10.04 -72.96 -2.60
N VAL L 9 -9.55 -74.15 -2.96
CA VAL L 9 -8.72 -74.33 -4.14
C VAL L 9 -9.44 -75.28 -5.07
N THR L 10 -9.30 -75.05 -6.37
CA THR L 10 -10.03 -75.82 -7.36
C THR L 10 -9.12 -76.07 -8.55
N ASN L 11 -8.87 -77.33 -8.85
CA ASN L 11 -8.15 -77.70 -10.07
C ASN L 11 -9.11 -77.54 -11.23
N VAL L 12 -8.83 -76.59 -12.11
CA VAL L 12 -9.68 -76.35 -13.27
C VAL L 12 -8.82 -75.84 -14.41
N ASP L 13 -9.01 -76.41 -15.59
CA ASP L 13 -8.25 -76.04 -16.78
C ASP L 13 -8.89 -74.81 -17.43
N ILE L 14 -8.11 -73.73 -17.53
CA ILE L 14 -8.52 -72.54 -18.25
C ILE L 14 -7.38 -72.08 -19.13
N GLY L 15 -7.69 -71.78 -20.39
CA GLY L 15 -6.69 -71.75 -21.44
C GLY L 15 -5.95 -70.45 -21.76
N ALA L 16 -4.96 -70.07 -20.95
CA ALA L 16 -3.88 -69.18 -21.38
C ALA L 16 -4.34 -67.80 -21.83
N ARG L 17 -4.66 -66.92 -20.86
CA ARG L 17 -5.42 -65.68 -21.04
C ARG L 17 -4.91 -64.82 -22.20
N THR L 18 -5.81 -64.00 -22.74
CA THR L 18 -5.72 -63.43 -24.07
C THR L 18 -5.86 -61.92 -24.01
N ILE L 19 -5.00 -61.29 -23.20
CA ILE L 19 -5.00 -59.85 -22.93
C ILE L 19 -5.00 -59.03 -24.21
N ALA L 20 -5.87 -58.03 -24.24
CA ALA L 20 -6.06 -57.15 -25.38
C ALA L 20 -6.39 -55.77 -24.85
N LEU L 21 -6.11 -54.77 -25.66
CA LEU L 21 -6.46 -53.41 -25.28
C LEU L 21 -7.98 -53.24 -25.31
N PRO L 22 -8.57 -52.66 -24.28
CA PRO L 22 -10.01 -52.38 -24.31
C PRO L 22 -10.32 -51.27 -25.30
N ALA L 23 -11.15 -51.59 -26.29
CA ALA L 23 -11.49 -50.68 -27.36
C ALA L 23 -12.89 -50.11 -27.17
N SER L 24 -13.12 -48.93 -27.75
CA SER L 24 -14.41 -48.27 -27.66
C SER L 24 -15.31 -48.52 -28.86
N SER L 25 -14.77 -49.07 -29.94
CA SER L 25 -15.57 -49.31 -31.13
C SER L 25 -16.53 -50.48 -30.91
N VAL L 26 -17.68 -50.40 -31.56
CA VAL L 26 -18.71 -51.43 -31.49
C VAL L 26 -18.79 -52.13 -32.84
N ILE L 27 -19.07 -53.43 -32.81
CA ILE L 27 -18.97 -54.30 -33.98
C ILE L 27 -20.28 -55.07 -34.11
N GLY L 28 -20.84 -55.08 -35.34
CA GLY L 28 -22.05 -55.80 -35.61
C GLY L 28 -21.76 -57.13 -36.25
N LEU L 29 -22.12 -58.22 -35.55
CA LEU L 29 -21.73 -59.56 -35.93
C LEU L 29 -22.98 -60.39 -36.19
N CYS L 30 -22.88 -61.31 -37.14
CA CYS L 30 -24.02 -62.11 -37.55
C CYS L 30 -23.51 -63.41 -38.17
N ASP L 31 -23.82 -64.54 -37.54
CA ASP L 31 -23.34 -65.84 -37.99
C ASP L 31 -24.27 -66.90 -37.42
N VAL L 32 -23.92 -68.18 -37.60
CA VAL L 32 -24.83 -69.27 -37.26
C VAL L 32 -24.48 -69.86 -35.90
N PHE L 33 -25.51 -70.35 -35.22
CA PHE L 33 -25.32 -71.08 -33.97
C PHE L 33 -26.52 -72.00 -33.80
N THR L 34 -26.43 -72.89 -32.81
CA THR L 34 -27.54 -73.78 -32.51
C THR L 34 -28.19 -73.36 -31.20
N PRO L 35 -29.46 -72.97 -31.22
CA PRO L 35 -30.13 -72.65 -29.96
C PRO L 35 -30.43 -73.89 -29.13
N GLY L 36 -29.70 -74.06 -28.05
CA GLY L 36 -29.81 -75.25 -27.23
C GLY L 36 -30.10 -74.89 -25.79
N ALA L 37 -29.53 -75.69 -24.89
CA ALA L 37 -29.73 -75.48 -23.46
C ALA L 37 -28.81 -74.39 -22.92
N GLN L 38 -27.49 -74.60 -23.05
CA GLN L 38 -26.53 -73.67 -22.49
C GLN L 38 -26.41 -72.40 -23.30
N ALA L 39 -26.76 -72.43 -24.58
CA ALA L 39 -26.81 -71.23 -25.41
C ALA L 39 -28.02 -70.40 -24.97
N SER L 40 -27.77 -69.34 -24.21
CA SER L 40 -28.86 -68.51 -23.69
C SER L 40 -29.10 -67.30 -24.60
N ALA L 41 -29.40 -67.59 -25.86
CA ALA L 41 -29.74 -66.54 -26.80
C ALA L 41 -30.87 -67.02 -27.70
N LYS L 42 -31.92 -66.21 -27.80
CA LYS L 42 -32.90 -66.41 -28.84
C LYS L 42 -32.26 -66.07 -30.19
N PRO L 43 -32.67 -66.74 -31.27
CA PRO L 43 -31.97 -66.56 -32.56
C PRO L 43 -31.94 -65.16 -33.15
N ASN L 44 -33.07 -64.56 -33.46
CA ASN L 44 -33.02 -63.24 -34.09
C ASN L 44 -33.16 -62.11 -33.08
N VAL L 45 -32.37 -62.17 -32.00
CA VAL L 45 -32.34 -61.15 -30.98
C VAL L 45 -30.89 -60.74 -30.77
N PRO L 46 -30.54 -59.48 -30.96
CA PRO L 46 -29.16 -59.06 -30.71
C PRO L 46 -28.85 -59.00 -29.23
N VAL L 47 -27.61 -59.36 -28.90
CA VAL L 47 -27.11 -59.36 -27.53
C VAL L 47 -25.78 -58.63 -27.48
N LEU L 48 -25.53 -57.90 -26.40
CA LEU L 48 -24.28 -57.16 -26.24
C LEU L 48 -23.25 -58.04 -25.55
N LEU L 49 -22.05 -58.07 -26.12
CA LEU L 49 -20.98 -58.97 -25.69
C LEU L 49 -19.77 -58.15 -25.29
N THR L 50 -19.17 -58.50 -24.15
CA THR L 50 -17.93 -57.88 -23.70
C THR L 50 -16.85 -58.87 -23.33
N SER L 51 -17.07 -60.17 -23.54
CA SER L 51 -16.11 -61.18 -23.07
C SER L 51 -16.26 -62.45 -23.90
N LYS L 52 -15.20 -63.26 -23.89
CA LYS L 52 -15.31 -64.60 -24.43
C LYS L 52 -16.24 -65.46 -23.61
N LYS L 53 -16.33 -65.20 -22.30
CA LYS L 53 -17.31 -65.88 -21.48
C LYS L 53 -18.72 -65.44 -21.82
N ASP L 54 -18.91 -64.15 -22.10
CA ASP L 54 -20.21 -63.66 -22.50
C ASP L 54 -20.59 -64.11 -23.90
N ALA L 55 -19.62 -64.47 -24.73
CA ALA L 55 -19.91 -65.03 -26.05
C ALA L 55 -20.22 -66.50 -25.97
N ALA L 56 -19.63 -67.22 -25.02
CA ALA L 56 -19.87 -68.65 -24.86
C ALA L 56 -21.00 -68.95 -23.88
N ALA L 57 -21.53 -67.93 -23.20
CA ALA L 57 -22.72 -68.15 -22.40
C ALA L 57 -23.98 -67.87 -23.20
N ALA L 58 -23.96 -66.87 -24.07
CA ALA L 58 -25.10 -66.60 -24.94
C ALA L 58 -25.16 -67.59 -26.08
N PHE L 59 -24.03 -67.88 -26.69
CA PHE L 59 -23.95 -68.77 -27.83
C PHE L 59 -23.16 -70.01 -27.42
N GLY L 60 -23.22 -71.05 -28.25
CA GLY L 60 -22.46 -72.24 -27.95
C GLY L 60 -20.97 -72.01 -28.12
N ILE L 61 -20.18 -72.76 -27.36
CA ILE L 61 -18.73 -72.66 -27.51
C ILE L 61 -18.28 -73.33 -28.79
N GLY L 62 -19.06 -74.25 -29.33
CA GLY L 62 -18.79 -74.81 -30.63
C GLY L 62 -19.47 -74.10 -31.77
N SER L 63 -20.08 -72.95 -31.53
CA SER L 63 -20.83 -72.25 -32.56
C SER L 63 -19.89 -71.50 -33.49
N SER L 64 -20.46 -70.98 -34.57
CA SER L 64 -19.71 -70.12 -35.47
C SER L 64 -19.76 -68.66 -35.07
N ILE L 65 -20.73 -68.27 -34.25
CA ILE L 65 -20.69 -66.96 -33.60
C ILE L 65 -19.45 -66.86 -32.73
N TYR L 66 -19.24 -67.85 -31.86
CA TYR L 66 -18.17 -67.79 -30.87
C TYR L 66 -16.80 -67.82 -31.52
N LEU L 67 -16.65 -68.55 -32.63
CA LEU L 67 -15.38 -68.52 -33.35
C LEU L 67 -15.12 -67.16 -33.96
N ALA L 68 -16.18 -66.46 -34.36
CA ALA L 68 -16.03 -65.08 -34.81
C ALA L 68 -15.77 -64.13 -33.65
N CYS L 69 -16.36 -64.41 -32.49
CA CYS L 69 -16.14 -63.55 -31.33
C CYS L 69 -14.81 -63.82 -30.66
N GLU L 70 -14.32 -65.06 -30.71
CA GLU L 70 -12.94 -65.33 -30.27
C GLU L 70 -11.94 -64.67 -31.22
N ALA L 71 -12.30 -64.53 -32.50
CA ALA L 71 -11.44 -63.87 -33.46
C ALA L 71 -11.30 -62.38 -33.19
N ILE L 72 -12.24 -61.77 -32.49
CA ILE L 72 -12.17 -60.34 -32.19
C ILE L 72 -11.53 -60.11 -30.83
N TYR L 73 -11.84 -60.95 -29.86
CA TYR L 73 -11.35 -60.80 -28.50
C TYR L 73 -9.88 -61.17 -28.34
N ASN L 74 -9.27 -61.79 -29.35
CA ASN L 74 -7.83 -62.00 -29.30
C ASN L 74 -7.05 -60.73 -29.62
N ARG L 75 -7.70 -59.72 -30.19
CA ARG L 75 -7.03 -58.50 -30.58
C ARG L 75 -7.54 -57.28 -29.85
N ALA L 76 -8.84 -57.17 -29.62
CA ALA L 76 -9.40 -56.03 -28.93
C ALA L 76 -10.51 -56.48 -28.01
N GLN L 77 -10.61 -55.86 -26.84
CA GLN L 77 -11.70 -56.14 -25.92
C GLN L 77 -12.89 -55.25 -26.30
N ALA L 78 -13.48 -55.59 -27.43
CA ALA L 78 -14.44 -54.72 -28.10
C ALA L 78 -15.85 -55.08 -27.68
N VAL L 79 -16.78 -54.18 -27.99
CA VAL L 79 -18.19 -54.39 -27.75
C VAL L 79 -18.80 -54.94 -29.01
N ILE L 80 -19.50 -56.07 -28.90
CA ILE L 80 -20.03 -56.77 -30.06
C ILE L 80 -21.53 -56.93 -29.88
N VAL L 81 -22.30 -56.29 -30.76
CA VAL L 81 -23.72 -56.58 -30.90
C VAL L 81 -23.83 -57.74 -31.89
N ALA L 82 -24.16 -58.91 -31.37
CA ALA L 82 -24.15 -60.14 -32.16
C ALA L 82 -25.57 -60.67 -32.31
N VAL L 83 -25.90 -61.11 -33.52
CA VAL L 83 -27.22 -61.64 -33.86
C VAL L 83 -27.03 -63.07 -34.34
N GLY L 84 -27.47 -64.04 -33.52
CA GLY L 84 -27.30 -65.45 -33.83
C GLY L 84 -28.34 -66.04 -34.75
N VAL L 85 -28.19 -65.84 -36.07
CA VAL L 85 -29.11 -66.43 -37.04
C VAL L 85 -29.01 -67.95 -36.99
N GLU L 86 -30.16 -68.61 -36.83
CA GLU L 86 -30.21 -70.06 -36.81
C GLU L 86 -29.83 -70.65 -38.18
N THR L 87 -29.35 -71.88 -38.14
CA THR L 87 -28.84 -72.52 -39.35
C THR L 87 -29.99 -73.00 -40.23
N ALA L 88 -29.66 -73.25 -41.50
CA ALA L 88 -30.64 -73.68 -42.49
C ALA L 88 -29.95 -74.61 -43.47
N GLU L 89 -30.75 -75.31 -44.27
CA GLU L 89 -30.20 -76.36 -45.13
C GLU L 89 -29.51 -75.79 -46.36
N THR L 90 -30.28 -75.19 -47.25
CA THR L 90 -29.73 -74.74 -48.52
C THR L 90 -29.05 -73.39 -48.38
N PRO L 91 -28.00 -73.12 -49.16
CA PRO L 91 -27.35 -71.80 -49.09
C PRO L 91 -28.20 -70.66 -49.62
N GLU L 92 -29.26 -70.96 -50.39
CA GLU L 92 -30.21 -69.92 -50.74
C GLU L 92 -31.05 -69.52 -49.52
N ALA L 93 -31.47 -70.50 -48.73
CA ALA L 93 -32.22 -70.19 -47.52
C ALA L 93 -31.33 -69.76 -46.38
N GLN L 94 -30.04 -70.07 -46.43
CA GLN L 94 -29.14 -69.60 -45.40
C GLN L 94 -28.79 -68.14 -45.60
N ALA L 95 -28.49 -67.76 -46.85
CA ALA L 95 -28.25 -66.36 -47.16
C ALA L 95 -29.51 -65.52 -46.99
N SER L 96 -30.69 -66.13 -47.15
CA SER L 96 -31.92 -65.40 -46.89
C SER L 96 -32.14 -65.17 -45.41
N ALA L 97 -31.60 -66.05 -44.56
CA ALA L 97 -31.76 -65.91 -43.12
C ALA L 97 -30.71 -65.01 -42.50
N VAL L 98 -29.54 -64.90 -43.12
CA VAL L 98 -28.53 -63.95 -42.64
C VAL L 98 -28.95 -62.52 -42.99
N ILE L 99 -29.48 -62.33 -44.21
CA ILE L 99 -30.05 -61.03 -44.57
C ILE L 99 -31.25 -60.72 -43.69
N GLY L 100 -32.22 -61.64 -43.64
CA GLY L 100 -33.36 -61.46 -42.78
C GLY L 100 -34.30 -60.40 -43.32
N GLY L 101 -34.89 -59.66 -42.41
CA GLY L 101 -35.77 -58.57 -42.79
C GLY L 101 -36.82 -58.33 -41.72
N ILE L 102 -37.95 -57.80 -42.16
CA ILE L 102 -39.08 -57.53 -41.29
C ILE L 102 -40.14 -58.62 -41.43
N SER L 103 -39.75 -59.81 -41.87
CA SER L 103 -40.65 -60.92 -42.17
C SER L 103 -41.29 -61.56 -40.92
N ALA L 104 -41.07 -61.01 -39.73
CA ALA L 104 -41.73 -61.47 -38.51
C ALA L 104 -43.13 -60.90 -38.41
N ALA L 105 -43.71 -60.95 -37.21
CA ALA L 105 -44.90 -60.16 -36.90
C ALA L 105 -44.61 -58.68 -37.10
N GLY L 106 -43.64 -58.16 -36.37
CA GLY L 106 -43.10 -56.85 -36.66
C GLY L 106 -41.63 -56.72 -36.36
N GLU L 107 -40.97 -57.81 -35.97
CA GLU L 107 -39.59 -57.76 -35.52
C GLU L 107 -38.63 -57.73 -36.69
N ARG L 108 -37.36 -57.50 -36.38
CA ARG L 108 -36.30 -57.42 -37.37
C ARG L 108 -35.36 -58.59 -37.18
N THR L 109 -35.06 -59.29 -38.27
CA THR L 109 -34.29 -60.53 -38.22
C THR L 109 -33.02 -60.41 -39.05
N GLY L 110 -32.02 -61.20 -38.67
CA GLY L 110 -30.81 -61.29 -39.47
C GLY L 110 -29.85 -60.12 -39.29
N LEU L 111 -29.33 -59.62 -40.41
CA LEU L 111 -28.52 -58.41 -40.36
C LEU L 111 -29.34 -57.21 -39.96
N GLN L 112 -30.64 -57.22 -40.27
CA GLN L 112 -31.51 -56.08 -40.02
C GLN L 112 -31.72 -55.83 -38.53
N ALA L 113 -31.46 -56.82 -37.68
CA ALA L 113 -31.50 -56.63 -36.24
C ALA L 113 -30.31 -55.83 -35.72
N LEU L 114 -29.27 -55.64 -36.52
CA LEU L 114 -28.16 -54.79 -36.09
C LEU L 114 -28.53 -53.32 -36.11
N LEU L 115 -29.58 -52.94 -36.84
CA LEU L 115 -30.12 -51.59 -36.74
C LEU L 115 -30.79 -51.34 -35.39
N ASP L 116 -31.12 -52.40 -34.66
CA ASP L 116 -31.63 -52.32 -33.31
C ASP L 116 -30.53 -52.33 -32.27
N GLY L 117 -29.27 -52.17 -32.68
CA GLY L 117 -28.17 -52.27 -31.73
C GLY L 117 -28.14 -51.11 -30.76
N LYS L 118 -28.30 -49.90 -31.28
CA LYS L 118 -28.65 -48.77 -30.45
C LYS L 118 -30.13 -48.89 -30.12
N SER L 119 -30.50 -48.32 -28.96
CA SER L 119 -31.82 -48.35 -28.29
C SER L 119 -32.14 -49.69 -27.65
N ARG L 120 -31.33 -50.70 -27.90
CA ARG L 120 -31.32 -51.91 -27.09
C ARG L 120 -30.14 -51.97 -26.16
N PHE L 121 -29.00 -51.42 -26.57
CA PHE L 121 -27.78 -51.55 -25.78
C PHE L 121 -26.91 -50.30 -25.77
N ASN L 122 -27.33 -49.21 -26.40
CA ASN L 122 -26.54 -47.99 -26.63
C ASN L 122 -25.21 -48.32 -27.32
N ALA L 123 -25.31 -49.09 -28.39
CA ALA L 123 -24.13 -49.51 -29.15
C ALA L 123 -24.53 -49.58 -30.62
N GLN L 124 -24.31 -48.47 -31.34
CA GLN L 124 -24.66 -48.38 -32.74
C GLN L 124 -23.50 -48.86 -33.58
N PRO L 125 -23.60 -50.02 -34.24
CA PRO L 125 -22.40 -50.74 -34.76
C PRO L 125 -21.68 -49.98 -35.86
N ARG L 126 -20.43 -49.63 -35.59
CA ARG L 126 -19.56 -48.96 -36.55
C ARG L 126 -18.83 -49.93 -37.45
N LEU L 127 -18.87 -51.22 -37.15
CA LEU L 127 -18.25 -52.24 -37.99
C LEU L 127 -19.22 -53.40 -38.16
N LEU L 128 -19.38 -53.84 -39.40
CA LEU L 128 -20.32 -54.88 -39.74
C LEU L 128 -19.58 -56.06 -40.31
N VAL L 129 -19.83 -57.24 -39.76
CA VAL L 129 -19.13 -58.45 -40.15
C VAL L 129 -20.11 -59.61 -40.17
N ALA L 130 -20.07 -60.39 -41.24
CA ALA L 130 -20.87 -61.60 -41.37
C ALA L 130 -19.91 -62.69 -41.82
N PRO L 131 -19.26 -63.38 -40.88
CA PRO L 131 -18.13 -64.26 -41.24
C PRO L 131 -18.59 -65.52 -41.95
N GLY L 132 -18.05 -65.71 -43.16
CA GLY L 132 -18.39 -66.85 -43.98
C GLY L 132 -19.60 -66.66 -44.86
N HIS L 133 -20.42 -65.65 -44.58
CA HIS L 133 -21.62 -65.41 -45.34
C HIS L 133 -21.52 -64.21 -46.27
N SER L 134 -20.53 -63.35 -46.09
CA SER L 134 -20.37 -62.19 -46.95
C SER L 134 -19.76 -62.55 -48.30
N ALA L 135 -19.37 -63.82 -48.50
CA ALA L 135 -18.91 -64.29 -49.79
C ALA L 135 -20.03 -64.41 -50.79
N GLN L 136 -21.28 -64.56 -50.34
CA GLN L 136 -22.41 -64.54 -51.26
C GLN L 136 -22.76 -63.10 -51.62
N GLN L 137 -23.18 -62.90 -52.86
CA GLN L 137 -23.36 -61.55 -53.38
C GLN L 137 -24.64 -60.91 -52.86
N ALA L 138 -25.59 -61.71 -52.39
CA ALA L 138 -26.83 -61.17 -51.83
C ALA L 138 -26.64 -60.65 -50.41
N VAL L 139 -25.87 -61.38 -49.60
CA VAL L 139 -25.57 -60.94 -48.24
C VAL L 139 -24.70 -59.69 -48.27
N ALA L 140 -23.71 -59.66 -49.15
CA ALA L 140 -22.81 -58.54 -49.26
C ALA L 140 -23.46 -57.30 -49.85
N THR L 141 -24.66 -57.41 -50.42
CA THR L 141 -25.45 -56.23 -50.75
C THR L 141 -26.31 -55.79 -49.56
N ALA L 142 -26.79 -56.73 -48.76
CA ALA L 142 -27.46 -56.37 -47.52
C ALA L 142 -26.49 -55.81 -46.50
N MET L 143 -25.23 -56.26 -46.54
CA MET L 143 -24.17 -55.60 -45.78
C MET L 143 -23.96 -54.17 -46.26
N ASP L 144 -24.09 -53.96 -47.57
CA ASP L 144 -23.82 -52.66 -48.17
C ASP L 144 -24.89 -51.65 -47.79
N GLY L 145 -26.15 -51.96 -48.08
CA GLY L 145 -27.25 -51.04 -47.80
C GLY L 145 -27.47 -50.78 -46.33
N LEU L 146 -27.04 -51.69 -45.47
CA LEU L 146 -27.14 -51.46 -44.03
C LEU L 146 -25.93 -50.71 -43.50
N ALA L 147 -24.77 -50.83 -44.13
CA ALA L 147 -23.65 -49.98 -43.76
C ALA L 147 -23.89 -48.54 -44.18
N GLU L 148 -24.68 -48.33 -45.23
CA GLU L 148 -25.03 -46.97 -45.62
C GLU L 148 -26.02 -46.36 -44.63
N LYS L 149 -26.98 -47.15 -44.15
CA LYS L 149 -27.92 -46.69 -43.15
C LYS L 149 -27.23 -46.44 -41.82
N LEU L 150 -26.56 -47.47 -41.29
CA LEU L 150 -25.98 -47.43 -39.97
C LEU L 150 -24.70 -46.61 -39.92
N ARG L 151 -24.23 -46.12 -41.07
CA ARG L 151 -23.02 -45.31 -41.24
C ARG L 151 -21.80 -46.03 -40.67
N ALA L 152 -21.48 -47.15 -41.29
CA ALA L 152 -20.44 -48.04 -40.82
C ALA L 152 -19.61 -48.49 -42.02
N ILE L 153 -18.63 -49.34 -41.76
CA ILE L 153 -17.88 -50.02 -42.81
C ILE L 153 -18.14 -51.50 -42.67
N ALA L 154 -18.71 -52.09 -43.72
CA ALA L 154 -18.92 -53.52 -43.76
C ALA L 154 -17.65 -54.20 -44.23
N ILE L 155 -17.23 -55.23 -43.52
CA ILE L 155 -16.01 -55.96 -43.87
C ILE L 155 -16.42 -57.27 -44.54
N LEU L 156 -16.21 -57.33 -45.85
CA LEU L 156 -16.60 -58.49 -46.62
C LEU L 156 -15.47 -59.51 -46.62
N ASP L 157 -15.67 -60.60 -47.35
CA ASP L 157 -14.61 -61.52 -47.70
C ASP L 157 -15.00 -62.26 -48.97
N GLY L 158 -14.00 -62.68 -49.72
CA GLY L 158 -14.25 -63.40 -50.94
C GLY L 158 -14.41 -64.88 -50.64
N PRO L 159 -14.30 -65.70 -51.67
CA PRO L 159 -14.33 -67.15 -51.47
C PRO L 159 -12.94 -67.67 -51.09
N ASN L 160 -12.86 -68.98 -50.94
CA ASN L 160 -11.61 -69.69 -50.70
C ASN L 160 -10.81 -69.86 -51.98
N SER L 161 -11.38 -69.48 -53.13
CA SER L 161 -10.83 -69.82 -54.43
C SER L 161 -9.65 -68.91 -54.80
N THR L 162 -9.32 -68.89 -56.08
CA THR L 162 -8.12 -68.22 -56.57
C THR L 162 -8.25 -66.70 -56.49
N ASP L 163 -7.21 -66.03 -56.98
CA ASP L 163 -7.18 -64.57 -57.01
C ASP L 163 -8.22 -64.01 -57.97
N GLU L 164 -8.47 -64.72 -59.07
CA GLU L 164 -9.40 -64.19 -60.07
C GLU L 164 -10.83 -64.32 -59.61
N ALA L 165 -11.13 -65.29 -58.75
CA ALA L 165 -12.44 -65.36 -58.13
C ALA L 165 -12.64 -64.25 -57.11
N ALA L 166 -11.56 -63.70 -56.57
CA ALA L 166 -11.65 -62.56 -55.68
C ALA L 166 -11.80 -61.26 -56.46
N VAL L 167 -11.09 -61.14 -57.57
CA VAL L 167 -11.16 -59.93 -58.39
C VAL L 167 -12.53 -59.81 -59.04
N ALA L 168 -13.03 -60.90 -59.61
CA ALA L 168 -14.34 -60.88 -60.25
C ALA L 168 -15.48 -60.73 -59.27
N TYR L 169 -15.27 -61.10 -58.01
CA TYR L 169 -16.26 -60.83 -56.97
C TYR L 169 -16.17 -59.42 -56.44
N ALA L 170 -15.00 -58.78 -56.55
CA ALA L 170 -14.86 -57.40 -56.14
C ALA L 170 -15.34 -56.41 -57.19
N LYS L 171 -15.57 -56.86 -58.42
CA LYS L 171 -16.14 -55.98 -59.44
C LYS L 171 -17.65 -55.88 -59.33
N ASN L 172 -18.27 -56.69 -58.46
CA ASN L 172 -19.69 -56.57 -58.22
C ASN L 172 -20.05 -55.41 -57.30
N PHE L 173 -19.06 -54.69 -56.77
CA PHE L 173 -19.33 -53.63 -55.82
C PHE L 173 -18.49 -52.41 -56.16
N GLY L 174 -19.15 -51.26 -56.20
CA GLY L 174 -18.47 -49.99 -56.30
C GLY L 174 -18.88 -49.11 -55.13
N SER L 175 -19.04 -49.70 -53.96
CA SER L 175 -19.59 -49.00 -52.81
C SER L 175 -18.50 -48.53 -51.86
N LYS L 176 -18.72 -47.35 -51.30
CA LYS L 176 -17.75 -46.70 -50.43
C LYS L 176 -17.57 -47.44 -49.11
N ARG L 177 -18.63 -48.02 -48.58
CA ARG L 177 -18.63 -48.57 -47.24
C ARG L 177 -18.20 -50.03 -47.18
N LEU L 178 -17.67 -50.58 -48.26
CA LEU L 178 -17.30 -51.99 -48.31
C LEU L 178 -15.79 -52.15 -48.26
N PHE L 179 -15.34 -53.17 -47.54
CA PHE L 179 -13.92 -53.40 -47.32
C PHE L 179 -13.70 -54.90 -47.39
N MET L 180 -13.22 -55.39 -48.53
CA MET L 180 -13.09 -56.82 -48.74
C MET L 180 -11.72 -57.28 -48.26
N VAL L 181 -11.70 -58.38 -47.50
CA VAL L 181 -10.48 -59.07 -47.12
C VAL L 181 -10.60 -60.48 -47.67
N ASP L 182 -9.97 -60.77 -48.80
CA ASP L 182 -10.23 -62.06 -49.43
C ASP L 182 -9.61 -63.31 -48.80
N PRO L 183 -8.29 -63.39 -48.51
CA PRO L 183 -7.74 -64.69 -48.11
C PRO L 183 -8.19 -65.06 -46.70
N GLY L 184 -8.67 -66.28 -46.57
CA GLY L 184 -9.12 -66.75 -45.29
C GLY L 184 -7.98 -67.01 -44.34
N VAL L 185 -8.31 -67.03 -43.09
CA VAL L 185 -7.37 -67.32 -42.01
C VAL L 185 -7.33 -68.82 -41.77
N GLN L 186 -6.13 -69.35 -41.59
CA GLN L 186 -5.90 -70.73 -41.21
C GLN L 186 -5.45 -70.72 -39.75
N VAL L 187 -6.36 -71.05 -38.83
CA VAL L 187 -6.10 -70.95 -37.40
C VAL L 187 -6.04 -72.35 -36.80
N TRP L 188 -5.10 -72.55 -35.89
CA TRP L 188 -4.89 -73.87 -35.30
C TRP L 188 -6.00 -74.19 -34.30
N ASP L 189 -6.73 -75.27 -34.56
CA ASP L 189 -7.79 -75.73 -33.68
C ASP L 189 -7.19 -76.62 -32.60
N SER L 190 -7.59 -76.37 -31.34
CA SER L 190 -7.06 -77.17 -30.23
C SER L 190 -7.70 -78.55 -30.18
N ALA L 191 -8.96 -78.66 -30.62
CA ALA L 191 -9.67 -79.93 -30.51
C ALA L 191 -9.16 -80.94 -31.53
N THR L 192 -9.20 -80.59 -32.81
CA THR L 192 -8.72 -81.47 -33.86
C THR L 192 -7.20 -81.53 -33.93
N ASN L 193 -6.50 -80.64 -33.22
CA ASN L 193 -5.05 -80.54 -33.18
C ASN L 193 -4.46 -80.33 -34.58
N ALA L 194 -5.18 -79.54 -35.38
CA ALA L 194 -4.76 -79.17 -36.72
C ALA L 194 -5.22 -77.75 -36.99
N ALA L 195 -4.99 -77.30 -38.21
CA ALA L 195 -5.25 -75.92 -38.59
C ALA L 195 -6.62 -75.83 -39.26
N ARG L 196 -7.54 -75.16 -38.59
CA ARG L 196 -8.90 -74.95 -39.08
C ARG L 196 -8.97 -73.67 -39.89
N ASN L 197 -9.76 -73.67 -40.97
CA ASN L 197 -9.94 -72.45 -41.72
C ASN L 197 -10.88 -71.50 -40.97
N ALA L 198 -10.80 -70.22 -41.35
CA ALA L 198 -11.58 -69.16 -40.76
C ALA L 198 -11.74 -68.10 -41.83
N PRO L 199 -12.89 -67.44 -41.93
CA PRO L 199 -13.16 -66.56 -43.06
C PRO L 199 -12.53 -65.17 -42.98
N ALA L 200 -11.74 -64.87 -41.95
CA ALA L 200 -10.88 -63.70 -41.83
C ALA L 200 -11.58 -62.33 -41.81
N SER L 201 -12.91 -62.30 -41.82
CA SER L 201 -13.60 -61.04 -41.70
C SER L 201 -13.62 -60.56 -40.26
N ALA L 202 -13.76 -61.49 -39.32
CA ALA L 202 -13.78 -61.12 -37.91
C ALA L 202 -12.38 -60.77 -37.41
N TYR L 203 -11.34 -61.32 -38.03
CA TYR L 203 -9.98 -60.94 -37.67
C TYR L 203 -9.64 -59.55 -38.16
N ALA L 204 -10.25 -59.12 -39.26
CA ALA L 204 -10.09 -57.74 -39.70
C ALA L 204 -10.82 -56.80 -38.77
N ALA L 205 -12.02 -57.17 -38.33
CA ALA L 205 -12.85 -56.28 -37.52
C ALA L 205 -12.30 -56.12 -36.11
N GLY L 206 -11.60 -57.13 -35.59
CA GLY L 206 -10.96 -56.97 -34.30
C GLY L 206 -9.75 -56.05 -34.37
N LEU L 207 -9.06 -56.07 -35.50
CA LEU L 207 -7.94 -55.18 -35.73
C LEU L 207 -8.38 -53.79 -36.17
N PHE L 208 -9.55 -53.70 -36.79
CA PHE L 208 -10.08 -52.42 -37.20
C PHE L 208 -10.48 -51.60 -35.99
N ALA L 209 -10.97 -52.28 -34.95
CA ALA L 209 -11.36 -51.66 -33.70
C ALA L 209 -10.20 -51.49 -32.74
N TRP L 210 -9.15 -52.30 -32.89
CA TRP L 210 -7.95 -52.13 -32.10
C TRP L 210 -7.19 -50.87 -32.50
N THR L 211 -7.25 -50.51 -33.78
CA THR L 211 -6.53 -49.34 -34.27
C THR L 211 -7.16 -48.05 -33.74
N ASP L 212 -8.46 -48.10 -33.43
CA ASP L 212 -9.12 -46.95 -32.83
C ASP L 212 -8.63 -46.70 -31.42
N ALA L 213 -8.23 -47.75 -30.72
CA ALA L 213 -7.79 -47.61 -29.33
C ALA L 213 -6.41 -46.98 -29.26
N GLU L 214 -5.41 -47.61 -29.87
CA GLU L 214 -4.06 -47.09 -29.73
C GLU L 214 -3.78 -45.95 -30.70
N TYR L 215 -4.17 -46.10 -31.95
CA TYR L 215 -3.74 -45.14 -32.96
C TYR L 215 -4.81 -44.13 -33.37
N GLY L 216 -6.06 -44.34 -32.97
CA GLY L 216 -7.12 -43.43 -33.36
C GLY L 216 -7.78 -43.86 -34.66
N PHE L 217 -9.03 -43.41 -34.82
CA PHE L 217 -9.86 -43.86 -35.94
C PHE L 217 -9.39 -43.34 -37.29
N TRP L 218 -8.55 -42.31 -37.32
CA TRP L 218 -8.04 -41.79 -38.57
C TRP L 218 -6.86 -42.59 -39.10
N SER L 219 -6.27 -43.45 -38.27
CA SER L 219 -5.15 -44.24 -38.74
C SER L 219 -5.62 -45.41 -39.59
N SER L 220 -4.77 -45.86 -40.44
CA SER L 220 -5.21 -47.00 -41.23
C SER L 220 -4.87 -48.29 -40.50
N PRO L 221 -5.66 -49.33 -40.69
CA PRO L 221 -5.34 -50.63 -40.08
C PRO L 221 -4.45 -51.48 -40.97
N SER L 222 -3.82 -50.85 -41.95
CA SER L 222 -3.29 -51.50 -43.13
C SER L 222 -1.90 -52.06 -42.95
N ASN L 223 -1.33 -52.01 -41.77
CA ASN L 223 -0.06 -52.68 -41.56
C ASN L 223 -0.02 -53.31 -40.18
N LYS L 224 -1.15 -53.36 -39.48
CA LYS L 224 -1.18 -53.82 -38.11
C LYS L 224 -1.30 -55.35 -38.07
N GLU L 225 -1.13 -55.89 -36.88
CA GLU L 225 -0.83 -57.31 -36.70
C GLU L 225 -2.09 -58.04 -36.29
N ILE L 226 -2.47 -59.04 -37.08
CA ILE L 226 -3.60 -59.90 -36.73
C ILE L 226 -3.09 -60.96 -35.77
N LYS L 227 -3.72 -61.05 -34.60
CA LYS L 227 -3.27 -61.96 -33.57
C LYS L 227 -4.19 -63.16 -33.46
N GLY L 228 -3.61 -64.29 -33.05
CA GLY L 228 -4.36 -65.53 -32.89
C GLY L 228 -4.45 -66.36 -34.14
N VAL L 229 -3.60 -66.13 -35.13
CA VAL L 229 -3.68 -66.78 -36.43
C VAL L 229 -2.36 -67.45 -36.73
N THR L 230 -2.40 -68.47 -37.57
CA THR L 230 -1.24 -69.29 -37.87
C THR L 230 -0.91 -69.35 -39.36
N GLY L 231 -1.69 -68.70 -40.20
CA GLY L 231 -1.45 -68.74 -41.64
C GLY L 231 -2.69 -68.36 -42.38
N THR L 232 -2.55 -68.23 -43.68
CA THR L 232 -3.66 -67.90 -44.55
C THR L 232 -4.04 -69.11 -45.39
N SER L 233 -5.23 -69.03 -46.01
CA SER L 233 -5.71 -70.12 -46.84
C SER L 233 -4.91 -70.24 -48.11
N ARG L 234 -4.49 -69.11 -48.66
CA ARG L 234 -3.58 -69.07 -49.79
C ARG L 234 -2.38 -68.20 -49.40
N PRO L 235 -1.18 -68.57 -49.83
CA PRO L 235 -0.01 -67.72 -49.54
C PRO L 235 -0.07 -66.47 -50.39
N VAL L 236 -0.07 -65.31 -49.75
CA VAL L 236 -0.17 -64.05 -50.45
C VAL L 236 1.22 -63.42 -50.52
N GLU L 237 1.54 -62.87 -51.69
CA GLU L 237 2.89 -62.63 -52.15
C GLU L 237 3.08 -61.12 -52.31
N PHE L 238 3.71 -60.48 -51.35
CA PHE L 238 4.08 -59.09 -51.53
C PHE L 238 5.54 -58.99 -51.94
N LEU L 239 5.76 -58.68 -53.22
CA LEU L 239 7.05 -58.50 -53.85
C LEU L 239 7.03 -57.17 -54.59
N ASP L 240 8.14 -56.82 -55.23
CA ASP L 240 8.23 -55.57 -55.97
C ASP L 240 8.53 -55.86 -57.44
N GLY L 241 8.79 -54.81 -58.20
CA GLY L 241 9.29 -54.93 -59.55
C GLY L 241 8.29 -54.81 -60.67
N ASP L 242 7.17 -54.09 -60.45
CA ASP L 242 6.07 -53.92 -61.41
C ASP L 242 5.53 -55.28 -61.84
N GLU L 243 5.39 -56.20 -60.89
CA GLU L 243 5.13 -57.59 -61.18
C GLU L 243 3.67 -57.93 -60.95
N THR L 244 3.34 -59.19 -61.19
CA THR L 244 2.02 -59.72 -60.87
C THR L 244 2.03 -60.37 -59.49
N CYS L 245 2.39 -59.55 -58.51
CA CYS L 245 2.40 -59.96 -57.12
C CYS L 245 0.97 -60.23 -56.67
N ARG L 246 0.79 -61.25 -55.84
CA ARG L 246 -0.55 -61.59 -55.40
C ARG L 246 -1.10 -60.55 -54.44
N ALA L 247 -0.24 -59.91 -53.64
CA ALA L 247 -0.67 -58.80 -52.81
C ALA L 247 -0.95 -57.55 -53.62
N ASN L 248 -0.27 -57.38 -54.75
CA ASN L 248 -0.49 -56.19 -55.57
C ASN L 248 -1.60 -56.39 -56.57
N LEU L 249 -1.86 -57.63 -56.96
CA LEU L 249 -3.02 -57.93 -57.80
C LEU L 249 -4.31 -57.67 -57.05
N LEU L 250 -4.36 -58.06 -55.78
CA LEU L 250 -5.59 -57.93 -55.02
C LEU L 250 -5.78 -56.51 -54.50
N ASN L 251 -4.71 -55.76 -54.27
CA ASN L 251 -4.90 -54.36 -53.89
C ASN L 251 -5.43 -53.53 -55.05
N ASN L 252 -5.02 -53.85 -56.28
CA ASN L 252 -5.54 -53.12 -57.42
C ASN L 252 -6.97 -53.50 -57.78
N ALA L 253 -7.51 -54.55 -57.17
CA ALA L 253 -8.93 -54.84 -57.21
C ALA L 253 -9.64 -54.36 -55.96
N ASN L 254 -8.96 -53.50 -55.18
CA ASN L 254 -9.47 -52.87 -53.94
C ASN L 254 -9.79 -53.91 -52.88
N ILE L 255 -8.89 -54.86 -52.67
CA ILE L 255 -9.04 -55.90 -51.66
C ILE L 255 -7.83 -55.86 -50.74
N ALA L 256 -8.08 -55.85 -49.44
CA ALA L 256 -7.01 -56.01 -48.47
C ALA L 256 -6.64 -57.49 -48.33
N THR L 257 -5.37 -57.74 -48.07
CA THR L 257 -4.84 -59.09 -47.94
C THR L 257 -4.14 -59.24 -46.60
N ILE L 258 -3.56 -60.43 -46.42
CA ILE L 258 -2.73 -60.76 -45.27
C ILE L 258 -1.45 -61.36 -45.82
N ILE L 259 -0.29 -60.75 -45.53
CA ILE L 259 0.85 -60.81 -46.43
C ILE L 259 2.04 -61.59 -45.88
N ARG L 260 2.39 -61.47 -44.60
CA ARG L 260 3.68 -62.04 -44.19
C ARG L 260 3.50 -63.01 -43.03
N ASP L 261 4.58 -63.76 -42.76
CA ASP L 261 4.95 -64.33 -41.45
C ASP L 261 3.83 -65.13 -40.80
N ASP L 262 3.48 -66.24 -41.45
CA ASP L 262 2.37 -67.13 -41.04
C ASP L 262 1.06 -66.35 -40.91
N GLY L 263 0.78 -65.50 -41.90
CA GLY L 263 -0.39 -64.67 -41.83
C GLY L 263 -0.29 -63.62 -40.74
N TYR L 264 0.45 -62.55 -40.94
CA TYR L 264 0.79 -61.70 -39.81
C TYR L 264 0.10 -60.34 -39.85
N ARG L 265 -0.02 -59.72 -41.03
CA ARG L 265 -0.44 -58.32 -41.12
C ARG L 265 -1.52 -58.13 -42.17
N LEU L 266 -2.61 -57.46 -41.79
CA LEU L 266 -3.56 -56.96 -42.77
C LEU L 266 -2.89 -55.91 -43.63
N TRP L 267 -3.21 -55.89 -44.92
CA TRP L 267 -2.32 -55.20 -45.83
C TRP L 267 -2.95 -54.05 -46.60
N GLY L 268 -4.09 -54.24 -47.26
CA GLY L 268 -4.64 -53.16 -48.05
C GLY L 268 -5.30 -52.09 -47.21
N ASN L 269 -5.51 -50.92 -47.82
CA ASN L 269 -6.30 -49.86 -47.21
C ASN L 269 -7.23 -49.15 -48.18
N ARG L 270 -7.44 -49.68 -49.37
CA ARG L 270 -8.46 -49.15 -50.26
C ARG L 270 -9.79 -49.80 -49.94
N THR L 271 -10.84 -49.00 -49.94
CA THR L 271 -12.19 -49.54 -49.87
C THR L 271 -12.68 -49.85 -51.28
N LEU L 272 -13.84 -50.49 -51.37
CA LEU L 272 -14.33 -50.91 -52.69
C LEU L 272 -15.09 -49.81 -53.42
N SER L 273 -14.54 -48.61 -53.48
CA SER L 273 -15.25 -47.48 -54.04
C SER L 273 -14.83 -47.25 -55.49
N SER L 274 -15.78 -46.81 -56.29
CA SER L 274 -15.54 -46.41 -57.67
C SER L 274 -15.18 -44.95 -57.79
N ASP L 275 -14.94 -44.26 -56.68
CA ASP L 275 -14.61 -42.85 -56.66
C ASP L 275 -13.27 -42.68 -55.98
N SER L 276 -12.34 -41.99 -56.66
CA SER L 276 -11.01 -41.76 -56.12
C SER L 276 -11.01 -40.76 -54.98
N LYS L 277 -12.10 -40.02 -54.79
CA LYS L 277 -12.22 -39.14 -53.63
C LYS L 277 -12.45 -39.96 -52.37
N TRP L 278 -13.02 -41.15 -52.49
CA TRP L 278 -13.30 -42.03 -51.36
C TRP L 278 -12.53 -43.33 -51.49
N ALA L 279 -11.25 -43.26 -51.85
CA ALA L 279 -10.48 -44.47 -52.10
C ALA L 279 -10.07 -45.14 -50.79
N PHE L 280 -9.55 -44.38 -49.85
CA PHE L 280 -9.00 -44.95 -48.63
C PHE L 280 -10.06 -45.11 -47.57
N VAL L 281 -9.93 -46.16 -46.76
CA VAL L 281 -10.80 -46.30 -45.60
C VAL L 281 -10.49 -45.28 -44.54
N THR L 282 -9.29 -44.71 -44.55
CA THR L 282 -8.98 -43.56 -43.73
C THR L 282 -9.93 -42.40 -44.01
N ARG L 283 -10.17 -42.12 -45.29
CA ARG L 283 -11.12 -41.07 -45.68
C ARG L 283 -12.54 -41.41 -45.26
N VAL L 284 -12.92 -42.69 -45.37
CA VAL L 284 -14.29 -43.06 -45.08
C VAL L 284 -14.52 -43.14 -43.59
N ARG L 285 -13.55 -43.64 -42.82
CA ARG L 285 -13.73 -43.81 -41.39
C ARG L 285 -13.62 -42.47 -40.65
N THR L 286 -12.75 -41.56 -41.13
CA THR L 286 -12.57 -40.28 -40.46
C THR L 286 -13.80 -39.42 -40.61
N MET L 287 -14.31 -39.30 -41.84
CA MET L 287 -15.53 -38.54 -42.10
C MET L 287 -16.72 -39.13 -41.37
N ASP L 288 -16.72 -40.44 -41.18
CA ASP L 288 -17.82 -41.09 -40.47
C ASP L 288 -17.74 -40.83 -38.96
N LEU L 289 -16.53 -40.83 -38.41
CA LEU L 289 -16.37 -40.66 -36.98
C LEU L 289 -15.89 -39.28 -36.56
N VAL L 290 -15.70 -38.35 -37.51
CA VAL L 290 -15.65 -36.96 -37.09
C VAL L 290 -17.06 -36.50 -36.76
N MET L 291 -18.07 -37.06 -37.43
CA MET L 291 -19.41 -36.56 -37.20
C MET L 291 -20.04 -37.21 -36.00
N ASP L 292 -19.74 -38.49 -35.77
CA ASP L 292 -20.24 -39.17 -34.58
C ASP L 292 -19.68 -38.59 -33.30
N ALA L 293 -18.52 -37.93 -33.35
CA ALA L 293 -18.06 -37.15 -32.22
C ALA L 293 -18.70 -35.77 -32.21
N ILE L 294 -18.94 -35.20 -33.39
CA ILE L 294 -19.65 -33.93 -33.49
C ILE L 294 -21.11 -34.08 -33.04
N LEU L 295 -21.79 -35.13 -33.49
CA LEU L 295 -23.19 -35.31 -33.12
C LEU L 295 -23.33 -35.67 -31.66
N ALA L 296 -22.65 -36.72 -31.22
CA ALA L 296 -22.67 -37.10 -29.81
C ALA L 296 -21.76 -36.11 -29.07
N GLY L 297 -22.35 -35.00 -28.65
CA GLY L 297 -21.60 -33.87 -28.16
C GLY L 297 -22.32 -32.59 -28.50
N HIS L 298 -23.20 -32.66 -29.48
CA HIS L 298 -24.13 -31.58 -29.79
C HIS L 298 -25.55 -32.12 -29.85
N LYS L 299 -25.93 -32.86 -28.82
CA LYS L 299 -27.30 -33.33 -28.68
C LYS L 299 -28.22 -32.25 -28.14
N TRP L 300 -27.69 -31.11 -27.73
CA TRP L 300 -28.49 -30.00 -27.26
C TRP L 300 -29.05 -29.13 -28.37
N ALA L 301 -28.78 -29.45 -29.63
CA ALA L 301 -29.18 -28.61 -30.75
C ALA L 301 -30.45 -29.10 -31.43
N VAL L 302 -31.14 -30.09 -30.88
CA VAL L 302 -32.39 -30.57 -31.44
C VAL L 302 -33.57 -30.10 -30.60
N ASP L 303 -33.40 -30.04 -29.29
CA ASP L 303 -34.18 -29.16 -28.42
C ASP L 303 -33.54 -27.77 -28.47
N ARG L 304 -33.82 -26.94 -27.46
CA ARG L 304 -33.28 -25.58 -27.34
C ARG L 304 -33.72 -24.73 -28.54
N GLY L 305 -35.02 -24.39 -28.50
CA GLY L 305 -35.67 -23.51 -29.44
C GLY L 305 -34.89 -22.27 -29.83
N ILE L 306 -35.04 -21.85 -31.07
CA ILE L 306 -34.08 -20.98 -31.75
C ILE L 306 -34.17 -19.57 -31.16
N THR L 307 -33.11 -19.16 -30.49
CA THR L 307 -32.93 -17.78 -30.05
C THR L 307 -32.05 -17.06 -31.06
N LYS L 308 -31.63 -15.84 -30.73
CA LYS L 308 -30.83 -15.04 -31.65
C LYS L 308 -29.44 -15.64 -31.84
N THR L 309 -28.79 -16.02 -30.74
CA THR L 309 -27.46 -16.59 -30.80
C THR L 309 -27.48 -18.11 -30.76
N TYR L 310 -28.51 -18.73 -31.32
CA TYR L 310 -28.50 -20.18 -31.48
C TYR L 310 -27.49 -20.59 -32.54
N VAL L 311 -27.48 -19.90 -33.68
CA VAL L 311 -26.60 -20.26 -34.77
C VAL L 311 -25.16 -19.91 -34.45
N LYS L 312 -24.92 -18.92 -33.58
CA LYS L 312 -23.55 -18.59 -33.19
C LYS L 312 -23.03 -19.56 -32.13
N ASP L 313 -23.89 -19.98 -31.21
CA ASP L 313 -23.44 -20.90 -30.17
C ASP L 313 -23.25 -22.33 -30.68
N VAL L 314 -23.76 -22.65 -31.87
CA VAL L 314 -23.46 -23.95 -32.45
C VAL L 314 -22.11 -23.91 -33.17
N THR L 315 -21.83 -22.83 -33.92
CA THR L 315 -20.55 -22.71 -34.64
C THR L 315 -19.37 -22.73 -33.68
N GLU L 316 -19.44 -21.93 -32.62
CA GLU L 316 -18.36 -21.94 -31.63
C GLU L 316 -18.35 -23.22 -30.82
N GLY L 317 -19.48 -23.94 -30.77
CA GLY L 317 -19.47 -25.27 -30.23
C GLY L 317 -18.93 -26.28 -31.23
N LEU L 318 -19.25 -26.09 -32.51
CA LEU L 318 -18.70 -26.97 -33.53
C LEU L 318 -17.21 -26.76 -33.70
N ARG L 319 -16.74 -25.51 -33.64
CA ARG L 319 -15.31 -25.25 -33.75
C ARG L 319 -14.55 -25.77 -32.54
N ALA L 320 -15.19 -25.83 -31.37
CA ALA L 320 -14.51 -26.27 -30.17
C ALA L 320 -14.35 -27.79 -30.14
N PHE L 321 -15.35 -28.51 -30.61
CA PHE L 321 -15.25 -29.97 -30.73
C PHE L 321 -14.61 -30.39 -32.04
N MET L 322 -13.95 -29.47 -32.73
CA MET L 322 -13.22 -29.75 -33.95
C MET L 322 -11.76 -29.35 -33.82
N ARG L 323 -11.44 -28.43 -32.92
CA ARG L 323 -10.05 -28.18 -32.55
C ARG L 323 -9.54 -29.21 -31.56
N ASP L 324 -10.44 -29.97 -30.93
CA ASP L 324 -10.04 -31.15 -30.18
C ASP L 324 -9.63 -32.28 -31.13
N LEU L 325 -10.16 -32.25 -32.35
CA LEU L 325 -9.81 -33.25 -33.35
C LEU L 325 -8.55 -32.87 -34.10
N LYS L 326 -8.31 -31.57 -34.30
CA LYS L 326 -7.06 -31.14 -34.89
C LYS L 326 -5.91 -31.30 -33.89
N ASN L 327 -6.23 -31.25 -32.60
CA ASN L 327 -5.21 -31.40 -31.58
C ASN L 327 -4.65 -32.81 -31.56
N GLN L 328 -5.51 -33.81 -31.57
CA GLN L 328 -5.06 -35.18 -31.51
C GLN L 328 -4.69 -35.76 -32.85
N GLY L 329 -4.85 -35.00 -33.93
CA GLY L 329 -4.35 -35.40 -35.23
C GLY L 329 -5.35 -36.03 -36.15
N ALA L 330 -6.65 -35.89 -35.89
CA ALA L 330 -7.65 -36.53 -36.75
C ALA L 330 -7.79 -35.78 -38.07
N VAL L 331 -7.74 -34.44 -38.00
CA VAL L 331 -7.86 -33.59 -39.17
C VAL L 331 -6.63 -32.72 -39.22
N ILE L 332 -6.59 -31.85 -40.23
CA ILE L 332 -5.58 -30.79 -40.34
C ILE L 332 -6.27 -29.54 -40.89
N ASN L 333 -6.42 -28.53 -40.03
CA ASN L 333 -6.94 -27.19 -40.36
C ASN L 333 -8.37 -27.26 -40.94
N PHE L 334 -9.30 -27.63 -40.09
CA PHE L 334 -10.74 -27.60 -40.40
C PHE L 334 -11.28 -26.22 -40.79
N GLU L 335 -12.55 -26.17 -41.14
CA GLU L 335 -13.24 -24.90 -41.38
C GLU L 335 -14.71 -25.09 -41.09
N VAL L 336 -15.25 -24.36 -40.11
CA VAL L 336 -16.65 -24.47 -39.71
C VAL L 336 -17.26 -23.08 -39.78
N TYR L 337 -18.40 -22.96 -40.46
CA TYR L 337 -19.11 -21.69 -40.52
C TYR L 337 -20.57 -21.95 -40.87
N ALA L 338 -21.44 -21.05 -40.40
CA ALA L 338 -22.84 -21.11 -40.76
C ALA L 338 -23.02 -20.72 -42.22
N ASP L 339 -23.89 -21.44 -42.91
CA ASP L 339 -24.09 -21.24 -44.33
C ASP L 339 -24.85 -19.95 -44.56
N PRO L 340 -24.22 -18.92 -45.16
CA PRO L 340 -24.89 -17.61 -45.23
C PRO L 340 -25.98 -17.55 -46.27
N ASP L 341 -25.97 -18.42 -47.27
CA ASP L 341 -26.91 -18.36 -48.37
C ASP L 341 -28.19 -19.14 -48.12
N LEU L 342 -28.18 -20.10 -47.20
CA LEU L 342 -29.33 -20.96 -46.99
C LEU L 342 -29.94 -20.85 -45.60
N ASN L 343 -29.55 -19.86 -44.81
CA ASN L 343 -30.20 -19.64 -43.52
C ASN L 343 -31.23 -18.52 -43.69
N SER L 344 -32.36 -18.90 -44.28
CA SER L 344 -33.49 -18.01 -44.40
C SER L 344 -34.26 -17.96 -43.09
N ALA L 345 -35.31 -17.13 -43.06
CA ALA L 345 -36.27 -17.19 -41.98
C ALA L 345 -37.43 -18.12 -42.29
N SER L 346 -37.71 -18.36 -43.57
CA SER L 346 -38.65 -19.40 -43.93
C SER L 346 -38.12 -20.79 -43.59
N GLN L 347 -36.79 -20.97 -43.66
CA GLN L 347 -36.19 -22.19 -43.17
C GLN L 347 -36.20 -22.25 -41.65
N LEU L 348 -36.10 -21.10 -41.00
CA LEU L 348 -36.00 -21.05 -39.55
C LEU L 348 -37.35 -21.25 -38.89
N ALA L 349 -38.44 -20.95 -39.59
CA ALA L 349 -39.76 -21.26 -39.07
C ALA L 349 -40.02 -22.77 -39.09
N GLN L 350 -39.40 -23.48 -40.03
CA GLN L 350 -39.47 -24.93 -40.06
C GLN L 350 -38.48 -25.59 -39.12
N GLY L 351 -37.64 -24.82 -38.46
CA GLY L 351 -36.62 -25.37 -37.59
C GLY L 351 -35.34 -25.75 -38.26
N LYS L 352 -35.18 -25.45 -39.55
CA LYS L 352 -33.99 -25.82 -40.28
C LYS L 352 -32.98 -24.68 -40.24
N VAL L 353 -31.71 -25.04 -40.07
CA VAL L 353 -30.60 -24.08 -39.99
C VAL L 353 -29.31 -24.82 -40.34
N TYR L 354 -28.51 -24.25 -41.23
CA TYR L 354 -27.48 -25.04 -41.91
C TYR L 354 -26.09 -24.59 -41.48
N TRP L 355 -25.13 -25.50 -41.58
CA TRP L 355 -23.73 -25.22 -41.27
C TRP L 355 -22.84 -25.96 -42.25
N ASN L 356 -21.61 -25.47 -42.41
CA ASN L 356 -20.63 -26.00 -43.35
C ASN L 356 -19.37 -26.39 -42.60
N ILE L 357 -19.00 -27.67 -42.67
CA ILE L 357 -17.99 -28.26 -41.79
C ILE L 357 -16.84 -28.86 -42.61
N ARG L 358 -16.34 -28.12 -43.60
CA ARG L 358 -15.17 -28.54 -44.38
C ARG L 358 -13.97 -28.89 -43.50
N PHE L 359 -13.27 -29.96 -43.86
CA PHE L 359 -12.00 -30.30 -43.20
C PHE L 359 -11.12 -31.10 -44.17
N THR L 360 -9.88 -31.32 -43.75
CA THR L 360 -8.91 -32.10 -44.51
C THR L 360 -8.45 -33.29 -43.68
N ASP L 361 -8.53 -34.48 -44.27
CA ASP L 361 -8.13 -35.70 -43.59
C ASP L 361 -6.64 -35.95 -43.76
N VAL L 362 -6.06 -36.68 -42.82
CA VAL L 362 -4.64 -37.03 -42.89
C VAL L 362 -4.45 -38.16 -43.91
N PRO L 363 -3.50 -38.03 -44.82
CA PRO L 363 -3.31 -39.07 -45.84
C PRO L 363 -2.45 -40.20 -45.30
N PRO L 364 -2.79 -41.45 -45.63
CA PRO L 364 -1.93 -42.56 -45.23
C PRO L 364 -0.73 -42.71 -46.16
N ALA L 365 0.39 -43.11 -45.57
CA ALA L 365 1.65 -43.25 -46.30
C ALA L 365 1.62 -44.57 -47.06
N GLU L 366 0.88 -44.57 -48.18
CA GLU L 366 0.54 -45.81 -48.86
C GLU L 366 1.73 -46.40 -49.59
N ASN L 367 2.59 -45.55 -50.16
CA ASN L 367 3.66 -46.00 -51.05
C ASN L 367 4.93 -45.21 -50.79
N PRO L 368 5.73 -45.60 -49.79
CA PRO L 368 7.07 -45.02 -49.67
C PRO L 368 7.98 -45.54 -50.77
N ASN L 369 8.74 -44.66 -51.38
CA ASN L 369 9.53 -44.99 -52.56
C ASN L 369 11.01 -44.76 -52.28
N PHE L 370 11.80 -45.81 -52.44
CA PHE L 370 13.23 -45.77 -52.20
C PHE L 370 13.95 -45.84 -53.52
N ARG L 371 14.72 -44.81 -53.84
CA ARG L 371 15.46 -44.74 -55.10
C ARG L 371 16.92 -45.00 -54.76
N VAL L 372 17.31 -46.26 -54.82
CA VAL L 372 18.61 -46.72 -54.32
C VAL L 372 19.56 -46.87 -55.51
N GLU L 373 20.82 -46.47 -55.31
CA GLU L 373 21.83 -46.47 -56.34
C GLU L 373 23.16 -46.93 -55.76
N VAL L 374 23.86 -47.79 -56.48
CA VAL L 374 25.21 -48.19 -56.12
C VAL L 374 26.19 -47.34 -56.95
N THR L 375 27.04 -46.59 -56.27
CA THR L 375 27.99 -45.70 -56.93
C THR L 375 29.41 -46.15 -56.63
N ASP L 376 30.34 -45.63 -57.42
CA ASP L 376 31.77 -45.71 -57.12
C ASP L 376 32.32 -44.36 -56.72
N GLN L 377 31.46 -43.51 -56.13
CA GLN L 377 31.88 -42.17 -55.75
C GLN L 377 32.85 -42.22 -54.58
N TRP L 378 32.51 -42.95 -53.54
CA TRP L 378 33.39 -43.07 -52.37
C TRP L 378 34.28 -44.30 -52.48
N LEU L 379 34.88 -44.49 -53.65
CA LEU L 379 35.89 -45.51 -53.83
C LEU L 379 37.28 -44.94 -53.68
N THR L 380 37.41 -43.62 -53.82
CA THR L 380 38.66 -42.90 -53.61
C THR L 380 38.72 -42.23 -52.26
N GLU L 381 37.58 -41.77 -51.73
CA GLU L 381 37.51 -41.09 -50.44
C GLU L 381 37.98 -42.00 -49.30
N VAL L 382 37.76 -43.30 -49.45
CA VAL L 382 38.40 -44.29 -48.60
C VAL L 382 39.19 -45.20 -49.53
N LEU L 383 39.78 -46.26 -48.94
CA LEU L 383 40.52 -47.30 -49.66
C LEU L 383 41.74 -46.75 -50.37
N ASP L 384 42.41 -45.78 -49.75
CA ASP L 384 43.52 -45.11 -50.39
C ASP L 384 44.47 -44.63 -49.31
N VAL L 385 45.68 -44.25 -49.74
CA VAL L 385 46.66 -43.71 -48.80
C VAL L 385 46.19 -42.39 -48.23
N ALA L 386 45.59 -41.54 -49.07
CA ALA L 386 44.95 -40.26 -48.73
C ALA L 386 45.87 -39.29 -47.98
N SER M 2 -0.02 -48.68 61.56
CA SER M 2 1.29 -48.07 61.43
C SER M 2 1.59 -47.79 59.96
N PHE M 3 2.83 -47.40 59.68
CA PHE M 3 3.26 -47.15 58.30
C PHE M 3 4.68 -47.67 58.14
N PHE M 4 5.30 -47.32 57.02
CA PHE M 4 6.68 -47.67 56.76
C PHE M 4 7.32 -46.50 56.03
N HIS M 5 8.58 -46.24 56.35
CA HIS M 5 9.34 -45.22 55.66
C HIS M 5 10.60 -45.84 55.08
N GLY M 6 10.88 -45.53 53.84
CA GLY M 6 11.90 -46.23 53.10
C GLY M 6 11.27 -47.21 52.13
N VAL M 7 12.12 -48.02 51.52
CA VAL M 7 11.70 -48.93 50.47
C VAL M 7 11.55 -50.35 51.03
N THR M 8 10.40 -50.97 50.76
CA THR M 8 10.21 -52.37 51.09
C THR M 8 10.53 -53.23 49.88
N VAL M 9 11.02 -54.43 50.14
CA VAL M 9 11.01 -55.51 49.15
C VAL M 9 10.16 -56.64 49.72
N THR M 10 9.43 -57.32 48.84
CA THR M 10 8.50 -58.35 49.27
C THR M 10 8.58 -59.50 48.27
N ASN M 11 8.93 -60.68 48.75
CA ASN M 11 8.85 -61.88 47.93
C ASN M 11 7.39 -62.29 47.83
N VAL M 12 6.83 -62.21 46.64
CA VAL M 12 5.43 -62.57 46.42
C VAL M 12 5.28 -63.12 45.01
N ASP M 13 4.58 -64.24 44.89
CA ASP M 13 4.37 -64.89 43.61
C ASP M 13 3.17 -64.26 42.91
N ILE M 14 3.41 -63.70 41.72
CA ILE M 14 2.36 -63.18 40.87
C ILE M 14 2.58 -63.67 39.44
N GLY M 15 1.53 -64.17 38.82
CA GLY M 15 1.65 -65.04 37.67
C GLY M 15 1.68 -64.46 36.27
N ALA M 16 2.82 -63.89 35.84
CA ALA M 16 3.14 -63.75 34.42
C ALA M 16 2.16 -62.91 33.61
N ARG M 17 2.24 -61.58 33.76
CA ARG M 17 1.22 -60.60 33.35
C ARG M 17 0.70 -60.82 31.92
N THR M 18 -0.52 -60.35 31.70
CA THR M 18 -1.39 -60.80 30.63
C THR M 18 -1.88 -59.61 29.80
N ILE M 19 -0.90 -58.83 29.30
CA ILE M 19 -1.13 -57.60 28.55
C ILE M 19 -2.11 -57.80 27.39
N ALA M 20 -3.05 -56.87 27.29
CA ALA M 20 -4.10 -56.92 26.29
C ALA M 20 -4.42 -55.49 25.89
N LEU M 21 -4.96 -55.33 24.69
CA LEU M 21 -5.36 -54.00 24.26
C LEU M 21 -6.57 -53.54 25.06
N PRO M 22 -6.58 -52.32 25.57
CA PRO M 22 -7.77 -51.79 26.26
C PRO M 22 -8.89 -51.54 25.27
N ALA M 23 -10.02 -52.21 25.47
CA ALA M 23 -11.16 -52.14 24.57
C ALA M 23 -12.26 -51.27 25.17
N SER M 24 -13.09 -50.73 24.30
CA SER M 24 -14.20 -49.87 24.71
C SER M 24 -15.52 -50.62 24.81
N SER M 25 -15.61 -51.83 24.28
CA SER M 25 -16.85 -52.58 24.32
C SER M 25 -17.13 -53.07 25.73
N VAL M 26 -18.42 -53.17 26.05
CA VAL M 26 -18.88 -53.66 27.34
C VAL M 26 -19.55 -55.01 27.15
N ILE M 27 -19.40 -55.88 28.14
CA ILE M 27 -19.77 -57.29 28.04
C ILE M 27 -20.65 -57.64 29.24
N GLY M 28 -21.80 -58.29 28.98
CA GLY M 28 -22.68 -58.71 30.03
C GLY M 28 -22.47 -60.18 30.35
N LEU M 29 -22.05 -60.44 31.58
CA LEU M 29 -21.62 -61.77 31.99
C LEU M 29 -22.51 -62.26 33.13
N CYS M 30 -22.73 -63.57 33.16
CA CYS M 30 -23.62 -64.16 34.15
C CYS M 30 -23.26 -65.62 34.33
N ASP M 31 -22.82 -65.98 35.53
CA ASP M 31 -22.37 -67.34 35.81
C ASP M 31 -22.45 -67.54 37.33
N VAL M 32 -21.95 -68.68 37.81
CA VAL M 32 -22.16 -69.06 39.21
C VAL M 32 -20.93 -68.72 40.04
N PHE M 33 -21.18 -68.41 41.31
CA PHE M 33 -20.10 -68.20 42.26
C PHE M 33 -20.67 -68.50 43.65
N THR M 34 -19.78 -68.54 44.64
CA THR M 34 -20.20 -68.75 46.02
C THR M 34 -20.04 -67.47 46.81
N PRO M 35 -21.12 -66.90 47.32
CA PRO M 35 -20.99 -65.70 48.16
C PRO M 35 -20.39 -66.02 49.52
N GLY M 36 -19.14 -65.63 49.73
CA GLY M 36 -18.43 -65.97 50.94
C GLY M 36 -17.88 -64.73 51.61
N ALA M 37 -16.71 -64.87 52.22
CA ALA M 37 -16.09 -63.76 52.92
C ALA M 37 -15.35 -62.83 51.96
N GLN M 38 -14.37 -63.38 51.24
CA GLN M 38 -13.55 -62.55 50.35
C GLN M 38 -14.29 -62.15 49.08
N ALA M 39 -15.30 -62.91 48.68
CA ALA M 39 -16.15 -62.53 47.55
C ALA M 39 -17.03 -61.37 47.99
N SER M 40 -16.68 -60.17 47.57
CA SER M 40 -17.42 -58.97 47.97
C SER M 40 -18.46 -58.60 46.91
N ALA M 41 -19.37 -59.54 46.65
CA ALA M 41 -20.46 -59.29 45.72
C ALA M 41 -21.72 -59.95 46.26
N LYS M 42 -22.80 -59.18 46.35
CA LYS M 42 -24.11 -59.76 46.54
C LYS M 42 -24.50 -60.49 45.27
N PRO M 43 -25.28 -61.60 45.38
CA PRO M 43 -25.54 -62.44 44.22
C PRO M 43 -26.24 -61.79 43.03
N ASN M 44 -27.46 -61.28 43.19
CA ASN M 44 -28.15 -60.72 42.03
C ASN M 44 -27.96 -59.21 41.92
N VAL M 45 -26.71 -58.75 42.01
CA VAL M 45 -26.36 -57.35 41.87
C VAL M 45 -25.24 -57.25 40.85
N PRO M 46 -25.43 -56.52 39.75
CA PRO M 46 -24.34 -56.38 38.78
C PRO M 46 -23.24 -55.47 39.31
N VAL M 47 -22.01 -55.80 38.94
CA VAL M 47 -20.82 -55.05 39.33
C VAL M 47 -19.98 -54.79 38.09
N LEU M 48 -19.34 -53.63 38.03
CA LEU M 48 -18.49 -53.27 36.89
C LEU M 48 -17.06 -53.71 37.16
N LEU M 49 -16.47 -54.37 36.17
CA LEU M 49 -15.17 -55.02 36.29
C LEU M 49 -14.23 -54.43 35.25
N THR M 50 -13.01 -54.11 35.67
CA THR M 50 -11.97 -53.65 34.76
C THR M 50 -10.65 -54.40 34.92
N SER M 51 -10.60 -55.44 35.74
CA SER M 51 -9.32 -56.10 36.02
C SER M 51 -9.58 -57.53 36.48
N LYS M 52 -8.55 -58.37 36.35
CA LYS M 52 -8.60 -59.68 36.98
C LYS M 52 -8.58 -59.58 38.49
N LYS M 53 -7.95 -58.53 39.02
CA LYS M 53 -8.03 -58.28 40.46
C LYS M 53 -9.42 -57.86 40.86
N ASP M 54 -10.08 -57.04 40.04
CA ASP M 54 -11.45 -56.63 40.32
C ASP M 54 -12.44 -57.76 40.13
N ALA M 55 -12.08 -58.78 39.36
CA ALA M 55 -12.93 -59.96 39.21
C ALA M 55 -12.74 -60.93 40.35
N ALA M 56 -11.53 -60.99 40.91
CA ALA M 56 -11.23 -61.88 42.02
C ALA M 56 -11.43 -61.22 43.38
N ALA M 57 -11.71 -59.92 43.42
CA ALA M 57 -12.09 -59.30 44.67
C ALA M 57 -13.60 -59.31 44.87
N ALA M 58 -14.36 -59.12 43.79
CA ALA M 58 -15.81 -59.21 43.88
C ALA M 58 -16.27 -60.66 43.96
N PHE M 59 -15.68 -61.52 43.15
CA PHE M 59 -16.06 -62.92 43.09
C PHE M 59 -14.89 -63.75 43.57
N GLY M 60 -15.14 -65.03 43.84
CA GLY M 60 -14.06 -65.90 44.27
C GLY M 60 -13.10 -66.19 43.14
N ILE M 61 -11.84 -66.44 43.51
CA ILE M 61 -10.85 -66.78 42.50
C ILE M 61 -11.08 -68.20 41.99
N GLY M 62 -11.75 -69.04 42.76
CA GLY M 62 -12.15 -70.35 42.31
C GLY M 62 -13.54 -70.38 41.70
N SER M 63 -14.17 -69.24 41.49
CA SER M 63 -15.54 -69.21 40.99
C SER M 63 -15.58 -69.46 39.49
N SER M 64 -16.79 -69.62 38.97
CA SER M 64 -16.97 -69.74 37.54
C SER M 64 -17.17 -68.40 36.85
N ILE M 65 -17.52 -67.36 37.62
CA ILE M 65 -17.46 -65.99 37.11
C ILE M 65 -16.03 -65.64 36.73
N TYR M 66 -15.09 -65.87 37.65
CA TYR M 66 -13.71 -65.46 37.47
C TYR M 66 -13.04 -66.20 36.33
N LEU M 67 -13.39 -67.48 36.13
CA LEU M 67 -12.86 -68.21 34.99
C LEU M 67 -13.38 -67.66 33.67
N ALA M 68 -14.62 -67.14 33.67
CA ALA M 68 -15.14 -66.45 32.51
C ALA M 68 -14.51 -65.08 32.36
N CYS M 69 -14.19 -64.40 33.47
CA CYS M 69 -13.57 -63.09 33.38
C CYS M 69 -12.09 -63.17 33.06
N GLU M 70 -11.41 -64.23 33.52
CA GLU M 70 -10.04 -64.47 33.07
C GLU M 70 -10.01 -64.80 31.58
N ALA M 71 -11.07 -65.44 31.08
CA ALA M 71 -11.18 -65.75 29.66
C ALA M 71 -11.30 -64.52 28.79
N ILE M 72 -11.77 -63.41 29.33
CA ILE M 72 -11.91 -62.18 28.56
C ILE M 72 -10.69 -61.30 28.70
N TYR M 73 -10.13 -61.22 29.91
CA TYR M 73 -8.99 -60.36 30.18
C TYR M 73 -7.69 -60.88 29.60
N ASN M 74 -7.63 -62.11 29.12
CA ASN M 74 -6.47 -62.56 28.39
C ASN M 74 -6.41 -62.02 26.98
N ARG M 75 -7.51 -61.49 26.48
CA ARG M 75 -7.56 -60.99 25.11
C ARG M 75 -7.84 -59.49 25.02
N ALA M 76 -8.72 -58.98 25.86
CA ALA M 76 -9.05 -57.57 25.84
C ALA M 76 -9.23 -57.07 27.26
N GLN M 77 -8.79 -55.84 27.51
CA GLN M 77 -9.00 -55.21 28.80
C GLN M 77 -10.36 -54.52 28.77
N ALA M 78 -11.39 -55.35 28.78
CA ALA M 78 -12.75 -54.91 28.51
C ALA M 78 -13.49 -54.58 29.79
N VAL M 79 -14.61 -53.90 29.63
CA VAL M 79 -15.49 -53.58 30.74
C VAL M 79 -16.55 -54.65 30.83
N ILE M 80 -16.71 -55.25 32.00
CA ILE M 80 -17.62 -56.38 32.17
C ILE M 80 -18.61 -56.04 33.27
N VAL M 81 -19.88 -55.94 32.90
CA VAL M 81 -20.98 -55.92 33.86
C VAL M 81 -21.32 -57.38 34.16
N ALA M 82 -20.96 -57.84 35.34
CA ALA M 82 -21.08 -59.24 35.70
C ALA M 82 -22.11 -59.41 36.82
N VAL M 83 -22.96 -60.42 36.68
CA VAL M 83 -24.02 -60.72 37.64
C VAL M 83 -23.77 -62.13 38.17
N GLY M 84 -23.37 -62.22 39.44
CA GLY M 84 -23.04 -63.49 40.05
C GLY M 84 -24.22 -64.29 40.59
N VAL M 85 -24.94 -65.00 39.72
CA VAL M 85 -26.04 -65.83 40.16
C VAL M 85 -25.54 -66.95 41.06
N GLU M 86 -26.14 -67.07 42.24
CA GLU M 86 -25.78 -68.12 43.18
C GLU M 86 -26.13 -69.50 42.63
N THR M 87 -25.42 -70.51 43.12
CA THR M 87 -25.57 -71.87 42.61
C THR M 87 -26.84 -72.51 43.15
N ALA M 88 -27.27 -73.57 42.48
CA ALA M 88 -28.47 -74.30 42.84
C ALA M 88 -28.28 -75.76 42.51
N GLU M 89 -29.18 -76.60 43.03
CA GLU M 89 -28.98 -78.04 42.92
C GLU M 89 -29.34 -78.57 41.53
N THR M 90 -30.61 -78.51 41.17
CA THR M 90 -31.06 -79.12 39.94
C THR M 90 -30.82 -78.18 38.76
N PRO M 91 -30.55 -78.72 37.57
CA PRO M 91 -30.37 -77.84 36.39
C PRO M 91 -31.64 -77.16 35.94
N GLU M 92 -32.81 -77.61 36.36
CA GLU M 92 -34.03 -76.84 36.14
C GLU M 92 -34.05 -75.59 37.00
N ALA M 93 -33.65 -75.71 38.26
CA ALA M 93 -33.59 -74.54 39.13
C ALA M 93 -32.35 -73.71 38.89
N GLN M 94 -31.31 -74.28 38.28
CA GLN M 94 -30.14 -73.47 37.94
C GLN M 94 -30.39 -72.61 36.73
N ALA M 95 -31.00 -73.18 35.70
CA ALA M 95 -31.39 -72.40 34.53
C ALA M 95 -32.46 -71.38 34.86
N SER M 96 -33.29 -71.66 35.86
CA SER M 96 -34.27 -70.68 36.30
C SER M 96 -33.62 -69.51 37.03
N ALA M 97 -32.48 -69.76 37.66
CA ALA M 97 -31.80 -68.71 38.40
C ALA M 97 -30.87 -67.89 37.52
N VAL M 98 -30.37 -68.46 36.43
CA VAL M 98 -29.58 -67.69 35.47
C VAL M 98 -30.49 -66.78 34.67
N ILE M 99 -31.65 -67.27 34.25
CA ILE M 99 -32.66 -66.42 33.62
C ILE M 99 -33.14 -65.35 34.59
N GLY M 100 -33.60 -65.78 35.76
CA GLY M 100 -34.00 -64.82 36.79
C GLY M 100 -35.33 -64.17 36.43
N GLY M 101 -35.44 -62.91 36.78
CA GLY M 101 -36.63 -62.15 36.45
C GLY M 101 -36.85 -61.06 37.48
N ILE M 102 -38.12 -60.67 37.60
CA ILE M 102 -38.53 -59.66 38.55
C ILE M 102 -39.14 -60.31 39.81
N SER M 103 -38.78 -61.56 40.08
CA SER M 103 -39.35 -62.37 41.17
C SER M 103 -38.92 -61.90 42.57
N ALA M 104 -38.20 -60.79 42.70
CA ALA M 104 -37.86 -60.20 43.99
C ALA M 104 -39.03 -59.39 44.54
N ALA M 105 -38.74 -58.54 45.53
CA ALA M 105 -39.67 -57.49 45.91
C ALA M 105 -39.97 -56.59 44.73
N GLY M 106 -38.94 -55.95 44.17
CA GLY M 106 -39.05 -55.29 42.89
C GLY M 106 -37.78 -55.35 42.06
N GLU M 107 -36.78 -56.07 42.54
CA GLU M 107 -35.46 -56.06 41.90
C GLU M 107 -35.42 -57.01 40.71
N ARG M 108 -34.34 -56.93 39.96
CA ARG M 108 -34.14 -57.74 38.76
C ARG M 108 -32.99 -58.71 39.02
N THR M 109 -33.22 -59.98 38.72
CA THR M 109 -32.28 -61.04 39.06
C THR M 109 -31.82 -61.77 37.80
N GLY M 110 -30.63 -62.35 37.86
CA GLY M 110 -30.15 -63.18 36.79
C GLY M 110 -29.63 -62.44 35.58
N LEU M 111 -30.02 -62.89 34.39
CA LEU M 111 -29.71 -62.16 33.17
C LEU M 111 -30.43 -60.83 33.13
N GLN M 112 -31.59 -60.74 33.76
CA GLN M 112 -32.41 -59.53 33.72
C GLN M 112 -31.76 -58.36 34.43
N ALA M 113 -30.80 -58.62 35.31
CA ALA M 113 -30.02 -57.55 35.94
C ALA M 113 -29.03 -56.90 34.99
N LEU M 114 -28.77 -57.51 33.83
CA LEU M 114 -27.89 -56.86 32.86
C LEU M 114 -28.58 -55.71 32.15
N LEU M 115 -29.91 -55.64 32.20
CA LEU M 115 -30.62 -54.46 31.74
C LEU M 115 -30.41 -53.27 32.66
N ASP M 116 -29.94 -53.51 33.87
CA ASP M 116 -29.56 -52.48 34.82
C ASP M 116 -28.11 -52.08 34.68
N GLY M 117 -27.43 -52.52 33.61
CA GLY M 117 -26.01 -52.24 33.49
C GLY M 117 -25.72 -50.78 33.23
N LYS M 118 -26.48 -50.17 32.31
CA LYS M 118 -26.55 -48.73 32.24
C LYS M 118 -27.45 -48.26 33.37
N SER M 119 -27.21 -47.02 33.84
CA SER M 119 -27.81 -46.32 34.98
C SER M 119 -27.32 -46.84 36.33
N ARG M 120 -26.58 -47.93 36.33
CA ARG M 120 -25.76 -48.30 37.48
C ARG M 120 -24.30 -48.04 37.27
N PHE M 121 -23.81 -48.14 36.04
CA PHE M 121 -22.40 -48.02 35.77
C PHE M 121 -22.05 -47.30 34.48
N ASN M 122 -23.05 -46.80 33.74
CA ASN M 122 -22.90 -46.22 32.40
C ASN M 122 -22.21 -47.20 31.45
N ALA M 123 -22.71 -48.43 31.45
CA ALA M 123 -22.15 -49.50 30.62
C ALA M 123 -23.30 -50.39 30.16
N GLN M 124 -23.85 -50.06 28.98
CA GLN M 124 -24.98 -50.82 28.44
C GLN M 124 -24.45 -51.98 27.61
N PRO M 125 -24.60 -53.23 28.05
CA PRO M 125 -23.81 -54.35 27.52
C PRO M 125 -24.11 -54.67 26.06
N ARG M 126 -23.08 -54.52 25.23
CA ARG M 126 -23.17 -54.83 23.81
C ARG M 126 -22.88 -56.29 23.51
N LEU M 127 -22.40 -57.05 24.49
CA LEU M 127 -22.15 -58.47 24.33
C LEU M 127 -22.67 -59.22 25.54
N LEU M 128 -23.40 -60.28 25.29
CA LEU M 128 -24.05 -61.05 26.33
C LEU M 128 -23.51 -62.46 26.33
N VAL M 129 -23.06 -62.92 27.50
CA VAL M 129 -22.42 -64.22 27.61
C VAL M 129 -22.87 -64.86 28.92
N ALA M 130 -23.27 -66.13 28.84
CA ALA M 130 -23.62 -66.92 30.02
C ALA M 130 -22.86 -68.24 29.88
N PRO M 131 -21.63 -68.30 30.39
CA PRO M 131 -20.74 -69.43 30.07
C PRO M 131 -21.17 -70.71 30.76
N GLY M 132 -21.42 -71.74 29.95
CA GLY M 132 -21.86 -73.02 30.44
C GLY M 132 -23.35 -73.16 30.63
N HIS M 133 -24.08 -72.06 30.63
CA HIS M 133 -25.52 -72.07 30.83
C HIS M 133 -26.31 -71.81 29.57
N SER M 134 -25.68 -71.28 28.53
CA SER M 134 -26.38 -71.02 27.28
C SER M 134 -26.61 -72.27 26.46
N ALA M 135 -26.09 -73.42 26.91
CA ALA M 135 -26.38 -74.70 26.27
C ALA M 135 -27.80 -75.16 26.53
N GLN M 136 -28.44 -74.70 27.60
CA GLN M 136 -29.84 -75.01 27.81
C GLN M 136 -30.70 -74.09 26.96
N GLN M 137 -31.81 -74.63 26.47
CA GLN M 137 -32.62 -73.93 25.49
C GLN M 137 -33.46 -72.83 26.11
N ALA M 138 -33.69 -72.90 27.42
CA ALA M 138 -34.45 -71.86 28.12
C ALA M 138 -33.60 -70.62 28.39
N VAL M 139 -32.34 -70.82 28.78
CA VAL M 139 -31.44 -69.70 29.01
C VAL M 139 -31.12 -69.00 27.70
N ALA M 140 -30.89 -69.78 26.65
CA ALA M 140 -30.57 -69.22 25.33
C ALA M 140 -31.76 -68.53 24.67
N THR M 141 -32.97 -68.69 25.18
CA THR M 141 -34.08 -67.85 24.77
C THR M 141 -34.16 -66.58 25.61
N ALA M 142 -33.80 -66.66 26.89
CA ALA M 142 -33.67 -65.44 27.69
C ALA M 142 -32.49 -64.61 27.25
N MET M 143 -31.43 -65.24 26.76
CA MET M 143 -30.35 -64.53 26.10
C MET M 143 -30.86 -63.83 24.85
N ASP M 144 -31.78 -64.47 24.13
CA ASP M 144 -32.28 -63.95 22.87
C ASP M 144 -33.14 -62.71 23.08
N GLY M 145 -34.19 -62.84 23.89
CA GLY M 145 -35.10 -61.74 24.12
C GLY M 145 -34.48 -60.56 24.83
N LEU M 146 -33.40 -60.78 25.57
CA LEU M 146 -32.69 -59.69 26.20
C LEU M 146 -31.66 -59.07 25.28
N ALA M 147 -31.11 -59.82 24.33
CA ALA M 147 -30.26 -59.22 23.31
C ALA M 147 -31.08 -58.36 22.35
N GLU M 148 -32.37 -58.69 22.18
CA GLU M 148 -33.23 -57.85 21.35
C GLU M 148 -33.56 -56.55 22.07
N LYS M 149 -33.79 -56.62 23.38
CA LYS M 149 -34.05 -55.41 24.16
C LYS M 149 -32.80 -54.54 24.25
N LEU M 150 -31.71 -55.13 24.75
CA LEU M 150 -30.49 -54.38 25.04
C LEU M 150 -29.71 -54.04 23.78
N ARG M 151 -30.16 -54.54 22.62
CA ARG M 151 -29.56 -54.32 21.30
C ARG M 151 -28.10 -54.76 21.29
N ALA M 152 -27.92 -56.07 21.47
CA ALA M 152 -26.62 -56.67 21.64
C ALA M 152 -26.57 -57.94 20.81
N ILE M 153 -25.44 -58.64 20.87
CA ILE M 153 -25.31 -59.97 20.31
C ILE M 153 -25.03 -60.92 21.45
N ALA M 154 -25.92 -61.89 21.64
CA ALA M 154 -25.71 -62.92 22.63
C ALA M 154 -24.85 -64.01 22.04
N ILE M 155 -23.83 -64.43 22.78
CA ILE M 155 -22.91 -65.47 22.33
C ILE M 155 -23.27 -66.75 23.04
N LEU M 156 -23.86 -67.68 22.32
CA LEU M 156 -24.30 -68.95 22.87
C LEU M 156 -23.16 -69.96 22.82
N ASP M 157 -23.46 -71.18 23.25
CA ASP M 157 -22.61 -72.32 23.00
C ASP M 157 -23.46 -73.57 23.06
N GLY M 158 -23.03 -74.60 22.34
CA GLY M 158 -23.74 -75.84 22.33
C GLY M 158 -23.29 -76.71 23.48
N PRO M 159 -23.59 -77.99 23.42
CA PRO M 159 -23.11 -78.93 24.43
C PRO M 159 -21.69 -79.39 24.10
N ASN M 160 -21.19 -80.28 24.95
CA ASN M 160 -19.90 -80.94 24.75
C ASN M 160 -20.00 -82.07 23.72
N SER M 161 -21.21 -82.38 23.26
CA SER M 161 -21.47 -83.57 22.48
C SER M 161 -21.04 -83.42 21.03
N THR M 162 -21.54 -84.29 20.16
CA THR M 162 -21.10 -84.38 18.78
C THR M 162 -21.56 -83.18 17.97
N ASP M 163 -21.23 -83.24 16.67
CA ASP M 163 -21.62 -82.19 15.74
C ASP M 163 -23.13 -82.15 15.54
N GLU M 164 -23.78 -83.31 15.58
CA GLU M 164 -25.21 -83.33 15.32
C GLU M 164 -26.00 -82.79 16.49
N ALA M 165 -25.46 -82.91 17.70
CA ALA M 165 -26.08 -82.26 18.85
C ALA M 165 -25.92 -80.75 18.79
N ALA M 166 -24.92 -80.26 18.06
CA ALA M 166 -24.78 -78.83 17.86
C ALA M 166 -25.70 -78.33 16.76
N VAL M 167 -25.85 -79.11 15.69
CA VAL M 167 -26.72 -78.72 14.58
C VAL M 167 -28.17 -78.72 15.01
N ALA M 168 -28.59 -79.78 15.71
CA ALA M 168 -29.98 -79.88 16.17
C ALA M 168 -30.31 -78.86 17.25
N TYR M 169 -29.31 -78.39 17.99
CA TYR M 169 -29.51 -77.31 18.95
C TYR M 169 -29.51 -75.95 18.27
N ALA M 170 -28.86 -75.82 17.12
CA ALA M 170 -28.88 -74.57 16.37
C ALA M 170 -30.13 -74.39 15.54
N LYS M 171 -30.91 -75.45 15.33
CA LYS M 171 -32.19 -75.32 14.64
C LYS M 171 -33.30 -74.83 15.54
N ASN M 172 -33.04 -74.73 16.85
CA ASN M 172 -34.01 -74.15 17.76
C ASN M 172 -34.05 -72.65 17.71
N PHE M 173 -33.18 -72.01 16.93
CA PHE M 173 -33.11 -70.56 16.92
C PHE M 173 -33.00 -70.07 15.49
N GLY M 174 -33.84 -69.09 15.15
CA GLY M 174 -33.71 -68.37 13.91
C GLY M 174 -33.58 -66.89 14.19
N SER M 175 -32.85 -66.54 15.25
CA SER M 175 -32.78 -65.17 15.71
C SER M 175 -31.52 -64.47 15.25
N LYS M 176 -31.67 -63.19 14.92
CA LYS M 176 -30.59 -62.39 14.36
C LYS M 176 -29.48 -62.14 15.37
N ARG M 177 -29.83 -61.98 16.65
CA ARG M 177 -28.87 -61.54 17.66
C ARG M 177 -28.12 -62.68 18.33
N LEU M 178 -28.21 -63.89 17.80
CA LEU M 178 -27.58 -65.05 18.43
C LEU M 178 -26.36 -65.48 17.63
N PHE M 179 -25.32 -65.88 18.35
CA PHE M 179 -24.04 -66.24 17.75
C PHE M 179 -23.51 -67.45 18.51
N MET M 180 -23.69 -68.64 17.95
CA MET M 180 -23.33 -69.86 18.66
C MET M 180 -21.88 -70.21 18.35
N VAL M 181 -21.12 -70.54 19.39
CA VAL M 181 -19.79 -71.10 19.27
C VAL M 181 -19.83 -72.45 19.96
N ASP M 182 -19.92 -73.53 19.19
CA ASP M 182 -20.15 -74.82 19.82
C ASP M 182 -18.96 -75.49 20.52
N PRO M 183 -17.78 -75.68 19.93
CA PRO M 183 -16.76 -76.51 20.60
C PRO M 183 -16.17 -75.78 21.80
N GLY M 184 -16.14 -76.48 22.92
CA GLY M 184 -15.60 -75.92 24.13
C GLY M 184 -14.10 -75.76 24.06
N VAL M 185 -13.61 -74.92 24.91
CA VAL M 185 -12.18 -74.66 25.06
C VAL M 185 -11.60 -75.62 26.08
N GLN M 186 -10.45 -76.19 25.76
CA GLN M 186 -9.67 -77.01 26.68
C GLN M 186 -8.48 -76.19 27.13
N VAL M 187 -8.54 -75.64 28.33
CA VAL M 187 -7.53 -74.70 28.85
C VAL M 187 -6.75 -75.39 29.97
N TRP M 188 -5.43 -75.17 29.98
CA TRP M 188 -4.58 -75.81 30.97
C TRP M 188 -4.75 -75.16 32.33
N ASP M 189 -5.17 -75.96 33.32
CA ASP M 189 -5.34 -75.49 34.68
C ASP M 189 -4.00 -75.60 35.41
N SER M 190 -3.63 -74.52 36.12
CA SER M 190 -2.36 -74.53 36.85
C SER M 190 -2.44 -75.37 38.12
N ALA M 191 -3.63 -75.44 38.74
CA ALA M 191 -3.77 -76.15 40.00
C ALA M 191 -3.70 -77.66 39.81
N THR M 192 -4.59 -78.20 38.98
CA THR M 192 -4.60 -79.63 38.71
C THR M 192 -3.47 -80.07 37.79
N ASN M 193 -2.76 -79.12 37.17
CA ASN M 193 -1.65 -79.36 36.24
C ASN M 193 -2.09 -80.22 35.06
N ALA M 194 -3.33 -79.98 34.61
CA ALA M 194 -3.89 -80.66 33.46
C ALA M 194 -4.78 -79.67 32.72
N ALA M 195 -5.45 -80.17 31.69
CA ALA M 195 -6.25 -79.33 30.80
C ALA M 195 -7.70 -79.37 31.24
N ARG M 196 -8.19 -78.24 31.71
CA ARG M 196 -9.57 -78.09 32.17
C ARG M 196 -10.44 -77.64 31.01
N ASN M 197 -11.68 -78.14 30.96
CA ASN M 197 -12.59 -77.67 29.94
C ASN M 197 -13.11 -76.28 30.28
N ALA M 198 -13.63 -75.60 29.26
CA ALA M 198 -14.16 -74.26 29.37
C ALA M 198 -15.20 -74.12 28.27
N PRO M 199 -16.31 -73.42 28.52
CA PRO M 199 -17.42 -73.43 27.56
C PRO M 199 -17.26 -72.51 26.36
N ALA M 200 -16.13 -71.81 26.22
CA ALA M 200 -15.72 -71.07 25.03
C ALA M 200 -16.60 -69.89 24.62
N SER M 201 -17.63 -69.56 25.40
CA SER M 201 -18.43 -68.39 25.09
C SER M 201 -17.72 -67.12 25.53
N ALA M 202 -17.03 -67.19 26.67
CA ALA M 202 -16.31 -66.01 27.15
C ALA M 202 -15.05 -65.75 26.34
N TYR M 203 -14.48 -66.79 25.73
CA TYR M 203 -13.33 -66.59 24.86
C TYR M 203 -13.72 -65.96 23.55
N ALA M 204 -14.96 -66.21 23.09
CA ALA M 204 -15.47 -65.50 21.93
C ALA M 204 -15.72 -64.04 22.25
N ALA M 205 -16.28 -63.76 23.44
CA ALA M 205 -16.66 -62.40 23.78
C ALA M 205 -15.46 -61.51 24.06
N GLY M 206 -14.35 -62.09 24.51
CA GLY M 206 -13.15 -61.31 24.67
C GLY M 206 -12.52 -60.96 23.34
N LEU M 207 -12.66 -61.84 22.37
CA LEU M 207 -12.18 -61.59 21.02
C LEU M 207 -13.14 -60.74 20.21
N PHE M 208 -14.42 -60.80 20.56
CA PHE M 208 -15.41 -59.99 19.88
C PHE M 208 -15.23 -58.52 20.23
N ALA M 209 -14.80 -58.26 21.46
CA ALA M 209 -14.53 -56.91 21.94
C ALA M 209 -13.12 -56.45 21.60
N TRP M 210 -12.20 -57.39 21.39
CA TRP M 210 -10.86 -57.03 20.96
C TRP M 210 -10.86 -56.53 19.53
N THR M 211 -11.74 -57.07 18.69
CA THR M 211 -11.81 -56.68 17.29
C THR M 211 -12.32 -55.25 17.14
N ASP M 212 -13.11 -54.79 18.11
CA ASP M 212 -13.57 -53.40 18.10
C ASP M 212 -12.44 -52.43 18.36
N ALA M 213 -11.43 -52.86 19.12
CA ALA M 213 -10.32 -51.98 19.45
C ALA M 213 -9.39 -51.79 18.27
N GLU M 214 -8.82 -52.87 17.75
CA GLU M 214 -7.84 -52.70 16.67
C GLU M 214 -8.51 -52.55 15.32
N TYR M 215 -9.52 -53.36 15.01
CA TYR M 215 -10.04 -53.39 13.65
C TYR M 215 -11.36 -52.66 13.48
N GLY M 216 -12.03 -52.27 14.56
CA GLY M 216 -13.30 -51.61 14.45
C GLY M 216 -14.46 -52.59 14.46
N PHE M 217 -15.63 -52.08 14.85
CA PHE M 217 -16.80 -52.93 15.07
C PHE M 217 -17.38 -53.50 13.80
N TRP M 218 -17.03 -52.95 12.64
CA TRP M 218 -17.52 -53.48 11.39
C TRP M 218 -16.72 -54.68 10.90
N SER M 219 -15.55 -54.92 11.48
CA SER M 219 -14.75 -56.06 11.06
C SER M 219 -15.31 -57.35 11.65
N SER M 220 -15.05 -58.42 10.98
CA SER M 220 -15.53 -59.67 11.57
C SER M 220 -14.50 -60.24 12.52
N PRO M 221 -14.93 -60.94 13.55
CA PRO M 221 -13.98 -61.59 14.45
C PRO M 221 -13.60 -62.99 14.00
N SER M 222 -13.87 -63.29 12.74
CA SER M 222 -13.97 -64.63 12.23
C SER M 222 -12.67 -65.26 11.81
N ASN M 223 -11.55 -64.60 12.05
CA ASN M 223 -10.28 -65.26 11.78
C ASN M 223 -9.27 -64.86 12.85
N LYS M 224 -9.70 -64.19 13.90
CA LYS M 224 -8.80 -63.66 14.91
C LYS M 224 -8.45 -64.72 15.93
N GLU M 225 -7.47 -64.42 16.76
CA GLU M 225 -6.76 -65.41 17.55
C GLU M 225 -7.28 -65.40 18.98
N ILE M 226 -7.77 -66.56 19.43
CA ILE M 226 -8.19 -66.71 20.82
C ILE M 226 -6.95 -66.99 21.65
N LYS M 227 -6.72 -66.18 22.66
CA LYS M 227 -5.52 -66.30 23.48
C LYS M 227 -5.84 -66.91 24.84
N GLY M 228 -4.85 -67.61 25.38
CA GLY M 228 -5.00 -68.25 26.67
C GLY M 228 -5.57 -69.64 26.64
N VAL M 229 -5.57 -70.29 25.48
CA VAL M 229 -6.23 -71.57 25.27
C VAL M 229 -5.21 -72.57 24.74
N THR M 230 -5.47 -73.85 24.99
CA THR M 230 -4.55 -74.91 24.63
C THR M 230 -5.15 -75.97 23.73
N GLY M 231 -6.41 -75.85 23.38
CA GLY M 231 -7.06 -76.84 22.53
C GLY M 231 -8.56 -76.74 22.69
N THR M 232 -9.25 -77.51 21.85
CA THR M 232 -10.71 -77.55 21.90
C THR M 232 -11.16 -78.89 22.46
N SER M 233 -12.45 -78.96 22.81
CA SER M 233 -13.01 -80.18 23.38
C SER M 233 -13.13 -81.26 22.32
N ARG M 234 -13.42 -80.87 21.09
CA ARG M 234 -13.41 -81.75 19.95
C ARG M 234 -12.50 -81.15 18.89
N PRO M 235 -11.74 -81.97 18.17
CA PRO M 235 -10.91 -81.42 17.08
C PRO M 235 -11.80 -81.03 15.91
N VAL M 236 -11.73 -79.78 15.52
CA VAL M 236 -12.55 -79.26 14.45
C VAL M 236 -11.70 -79.17 13.19
N GLU M 237 -12.30 -79.57 12.07
CA GLU M 237 -11.62 -80.00 10.87
C GLU M 237 -11.96 -79.03 9.75
N PHE M 238 -11.08 -78.09 9.45
CA PHE M 238 -11.28 -77.27 8.26
C PHE M 238 -10.44 -77.80 7.10
N LEU M 239 -11.12 -78.43 6.16
CA LEU M 239 -10.55 -78.98 4.94
C LEU M 239 -11.36 -78.46 3.76
N ASP M 240 -10.99 -78.87 2.55
CA ASP M 240 -11.69 -78.43 1.35
C ASP M 240 -12.25 -79.65 0.61
N GLY M 241 -12.79 -79.41 -0.57
CA GLY M 241 -13.16 -80.48 -1.47
C GLY M 241 -14.62 -80.88 -1.50
N ASP M 242 -15.53 -79.94 -1.17
CA ASP M 242 -16.99 -80.16 -1.08
C ASP M 242 -17.29 -81.33 -0.12
N GLU M 243 -16.58 -81.36 1.00
CA GLU M 243 -16.58 -82.52 1.87
C GLU M 243 -17.47 -82.29 3.09
N THR M 244 -17.52 -83.29 3.95
CA THR M 244 -18.20 -83.18 5.24
C THR M 244 -17.19 -82.78 6.32
N CYS M 245 -16.56 -81.63 6.08
CA CYS M 245 -15.62 -81.07 7.03
C CYS M 245 -16.38 -80.65 8.29
N ARG M 246 -15.76 -80.85 9.43
CA ARG M 246 -16.42 -80.50 10.68
C ARG M 246 -16.56 -78.98 10.85
N ALA M 247 -15.60 -78.22 10.33
CA ALA M 247 -15.73 -76.77 10.33
C ALA M 247 -16.76 -76.29 9.31
N ASN M 248 -16.96 -77.04 8.23
CA ASN M 248 -17.92 -76.64 7.22
C ASN M 248 -19.31 -77.15 7.52
N LEU M 249 -19.40 -78.26 8.25
CA LEU M 249 -20.69 -78.75 8.71
C LEU M 249 -21.32 -77.78 9.71
N LEU M 250 -20.49 -77.26 10.61
CA LEU M 250 -21.03 -76.39 11.65
C LEU M 250 -21.25 -74.96 11.16
N ASN M 251 -20.50 -74.51 10.16
CA ASN M 251 -20.78 -73.20 9.59
C ASN M 251 -22.10 -73.20 8.83
N ASN M 252 -22.43 -74.30 8.16
CA ASN M 252 -23.70 -74.37 7.44
C ASN M 252 -24.89 -74.55 8.37
N ALA M 253 -24.66 -74.82 9.66
CA ALA M 253 -25.69 -74.73 10.67
C ALA M 253 -25.62 -73.41 11.43
N ASN M 254 -24.88 -72.44 10.88
CA ASN M 254 -24.69 -71.08 11.41
C ASN M 254 -24.03 -71.09 12.79
N ILE M 255 -22.97 -71.87 12.93
CA ILE M 255 -22.21 -71.97 14.17
C ILE M 255 -20.76 -71.63 13.88
N ALA M 256 -20.18 -70.73 14.67
CA ALA M 256 -18.76 -70.50 14.61
C ALA M 256 -18.00 -71.58 15.37
N THR M 257 -16.80 -71.90 14.88
CA THR M 257 -15.96 -72.93 15.46
C THR M 257 -14.60 -72.36 15.81
N ILE M 258 -13.73 -73.25 16.28
CA ILE M 258 -12.33 -72.96 16.56
C ILE M 258 -11.52 -74.05 15.87
N ILE M 259 -10.63 -73.68 14.95
CA ILE M 259 -10.27 -74.55 13.84
C ILE M 259 -8.83 -75.06 13.87
N ARG M 260 -7.85 -74.24 14.23
CA ARG M 260 -6.47 -74.70 14.01
C ARG M 260 -5.66 -74.64 15.29
N ASP M 261 -4.48 -75.27 15.24
CA ASP M 261 -3.27 -74.95 16.02
C ASP M 261 -3.52 -74.86 17.52
N ASP M 262 -3.87 -76.01 18.10
CA ASP M 262 -4.25 -76.15 19.52
C ASP M 262 -5.37 -75.20 19.90
N GLY M 263 -6.40 -75.14 19.05
CA GLY M 263 -7.48 -74.20 19.28
C GLY M 263 -7.04 -72.76 19.12
N TYR M 264 -6.87 -72.26 17.90
CA TYR M 264 -6.18 -71.00 17.74
C TYR M 264 -7.10 -69.86 17.29
N ARG M 265 -8.04 -70.13 16.39
CA ARG M 265 -8.80 -69.05 15.74
C ARG M 265 -10.29 -69.33 15.75
N LEU M 266 -11.08 -68.34 16.18
CA LEU M 266 -12.52 -68.38 15.97
C LEU M 266 -12.78 -68.30 14.47
N TRP M 267 -13.79 -69.02 14.01
CA TRP M 267 -13.85 -69.31 12.59
C TRP M 267 -15.09 -68.80 11.88
N GLY M 268 -16.29 -69.10 12.35
CA GLY M 268 -17.47 -68.67 11.62
C GLY M 268 -17.76 -67.19 11.78
N ASN M 269 -18.60 -66.67 10.87
CA ASN M 269 -19.12 -65.32 11.00
C ASN M 269 -20.60 -65.20 10.65
N ARG M 270 -21.32 -66.29 10.50
CA ARG M 270 -22.76 -66.23 10.35
C ARG M 270 -23.41 -66.20 11.72
N THR M 271 -24.42 -65.37 11.86
CA THR M 271 -25.27 -65.41 13.05
C THR M 271 -26.39 -66.42 12.82
N LEU M 272 -27.15 -66.69 13.88
CA LEU M 272 -28.20 -67.72 13.77
C LEU M 272 -29.50 -67.19 13.19
N SER M 273 -29.44 -66.48 12.08
CA SER M 273 -30.62 -65.83 11.53
C SER M 273 -31.20 -66.66 10.41
N SER M 274 -32.52 -66.64 10.31
CA SER M 274 -33.25 -67.28 9.23
C SER M 274 -33.44 -66.35 8.04
N ASP M 275 -32.79 -65.19 8.04
CA ASP M 275 -32.92 -64.22 6.97
C ASP M 275 -31.54 -63.97 6.38
N SER M 276 -31.41 -64.11 5.06
CA SER M 276 -30.14 -63.90 4.39
C SER M 276 -29.74 -62.44 4.34
N LYS M 277 -30.65 -61.52 4.62
CA LYS M 277 -30.30 -60.11 4.74
C LYS M 277 -29.50 -59.86 6.01
N TRP M 278 -29.71 -60.69 7.03
CA TRP M 278 -29.00 -60.56 8.31
C TRP M 278 -28.14 -61.77 8.59
N ALA M 279 -27.41 -62.24 7.60
CA ALA M 279 -26.64 -63.47 7.75
C ALA M 279 -25.38 -63.25 8.57
N PHE M 280 -24.63 -62.19 8.26
CA PHE M 280 -23.33 -61.97 8.88
C PHE M 280 -23.48 -61.17 10.15
N VAL M 281 -22.61 -61.47 11.13
CA VAL M 281 -22.56 -60.63 12.33
C VAL M 281 -21.97 -59.28 12.04
N THR M 282 -21.21 -59.14 10.95
CA THR M 282 -20.80 -57.83 10.47
C THR M 282 -22.00 -56.95 10.18
N ARG M 283 -23.02 -57.49 9.51
CA ARG M 283 -24.25 -56.75 9.25
C ARG M 283 -24.99 -56.41 10.52
N VAL M 284 -25.01 -57.33 11.49
CA VAL M 284 -25.78 -57.11 12.70
C VAL M 284 -25.05 -56.16 13.64
N ARG M 285 -23.73 -56.27 13.73
CA ARG M 285 -22.98 -55.43 14.66
C ARG M 285 -22.82 -54.02 14.14
N THR M 286 -22.68 -53.85 12.82
CA THR M 286 -22.49 -52.52 12.25
C THR M 286 -23.75 -51.69 12.37
N MET M 287 -24.90 -52.27 12.00
CA MET M 287 -26.19 -51.60 12.14
C MET M 287 -26.50 -51.30 13.58
N ASP M 288 -26.04 -52.14 14.51
CA ASP M 288 -26.27 -51.90 15.92
C ASP M 288 -25.40 -50.79 16.46
N LEU M 289 -24.15 -50.72 16.02
CA LEU M 289 -23.22 -49.72 16.53
C LEU M 289 -22.99 -48.55 15.58
N VAL M 290 -23.65 -48.50 14.42
CA VAL M 290 -23.74 -47.22 13.75
C VAL M 290 -24.74 -46.35 14.47
N MET M 291 -25.76 -46.95 15.09
CA MET M 291 -26.79 -46.14 15.71
C MET M 291 -26.37 -45.71 17.10
N ASP M 292 -25.67 -46.57 17.83
CA ASP M 292 -25.17 -46.21 19.14
C ASP M 292 -24.13 -45.10 19.09
N ALA M 293 -23.47 -44.91 17.95
CA ALA M 293 -22.65 -43.72 17.76
C ALA M 293 -23.50 -42.54 17.29
N ILE M 294 -24.54 -42.82 16.50
CA ILE M 294 -25.48 -41.78 16.09
C ILE M 294 -26.29 -41.27 17.28
N LEU M 295 -26.78 -42.18 18.12
CA LEU M 295 -27.59 -41.74 19.27
C LEU M 295 -26.73 -41.06 20.31
N ALA M 296 -25.67 -41.71 20.76
CA ALA M 296 -24.76 -41.08 21.72
C ALA M 296 -23.90 -40.11 20.93
N GLY M 297 -24.40 -38.88 20.80
CA GLY M 297 -23.83 -37.91 19.90
C GLY M 297 -24.93 -37.01 19.37
N HIS M 298 -26.17 -37.48 19.46
CA HIS M 298 -27.35 -36.67 19.20
C HIS M 298 -28.32 -36.77 20.36
N LYS M 299 -27.80 -36.59 21.57
CA LYS M 299 -28.63 -36.53 22.75
C LYS M 299 -29.31 -35.17 22.91
N TRP M 300 -28.97 -34.19 22.08
CA TRP M 300 -29.60 -32.89 22.13
C TRP M 300 -30.92 -32.82 21.38
N ALA M 301 -31.35 -33.92 20.76
CA ALA M 301 -32.54 -33.92 19.93
C ALA M 301 -33.79 -34.41 20.67
N VAL M 302 -33.72 -34.64 21.97
CA VAL M 302 -34.87 -35.06 22.76
C VAL M 302 -35.42 -33.91 23.60
N ASP M 303 -34.52 -33.07 24.11
CA ASP M 303 -34.83 -31.69 24.46
C ASP M 303 -34.75 -30.84 23.20
N ARG M 304 -34.60 -29.53 23.36
CA ARG M 304 -34.48 -28.57 22.25
C ARG M 304 -35.75 -28.61 21.40
N GLY M 305 -36.79 -28.03 21.98
CA GLY M 305 -38.09 -27.82 21.36
C GLY M 305 -38.06 -27.33 19.93
N ILE M 306 -39.02 -27.78 19.13
CA ILE M 306 -38.92 -27.79 17.68
C ILE M 306 -39.03 -26.37 17.16
N THR M 307 -37.93 -25.87 16.60
CA THR M 307 -37.90 -24.62 15.86
C THR M 307 -38.03 -24.93 14.37
N LYS M 308 -37.83 -23.92 13.52
CA LYS M 308 -37.98 -24.10 12.08
C LYS M 308 -36.87 -24.98 11.52
N THR M 309 -35.63 -24.71 11.91
CA THR M 309 -34.49 -25.48 11.43
C THR M 309 -34.08 -26.57 12.40
N TYR M 310 -35.03 -27.14 13.14
CA TYR M 310 -34.72 -28.31 13.94
C TYR M 310 -34.46 -29.53 13.05
N VAL M 311 -35.31 -29.73 12.05
CA VAL M 311 -35.20 -30.90 11.20
C VAL M 311 -34.00 -30.78 10.26
N LYS M 312 -33.58 -29.55 9.94
CA LYS M 312 -32.40 -29.37 9.12
C LYS M 312 -31.11 -29.54 9.92
N ASP M 313 -31.10 -29.07 11.16
CA ASP M 313 -29.91 -29.19 11.99
C ASP M 313 -29.68 -30.61 12.49
N VAL M 314 -30.69 -31.48 12.40
CA VAL M 314 -30.45 -32.87 12.73
C VAL M 314 -29.86 -33.62 11.53
N THR M 315 -30.36 -33.36 10.32
CA THR M 315 -29.85 -34.02 9.11
C THR M 315 -28.39 -33.70 8.89
N GLU M 316 -28.02 -32.41 8.96
CA GLU M 316 -26.63 -32.05 8.82
C GLU M 316 -25.79 -32.49 10.01
N GLY M 317 -26.42 -32.72 11.15
CA GLY M 317 -25.74 -33.37 12.25
C GLY M 317 -25.65 -34.86 12.05
N LEU M 318 -26.71 -35.46 11.49
CA LEU M 318 -26.65 -36.88 11.18
C LEU M 318 -25.67 -37.19 10.07
N ARG M 319 -25.61 -36.33 9.04
CA ARG M 319 -24.66 -36.54 7.96
C ARG M 319 -23.22 -36.33 8.43
N ALA M 320 -23.01 -35.49 9.43
CA ALA M 320 -21.65 -35.22 9.90
C ALA M 320 -21.11 -36.34 10.75
N PHE M 321 -21.96 -36.95 11.58
CA PHE M 321 -21.57 -38.12 12.35
C PHE M 321 -21.72 -39.42 11.57
N MET M 322 -21.89 -39.32 10.26
CA MET M 322 -21.97 -40.47 9.37
C MET M 322 -20.90 -40.44 8.31
N ARG M 323 -20.36 -39.26 7.99
CA ARG M 323 -19.15 -39.16 7.18
C ARG M 323 -17.91 -39.40 8.01
N ASP M 324 -18.01 -39.37 9.35
CA ASP M 324 -16.96 -39.85 10.21
C ASP M 324 -16.91 -41.38 10.18
N LEU M 325 -18.03 -42.01 9.87
CA LEU M 325 -18.08 -43.46 9.78
C LEU M 325 -17.67 -43.94 8.40
N LYS M 326 -17.95 -43.16 7.36
CA LYS M 326 -17.47 -43.52 6.04
C LYS M 326 -15.96 -43.27 5.94
N ASN M 327 -15.46 -42.34 6.75
CA ASN M 327 -14.03 -42.03 6.74
C ASN M 327 -13.21 -43.19 7.27
N GLN M 328 -13.61 -43.74 8.41
CA GLN M 328 -12.85 -44.81 9.02
C GLN M 328 -13.22 -46.18 8.47
N GLY M 329 -14.19 -46.26 7.56
CA GLY M 329 -14.46 -47.49 6.86
C GLY M 329 -15.59 -48.32 7.39
N ALA M 330 -16.47 -47.76 8.23
CA ALA M 330 -17.56 -48.54 8.79
C ALA M 330 -18.64 -48.78 7.75
N VAL M 331 -18.93 -47.77 6.94
CA VAL M 331 -19.94 -47.85 5.90
C VAL M 331 -19.26 -47.53 4.58
N ILE M 332 -20.06 -47.53 3.52
CA ILE M 332 -19.65 -47.06 2.21
C ILE M 332 -20.83 -46.32 1.57
N ASN M 333 -20.72 -44.99 1.47
CA ASN M 333 -21.67 -44.09 0.79
C ASN M 333 -23.07 -44.19 1.40
N PHE M 334 -23.18 -43.70 2.63
CA PHE M 334 -24.46 -43.55 3.32
C PHE M 334 -25.47 -42.65 2.60
N GLU M 335 -26.67 -42.55 3.15
CA GLU M 335 -27.67 -41.60 2.67
C GLU M 335 -28.58 -41.21 3.83
N VAL M 336 -28.59 -39.93 4.19
CA VAL M 336 -29.40 -39.44 5.29
C VAL M 336 -30.28 -38.31 4.77
N TYR M 337 -31.58 -38.40 5.06
CA TYR M 337 -32.50 -37.33 4.67
C TYR M 337 -33.75 -37.40 5.53
N ALA M 338 -34.37 -36.25 5.74
CA ALA M 338 -35.64 -36.19 6.44
C ALA M 338 -36.73 -36.80 5.58
N ASP M 339 -37.62 -37.55 6.21
CA ASP M 339 -38.67 -38.27 5.50
C ASP M 339 -39.73 -37.29 5.04
N PRO M 340 -39.87 -37.04 3.73
CA PRO M 340 -40.77 -35.98 3.29
C PRO M 340 -42.24 -36.33 3.39
N ASP M 341 -42.58 -37.61 3.43
CA ASP M 341 -43.97 -38.05 3.41
C ASP M 341 -44.58 -38.17 4.79
N LEU M 342 -43.77 -38.30 5.83
CA LEU M 342 -44.29 -38.55 7.17
C LEU M 342 -43.97 -37.45 8.16
N ASN M 343 -43.47 -36.29 7.72
CA ASN M 343 -43.27 -35.15 8.61
C ASN M 343 -44.45 -34.21 8.47
N SER M 344 -45.56 -34.59 9.09
CA SER M 344 -46.73 -33.75 9.15
C SER M 344 -46.56 -32.72 10.25
N ALA M 345 -47.56 -31.85 10.39
CA ALA M 345 -47.64 -30.97 11.55
C ALA M 345 -48.45 -31.59 12.67
N SER M 346 -49.35 -32.52 12.35
CA SER M 346 -50.01 -33.29 13.38
C SER M 346 -49.03 -34.23 14.08
N GLN M 347 -48.01 -34.71 13.36
CA GLN M 347 -46.94 -35.44 14.00
C GLN M 347 -46.04 -34.51 14.80
N LEU M 348 -45.89 -33.28 14.35
CA LEU M 348 -44.97 -32.35 14.98
C LEU M 348 -45.55 -31.76 16.25
N ALA M 349 -46.88 -31.73 16.37
CA ALA M 349 -47.48 -31.33 17.64
C ALA M 349 -47.29 -32.40 18.71
N GLN M 350 -47.19 -33.66 18.31
CA GLN M 350 -46.87 -34.74 19.24
C GLN M 350 -45.39 -34.85 19.52
N GLY M 351 -44.55 -34.05 18.85
CA GLY M 351 -43.12 -34.14 19.02
C GLY M 351 -42.44 -35.16 18.13
N LYS M 352 -43.16 -35.79 17.22
CA LYS M 352 -42.58 -36.80 16.36
C LYS M 352 -42.09 -36.16 15.06
N VAL M 353 -40.93 -36.61 14.59
CA VAL M 353 -40.29 -36.11 13.38
C VAL M 353 -39.34 -37.18 12.88
N TYR M 354 -39.39 -37.51 11.59
CA TYR M 354 -38.80 -38.75 11.12
C TYR M 354 -37.61 -38.47 10.21
N TRP M 355 -36.69 -39.42 10.14
CA TRP M 355 -35.52 -39.35 9.28
C TRP M 355 -35.22 -40.72 8.70
N ASN M 356 -34.50 -40.74 7.58
CA ASN M 356 -34.18 -41.96 6.85
C ASN M 356 -32.66 -42.06 6.70
N ILE M 357 -32.07 -43.14 7.22
CA ILE M 357 -30.63 -43.24 7.42
C ILE M 357 -30.08 -44.47 6.69
N ARG M 358 -30.48 -44.67 5.43
CA ARG M 358 -29.93 -45.74 4.59
C ARG M 358 -28.41 -45.72 4.52
N PHE M 359 -27.80 -46.90 4.58
CA PHE M 359 -26.35 -47.03 4.35
C PHE M 359 -26.05 -48.43 3.83
N THR M 360 -24.79 -48.62 3.42
CA THR M 360 -24.28 -49.90 2.94
C THR M 360 -23.14 -50.35 3.81
N ASP M 361 -23.21 -51.59 4.30
CA ASP M 361 -22.19 -52.16 5.16
C ASP M 361 -21.08 -52.78 4.32
N VAL M 362 -19.90 -52.86 4.90
CA VAL M 362 -18.76 -53.49 4.21
C VAL M 362 -18.91 -55.00 4.29
N PRO M 363 -18.76 -55.72 3.18
CA PRO M 363 -18.93 -57.17 3.20
C PRO M 363 -17.66 -57.87 3.64
N PRO M 364 -17.77 -58.91 4.46
CA PRO M 364 -16.58 -59.69 4.83
C PRO M 364 -16.18 -60.66 3.74
N ALA M 365 -14.87 -60.83 3.59
CA ALA M 365 -14.31 -61.70 2.55
C ALA M 365 -14.43 -63.15 3.01
N GLU M 366 -15.65 -63.68 2.90
CA GLU M 366 -15.98 -64.96 3.53
C GLU M 366 -15.34 -66.13 2.80
N ASN M 367 -15.25 -66.06 1.47
CA ASN M 367 -14.84 -67.20 0.66
C ASN M 367 -13.93 -66.74 -0.47
N PRO M 368 -12.63 -66.59 -0.22
CA PRO M 368 -11.70 -66.39 -1.33
C PRO M 368 -11.51 -67.69 -2.09
N ASN M 369 -11.53 -67.59 -3.42
CA ASN M 369 -11.53 -68.77 -4.27
C ASN M 369 -10.31 -68.76 -5.16
N PHE M 370 -9.51 -69.81 -5.08
CA PHE M 370 -8.28 -69.96 -5.85
C PHE M 370 -8.51 -71.03 -6.92
N ARG M 371 -8.38 -70.64 -8.17
CA ARG M 371 -8.57 -71.57 -9.29
C ARG M 371 -7.20 -71.89 -9.84
N VAL M 372 -6.59 -72.93 -9.33
CA VAL M 372 -5.21 -73.26 -9.59
C VAL M 372 -5.13 -74.34 -10.66
N GLU M 373 -4.16 -74.21 -11.57
CA GLU M 373 -3.99 -75.10 -12.70
C GLU M 373 -2.52 -75.37 -12.93
N VAL M 374 -2.18 -76.63 -13.18
CA VAL M 374 -0.82 -77.01 -13.58
C VAL M 374 -0.80 -77.13 -15.10
N THR M 375 0.04 -76.33 -15.75
CA THR M 375 0.14 -76.32 -17.20
C THR M 375 1.52 -76.79 -17.63
N ASP M 376 1.63 -77.12 -18.92
CA ASP M 376 2.92 -77.32 -19.57
C ASP M 376 3.21 -76.19 -20.54
N GLN M 377 2.66 -75.00 -20.26
CA GLN M 377 2.85 -73.86 -21.14
C GLN M 377 4.30 -73.38 -21.12
N TRP M 378 4.85 -73.18 -19.94
CA TRP M 378 6.23 -72.73 -19.82
C TRP M 378 7.19 -73.91 -19.65
N LEU M 379 7.00 -74.93 -20.49
CA LEU M 379 7.93 -76.03 -20.55
C LEU M 379 8.92 -75.84 -21.68
N THR M 380 8.59 -74.99 -22.64
CA THR M 380 9.48 -74.61 -23.73
C THR M 380 10.14 -73.26 -23.52
N GLU M 381 9.46 -72.34 -22.84
CA GLU M 381 9.99 -71.00 -22.57
C GLU M 381 11.26 -71.06 -21.73
N VAL M 382 11.36 -72.05 -20.87
CA VAL M 382 12.61 -72.41 -20.20
C VAL M 382 12.91 -73.84 -20.58
N LEU M 383 13.98 -74.39 -20.01
CA LEU M 383 14.42 -75.78 -20.16
C LEU M 383 14.76 -76.11 -21.60
N ASP M 384 15.38 -75.15 -22.29
CA ASP M 384 15.66 -75.32 -23.70
C ASP M 384 16.90 -74.50 -24.03
N VAL M 385 17.47 -74.76 -25.21
CA VAL M 385 18.63 -74.01 -25.68
C VAL M 385 18.25 -72.55 -25.92
N ALA M 386 17.06 -72.34 -26.51
CA ALA M 386 16.44 -71.02 -26.73
C ALA M 386 17.32 -70.04 -27.52
N MET N 1 -32.32 -12.98 19.16
CA MET N 1 -31.47 -12.25 20.08
C MET N 1 -31.86 -10.78 20.17
N ILE N 2 -31.10 -10.04 20.96
CA ILE N 2 -31.31 -8.62 21.19
C ILE N 2 -30.13 -7.89 20.56
N PRO N 3 -30.36 -6.82 19.82
CA PRO N 3 -29.24 -6.03 19.29
C PRO N 3 -28.42 -5.39 20.40
N GLN N 4 -27.15 -5.81 20.49
CA GLN N 4 -26.28 -5.51 21.61
C GLN N 4 -24.99 -4.92 21.07
N THR N 5 -24.48 -3.88 21.72
CA THR N 5 -23.32 -3.15 21.26
C THR N 5 -22.62 -2.57 22.47
N LEU N 6 -21.29 -2.53 22.43
CA LEU N 6 -20.49 -1.78 23.40
C LEU N 6 -20.91 -0.32 23.41
N THR N 7 -20.95 0.27 24.59
CA THR N 7 -21.11 1.71 24.72
C THR N 7 -20.01 2.39 25.51
N ASN N 8 -19.32 1.67 26.40
CA ASN N 8 -18.39 2.30 27.32
C ASN N 8 -17.28 1.32 27.64
N THR N 9 -16.09 1.87 27.87
CA THR N 9 -14.90 1.10 28.19
C THR N 9 -14.27 1.65 29.46
N ASN N 10 -13.39 0.86 30.06
CA ASN N 10 -12.60 1.33 31.20
C ASN N 10 -11.32 0.51 31.25
N LEU N 11 -10.37 1.00 32.03
CA LEU N 11 -9.08 0.36 32.18
C LEU N 11 -8.58 0.51 33.61
N PHE N 12 -8.14 -0.60 34.19
CA PHE N 12 -7.45 -0.65 35.46
C PHE N 12 -6.06 -1.20 35.20
N ILE N 13 -5.02 -0.44 35.52
CA ILE N 13 -3.68 -0.97 35.29
C ILE N 13 -3.21 -1.76 36.49
N ASP N 14 -3.02 -1.11 37.62
CA ASP N 14 -2.56 -1.82 38.80
C ASP N 14 -3.50 -1.53 39.95
N GLY N 15 -4.79 -1.66 39.65
CA GLY N 15 -5.84 -1.24 40.53
C GLY N 15 -6.23 0.21 40.36
N VAL N 16 -5.36 1.02 39.79
CA VAL N 16 -5.67 2.43 39.54
C VAL N 16 -6.59 2.52 38.34
N SER N 17 -7.59 3.39 38.43
CA SER N 17 -8.58 3.51 37.37
C SER N 17 -8.17 4.56 36.36
N PHE N 18 -8.32 4.24 35.08
CA PHE N 18 -8.06 5.20 34.02
C PHE N 18 -9.34 5.79 33.49
N ALA N 19 -10.29 6.10 34.37
CA ALA N 19 -11.65 6.49 34.01
C ALA N 19 -11.76 7.91 33.46
N GLY N 20 -10.65 8.54 33.07
CA GLY N 20 -10.73 9.79 32.37
C GLY N 20 -9.99 9.82 31.06
N ASP N 21 -8.99 8.96 30.86
CA ASP N 21 -8.07 9.15 29.73
C ASP N 21 -7.68 7.86 29.03
N VAL N 22 -8.63 7.00 28.71
CA VAL N 22 -8.31 5.95 27.73
C VAL N 22 -9.32 5.99 26.58
N PRO N 23 -8.97 6.63 25.46
CA PRO N 23 -9.93 6.70 24.35
C PRO N 23 -10.13 5.39 23.61
N SER N 24 -9.12 4.52 23.54
CA SER N 24 -9.28 3.27 22.82
C SER N 24 -8.61 2.12 23.56
N LEU N 25 -9.28 0.97 23.57
CA LEU N 25 -8.73 -0.29 24.06
C LEU N 25 -8.63 -1.26 22.90
N THR N 26 -7.83 -2.30 23.07
CA THR N 26 -7.84 -3.41 22.12
C THR N 26 -7.50 -4.67 22.87
N LEU N 27 -8.47 -5.59 22.96
CA LEU N 27 -8.23 -6.90 23.51
C LEU N 27 -7.30 -7.66 22.58
N PRO N 28 -6.57 -8.66 23.08
CA PRO N 28 -5.69 -9.42 22.20
C PRO N 28 -6.47 -10.28 21.22
N LYS N 29 -6.01 -10.29 19.98
CA LYS N 29 -6.59 -11.11 18.93
C LYS N 29 -6.20 -12.55 19.17
N LEU N 30 -7.17 -13.38 19.56
CA LEU N 30 -6.92 -14.80 19.75
C LEU N 30 -6.98 -15.46 18.40
N ALA N 31 -5.83 -15.84 17.86
CA ALA N 31 -5.75 -16.57 16.61
C ALA N 31 -5.08 -17.90 16.90
N VAL N 32 -5.64 -18.97 16.41
CA VAL N 32 -4.97 -20.24 16.52
C VAL N 32 -3.99 -20.33 15.35
N LYS N 33 -2.90 -21.04 15.55
CA LYS N 33 -1.88 -21.14 14.52
C LYS N 33 -2.23 -22.33 13.64
N THR N 34 -2.94 -22.06 12.55
CA THR N 34 -3.28 -23.12 11.62
C THR N 34 -2.14 -23.36 10.64
N GLU N 35 -1.97 -24.61 10.27
CA GLU N 35 -1.20 -24.98 9.10
C GLU N 35 -2.15 -25.65 8.12
N GLN N 36 -2.19 -25.16 6.89
CA GLN N 36 -3.07 -25.72 5.88
C GLN N 36 -2.56 -27.09 5.49
N TYR N 37 -3.34 -28.11 5.79
CA TYR N 37 -2.87 -29.49 5.72
C TYR N 37 -3.50 -30.20 4.53
N ARG N 38 -2.73 -30.35 3.46
CA ARG N 38 -3.10 -31.09 2.27
C ARG N 38 -2.20 -32.32 2.18
N ALA N 39 -2.79 -33.48 2.01
CA ALA N 39 -2.04 -34.72 2.05
C ALA N 39 -2.70 -35.71 1.08
N GLY N 40 -2.45 -36.99 1.31
CA GLY N 40 -2.86 -38.00 0.36
C GLY N 40 -4.37 -38.19 0.33
N GLY N 41 -4.90 -38.40 -0.86
CA GLY N 41 -6.31 -38.70 -1.01
C GLY N 41 -7.25 -37.55 -0.75
N MET N 42 -6.80 -36.32 -0.95
CA MET N 42 -7.66 -35.18 -0.71
C MET N 42 -7.26 -33.99 -1.54
N ASP N 43 -8.26 -33.23 -2.00
CA ASP N 43 -8.08 -32.14 -2.94
C ASP N 43 -7.95 -30.77 -2.28
N ALA N 44 -8.22 -30.65 -1.00
CA ALA N 44 -8.24 -29.36 -0.34
C ALA N 44 -7.56 -29.47 1.01
N PRO N 45 -6.94 -28.39 1.49
CA PRO N 45 -6.36 -28.40 2.84
C PRO N 45 -7.45 -28.40 3.90
N VAL N 46 -7.03 -28.64 5.14
CA VAL N 46 -8.03 -28.92 6.18
C VAL N 46 -7.73 -28.16 7.48
N SER N 47 -6.55 -27.54 7.59
CA SER N 47 -6.18 -26.60 8.66
C SER N 47 -6.20 -27.22 10.06
N ILE N 48 -5.21 -28.07 10.31
CA ILE N 48 -4.94 -28.57 11.66
C ILE N 48 -4.43 -27.43 12.55
N ASP N 49 -4.77 -27.47 13.84
CA ASP N 49 -4.24 -26.50 14.79
C ASP N 49 -2.85 -26.87 15.26
N MET N 50 -2.05 -25.84 15.55
CA MET N 50 -0.67 -26.02 15.99
C MET N 50 -0.40 -25.23 17.26
N GLY N 51 -1.43 -24.83 17.99
CA GLY N 51 -1.30 -23.97 19.14
C GLY N 51 -1.80 -22.57 18.84
N LEU N 52 -1.74 -21.71 19.86
CA LEU N 52 -2.17 -20.34 19.68
C LEU N 52 -1.05 -19.46 19.16
N GLU N 53 -1.43 -18.33 18.59
CA GLU N 53 -0.52 -17.27 18.20
C GLU N 53 -0.13 -16.44 19.41
N ALA N 54 0.81 -15.53 19.19
CA ALA N 54 1.22 -14.59 20.22
C ALA N 54 0.17 -13.50 20.38
N MET N 55 -0.15 -13.19 21.61
CA MET N 55 -1.21 -12.23 21.93
C MET N 55 -0.60 -10.88 22.26
N GLU N 56 -1.11 -9.83 21.64
CA GLU N 56 -0.78 -8.47 22.04
C GLU N 56 -2.06 -7.70 22.30
N ALA N 57 -2.13 -7.06 23.46
CA ALA N 57 -3.18 -6.12 23.78
C ALA N 57 -2.59 -4.72 23.73
N LYS N 58 -3.23 -3.84 23.00
CA LYS N 58 -2.74 -2.47 22.89
C LYS N 58 -3.82 -1.54 23.38
N PHE N 59 -3.38 -0.39 23.89
CA PHE N 59 -4.31 0.60 24.41
C PHE N 59 -3.63 1.95 24.36
N SER N 60 -4.44 2.99 24.36
CA SER N 60 -3.93 4.34 24.22
C SER N 60 -4.44 5.21 25.34
N THR N 61 -3.55 6.03 25.88
CA THR N 61 -3.93 7.16 26.72
C THR N 61 -3.50 8.43 25.99
N ASN N 62 -4.10 9.56 26.37
CA ASN N 62 -3.72 10.80 25.74
C ASN N 62 -3.49 11.93 26.72
N GLY N 63 -3.36 11.62 28.01
CA GLY N 63 -2.69 12.46 28.96
C GLY N 63 -1.29 11.96 29.24
N ALA N 64 -0.71 12.45 30.33
CA ALA N 64 0.66 12.05 30.66
C ALA N 64 0.69 10.65 31.25
N ARG N 65 0.05 10.46 32.40
CA ARG N 65 -0.31 9.17 32.98
C ARG N 65 0.92 8.30 33.24
N ARG N 66 1.68 8.75 34.25
CA ARG N 66 2.78 7.97 34.80
C ARG N 66 2.35 6.60 35.32
N GLU N 67 1.10 6.46 35.73
CA GLU N 67 0.59 5.18 36.23
C GLU N 67 0.52 4.10 35.16
N ALA N 68 0.71 4.45 33.89
CA ALA N 68 0.97 3.48 32.84
C ALA N 68 2.35 3.61 32.21
N LEU N 69 2.99 4.78 32.31
CA LEU N 69 4.34 4.94 31.78
C LEU N 69 5.38 4.20 32.62
N ASN N 70 5.13 4.03 33.91
CA ASN N 70 6.10 3.41 34.79
C ASN N 70 6.11 1.89 34.71
N PHE N 71 5.36 1.28 33.81
CA PHE N 71 5.39 -0.16 33.62
C PHE N 71 6.10 -0.59 32.35
N PHE N 72 6.65 0.35 31.59
CA PHE N 72 7.41 -0.01 30.41
C PHE N 72 8.75 -0.60 30.79
N GLY N 73 9.11 -1.71 30.14
CA GLY N 73 10.47 -2.18 30.10
C GLY N 73 11.06 -2.57 31.43
N LEU N 74 10.24 -3.11 32.32
CA LEU N 74 10.75 -3.57 33.60
C LEU N 74 11.54 -4.85 33.39
N ALA N 75 12.40 -5.16 34.36
CA ALA N 75 13.10 -6.43 34.34
C ALA N 75 12.13 -7.58 34.54
N ASP N 76 11.11 -7.36 35.34
CA ASP N 76 10.07 -8.36 35.58
C ASP N 76 9.11 -8.32 34.39
N GLN N 77 9.27 -9.25 33.46
CA GLN N 77 8.20 -9.47 32.50
C GLN N 77 7.02 -10.12 33.20
N SER N 78 5.85 -10.01 32.58
CA SER N 78 4.56 -10.44 33.15
C SER N 78 4.29 -9.78 34.51
N ALA N 79 4.73 -8.53 34.65
CA ALA N 79 4.43 -7.74 35.84
C ALA N 79 3.43 -6.63 35.59
N PHE N 80 3.27 -6.21 34.34
CA PHE N 80 2.13 -5.38 33.95
C PHE N 80 0.88 -6.22 34.14
N ASN N 81 0.13 -5.96 35.20
CA ASN N 81 -1.23 -6.48 35.22
C ASN N 81 -2.16 -5.43 34.64
N GLY N 82 -3.41 -5.82 34.43
CA GLY N 82 -4.31 -4.92 33.74
C GLY N 82 -5.66 -5.52 33.46
N VAL N 83 -6.71 -4.72 33.58
CA VAL N 83 -8.08 -5.17 33.41
C VAL N 83 -8.73 -4.30 32.35
N PHE N 84 -9.06 -4.88 31.21
CA PHE N 84 -9.82 -4.17 30.19
C PHE N 84 -11.28 -4.46 30.43
N ARG N 85 -12.09 -3.42 30.61
CA ARG N 85 -13.51 -3.60 30.85
C ARG N 85 -14.33 -2.94 29.76
N GLY N 86 -15.46 -3.55 29.45
CA GLY N 86 -16.40 -2.99 28.50
C GLY N 86 -17.80 -3.27 28.96
N SER N 87 -18.70 -2.35 28.62
CA SER N 87 -20.11 -2.48 28.94
C SER N 87 -20.86 -2.58 27.62
N PHE N 88 -21.43 -3.75 27.35
CA PHE N 88 -22.21 -3.94 26.12
C PHE N 88 -23.66 -3.70 26.47
N LYS N 89 -24.34 -2.85 25.70
CA LYS N 89 -25.57 -2.24 26.17
C LYS N 89 -26.79 -3.13 25.95
N GLY N 90 -27.12 -3.41 24.71
CA GLY N 90 -28.38 -4.12 24.48
C GLY N 90 -29.57 -3.18 24.37
N GLN N 91 -30.54 -3.57 23.55
CA GLN N 91 -31.65 -2.69 23.25
C GLN N 91 -32.62 -2.58 24.43
N LYS N 92 -32.86 -3.68 25.14
CA LYS N 92 -33.79 -3.66 26.25
C LYS N 92 -33.20 -3.03 27.51
N GLY N 93 -31.92 -2.68 27.51
CA GLY N 93 -31.31 -2.02 28.64
C GLY N 93 -30.53 -2.91 29.59
N ALA N 94 -30.30 -4.16 29.23
CA ALA N 94 -29.57 -5.09 30.09
C ALA N 94 -28.10 -5.03 29.72
N SER N 95 -27.34 -4.23 30.46
CA SER N 95 -25.93 -4.04 30.18
C SER N 95 -25.12 -5.26 30.65
N VAL N 96 -24.33 -5.81 29.73
CA VAL N 96 -23.56 -7.03 29.96
C VAL N 96 -22.09 -6.64 30.06
N PRO N 97 -21.42 -6.93 31.18
CA PRO N 97 -20.00 -6.58 31.29
C PRO N 97 -19.10 -7.57 30.55
N VAL N 98 -18.07 -7.04 29.90
CA VAL N 98 -17.04 -7.85 29.27
C VAL N 98 -15.72 -7.41 29.88
N VAL N 99 -15.16 -8.25 30.73
CA VAL N 99 -13.98 -7.90 31.52
C VAL N 99 -12.85 -8.85 31.18
N ALA N 100 -11.71 -8.29 30.78
CA ALA N 100 -10.57 -9.06 30.30
C ALA N 100 -9.36 -8.75 31.14
N THR N 101 -9.20 -9.48 32.24
CA THR N 101 -7.98 -9.38 33.02
C THR N 101 -6.82 -9.98 32.25
N LEU N 102 -5.70 -9.26 32.22
CA LEU N 102 -4.58 -9.72 31.43
C LEU N 102 -3.28 -9.29 32.09
N ARG N 103 -2.21 -9.95 31.70
CA ARG N 103 -0.93 -9.82 32.38
C ARG N 103 0.17 -10.03 31.35
N GLY N 104 1.22 -9.23 31.43
CA GLY N 104 2.28 -9.37 30.43
C GLY N 104 3.33 -8.30 30.54
N LEU N 105 3.97 -8.03 29.41
CA LEU N 105 5.05 -7.07 29.33
C LEU N 105 4.58 -5.90 28.49
N LEU N 106 4.61 -4.69 29.06
CA LEU N 106 4.33 -3.47 28.30
C LEU N 106 5.49 -3.24 27.34
N LYS N 107 5.31 -3.62 26.08
CA LYS N 107 6.44 -3.80 25.20
C LYS N 107 6.75 -2.59 24.31
N GLU N 108 5.80 -1.69 24.07
CA GLU N 108 6.17 -0.47 23.39
C GLU N 108 5.32 0.69 23.87
N VAL N 109 5.97 1.83 24.06
CA VAL N 109 5.32 3.09 24.33
C VAL N 109 5.56 3.98 23.13
N ASP N 110 4.48 4.43 22.50
CA ASP N 110 4.55 5.18 21.24
C ASP N 110 3.90 6.54 21.45
N PRO N 111 4.65 7.52 21.97
CA PRO N 111 4.17 8.91 21.89
C PRO N 111 4.24 9.36 20.43
N GLY N 112 3.10 9.72 19.88
CA GLY N 112 3.01 10.03 18.47
C GLY N 112 3.55 11.40 18.13
N ASP N 113 3.01 11.99 17.07
CA ASP N 113 3.38 13.34 16.72
C ASP N 113 2.78 14.32 17.72
N TRP N 114 3.56 15.33 18.07
CA TRP N 114 3.10 16.38 18.96
C TRP N 114 2.95 17.66 18.14
N LYS N 115 1.79 17.84 17.55
CA LYS N 115 1.44 19.13 16.99
C LYS N 115 0.72 19.95 18.05
N ALA N 116 0.73 21.26 17.88
CA ALA N 116 0.28 22.17 18.93
C ALA N 116 -1.22 22.06 19.17
N GLY N 117 -2.02 22.38 18.17
CA GLY N 117 -3.44 22.31 18.40
C GLY N 117 -4.06 20.94 18.38
N GLU N 118 -3.29 19.90 18.06
CA GLU N 118 -3.83 18.57 17.86
C GLU N 118 -3.67 17.74 19.13
N LYS N 119 -4.66 16.89 19.40
CA LYS N 119 -4.62 15.95 20.52
C LYS N 119 -3.50 14.95 20.36
N ALA N 120 -2.67 14.83 21.40
CA ALA N 120 -1.51 13.94 21.39
C ALA N 120 -1.84 12.66 22.13
N GLU N 121 -1.60 11.52 21.49
CA GLU N 121 -2.06 10.21 21.95
C GLU N 121 -0.86 9.29 22.17
N PHE N 122 -0.65 8.90 23.42
CA PHE N 122 0.35 7.87 23.75
C PHE N 122 -0.24 6.51 23.42
N LYS N 123 0.34 5.81 22.46
CA LYS N 123 -0.10 4.47 22.11
C LYS N 123 0.79 3.45 22.80
N TYR N 124 0.19 2.53 23.55
CA TYR N 124 0.91 1.50 24.26
C TYR N 124 0.58 0.15 23.65
N ALA N 125 1.38 -0.87 23.97
CA ALA N 125 1.09 -2.22 23.52
C ALA N 125 1.71 -3.18 24.53
N VAL N 126 0.96 -4.18 24.96
CA VAL N 126 1.49 -5.12 25.93
C VAL N 126 1.61 -6.47 25.26
N ALA N 127 2.54 -7.27 25.77
CA ALA N 127 2.80 -8.60 25.25
C ALA N 127 2.21 -9.60 26.23
N VAL N 128 1.06 -10.14 25.89
CA VAL N 128 0.17 -10.76 26.86
C VAL N 128 0.68 -12.13 27.26
N SER N 129 0.98 -12.30 28.55
CA SER N 129 1.47 -13.54 29.11
C SER N 129 0.40 -14.30 29.89
N TYR N 130 -0.76 -13.71 30.08
CA TYR N 130 -1.91 -14.35 30.71
C TYR N 130 -3.14 -13.59 30.27
N TYR N 131 -4.21 -14.31 29.96
CA TYR N 131 -5.39 -13.63 29.45
C TYR N 131 -6.63 -14.40 29.88
N LYS N 132 -7.52 -13.75 30.60
CA LYS N 132 -8.81 -14.32 30.96
C LYS N 132 -9.91 -13.35 30.55
N LEU N 133 -10.80 -13.82 29.70
CA LEU N 133 -11.95 -13.04 29.27
C LEU N 133 -13.21 -13.55 29.97
N GLU N 134 -13.87 -12.68 30.72
CA GLU N 134 -15.15 -12.99 31.32
C GLU N 134 -16.24 -12.17 30.65
N VAL N 135 -17.29 -12.83 30.21
CA VAL N 135 -18.45 -12.19 29.62
C VAL N 135 -19.65 -12.50 30.49
N ASP N 136 -20.33 -11.44 30.96
CA ASP N 136 -21.44 -11.51 31.92
C ASP N 136 -21.01 -12.23 33.19
N GLY N 137 -19.77 -11.98 33.61
CA GLY N 137 -19.22 -12.62 34.80
C GLY N 137 -18.99 -14.10 34.67
N ARG N 138 -18.83 -14.61 33.45
CA ARG N 138 -18.65 -16.03 33.22
C ARG N 138 -17.42 -16.22 32.35
N GLU N 139 -16.55 -17.15 32.76
CA GLU N 139 -15.26 -17.32 32.10
C GLU N 139 -15.45 -17.84 30.69
N VAL N 140 -15.03 -17.06 29.71
CA VAL N 140 -15.04 -17.51 28.33
C VAL N 140 -13.65 -18.02 28.01
N TYR N 141 -12.64 -17.19 28.12
CA TYR N 141 -11.29 -17.59 27.75
C TYR N 141 -10.41 -17.58 28.98
N GLU N 142 -9.42 -18.45 28.98
CA GLU N 142 -8.37 -18.40 29.99
C GLU N 142 -7.12 -19.00 29.36
N ILE N 143 -6.16 -18.14 29.02
CA ILE N 143 -4.98 -18.56 28.27
C ILE N 143 -3.76 -18.21 29.10
N ASP N 144 -3.02 -19.23 29.49
CA ASP N 144 -1.78 -19.09 30.23
C ASP N 144 -0.76 -19.95 29.52
N PRO N 145 0.14 -19.35 28.70
CA PRO N 145 1.09 -20.13 27.91
C PRO N 145 2.02 -20.99 28.74
N VAL N 146 2.84 -20.40 29.59
CA VAL N 146 3.53 -21.17 30.62
C VAL N 146 2.46 -21.65 31.60
N ASN N 147 2.61 -22.87 32.11
CA ASN N 147 1.52 -23.65 32.70
C ASN N 147 0.37 -23.76 31.70
N GLY N 148 0.63 -24.53 30.64
CA GLY N 148 -0.20 -24.50 29.44
C GLY N 148 -1.67 -24.81 29.63
N VAL N 149 -2.47 -23.75 29.62
CA VAL N 149 -3.90 -23.80 29.91
C VAL N 149 -4.60 -23.06 28.79
N ARG N 150 -5.58 -23.70 28.17
CA ARG N 150 -6.45 -23.05 27.19
C ARG N 150 -7.88 -23.47 27.52
N ALA N 151 -8.53 -22.72 28.39
CA ALA N 151 -9.89 -23.01 28.80
C ALA N 151 -10.87 -22.19 27.97
N ILE N 152 -11.95 -22.84 27.51
CA ILE N 152 -12.86 -22.23 26.54
C ILE N 152 -14.27 -22.11 27.10
N ASN N 153 -14.64 -22.96 28.05
CA ASN N 153 -15.86 -22.67 28.78
C ASN N 153 -15.68 -23.06 30.24
N GLY N 154 -14.49 -22.81 30.77
CA GLY N 154 -14.03 -23.50 31.96
C GLY N 154 -13.44 -24.86 31.68
N VAL N 155 -13.50 -25.33 30.43
CA VAL N 155 -13.02 -26.65 30.03
C VAL N 155 -11.62 -26.48 29.46
N ASP N 156 -10.63 -27.03 30.14
CA ASP N 156 -9.25 -26.92 29.70
C ASP N 156 -9.04 -27.83 28.49
N GLN N 157 -8.83 -27.22 27.32
CA GLN N 157 -8.63 -27.98 26.09
C GLN N 157 -7.29 -28.67 26.04
N LEU N 158 -6.33 -28.24 26.85
CA LEU N 158 -4.99 -28.80 26.81
C LEU N 158 -4.77 -29.88 27.85
N ALA N 159 -5.83 -30.49 28.37
CA ALA N 159 -5.65 -31.65 29.25
C ALA N 159 -5.16 -32.86 28.46
N GLY N 160 -5.42 -32.87 27.14
CA GLY N 160 -4.91 -33.95 26.31
C GLY N 160 -3.40 -33.92 26.18
N MET N 161 -2.84 -32.76 25.81
CA MET N 161 -1.40 -32.64 25.69
C MET N 161 -0.69 -32.61 27.04
N ARG N 162 -1.41 -32.30 28.12
CA ARG N 162 -0.77 -32.20 29.42
C ARG N 162 -0.36 -33.57 29.95
N ASN N 163 -1.22 -34.57 29.77
CA ASN N 163 -0.88 -35.92 30.17
C ASN N 163 0.09 -36.57 29.21
N ASP N 164 0.08 -36.17 27.94
CA ASP N 164 1.02 -36.71 26.98
C ASP N 164 2.44 -36.25 27.27
N LEU N 165 2.59 -34.99 27.65
CA LEU N 165 3.90 -34.45 27.94
C LEU N 165 4.34 -34.70 29.37
N GLY N 166 3.46 -35.23 30.21
CA GLY N 166 3.80 -35.43 31.61
C GLY N 166 3.95 -34.16 32.38
N LEU N 167 3.17 -33.14 32.07
CA LEU N 167 3.32 -31.82 32.65
C LEU N 167 2.73 -31.74 34.05
N MET O 1 -29.57 44.91 36.11
CA MET O 1 -28.74 45.69 35.20
C MET O 1 -29.54 46.75 34.47
N ILE O 2 -28.84 47.46 33.59
CA ILE O 2 -29.43 48.54 32.80
C ILE O 2 -29.43 48.06 31.35
N PRO O 3 -30.51 48.24 30.60
CA PRO O 3 -30.50 47.89 29.18
C PRO O 3 -29.52 48.77 28.40
N GLN O 4 -28.51 48.12 27.83
CA GLN O 4 -27.35 48.76 27.25
C GLN O 4 -27.16 48.23 25.84
N THR O 5 -26.84 49.13 24.90
CA THR O 5 -26.74 48.77 23.49
C THR O 5 -25.75 49.73 22.86
N LEU O 6 -24.97 49.22 21.90
CA LEU O 6 -24.15 50.06 21.03
C LEU O 6 -25.02 51.08 20.30
N THR O 7 -24.50 52.29 20.15
CA THR O 7 -25.13 53.28 19.30
C THR O 7 -24.21 53.83 18.23
N ASN O 8 -22.89 53.80 18.44
CA ASN O 8 -21.97 54.48 17.54
C ASN O 8 -20.65 53.73 17.52
N THR O 9 -20.00 53.77 16.36
CA THR O 9 -18.72 53.10 16.14
C THR O 9 -17.72 54.10 15.58
N ASN O 10 -16.45 53.74 15.64
CA ASN O 10 -15.40 54.54 15.02
C ASN O 10 -14.23 53.62 14.70
N LEU O 11 -13.33 54.11 13.87
CA LEU O 11 -12.17 53.36 13.44
C LEU O 11 -10.98 54.29 13.30
N PHE O 12 -9.85 53.89 13.87
CA PHE O 12 -8.55 54.53 13.70
C PHE O 12 -7.63 53.50 13.07
N ILE O 13 -7.10 53.77 11.88
CA ILE O 13 -6.21 52.80 11.27
C ILE O 13 -4.78 53.03 11.76
N ASP O 14 -4.18 54.15 11.39
CA ASP O 14 -2.82 54.42 11.81
C ASP O 14 -2.77 55.77 12.49
N GLY O 15 -3.71 55.95 13.41
CA GLY O 15 -3.96 57.23 14.02
C GLY O 15 -4.91 58.10 13.25
N VAL O 16 -5.10 57.84 11.96
CA VAL O 16 -6.05 58.61 11.16
C VAL O 16 -7.46 58.13 11.48
N SER O 17 -8.38 59.07 11.59
CA SER O 17 -9.75 58.75 11.97
C SER O 17 -10.60 58.48 10.74
N PHE O 18 -11.41 57.42 10.82
CA PHE O 18 -12.35 57.13 9.74
C PHE O 18 -13.74 57.57 10.13
N ALA O 19 -13.88 58.74 10.74
CA ALA O 19 -15.12 59.21 11.33
C ALA O 19 -16.15 59.68 10.31
N GLY O 20 -15.99 59.35 9.03
CA GLY O 20 -17.03 59.61 8.07
C GLY O 20 -17.46 58.40 7.28
N ASP O 21 -16.61 57.39 7.14
CA ASP O 21 -16.87 56.35 6.16
C ASP O 21 -16.54 54.94 6.62
N VAL O 22 -16.98 54.56 7.82
CA VAL O 22 -17.00 53.12 8.12
C VAL O 22 -18.39 52.69 8.56
N PRO O 23 -19.19 52.13 7.66
CA PRO O 23 -20.55 51.73 8.04
C PRO O 23 -20.61 50.51 8.94
N SER O 24 -19.67 49.57 8.83
CA SER O 24 -19.72 48.37 9.67
C SER O 24 -18.33 47.99 10.15
N LEU O 25 -18.25 47.57 11.41
CA LEU O 25 -17.06 47.01 12.01
C LEU O 25 -17.36 45.57 12.39
N THR O 26 -16.31 44.78 12.59
CA THR O 26 -16.48 43.45 13.17
C THR O 26 -15.23 43.12 13.97
N LEU O 27 -15.39 43.02 15.29
CA LEU O 27 -14.33 42.56 16.14
C LEU O 27 -14.04 41.08 15.85
N PRO O 28 -12.85 40.60 16.13
CA PRO O 28 -12.56 39.19 15.89
C PRO O 28 -13.33 38.28 16.82
N LYS O 29 -13.87 37.20 16.25
CA LYS O 29 -14.57 36.19 17.02
C LYS O 29 -13.56 35.37 17.80
N LEU O 30 -13.56 35.54 19.11
CA LEU O 30 -12.68 34.76 19.97
C LEU O 30 -13.33 33.41 20.20
N ALA O 31 -12.82 32.38 19.55
CA ALA O 31 -13.28 31.02 19.76
C ALA O 31 -12.12 30.21 20.27
N VAL O 32 -12.35 29.44 21.31
CA VAL O 32 -11.32 28.52 21.75
C VAL O 32 -11.46 27.26 20.90
N LYS O 33 -10.34 26.58 20.68
CA LYS O 33 -10.35 25.39 19.83
C LYS O 33 -10.65 24.20 20.73
N THR O 34 -11.93 23.84 20.80
CA THR O 34 -12.31 22.67 21.59
C THR O 34 -12.16 21.41 20.77
N GLU O 35 -11.76 20.34 21.45
CA GLU O 35 -11.91 18.99 20.94
C GLU O 35 -12.86 18.25 21.86
N GLN O 36 -13.91 17.67 21.29
CA GLN O 36 -14.89 16.94 22.08
C GLN O 36 -14.25 15.67 22.60
N TYR O 37 -14.10 15.59 23.92
CA TYR O 37 -13.28 14.55 24.54
C TYR O 37 -14.16 13.52 25.22
N ARG O 38 -14.33 12.38 24.57
CA ARG O 38 -15.03 11.22 25.10
C ARG O 38 -14.03 10.11 25.32
N ALA O 39 -14.02 9.53 26.51
CA ALA O 39 -13.01 8.55 26.85
C ALA O 39 -13.63 7.52 27.79
N GLY O 40 -12.79 6.85 28.57
CA GLY O 40 -13.25 5.72 29.36
C GLY O 40 -14.12 6.17 30.52
N GLY O 41 -15.15 5.38 30.79
CA GLY O 41 -15.98 5.63 31.95
C GLY O 41 -16.88 6.83 31.85
N MET O 42 -17.26 7.24 30.64
CA MET O 42 -18.12 8.41 30.49
C MET O 42 -18.92 8.35 29.21
N ASP O 43 -20.16 8.84 29.29
CA ASP O 43 -21.13 8.72 28.21
C ASP O 43 -21.19 9.95 27.30
N ALA O 44 -20.56 11.06 27.68
CA ALA O 44 -20.68 12.27 26.91
C ALA O 44 -19.32 12.93 26.80
N PRO O 45 -19.06 13.67 25.72
CA PRO O 45 -17.82 14.43 25.60
C PRO O 45 -17.78 15.60 26.58
N VAL O 46 -16.60 16.20 26.71
CA VAL O 46 -16.41 17.16 27.79
C VAL O 46 -15.69 18.42 27.32
N SER O 47 -15.14 18.42 26.10
CA SER O 47 -14.60 19.61 25.40
C SER O 47 -13.43 20.26 26.15
N ILE O 48 -12.28 19.57 26.10
CA ILE O 48 -11.02 20.15 26.53
C ILE O 48 -10.59 21.27 25.56
N ASP O 49 -9.93 22.30 26.09
CA ASP O 49 -9.38 23.36 25.26
C ASP O 49 -8.05 22.95 24.64
N MET O 50 -7.80 23.46 23.43
CA MET O 50 -6.57 23.16 22.69
C MET O 50 -5.89 24.43 22.22
N GLY O 51 -6.23 25.58 22.79
CA GLY O 51 -5.74 26.87 22.34
C GLY O 51 -6.84 27.65 21.65
N LEU O 52 -6.49 28.86 21.23
CA LEU O 52 -7.44 29.69 20.53
C LEU O 52 -7.47 29.41 19.04
N GLU O 53 -8.56 29.81 18.41
CA GLU O 53 -8.71 29.79 16.96
C GLU O 53 -8.01 31.00 16.36
N ALA O 54 -7.96 31.03 15.03
CA ALA O 54 -7.41 32.16 14.31
C ALA O 54 -8.42 33.30 14.30
N MET O 55 -7.94 34.50 14.56
CA MET O 55 -8.78 35.68 14.70
C MET O 55 -8.75 36.48 13.41
N GLU O 56 -9.93 36.84 12.90
CA GLU O 56 -10.02 37.79 11.81
C GLU O 56 -10.96 38.91 12.20
N ALA O 57 -10.51 40.15 12.04
CA ALA O 57 -11.35 41.32 12.18
C ALA O 57 -11.60 41.89 10.79
N LYS O 58 -12.86 42.10 10.47
CA LYS O 58 -13.20 42.63 9.17
C LYS O 58 -13.93 43.94 9.35
N PHE O 59 -13.82 44.80 8.36
CA PHE O 59 -14.46 46.11 8.42
C PHE O 59 -14.64 46.61 7.01
N SER O 60 -15.58 47.52 6.83
CA SER O 60 -15.92 48.01 5.52
C SER O 60 -15.87 49.52 5.49
N THR O 61 -15.31 50.05 4.42
CA THR O 61 -15.46 51.45 4.07
C THR O 61 -16.22 51.52 2.74
N ASN O 62 -16.80 52.67 2.45
CA ASN O 62 -17.51 52.79 1.18
C ASN O 62 -17.19 54.08 0.44
N GLY O 63 -16.13 54.77 0.84
CA GLY O 63 -15.43 55.70 -0.01
C GLY O 63 -14.18 55.08 -0.57
N ALA O 64 -13.30 55.93 -1.10
CA ALA O 64 -12.06 55.43 -1.70
C ALA O 64 -11.07 55.02 -0.63
N ARG O 65 -10.62 55.98 0.18
CA ARG O 65 -9.91 55.78 1.44
C ARG O 65 -8.61 55.00 1.26
N ARG O 66 -7.66 55.71 0.63
CA ARG O 66 -6.29 55.23 0.51
C ARG O 66 -5.63 54.97 1.86
N GLU O 67 -6.07 55.66 2.92
CA GLU O 67 -5.52 55.47 4.25
C GLU O 67 -5.81 54.09 4.84
N ALA O 68 -6.69 53.30 4.20
CA ALA O 68 -6.81 51.88 4.48
C ALA O 68 -6.43 50.99 3.31
N LEU O 69 -6.47 51.50 2.08
CA LEU O 69 -6.05 50.70 0.93
C LEU O 69 -4.55 50.49 0.90
N ASN O 70 -3.77 51.42 1.45
CA ASN O 70 -2.31 51.32 1.40
C ASN O 70 -1.72 50.38 2.42
N PHE O 71 -2.53 49.65 3.19
CA PHE O 71 -2.02 48.67 4.12
C PHE O 71 -2.24 47.24 3.67
N PHE O 72 -2.81 47.03 2.48
CA PHE O 72 -2.97 45.68 1.97
C PHE O 72 -1.63 45.11 1.54
N GLY O 73 -1.38 43.87 1.93
CA GLY O 73 -0.36 43.05 1.30
C GLY O 73 1.05 43.56 1.44
N LEU O 74 1.35 44.20 2.56
CA LEU O 74 2.70 44.65 2.79
C LEU O 74 3.61 43.46 3.09
N ALA O 75 4.91 43.66 2.91
CA ALA O 75 5.87 42.63 3.30
C ALA O 75 5.89 42.47 4.81
N ASP O 76 5.68 43.57 5.53
CA ASP O 76 5.62 43.55 6.98
C ASP O 76 4.22 43.08 7.39
N GLN O 77 4.09 41.80 7.73
CA GLN O 77 2.88 41.38 8.42
C GLN O 77 2.90 41.95 9.82
N SER O 78 1.71 42.01 10.44
CA SER O 78 1.48 42.65 11.74
C SER O 78 1.93 44.11 11.75
N ALA O 79 1.77 44.78 10.61
CA ALA O 79 2.04 46.21 10.51
C ALA O 79 0.79 47.05 10.38
N PHE O 80 -0.32 46.46 9.95
CA PHE O 80 -1.62 47.09 10.07
C PHE O 80 -1.92 47.20 11.56
N ASN O 81 -1.80 48.39 12.11
CA ASN O 81 -2.40 48.62 13.41
C ASN O 81 -3.81 49.17 13.21
N GLY O 82 -4.56 49.26 14.29
CA GLY O 82 -5.96 49.61 14.14
C GLY O 82 -6.73 49.57 15.44
N VAL O 83 -7.63 50.51 15.62
CA VAL O 83 -8.39 50.64 16.85
C VAL O 83 -9.87 50.63 16.47
N PHE O 84 -10.59 49.59 16.88
CA PHE O 84 -12.04 49.56 16.69
C PHE O 84 -12.67 50.12 17.97
N ARG O 85 -13.49 51.15 17.84
CA ARG O 85 -14.12 51.76 18.98
C ARG O 85 -15.63 51.66 18.88
N GLY O 86 -16.27 51.50 20.01
CA GLY O 86 -17.72 51.50 20.09
C GLY O 86 -18.17 52.19 21.34
N SER O 87 -19.34 52.81 21.24
CA SER O 87 -19.95 53.50 22.37
C SER O 87 -21.24 52.77 22.69
N PHE O 88 -21.29 52.10 23.84
CA PHE O 88 -22.50 51.41 24.26
C PHE O 88 -23.27 52.35 25.18
N LYS O 89 -24.55 52.53 24.89
CA LYS O 89 -25.26 53.70 25.42
C LYS O 89 -25.79 53.47 26.83
N GLY O 90 -26.70 52.54 27.00
CA GLY O 90 -27.33 52.44 28.32
C GLY O 90 -28.53 53.35 28.45
N GLN O 91 -29.51 52.89 29.23
CA GLN O 91 -30.78 53.62 29.33
C GLN O 91 -30.64 54.88 30.16
N LYS O 92 -29.85 54.84 31.23
CA LYS O 92 -29.70 56.00 32.08
C LYS O 92 -28.77 57.05 31.50
N GLY O 93 -28.12 56.78 30.37
CA GLY O 93 -27.28 57.76 29.71
C GLY O 93 -25.80 57.63 29.99
N ALA O 94 -25.36 56.56 30.63
CA ALA O 94 -23.95 56.36 30.95
C ALA O 94 -23.30 55.58 29.82
N SER O 95 -22.68 56.30 28.89
CA SER O 95 -22.06 55.66 27.73
C SER O 95 -20.75 55.00 28.11
N VAL O 96 -20.63 53.71 27.77
CA VAL O 96 -19.49 52.88 28.12
C VAL O 96 -18.67 52.62 26.86
N PRO O 97 -17.40 53.00 26.83
CA PRO O 97 -16.59 52.76 25.62
C PRO O 97 -16.11 51.32 25.54
N VAL O 98 -16.12 50.78 24.33
CA VAL O 98 -15.57 49.47 24.05
C VAL O 98 -14.53 49.65 22.97
N VAL O 99 -13.26 49.57 23.34
CA VAL O 99 -12.16 49.91 22.43
C VAL O 99 -11.29 48.68 22.25
N ALA O 100 -11.07 48.30 21.00
CA ALA O 100 -10.36 47.07 20.65
C ALA O 100 -9.18 47.41 19.76
N THR O 101 -8.05 47.71 20.38
CA THR O 101 -6.82 47.87 19.63
C THR O 101 -6.36 46.53 19.09
N LEU O 102 -5.99 46.51 17.82
CA LEU O 102 -5.62 45.26 17.20
C LEU O 102 -4.58 45.50 16.14
N ARG O 103 -3.88 44.43 15.78
CA ARG O 103 -2.70 44.51 14.94
C ARG O 103 -2.62 43.24 14.13
N GLY O 104 -2.24 43.36 12.85
CA GLY O 104 -2.19 42.17 12.02
C GLY O 104 -1.92 42.48 10.57
N LEU O 105 -2.39 41.58 9.71
CA LEU O 105 -2.17 41.69 8.28
C LEU O 105 -3.51 41.92 7.62
N LEU O 106 -3.62 43.02 6.89
CA LEU O 106 -4.82 43.29 6.07
C LEU O 106 -4.82 42.31 4.92
N LYS O 107 -5.62 41.26 5.05
CA LYS O 107 -5.44 40.08 4.21
C LYS O 107 -6.33 40.03 2.99
N GLU O 108 -7.46 40.73 2.97
CA GLU O 108 -8.20 40.82 1.72
C GLU O 108 -8.89 42.16 1.61
N VAL O 109 -8.85 42.72 0.40
CA VAL O 109 -9.60 43.90 0.02
C VAL O 109 -10.62 43.46 -1.00
N ASP O 110 -11.89 43.67 -0.70
CA ASP O 110 -13.00 43.17 -1.52
C ASP O 110 -13.83 44.36 -1.98
N PRO O 111 -13.45 45.03 -3.07
CA PRO O 111 -14.38 45.94 -3.72
C PRO O 111 -15.49 45.14 -4.38
N GLY O 112 -16.73 45.38 -3.95
CA GLY O 112 -17.84 44.58 -4.40
C GLY O 112 -18.31 44.94 -5.78
N ASP O 113 -19.59 44.71 -6.04
CA ASP O 113 -20.16 45.10 -7.31
C ASP O 113 -20.28 46.62 -7.37
N TRP O 114 -19.99 47.18 -8.54
CA TRP O 114 -20.13 48.60 -8.77
C TRP O 114 -21.30 48.82 -9.72
N LYS O 115 -22.48 48.93 -9.17
CA LYS O 115 -23.62 49.41 -9.93
C LYS O 115 -23.70 50.92 -9.78
N ALA O 116 -24.37 51.56 -10.74
CA ALA O 116 -24.33 53.01 -10.85
C ALA O 116 -25.06 53.68 -9.69
N GLY O 117 -26.35 53.45 -9.57
CA GLY O 117 -27.05 54.12 -8.49
C GLY O 117 -26.87 53.53 -7.11
N GLU O 118 -26.17 52.41 -6.98
CA GLU O 118 -26.08 51.69 -5.73
C GLU O 118 -24.78 52.06 -5.01
N LYS O 119 -24.87 52.13 -3.68
CA LYS O 119 -23.71 52.37 -2.82
C LYS O 119 -22.68 51.25 -2.93
N ALA O 120 -21.43 51.61 -3.20
CA ALA O 120 -20.35 50.66 -3.39
C ALA O 120 -19.51 50.57 -2.13
N GLU O 121 -19.31 49.35 -1.64
CA GLU O 121 -18.74 49.09 -0.31
C GLU O 121 -17.47 48.27 -0.46
N PHE O 122 -16.33 48.86 -0.08
CA PHE O 122 -15.07 48.13 0.01
C PHE O 122 -15.08 47.31 1.30
N LYS O 123 -15.06 45.99 1.19
CA LYS O 123 -15.01 45.13 2.35
C LYS O 123 -13.56 44.70 2.59
N TYR O 124 -13.06 44.92 3.79
CA TYR O 124 -11.71 44.56 4.15
C TYR O 124 -11.75 43.46 5.20
N ALA O 125 -10.61 42.81 5.42
CA ALA O 125 -10.51 41.80 6.47
C ALA O 125 -9.06 41.73 6.91
N VAL O 126 -8.82 41.75 8.22
CA VAL O 126 -7.46 41.70 8.70
C VAL O 126 -7.25 40.37 9.41
N ALA O 127 -6.00 39.94 9.45
CA ALA O 127 -5.62 38.68 10.07
C ALA O 127 -4.92 39.03 11.37
N VAL O 128 -5.64 38.90 12.48
CA VAL O 128 -5.28 39.58 13.72
C VAL O 128 -4.12 38.86 14.39
N SER O 129 -3.01 39.59 14.57
CA SER O 129 -1.81 39.09 15.22
C SER O 129 -1.63 39.62 16.63
N TYR O 130 -2.49 40.54 17.06
CA TYR O 130 -2.50 41.04 18.43
C TYR O 130 -3.87 41.63 18.66
N TYR O 131 -4.44 41.38 19.82
CA TYR O 131 -5.79 41.85 20.08
C TYR O 131 -5.95 42.17 21.55
N LYS O 132 -6.31 43.42 21.85
CA LYS O 132 -6.63 43.82 23.21
C LYS O 132 -7.97 44.50 23.22
N LEU O 133 -8.91 43.96 24.00
CA LEU O 133 -10.23 44.54 24.15
C LEU O 133 -10.32 45.21 25.51
N GLU O 134 -10.60 46.51 25.52
CA GLU O 134 -10.88 47.23 26.74
C GLU O 134 -12.33 47.63 26.78
N VAL O 135 -13.00 47.33 27.89
CA VAL O 135 -14.39 47.71 28.11
C VAL O 135 -14.42 48.61 29.33
N ASP O 136 -14.97 49.82 29.16
CA ASP O 136 -14.99 50.89 30.16
C ASP O 136 -13.58 51.22 30.64
N GLY O 137 -12.64 51.21 29.70
CA GLY O 137 -11.25 51.48 30.00
C GLY O 137 -10.56 50.45 30.84
N ARG O 138 -11.06 49.21 30.84
CA ARG O 138 -10.50 48.14 31.65
C ARG O 138 -10.23 46.95 30.76
N GLU O 139 -9.03 46.37 30.88
CA GLU O 139 -8.60 45.31 29.99
C GLU O 139 -9.44 44.06 30.20
N VAL O 140 -10.15 43.66 29.15
CA VAL O 140 -10.88 42.40 29.19
C VAL O 140 -10.01 41.35 28.53
N TYR O 141 -9.67 41.54 27.28
CA TYR O 141 -8.92 40.53 26.55
C TYR O 141 -7.56 41.10 26.19
N GLU O 142 -6.57 40.21 26.12
CA GLU O 142 -5.27 40.57 25.55
C GLU O 142 -4.67 39.32 24.98
N ILE O 143 -4.66 39.19 23.66
CA ILE O 143 -4.26 37.98 22.97
C ILE O 143 -3.10 38.32 22.07
N ASP O 144 -1.94 37.73 22.34
CA ASP O 144 -0.75 37.89 21.53
C ASP O 144 -0.23 36.48 21.28
N PRO O 145 -0.47 35.91 20.08
CA PRO O 145 -0.07 34.52 19.81
C PRO O 145 1.43 34.27 19.93
N VAL O 146 2.25 34.92 19.12
CA VAL O 146 3.67 34.95 19.40
C VAL O 146 3.87 35.78 20.66
N ASN O 147 4.82 35.39 21.51
CA ASN O 147 4.86 35.77 22.93
C ASN O 147 3.54 35.41 23.60
N GLY O 148 3.30 34.10 23.73
CA GLY O 148 2.00 33.57 24.04
C GLY O 148 1.34 34.06 25.31
N VAL O 149 0.40 34.99 25.13
CA VAL O 149 -0.29 35.69 26.20
C VAL O 149 -1.78 35.57 25.94
N ARG O 150 -2.52 35.12 26.95
CA ARG O 150 -3.98 35.13 26.89
C ARG O 150 -4.48 35.66 28.23
N ALA O 151 -4.61 36.97 28.34
CA ALA O 151 -5.07 37.61 29.56
C ALA O 151 -6.57 37.86 29.51
N ILE O 152 -7.27 37.55 30.61
CA ILE O 152 -8.73 37.54 30.61
C ILE O 152 -9.28 38.55 31.61
N ASN O 153 -8.53 38.87 32.66
CA ASN O 153 -8.92 40.02 33.45
C ASN O 153 -7.68 40.78 33.88
N GLY O 154 -6.69 40.86 33.00
CA GLY O 154 -5.33 41.14 33.40
C GLY O 154 -4.57 39.93 33.89
N VAL O 155 -5.24 38.79 34.00
CA VAL O 155 -4.66 37.55 34.49
C VAL O 155 -4.24 36.71 33.30
N ASP O 156 -2.93 36.51 33.14
CA ASP O 156 -2.42 35.73 32.02
C ASP O 156 -2.72 34.26 32.26
N GLN O 157 -3.61 33.69 31.45
CA GLN O 157 -3.99 32.29 31.60
C GLN O 157 -2.90 31.34 31.14
N LEU O 158 -1.95 31.81 30.35
CA LEU O 158 -0.92 30.96 29.80
C LEU O 158 0.36 31.00 30.61
N ALA O 159 0.32 31.42 31.88
CA ALA O 159 1.49 31.29 32.73
C ALA O 159 1.79 29.84 33.08
N GLY O 160 0.76 28.99 32.99
CA GLY O 160 0.98 27.57 33.22
C GLY O 160 1.82 26.93 32.13
N MET O 161 1.43 27.13 30.87
CA MET O 161 2.20 26.57 29.77
C MET O 161 3.51 27.29 29.54
N ARG O 162 3.65 28.52 30.03
CA ARG O 162 4.87 29.28 29.78
C ARG O 162 6.05 28.70 30.57
N ASN O 163 5.81 28.32 31.81
CA ASN O 163 6.86 27.69 32.60
C ASN O 163 7.10 26.25 32.18
N ASP O 164 6.08 25.58 31.65
CA ASP O 164 6.26 24.20 31.19
C ASP O 164 7.13 24.16 29.95
N LEU O 165 6.95 25.11 29.04
CA LEU O 165 7.72 25.14 27.82
C LEU O 165 9.04 25.86 27.98
N GLY O 166 9.28 26.49 29.13
CA GLY O 166 10.50 27.25 29.32
C GLY O 166 10.57 28.50 28.49
N LEU O 167 9.45 29.15 28.26
CA LEU O 167 9.38 30.29 27.36
C LEU O 167 9.91 31.56 27.99
N MET P 1 -13.31 62.87 8.29
CA MET P 1 -13.43 62.68 6.85
C MET P 1 -14.76 63.17 6.31
N ILE P 2 -14.94 62.99 5.01
CA ILE P 2 -16.15 63.42 4.30
C ILE P 2 -16.86 62.15 3.87
N PRO P 3 -18.18 62.05 4.04
CA PRO P 3 -18.92 60.89 3.54
C PRO P 3 -18.87 60.82 2.03
N GLN P 4 -18.27 59.75 1.52
CA GLN P 4 -17.90 59.59 0.13
C GLN P 4 -18.44 58.26 -0.37
N THR P 5 -18.99 58.25 -1.58
CA THR P 5 -19.65 57.08 -2.13
C THR P 5 -19.53 57.16 -3.64
N LEU P 6 -19.36 55.99 -4.28
CA LEU P 6 -19.49 55.87 -5.73
C LEU P 6 -20.84 56.36 -6.19
N THR P 7 -20.87 57.06 -7.33
CA THR P 7 -22.12 57.38 -7.98
C THR P 7 -22.19 56.90 -9.42
N ASN P 8 -21.06 56.71 -10.10
CA ASN P 8 -21.07 56.42 -11.52
C ASN P 8 -19.88 55.56 -11.88
N THR P 9 -20.07 54.70 -12.87
CA THR P 9 -19.06 53.77 -13.34
C THR P 9 -18.89 53.94 -14.85
N ASN P 10 -17.79 53.42 -15.37
CA ASN P 10 -17.58 53.36 -16.81
C ASN P 10 -16.63 52.23 -17.12
N LEU P 11 -16.57 51.84 -18.38
CA LEU P 11 -15.72 50.76 -18.84
C LEU P 11 -15.16 51.08 -20.21
N PHE P 12 -13.85 50.88 -20.35
CA PHE P 12 -13.15 50.95 -21.62
C PHE P 12 -12.53 49.58 -21.86
N ILE P 13 -12.91 48.92 -22.95
CA ILE P 13 -12.32 47.61 -23.20
C ILE P 13 -11.01 47.75 -23.96
N ASP P 14 -11.08 48.22 -25.20
CA ASP P 14 -9.86 48.37 -25.98
C ASP P 14 -9.79 49.78 -26.49
N GLY P 15 -10.01 50.71 -25.59
CA GLY P 15 -10.19 52.10 -25.92
C GLY P 15 -11.61 52.48 -26.26
N VAL P 16 -12.44 51.51 -26.63
CA VAL P 16 -13.84 51.78 -26.93
C VAL P 16 -14.59 51.96 -25.62
N SER P 17 -15.49 52.93 -25.59
CA SER P 17 -16.21 53.25 -24.37
C SER P 17 -17.51 52.47 -24.29
N PHE P 18 -17.80 51.92 -23.12
CA PHE P 18 -19.07 51.24 -22.90
C PHE P 18 -20.03 52.13 -22.13
N ALA P 19 -20.08 53.41 -22.47
CA ALA P 19 -20.80 54.42 -21.71
C ALA P 19 -22.32 54.36 -21.89
N GLY P 20 -22.86 53.27 -22.42
CA GLY P 20 -24.29 53.08 -22.43
C GLY P 20 -24.76 51.79 -21.82
N ASP P 21 -23.92 50.76 -21.78
CA ASP P 21 -24.41 49.42 -21.47
C ASP P 21 -23.51 48.61 -20.57
N VAL P 22 -23.03 49.18 -19.46
CA VAL P 22 -22.47 48.32 -18.42
C VAL P 22 -23.17 48.59 -17.09
N PRO P 23 -24.16 47.79 -16.71
CA PRO P 23 -24.85 48.05 -15.44
C PRO P 23 -24.03 47.73 -14.20
N SER P 24 -23.13 46.75 -14.24
CA SER P 24 -22.35 46.41 -13.07
C SER P 24 -20.90 46.11 -13.42
N LEU P 25 -19.99 46.59 -12.59
CA LEU P 25 -18.58 46.28 -12.66
C LEU P 25 -18.20 45.52 -11.40
N THR P 26 -17.07 44.82 -11.45
CA THR P 26 -16.49 44.25 -10.23
C THR P 26 -14.98 44.22 -10.39
N LEU P 27 -14.30 45.02 -9.56
CA LEU P 27 -12.86 44.98 -9.50
C LEU P 27 -12.42 43.64 -8.92
N PRO P 28 -11.21 43.20 -9.21
CA PRO P 28 -10.75 41.93 -8.63
C PRO P 28 -10.54 42.03 -7.13
N LYS P 29 -11.00 40.99 -6.43
CA LYS P 29 -10.81 40.89 -4.98
C LYS P 29 -9.36 40.55 -4.70
N LEU P 30 -8.63 41.51 -4.15
CA LEU P 30 -7.25 41.26 -3.77
C LEU P 30 -7.24 40.57 -2.43
N ALA P 31 -6.95 39.28 -2.43
CA ALA P 31 -6.82 38.51 -1.21
C ALA P 31 -5.41 37.97 -1.15
N VAL P 32 -4.76 38.12 -0.02
CA VAL P 32 -3.47 37.48 0.15
C VAL P 32 -3.74 36.04 0.58
N LYS P 33 -2.83 35.14 0.22
CA LYS P 33 -3.01 33.74 0.52
C LYS P 33 -2.40 33.48 1.89
N THR P 34 -3.22 33.56 2.93
CA THR P 34 -2.74 33.29 4.27
C THR P 34 -2.77 31.80 4.55
N GLU P 35 -1.77 31.35 5.31
CA GLU P 35 -1.82 30.06 5.98
C GLU P 35 -1.80 30.32 7.47
N GLN P 36 -2.78 29.76 8.18
CA GLN P 36 -2.87 29.96 9.62
C GLN P 36 -1.72 29.21 10.28
N TYR P 37 -0.81 29.94 10.90
CA TYR P 37 0.46 29.38 11.35
C TYR P 37 0.47 29.25 12.87
N ARG P 38 0.27 28.03 13.35
CA ARG P 38 0.36 27.68 14.75
C ARG P 38 1.56 26.76 14.94
N ALA P 39 2.41 27.08 15.88
CA ALA P 39 3.66 26.35 16.06
C ALA P 39 4.02 26.33 17.53
N GLY P 40 5.29 26.12 17.82
CA GLY P 40 5.71 25.91 19.19
C GLY P 40 5.63 27.16 20.03
N GLY P 41 5.21 26.99 21.27
CA GLY P 41 5.18 28.10 22.20
C GLY P 41 4.12 29.14 21.96
N MET P 42 3.00 28.76 21.34
CA MET P 42 1.95 29.72 21.05
C MET P 42 0.60 29.04 20.95
N ASP P 43 -0.43 29.74 21.43
CA ASP P 43 -1.78 29.19 21.55
C ASP P 43 -2.69 29.55 20.38
N ALA P 44 -2.29 30.44 19.51
CA ALA P 44 -3.16 30.90 18.44
C ALA P 44 -2.37 31.00 17.15
N PRO P 45 -3.01 30.80 16.00
CA PRO P 45 -2.33 31.00 14.72
C PRO P 45 -2.05 32.47 14.46
N VAL P 46 -1.24 32.73 13.43
CA VAL P 46 -0.71 34.08 13.27
C VAL P 46 -0.77 34.56 11.81
N SER P 47 -1.08 33.65 10.88
CA SER P 47 -1.40 33.96 9.47
C SER P 47 -0.24 34.64 8.72
N ILE P 48 0.78 33.84 8.43
CA ILE P 48 1.84 34.26 7.52
C ILE P 48 1.30 34.37 6.09
N ASP P 49 1.83 35.32 5.31
CA ASP P 49 1.47 35.44 3.90
C ASP P 49 2.22 34.45 3.03
N MET P 50 1.57 34.00 1.96
CA MET P 50 2.15 33.03 1.05
C MET P 50 2.04 33.51 -0.40
N GLY P 51 1.82 34.80 -0.61
CA GLY P 51 1.58 35.34 -1.93
C GLY P 51 0.12 35.74 -2.10
N LEU P 52 -0.19 36.28 -3.27
CA LEU P 52 -1.56 36.69 -3.55
C LEU P 52 -2.39 35.53 -4.10
N GLU P 53 -3.70 35.68 -3.99
CA GLU P 53 -4.65 34.79 -4.62
C GLU P 53 -4.80 35.13 -6.10
N ALA P 54 -5.56 34.30 -6.80
CA ALA P 54 -5.87 34.56 -8.20
C ALA P 54 -6.95 35.62 -8.30
N MET P 55 -6.75 36.57 -9.21
CA MET P 55 -7.63 37.72 -9.35
C MET P 55 -8.59 37.48 -10.51
N GLU P 56 -9.88 37.69 -10.27
CA GLU P 56 -10.86 37.72 -11.34
C GLU P 56 -11.64 39.02 -11.26
N ALA P 57 -11.73 39.72 -12.39
CA ALA P 57 -12.60 40.87 -12.54
C ALA P 57 -13.76 40.47 -13.41
N LYS P 58 -14.97 40.71 -12.95
CA LYS P 58 -16.14 40.35 -13.73
C LYS P 58 -16.94 41.61 -13.99
N PHE P 59 -17.67 41.60 -15.10
CA PHE P 59 -18.48 42.74 -15.48
C PHE P 59 -19.59 42.25 -16.39
N SER P 60 -20.65 43.04 -16.46
CA SER P 60 -21.82 42.64 -17.22
C SER P 60 -22.20 43.72 -18.20
N THR P 61 -22.55 43.31 -19.41
CA THR P 61 -23.26 44.15 -20.36
C THR P 61 -24.61 43.54 -20.59
N ASN P 62 -25.56 44.34 -21.10
CA ASN P 62 -26.87 43.79 -21.37
C ASN P 62 -27.42 44.20 -22.73
N GLY P 63 -26.56 44.72 -23.61
CA GLY P 63 -26.79 44.71 -25.03
C GLY P 63 -25.99 43.60 -25.70
N ALA P 64 -25.87 43.69 -27.01
CA ALA P 64 -25.14 42.66 -27.76
C ALA P 64 -23.65 42.80 -27.57
N ARG P 65 -23.09 43.93 -28.04
CA ARG P 65 -21.74 44.42 -27.70
C ARG P 65 -20.66 43.43 -28.11
N ARG P 66 -20.49 43.34 -29.44
CA ARG P 66 -19.39 42.59 -30.03
C ARG P 66 -18.03 43.10 -29.59
N GLU P 67 -17.92 44.39 -29.23
CA GLU P 67 -16.66 44.96 -28.76
C GLU P 67 -16.17 44.38 -27.45
N ALA P 68 -17.00 43.61 -26.74
CA ALA P 68 -16.54 42.76 -25.66
C ALA P 68 -16.70 41.28 -25.92
N LEU P 69 -17.59 40.88 -26.83
CA LEU P 69 -17.74 39.46 -27.18
C LEU P 69 -16.55 38.95 -27.97
N ASN P 70 -15.88 39.80 -28.74
CA ASN P 70 -14.79 39.36 -29.59
C ASN P 70 -13.47 39.18 -28.85
N PHE P 71 -13.45 39.31 -27.52
CA PHE P 71 -12.24 39.06 -26.75
C PHE P 71 -12.30 37.77 -25.97
N PHE P 72 -13.36 36.99 -26.08
CA PHE P 72 -13.42 35.71 -25.42
C PHE P 72 -12.51 34.70 -26.10
N GLY P 73 -11.75 33.98 -25.28
CA GLY P 73 -11.12 32.74 -25.71
C GLY P 73 -10.11 32.88 -26.81
N LEU P 74 -9.39 34.00 -26.83
CA LEU P 74 -8.34 34.17 -27.82
C LEU P 74 -7.16 33.27 -27.48
N ALA P 75 -6.33 33.01 -28.49
CA ALA P 75 -5.09 32.28 -28.24
C ALA P 75 -4.14 33.10 -27.39
N ASP P 76 -4.16 34.42 -27.58
CA ASP P 76 -3.35 35.34 -26.80
C ASP P 76 -4.04 35.57 -25.47
N GLN P 77 -3.60 34.87 -24.43
CA GLN P 77 -4.00 35.27 -23.08
C GLN P 77 -3.32 36.58 -22.74
N SER P 78 -3.87 37.29 -21.75
CA SER P 78 -3.46 38.65 -21.36
C SER P 78 -3.50 39.62 -22.53
N ALA P 79 -4.47 39.44 -23.42
CA ALA P 79 -4.72 40.36 -24.52
C ALA P 79 -5.98 41.18 -24.34
N PHE P 80 -6.91 40.72 -23.52
CA PHE P 80 -8.01 41.58 -23.05
C PHE P 80 -7.38 42.66 -22.20
N ASN P 81 -7.29 43.88 -22.73
CA ASN P 81 -7.04 44.99 -21.86
C ASN P 81 -8.37 45.59 -21.44
N GLY P 82 -8.33 46.52 -20.50
CA GLY P 82 -9.57 47.01 -19.94
C GLY P 82 -9.38 47.98 -18.80
N VAL P 83 -10.22 49.00 -18.74
CA VAL P 83 -10.11 50.05 -17.74
C VAL P 83 -11.45 50.14 -17.03
N PHE P 84 -11.49 49.80 -15.75
CA PHE P 84 -12.69 49.98 -14.94
C PHE P 84 -12.57 51.34 -14.27
N ARG P 85 -13.54 52.21 -14.48
CA ARG P 85 -13.52 53.53 -13.88
C ARG P 85 -14.71 53.73 -12.97
N GLY P 86 -14.47 54.50 -11.91
CA GLY P 86 -15.53 54.86 -11.00
C GLY P 86 -15.33 56.27 -10.52
N SER P 87 -16.43 56.94 -10.25
CA SER P 87 -16.42 58.30 -9.73
C SER P 87 -17.01 58.27 -8.34
N PHE P 88 -16.20 58.52 -7.32
CA PHE P 88 -16.68 58.54 -5.95
C PHE P 88 -16.98 59.99 -5.60
N LYS P 89 -18.18 60.24 -5.07
CA LYS P 89 -18.72 61.60 -5.10
C LYS P 89 -18.23 62.45 -3.94
N GLY P 90 -18.57 62.08 -2.72
CA GLY P 90 -18.25 62.97 -1.62
C GLY P 90 -19.32 64.01 -1.39
N GLN P 91 -19.48 64.39 -0.12
CA GLN P 91 -20.59 65.27 0.26
C GLN P 91 -20.33 66.70 -0.20
N LYS P 92 -19.09 67.17 -0.12
CA LYS P 92 -18.79 68.54 -0.51
C LYS P 92 -18.70 68.73 -2.01
N GLY P 93 -18.81 67.67 -2.80
CA GLY P 93 -18.81 67.79 -4.24
C GLY P 93 -17.49 67.53 -4.92
N ALA P 94 -16.49 67.04 -4.20
CA ALA P 94 -15.17 66.77 -4.78
C ALA P 94 -15.14 65.33 -5.25
N SER P 95 -15.41 65.12 -6.53
CA SER P 95 -15.46 63.78 -7.10
C SER P 95 -14.05 63.23 -7.29
N VAL P 96 -13.82 62.04 -6.76
CA VAL P 96 -12.51 61.39 -6.75
C VAL P 96 -12.56 60.21 -7.72
N PRO P 97 -11.72 60.18 -8.75
CA PRO P 97 -11.76 59.05 -9.68
C PRO P 97 -11.04 57.82 -9.13
N VAL P 98 -11.61 56.66 -9.40
CA VAL P 98 -11.00 55.39 -9.06
C VAL P 98 -10.91 54.60 -10.36
N VAL P 99 -9.70 54.48 -10.89
CA VAL P 99 -9.49 53.91 -12.21
C VAL P 99 -8.60 52.68 -12.08
N ALA P 100 -9.07 51.55 -12.60
CA ALA P 100 -8.41 50.27 -12.44
C ALA P 100 -8.12 49.68 -13.81
N THR P 101 -6.98 50.04 -14.38
CA THR P 101 -6.53 49.40 -15.59
C THR P 101 -6.14 47.96 -15.31
N LEU P 102 -6.60 47.05 -16.17
CA LEU P 102 -6.34 45.65 -15.92
C LEU P 102 -6.24 44.92 -17.25
N ARG P 103 -5.64 43.74 -17.18
CA ARG P 103 -5.25 43.01 -18.36
C ARG P 103 -5.32 41.52 -18.04
N GLY P 104 -5.83 40.73 -18.98
CA GLY P 104 -5.95 39.31 -18.69
C GLY P 104 -6.68 38.55 -19.78
N LEU P 105 -7.30 37.46 -19.37
CA LEU P 105 -8.01 36.57 -20.28
C LEU P 105 -9.49 36.64 -19.94
N LEU P 106 -10.31 37.01 -20.93
CA LEU P 106 -11.76 36.97 -20.77
C LEU P 106 -12.18 35.51 -20.73
N LYS P 107 -12.43 34.99 -19.53
CA LYS P 107 -12.46 33.56 -19.34
C LYS P 107 -13.86 32.95 -19.38
N GLU P 108 -14.92 33.71 -19.14
CA GLU P 108 -16.24 33.15 -19.37
C GLU P 108 -17.20 34.23 -19.83
N VAL P 109 -18.02 33.87 -20.81
CA VAL P 109 -19.14 34.67 -21.27
C VAL P 109 -20.40 33.93 -20.88
N ASP P 110 -21.25 34.57 -20.09
CA ASP P 110 -22.44 33.94 -19.52
C ASP P 110 -23.66 34.71 -19.98
N PRO P 111 -24.19 34.43 -21.17
CA PRO P 111 -25.54 34.91 -21.50
C PRO P 111 -26.55 34.15 -20.66
N GLY P 112 -27.29 34.88 -19.85
CA GLY P 112 -28.20 34.26 -18.89
C GLY P 112 -29.46 33.75 -19.53
N ASP P 113 -30.53 33.71 -18.73
CA ASP P 113 -31.82 33.33 -19.26
C ASP P 113 -32.35 34.45 -20.16
N TRP P 114 -32.97 34.05 -21.26
CA TRP P 114 -33.60 34.99 -22.18
C TRP P 114 -35.12 34.80 -22.07
N LYS P 115 -35.72 35.52 -21.15
CA LYS P 115 -37.16 35.65 -21.14
C LYS P 115 -37.56 36.87 -21.95
N ALA P 116 -38.80 36.89 -22.41
CA ALA P 116 -39.22 37.89 -23.39
C ALA P 116 -39.27 39.28 -22.78
N GLY P 117 -40.12 39.48 -21.79
CA GLY P 117 -40.19 40.82 -21.24
C GLY P 117 -39.09 41.22 -20.29
N GLU P 118 -38.17 40.31 -19.97
CA GLU P 118 -37.16 40.55 -18.96
C GLU P 118 -35.86 40.99 -19.60
N LYS P 119 -35.16 41.90 -18.94
CA LYS P 119 -33.84 42.36 -19.36
C LYS P 119 -32.82 41.22 -19.35
N ALA P 120 -32.13 41.03 -20.46
CA ALA P 120 -31.15 39.96 -20.62
C ALA P 120 -29.75 40.51 -20.44
N GLU P 121 -28.97 39.87 -19.56
CA GLU P 121 -27.70 40.39 -19.09
C GLU P 121 -26.58 39.41 -19.42
N PHE P 122 -25.66 39.82 -20.28
CA PHE P 122 -24.45 39.05 -20.56
C PHE P 122 -23.48 39.26 -19.41
N LYS P 123 -23.17 38.21 -18.66
CA LYS P 123 -22.21 38.29 -17.58
C LYS P 123 -20.85 37.80 -18.07
N TYR P 124 -19.82 38.62 -17.91
CA TYR P 124 -18.48 38.26 -18.34
C TYR P 124 -17.60 38.12 -17.10
N ALA P 125 -16.42 37.51 -17.28
CA ALA P 125 -15.45 37.42 -16.20
C ALA P 125 -14.08 37.32 -16.82
N VAL P 126 -13.13 38.09 -16.31
CA VAL P 126 -11.79 38.06 -16.88
C VAL P 126 -10.85 37.48 -15.82
N ALA P 127 -9.77 36.90 -16.29
CA ALA P 127 -8.77 36.28 -15.43
C ALA P 127 -7.56 37.19 -15.42
N VAL P 128 -7.42 37.97 -14.36
CA VAL P 128 -6.60 39.17 -14.37
C VAL P 128 -5.12 38.81 -14.31
N SER P 129 -4.38 39.21 -15.32
CA SER P 129 -2.95 38.98 -15.43
C SER P 129 -2.12 40.21 -15.15
N TYR P 130 -2.76 41.36 -14.98
CA TYR P 130 -2.10 42.60 -14.60
C TYR P 130 -3.17 43.50 -14.01
N TYR P 131 -2.84 44.18 -12.93
CA TYR P 131 -3.85 45.00 -12.28
C TYR P 131 -3.19 46.21 -11.65
N LYS P 132 -3.62 47.41 -12.05
CA LYS P 132 -3.17 48.64 -11.43
C LYS P 132 -4.38 49.45 -11.02
N LEU P 133 -4.49 49.75 -9.73
CA LEU P 133 -5.56 50.58 -9.20
C LEU P 133 -5.01 51.96 -8.88
N GLU P 134 -5.56 52.99 -9.51
CA GLU P 134 -5.24 54.37 -9.19
C GLU P 134 -6.45 55.02 -8.52
N VAL P 135 -6.21 55.65 -7.38
CA VAL P 135 -7.24 56.39 -6.67
C VAL P 135 -6.78 57.84 -6.58
N ASP P 136 -7.63 58.74 -7.08
CA ASP P 136 -7.35 60.18 -7.23
C ASP P 136 -6.08 60.40 -8.06
N GLY P 137 -5.92 59.58 -9.10
CA GLY P 137 -4.76 59.66 -9.95
C GLY P 137 -3.46 59.26 -9.30
N ARG P 138 -3.50 58.46 -8.24
CA ARG P 138 -2.31 58.07 -7.52
C ARG P 138 -2.30 56.56 -7.39
N GLU P 139 -1.17 55.93 -7.70
CA GLU P 139 -1.07 54.48 -7.76
C GLU P 139 -1.25 53.89 -6.37
N VAL P 140 -2.30 53.09 -6.21
CA VAL P 140 -2.50 52.36 -4.97
C VAL P 140 -1.94 50.96 -5.18
N TYR P 141 -2.48 50.22 -6.13
CA TYR P 141 -2.05 48.85 -6.33
C TYR P 141 -1.39 48.72 -7.69
N GLU P 142 -0.44 47.79 -7.78
CA GLU P 142 0.11 47.41 -9.07
C GLU P 142 0.58 45.97 -8.95
N ILE P 143 -0.17 45.05 -9.54
CA ILE P 143 0.07 43.62 -9.37
C ILE P 143 0.32 43.03 -10.75
N ASP P 144 1.53 42.51 -10.94
CA ASP P 144 1.91 41.83 -12.17
C ASP P 144 2.54 40.52 -11.74
N PRO P 145 1.81 39.40 -11.84
CA PRO P 145 2.32 38.10 -11.37
C PRO P 145 3.60 37.65 -12.05
N VAL P 146 3.57 37.43 -13.36
CA VAL P 146 4.81 37.30 -14.11
C VAL P 146 5.47 38.68 -14.11
N ASN P 147 6.81 38.71 -14.01
CA ASN P 147 7.58 39.88 -13.56
C ASN P 147 7.06 40.34 -12.20
N GLY P 148 7.31 39.51 -11.20
CA GLY P 148 6.66 39.61 -9.91
C GLY P 148 6.77 40.94 -9.19
N VAL P 149 5.69 41.71 -9.27
CA VAL P 149 5.61 43.07 -8.77
C VAL P 149 4.35 43.17 -7.91
N ARG P 150 4.50 43.63 -6.67
CA ARG P 150 3.36 43.94 -5.82
C ARG P 150 3.64 45.30 -5.18
N ALA P 151 3.24 46.36 -5.85
CA ALA P 151 3.44 47.71 -5.36
C ALA P 151 2.20 48.20 -4.62
N ILE P 152 2.40 48.83 -3.46
CA ILE P 152 1.29 49.17 -2.57
C ILE P 152 1.19 50.67 -2.35
N ASN P 153 2.29 51.39 -2.50
CA ASN P 153 2.15 52.84 -2.58
C ASN P 153 3.15 53.39 -3.57
N GLY P 154 3.35 52.66 -4.67
CA GLY P 154 4.54 52.82 -5.46
C GLY P 154 5.74 52.06 -4.93
N VAL P 155 5.61 51.43 -3.76
CA VAL P 155 6.68 50.70 -3.10
C VAL P 155 6.52 49.23 -3.43
N ASP P 156 7.46 48.68 -4.18
CA ASP P 156 7.41 47.28 -4.57
C ASP P 156 7.73 46.41 -3.36
N GLN P 157 6.72 45.68 -2.88
CA GLN P 157 6.90 44.83 -1.71
C GLN P 157 7.71 43.59 -2.02
N LEU P 158 7.84 43.21 -3.29
CA LEU P 158 8.54 42.00 -3.65
C LEU P 158 9.98 42.25 -4.05
N ALA P 159 10.58 43.37 -3.64
CA ALA P 159 12.01 43.55 -3.86
C ALA P 159 12.82 42.63 -2.97
N GLY P 160 12.23 42.18 -1.86
CA GLY P 160 12.91 41.23 -1.00
C GLY P 160 13.08 39.87 -1.65
N MET P 161 11.99 39.31 -2.18
CA MET P 161 12.08 38.02 -2.85
C MET P 161 12.74 38.11 -4.21
N ARG P 162 12.81 39.30 -4.81
CA ARG P 162 13.38 39.42 -6.14
C ARG P 162 14.89 39.23 -6.10
N ASN P 163 15.56 39.78 -5.10
CA ASN P 163 16.99 39.58 -4.96
C ASN P 163 17.31 38.19 -4.42
N ASP P 164 16.41 37.59 -3.65
CA ASP P 164 16.64 36.25 -3.14
C ASP P 164 16.59 35.23 -4.26
N LEU P 165 15.66 35.40 -5.20
CA LEU P 165 15.51 34.47 -6.30
C LEU P 165 16.43 34.81 -7.47
N GLY P 166 17.11 35.94 -7.42
CA GLY P 166 17.95 36.35 -8.53
C GLY P 166 17.17 36.72 -9.77
N LEU P 167 15.99 37.32 -9.60
CA LEU P 167 15.11 37.60 -10.72
C LEU P 167 15.54 38.82 -11.51
N MET Q 1 -22.21 54.77 -26.59
CA MET Q 1 -23.10 53.75 -27.11
C MET Q 1 -24.56 54.07 -26.89
N ILE Q 2 -25.41 53.16 -27.32
CA ILE Q 2 -26.86 53.29 -27.20
C ILE Q 2 -27.32 52.26 -26.20
N PRO Q 3 -28.19 52.60 -25.26
CA PRO Q 3 -28.74 51.59 -24.34
C PRO Q 3 -29.58 50.56 -25.09
N GLN Q 4 -29.12 49.31 -25.03
CA GLN Q 4 -29.62 48.23 -25.86
C GLN Q 4 -29.97 47.06 -24.96
N THR Q 5 -31.10 46.41 -25.23
CA THR Q 5 -31.62 45.35 -24.38
C THR Q 5 -32.43 44.41 -25.25
N LEU Q 6 -32.37 43.12 -24.95
CA LEU Q 6 -33.28 42.13 -25.53
C LEU Q 6 -34.71 42.51 -25.24
N THR Q 7 -35.59 42.31 -26.23
CA THR Q 7 -37.02 42.42 -26.00
C THR Q 7 -37.80 41.16 -26.38
N ASN Q 8 -37.28 40.35 -27.28
CA ASN Q 8 -38.05 39.24 -27.81
C ASN Q 8 -37.12 38.10 -28.17
N THR Q 9 -37.62 36.87 -28.02
CA THR Q 9 -36.88 35.65 -28.31
C THR Q 9 -37.69 34.78 -29.26
N ASN Q 10 -37.01 33.81 -29.87
CA ASN Q 10 -37.70 32.82 -30.68
C ASN Q 10 -36.84 31.57 -30.71
N LEU Q 11 -37.43 30.47 -31.16
CA LEU Q 11 -36.76 29.19 -31.22
C LEU Q 11 -37.23 28.42 -32.44
N PHE Q 12 -36.27 27.89 -33.19
CA PHE Q 12 -36.50 26.97 -34.30
C PHE Q 12 -35.81 25.68 -33.94
N ILE Q 13 -36.56 24.57 -33.84
CA ILE Q 13 -35.90 23.31 -33.52
C ILE Q 13 -35.40 22.63 -34.79
N ASP Q 14 -36.30 22.21 -35.65
CA ASP Q 14 -35.87 21.54 -36.87
C ASP Q 14 -36.51 22.24 -38.05
N GLY Q 15 -36.39 23.56 -38.05
CA GLY Q 15 -37.09 24.42 -38.96
C GLY Q 15 -38.48 24.81 -38.49
N VAL Q 16 -39.07 24.05 -37.58
CA VAL Q 16 -40.38 24.38 -37.05
C VAL Q 16 -40.23 25.51 -36.04
N SER Q 17 -41.16 26.45 -36.08
CA SER Q 17 -41.07 27.63 -35.23
C SER Q 17 -41.81 27.39 -33.92
N PHE Q 18 -41.19 27.81 -32.82
CA PHE Q 18 -41.84 27.74 -31.53
C PHE Q 18 -42.36 29.09 -31.10
N ALA Q 19 -42.94 29.84 -32.03
CA ALA Q 19 -43.32 31.24 -31.83
C ALA Q 19 -44.56 31.42 -30.97
N GLY Q 20 -44.99 30.40 -30.23
CA GLY Q 20 -46.04 30.58 -29.26
C GLY Q 20 -45.68 30.13 -27.86
N ASP Q 21 -44.73 29.20 -27.72
CA ASP Q 21 -44.57 28.51 -26.44
C ASP Q 21 -43.13 28.29 -26.03
N VAL Q 22 -42.27 29.29 -26.12
CA VAL Q 22 -41.00 29.19 -25.41
C VAL Q 22 -40.81 30.39 -24.49
N PRO Q 23 -41.13 30.27 -23.20
CA PRO Q 23 -40.98 31.43 -22.30
C PRO Q 23 -39.54 31.79 -21.99
N SER Q 24 -38.62 30.84 -21.95
CA SER Q 24 -37.23 31.15 -21.62
C SER Q 24 -36.26 30.36 -22.49
N LEU Q 25 -35.20 31.04 -22.92
CA LEU Q 25 -34.08 30.44 -23.64
C LEU Q 25 -32.85 30.59 -22.76
N THR Q 26 -31.83 29.78 -23.04
CA THR Q 26 -30.52 30.00 -22.43
C THR Q 26 -29.46 29.56 -23.41
N LEU Q 27 -28.67 30.50 -23.90
CA LEU Q 27 -27.52 30.18 -24.72
C LEU Q 27 -26.48 29.47 -23.87
N PRO Q 28 -25.60 28.67 -24.47
CA PRO Q 28 -24.58 27.99 -23.68
C PRO Q 28 -23.56 28.96 -23.11
N LYS Q 29 -23.21 28.75 -21.85
CA LYS Q 29 -22.20 29.54 -21.18
C LYS Q 29 -20.82 29.15 -21.71
N LEU Q 30 -20.21 30.03 -22.46
CA LEU Q 30 -18.87 29.78 -22.97
C LEU Q 30 -17.88 30.11 -21.87
N ALA Q 31 -17.31 29.10 -21.25
CA ALA Q 31 -16.29 29.28 -20.24
C ALA Q 31 -15.03 28.59 -20.74
N VAL Q 32 -13.91 29.26 -20.65
CA VAL Q 32 -12.66 28.60 -20.96
C VAL Q 32 -12.22 27.87 -19.70
N LYS Q 33 -11.50 26.77 -19.87
CA LYS Q 33 -11.07 25.97 -18.74
C LYS Q 33 -9.73 26.51 -18.27
N THR Q 34 -9.77 27.41 -17.30
CA THR Q 34 -8.53 27.95 -16.75
C THR Q 34 -7.99 27.03 -15.68
N GLU Q 35 -6.66 26.95 -15.62
CA GLU Q 35 -5.97 26.44 -14.46
C GLU Q 35 -5.13 27.57 -13.90
N GLN Q 36 -5.30 27.84 -12.60
CA GLN Q 36 -4.57 28.91 -11.95
C GLN Q 36 -3.11 28.51 -11.85
N TYR Q 37 -2.25 29.23 -12.54
CA TYR Q 37 -0.87 28.82 -12.74
C TYR Q 37 0.06 29.69 -11.91
N ARG Q 38 0.52 29.14 -10.80
CA ARG Q 38 1.52 29.74 -9.92
C ARG Q 38 2.78 28.91 -10.00
N ALA Q 39 3.92 29.55 -10.24
CA ALA Q 39 5.16 28.83 -10.47
C ALA Q 39 6.30 29.67 -9.92
N GLY Q 40 7.50 29.41 -10.43
CA GLY Q 40 8.69 30.01 -9.87
C GLY Q 40 8.77 31.50 -10.17
N GLY Q 41 9.24 32.26 -9.19
CA GLY Q 41 9.48 33.68 -9.38
C GLY Q 41 8.24 34.52 -9.50
N MET Q 42 7.12 34.10 -8.91
CA MET Q 42 5.90 34.88 -9.00
C MET Q 42 4.98 34.62 -7.82
N ASP Q 43 4.30 35.67 -7.38
CA ASP Q 43 3.50 35.66 -6.17
C ASP Q 43 2.02 35.39 -6.41
N ALA Q 44 1.56 35.40 -7.66
CA ALA Q 44 0.15 35.26 -7.94
C ALA Q 44 -0.04 34.34 -9.12
N PRO Q 45 -1.15 33.61 -9.19
CA PRO Q 45 -1.44 32.78 -10.37
C PRO Q 45 -1.78 33.65 -11.57
N VAL Q 46 -1.84 33.00 -12.74
CA VAL Q 46 -1.90 33.77 -13.97
C VAL Q 46 -2.94 33.22 -14.96
N SER Q 47 -3.47 32.02 -14.68
CA SER Q 47 -4.63 31.44 -15.39
C SER Q 47 -4.38 31.21 -16.88
N ILE Q 48 -3.56 30.19 -17.15
CA ILE Q 48 -3.40 29.67 -18.52
C ILE Q 48 -4.69 28.99 -18.96
N ASP Q 49 -5.00 29.06 -20.26
CA ASP Q 49 -6.14 28.35 -20.82
C ASP Q 49 -5.80 26.89 -21.10
N MET Q 50 -6.81 26.03 -20.96
CA MET Q 50 -6.65 24.59 -21.18
C MET Q 50 -7.71 24.07 -22.13
N GLY Q 51 -8.35 24.93 -22.89
CA GLY Q 51 -9.47 24.56 -23.75
C GLY Q 51 -10.78 25.08 -23.19
N LEU Q 52 -11.85 24.81 -23.93
CA LEU Q 52 -13.17 25.24 -23.48
C LEU Q 52 -13.81 24.22 -22.55
N GLU Q 53 -14.78 24.70 -21.78
CA GLU Q 53 -15.64 23.86 -20.98
C GLU Q 53 -16.72 23.21 -21.83
N ALA Q 54 -17.49 22.33 -21.21
CA ALA Q 54 -18.62 21.70 -21.88
C ALA Q 54 -19.78 22.67 -21.92
N MET Q 55 -20.42 22.75 -23.09
CA MET Q 55 -21.49 23.71 -23.33
C MET Q 55 -22.84 23.02 -23.19
N GLU Q 56 -23.74 23.62 -22.41
CA GLU Q 56 -25.12 23.19 -22.38
C GLU Q 56 -26.03 24.38 -22.67
N ALA Q 57 -26.94 24.20 -23.61
CA ALA Q 57 -28.00 25.16 -23.86
C ALA Q 57 -29.30 24.57 -23.34
N LYS Q 58 -30.00 25.32 -22.53
CA LYS Q 58 -31.26 24.83 -21.99
C LYS Q 58 -32.36 25.78 -22.41
N PHE Q 59 -33.57 25.23 -22.50
CA PHE Q 59 -34.72 26.02 -22.91
C PHE Q 59 -35.97 25.33 -22.40
N SER Q 60 -37.03 26.11 -22.27
CA SER Q 60 -38.26 25.61 -21.70
C SER Q 60 -39.42 25.87 -22.63
N THR Q 61 -40.28 24.89 -22.77
CA THR Q 61 -41.61 25.07 -23.33
C THR Q 61 -42.62 24.77 -22.24
N ASN Q 62 -43.84 25.26 -22.42
CA ASN Q 62 -44.86 24.99 -21.41
C ASN Q 62 -46.19 24.55 -22.02
N GLY Q 63 -46.20 24.18 -23.29
CA GLY Q 63 -47.21 23.32 -23.86
C GLY Q 63 -46.69 21.90 -24.00
N ALA Q 64 -47.40 21.10 -24.79
CA ALA Q 64 -47.01 19.71 -24.96
C ALA Q 64 -45.79 19.59 -25.87
N ARG Q 65 -45.95 19.99 -27.13
CA ARG Q 65 -44.86 20.26 -28.08
C ARG Q 65 -44.01 19.02 -28.35
N ARG Q 66 -44.65 18.08 -29.05
CA ARG Q 66 -43.95 16.90 -29.55
C ARG Q 66 -42.79 17.24 -30.49
N GLU Q 67 -42.84 18.40 -31.15
CA GLU Q 67 -41.77 18.83 -32.03
C GLU Q 67 -40.46 19.11 -31.32
N ALA Q 68 -40.47 19.17 -29.98
CA ALA Q 68 -39.25 19.14 -29.20
C ALA Q 68 -39.13 17.91 -28.31
N LEU Q 69 -40.23 17.24 -27.98
CA LEU Q 69 -40.17 16.01 -27.20
C LEU Q 69 -39.59 14.86 -27.99
N ASN Q 70 -39.77 14.85 -29.31
CA ASN Q 70 -39.32 13.73 -30.13
C ASN Q 70 -37.82 13.77 -30.44
N PHE Q 71 -37.07 14.70 -29.88
CA PHE Q 71 -35.63 14.72 -30.07
C PHE Q 71 -34.85 14.29 -28.85
N PHE Q 72 -35.53 13.88 -27.79
CA PHE Q 72 -34.83 13.37 -26.61
C PHE Q 72 -34.26 11.99 -26.89
N GLY Q 73 -33.01 11.79 -26.49
CA GLY Q 73 -32.45 10.46 -26.32
C GLY Q 73 -32.36 9.64 -27.59
N LEU Q 74 -32.13 10.28 -28.72
CA LEU Q 74 -31.96 9.55 -29.95
C LEU Q 74 -30.62 8.82 -29.94
N ALA Q 75 -30.52 7.80 -30.79
CA ALA Q 75 -29.23 7.14 -30.97
C ALA Q 75 -28.23 8.08 -31.64
N ASP Q 76 -28.71 8.93 -32.52
CA ASP Q 76 -27.89 9.92 -33.20
C ASP Q 76 -27.69 11.09 -32.24
N GLN Q 77 -26.55 11.14 -31.57
CA GLN Q 77 -26.17 12.37 -30.91
C GLN Q 77 -25.80 13.41 -31.96
N SER Q 78 -25.83 14.68 -31.55
CA SER Q 78 -25.65 15.83 -32.44
C SER Q 78 -26.64 15.83 -33.61
N ALA Q 79 -27.85 15.34 -33.35
CA ALA Q 79 -28.93 15.38 -34.32
C ALA Q 79 -30.01 16.39 -33.97
N PHE Q 80 -30.12 16.79 -32.72
CA PHE Q 80 -30.90 17.96 -32.34
C PHE Q 80 -30.22 19.17 -32.97
N ASN Q 81 -30.79 19.70 -34.03
CA ASN Q 81 -30.39 21.03 -34.44
C ASN Q 81 -31.31 22.04 -33.79
N GLY Q 82 -30.98 23.31 -33.92
CA GLY Q 82 -31.73 24.30 -33.19
C GLY Q 82 -31.17 25.70 -33.33
N VAL Q 83 -32.05 26.69 -33.43
CA VAL Q 83 -31.67 28.07 -33.64
C VAL Q 83 -32.29 28.89 -32.52
N PHE Q 84 -31.46 29.46 -31.66
CA PHE Q 84 -31.95 30.38 -30.64
C PHE Q 84 -31.82 31.79 -31.21
N ARG Q 85 -32.93 32.52 -31.26
CA ARG Q 85 -32.92 33.87 -31.80
C ARG Q 85 -33.33 34.87 -30.75
N GLY Q 86 -32.73 36.05 -30.82
CA GLY Q 86 -33.10 37.14 -29.94
C GLY Q 86 -33.06 38.44 -30.70
N SER Q 87 -33.92 39.37 -30.31
CA SER Q 87 -33.97 40.69 -30.90
C SER Q 87 -33.59 41.69 -29.82
N PHE Q 88 -32.44 42.32 -29.96
CA PHE Q 88 -32.00 43.32 -28.99
C PHE Q 88 -32.40 44.69 -29.53
N LYS Q 89 -33.09 45.47 -28.70
CA LYS Q 89 -33.88 46.58 -29.22
C LYS Q 89 -33.04 47.83 -29.46
N GLY Q 90 -32.48 48.41 -28.42
CA GLY Q 90 -31.83 49.70 -28.61
C GLY Q 90 -32.80 50.87 -28.49
N GLN Q 91 -32.28 51.99 -27.99
CA GLN Q 91 -33.13 53.12 -27.68
C GLN Q 91 -33.60 53.84 -28.94
N LYS Q 92 -32.73 53.95 -29.94
CA LYS Q 92 -33.09 54.65 -31.17
C LYS Q 92 -33.97 53.81 -32.09
N GLY Q 93 -34.23 52.55 -31.76
CA GLY Q 93 -35.11 51.72 -32.55
C GLY Q 93 -34.44 50.80 -33.54
N ALA Q 94 -33.12 50.66 -33.48
CA ALA Q 94 -32.39 49.80 -34.41
C ALA Q 94 -32.25 48.42 -33.77
N SER Q 95 -33.16 47.52 -34.12
CA SER Q 95 -33.17 46.18 -33.55
C SER Q 95 -32.06 45.33 -34.15
N VAL Q 96 -31.24 44.75 -33.29
CA VAL Q 96 -30.06 43.96 -33.68
C VAL Q 96 -30.36 42.49 -33.42
N PRO Q 97 -30.32 41.62 -34.41
CA PRO Q 97 -30.58 40.21 -34.17
C PRO Q 97 -29.39 39.49 -33.56
N VAL Q 98 -29.67 38.59 -32.63
CA VAL Q 98 -28.66 37.72 -32.05
C VAL Q 98 -29.13 36.30 -32.27
N VAL Q 99 -28.51 35.60 -33.20
CA VAL Q 99 -28.96 34.28 -33.63
C VAL Q 99 -27.87 33.26 -33.35
N ALA Q 100 -28.25 32.21 -32.63
CA ALA Q 100 -27.29 31.20 -32.16
C ALA Q 100 -27.73 29.84 -32.66
N THR Q 101 -27.29 29.48 -33.86
CA THR Q 101 -27.50 28.13 -34.34
C THR Q 101 -26.64 27.16 -33.55
N LEU Q 102 -27.25 26.05 -33.13
CA LEU Q 102 -26.53 25.11 -32.30
C LEU Q 102 -27.03 23.70 -32.57
N ARG Q 103 -26.22 22.73 -32.19
CA ARG Q 103 -26.43 21.35 -32.55
C ARG Q 103 -25.90 20.48 -31.43
N GLY Q 104 -26.61 19.42 -31.11
CA GLY Q 104 -26.15 18.58 -30.02
C GLY Q 104 -27.15 17.50 -29.64
N LEU Q 105 -27.07 17.09 -28.38
CA LEU Q 105 -27.92 16.02 -27.86
C LEU Q 105 -28.85 16.63 -26.84
N LEU Q 106 -30.17 16.46 -27.06
CA LEU Q 106 -31.16 16.86 -26.08
C LEU Q 106 -31.07 15.91 -24.91
N LYS Q 107 -30.41 16.35 -23.84
CA LYS Q 107 -29.94 15.42 -22.83
C LYS Q 107 -30.85 15.25 -21.63
N GLU Q 108 -31.73 16.21 -21.34
CA GLU Q 108 -32.72 15.95 -20.31
C GLU Q 108 -34.01 16.68 -20.62
N VAL Q 109 -35.11 15.99 -20.39
CA VAL Q 109 -36.45 16.54 -20.43
C VAL Q 109 -36.99 16.52 -19.02
N ASP Q 110 -37.33 17.69 -18.49
CA ASP Q 110 -37.74 17.86 -17.11
C ASP Q 110 -39.15 18.42 -17.06
N PRO Q 111 -40.18 17.58 -17.16
CA PRO Q 111 -41.52 18.03 -16.80
C PRO Q 111 -41.60 18.23 -15.31
N GLY Q 112 -41.88 19.46 -14.89
CA GLY Q 112 -41.83 19.82 -13.49
C GLY Q 112 -43.03 19.32 -12.72
N ASP Q 113 -43.36 20.05 -11.66
CA ASP Q 113 -44.56 19.72 -10.90
C ASP Q 113 -45.79 20.09 -11.71
N TRP Q 114 -46.80 19.25 -11.65
CA TRP Q 114 -48.08 19.51 -12.29
C TRP Q 114 -49.12 19.78 -11.22
N LYS Q 115 -49.23 21.04 -10.83
CA LYS Q 115 -50.36 21.47 -10.03
C LYS Q 115 -51.46 21.95 -10.95
N ALA Q 116 -52.69 21.96 -10.44
CA ALA Q 116 -53.86 22.17 -11.28
C ALA Q 116 -53.92 23.60 -11.81
N GLY Q 117 -54.03 24.57 -10.93
CA GLY Q 117 -54.12 25.92 -11.42
C GLY Q 117 -52.83 26.56 -11.86
N GLU Q 118 -51.69 25.89 -11.70
CA GLU Q 118 -50.39 26.48 -11.96
C GLU Q 118 -49.90 26.09 -13.35
N LYS Q 119 -49.22 27.03 -14.00
CA LYS Q 119 -48.59 26.80 -15.30
C LYS Q 119 -47.50 25.74 -15.20
N ALA Q 120 -47.58 24.72 -16.06
CA ALA Q 120 -46.64 23.61 -16.07
C ALA Q 120 -45.62 23.80 -17.17
N GLU Q 121 -44.34 23.71 -16.81
CA GLU Q 121 -43.23 24.11 -17.68
C GLU Q 121 -42.32 22.91 -17.90
N PHE Q 122 -42.22 22.46 -19.15
CA PHE Q 122 -41.26 21.44 -19.55
C PHE Q 122 -39.90 22.10 -19.70
N LYS Q 123 -38.94 21.73 -18.86
CA LYS Q 123 -37.59 22.26 -18.96
C LYS Q 123 -36.72 21.27 -19.72
N TYR Q 124 -36.06 21.74 -20.77
CA TYR Q 124 -35.19 20.90 -21.58
C TYR Q 124 -33.75 21.38 -21.42
N ALA Q 125 -32.81 20.55 -21.84
CA ALA Q 125 -31.40 20.94 -21.82
C ALA Q 125 -30.69 20.16 -22.91
N VAL Q 126 -29.89 20.84 -23.72
CA VAL Q 126 -29.18 20.15 -24.78
C VAL Q 126 -27.70 20.17 -24.47
N ALA Q 127 -26.99 19.20 -25.01
CA ALA Q 127 -25.55 19.05 -24.78
C ALA Q 127 -24.89 19.46 -26.09
N VAL Q 128 -24.35 20.68 -26.12
CA VAL Q 128 -24.06 21.37 -27.37
C VAL Q 128 -22.80 20.81 -28.01
N SER Q 129 -22.95 20.28 -29.22
CA SER Q 129 -21.85 19.71 -30.00
C SER Q 129 -21.39 20.62 -31.12
N TYR Q 130 -22.08 21.72 -31.36
CA TYR Q 130 -21.70 22.73 -32.33
C TYR Q 130 -22.41 24.00 -31.95
N TYR Q 131 -21.71 25.12 -32.02
CA TYR Q 131 -22.31 26.38 -31.59
C TYR Q 131 -21.77 27.51 -32.42
N LYS Q 132 -22.65 28.23 -33.10
CA LYS Q 132 -22.26 29.44 -33.83
C LYS Q 132 -23.17 30.58 -33.39
N LEU Q 133 -22.57 31.63 -32.86
CA LEU Q 133 -23.30 32.83 -32.46
C LEU Q 133 -23.07 33.93 -33.48
N GLU Q 134 -24.13 34.41 -34.10
CA GLU Q 134 -24.07 35.57 -34.98
C GLU Q 134 -24.78 36.74 -34.33
N VAL Q 135 -24.10 37.89 -34.28
CA VAL Q 135 -24.65 39.13 -33.75
C VAL Q 135 -24.65 40.14 -34.89
N ASP Q 136 -25.84 40.68 -35.19
CA ASP Q 136 -26.09 41.59 -36.32
C ASP Q 136 -25.68 40.93 -37.64
N GLY Q 137 -25.95 39.63 -37.74
CA GLY Q 137 -25.59 38.88 -38.93
C GLY Q 137 -24.11 38.70 -39.15
N ARG Q 138 -23.30 38.79 -38.10
CA ARG Q 138 -21.86 38.69 -38.21
C ARG Q 138 -21.38 37.65 -37.22
N GLU Q 139 -20.52 36.73 -37.68
CA GLU Q 139 -20.09 35.60 -36.86
C GLU Q 139 -19.25 36.09 -35.70
N VAL Q 140 -19.74 35.84 -34.49
CA VAL Q 140 -18.96 36.12 -33.29
C VAL Q 140 -18.28 34.84 -32.88
N TYR Q 141 -19.05 33.81 -32.58
CA TYR Q 141 -18.48 32.57 -32.08
C TYR Q 141 -18.72 31.47 -33.09
N GLU Q 142 -17.82 30.50 -33.13
CA GLU Q 142 -18.06 29.27 -33.88
C GLU Q 142 -17.23 28.18 -33.21
N ILE Q 143 -17.90 27.30 -32.49
CA ILE Q 143 -17.24 26.30 -31.68
C ILE Q 143 -17.70 24.93 -32.15
N ASP Q 144 -16.74 24.15 -32.65
CA ASP Q 144 -17.00 22.77 -33.09
C ASP Q 144 -15.92 21.93 -32.43
N PRO Q 145 -16.23 21.21 -31.35
CA PRO Q 145 -15.21 20.44 -30.63
C PRO Q 145 -14.52 19.38 -31.46
N VAL Q 146 -15.26 18.39 -31.97
CA VAL Q 146 -14.71 17.54 -33.02
C VAL Q 146 -14.58 18.40 -34.26
N ASN Q 147 -13.52 18.18 -35.05
CA ASN Q 147 -12.99 19.15 -36.01
C ASN Q 147 -12.70 20.47 -35.30
N GLY Q 148 -11.69 20.45 -34.44
CA GLY Q 148 -11.47 21.48 -33.46
C GLY Q 148 -11.31 22.90 -33.98
N VAL Q 149 -12.39 23.66 -33.85
CA VAL Q 149 -12.52 25.01 -34.38
C VAL Q 149 -13.00 25.90 -33.26
N ARG Q 150 -12.28 27.00 -33.02
CA ARG Q 150 -12.72 28.03 -32.09
C ARG Q 150 -12.50 29.37 -32.76
N ALA Q 151 -13.49 29.83 -33.52
CA ALA Q 151 -13.41 31.10 -34.23
C ALA Q 151 -14.06 32.20 -33.42
N ILE Q 152 -13.39 33.35 -33.33
CA ILE Q 152 -13.79 34.42 -32.42
C ILE Q 152 -14.14 35.70 -33.19
N ASN Q 153 -13.58 35.89 -34.37
CA ASN Q 153 -14.14 36.94 -35.22
C ASN Q 153 -14.12 36.49 -36.66
N GLY Q 154 -14.41 35.22 -36.88
CA GLY Q 154 -14.01 34.54 -38.10
C GLY Q 154 -12.58 34.05 -38.09
N VAL Q 155 -11.83 34.36 -37.04
CA VAL Q 155 -10.42 33.99 -36.91
C VAL Q 155 -10.34 32.72 -36.07
N ASP Q 156 -9.91 31.63 -36.68
CA ASP Q 156 -9.81 30.36 -35.98
C ASP Q 156 -8.62 30.41 -35.03
N GLN Q 157 -8.90 30.41 -33.72
CA GLN Q 157 -7.85 30.48 -32.72
C GLN Q 157 -7.08 29.17 -32.60
N LEU Q 158 -7.62 28.08 -33.09
CA LEU Q 158 -6.98 26.79 -32.95
C LEU Q 158 -6.18 26.38 -34.17
N ALA Q 159 -5.79 27.33 -35.02
CA ALA Q 159 -4.88 27.00 -36.11
C ALA Q 159 -3.49 26.70 -35.59
N GLY Q 160 -3.16 27.21 -34.40
CA GLY Q 160 -1.88 26.89 -33.80
C GLY Q 160 -1.77 25.44 -33.40
N MET Q 161 -2.76 24.94 -32.64
CA MET Q 161 -2.74 23.55 -32.23
C MET Q 161 -3.06 22.60 -33.37
N ARG Q 162 -3.68 23.08 -34.45
CA ARG Q 162 -4.06 22.19 -35.54
C ARG Q 162 -2.84 21.73 -36.32
N ASN Q 163 -1.90 22.63 -36.56
CA ASN Q 163 -0.67 22.24 -37.24
C ASN Q 163 0.27 21.48 -36.31
N ASP Q 164 0.19 21.73 -35.01
CA ASP Q 164 1.03 21.00 -34.07
C ASP Q 164 0.61 19.55 -33.96
N LEU Q 165 -0.70 19.31 -33.95
CA LEU Q 165 -1.20 17.95 -33.85
C LEU Q 165 -1.29 17.25 -35.20
N GLY Q 166 -1.05 17.96 -36.29
CA GLY Q 166 -1.17 17.37 -37.61
C GLY Q 166 -2.60 17.04 -37.99
N LEU Q 167 -3.55 17.85 -37.56
CA LEU Q 167 -4.96 17.55 -37.75
C LEU Q 167 -5.42 17.86 -39.17
N MET R 1 -47.36 28.72 -33.64
CA MET R 1 -48.06 27.83 -32.72
C MET R 1 -49.13 28.55 -31.93
N ILE R 2 -49.79 27.80 -31.06
CA ILE R 2 -50.86 28.31 -30.21
C ILE R 2 -50.33 28.27 -28.78
N PRO R 3 -50.54 29.32 -27.99
CA PRO R 3 -50.14 29.29 -26.58
C PRO R 3 -50.94 28.25 -25.81
N GLN R 4 -50.23 27.25 -25.30
CA GLN R 4 -50.80 26.04 -24.73
C GLN R 4 -50.21 25.83 -23.35
N THR R 5 -51.06 25.44 -22.39
CA THR R 5 -50.66 25.31 -21.01
C THR R 5 -51.55 24.25 -20.36
N LEU R 6 -50.97 23.46 -19.46
CA LEU R 6 -51.74 22.58 -18.59
C LEU R 6 -52.77 23.38 -17.80
N THR R 7 -53.96 22.80 -17.64
CA THR R 7 -54.93 23.36 -16.72
C THR R 7 -55.41 22.37 -15.68
N ASN R 8 -55.33 21.08 -15.92
CA ASN R 8 -55.93 20.10 -15.03
C ASN R 8 -55.13 18.81 -15.08
N THR R 9 -55.09 18.12 -13.95
CA THR R 9 -54.37 16.87 -13.79
C THR R 9 -55.31 15.80 -13.24
N ASN R 10 -54.89 14.54 -13.36
CA ASN R 10 -55.63 13.45 -12.74
C ASN R 10 -54.65 12.31 -12.50
N LEU R 11 -55.07 11.35 -11.68
CA LEU R 11 -54.25 10.21 -11.32
C LEU R 11 -55.12 8.97 -11.18
N PHE R 12 -54.69 7.89 -11.81
CA PHE R 12 -55.26 6.57 -11.65
C PHE R 12 -54.18 5.67 -11.10
N ILE R 13 -54.39 5.10 -9.92
CA ILE R 13 -53.36 4.21 -9.38
C ILE R 13 -53.54 2.80 -9.90
N ASP R 14 -54.62 2.15 -9.51
CA ASP R 14 -54.84 0.78 -9.97
C ASP R 14 -56.21 0.69 -10.61
N GLY R 15 -56.47 1.66 -11.49
CA GLY R 15 -57.77 1.86 -12.04
C GLY R 15 -58.66 2.76 -11.22
N VAL R 16 -58.36 2.91 -9.94
CA VAL R 16 -59.14 3.79 -9.08
C VAL R 16 -58.74 5.23 -9.36
N SER R 17 -59.72 6.12 -9.40
CA SER R 17 -59.47 7.51 -9.75
C SER R 17 -59.20 8.33 -8.51
N PHE R 18 -58.19 9.20 -8.59
CA PHE R 18 -57.90 10.11 -7.49
C PHE R 18 -58.41 11.50 -7.81
N ALA R 19 -59.61 11.60 -8.39
CA ALA R 19 -60.15 12.84 -8.91
C ALA R 19 -60.63 13.81 -7.84
N GLY R 20 -60.26 13.62 -6.59
CA GLY R 20 -60.52 14.61 -5.57
C GLY R 20 -59.30 15.08 -4.81
N ASP R 21 -58.25 14.27 -4.74
CA ASP R 21 -57.19 14.53 -3.77
C ASP R 21 -55.79 14.29 -4.30
N VAL R 22 -55.46 14.78 -5.50
CA VAL R 22 -54.04 14.87 -5.84
C VAL R 22 -53.68 16.30 -6.24
N PRO R 23 -53.13 17.09 -5.33
CA PRO R 23 -52.81 18.48 -5.69
C PRO R 23 -51.61 18.62 -6.62
N SER R 24 -50.64 17.73 -6.58
CA SER R 24 -49.47 17.85 -7.45
C SER R 24 -49.04 16.50 -7.99
N LEU R 25 -48.67 16.48 -9.26
CA LEU R 25 -48.07 15.34 -9.92
C LEU R 25 -46.66 15.71 -10.34
N THR R 26 -45.83 14.71 -10.60
CA THR R 26 -44.53 14.96 -11.22
C THR R 26 -44.18 13.76 -12.08
N LEU R 27 -44.13 13.96 -13.39
CA LEU R 27 -43.65 12.94 -14.29
C LEU R 27 -42.16 12.72 -14.06
N PRO R 28 -41.64 11.55 -14.41
CA PRO R 28 -40.20 11.32 -14.21
C PRO R 28 -39.36 12.16 -15.15
N LYS R 29 -38.29 12.72 -14.60
CA LYS R 29 -37.34 13.50 -15.37
C LYS R 29 -36.50 12.57 -16.21
N LEU R 30 -36.71 12.59 -17.52
CA LEU R 30 -35.92 11.78 -18.43
C LEU R 30 -34.61 12.50 -18.68
N ALA R 31 -33.54 12.01 -18.09
CA ALA R 31 -32.21 12.55 -18.32
C ALA R 31 -31.37 11.44 -18.90
N VAL R 32 -30.65 11.73 -19.96
CA VAL R 32 -29.70 10.76 -20.46
C VAL R 32 -28.43 10.92 -19.65
N LYS R 33 -27.68 9.83 -19.50
CA LYS R 33 -26.47 9.87 -18.69
C LYS R 33 -25.32 10.26 -19.60
N THR R 34 -25.02 11.55 -19.66
CA THR R 34 -23.90 12.01 -20.46
C THR R 34 -22.60 11.88 -19.69
N GLU R 35 -21.54 11.56 -20.42
CA GLU R 35 -20.18 11.75 -19.94
C GLU R 35 -19.52 12.76 -20.86
N GLN R 36 -18.96 13.81 -20.28
CA GLN R 36 -18.31 14.86 -21.05
C GLN R 36 -17.03 14.30 -21.64
N TYR R 37 -16.98 14.19 -22.96
CA TYR R 37 -15.94 13.43 -23.64
C TYR R 37 -14.97 14.39 -24.33
N ARG R 38 -13.82 14.58 -23.70
CA ARG R 38 -12.71 15.36 -24.25
C ARG R 38 -11.56 14.40 -24.53
N ALA R 39 -11.02 14.47 -25.74
CA ALA R 39 -10.00 13.51 -26.16
C ALA R 39 -9.05 14.21 -27.11
N GLY R 40 -8.36 13.43 -27.93
CA GLY R 40 -7.29 13.96 -28.74
C GLY R 40 -7.81 14.84 -29.86
N GLY R 41 -7.08 15.92 -30.12
CA GLY R 41 -7.40 16.78 -31.23
C GLY R 41 -8.64 17.62 -31.07
N MET R 42 -9.02 17.95 -29.84
CA MET R 42 -10.22 18.74 -29.63
C MET R 42 -10.14 19.51 -28.32
N ASP R 43 -10.69 20.72 -28.32
CA ASP R 43 -10.59 21.65 -27.22
C ASP R 43 -11.78 21.64 -26.28
N ALA R 44 -12.86 20.97 -26.64
CA ALA R 44 -14.07 21.01 -25.83
C ALA R 44 -14.66 19.62 -25.74
N PRO R 45 -15.35 19.30 -24.65
CA PRO R 45 -16.04 18.01 -24.55
C PRO R 45 -17.24 17.95 -25.48
N VAL R 46 -17.80 16.75 -25.63
CA VAL R 46 -18.79 16.55 -26.69
C VAL R 46 -20.00 15.76 -26.21
N SER R 47 -19.92 15.18 -25.01
CA SER R 47 -21.07 14.55 -24.29
C SER R 47 -21.70 13.38 -25.05
N ILE R 48 -20.95 12.27 -25.07
CA ILE R 48 -21.50 10.99 -25.52
C ILE R 48 -22.55 10.49 -24.53
N ASP R 49 -23.58 9.80 -25.05
CA ASP R 49 -24.58 9.17 -24.19
C ASP R 49 -24.09 7.85 -23.64
N MET R 50 -24.55 7.53 -22.43
CA MET R 50 -24.17 6.30 -21.75
C MET R 50 -25.40 5.54 -21.25
N GLY R 51 -26.57 5.84 -21.78
CA GLY R 51 -27.82 5.28 -21.29
C GLY R 51 -28.63 6.31 -20.54
N LEU R 52 -29.80 5.89 -20.09
CA LEU R 52 -30.66 6.80 -19.34
C LEU R 52 -30.32 6.78 -17.85
N GLU R 53 -30.75 7.85 -17.17
CA GLU R 53 -30.69 7.94 -15.73
C GLU R 53 -31.84 7.17 -15.10
N ALA R 54 -31.82 7.07 -13.78
CA ALA R 54 -32.91 6.45 -13.05
C ALA R 54 -34.09 7.41 -12.96
N MET R 55 -35.28 6.87 -13.20
CA MET R 55 -36.49 7.67 -13.26
C MET R 55 -37.25 7.56 -11.96
N GLU R 56 -37.63 8.70 -11.39
CA GLU R 56 -38.56 8.72 -10.27
C GLU R 56 -39.73 9.62 -10.59
N ALA R 57 -40.93 9.11 -10.41
CA ALA R 57 -42.15 9.89 -10.48
C ALA R 57 -42.67 10.08 -9.07
N LYS R 58 -42.93 11.32 -8.69
CA LYS R 58 -43.43 11.59 -7.37
C LYS R 58 -44.79 12.27 -7.48
N PHE R 59 -45.61 12.09 -6.46
CA PHE R 59 -46.94 12.67 -6.46
C PHE R 59 -47.39 12.78 -5.02
N SER R 60 -48.34 13.67 -4.79
CA SER R 60 -48.80 13.94 -3.45
C SER R 60 -50.30 13.82 -3.37
N THR R 61 -50.77 13.20 -2.30
CA THR R 61 -52.17 13.28 -1.89
C THR R 61 -52.22 13.99 -0.55
N ASN R 62 -53.38 14.51 -0.20
CA ASN R 62 -53.50 15.17 1.09
C ASN R 62 -54.74 14.77 1.86
N GLY R 63 -55.40 13.69 1.46
CA GLY R 63 -56.26 12.94 2.32
C GLY R 63 -55.58 11.68 2.81
N ALA R 64 -56.37 10.75 3.34
CA ALA R 64 -55.79 9.52 3.87
C ALA R 64 -55.37 8.58 2.76
N ARG R 65 -56.35 8.11 1.97
CA ARG R 65 -56.15 7.46 0.67
C ARG R 65 -55.32 6.19 0.80
N ARG R 66 -55.96 5.19 1.40
CA ARG R 66 -55.42 3.84 1.46
C ARG R 66 -55.18 3.24 0.08
N GLU R 67 -55.92 3.68 -0.94
CA GLU R 67 -55.74 3.19 -2.30
C GLU R 67 -54.41 3.56 -2.92
N ALA R 68 -53.64 4.45 -2.28
CA ALA R 68 -52.23 4.64 -2.60
C ALA R 68 -51.29 4.27 -1.47
N LEU R 69 -51.75 4.23 -0.22
CA LEU R 69 -50.91 3.81 0.88
C LEU R 69 -50.63 2.32 0.85
N ASN R 70 -51.53 1.52 0.30
CA ASN R 70 -51.37 0.07 0.31
C ASN R 70 -50.44 -0.45 -0.77
N PHE R 71 -49.78 0.43 -1.52
CA PHE R 71 -48.80 -0.01 -2.52
C PHE R 71 -47.37 0.27 -2.09
N PHE R 72 -47.15 0.81 -0.90
CA PHE R 72 -45.79 1.00 -0.43
C PHE R 72 -45.14 -0.32 -0.05
N GLY R 73 -43.91 -0.50 -0.50
CA GLY R 73 -43.02 -1.51 0.07
C GLY R 73 -43.47 -2.93 -0.11
N LEU R 74 -44.15 -3.23 -1.21
CA LEU R 74 -44.54 -4.59 -1.48
C LEU R 74 -43.32 -5.43 -1.85
N ALA R 75 -43.47 -6.74 -1.70
CA ALA R 75 -42.41 -7.64 -2.16
C ALA R 75 -42.30 -7.60 -3.68
N ASP R 76 -43.42 -7.43 -4.36
CA ASP R 76 -43.45 -7.31 -5.81
C ASP R 76 -43.07 -5.88 -6.17
N GLN R 77 -41.80 -5.69 -6.55
CA GLN R 77 -41.46 -4.44 -7.22
C GLN R 77 -42.08 -4.42 -8.60
N SER R 78 -42.21 -3.22 -9.17
CA SER R 78 -42.90 -2.97 -10.44
C SER R 78 -44.34 -3.48 -10.42
N ALA R 79 -44.98 -3.41 -9.25
CA ALA R 79 -46.39 -3.74 -9.10
C ALA R 79 -47.27 -2.53 -8.90
N PHE R 80 -46.72 -1.41 -8.46
CA PHE R 80 -47.42 -0.14 -8.52
C PHE R 80 -47.59 0.21 -9.99
N ASN R 81 -48.80 0.05 -10.51
CA ASN R 81 -49.09 0.68 -11.77
C ASN R 81 -49.69 2.06 -11.51
N GLY R 82 -49.86 2.83 -12.56
CA GLY R 82 -50.26 4.20 -12.35
C GLY R 82 -50.30 5.02 -13.62
N VAL R 83 -51.29 5.89 -13.74
CA VAL R 83 -51.49 6.69 -14.94
C VAL R 83 -51.53 8.15 -14.51
N PHE R 84 -50.54 8.93 -14.93
CA PHE R 84 -50.57 10.37 -14.69
C PHE R 84 -51.19 11.01 -15.92
N ARG R 85 -52.25 11.77 -15.73
CA ARG R 85 -52.92 12.42 -16.84
C ARG R 85 -52.89 13.94 -16.68
N GLY R 86 -52.81 14.62 -17.80
CA GLY R 86 -52.86 16.07 -17.82
C GLY R 86 -53.62 16.53 -19.04
N SER R 87 -54.29 17.66 -18.88
CA SER R 87 -55.04 18.28 -19.96
C SER R 87 -54.38 19.61 -20.27
N PHE R 88 -53.76 19.73 -21.43
CA PHE R 88 -53.13 20.98 -21.83
C PHE R 88 -54.13 21.74 -22.69
N LYS R 89 -54.36 23.01 -22.35
CA LYS R 89 -55.57 23.68 -22.82
C LYS R 89 -55.42 24.26 -24.22
N GLY R 90 -54.54 25.22 -24.39
CA GLY R 90 -54.50 25.89 -25.67
C GLY R 90 -55.47 27.06 -25.74
N GLN R 91 -55.08 28.08 -26.51
CA GLN R 91 -55.87 29.32 -26.53
C GLN R 91 -57.15 29.14 -27.33
N LYS R 92 -57.11 28.40 -28.42
CA LYS R 92 -58.30 28.22 -29.24
C LYS R 92 -59.29 27.22 -28.65
N GLY R 93 -58.95 26.55 -27.57
CA GLY R 93 -59.86 25.64 -26.90
C GLY R 93 -59.68 24.18 -27.24
N ALA R 94 -58.61 23.82 -27.92
CA ALA R 94 -58.37 22.42 -28.30
C ALA R 94 -57.52 21.78 -27.21
N SER R 95 -58.17 21.10 -26.28
CA SER R 95 -57.47 20.47 -25.16
C SER R 95 -56.76 19.20 -25.61
N VAL R 96 -55.47 19.13 -25.32
CA VAL R 96 -54.60 18.04 -25.74
C VAL R 96 -54.27 17.18 -24.52
N PRO R 97 -54.59 15.91 -24.51
CA PRO R 97 -54.26 15.06 -23.35
C PRO R 97 -52.81 14.65 -23.34
N VAL R 98 -52.22 14.64 -22.14
CA VAL R 98 -50.87 14.13 -21.93
C VAL R 98 -50.98 13.05 -20.88
N VAL R 99 -50.87 11.80 -21.28
CA VAL R 99 -51.12 10.67 -20.41
C VAL R 99 -49.85 9.84 -20.30
N ALA R 100 -49.41 9.60 -19.07
CA ALA R 100 -48.14 8.93 -18.79
C ALA R 100 -48.39 7.72 -17.93
N THR R 101 -48.67 6.59 -18.57
CA THR R 101 -48.75 5.33 -17.86
C THR R 101 -47.37 4.92 -17.38
N LEU R 102 -47.29 4.51 -16.12
CA LEU R 102 -46.00 4.16 -15.56
C LEU R 102 -46.16 3.08 -14.52
N ARG R 103 -45.06 2.43 -14.23
CA ARG R 103 -45.05 1.22 -13.43
C ARG R 103 -43.75 1.16 -12.66
N GLY R 104 -43.81 0.75 -11.40
CA GLY R 104 -42.59 0.71 -10.61
C GLY R 104 -42.84 0.39 -9.16
N LEU R 105 -41.94 0.86 -8.32
CA LEU R 105 -41.97 0.59 -6.89
C LEU R 105 -42.26 1.90 -6.18
N LEU R 106 -43.34 1.94 -5.40
CA LEU R 106 -43.63 3.08 -4.54
C LEU R 106 -42.60 3.10 -3.42
N LYS R 107 -41.58 3.95 -3.56
CA LYS R 107 -40.38 3.79 -2.77
C LYS R 107 -40.33 4.65 -1.52
N GLU R 108 -41.08 5.74 -1.43
CA GLU R 108 -41.16 6.43 -0.16
C GLU R 108 -42.52 7.06 0.03
N VAL R 109 -43.03 6.95 1.25
CA VAL R 109 -44.24 7.63 1.69
C VAL R 109 -43.80 8.64 2.73
N ASP R 110 -44.07 9.91 2.49
CA ASP R 110 -43.60 11.02 3.32
C ASP R 110 -44.81 11.78 3.85
N PRO R 111 -45.41 11.32 4.95
CA PRO R 111 -46.35 12.20 5.66
C PRO R 111 -45.58 13.32 6.33
N GLY R 112 -45.89 14.54 5.95
CA GLY R 112 -45.12 15.69 6.40
C GLY R 112 -45.45 16.08 7.83
N ASP R 113 -45.26 17.37 8.11
CA ASP R 113 -45.64 17.88 9.42
C ASP R 113 -47.15 17.93 9.53
N TRP R 114 -47.66 17.58 10.70
CA TRP R 114 -49.09 17.65 10.99
C TRP R 114 -49.31 18.77 11.99
N LYS R 115 -49.51 19.98 11.48
CA LYS R 115 -50.01 21.06 12.29
C LYS R 115 -51.52 21.07 12.20
N ALA R 116 -52.16 21.69 13.20
CA ALA R 116 -53.60 21.58 13.36
C ALA R 116 -54.35 22.31 12.25
N GLY R 117 -54.17 23.62 12.16
CA GLY R 117 -54.90 24.32 11.13
C GLY R 117 -54.35 24.21 9.74
N GLU R 118 -53.21 23.57 9.54
CA GLU R 118 -52.53 23.54 8.26
C GLU R 118 -52.86 22.26 7.50
N LYS R 119 -52.98 22.38 6.18
CA LYS R 119 -53.21 21.25 5.30
C LYS R 119 -52.04 20.27 5.35
N ALA R 120 -52.34 19.00 5.58
CA ALA R 120 -51.33 17.95 5.69
C ALA R 120 -51.25 17.17 4.40
N GLU R 121 -50.04 17.03 3.86
CA GLU R 121 -49.80 16.53 2.51
C GLU R 121 -48.93 15.29 2.58
N PHE R 122 -49.47 14.13 2.18
CA PHE R 122 -48.70 12.91 2.03
C PHE R 122 -47.92 13.00 0.72
N LYS R 123 -46.60 13.03 0.79
CA LYS R 123 -45.77 13.06 -0.41
C LYS R 123 -45.29 11.64 -0.72
N TYR R 124 -45.54 11.17 -1.93
CA TYR R 124 -45.13 9.84 -2.34
C TYR R 124 -44.06 9.97 -3.43
N ALA R 125 -43.38 8.87 -3.71
CA ALA R 125 -42.40 8.85 -4.79
C ALA R 125 -42.28 7.43 -5.28
N VAL R 126 -42.33 7.23 -6.59
CA VAL R 126 -42.24 5.88 -7.12
C VAL R 126 -40.93 5.75 -7.89
N ALA R 127 -40.44 4.53 -7.97
CA ALA R 127 -39.19 4.24 -8.66
C ALA R 127 -39.56 3.56 -9.96
N VAL R 128 -39.50 4.32 -11.05
CA VAL R 128 -40.20 3.98 -12.29
C VAL R 128 -39.47 2.86 -13.02
N SER R 129 -40.14 1.74 -13.22
CA SER R 129 -39.62 0.58 -13.91
C SER R 129 -40.17 0.42 -15.32
N TYR R 130 -41.14 1.24 -15.70
CA TYR R 130 -41.70 1.29 -17.04
C TYR R 130 -42.35 2.64 -17.20
N TYR R 131 -42.17 3.25 -18.36
CA TYR R 131 -42.71 4.59 -18.55
C TYR R 131 -43.09 4.78 -20.00
N LYS R 132 -44.37 5.09 -20.25
CA LYS R 132 -44.83 5.44 -21.59
C LYS R 132 -45.56 6.75 -21.52
N LEU R 133 -45.08 7.74 -22.28
CA LEU R 133 -45.72 9.04 -22.38
C LEU R 133 -46.44 9.15 -23.70
N GLU R 134 -47.76 9.36 -23.66
CA GLU R 134 -48.53 9.65 -24.85
C GLU R 134 -49.01 11.09 -24.82
N VAL R 135 -48.77 11.80 -25.92
CA VAL R 135 -49.22 13.17 -26.08
C VAL R 135 -50.15 13.20 -27.27
N ASP R 136 -51.38 13.69 -27.04
CA ASP R 136 -52.48 13.70 -28.00
C ASP R 136 -52.77 12.29 -28.52
N GLY R 137 -52.68 11.32 -27.61
CA GLY R 137 -52.91 9.94 -27.95
C GLY R 137 -51.87 9.32 -28.85
N ARG R 138 -50.65 9.87 -28.87
CA ARG R 138 -49.60 9.39 -29.74
C ARG R 138 -48.36 9.14 -28.90
N GLU R 139 -47.74 7.97 -29.07
CA GLU R 139 -46.62 7.56 -28.23
C GLU R 139 -45.42 8.46 -28.45
N VAL R 140 -45.01 9.16 -27.40
CA VAL R 140 -43.80 9.95 -27.45
C VAL R 140 -42.69 9.11 -26.86
N TYR R 141 -42.82 8.72 -25.61
CA TYR R 141 -41.75 7.98 -24.94
C TYR R 141 -42.24 6.59 -24.61
N GLU R 142 -41.32 5.63 -24.60
CA GLU R 142 -41.61 4.31 -24.06
C GLU R 142 -40.30 3.74 -23.55
N ILE R 143 -40.13 3.71 -22.24
CA ILE R 143 -38.88 3.32 -21.61
C ILE R 143 -39.13 2.11 -20.74
N ASP R 144 -38.51 1.00 -21.07
CA ASP R 144 -38.59 -0.22 -20.29
C ASP R 144 -37.15 -0.68 -20.11
N PRO R 145 -36.55 -0.46 -18.93
CA PRO R 145 -35.13 -0.81 -18.71
C PRO R 145 -34.82 -2.28 -18.90
N VAL R 146 -35.41 -3.16 -18.10
CA VAL R 146 -35.39 -4.57 -18.42
C VAL R 146 -36.25 -4.77 -19.65
N ASN R 147 -35.84 -5.67 -20.56
CA ASN R 147 -36.27 -5.68 -21.96
C ASN R 147 -36.00 -4.32 -22.59
N GLY R 148 -34.70 -4.03 -22.76
CA GLY R 148 -34.23 -2.69 -23.05
C GLY R 148 -34.80 -2.01 -24.28
N VAL R 149 -35.75 -1.11 -24.03
CA VAL R 149 -36.53 -0.43 -25.05
C VAL R 149 -36.47 1.05 -24.75
N ARG R 150 -36.09 1.85 -25.74
CA ARG R 150 -36.16 3.30 -25.64
C ARG R 150 -36.75 3.82 -26.95
N ALA R 151 -38.07 3.90 -27.00
CA ALA R 151 -38.77 4.37 -28.19
C ALA R 151 -39.07 5.86 -28.07
N ILE R 152 -38.84 6.60 -29.15
CA ILE R 152 -38.89 8.06 -29.10
C ILE R 152 -39.96 8.60 -30.06
N ASN R 153 -40.28 7.87 -31.11
CA ASN R 153 -41.48 8.23 -31.84
C ASN R 153 -42.20 6.97 -32.30
N GLY R 154 -42.20 5.96 -31.45
CA GLY R 154 -42.45 4.60 -31.89
C GLY R 154 -41.21 3.91 -32.44
N VAL R 155 -40.10 4.63 -32.57
CA VAL R 155 -38.86 4.12 -33.13
C VAL R 155 -37.97 3.70 -31.98
N ASP R 156 -37.71 2.41 -31.86
CA ASP R 156 -36.86 1.90 -30.79
C ASP R 156 -35.41 2.26 -31.07
N GLN R 157 -34.85 3.15 -30.24
CA GLN R 157 -33.48 3.59 -30.43
C GLN R 157 -32.47 2.54 -30.04
N LEU R 158 -32.88 1.55 -29.26
CA LEU R 158 -31.95 0.53 -28.79
C LEU R 158 -31.96 -0.73 -29.63
N ALA R 159 -32.42 -0.66 -30.88
CA ALA R 159 -32.29 -1.80 -31.78
C ALA R 159 -30.84 -2.01 -32.18
N GLY R 160 -30.02 -0.95 -32.10
CA GLY R 160 -28.61 -1.10 -32.38
C GLY R 160 -27.89 -1.95 -31.34
N MET R 161 -28.07 -1.61 -30.05
CA MET R 161 -27.43 -2.39 -29.00
C MET R 161 -28.09 -3.74 -28.79
N ARG R 162 -29.33 -3.92 -29.25
CA ARG R 162 -30.02 -5.17 -29.02
C ARG R 162 -29.44 -6.29 -29.86
N ASN R 163 -29.09 -6.00 -31.11
CA ASN R 163 -28.44 -6.99 -31.96
C ASN R 163 -26.99 -7.19 -31.59
N ASP R 164 -26.34 -6.16 -31.04
CA ASP R 164 -24.95 -6.28 -30.64
C ASP R 164 -24.83 -7.19 -29.43
N LEU R 165 -25.74 -7.08 -28.49
CA LEU R 165 -25.70 -7.91 -27.30
C LEU R 165 -26.38 -9.24 -27.48
N GLY R 166 -27.03 -9.47 -28.61
CA GLY R 166 -27.74 -10.72 -28.82
C GLY R 166 -28.96 -10.88 -27.96
N LEU R 167 -29.65 -9.78 -27.66
CA LEU R 167 -30.76 -9.81 -26.71
C LEU R 167 -32.03 -10.36 -27.33
N MET S 1 -63.61 10.76 -5.81
CA MET S 1 -63.37 10.85 -4.38
C MET S 1 -63.91 12.13 -3.78
N ILE S 2 -63.69 12.27 -2.48
CA ILE S 2 -64.14 13.43 -1.72
C ILE S 2 -62.89 14.19 -1.31
N PRO S 3 -62.86 15.51 -1.44
CA PRO S 3 -61.72 16.28 -0.94
C PRO S 3 -61.59 16.20 0.57
N GLN S 4 -60.48 15.62 1.01
CA GLN S 4 -60.25 15.22 2.38
C GLN S 4 -58.93 15.80 2.85
N THR S 5 -58.91 16.31 4.08
CA THR S 5 -57.75 17.00 4.61
C THR S 5 -57.76 16.84 6.13
N LEU S 6 -56.58 16.69 6.72
CA LEU S 6 -56.41 16.77 8.16
C LEU S 6 -56.95 18.09 8.69
N THR S 7 -57.59 18.04 9.85
CA THR S 7 -57.94 19.26 10.56
C THR S 7 -57.42 19.31 11.98
N ASN S 8 -57.17 18.16 12.61
CA ASN S 8 -56.84 18.14 14.02
C ASN S 8 -55.90 16.98 14.32
N THR S 9 -55.02 17.18 15.29
CA THR S 9 -54.04 16.19 15.69
C THR S 9 -54.13 15.97 17.19
N ASN S 10 -53.55 14.87 17.66
CA ASN S 10 -53.45 14.62 19.09
C ASN S 10 -52.25 13.71 19.32
N LEU S 11 -51.84 13.61 20.57
CA LEU S 11 -50.69 12.81 20.96
C LEU S 11 -50.93 12.19 22.32
N PHE S 12 -50.69 10.89 22.41
CA PHE S 12 -50.68 10.14 23.65
C PHE S 12 -49.28 9.59 23.83
N ILE S 13 -48.59 9.95 24.91
CA ILE S 13 -47.25 9.41 25.10
C ILE S 13 -47.31 8.08 25.82
N ASP S 14 -47.73 8.08 27.07
CA ASP S 14 -47.80 6.83 27.82
C ASP S 14 -49.19 6.68 28.38
N GLY S 15 -50.17 6.88 27.50
CA GLY S 15 -51.55 6.99 27.89
C GLY S 15 -51.98 8.38 28.30
N VAL S 16 -51.04 9.24 28.66
CA VAL S 16 -51.36 10.61 29.01
C VAL S 16 -51.61 11.40 27.74
N SER S 17 -52.62 12.26 27.76
CA SER S 17 -53.01 13.00 26.59
C SER S 17 -52.29 14.34 26.54
N PHE S 18 -51.80 14.68 25.35
CA PHE S 18 -51.18 16.00 25.15
C PHE S 18 -52.13 16.95 24.44
N ALA S 19 -53.40 16.92 24.82
CA ALA S 19 -54.47 17.63 24.12
C ALA S 19 -54.47 19.14 24.36
N GLY S 20 -53.39 19.71 24.87
CA GLY S 20 -53.27 21.14 24.93
C GLY S 20 -52.01 21.69 24.29
N ASP S 21 -50.95 20.90 24.18
CA ASP S 21 -49.64 21.46 23.85
C ASP S 21 -48.82 20.63 22.89
N VAL S 22 -49.42 20.15 21.79
CA VAL S 22 -48.56 19.68 20.70
C VAL S 22 -48.91 20.40 19.40
N PRO S 23 -48.16 21.44 19.03
CA PRO S 23 -48.51 22.16 17.79
C PRO S 23 -48.19 21.40 16.52
N SER S 24 -47.18 20.54 16.51
CA SER S 24 -46.84 19.82 15.28
C SER S 24 -46.46 18.38 15.59
N LEU S 25 -46.92 17.47 14.73
CA LEU S 25 -46.55 16.07 14.74
C LEU S 25 -45.82 15.76 13.45
N THR S 26 -45.07 14.66 13.44
CA THR S 26 -44.52 14.16 12.18
C THR S 26 -44.43 12.65 12.28
N LEU S 27 -45.22 11.96 11.46
CA LEU S 27 -45.11 10.52 11.35
C LEU S 27 -43.79 10.17 10.70
N PRO S 28 -43.27 8.96 10.94
CA PRO S 28 -42.01 8.59 10.30
C PRO S 28 -42.14 8.42 8.80
N LYS S 29 -41.15 8.94 8.08
CA LYS S 29 -41.09 8.81 6.63
C LYS S 29 -40.71 7.38 6.29
N LEU S 30 -41.64 6.63 5.74
CA LEU S 30 -41.36 5.27 5.31
C LEU S 30 -40.70 5.34 3.94
N ALA S 31 -39.41 5.12 3.90
CA ALA S 31 -38.68 5.05 2.63
C ALA S 31 -38.08 3.67 2.52
N VAL S 32 -38.24 3.06 1.37
CA VAL S 32 -37.55 1.80 1.14
C VAL S 32 -36.14 2.15 0.68
N LYS S 33 -35.19 1.27 0.97
CA LYS S 33 -33.80 1.53 0.62
C LYS S 33 -33.58 0.97 -0.77
N THR S 34 -33.73 1.82 -1.77
CA THR S 34 -33.47 1.39 -3.15
C THR S 34 -32.00 1.50 -3.46
N GLU S 35 -31.52 0.56 -4.28
CA GLU S 35 -30.27 0.68 -4.99
C GLU S 35 -30.57 0.70 -6.47
N GLN S 36 -30.09 1.72 -7.17
CA GLN S 36 -30.34 1.85 -8.60
C GLN S 36 -29.56 0.76 -9.32
N TYR S 37 -30.27 -0.16 -9.94
CA TYR S 37 -29.67 -1.38 -10.45
C TYR S 37 -29.60 -1.33 -11.96
N ARG S 38 -28.41 -1.06 -12.48
CA ARG S 38 -28.09 -1.09 -13.90
C ARG S 38 -27.13 -2.24 -14.16
N ALA S 39 -27.45 -3.09 -15.13
CA ALA S 39 -26.67 -4.29 -15.35
C ALA S 39 -26.69 -4.59 -16.84
N GLY S 40 -26.44 -5.85 -17.19
CA GLY S 40 -26.24 -6.22 -18.58
C GLY S 40 -27.53 -6.15 -19.37
N GLY S 41 -27.42 -5.69 -20.60
CA GLY S 41 -28.56 -5.68 -21.50
C GLY S 41 -29.63 -4.67 -21.18
N MET S 42 -29.28 -3.57 -20.53
CA MET S 42 -30.28 -2.57 -20.19
C MET S 42 -29.66 -1.19 -20.05
N ASP S 43 -30.42 -0.17 -20.47
CA ASP S 43 -29.94 1.20 -20.57
C ASP S 43 -30.28 2.04 -19.36
N ALA S 44 -31.14 1.58 -18.47
CA ALA S 44 -31.58 2.39 -17.36
C ALA S 44 -31.61 1.55 -16.09
N PRO S 45 -31.40 2.17 -14.93
CA PRO S 45 -31.53 1.44 -13.66
C PRO S 45 -32.97 1.08 -13.37
N VAL S 46 -33.16 0.23 -12.36
CA VAL S 46 -34.48 -0.36 -12.17
C VAL S 46 -34.91 -0.37 -10.70
N SER S 47 -33.98 -0.05 -9.78
CA SER S 47 -34.26 0.21 -8.35
C SER S 47 -34.87 -1.00 -7.62
N ILE S 48 -34.01 -2.01 -7.39
CA ILE S 48 -34.35 -3.11 -6.50
C ILE S 48 -34.44 -2.62 -5.06
N ASP S 49 -35.33 -3.22 -4.27
CA ASP S 49 -35.42 -2.91 -2.85
C ASP S 49 -34.37 -3.65 -2.04
N MET S 50 -33.92 -3.01 -0.97
CA MET S 50 -32.89 -3.58 -0.09
C MET S 50 -33.33 -3.54 1.36
N GLY S 51 -34.61 -3.38 1.63
CA GLY S 51 -35.13 -3.21 2.98
C GLY S 51 -35.58 -1.78 3.20
N LEU S 52 -36.09 -1.53 4.40
CA LEU S 52 -36.55 -0.19 4.74
C LEU S 52 -35.41 0.67 5.29
N GLU S 53 -35.62 1.97 5.23
CA GLU S 53 -34.75 2.95 5.86
C GLU S 53 -35.05 3.03 7.35
N ALA S 54 -34.23 3.80 8.05
CA ALA S 54 -34.45 4.05 9.46
C ALA S 54 -35.55 5.09 9.64
N MET S 55 -36.46 4.81 10.57
CA MET S 55 -37.63 5.64 10.78
C MET S 55 -37.41 6.56 11.96
N GLU S 56 -37.68 7.84 11.77
CA GLU S 56 -37.73 8.79 12.88
C GLU S 56 -39.05 9.51 12.87
N ALA S 57 -39.72 9.53 14.02
CA ALA S 57 -40.90 10.34 14.23
C ALA S 57 -40.51 11.50 15.14
N LYS S 58 -40.83 12.70 14.73
CA LYS S 58 -40.49 13.86 15.53
C LYS S 58 -41.77 14.60 15.87
N PHE S 59 -41.76 15.29 16.99
CA PHE S 59 -42.92 16.04 17.44
C PHE S 59 -42.45 17.13 18.37
N SER S 60 -43.28 18.16 18.50
CA SER S 60 -42.91 19.31 19.29
C SER S 60 -43.97 19.61 20.32
N THR S 61 -43.54 19.94 21.53
CA THR S 61 -44.37 20.58 22.52
C THR S 61 -43.81 21.96 22.79
N ASN S 62 -44.63 22.84 23.34
CA ASN S 62 -44.14 24.17 23.65
C ASN S 62 -44.52 24.66 25.04
N GLY S 63 -44.97 23.75 25.90
CA GLY S 63 -44.92 23.93 27.33
C GLY S 63 -43.76 23.17 27.93
N ALA S 64 -43.80 22.99 29.25
CA ALA S 64 -42.71 22.29 29.93
C ALA S 64 -42.80 20.79 29.69
N ARG S 65 -43.88 20.17 30.17
CA ARG S 65 -44.32 18.82 29.82
C ARG S 65 -43.27 17.76 30.16
N ARG S 66 -43.13 17.56 31.47
CA ARG S 66 -42.31 16.47 32.00
C ARG S 66 -42.79 15.10 31.53
N GLU S 67 -44.08 14.95 31.20
CA GLU S 67 -44.61 13.68 30.73
C GLU S 67 -44.05 13.26 29.37
N ALA S 68 -43.33 14.14 28.67
CA ALA S 68 -42.51 13.76 27.53
C ALA S 68 -41.02 13.98 27.76
N LEU S 69 -40.63 14.86 28.69
CA LEU S 69 -39.22 15.05 28.99
C LEU S 69 -38.62 13.87 29.73
N ASN S 70 -39.42 13.14 30.50
CA ASN S 70 -38.90 12.04 31.29
C ASN S 70 -38.68 10.76 30.51
N PHE S 71 -38.86 10.76 29.19
CA PHE S 71 -38.59 9.60 28.37
C PHE S 71 -37.33 9.74 27.53
N PHE S 72 -36.60 10.83 27.68
CA PHE S 72 -35.34 10.97 26.96
C PHE S 72 -34.27 10.08 27.58
N GLY S 73 -33.54 9.39 26.72
CA GLY S 73 -32.26 8.80 27.08
C GLY S 73 -32.33 7.74 28.15
N LEU S 74 -33.40 6.97 28.18
CA LEU S 74 -33.50 5.89 29.14
C LEU S 74 -32.56 4.76 28.72
N ALA S 75 -32.22 3.91 29.69
CA ALA S 75 -31.45 2.71 29.38
C ALA S 75 -32.27 1.76 28.52
N ASP S 76 -33.57 1.72 28.76
CA ASP S 76 -34.49 0.89 27.99
C ASP S 76 -34.79 1.62 26.69
N GLN S 77 -34.10 1.24 25.60
CA GLN S 77 -34.57 1.66 24.29
C GLN S 77 -35.86 0.93 23.97
N SER S 78 -36.63 1.49 23.02
CA SER S 78 -37.97 1.03 22.65
C SER S 78 -38.91 0.99 23.86
N ALA S 79 -38.73 1.94 24.78
CA ALA S 79 -39.63 2.10 25.91
C ALA S 79 -40.51 3.33 25.80
N PHE S 80 -40.13 4.31 25.01
CA PHE S 80 -41.04 5.38 24.60
C PHE S 80 -42.13 4.73 23.77
N ASN S 81 -43.31 4.58 24.34
CA ASN S 81 -44.46 4.30 23.49
C ASN S 81 -45.13 5.62 23.14
N GLY S 82 -46.09 5.57 22.23
CA GLY S 82 -46.64 6.81 21.74
C GLY S 82 -47.64 6.61 20.62
N VAL S 83 -48.70 7.40 20.61
CA VAL S 83 -49.77 7.28 19.65
C VAL S 83 -49.94 8.64 18.99
N PHE S 84 -49.65 8.73 17.70
CA PHE S 84 -49.92 9.95 16.94
C PHE S 84 -51.29 9.79 16.31
N ARG S 85 -52.19 10.71 16.58
CA ARG S 85 -53.53 10.65 16.03
C ARG S 85 -53.82 11.85 15.15
N GLY S 86 -54.61 11.63 14.12
CA GLY S 86 -55.04 12.70 13.26
C GLY S 86 -56.47 12.45 12.82
N SER S 87 -57.20 13.53 12.61
CA SER S 87 -58.57 13.48 12.14
C SER S 87 -58.60 14.12 10.76
N PHE S 88 -58.85 13.32 9.73
CA PHE S 88 -58.94 13.85 8.37
C PHE S 88 -60.42 14.09 8.08
N LYS S 89 -60.74 15.30 7.62
CA LYS S 89 -62.12 15.78 7.70
C LYS S 89 -62.98 15.29 6.55
N GLY S 90 -62.67 15.68 5.33
CA GLY S 90 -63.59 15.35 4.25
C GLY S 90 -64.68 16.40 4.09
N GLN S 91 -65.11 16.58 2.84
CA GLN S 91 -66.05 17.66 2.54
C GLN S 91 -67.45 17.33 3.03
N LYS S 92 -67.86 16.07 2.91
CA LYS S 92 -69.21 15.69 3.34
C LYS S 92 -69.34 15.54 4.85
N GLY S 93 -68.26 15.67 5.60
CA GLY S 93 -68.33 15.62 7.05
C GLY S 93 -67.98 14.29 7.67
N ALA S 94 -67.48 13.34 6.90
CA ALA S 94 -67.14 12.01 7.42
C ALA S 94 -65.68 12.03 7.85
N SER S 95 -65.44 12.27 9.13
CA SER S 95 -64.08 12.35 9.66
C SER S 95 -63.47 10.97 9.78
N VAL S 96 -62.28 10.80 9.20
CA VAL S 96 -61.58 9.53 9.13
C VAL S 96 -60.37 9.60 10.06
N PRO S 97 -60.26 8.73 11.05
CA PRO S 97 -59.11 8.78 11.95
C PRO S 97 -57.88 8.15 11.34
N VAL S 98 -56.72 8.77 11.58
CA VAL S 98 -55.44 8.21 11.18
C VAL S 98 -54.60 8.12 12.44
N VAL S 99 -54.42 6.90 12.94
CA VAL S 99 -53.78 6.67 14.23
C VAL S 99 -52.52 5.84 14.02
N ALA S 100 -51.41 6.34 14.52
CA ALA S 100 -50.10 5.74 14.31
C ALA S 100 -49.46 5.44 15.64
N THR S 101 -49.75 4.26 16.19
CA THR S 101 -49.05 3.80 17.36
C THR S 101 -47.60 3.49 17.02
N LEU S 102 -46.69 3.96 17.85
CA LEU S 102 -45.28 3.77 17.57
C LEU S 102 -44.50 3.66 18.86
N ARG S 103 -43.30 3.12 18.73
CA ARG S 103 -42.51 2.72 19.88
C ARG S 103 -41.04 2.88 19.51
N GLY S 104 -40.24 3.38 20.43
CA GLY S 104 -38.84 3.57 20.10
C GLY S 104 -38.08 4.31 21.18
N LEU S 105 -37.02 4.98 20.76
CA LEU S 105 -36.14 5.70 21.67
C LEU S 105 -36.28 7.18 21.39
N LEU S 106 -36.66 7.96 22.41
CA LEU S 106 -36.68 9.41 22.30
C LEU S 106 -35.25 9.90 22.24
N LYS S 107 -34.78 10.21 21.02
CA LYS S 107 -33.36 10.32 20.79
C LYS S 107 -32.81 11.73 20.85
N GLU S 108 -33.63 12.76 20.67
CA GLU S 108 -33.12 14.10 20.93
C GLU S 108 -34.23 14.99 21.47
N VAL S 109 -33.86 15.80 22.46
CA VAL S 109 -34.70 16.86 22.98
C VAL S 109 -34.03 18.17 22.62
N ASP S 110 -34.72 19.01 21.88
CA ASP S 110 -34.17 20.25 21.33
C ASP S 110 -34.98 21.42 21.86
N PRO S 111 -34.67 21.92 23.06
CA PRO S 111 -35.20 23.24 23.44
C PRO S 111 -34.52 24.31 22.61
N GLY S 112 -35.30 25.05 21.85
CA GLY S 112 -34.77 26.00 20.91
C GLY S 112 -34.28 27.27 21.57
N ASP S 113 -34.32 28.35 20.81
CA ASP S 113 -33.99 29.65 21.37
C ASP S 113 -35.07 30.11 22.32
N TRP S 114 -34.68 30.70 23.43
CA TRP S 114 -35.61 31.27 24.39
C TRP S 114 -35.50 32.79 24.34
N LYS S 115 -36.27 33.39 23.46
CA LYS S 115 -36.46 34.82 23.50
C LYS S 115 -37.67 35.12 24.37
N ALA S 116 -37.73 36.36 24.87
CA ALA S 116 -38.71 36.70 25.91
C ALA S 116 -40.13 36.71 25.34
N GLY S 117 -40.40 37.58 24.38
CA GLY S 117 -41.75 37.61 23.88
C GLY S 117 -42.13 36.52 22.92
N GLU S 118 -41.20 35.66 22.52
CA GLU S 118 -41.43 34.67 21.48
C GLU S 118 -41.79 33.32 22.11
N LYS S 119 -42.70 32.61 21.44
CA LYS S 119 -43.08 31.26 21.83
C LYS S 119 -41.90 30.30 21.74
N ALA S 120 -41.64 29.58 22.84
CA ALA S 120 -40.52 28.65 22.93
C ALA S 120 -41.01 27.23 22.71
N GLU S 121 -40.37 26.51 21.78
CA GLU S 121 -40.85 25.23 21.29
C GLU S 121 -39.81 24.15 21.56
N PHE S 122 -40.16 23.18 22.39
CA PHE S 122 -39.32 22.00 22.60
C PHE S 122 -39.52 21.05 21.42
N LYS S 123 -38.49 20.82 20.63
CA LYS S 123 -38.58 19.88 19.52
C LYS S 123 -38.01 18.54 19.95
N TYR S 124 -38.78 17.48 19.78
CA TYR S 124 -38.36 16.14 20.15
C TYR S 124 -38.21 15.31 18.87
N ALA S 125 -37.56 14.16 18.99
CA ALA S 125 -37.45 13.23 17.87
C ALA S 125 -37.27 11.84 18.45
N VAL S 126 -38.02 10.88 17.93
CA VAL S 126 -37.91 9.52 18.45
C VAL S 126 -37.33 8.64 17.35
N ALA S 127 -36.68 7.57 17.76
CA ALA S 127 -36.04 6.65 16.84
C ALA S 127 -36.91 5.39 16.83
N VAL S 128 -37.71 5.24 15.78
CA VAL S 128 -38.89 4.38 15.80
C VAL S 128 -38.46 2.92 15.67
N SER S 129 -38.79 2.12 16.68
CA SER S 129 -38.49 0.69 16.73
C SER S 129 -39.69 -0.18 16.47
N TYR S 130 -40.87 0.41 16.36
CA TYR S 130 -42.10 -0.28 16.00
C TYR S 130 -43.06 0.76 15.48
N TYR S 131 -43.77 0.45 14.41
CA TYR S 131 -44.65 1.44 13.81
C TYR S 131 -45.85 0.74 13.20
N LYS S 132 -47.04 1.10 13.64
CA LYS S 132 -48.28 0.62 13.05
C LYS S 132 -49.16 1.81 12.71
N LEU S 133 -49.51 1.94 11.44
CA LEU S 133 -50.41 2.99 10.97
C LEU S 133 -51.77 2.39 10.69
N GLU S 134 -52.80 2.88 11.37
CA GLU S 134 -54.17 2.51 11.07
C GLU S 134 -54.89 3.70 10.48
N VAL S 135 -55.55 3.48 9.35
CA VAL S 135 -56.36 4.50 8.69
C VAL S 135 -57.79 3.97 8.65
N ASP S 136 -58.72 4.77 9.21
CA ASP S 136 -60.13 4.41 9.39
C ASP S 136 -60.26 3.11 10.17
N GLY S 137 -59.40 2.95 11.18
CA GLY S 137 -59.40 1.76 12.00
C GLY S 137 -58.98 0.50 11.29
N ARG S 138 -58.21 0.61 10.21
CA ARG S 138 -57.79 -0.54 9.43
C ARG S 138 -56.29 -0.47 9.26
N GLU S 139 -55.60 -1.58 9.51
CA GLU S 139 -54.15 -1.61 9.51
C GLU S 139 -53.60 -1.36 8.11
N VAL S 140 -52.87 -0.28 7.96
CA VAL S 140 -52.19 0.00 6.71
C VAL S 140 -50.75 -0.50 6.85
N TYR S 141 -50.01 0.04 7.80
CA TYR S 141 -48.62 -0.33 7.94
C TYR S 141 -48.42 -1.04 9.26
N GLU S 142 -47.45 -1.95 9.30
CA GLU S 142 -46.99 -2.53 10.56
C GLU S 142 -45.54 -2.91 10.36
N ILE S 143 -44.62 -2.15 10.95
CA ILE S 143 -43.20 -2.32 10.74
C ILE S 143 -42.55 -2.60 12.07
N ASP S 144 -41.97 -3.78 12.21
CA ASP S 144 -41.24 -4.17 13.40
C ASP S 144 -39.91 -4.73 12.91
N PRO S 145 -38.82 -3.95 12.99
CA PRO S 145 -37.52 -4.39 12.46
C PRO S 145 -36.99 -5.66 13.09
N VAL S 146 -36.74 -5.67 14.39
CA VAL S 146 -36.52 -6.93 15.09
C VAL S 146 -37.86 -7.66 15.11
N ASN S 147 -37.84 -8.99 14.97
CA ASN S 147 -38.99 -9.79 14.53
C ASN S 147 -39.52 -9.25 13.21
N GLY S 148 -38.72 -9.43 12.16
CA GLY S 148 -38.89 -8.73 10.91
C GLY S 148 -40.23 -8.88 10.22
N VAL S 149 -41.05 -7.84 10.36
CA VAL S 149 -42.43 -7.81 9.91
C VAL S 149 -42.60 -6.53 9.10
N ARG S 150 -43.11 -6.66 7.89
CA ARG S 150 -43.50 -5.50 7.08
C ARG S 150 -44.86 -5.82 6.46
N ALA S 151 -45.92 -5.50 7.19
CA ALA S 151 -47.28 -5.74 6.73
C ALA S 151 -47.84 -4.49 6.06
N ILE S 152 -48.50 -4.68 4.91
CA ILE S 152 -48.91 -3.56 4.07
C ILE S 152 -50.44 -3.53 3.91
N ASN S 153 -51.10 -4.66 4.03
CA ASN S 153 -52.54 -4.58 4.17
C ASN S 153 -53.02 -5.63 5.15
N GLY S 154 -52.25 -5.85 6.20
CA GLY S 154 -52.31 -7.07 6.96
C GLY S 154 -51.53 -8.21 6.36
N VAL S 155 -50.95 -8.02 5.19
CA VAL S 155 -50.20 -9.03 4.46
C VAL S 155 -48.72 -8.81 4.75
N ASP S 156 -48.11 -9.76 5.46
CA ASP S 156 -46.70 -9.65 5.79
C ASP S 156 -45.85 -9.89 4.55
N GLN S 157 -45.19 -8.84 4.07
CA GLN S 157 -44.37 -8.94 2.87
C GLN S 157 -43.08 -9.71 3.11
N LEU S 158 -42.66 -9.85 4.36
CA LEU S 158 -41.41 -10.51 4.67
C LEU S 158 -41.58 -11.98 5.02
N ALA S 159 -42.69 -12.62 4.63
CA ALA S 159 -42.80 -14.05 4.81
C ALA S 159 -41.88 -14.79 3.86
N GLY S 160 -41.49 -14.15 2.75
CA GLY S 160 -40.54 -14.76 1.85
C GLY S 160 -39.15 -14.89 2.44
N MET S 161 -38.62 -13.79 2.99
CA MET S 161 -37.30 -13.84 3.61
C MET S 161 -37.32 -14.56 4.95
N ARG S 162 -38.48 -14.69 5.59
CA ARG S 162 -38.54 -15.32 6.90
C ARG S 162 -38.28 -16.81 6.81
N ASN S 163 -38.84 -17.47 5.80
CA ASN S 163 -38.58 -18.89 5.59
C ASN S 163 -37.19 -19.13 5.01
N ASP S 164 -36.66 -18.17 4.25
CA ASP S 164 -35.33 -18.32 3.69
C ASP S 164 -34.27 -18.26 4.78
N LEU S 165 -34.45 -17.38 5.75
CA LEU S 165 -33.49 -17.23 6.82
C LEU S 165 -33.75 -18.19 7.97
N GLY S 166 -34.85 -18.92 7.94
CA GLY S 166 -35.18 -19.81 9.04
C GLY S 166 -35.56 -19.10 10.30
N LEU S 167 -36.20 -17.95 10.19
CA LEU S 167 -36.49 -17.12 11.35
C LEU S 167 -37.66 -17.63 12.16
N MET T 1 -9.79 9.99 37.20
CA MET T 1 -8.80 10.92 36.70
C MET T 1 -9.43 12.15 36.07
N ILE T 2 -8.58 13.02 35.55
CA ILE T 2 -8.99 14.27 34.91
C ILE T 2 -8.66 14.13 33.43
N PRO T 3 -9.57 14.51 32.53
CA PRO T 3 -9.24 14.49 31.10
C PRO T 3 -8.13 15.49 30.77
N GLN T 4 -7.01 14.94 30.30
CA GLN T 4 -5.76 15.67 30.14
C GLN T 4 -5.26 15.47 28.73
N THR T 5 -4.76 16.53 28.11
CA THR T 5 -4.35 16.51 26.72
C THR T 5 -3.25 17.56 26.54
N LEU T 6 -2.27 17.25 25.68
CA LEU T 6 -1.31 18.23 25.22
C LEU T 6 -2.01 19.41 24.59
N THR T 7 -1.50 20.62 24.83
CA THR T 7 -1.94 21.79 24.10
C THR T 7 -0.82 22.54 23.42
N ASN T 8 0.42 22.41 23.89
CA ASN T 8 1.51 23.25 23.39
C ASN T 8 2.81 22.48 23.48
N THR T 9 3.70 22.76 22.54
CA THR T 9 5.01 22.12 22.45
C THR T 9 6.08 23.19 22.36
N ASN T 10 7.32 22.78 22.62
CA ASN T 10 8.46 23.67 22.43
C ASN T 10 9.69 22.80 22.18
N LEU T 11 10.75 23.45 21.69
CA LEU T 11 11.98 22.77 21.37
C LEU T 11 13.16 23.67 21.69
N PHE T 12 14.14 23.10 22.40
CA PHE T 12 15.43 23.72 22.65
C PHE T 12 16.49 22.84 22.03
N ILE T 13 17.25 23.36 21.07
CA ILE T 13 18.28 22.52 20.47
C ILE T 13 19.56 22.59 21.28
N ASP T 14 20.21 23.74 21.33
CA ASP T 14 21.44 23.86 22.08
C ASP T 14 21.32 25.01 23.05
N GLY T 15 20.20 25.02 23.76
CA GLY T 15 19.80 26.13 24.57
C GLY T 15 19.02 27.19 23.83
N VAL T 16 19.12 27.23 22.51
CA VAL T 16 18.36 28.19 21.72
C VAL T 16 16.92 27.70 21.61
N SER T 17 15.98 28.62 21.71
CA SER T 17 14.57 28.27 21.72
C SER T 17 14.01 28.31 20.31
N PHE T 18 13.22 27.29 19.97
CA PHE T 18 12.53 27.28 18.68
C PHE T 18 11.09 27.66 18.83
N ALA T 19 10.80 28.66 19.65
CA ALA T 19 9.45 29.04 20.05
C ALA T 19 8.67 29.76 18.97
N GLY T 20 9.10 29.73 17.72
CA GLY T 20 8.30 30.23 16.63
C GLY T 20 8.06 29.24 15.52
N ASP T 21 8.95 28.26 15.34
CA ASP T 21 8.93 27.48 14.10
C ASP T 21 9.17 26.00 14.31
N VAL T 22 8.49 25.36 15.26
CA VAL T 22 8.43 23.89 15.22
C VAL T 22 6.99 23.43 15.23
N PRO T 23 6.41 23.11 14.07
CA PRO T 23 5.01 22.68 14.06
C PRO T 23 4.77 21.29 14.62
N SER T 24 5.72 20.36 14.51
CA SER T 24 5.53 19.02 15.02
C SER T 24 6.78 18.48 15.69
N LEU T 25 6.59 17.79 16.80
CA LEU T 25 7.64 17.07 17.50
C LEU T 25 7.29 15.59 17.47
N THR T 26 8.28 14.74 17.70
CA THR T 26 8.01 13.32 17.91
C THR T 26 9.05 12.78 18.88
N LEU T 27 8.61 12.38 20.06
CA LEU T 27 9.48 11.71 21.00
C LEU T 27 9.84 10.34 20.45
N PRO T 28 10.97 9.77 20.87
CA PRO T 28 11.32 8.43 20.38
C PRO T 28 10.37 7.35 20.89
N LYS T 29 10.01 6.46 19.98
CA LYS T 29 9.16 5.32 20.33
C LYS T 29 9.99 4.32 21.10
N LEU T 30 9.70 4.18 22.39
CA LEU T 30 10.38 3.20 23.21
C LEU T 30 9.73 1.86 22.98
N ALA T 31 10.39 0.98 22.25
CA ALA T 31 9.91 -0.37 22.03
C ALA T 31 10.95 -1.32 22.59
N VAL T 32 10.52 -2.29 23.36
CA VAL T 32 11.44 -3.33 23.78
C VAL T 32 11.52 -4.35 22.65
N LYS T 33 12.66 -5.00 22.54
CA LYS T 33 12.86 -5.96 21.47
C LYS T 33 12.39 -7.32 21.97
N THR T 34 11.14 -7.65 21.69
CA THR T 34 10.61 -8.94 22.08
C THR T 34 10.96 -10.00 21.05
N GLU T 35 11.21 -11.20 21.54
CA GLU T 35 11.21 -12.39 20.71
C GLU T 35 10.09 -13.29 21.22
N GLN T 36 9.21 -13.70 20.32
CA GLN T 36 8.08 -14.55 20.69
C GLN T 36 8.62 -15.92 21.03
N TYR T 37 8.48 -16.31 22.29
CA TYR T 37 9.17 -17.48 22.83
C TYR T 37 8.17 -18.61 23.05
N ARG T 38 8.18 -19.57 22.13
CA ARG T 38 7.38 -20.80 22.22
C ARG T 38 8.35 -21.97 22.39
N ALA T 39 8.11 -22.80 23.39
CA ALA T 39 9.04 -23.86 23.72
C ALA T 39 8.24 -25.05 24.24
N GLY T 40 8.91 -25.91 25.00
CA GLY T 40 8.30 -27.17 25.40
C GLY T 40 7.21 -26.97 26.42
N GLY T 41 6.15 -27.76 26.27
CA GLY T 41 5.07 -27.76 27.23
C GLY T 41 4.20 -26.53 27.23
N MET T 42 4.08 -25.85 26.09
CA MET T 42 3.26 -24.66 26.04
C MET T 42 2.76 -24.40 24.63
N ASP T 43 1.52 -23.90 24.54
CA ASP T 43 0.80 -23.73 23.28
C ASP T 43 0.92 -22.33 22.69
N ALA T 44 1.43 -21.37 23.43
CA ALA T 44 1.46 -19.99 22.96
C ALA T 44 2.82 -19.37 23.30
N PRO T 45 3.27 -18.42 22.50
CA PRO T 45 4.50 -17.71 22.83
C PRO T 45 4.30 -16.78 24.02
N VAL T 46 5.43 -16.27 24.54
CA VAL T 46 5.35 -15.57 25.82
C VAL T 46 6.14 -14.26 25.83
N SER T 47 6.94 -14.01 24.78
CA SER T 47 7.60 -12.72 24.51
C SER T 47 8.57 -12.29 25.61
N ILE T 48 9.70 -12.99 25.66
CA ILE T 48 10.85 -12.56 26.47
C ILE T 48 11.44 -11.27 25.91
N ASP T 49 11.96 -10.41 26.78
CA ASP T 49 12.67 -9.21 26.35
C ASP T 49 14.10 -9.50 25.96
N MET T 50 14.60 -8.74 24.98
CA MET T 50 15.96 -8.91 24.48
C MET T 50 16.71 -7.58 24.47
N GLY T 51 16.24 -6.59 25.20
CA GLY T 51 16.79 -5.25 25.16
C GLY T 51 15.85 -4.30 24.45
N LEU T 52 16.27 -3.03 24.40
CA LEU T 52 15.47 -2.02 23.73
C LEU T 52 15.77 -1.97 22.24
N GLU T 53 14.83 -1.40 21.49
CA GLU T 53 15.01 -1.08 20.09
C GLU T 53 15.81 0.20 19.94
N ALA T 54 16.13 0.52 18.70
CA ALA T 54 16.81 1.78 18.39
C ALA T 54 15.81 2.92 18.42
N MET T 55 16.21 4.02 19.05
CA MET T 55 15.33 5.16 19.26
C MET T 55 15.62 6.23 18.23
N GLU T 56 14.58 6.73 17.57
CA GLU T 56 14.71 7.90 16.73
C GLU T 56 13.68 8.94 17.16
N ALA T 57 14.14 10.17 17.38
CA ALA T 57 13.27 11.31 17.60
C ALA T 57 13.31 12.17 16.35
N LYS T 58 12.15 12.50 15.83
CA LYS T 58 12.10 13.32 14.64
C LYS T 58 11.32 14.58 14.95
N PHE T 59 11.62 15.64 14.24
CA PHE T 59 10.97 16.92 14.45
C PHE T 59 11.10 17.73 13.18
N SER T 60 10.19 18.68 13.03
CA SER T 60 10.14 19.47 11.81
C SER T 60 10.18 20.95 12.13
N THR T 61 10.95 21.69 11.37
CA THR T 61 10.85 23.14 11.31
C THR T 61 10.39 23.52 9.91
N ASN T 62 9.86 24.72 9.77
CA ASN T 62 9.45 25.16 8.44
C ASN T 62 9.90 26.57 8.10
N GLY T 63 10.84 27.12 8.85
CA GLY T 63 11.68 28.20 8.41
C GLY T 63 13.05 27.68 8.00
N ALA T 64 14.00 28.60 7.89
CA ALA T 64 15.35 28.20 7.48
C ALA T 64 16.10 27.53 8.62
N ARG T 65 16.34 28.27 9.71
CA ARG T 65 16.75 27.76 11.00
C ARG T 65 18.08 27.01 10.94
N ARG T 66 19.12 27.80 10.71
CA ARG T 66 20.51 27.32 10.78
C ARG T 66 20.85 26.74 12.15
N GLU T 67 20.18 27.19 13.21
CA GLU T 67 20.43 26.68 14.55
C GLU T 67 20.05 25.21 14.73
N ALA T 68 19.34 24.61 13.77
CA ALA T 68 19.18 23.18 13.68
C ALA T 68 19.82 22.57 12.45
N LEU T 69 20.05 23.34 11.39
CA LEU T 69 20.73 22.81 10.20
C LEU T 69 22.20 22.56 10.45
N ASN T 70 22.83 23.32 11.36
CA ASN T 70 24.26 23.18 11.59
C ASN T 70 24.63 22.01 12.48
N PHE T 71 23.68 21.16 12.87
CA PHE T 71 23.99 19.97 13.64
C PHE T 71 23.89 18.70 12.83
N PHE T 72 23.61 18.78 11.54
CA PHE T 72 23.59 17.58 10.72
C PHE T 72 25.00 17.08 10.45
N GLY T 73 25.19 15.78 10.60
CA GLY T 73 26.33 15.08 10.03
C GLY T 73 27.66 15.50 10.59
N LEU T 74 27.71 15.87 11.87
CA LEU T 74 28.97 16.22 12.48
C LEU T 74 29.80 14.95 12.70
N ALA T 75 31.11 15.14 12.84
CA ALA T 75 31.97 14.03 13.20
C ALA T 75 31.67 13.52 14.59
N ASP T 76 31.30 14.43 15.49
CA ASP T 76 30.91 14.09 16.85
C ASP T 76 29.48 13.59 16.82
N GLN T 77 29.30 12.27 16.83
CA GLN T 77 27.97 11.74 17.12
C GLN T 77 27.67 11.98 18.59
N SER T 78 26.38 11.94 18.93
CA SER T 78 25.86 12.27 20.26
C SER T 78 26.26 13.68 20.70
N ALA T 79 26.35 14.60 19.73
CA ALA T 79 26.61 16.01 20.02
C ALA T 79 25.40 16.89 19.81
N PHE T 80 24.43 16.45 19.03
CA PHE T 80 23.11 17.09 19.01
C PHE T 80 22.50 16.86 20.38
N ASN T 81 22.47 17.89 21.20
CA ASN T 81 21.60 17.84 22.37
C ASN T 81 20.27 18.47 21.99
N GLY T 82 19.29 18.33 22.88
CA GLY T 82 17.96 18.76 22.51
C GLY T 82 16.93 18.45 23.57
N VAL T 83 15.98 19.36 23.77
CA VAL T 83 14.96 19.22 24.80
C VAL T 83 13.62 19.36 24.12
N PHE T 84 12.83 18.28 24.11
CA PHE T 84 11.47 18.33 23.62
C PHE T 84 10.57 18.61 24.82
N ARG T 85 9.78 19.67 24.75
CA ARG T 85 8.89 20.02 25.84
C ARG T 85 7.45 20.00 25.39
N GLY T 86 6.58 19.61 26.30
CA GLY T 86 5.15 19.63 26.04
C GLY T 86 4.43 20.05 27.30
N SER T 87 3.29 20.71 27.10
CA SER T 87 2.43 21.15 28.19
C SER T 87 1.12 20.40 28.06
N PHE T 88 0.83 19.50 28.98
CA PHE T 88 -0.41 18.76 28.96
C PHE T 88 -1.39 19.49 29.88
N LYS T 89 -2.58 19.78 29.37
CA LYS T 89 -3.41 20.82 29.99
C LYS T 89 -4.23 20.30 31.16
N GLY T 90 -5.14 19.38 30.92
CA GLY T 90 -6.04 19.00 32.00
C GLY T 90 -7.26 19.90 32.08
N GLN T 91 -8.37 19.31 32.50
CA GLN T 91 -9.64 20.04 32.48
C GLN T 91 -9.72 21.08 33.59
N LYS T 92 -9.18 20.77 34.77
CA LYS T 92 -9.23 21.71 35.88
C LYS T 92 -8.22 22.83 35.76
N GLY T 93 -7.34 22.80 34.78
CA GLY T 93 -6.38 23.87 34.56
C GLY T 93 -5.00 23.63 35.11
N ALA T 94 -4.69 22.43 35.56
CA ALA T 94 -3.38 22.11 36.13
C ALA T 94 -2.49 21.60 35.01
N SER T 95 -1.70 22.48 34.42
CA SER T 95 -0.83 22.11 33.31
C SER T 95 0.38 21.33 33.81
N VAL T 96 0.60 20.16 33.22
CA VAL T 96 1.64 19.22 33.61
C VAL T 96 2.72 19.24 32.53
N PRO T 97 3.97 19.58 32.86
CA PRO T 97 5.01 19.58 31.84
C PRO T 97 5.53 18.18 31.54
N VAL T 98 5.79 17.92 30.27
CA VAL T 98 6.42 16.69 29.82
C VAL T 98 7.67 17.10 29.06
N VAL T 99 8.83 16.88 29.66
CA VAL T 99 10.09 17.38 29.13
C VAL T 99 11.01 16.19 28.86
N ALA T 100 11.49 16.09 27.62
CA ALA T 100 12.28 14.96 27.17
C ALA T 100 13.62 15.44 26.65
N THR T 101 14.59 15.57 27.56
CA THR T 101 15.95 15.85 27.15
C THR T 101 16.53 14.65 26.42
N LEU T 102 17.17 14.90 25.30
CA LEU T 102 17.69 13.81 24.50
C LEU T 102 18.94 14.26 23.78
N ARG T 103 19.72 13.27 23.33
CA ARG T 103 21.04 13.51 22.82
C ARG T 103 21.34 12.44 21.77
N GLY T 104 21.97 12.84 20.67
CA GLY T 104 22.23 11.87 19.62
C GLY T 104 22.80 12.48 18.38
N LEU T 105 22.55 11.82 17.26
CA LEU T 105 23.06 12.23 15.97
C LEU T 105 21.90 12.66 15.10
N LEU T 106 21.92 13.91 14.63
CA LEU T 106 20.94 14.39 13.67
C LEU T 106 21.20 13.69 12.35
N LYS T 107 20.41 12.66 12.06
CA LYS T 107 20.79 11.71 11.04
C LYS T 107 20.19 11.96 9.67
N GLU T 108 19.08 12.69 9.56
CA GLU T 108 18.64 13.08 8.23
C GLU T 108 17.95 14.43 8.29
N VAL T 109 18.25 15.24 7.28
CA VAL T 109 17.58 16.51 7.02
C VAL T 109 16.82 16.34 5.73
N ASP T 110 15.49 16.52 5.79
CA ASP T 110 14.61 16.26 4.66
C ASP T 110 13.87 17.55 4.31
N PRO T 111 14.48 18.43 3.51
CA PRO T 111 13.70 19.50 2.90
C PRO T 111 12.77 18.90 1.85
N GLY T 112 11.47 19.09 2.05
CA GLY T 112 10.49 18.45 1.20
C GLY T 112 10.33 19.12 -0.14
N ASP T 113 9.14 18.99 -0.71
CA ASP T 113 8.85 19.68 -1.95
C ASP T 113 8.72 21.17 -1.68
N TRP T 114 9.25 21.97 -2.60
CA TRP T 114 9.13 23.42 -2.53
C TRP T 114 8.20 23.88 -3.64
N LYS T 115 6.92 23.90 -3.34
CA LYS T 115 5.97 24.58 -4.20
C LYS T 115 5.83 26.02 -3.74
N ALA T 116 5.36 26.88 -4.65
CA ALA T 116 5.41 28.31 -4.40
C ALA T 116 4.43 28.74 -3.32
N GLY T 117 3.16 28.51 -3.53
CA GLY T 117 2.22 28.95 -2.51
C GLY T 117 2.11 28.07 -1.29
N GLU T 118 2.79 26.92 -1.27
CA GLU T 118 2.62 25.93 -0.22
C GLU T 118 3.72 26.08 0.83
N LYS T 119 3.35 25.86 2.09
CA LYS T 119 4.28 25.86 3.20
C LYS T 119 5.33 24.75 3.06
N ALA T 120 6.59 25.14 3.16
CA ALA T 120 7.71 24.21 3.00
C ALA T 120 8.26 23.81 4.35
N GLU T 121 8.37 22.50 4.59
CA GLU T 121 8.64 21.94 5.91
C GLU T 121 9.92 21.13 5.87
N PHE T 122 10.93 21.58 6.60
CA PHE T 122 12.16 20.80 6.79
C PHE T 122 11.89 19.72 7.83
N LYS T 123 11.95 18.46 7.43
CA LYS T 123 11.78 17.35 8.35
C LYS T 123 13.14 16.84 8.78
N TYR T 124 13.35 16.77 10.10
CA TYR T 124 14.62 16.29 10.64
C TYR T 124 14.37 14.98 11.37
N ALA T 125 15.43 14.26 11.69
CA ALA T 125 15.32 13.03 12.47
C ALA T 125 16.65 12.83 13.18
N VAL T 126 16.59 12.53 14.48
CA VAL T 126 17.82 12.34 15.23
C VAL T 126 17.89 10.87 15.65
N ALA T 127 19.11 10.40 15.84
CA ALA T 127 19.35 9.03 16.24
C ALA T 127 19.75 9.05 17.70
N VAL T 128 18.82 8.70 18.56
CA VAL T 128 18.89 9.06 19.98
C VAL T 128 19.89 8.17 20.71
N SER T 129 20.90 8.81 21.28
CA SER T 129 21.96 8.14 22.04
C SER T 129 21.81 8.32 23.54
N TYR T 130 20.87 9.15 23.98
CA TYR T 130 20.55 9.33 25.38
C TYR T 130 19.14 9.89 25.44
N TYR T 131 18.34 9.41 26.36
CA TYR T 131 16.96 9.86 26.43
C TYR T 131 16.48 9.84 27.87
N LYS T 132 16.04 10.99 28.36
CA LYS T 132 15.43 11.09 29.67
C LYS T 132 14.09 11.80 29.54
N LEU T 133 13.03 11.12 29.94
CA LEU T 133 11.69 11.69 29.94
C LEU T 133 11.29 12.04 31.36
N GLU T 134 11.00 13.31 31.61
CA GLU T 134 10.45 13.75 32.88
C GLU T 134 9.01 14.19 32.68
N VAL T 135 8.13 13.66 33.52
CA VAL T 135 6.72 14.02 33.53
C VAL T 135 6.41 14.62 34.89
N ASP T 136 5.89 15.86 34.88
CA ASP T 136 5.62 16.67 36.07
C ASP T 136 6.90 16.85 36.90
N GLY T 137 8.02 17.02 36.21
CA GLY T 137 9.30 17.17 36.85
C GLY T 137 9.80 15.94 37.56
N ARG T 138 9.35 14.75 37.18
CA ARG T 138 9.74 13.52 37.84
C ARG T 138 10.22 12.55 36.77
N GLU T 139 11.37 11.92 37.00
CA GLU T 139 12.00 11.07 36.02
C GLU T 139 11.17 9.84 35.74
N VAL T 140 10.70 9.70 34.51
CA VAL T 140 10.00 8.50 34.11
C VAL T 140 11.01 7.60 33.43
N TYR T 141 11.61 8.05 32.35
CA TYR T 141 12.53 7.21 31.60
C TYR T 141 13.92 7.79 31.67
N GLU T 142 14.91 6.93 31.61
CA GLU T 142 16.30 7.37 31.44
C GLU T 142 17.04 6.24 30.74
N ILE T 143 17.32 6.42 29.46
CA ILE T 143 17.90 5.37 28.62
C ILE T 143 19.22 5.88 28.09
N ASP T 144 20.30 5.20 28.47
CA ASP T 144 21.64 5.50 27.99
C ASP T 144 22.22 4.17 27.55
N PRO T 145 22.26 3.90 26.23
CA PRO T 145 22.74 2.59 25.73
C PRO T 145 24.17 2.27 26.11
N VAL T 146 25.14 3.06 25.68
CA VAL T 146 26.47 2.98 26.25
C VAL T 146 26.36 3.50 27.68
N ASN T 147 27.12 2.89 28.61
CA ASN T 147 26.84 2.94 30.05
C ASN T 147 25.41 2.49 30.32
N GLY T 148 25.18 1.19 30.09
CA GLY T 148 23.84 0.64 29.98
C GLY T 148 22.92 0.86 31.17
N VAL T 149 22.02 1.82 30.99
CA VAL T 149 21.10 2.30 32.02
C VAL T 149 19.71 2.29 31.43
N ARG T 150 18.77 1.65 32.12
CA ARG T 150 17.36 1.71 31.75
C ARG T 150 16.58 1.94 33.04
N ALA T 151 16.40 3.19 33.42
CA ALA T 151 15.68 3.56 34.62
C ALA T 151 14.22 3.85 34.30
N ILE T 152 13.30 3.33 35.12
CA ILE T 152 11.88 3.37 34.80
C ILE T 152 11.10 4.14 35.88
N ASN T 153 11.61 4.20 37.09
CA ASN T 153 11.03 5.16 38.03
C ASN T 153 12.14 5.76 38.88
N GLY T 154 13.29 6.00 38.27
CA GLY T 154 14.52 6.13 39.01
C GLY T 154 15.17 4.82 39.36
N VAL T 155 14.52 3.70 39.06
CA VAL T 155 15.00 2.37 39.38
C VAL T 155 15.69 1.81 38.15
N ASP T 156 17.00 1.61 38.23
CA ASP T 156 17.75 1.08 37.10
C ASP T 156 17.44 -0.39 36.92
N GLN T 157 16.76 -0.74 35.83
CA GLN T 157 16.38 -2.12 35.58
C GLN T 157 17.56 -2.97 35.16
N LEU T 158 18.65 -2.36 34.71
CA LEU T 158 19.80 -3.11 34.23
C LEU T 158 20.87 -3.30 35.29
N ALA T 159 20.54 -3.18 36.57
CA ALA T 159 21.51 -3.52 37.61
C ALA T 159 21.73 -5.02 37.66
N GLY T 160 20.77 -5.81 37.17
CA GLY T 160 20.96 -7.25 37.12
C GLY T 160 22.03 -7.65 36.12
N MET T 161 21.92 -7.16 34.88
CA MET T 161 22.92 -7.47 33.87
C MET T 161 24.24 -6.76 34.10
N ARG T 162 24.24 -5.69 34.88
CA ARG T 162 25.47 -4.93 35.08
C ARG T 162 26.46 -5.69 35.95
N ASN T 163 25.97 -6.36 36.99
CA ASN T 163 26.83 -7.18 37.83
C ASN T 163 27.18 -8.49 37.15
N ASP T 164 26.32 -8.99 36.27
CA ASP T 164 26.61 -10.22 35.56
C ASP T 164 27.74 -10.03 34.56
N LEU T 165 27.74 -8.89 33.88
CA LEU T 165 28.75 -8.60 32.88
C LEU T 165 30.00 -7.98 33.49
N GLY T 166 29.97 -7.64 34.77
CA GLY T 166 31.10 -6.98 35.40
C GLY T 166 31.33 -5.58 34.91
N LEU T 167 30.27 -4.85 34.60
CA LEU T 167 30.39 -3.54 33.98
C LEU T 167 30.74 -2.46 34.99
N MET U 1 11.82 33.23 18.38
CA MET U 1 12.02 33.37 16.95
C MET U 1 10.84 34.03 16.26
N ILE U 2 10.95 34.15 14.95
CA ILE U 2 9.92 34.76 14.11
C ILE U 2 9.33 33.64 13.26
N PRO U 3 8.01 33.56 13.12
CA PRO U 3 7.43 32.57 12.22
C PRO U 3 7.80 32.84 10.76
N GLN U 4 8.52 31.89 10.19
CA GLN U 4 9.18 32.03 8.90
C GLN U 4 8.79 30.87 8.01
N THR U 5 8.51 31.16 6.74
CA THR U 5 8.01 30.16 5.81
C THR U 5 8.46 30.57 4.41
N LEU U 6 8.78 29.57 3.58
CA LEU U 6 8.98 29.79 2.15
C LEU U 6 7.75 30.42 1.53
N THR U 7 7.95 31.35 0.60
CA THR U 7 6.87 31.85 -0.22
C THR U 7 7.12 31.72 -1.70
N ASN U 8 8.38 31.64 -2.14
CA ASN U 8 8.68 31.69 -3.57
C ASN U 8 9.94 30.88 -3.84
N THR U 9 9.97 30.28 -5.02
CA THR U 9 11.09 29.45 -5.46
C THR U 9 11.57 29.94 -6.82
N ASN U 10 12.78 29.53 -7.20
CA ASN U 10 13.29 29.79 -8.53
C ASN U 10 14.31 28.72 -8.87
N LEU U 11 14.65 28.63 -10.15
CA LEU U 11 15.59 27.65 -10.64
C LEU U 11 16.44 28.25 -11.75
N PHE U 12 17.74 28.05 -11.65
CA PHE U 12 18.71 28.39 -12.69
C PHE U 12 19.39 27.08 -13.09
N ILE U 13 19.26 26.70 -14.36
CA ILE U 13 19.92 25.46 -14.77
C ILE U 13 21.36 25.73 -15.18
N ASP U 14 21.55 26.46 -16.26
CA ASP U 14 22.91 26.74 -16.70
C ASP U 14 23.07 28.24 -16.86
N GLY U 15 22.64 28.95 -15.83
CA GLY U 15 22.52 30.38 -15.87
C GLY U 15 21.20 30.87 -16.42
N VAL U 16 20.49 30.04 -17.16
CA VAL U 16 19.19 30.42 -17.68
C VAL U 16 18.16 30.31 -16.57
N SER U 17 17.25 31.28 -16.51
CA SER U 17 16.28 31.34 -15.43
C SER U 17 15.01 30.60 -15.83
N PHE U 18 14.48 29.82 -14.90
CA PHE U 18 13.20 29.15 -15.12
C PHE U 18 12.08 29.87 -14.39
N ALA U 19 12.09 31.19 -14.42
CA ALA U 19 11.20 32.03 -13.64
C ALA U 19 9.76 32.06 -14.16
N GLY U 20 9.36 31.14 -15.02
CA GLY U 20 7.98 31.01 -15.38
C GLY U 20 7.41 29.62 -15.20
N ASP U 21 8.24 28.58 -15.21
CA ASP U 21 7.71 27.23 -15.33
C ASP U 21 8.41 26.21 -14.45
N VAL U 22 8.64 26.50 -13.18
CA VAL U 22 8.96 25.40 -12.26
C VAL U 22 7.99 25.39 -11.09
N PRO U 23 6.95 24.55 -11.12
CA PRO U 23 5.99 24.55 -10.01
C PRO U 23 6.53 23.93 -8.73
N SER U 24 7.43 22.96 -8.80
CA SER U 24 7.95 22.33 -7.59
C SER U 24 9.44 22.07 -7.69
N LEU U 25 10.14 22.32 -6.58
CA LEU U 25 11.55 21.99 -6.42
C LEU U 25 11.66 20.95 -5.31
N THR U 26 12.79 20.25 -5.28
CA THR U 26 13.09 19.39 -4.13
C THR U 26 14.59 19.36 -3.95
N LEU U 27 15.06 19.93 -2.85
CA LEU U 27 16.46 19.83 -2.48
C LEU U 27 16.77 18.38 -2.14
N PRO U 28 18.04 17.96 -2.25
CA PRO U 28 18.38 16.59 -1.89
C PRO U 28 18.25 16.33 -0.40
N LYS U 29 17.68 15.18 -0.07
CA LYS U 29 17.55 14.75 1.32
C LYS U 29 18.91 14.31 1.83
N LEU U 30 19.48 15.09 2.72
CA LEU U 30 20.75 14.74 3.33
C LEU U 30 20.47 13.74 4.44
N ALA U 31 20.78 12.48 4.22
CA ALA U 31 20.66 11.45 5.23
C ALA U 31 22.03 10.87 5.47
N VAL U 32 22.42 10.73 6.71
CA VAL U 32 23.65 10.03 7.01
C VAL U 32 23.33 8.55 7.02
N LYS U 33 24.30 7.72 6.67
CA LYS U 33 24.08 6.28 6.61
C LYS U 33 24.38 5.71 7.98
N THR U 34 23.36 5.58 8.81
CA THR U 34 23.54 5.00 10.12
C THR U 34 23.48 3.48 10.04
N GLU U 35 24.29 2.84 10.88
CA GLU U 35 24.11 1.44 11.20
C GLU U 35 23.81 1.35 12.69
N GLN U 36 22.71 0.68 13.03
CA GLN U 36 22.31 0.54 14.42
C GLN U 36 23.29 -0.38 15.13
N TYR U 37 24.04 0.17 16.08
CA TYR U 37 25.18 -0.52 16.64
C TYR U 37 24.86 -0.98 18.06
N ARG U 38 24.59 -2.27 18.19
CA ARG U 38 24.38 -2.94 19.47
C ARG U 38 25.51 -3.91 19.69
N ALA U 39 26.15 -3.84 20.85
CA ALA U 39 27.34 -4.63 21.11
C ALA U 39 27.36 -5.00 22.59
N GLY U 40 28.54 -5.30 23.10
CA GLY U 40 28.67 -5.84 24.43
C GLY U 40 28.37 -4.80 25.50
N GLY U 41 27.70 -5.23 26.55
CA GLY U 41 27.45 -4.37 27.68
C GLY U 41 26.45 -3.27 27.45
N MET U 42 25.51 -3.46 26.53
CA MET U 42 24.52 -2.43 26.27
C MET U 42 23.24 -3.01 25.72
N ASP U 43 22.12 -2.41 26.11
CA ASP U 43 20.78 -2.93 25.80
C ASP U 43 20.15 -2.29 24.58
N ALA U 44 20.71 -1.23 24.04
CA ALA U 44 20.09 -0.52 22.94
C ALA U 44 21.14 -0.16 21.91
N PRO U 45 20.76 -0.07 20.64
CA PRO U 45 21.71 0.39 19.60
C PRO U 45 22.01 1.87 19.75
N VAL U 46 23.02 2.33 19.02
CA VAL U 46 23.54 3.66 19.29
C VAL U 46 23.79 4.45 17.99
N SER U 47 23.71 3.79 16.83
CA SER U 47 23.70 4.44 15.50
C SER U 47 24.97 5.23 15.20
N ILE U 48 26.06 4.47 14.96
CA ILE U 48 27.29 5.06 14.41
C ILE U 48 27.06 5.50 12.97
N ASP U 49 27.74 6.59 12.56
CA ASP U 49 27.69 7.03 11.17
C ASP U 49 28.63 6.24 10.29
N MET U 50 28.23 6.06 9.03
CA MET U 50 29.01 5.31 8.06
C MET U 50 29.22 6.11 6.78
N GLY U 51 29.02 7.42 6.81
CA GLY U 51 29.06 8.27 5.64
C GLY U 51 27.66 8.73 5.25
N LEU U 52 27.61 9.53 4.20
CA LEU U 52 26.33 10.04 3.73
C LEU U 52 25.67 9.06 2.76
N GLU U 53 24.37 9.22 2.61
CA GLU U 53 23.58 8.52 1.60
C GLU U 53 23.76 9.20 0.25
N ALA U 54 23.18 8.58 -0.77
CA ALA U 54 23.18 9.15 -2.10
C ALA U 54 22.13 10.25 -2.19
N MET U 55 22.50 11.37 -2.79
CA MET U 55 21.65 12.54 -2.86
C MET U 55 20.97 12.61 -4.22
N GLU U 56 19.66 12.80 -4.22
CA GLU U 56 18.95 13.10 -5.45
C GLU U 56 18.13 14.38 -5.25
N ALA U 57 18.28 15.31 -6.17
CA ALA U 57 17.44 16.50 -6.24
C ALA U 57 16.51 16.34 -7.41
N LYS U 58 15.22 16.51 -7.18
CA LYS U 58 14.26 16.38 -8.25
C LYS U 58 13.51 17.68 -8.39
N PHE U 59 13.04 17.95 -9.59
CA PHE U 59 12.32 19.18 -9.88
C PHE U 59 11.44 18.94 -11.10
N SER U 60 10.40 19.75 -11.21
CA SER U 60 9.44 19.58 -12.28
C SER U 60 9.25 20.87 -13.04
N THR U 61 9.20 20.76 -14.35
CA THR U 61 8.70 21.81 -15.22
C THR U 61 7.42 21.31 -15.88
N ASN U 62 6.61 22.23 -16.38
CA ASN U 62 5.39 21.80 -17.05
C ASN U 62 5.15 22.53 -18.36
N GLY U 63 6.17 23.20 -18.89
CA GLY U 63 6.25 23.52 -20.29
C GLY U 63 7.20 22.57 -21.01
N ALA U 64 7.60 22.96 -22.21
CA ALA U 64 8.49 22.09 -23.00
C ALA U 64 9.91 22.15 -22.46
N ARG U 65 10.53 23.33 -22.52
CA ARG U 65 11.77 23.68 -21.80
C ARG U 65 12.93 22.78 -22.18
N ARG U 66 13.38 22.98 -23.42
CA ARG U 66 14.60 22.35 -23.92
C ARG U 66 15.83 22.71 -23.10
N GLU U 67 15.83 23.87 -22.43
CA GLU U 67 16.94 24.29 -21.60
C GLU U 67 17.15 23.40 -20.37
N ALA U 68 16.20 22.51 -20.06
CA ALA U 68 16.42 21.44 -19.12
C ALA U 68 16.35 20.05 -19.74
N LEU U 69 15.69 19.89 -20.89
CA LEU U 69 15.64 18.61 -21.56
C LEU U 69 16.98 18.24 -22.19
N ASN U 70 17.79 19.22 -22.58
CA ASN U 70 19.05 18.95 -23.25
C ASN U 70 20.18 18.56 -22.30
N PHE U 71 19.91 18.40 -21.02
CA PHE U 71 20.93 17.93 -20.07
C PHE U 71 20.72 16.51 -19.63
N PHE U 72 19.71 15.82 -20.15
CA PHE U 72 19.54 14.40 -19.82
C PHE U 72 20.60 13.55 -20.50
N GLY U 73 21.17 12.64 -19.73
CA GLY U 73 21.90 11.50 -20.28
C GLY U 73 23.13 11.87 -21.07
N LEU U 74 23.82 12.93 -20.69
CA LEU U 74 25.04 13.28 -21.35
C LEU U 74 26.15 12.30 -20.98
N ALA U 75 27.17 12.24 -21.82
CA ALA U 75 28.34 11.44 -21.47
C ALA U 75 29.07 12.02 -20.28
N ASP U 76 29.07 13.34 -20.18
CA ASP U 76 29.67 14.03 -19.04
C ASP U 76 28.70 13.97 -17.87
N GLN U 77 28.92 13.05 -16.95
CA GLN U 77 28.24 13.15 -15.67
C GLN U 77 28.81 14.33 -14.90
N SER U 78 28.03 14.80 -13.92
CA SER U 78 28.33 16.03 -13.14
C SER U 78 28.52 17.25 -14.04
N ALA U 79 27.76 17.29 -15.14
CA ALA U 79 27.76 18.45 -16.03
C ALA U 79 26.47 19.25 -15.94
N PHE U 80 25.39 18.65 -15.47
CA PHE U 80 24.21 19.41 -15.06
C PHE U 80 24.61 20.25 -13.88
N ASN U 81 24.79 21.55 -14.08
CA ASN U 81 24.83 22.44 -12.94
C ASN U 81 23.42 22.97 -12.70
N GLY U 82 23.25 23.66 -11.59
CA GLY U 82 21.90 24.05 -11.22
C GLY U 82 21.82 24.73 -9.88
N VAL U 83 20.97 25.73 -9.76
CA VAL U 83 20.84 26.52 -8.55
C VAL U 83 19.38 26.50 -8.14
N PHE U 84 19.07 25.88 -7.02
CA PHE U 84 17.72 25.91 -6.47
C PHE U 84 17.67 27.08 -5.49
N ARG U 85 16.75 28.01 -5.70
CA ARG U 85 16.62 29.16 -4.84
C ARG U 85 15.26 29.19 -4.18
N GLY U 86 15.24 29.68 -2.95
CA GLY U 86 14.00 29.86 -2.22
C GLY U 86 14.07 31.13 -1.41
N SER U 87 12.92 31.75 -1.23
CA SER U 87 12.79 32.97 -0.43
C SER U 87 11.91 32.62 0.76
N PHE U 88 12.48 32.62 1.95
CA PHE U 88 11.72 32.34 3.15
C PHE U 88 11.32 33.68 3.76
N LYS U 89 10.03 33.85 4.05
CA LYS U 89 9.49 35.20 4.21
C LYS U 89 9.70 35.75 5.62
N GLY U 90 9.11 35.12 6.62
CA GLY U 90 9.16 35.73 7.94
C GLY U 90 8.05 36.73 8.16
N GLN U 91 7.60 36.82 9.42
CA GLN U 91 6.43 37.63 9.73
C GLN U 91 6.75 39.11 9.68
N LYS U 92 7.93 39.51 10.14
CA LYS U 92 8.29 40.92 10.15
C LYS U 92 8.70 41.45 8.78
N GLY U 93 8.79 40.59 7.77
CA GLY U 93 9.10 41.03 6.42
C GLY U 93 10.54 40.88 6.00
N ALA U 94 11.37 40.22 6.79
CA ALA U 94 12.78 40.04 6.47
C ALA U 94 12.94 38.75 5.69
N SER U 95 12.96 38.84 4.37
CA SER U 95 13.07 37.67 3.51
C SER U 95 14.49 37.13 3.51
N VAL U 96 14.63 35.84 3.81
CA VAL U 96 15.90 35.16 3.94
C VAL U 96 16.08 34.24 2.74
N PRO U 97 17.13 34.41 1.94
CA PRO U 97 17.33 33.53 0.78
C PRO U 97 17.92 32.19 1.19
N VAL U 98 17.44 31.13 0.56
CA VAL U 98 17.99 29.79 0.72
C VAL U 98 18.37 29.32 -0.67
N VAL U 99 19.67 29.28 -0.95
CA VAL U 99 20.18 29.02 -2.28
C VAL U 99 21.04 27.76 -2.25
N ALA U 100 20.71 26.80 -3.10
CA ALA U 100 21.35 25.49 -3.10
C ALA U 100 21.94 25.22 -4.48
N THR U 101 23.17 25.66 -4.68
CA THR U 101 23.88 25.30 -5.89
C THR U 101 24.22 23.82 -5.87
N LEU U 102 23.98 23.13 -6.98
CA LEU U 102 24.21 21.71 -7.02
C LEU U 102 24.61 21.29 -8.41
N ARG U 103 25.20 20.11 -8.49
CA ARG U 103 25.85 19.65 -9.71
C ARG U 103 25.73 18.14 -9.75
N GLY U 104 25.45 17.59 -10.92
CA GLY U 104 25.30 16.15 -11.01
C GLY U 104 24.83 15.68 -12.36
N LEU U 105 24.16 14.54 -12.36
CA LEU U 105 23.68 13.91 -13.58
C LEU U 105 22.16 13.95 -13.56
N LEU U 106 21.58 14.56 -14.59
CA LEU U 106 20.13 14.53 -14.76
C LEU U 106 19.74 13.12 -15.15
N LYS U 107 19.24 12.35 -14.18
CA LYS U 107 19.19 10.91 -14.34
C LYS U 107 17.85 10.37 -14.80
N GLU U 108 16.76 11.10 -14.64
CA GLU U 108 15.52 10.64 -15.27
C GLU U 108 14.67 11.84 -15.68
N VAL U 109 14.09 11.73 -16.85
CA VAL U 109 13.08 12.65 -17.35
C VAL U 109 11.78 11.88 -17.44
N ASP U 110 10.76 12.36 -16.72
CA ASP U 110 9.49 11.65 -16.58
C ASP U 110 8.38 12.54 -17.10
N PRO U 111 8.13 12.56 -18.42
CA PRO U 111 6.88 13.14 -18.91
C PRO U 111 5.73 12.25 -18.50
N GLY U 112 4.80 12.80 -17.72
CA GLY U 112 3.73 12.01 -17.15
C GLY U 112 2.64 11.70 -18.15
N ASP U 113 1.43 11.52 -17.63
CA ASP U 113 0.29 11.31 -18.50
C ASP U 113 -0.06 12.61 -19.21
N TRP U 114 -0.41 12.50 -20.48
CA TRP U 114 -0.86 13.64 -21.27
C TRP U 114 -2.34 13.48 -21.54
N LYS U 115 -3.14 13.99 -20.63
CA LYS U 115 -4.56 14.16 -20.90
C LYS U 115 -4.78 15.55 -21.48
N ALA U 116 -5.90 15.72 -22.18
CA ALA U 116 -6.11 16.91 -22.98
C ALA U 116 -6.33 18.14 -22.09
N GLY U 117 -7.37 18.13 -21.28
CA GLY U 117 -7.59 19.32 -20.48
C GLY U 117 -6.73 19.46 -19.25
N GLU U 118 -5.89 18.47 -18.95
CA GLU U 118 -5.12 18.45 -17.72
C GLU U 118 -3.71 18.98 -17.95
N LYS U 119 -3.19 19.69 -16.96
CA LYS U 119 -1.82 20.19 -16.97
C LYS U 119 -0.82 19.03 -16.99
N ALA U 120 0.10 19.08 -17.95
CA ALA U 120 1.11 18.05 -18.13
C ALA U 120 2.44 18.49 -17.54
N GLU U 121 3.02 17.64 -16.68
CA GLU U 121 4.15 18.00 -15.83
C GLU U 121 5.32 17.09 -16.14
N PHE U 122 6.40 17.65 -16.66
CA PHE U 122 7.66 16.92 -16.83
C PHE U 122 8.36 16.84 -15.48
N LYS U 123 8.51 15.64 -14.95
CA LYS U 123 9.22 15.45 -13.69
C LYS U 123 10.65 15.03 -13.97
N TYR U 124 11.61 15.76 -13.42
CA TYR U 124 13.01 15.46 -13.62
C TYR U 124 13.62 15.02 -12.28
N ALA U 125 14.81 14.44 -12.33
CA ALA U 125 15.52 14.06 -11.12
C ALA U 125 17.00 14.05 -11.43
N VAL U 126 17.80 14.67 -10.58
CA VAL U 126 19.23 14.71 -10.82
C VAL U 126 19.93 13.89 -9.75
N ALA U 127 21.10 13.39 -10.09
CA ALA U 127 21.89 12.56 -9.20
C ALA U 127 23.06 13.41 -8.74
N VAL U 128 22.95 13.92 -7.51
CA VAL U 128 23.72 15.06 -7.07
C VAL U 128 25.17 14.65 -6.76
N SER U 129 26.10 15.24 -7.49
CA SER U 129 27.53 14.99 -7.33
C SER U 129 28.25 16.10 -6.60
N TYR U 130 27.58 17.21 -6.32
CA TYR U 130 28.11 18.30 -5.53
C TYR U 130 26.92 19.08 -5.01
N TYR U 131 26.98 19.50 -3.75
CA TYR U 131 25.86 20.18 -3.16
C TYR U 131 26.34 21.18 -2.15
N LYS U 132 25.98 22.46 -2.35
CA LYS U 132 26.27 23.50 -1.37
C LYS U 132 24.98 24.24 -1.07
N LEU U 133 24.60 24.25 0.20
CA LEU U 133 23.42 24.97 0.66
C LEU U 133 23.87 26.22 1.40
N GLU U 134 23.44 27.38 0.92
CA GLU U 134 23.65 28.64 1.61
C GLU U 134 22.32 29.17 2.12
N VAL U 135 22.29 29.51 3.40
CA VAL U 135 21.13 30.11 4.03
C VAL U 135 21.52 31.48 4.53
N ASP U 136 20.79 32.51 4.09
CA ASP U 136 21.07 33.92 4.33
C ASP U 136 22.48 34.28 3.87
N GLY U 137 22.88 33.71 2.73
CA GLY U 137 24.19 33.95 2.18
C GLY U 137 25.34 33.37 2.99
N ARG U 138 25.08 32.36 3.81
CA ARG U 138 26.10 31.77 4.66
C ARG U 138 26.09 30.27 4.44
N GLU U 139 27.28 29.70 4.25
CA GLU U 139 27.41 28.29 3.89
C GLU U 139 26.94 27.40 5.03
N VAL U 140 25.90 26.63 4.78
CA VAL U 140 25.45 25.64 5.74
C VAL U 140 26.06 24.31 5.35
N TYR U 141 25.76 23.82 4.16
CA TYR U 141 26.24 22.52 3.75
C TYR U 141 27.19 22.68 2.58
N GLU U 142 28.14 21.77 2.48
CA GLU U 142 28.98 21.67 1.28
C GLU U 142 29.43 20.22 1.18
N ILE U 143 28.85 19.48 0.25
CA ILE U 143 29.08 18.05 0.13
C ILE U 143 29.63 17.77 -1.26
N ASP U 144 30.85 17.27 -1.30
CA ASP U 144 31.51 16.88 -2.54
C ASP U 144 32.05 15.48 -2.30
N PRO U 145 31.38 14.43 -2.81
CA PRO U 145 31.80 13.06 -2.54
C PRO U 145 33.20 12.73 -3.01
N VAL U 146 33.46 12.82 -4.32
CA VAL U 146 34.85 12.82 -4.78
C VAL U 146 35.47 14.13 -4.33
N ASN U 147 36.74 14.09 -3.94
CA ASN U 147 37.38 15.10 -3.08
C ASN U 147 36.56 15.26 -1.80
N GLY U 148 36.61 14.21 -0.97
CA GLY U 148 35.68 14.05 0.13
C GLY U 148 35.61 15.16 1.14
N VAL U 149 34.57 15.98 1.01
CA VAL U 149 34.34 17.19 1.78
C VAL U 149 32.94 17.13 2.34
N ARG U 150 32.80 17.31 3.65
CA ARG U 150 31.50 17.44 4.28
C ARG U 150 31.61 18.61 5.26
N ALA U 151 31.35 19.82 4.78
CA ALA U 151 31.41 21.01 5.61
C ALA U 151 30.03 21.36 6.15
N ILE U 152 29.96 21.71 7.43
CA ILE U 152 28.68 21.86 8.12
C ILE U 152 28.51 23.29 8.65
N ASN U 153 29.60 23.98 8.92
CA ASN U 153 29.45 25.41 9.13
C ASN U 153 30.63 26.14 8.52
N GLY U 154 31.08 25.67 7.37
CA GLY U 154 32.42 25.97 6.91
C GLY U 154 33.48 25.07 7.50
N VAL U 155 33.11 24.20 8.44
CA VAL U 155 34.03 23.31 9.12
C VAL U 155 33.97 21.96 8.44
N ASP U 156 35.06 21.56 7.80
CA ASP U 156 35.12 20.28 7.11
C ASP U 156 35.19 19.16 8.12
N GLN U 157 34.11 18.36 8.20
CA GLN U 157 34.04 17.26 9.16
C GLN U 157 34.93 16.10 8.76
N LEU U 158 35.33 16.02 7.49
CA LEU U 158 36.12 14.90 7.02
C LEU U 158 37.60 15.18 7.01
N ALA U 159 38.08 16.16 7.78
CA ALA U 159 39.52 16.34 7.93
C ALA U 159 40.13 15.22 8.74
N GLY U 160 39.32 14.55 9.57
CA GLY U 160 39.82 13.41 10.31
C GLY U 160 40.16 12.22 9.42
N MET U 161 39.21 11.83 8.55
CA MET U 161 39.46 10.72 7.63
C MET U 161 40.41 11.10 6.51
N ARG U 162 40.58 12.38 6.24
CA ARG U 162 41.43 12.79 5.12
C ARG U 162 42.89 12.54 5.43
N ASN U 163 43.32 12.84 6.66
CA ASN U 163 44.69 12.56 7.06
C ASN U 163 44.92 11.08 7.32
N ASP U 164 43.87 10.35 7.72
CA ASP U 164 44.01 8.92 7.94
C ASP U 164 44.22 8.18 6.63
N LEU U 165 43.51 8.58 5.59
CA LEU U 165 43.63 7.93 4.31
C LEU U 165 44.77 8.49 3.46
N GLY U 166 45.41 9.57 3.91
CA GLY U 166 46.46 10.19 3.13
C GLY U 166 45.96 10.86 1.88
N LEU U 167 44.78 11.44 1.92
CA LEU U 167 44.14 12.00 0.73
C LEU U 167 44.72 13.35 0.36
N MET V 1 10.89 33.52 -18.50
CA MET V 1 10.15 32.68 -19.43
C MET V 1 8.67 33.00 -19.45
N ILE V 2 7.94 32.22 -20.26
CA ILE V 2 6.50 32.38 -20.43
C ILE V 2 5.85 31.15 -19.81
N PRO V 3 4.79 31.30 -19.02
CA PRO V 3 4.07 30.13 -18.50
C PRO V 3 3.44 29.32 -19.62
N GLN V 4 3.90 28.08 -19.77
CA GLN V 4 3.60 27.23 -20.90
C GLN V 4 3.09 25.90 -20.39
N THR V 5 2.06 25.36 -21.03
CA THR V 5 1.40 24.16 -20.58
C THR V 5 0.80 23.47 -21.81
N LEU V 6 0.82 22.13 -21.80
CA LEU V 6 0.08 21.34 -22.77
C LEU V 6 -1.39 21.69 -22.72
N THR V 7 -2.03 21.75 -23.88
CA THR V 7 -3.48 21.84 -23.95
C THR V 7 -4.13 20.74 -24.77
N ASN V 8 -3.42 20.12 -25.70
CA ASN V 8 -4.04 19.19 -26.63
C ASN V 8 -3.03 18.13 -27.03
N THR V 9 -3.52 16.93 -27.27
CA THR V 9 -2.72 15.79 -27.66
C THR V 9 -3.28 15.17 -28.93
N ASN V 10 -2.48 14.35 -29.59
CA ASN V 10 -2.95 13.59 -30.74
C ASN V 10 -2.08 12.34 -30.85
N LEU V 11 -2.54 11.39 -31.66
CA LEU V 11 -1.85 10.14 -31.86
C LEU V 11 -2.03 9.68 -33.31
N PHE V 12 -0.93 9.31 -33.93
CA PHE V 12 -0.89 8.67 -35.24
C PHE V 12 -0.27 7.30 -35.04
N ILE V 13 -1.00 6.23 -35.36
CA ILE V 13 -0.40 4.91 -35.21
C ILE V 13 0.37 4.53 -36.45
N ASP V 14 -0.31 4.33 -37.56
CA ASP V 14 0.38 3.95 -38.78
C ASP V 14 0.01 4.92 -39.88
N GLY V 15 0.09 6.20 -39.54
CA GLY V 15 -0.41 7.25 -40.37
C GLY V 15 -1.86 7.57 -40.14
N VAL V 16 -2.62 6.65 -39.57
CA VAL V 16 -4.02 6.89 -39.27
C VAL V 16 -4.12 7.77 -38.03
N SER V 17 -5.04 8.73 -38.05
CA SER V 17 -5.15 9.67 -36.96
C SER V 17 -6.16 9.18 -35.93
N PHE V 18 -5.81 9.30 -34.66
CA PHE V 18 -6.72 8.96 -33.59
C PHE V 18 -7.34 10.20 -32.98
N ALA V 19 -7.72 11.16 -33.82
CA ALA V 19 -8.16 12.48 -33.39
C ALA V 19 -9.56 12.50 -32.80
N GLY V 20 -10.12 11.37 -32.43
CA GLY V 20 -11.36 11.36 -31.68
C GLY V 20 -11.31 10.58 -30.39
N ASP V 21 -10.39 9.62 -30.26
CA ASP V 21 -10.50 8.65 -29.16
C ASP V 21 -9.18 8.29 -28.52
N VAL V 22 -8.33 9.27 -28.20
CA VAL V 22 -7.25 8.97 -27.26
C VAL V 22 -7.30 9.94 -26.08
N PRO V 23 -7.88 9.53 -24.95
CA PRO V 23 -7.95 10.44 -23.81
C PRO V 23 -6.62 10.68 -23.10
N SER V 24 -5.71 9.71 -23.09
CA SER V 24 -4.44 9.90 -22.41
C SER V 24 -3.29 9.30 -23.21
N LEU V 25 -2.17 10.01 -23.23
CA LEU V 25 -0.91 9.56 -23.80
C LEU V 25 0.10 9.47 -22.67
N THR V 26 1.17 8.71 -22.91
CA THR V 26 2.30 8.73 -21.99
C THR V 26 3.56 8.48 -22.79
N LEU V 27 4.43 9.49 -22.87
CA LEU V 27 5.73 9.33 -23.48
C LEU V 27 6.57 8.41 -22.60
N PRO V 28 7.58 7.74 -23.17
CA PRO V 28 8.41 6.88 -22.35
C PRO V 28 9.27 7.66 -21.37
N LYS V 29 9.34 7.15 -20.14
CA LYS V 29 10.17 7.74 -19.11
C LYS V 29 11.62 7.43 -19.41
N LEU V 30 12.38 8.44 -19.78
CA LEU V 30 13.80 8.27 -20.03
C LEU V 30 14.52 8.31 -18.70
N ALA V 31 14.96 7.16 -18.21
CA ALA V 31 15.74 7.08 -17.00
C ALA V 31 17.09 6.48 -17.36
N VAL V 32 18.14 7.08 -16.88
CA VAL V 32 19.44 6.46 -17.05
C VAL V 32 19.61 5.45 -15.93
N LYS V 33 20.37 4.40 -16.18
CA LYS V 33 20.55 3.35 -15.19
C LYS V 33 21.75 3.72 -14.34
N THR V 34 21.49 4.38 -13.22
CA THR V 34 22.56 4.74 -12.32
C THR V 34 22.88 3.58 -11.38
N GLU V 35 24.15 3.46 -11.06
CA GLU V 35 24.60 2.67 -9.92
C GLU V 35 25.27 3.61 -8.94
N GLN V 36 24.82 3.59 -7.70
CA GLN V 36 25.36 4.46 -6.67
C GLN V 36 26.77 4.01 -6.35
N TYR V 37 27.75 4.84 -6.66
CA TYR V 37 29.15 4.43 -6.65
C TYR V 37 29.86 5.06 -5.46
N ARG V 38 30.08 4.24 -4.43
CA ARG V 38 30.85 4.61 -3.25
C ARG V 38 32.11 3.77 -3.23
N ALA V 39 33.26 4.41 -3.08
CA ALA V 39 34.53 3.72 -3.18
C ALA V 39 35.52 4.39 -2.23
N GLY V 40 36.81 4.21 -2.51
CA GLY V 40 37.83 4.63 -1.58
C GLY V 40 37.95 6.14 -1.52
N GLY V 41 38.19 6.65 -0.31
CA GLY V 41 38.42 8.06 -0.12
C GLY V 41 37.22 8.95 -0.31
N MET V 42 36.02 8.44 -0.07
CA MET V 42 34.84 9.27 -0.25
C MET V 42 33.69 8.78 0.61
N ASP V 43 32.90 9.73 1.12
CA ASP V 43 31.85 9.46 2.09
C ASP V 43 30.47 9.29 1.48
N ALA V 44 30.30 9.61 0.21
CA ALA V 44 28.98 9.59 -0.40
C ALA V 44 29.07 8.95 -1.78
N PRO V 45 28.01 8.30 -2.24
CA PRO V 45 28.00 7.78 -3.61
C PRO V 45 27.92 8.89 -4.64
N VAL V 46 28.14 8.53 -5.90
CA VAL V 46 28.32 9.57 -6.92
C VAL V 46 27.53 9.28 -8.19
N SER V 47 26.97 8.07 -8.32
CA SER V 47 26.00 7.70 -9.38
C SER V 47 26.58 7.80 -10.80
N ILE V 48 27.47 6.85 -11.10
CA ILE V 48 27.93 6.65 -12.48
C ILE V 48 26.77 6.12 -13.34
N ASP V 49 26.76 6.50 -14.62
CA ASP V 49 25.78 5.97 -15.56
C ASP V 49 26.20 4.60 -16.09
N MET V 50 25.20 3.76 -16.37
CA MET V 50 25.43 2.42 -16.87
C MET V 50 24.60 2.14 -18.13
N GLY V 51 24.12 3.19 -18.80
CA GLY V 51 23.23 3.04 -19.93
C GLY V 51 21.82 3.47 -19.56
N LEU V 52 20.94 3.41 -20.55
CA LEU V 52 19.55 3.77 -20.32
C LEU V 52 18.74 2.59 -19.81
N GLU V 53 17.61 2.92 -19.18
CA GLU V 53 16.61 1.95 -18.79
C GLU V 53 15.76 1.55 -19.98
N ALA V 54 14.90 0.56 -19.76
CA ALA V 54 13.95 0.15 -20.78
C ALA V 54 12.81 1.14 -20.86
N MET V 55 12.44 1.50 -22.08
CA MET V 55 11.43 2.52 -22.32
C MET V 55 10.09 1.86 -22.63
N GLU V 56 9.04 2.30 -21.96
CA GLU V 56 7.68 1.92 -22.33
C GLU V 56 6.85 3.17 -22.51
N ALA V 57 6.16 3.24 -23.65
CA ALA V 57 5.16 4.26 -23.91
C ALA V 57 3.80 3.62 -23.83
N LYS V 58 2.92 4.18 -23.04
CA LYS V 58 1.58 3.63 -22.90
C LYS V 58 0.58 4.68 -23.33
N PHE V 59 -0.57 4.22 -23.80
CA PHE V 59 -1.61 5.11 -24.26
C PHE V 59 -2.94 4.37 -24.20
N SER V 60 -4.01 5.13 -24.13
CA SER V 60 -5.32 4.55 -23.96
C SER V 60 -6.26 5.06 -25.04
N THR V 61 -7.06 4.16 -25.58
CA THR V 61 -8.23 4.50 -26.36
C THR V 61 -9.45 4.01 -25.62
N ASN V 62 -10.61 4.55 -25.93
CA ASN V 62 -11.82 4.09 -25.27
C ASN V 62 -12.97 3.85 -26.22
N GLY V 63 -12.70 3.78 -27.53
CA GLY V 63 -13.55 3.10 -28.47
C GLY V 63 -12.99 1.74 -28.81
N ALA V 64 -13.49 1.17 -29.90
CA ALA V 64 -13.05 -0.16 -30.30
C ALA V 64 -11.66 -0.12 -30.93
N ARG V 65 -11.55 0.57 -32.07
CA ARG V 65 -10.29 1.01 -32.67
C ARG V 65 -9.37 -0.17 -33.01
N ARG V 66 -9.82 -0.91 -34.04
CA ARG V 66 -9.02 -1.96 -34.64
C ARG V 66 -7.69 -1.46 -35.18
N GLU V 67 -7.61 -0.18 -35.57
CA GLU V 67 -6.38 0.40 -36.09
C GLU V 67 -5.27 0.48 -35.05
N ALA V 68 -5.56 0.23 -33.78
CA ALA V 68 -4.55 -0.01 -32.77
C ALA V 68 -4.60 -1.42 -32.19
N LEU V 69 -5.74 -2.10 -32.26
CA LEU V 69 -5.82 -3.48 -31.78
C LEU V 69 -5.07 -4.46 -32.67
N ASN V 70 -4.95 -4.16 -33.96
CA ASN V 70 -4.32 -5.07 -34.90
C ASN V 70 -2.79 -5.01 -34.87
N PHE V 71 -2.19 -4.26 -33.96
CA PHE V 71 -0.74 -4.23 -33.83
C PHE V 71 -0.24 -4.97 -32.60
N PHE V 72 -1.13 -5.58 -31.82
CA PHE V 72 -0.69 -6.37 -30.68
C PHE V 72 -0.06 -7.66 -31.13
N GLY V 73 1.08 -8.00 -30.53
CA GLY V 73 1.63 -9.34 -30.55
C GLY V 73 1.99 -9.86 -31.92
N LEU V 74 2.46 -8.98 -32.79
CA LEU V 74 2.90 -9.43 -34.10
C LEU V 74 4.23 -10.16 -33.97
N ALA V 75 4.53 -10.98 -34.97
CA ALA V 75 5.83 -11.63 -35.02
C ALA V 75 6.94 -10.60 -35.22
N ASP V 76 6.65 -9.56 -35.98
CA ASP V 76 7.58 -8.46 -36.21
C ASP V 76 7.54 -7.54 -35.00
N GLN V 77 8.51 -7.69 -34.10
CA GLN V 77 8.71 -6.66 -33.11
C GLN V 77 9.28 -5.43 -33.79
N SER V 78 9.14 -4.27 -33.13
CA SER V 78 9.50 -2.96 -33.67
C SER V 78 8.78 -2.66 -34.99
N ALA V 79 7.55 -3.15 -35.11
CA ALA V 79 6.71 -2.86 -36.26
C ALA V 79 5.56 -1.92 -35.93
N PHE V 80 5.18 -1.81 -34.67
CA PHE V 80 4.32 -0.73 -34.22
C PHE V 80 5.09 0.56 -34.39
N ASN V 81 4.76 1.34 -35.40
CA ASN V 81 5.22 2.72 -35.41
C ASN V 81 4.15 3.59 -34.76
N GLY V 82 4.48 4.84 -34.52
CA GLY V 82 3.57 5.67 -33.77
C GLY V 82 4.12 7.03 -33.46
N VAL V 83 3.27 8.05 -33.51
CA VAL V 83 3.67 9.43 -33.31
C VAL V 83 2.80 10.00 -32.21
N PHE V 84 3.41 10.33 -31.07
CA PHE V 84 2.69 11.01 -30.00
C PHE V 84 2.91 12.50 -30.20
N ARG V 85 1.84 13.27 -30.32
CA ARG V 85 1.94 14.70 -30.51
C ARG V 85 1.28 15.46 -29.37
N GLY V 86 1.86 16.60 -29.05
CA GLY V 86 1.30 17.47 -28.05
C GLY V 86 1.48 18.91 -28.47
N SER V 87 0.54 19.75 -28.07
CA SER V 87 0.60 21.17 -28.33
C SER V 87 0.71 21.89 -27.00
N PHE V 88 1.86 22.50 -26.74
CA PHE V 88 2.06 23.24 -25.50
C PHE V 88 1.75 24.70 -25.79
N LYS V 89 0.89 25.30 -24.97
CA LYS V 89 0.22 26.53 -25.38
C LYS V 89 1.06 27.77 -25.15
N GLY V 90 1.37 28.08 -23.91
CA GLY V 90 2.02 29.36 -23.66
C GLY V 90 1.03 30.49 -23.48
N GLN V 91 1.41 31.46 -22.64
CA GLN V 91 0.49 32.52 -22.27
C GLN V 91 0.30 33.52 -23.41
N LYS V 92 1.36 33.83 -24.14
CA LYS V 92 1.26 34.79 -25.23
C LYS V 92 0.62 34.21 -26.48
N GLY V 93 0.32 32.92 -26.52
CA GLY V 93 -0.35 32.33 -27.64
C GLY V 93 0.54 31.63 -28.64
N ALA V 94 1.82 31.43 -28.34
CA ALA V 94 2.74 30.78 -29.24
C ALA V 94 2.76 29.30 -28.94
N SER V 95 1.97 28.53 -29.67
CA SER V 95 1.86 27.09 -29.44
C SER V 95 3.08 26.36 -29.96
N VAL V 96 3.71 25.57 -29.10
CA VAL V 96 4.95 24.86 -29.39
C VAL V 96 4.63 23.37 -29.54
N PRO V 97 4.91 22.75 -30.68
CA PRO V 97 4.62 21.32 -30.83
C PRO V 97 5.67 20.46 -30.16
N VAL V 98 5.21 19.38 -29.54
CA VAL V 98 6.09 18.37 -28.96
C VAL V 98 5.69 17.05 -29.59
N VAL V 99 6.52 16.56 -30.51
CA VAL V 99 6.19 15.39 -31.31
C VAL V 99 7.20 14.29 -31.04
N ALA V 100 6.71 13.11 -30.68
CA ALA V 100 7.55 12.00 -30.25
C ALA V 100 7.26 10.80 -31.12
N THR V 101 7.96 10.71 -32.25
CA THR V 101 7.89 9.51 -33.07
C THR V 101 8.56 8.35 -32.35
N LEU V 102 7.90 7.21 -32.34
CA LEU V 102 8.44 6.09 -31.61
C LEU V 102 8.03 4.79 -32.30
N ARG V 103 8.75 3.73 -31.97
CA ARG V 103 8.66 2.47 -32.68
C ARG V 103 8.95 1.36 -31.70
N GLY V 104 8.20 0.27 -31.78
CA GLY V 104 8.43 -0.81 -30.84
C GLY V 104 7.39 -1.91 -30.94
N LEU V 105 7.20 -2.60 -29.83
CA LEU V 105 6.29 -3.73 -29.76
C LEU V 105 5.12 -3.34 -28.85
N LEU V 106 3.91 -3.40 -29.39
CA LEU V 106 2.71 -3.21 -28.58
C LEU V 106 2.56 -4.40 -27.66
N LYS V 107 2.97 -4.24 -26.41
CA LYS V 107 3.22 -5.40 -25.56
C LYS V 107 2.07 -5.79 -24.66
N GLU V 108 1.14 -4.89 -24.35
CA GLU V 108 -0.05 -5.35 -23.64
C GLU V 108 -1.25 -4.52 -24.06
N VAL V 109 -2.37 -5.22 -24.22
CA VAL V 109 -3.68 -4.61 -24.44
C VAL V 109 -4.50 -4.94 -23.21
N ASP V 110 -4.98 -3.90 -22.53
CA ASP V 110 -5.68 -4.05 -21.25
C ASP V 110 -7.07 -3.46 -21.39
N PRO V 111 -8.04 -4.23 -21.90
CA PRO V 111 -9.44 -3.83 -21.75
C PRO V 111 -9.84 -3.96 -20.30
N GLY V 112 -10.23 -2.85 -19.69
CA GLY V 112 -10.50 -2.82 -18.27
C GLY V 112 -11.83 -3.44 -17.91
N ASP V 113 -12.40 -2.97 -16.80
CA ASP V 113 -13.72 -3.41 -16.41
C ASP V 113 -14.75 -2.82 -17.36
N TRP V 114 -15.75 -3.63 -17.71
CA TRP V 114 -16.85 -3.19 -18.55
C TRP V 114 -18.11 -3.13 -17.68
N LYS V 115 -18.32 -2.00 -17.05
CA LYS V 115 -19.60 -1.72 -16.43
C LYS V 115 -20.48 -1.01 -17.45
N ALA V 116 -21.79 -1.08 -17.21
CA ALA V 116 -22.75 -0.64 -18.24
C ALA V 116 -22.72 0.87 -18.43
N GLY V 117 -23.04 1.62 -17.38
CA GLY V 117 -23.05 3.06 -17.57
C GLY V 117 -21.71 3.74 -17.56
N GLU V 118 -20.62 3.01 -17.32
CA GLU V 118 -19.31 3.60 -17.15
C GLU V 118 -18.51 3.52 -18.45
N LYS V 119 -17.72 4.56 -18.71
CA LYS V 119 -16.82 4.60 -19.85
C LYS V 119 -15.76 3.50 -19.77
N ALA V 120 -15.64 2.73 -20.83
CA ALA V 120 -14.70 1.61 -20.89
C ALA V 120 -13.46 2.01 -21.67
N GLU V 121 -12.29 1.80 -21.08
CA GLU V 121 -11.02 2.34 -21.56
C GLU V 121 -10.06 1.20 -21.86
N PHE V 122 -9.70 1.04 -23.13
CA PHE V 122 -8.65 0.11 -23.52
C PHE V 122 -7.30 0.74 -23.22
N LYS V 123 -6.54 0.16 -22.30
CA LYS V 123 -5.21 0.64 -21.98
C LYS V 123 -4.18 -0.17 -22.74
N TYR V 124 -3.32 0.50 -23.49
CA TYR V 124 -2.27 -0.16 -24.26
C TYR V 124 -0.92 0.22 -23.68
N ALA V 125 0.12 -0.51 -24.07
CA ALA V 125 1.48 -0.18 -23.66
C ALA V 125 2.42 -0.72 -24.71
N VAL V 126 3.37 0.08 -25.15
CA VAL V 126 4.30 -0.37 -26.18
C VAL V 126 5.68 -0.46 -25.56
N ALA V 127 6.50 -1.32 -26.12
CA ALA V 127 7.86 -1.54 -25.65
C ALA V 127 8.79 -0.88 -26.65
N VAL V 128 9.29 0.29 -26.28
CA VAL V 128 9.84 1.25 -27.25
C VAL V 128 11.22 0.80 -27.70
N SER V 129 11.36 0.57 -29.01
CA SER V 129 12.59 0.14 -29.64
C SER V 129 13.28 1.26 -30.41
N TYR V 130 12.63 2.41 -30.53
CA TYR V 130 13.20 3.61 -31.14
C TYR V 130 12.40 4.78 -30.64
N TYR V 131 13.08 5.87 -30.31
CA TYR V 131 12.37 7.01 -29.74
C TYR V 131 13.07 8.29 -30.15
N LYS V 132 12.35 9.17 -30.81
CA LYS V 132 12.84 10.50 -31.15
C LYS V 132 11.86 11.54 -30.67
N LEU V 133 12.31 12.44 -29.80
CA LEU V 133 11.49 13.52 -29.30
C LEU V 133 11.92 14.82 -29.98
N GLU V 134 10.99 15.47 -30.68
CA GLU V 134 11.23 16.79 -31.24
C GLU V 134 10.38 17.80 -30.50
N VAL V 135 11.01 18.88 -30.06
CA VAL V 135 10.34 19.99 -29.40
C VAL V 135 10.57 21.23 -30.24
N ASP V 136 9.46 21.87 -30.66
CA ASP V 136 9.45 23.01 -31.57
C ASP V 136 10.14 22.65 -32.88
N GLY V 137 9.94 21.43 -33.35
CA GLY V 137 10.56 20.94 -34.55
C GLY V 137 12.05 20.78 -34.50
N ARG V 138 12.61 20.60 -33.30
CA ARG V 138 14.05 20.48 -33.13
C ARG V 138 14.32 19.23 -32.31
N GLU V 139 15.26 18.41 -32.78
CA GLU V 139 15.53 17.12 -32.16
C GLU V 139 16.08 17.29 -30.76
N VAL V 140 15.35 16.79 -29.78
CA VAL V 140 15.85 16.77 -28.41
C VAL V 140 16.45 15.41 -28.16
N TYR V 141 15.65 14.36 -28.28
CA TYR V 141 16.12 13.03 -27.96
C TYR V 141 16.11 12.19 -29.22
N GLU V 142 17.02 11.23 -29.29
CA GLU V 142 16.98 10.21 -30.33
C GLU V 142 17.65 8.98 -29.76
N ILE V 143 16.86 7.97 -29.42
CA ILE V 143 17.35 6.79 -28.73
C ILE V 143 17.03 5.58 -29.59
N ASP V 144 18.07 4.90 -30.04
CA ASP V 144 17.94 3.67 -30.82
C ASP V 144 18.88 2.67 -30.16
N PRO V 145 18.34 1.73 -29.37
CA PRO V 145 19.20 0.78 -28.64
C PRO V 145 20.08 -0.08 -29.52
N VAL V 146 19.48 -0.90 -30.39
CA VAL V 146 20.25 -1.51 -31.46
C VAL V 146 20.65 -0.40 -32.42
N ASN V 147 21.86 -0.48 -32.98
CA ASN V 147 22.57 0.68 -33.56
C ASN V 147 22.67 1.79 -32.52
N GLY V 148 23.47 1.53 -31.50
CA GLY V 148 23.45 2.31 -30.28
C GLY V 148 23.70 3.80 -30.42
N VAL V 149 22.60 4.55 -30.35
CA VAL V 149 22.57 5.99 -30.58
C VAL V 149 21.84 6.62 -29.40
N ARG V 150 22.47 7.62 -28.78
CA ARG V 150 21.81 8.42 -27.76
C ARG V 150 22.15 9.88 -28.04
N ALA V 151 21.34 10.52 -28.87
CA ALA V 151 21.56 11.92 -29.24
C ALA V 151 20.72 12.82 -28.35
N ILE V 152 21.35 13.91 -27.88
CA ILE V 152 20.73 14.76 -26.85
C ILE V 152 20.52 16.18 -27.36
N ASN V 153 21.33 16.62 -28.32
CA ASN V 153 20.96 17.85 -29.01
C ASN V 153 21.29 17.73 -30.48
N GLY V 154 21.08 16.55 -31.04
CA GLY V 154 21.76 16.16 -32.26
C GLY V 154 23.15 15.63 -32.05
N VAL V 155 23.66 15.67 -30.83
CA VAL V 155 25.01 15.24 -30.49
C VAL V 155 24.92 13.82 -29.96
N ASP V 156 25.49 12.87 -30.70
CA ASP V 156 25.46 11.47 -30.30
C ASP V 156 26.42 11.27 -29.12
N GLN V 157 25.85 10.98 -27.94
CA GLN V 157 26.67 10.79 -26.75
C GLN V 157 27.42 9.48 -26.76
N LEU V 158 27.00 8.52 -27.59
CA LEU V 158 27.62 7.22 -27.62
C LEU V 158 28.68 7.07 -28.70
N ALA V 159 29.23 8.18 -29.20
CA ALA V 159 30.36 8.08 -30.12
C ALA V 159 31.62 7.62 -29.38
N GLY V 160 31.65 7.83 -28.07
CA GLY V 160 32.79 7.34 -27.30
C GLY V 160 32.83 5.83 -27.22
N MET V 161 31.71 5.21 -26.84
CA MET V 161 31.66 3.76 -26.76
C MET V 161 31.62 3.10 -28.13
N ARG V 162 31.23 3.84 -29.17
CA ARG V 162 31.11 3.24 -30.49
C ARG V 162 32.49 2.92 -31.08
N ASN V 163 33.45 3.81 -30.90
CA ASN V 163 34.80 3.55 -31.36
C ASN V 163 35.53 2.57 -30.45
N ASP V 164 35.16 2.52 -29.17
CA ASP V 164 35.80 1.58 -28.26
C ASP V 164 35.37 0.15 -28.58
N LEU V 165 34.11 -0.05 -28.92
CA LEU V 165 33.62 -1.37 -29.24
C LEU V 165 33.83 -1.75 -30.69
N GLY V 166 34.30 -0.82 -31.53
CA GLY V 166 34.47 -1.10 -32.93
C GLY V 166 33.18 -1.28 -33.68
N LEU V 167 32.14 -0.55 -33.29
CA LEU V 167 30.81 -0.76 -33.85
C LEU V 167 30.65 -0.12 -35.22
N MET W 1 -11.63 10.59 -36.54
CA MET W 1 -12.51 9.54 -36.03
C MET W 1 -13.74 10.10 -35.35
N ILE W 2 -14.55 9.19 -34.83
CA ILE W 2 -15.79 9.53 -34.14
C ILE W 2 -15.59 9.16 -32.67
N PRO W 3 -15.99 10.01 -31.73
CA PRO W 3 -15.90 9.63 -30.32
C PRO W 3 -16.83 8.48 -29.99
N GLN W 4 -16.23 7.37 -29.58
CA GLN W 4 -16.90 6.09 -29.44
C GLN W 4 -16.63 5.55 -28.05
N THR W 5 -17.65 4.98 -27.42
CA THR W 5 -17.56 4.52 -26.04
C THR W 5 -18.55 3.37 -25.87
N LEU W 6 -18.17 2.39 -25.06
CA LEU W 6 -19.10 1.35 -24.61
C LEU W 6 -20.28 1.98 -23.91
N THR W 7 -21.47 1.44 -24.13
CA THR W 7 -22.64 1.79 -23.35
C THR W 7 -23.31 0.61 -22.68
N ASN W 8 -23.16 -0.60 -23.19
CA ASN W 8 -23.92 -1.73 -22.71
C ASN W 8 -23.11 -3.00 -22.86
N THR W 9 -23.31 -3.93 -21.95
CA THR W 9 -22.61 -5.21 -21.93
C THR W 9 -23.62 -6.34 -21.84
N ASN W 10 -23.18 -7.54 -22.16
CA ASN W 10 -24.01 -8.73 -21.98
C ASN W 10 -23.08 -9.93 -21.79
N LEU W 11 -23.66 -11.02 -21.32
CA LEU W 11 -22.92 -12.25 -21.07
C LEU W 11 -23.77 -13.46 -21.40
N PHE W 12 -23.20 -14.38 -22.16
CA PHE W 12 -23.77 -15.68 -22.44
C PHE W 12 -22.81 -16.72 -21.88
N ILE W 13 -23.27 -17.55 -20.93
CA ILE W 13 -22.37 -18.55 -20.40
C ILE W 13 -22.41 -19.80 -21.25
N ASP W 14 -23.53 -20.50 -21.28
CA ASP W 14 -23.62 -21.71 -22.07
C ASP W 14 -24.81 -21.61 -23.00
N GLY W 15 -24.90 -20.47 -23.67
CA GLY W 15 -26.05 -20.09 -24.44
C GLY W 15 -27.11 -19.38 -23.63
N VAL W 16 -27.10 -19.53 -22.31
CA VAL W 16 -28.06 -18.84 -21.46
C VAL W 16 -27.64 -17.38 -21.32
N SER W 17 -28.61 -16.48 -21.37
CA SER W 17 -28.31 -15.06 -21.33
C SER W 17 -28.33 -14.55 -19.91
N PHE W 18 -27.34 -13.73 -19.56
CA PHE W 18 -27.31 -13.09 -18.25
C PHE W 18 -27.76 -11.65 -18.35
N ALA W 19 -28.80 -11.38 -19.13
CA ALA W 19 -29.25 -10.04 -19.47
C ALA W 19 -29.97 -9.33 -18.34
N GLY W 20 -29.86 -9.80 -17.10
CA GLY W 20 -30.37 -9.05 -15.97
C GLY W 20 -29.36 -8.82 -14.88
N ASP W 21 -28.33 -9.66 -14.77
CA ASP W 21 -27.50 -9.65 -13.56
C ASP W 21 -26.02 -9.81 -13.82
N VAL W 22 -25.46 -9.08 -14.76
CA VAL W 22 -23.99 -8.95 -14.77
C VAL W 22 -23.59 -7.49 -14.74
N PRO W 23 -23.26 -6.94 -13.58
CA PRO W 23 -22.88 -5.52 -13.52
C PRO W 23 -21.52 -5.20 -14.12
N SER W 24 -20.56 -6.12 -14.08
CA SER W 24 -19.24 -5.84 -14.62
C SER W 24 -18.68 -7.05 -15.34
N LEU W 25 -18.03 -6.79 -16.49
CA LEU W 25 -17.28 -7.78 -17.24
C LEU W 25 -15.82 -7.37 -17.23
N THR W 26 -14.94 -8.32 -17.54
CA THR W 26 -13.54 -7.97 -17.79
C THR W 26 -12.99 -8.96 -18.80
N LEU W 27 -12.65 -8.46 -19.99
CA LEU W 27 -11.97 -9.26 -20.97
C LEU W 27 -10.57 -9.58 -20.47
N PRO W 28 -9.96 -10.67 -20.95
CA PRO W 28 -8.60 -10.98 -20.52
C PRO W 28 -7.58 -9.97 -21.03
N LYS W 29 -6.68 -9.59 -20.15
CA LYS W 29 -5.59 -8.69 -20.49
C LYS W 29 -4.58 -9.44 -21.33
N LEU W 30 -4.49 -9.11 -22.61
CA LEU W 30 -3.51 -9.71 -23.49
C LEU W 30 -2.19 -9.00 -23.28
N ALA W 31 -1.27 -9.65 -22.59
CA ALA W 31 0.07 -9.11 -22.41
C ALA W 31 1.05 -10.09 -23.03
N VAL W 32 1.97 -9.60 -23.81
CA VAL W 32 3.03 -10.46 -24.30
C VAL W 32 4.09 -10.53 -23.21
N LYS W 33 4.79 -11.65 -23.15
CA LYS W 33 5.81 -11.84 -22.12
C LYS W 33 7.12 -11.29 -22.65
N THR W 34 7.40 -10.03 -22.34
CA THR W 34 8.65 -9.43 -22.76
C THR W 34 9.76 -9.78 -21.77
N GLU W 35 10.96 -9.96 -22.30
CA GLU W 35 12.17 -9.92 -21.51
C GLU W 35 13.01 -8.76 -22.01
N GLN W 36 13.40 -7.89 -21.09
CA GLN W 36 14.19 -6.71 -21.45
C GLN W 36 15.59 -7.17 -21.87
N TYR W 37 15.92 -6.98 -23.13
CA TYR W 37 17.10 -7.59 -23.73
C TYR W 37 18.18 -6.54 -23.94
N ARG W 38 19.17 -6.52 -23.06
CA ARG W 38 20.35 -5.69 -23.16
C ARG W 38 21.55 -6.59 -23.40
N ALA W 39 22.33 -6.28 -24.42
CA ALA W 39 23.44 -7.15 -24.81
C ALA W 39 24.57 -6.28 -25.34
N GLY W 40 25.43 -6.89 -26.16
CA GLY W 40 26.65 -6.21 -26.57
C GLY W 40 26.37 -5.09 -27.54
N GLY W 41 27.12 -4.01 -27.39
CA GLY W 41 27.03 -2.90 -28.32
C GLY W 41 25.77 -2.08 -28.23
N MET W 42 25.12 -2.03 -27.07
CA MET W 42 23.90 -1.27 -26.96
C MET W 42 23.67 -0.82 -25.52
N ASP W 43 23.11 0.39 -25.37
CA ASP W 43 22.96 1.05 -24.08
C ASP W 43 21.59 0.85 -23.45
N ALA W 44 20.62 0.32 -24.17
CA ALA W 44 19.27 0.22 -23.67
C ALA W 44 18.70 -1.15 -24.03
N PRO W 45 17.79 -1.67 -23.22
CA PRO W 45 17.12 -2.93 -23.57
C PRO W 45 16.15 -2.73 -24.73
N VAL W 46 15.66 -3.85 -25.26
CA VAL W 46 14.93 -3.77 -26.52
C VAL W 46 13.65 -4.62 -26.51
N SER W 47 13.47 -5.46 -25.48
CA SER W 47 12.21 -6.18 -25.20
C SER W 47 11.79 -7.13 -26.32
N ILE W 48 12.54 -8.24 -26.42
CA ILE W 48 12.13 -9.36 -27.27
C ILE W 48 10.90 -10.04 -26.68
N ASP W 49 10.02 -10.56 -27.54
CA ASP W 49 8.87 -11.33 -27.10
C ASP W 49 9.24 -12.77 -26.77
N MET W 50 8.53 -13.34 -25.78
CA MET W 50 8.78 -14.70 -25.34
C MET W 50 7.49 -15.50 -25.30
N GLY W 51 6.45 -15.05 -25.99
CA GLY W 51 5.14 -15.66 -25.93
C GLY W 51 4.16 -14.80 -25.15
N LEU W 52 2.93 -15.27 -25.07
CA LEU W 52 1.91 -14.54 -24.34
C LEU W 52 1.91 -14.90 -22.87
N GLU W 53 1.34 -14.00 -22.07
CA GLU W 53 1.08 -14.24 -20.66
C GLU W 53 -0.17 -15.11 -20.50
N ALA W 54 -0.44 -15.49 -19.26
CA ALA W 54 -1.65 -16.23 -18.94
C ALA W 54 -2.84 -15.28 -18.89
N MET W 55 -3.94 -15.70 -19.51
CA MET W 55 -5.12 -14.87 -19.65
C MET W 55 -6.14 -15.25 -18.59
N GLU W 56 -6.66 -14.26 -17.88
CA GLU W 56 -7.81 -14.46 -17.01
C GLU W 56 -8.90 -13.47 -17.38
N ALA W 57 -10.10 -13.97 -17.57
CA ALA W 57 -11.29 -13.15 -17.72
C ALA W 57 -12.11 -13.27 -16.45
N LYS W 58 -12.47 -12.15 -15.87
CA LYS W 58 -13.26 -12.17 -14.66
C LYS W 58 -14.56 -11.42 -14.90
N PHE W 59 -15.59 -11.82 -14.16
CA PHE W 59 -16.90 -11.20 -14.31
C PHE W 59 -17.66 -11.40 -13.02
N SER W 60 -18.64 -10.55 -12.80
CA SER W 60 -19.39 -10.57 -11.56
C SER W 60 -20.87 -10.67 -11.85
N THR W 61 -21.56 -11.49 -11.08
CA THR W 61 -23.01 -11.46 -10.97
C THR W 61 -23.35 -11.08 -9.55
N ASN W 62 -24.58 -10.60 -9.35
CA ASN W 62 -24.99 -10.25 -7.99
C ASN W 62 -26.36 -10.77 -7.62
N GLY W 63 -26.89 -11.72 -8.39
CA GLY W 63 -27.92 -12.62 -7.95
C GLY W 63 -27.33 -13.97 -7.60
N ALA W 64 -28.20 -14.97 -7.49
CA ALA W 64 -27.74 -16.31 -7.14
C ALA W 64 -27.07 -16.98 -8.33
N ARG W 65 -27.83 -17.23 -9.39
CA ARG W 65 -27.35 -17.57 -10.73
C ARG W 65 -26.54 -18.87 -10.72
N ARG W 66 -27.29 -19.96 -10.51
CA ARG W 66 -26.74 -21.31 -10.65
C ARG W 66 -26.19 -21.59 -12.04
N GLU W 67 -26.70 -20.90 -13.06
CA GLU W 67 -26.22 -21.09 -14.43
C GLU W 67 -24.79 -20.62 -14.64
N ALA W 68 -24.19 -19.93 -13.67
CA ALA W 68 -22.76 -19.71 -13.62
C ALA W 68 -22.07 -20.37 -12.44
N LEU W 69 -22.80 -20.66 -11.36
CA LEU W 69 -22.21 -21.35 -10.22
C LEU W 69 -21.90 -22.80 -10.52
N ASN W 70 -22.66 -23.43 -11.43
CA ASN W 70 -22.48 -24.85 -11.72
C ASN W 70 -21.32 -25.14 -12.66
N PHE W 71 -20.52 -24.13 -13.03
CA PHE W 71 -19.35 -24.37 -13.86
C PHE W 71 -18.04 -24.25 -13.10
N PHE W 72 -18.10 -24.00 -11.78
CA PHE W 72 -16.88 -23.95 -11.00
C PHE W 72 -16.32 -25.35 -10.81
N GLY W 73 -15.01 -25.47 -11.00
CA GLY W 73 -14.25 -26.60 -10.50
C GLY W 73 -14.63 -27.94 -11.09
N LEU W 74 -15.03 -27.96 -12.35
CA LEU W 74 -15.34 -29.21 -13.00
C LEU W 74 -14.05 -29.98 -13.28
N ALA W 75 -14.19 -31.29 -13.47
CA ALA W 75 -13.05 -32.09 -13.88
C ALA W 75 -12.61 -31.72 -15.29
N ASP W 76 -13.56 -31.36 -16.14
CA ASP W 76 -13.28 -30.91 -17.49
C ASP W 76 -12.84 -29.46 -17.43
N GLN W 77 -11.53 -29.21 -17.47
CA GLN W 77 -11.07 -27.86 -17.74
C GLN W 77 -11.38 -27.52 -19.19
N SER W 78 -11.40 -26.22 -19.48
CA SER W 78 -11.81 -25.67 -20.79
C SER W 78 -13.21 -26.12 -21.19
N ALA W 79 -14.09 -26.28 -20.20
CA ALA W 79 -15.49 -26.59 -20.45
C ALA W 79 -16.42 -25.43 -20.17
N PHE W 80 -15.99 -24.47 -19.37
CA PHE W 80 -16.67 -23.18 -19.29
C PHE W 80 -16.54 -22.51 -20.65
N ASN W 81 -17.59 -22.50 -21.43
CA ASN W 81 -17.62 -21.60 -22.55
C ASN W 81 -18.28 -20.30 -22.12
N GLY W 82 -18.22 -19.29 -22.97
CA GLY W 82 -18.69 -17.99 -22.55
C GLY W 82 -18.47 -16.91 -23.58
N VAL W 83 -19.42 -16.01 -23.72
CA VAL W 83 -19.37 -14.94 -24.72
C VAL W 83 -19.54 -13.63 -23.99
N PHE W 84 -18.49 -12.81 -23.98
CA PHE W 84 -18.59 -11.45 -23.44
C PHE W 84 -18.94 -10.53 -24.59
N ARG W 85 -20.03 -9.80 -24.46
CA ARG W 85 -20.46 -8.89 -25.51
C ARG W 85 -20.49 -7.46 -25.02
N GLY W 86 -20.17 -6.54 -25.90
CA GLY W 86 -20.24 -5.13 -25.60
C GLY W 86 -20.73 -4.38 -26.82
N SER W 87 -21.44 -3.28 -26.55
CA SER W 87 -21.94 -2.41 -27.61
C SER W 87 -21.26 -1.07 -27.45
N PHE W 88 -20.40 -0.72 -28.39
CA PHE W 88 -19.71 0.58 -28.35
C PHE W 88 -20.51 1.54 -29.21
N LYS W 89 -20.84 2.71 -28.65
CA LYS W 89 -21.93 3.50 -29.20
C LYS W 89 -21.49 4.38 -30.36
N GLY W 90 -20.60 5.32 -30.12
CA GLY W 90 -20.30 6.27 -31.17
C GLY W 90 -21.25 7.45 -31.19
N GLN W 91 -20.72 8.61 -31.59
CA GLN W 91 -21.50 9.84 -31.50
C GLN W 91 -22.58 9.90 -32.57
N LYS W 92 -22.29 9.42 -33.77
CA LYS W 92 -23.26 9.47 -34.85
C LYS W 92 -24.34 8.40 -34.74
N GLY W 93 -24.24 7.49 -33.78
CA GLY W 93 -25.26 6.49 -33.57
C GLY W 93 -24.99 5.13 -34.17
N ALA W 94 -23.78 4.89 -34.68
CA ALA W 94 -23.44 3.62 -35.30
C ALA W 94 -22.83 2.71 -34.23
N SER W 95 -23.66 1.87 -33.64
CA SER W 95 -23.22 0.98 -32.57
C SER W 95 -22.40 -0.18 -33.14
N VAL W 96 -21.21 -0.36 -32.60
CA VAL W 96 -20.24 -1.36 -33.05
C VAL W 96 -20.17 -2.46 -32.01
N PRO W 97 -20.46 -3.72 -32.37
CA PRO W 97 -20.39 -4.80 -31.39
C PRO W 97 -18.96 -5.25 -31.15
N VAL W 98 -18.65 -5.55 -29.90
CA VAL W 98 -17.37 -6.14 -29.51
C VAL W 98 -17.69 -7.42 -28.78
N VAL W 99 -17.46 -8.55 -29.43
CA VAL W 99 -17.88 -9.86 -28.92
C VAL W 99 -16.65 -10.73 -28.72
N ALA W 100 -16.50 -11.25 -27.51
CA ALA W 100 -15.30 -12.00 -27.12
C ALA W 100 -15.72 -13.38 -26.64
N THR W 101 -15.82 -14.31 -27.58
CA THR W 101 -16.04 -15.71 -27.20
C THR W 101 -14.79 -16.26 -26.54
N LEU W 102 -14.98 -16.95 -25.42
CA LEU W 102 -13.84 -17.44 -24.68
C LEU W 102 -14.21 -18.74 -23.99
N ARG W 103 -13.17 -19.47 -23.61
CA ARG W 103 -13.32 -20.83 -23.13
C ARG W 103 -12.22 -21.11 -22.12
N GLY W 104 -12.55 -21.79 -21.04
CA GLY W 104 -11.53 -22.05 -20.04
C GLY W 104 -12.08 -22.68 -18.79
N LEU W 105 -11.39 -22.45 -17.68
CA LEU W 105 -11.75 -23.02 -16.39
C LEU W 105 -12.19 -21.90 -15.48
N LEU W 106 -13.41 -22.00 -14.97
CA LEU W 106 -13.91 -21.07 -13.96
C LEU W 106 -13.15 -21.35 -12.67
N LYS W 107 -12.15 -20.53 -12.39
CA LYS W 107 -11.15 -20.90 -11.41
C LYS W 107 -11.38 -20.35 -10.01
N GLU W 108 -12.15 -19.28 -9.85
CA GLU W 108 -12.52 -18.89 -8.49
C GLU W 108 -13.91 -18.27 -8.47
N VAL W 109 -14.66 -18.63 -7.46
CA VAL W 109 -15.94 -18.03 -7.14
C VAL W 109 -15.77 -17.30 -5.83
N ASP W 110 -16.00 -16.00 -5.83
CA ASP W 110 -15.75 -15.14 -4.68
C ASP W 110 -17.05 -14.47 -4.27
N PRO W 111 -17.88 -15.14 -3.46
CA PRO W 111 -18.97 -14.43 -2.79
C PRO W 111 -18.38 -13.51 -1.73
N GLY W 112 -18.61 -12.21 -1.88
CA GLY W 112 -17.99 -11.23 -1.02
C GLY W 112 -18.62 -11.15 0.35
N ASP W 113 -18.52 -9.98 0.96
CA ASP W 113 -19.18 -9.75 2.23
C ASP W 113 -20.69 -9.69 2.01
N TRP W 114 -21.43 -10.28 2.94
CA TRP W 114 -22.89 -10.22 2.92
C TRP W 114 -23.35 -9.35 4.08
N LYS W 115 -23.43 -8.06 3.82
CA LYS W 115 -24.13 -7.17 4.74
C LYS W 115 -25.59 -7.09 4.33
N ALA W 116 -26.44 -6.69 5.27
CA ALA W 116 -27.88 -6.79 5.08
C ALA W 116 -28.38 -5.80 4.04
N GLY W 117 -28.20 -4.51 4.29
CA GLY W 117 -28.71 -3.57 3.32
C GLY W 117 -27.87 -3.38 2.09
N GLU W 118 -26.70 -4.01 2.00
CA GLU W 118 -25.76 -3.76 0.92
C GLU W 118 -25.89 -4.82 -0.15
N LYS W 119 -25.73 -4.40 -1.40
CA LYS W 119 -25.73 -5.31 -2.56
C LYS W 119 -24.58 -6.30 -2.48
N ALA W 120 -24.90 -7.58 -2.61
CA ALA W 120 -23.92 -8.66 -2.52
C ALA W 120 -23.55 -9.13 -3.92
N GLU W 121 -22.25 -9.18 -4.19
CA GLU W 121 -21.72 -9.38 -5.54
C GLU W 121 -20.85 -10.64 -5.57
N PHE W 122 -21.28 -11.64 -6.33
CA PHE W 122 -20.46 -12.82 -6.58
C PHE W 122 -19.43 -12.47 -7.63
N LYS W 123 -18.15 -12.49 -7.27
CA LYS W 123 -17.08 -12.24 -8.23
C LYS W 123 -16.52 -13.56 -8.74
N TYR W 124 -16.49 -13.73 -10.04
CA TYR W 124 -15.97 -14.95 -10.65
C TYR W 124 -14.71 -14.61 -11.42
N ALA W 125 -13.95 -15.64 -11.79
CA ALA W 125 -12.76 -15.44 -12.61
C ALA W 125 -12.52 -16.73 -13.38
N VAL W 126 -12.27 -16.63 -14.68
CA VAL W 126 -12.04 -17.81 -15.47
C VAL W 126 -10.60 -17.80 -15.94
N ALA W 127 -10.07 -18.99 -16.20
CA ALA W 127 -8.70 -19.16 -16.64
C ALA W 127 -8.76 -19.52 -18.12
N VAL W 128 -8.49 -18.54 -18.96
CA VAL W 128 -8.89 -18.57 -20.36
C VAL W 128 -7.99 -19.51 -21.16
N SER W 129 -8.59 -20.54 -21.75
CA SER W 129 -7.90 -21.53 -22.56
C SER W 129 -8.13 -21.34 -24.04
N TYR W 130 -9.02 -20.43 -24.42
CA TYR W 130 -9.26 -20.06 -25.81
C TYR W 130 -9.89 -18.69 -25.80
N TYR W 131 -9.47 -17.83 -26.72
CA TYR W 131 -9.98 -16.47 -26.72
C TYR W 131 -10.04 -15.94 -28.13
N LYS W 132 -11.22 -15.54 -28.57
CA LYS W 132 -11.39 -14.88 -29.86
C LYS W 132 -12.14 -13.59 -29.65
N LEU W 133 -11.54 -12.48 -30.05
CA LEU W 133 -12.15 -11.17 -29.98
C LEU W 133 -12.57 -10.74 -31.38
N GLU W 134 -13.87 -10.49 -31.57
CA GLU W 134 -14.38 -9.93 -32.80
C GLU W 134 -14.86 -8.52 -32.55
N VAL W 135 -14.41 -7.58 -33.37
CA VAL W 135 -14.83 -6.19 -33.32
C VAL W 135 -15.48 -5.85 -34.64
N ASP W 136 -16.73 -5.40 -34.57
CA ASP W 136 -17.60 -5.12 -35.73
C ASP W 136 -17.75 -6.38 -36.59
N GLY W 137 -17.85 -7.53 -35.93
CA GLY W 137 -17.96 -8.80 -36.63
C GLY W 137 -16.75 -9.22 -37.39
N ARG W 138 -15.57 -8.73 -37.03
CA ARG W 138 -14.33 -9.03 -37.73
C ARG W 138 -13.31 -9.50 -36.72
N GLU W 139 -12.65 -10.62 -37.02
CA GLU W 139 -11.73 -11.26 -36.08
C GLU W 139 -10.54 -10.37 -35.82
N VAL W 140 -10.37 -9.94 -34.57
CA VAL W 140 -9.19 -9.20 -34.18
C VAL W 140 -8.21 -10.19 -33.57
N TYR W 141 -8.61 -10.85 -32.49
CA TYR W 141 -7.71 -11.75 -31.80
C TYR W 141 -8.23 -13.17 -31.91
N GLU W 142 -7.32 -14.13 -31.92
CA GLU W 142 -7.69 -15.53 -31.77
C GLU W 142 -6.51 -16.24 -31.14
N ILE W 143 -6.64 -16.59 -29.86
CA ILE W 143 -5.55 -17.13 -29.08
C ILE W 143 -5.97 -18.50 -28.58
N ASP W 144 -5.26 -19.53 -29.02
CA ASP W 144 -5.49 -20.89 -28.57
C ASP W 144 -4.11 -21.44 -28.20
N PRO W 145 -3.79 -21.51 -26.89
CA PRO W 145 -2.46 -21.94 -26.45
C PRO W 145 -2.08 -23.34 -26.89
N VAL W 146 -2.82 -24.36 -26.46
CA VAL W 146 -2.70 -25.66 -27.09
C VAL W 146 -3.27 -25.54 -28.49
N ASN W 147 -2.66 -26.23 -29.46
CA ASN W 147 -2.77 -25.91 -30.90
C ASN W 147 -2.39 -24.45 -31.13
N GLY W 148 -1.09 -24.16 -30.94
CA GLY W 148 -0.60 -22.81 -30.81
C GLY W 148 -0.90 -21.85 -31.93
N VAL W 149 -1.90 -21.02 -31.71
CA VAL W 149 -2.45 -20.09 -32.68
C VAL W 149 -2.48 -18.72 -32.05
N ARG W 150 -1.89 -17.72 -32.72
CA ARG W 150 -2.01 -16.33 -32.30
C ARG W 150 -2.31 -15.52 -33.56
N ALA W 151 -3.59 -15.38 -33.88
CA ALA W 151 -4.03 -14.63 -35.06
C ALA W 151 -4.38 -13.20 -34.67
N ILE W 152 -3.92 -12.24 -35.47
CA ILE W 152 -4.01 -10.83 -35.11
C ILE W 152 -4.84 -10.05 -36.13
N ASN W 153 -4.92 -10.52 -37.36
CA ASN W 153 -5.93 -9.96 -38.23
C ASN W 153 -6.51 -11.05 -39.11
N GLY W 154 -6.69 -12.24 -38.54
CA GLY W 154 -6.80 -13.45 -39.31
C GLY W 154 -5.47 -14.03 -39.73
N VAL W 155 -4.37 -13.34 -39.44
CA VAL W 155 -3.03 -13.75 -39.82
C VAL W 155 -2.39 -14.45 -38.64
N ASP W 156 -2.14 -15.75 -38.75
CA ASP W 156 -1.54 -16.52 -37.68
C ASP W 156 -0.08 -16.15 -37.54
N GLN W 157 0.27 -15.47 -36.44
CA GLN W 157 1.64 -15.06 -36.21
C GLN W 157 2.56 -16.21 -35.86
N LEU W 158 2.01 -17.33 -35.44
CA LEU W 158 2.83 -18.46 -35.02
C LEU W 158 3.02 -19.49 -36.12
N ALA W 159 2.85 -19.13 -37.39
CA ALA W 159 3.20 -20.04 -38.46
C ALA W 159 4.70 -20.20 -38.58
N GLY W 160 5.46 -19.22 -38.08
CA GLY W 160 6.91 -19.34 -38.08
C GLY W 160 7.39 -20.42 -37.13
N MET W 161 6.93 -20.38 -35.87
CA MET W 161 7.33 -21.40 -34.91
C MET W 161 6.66 -22.74 -35.16
N ARG W 162 5.57 -22.77 -35.91
CA ARG W 162 4.86 -24.03 -36.12
C ARG W 162 5.64 -24.94 -37.04
N ASN W 163 6.24 -24.39 -38.10
CA ASN W 163 7.07 -25.18 -38.98
C ASN W 163 8.42 -25.50 -38.36
N ASP W 164 8.91 -24.64 -37.47
CA ASP W 164 10.18 -24.91 -36.81
C ASP W 164 10.06 -26.07 -35.85
N LEU W 165 8.95 -26.14 -35.13
CA LEU W 165 8.75 -27.21 -34.17
C LEU W 165 8.15 -28.46 -34.80
N GLY W 166 7.77 -28.40 -36.07
CA GLY W 166 7.14 -29.54 -36.71
C GLY W 166 5.77 -29.85 -36.18
N LEU W 167 5.01 -28.83 -35.81
CA LEU W 167 3.72 -29.03 -35.15
C LEU W 167 2.63 -29.40 -36.14
N MET X 1 -33.26 -12.66 -17.74
CA MET X 1 -33.35 -12.92 -16.31
C MET X 1 -34.03 -11.79 -15.57
N ILE X 2 -34.10 -11.95 -14.25
CA ILE X 2 -34.72 -10.98 -13.36
C ILE X 2 -33.61 -10.37 -12.53
N PRO X 3 -33.58 -9.05 -12.34
CA PRO X 3 -32.58 -8.45 -11.45
C PRO X 3 -32.78 -8.89 -10.01
N GLN X 4 -31.78 -9.58 -9.48
CA GLN X 4 -31.86 -10.29 -8.22
C GLN X 4 -30.69 -9.88 -7.36
N THR X 5 -30.94 -9.66 -6.07
CA THR X 5 -29.94 -9.14 -5.15
C THR X 5 -30.27 -9.66 -3.76
N LEU X 6 -29.23 -9.96 -2.97
CA LEU X 6 -29.39 -10.21 -1.54
C LEU X 6 -30.06 -9.03 -0.86
N THR X 7 -30.94 -9.31 0.09
CA THR X 7 -31.47 -8.28 0.96
C THR X 7 -31.27 -8.58 2.43
N ASN X 8 -31.12 -9.84 2.83
CA ASN X 8 -31.10 -10.19 4.24
C ASN X 8 -30.24 -11.42 4.45
N THR X 9 -29.60 -11.47 5.61
CA THR X 9 -28.71 -12.56 5.99
C THR X 9 -29.13 -13.11 7.34
N ASN X 10 -28.64 -14.30 7.66
CA ASN X 10 -28.85 -14.88 8.98
C ASN X 10 -27.71 -15.85 9.25
N LEU X 11 -27.58 -16.24 10.51
CA LEU X 11 -26.52 -17.15 10.94
C LEU X 11 -27.06 -18.05 12.03
N PHE X 12 -26.81 -19.35 11.88
CA PHE X 12 -27.06 -20.36 12.90
C PHE X 12 -25.71 -20.98 13.23
N ILE X 13 -25.29 -20.90 14.49
CA ILE X 13 -24.01 -21.51 14.84
C ILE X 13 -24.21 -22.96 15.20
N ASP X 14 -24.89 -23.24 16.30
CA ASP X 14 -25.10 -24.61 16.71
C ASP X 14 -26.58 -24.85 16.92
N GLY X 15 -27.34 -24.41 15.92
CA GLY X 15 -28.77 -24.36 16.00
C GLY X 15 -29.30 -23.09 16.61
N VAL X 16 -28.47 -22.36 17.35
CA VAL X 16 -28.89 -21.09 17.94
C VAL X 16 -28.87 -20.03 16.85
N SER X 17 -29.89 -19.16 16.86
CA SER X 17 -30.02 -18.16 15.82
C SER X 17 -29.33 -16.87 16.22
N PHE X 18 -28.60 -16.27 15.29
CA PHE X 18 -27.98 -14.98 15.54
C PHE X 18 -28.77 -13.88 14.88
N ALA X 19 -30.10 -13.93 14.95
CA ALA X 19 -31.00 -13.05 14.23
C ALA X 19 -31.07 -11.64 14.78
N GLY X 20 -30.14 -11.24 15.64
CA GLY X 20 -30.06 -9.85 16.05
C GLY X 20 -28.70 -9.22 15.83
N ASP X 21 -27.63 -10.00 15.78
CA ASP X 21 -26.29 -9.41 15.88
C ASP X 21 -25.27 -10.04 14.94
N VAL X 22 -25.60 -10.23 13.67
CA VAL X 22 -24.52 -10.47 12.72
C VAL X 22 -24.60 -9.47 11.56
N PRO X 23 -23.81 -8.40 11.61
CA PRO X 23 -23.87 -7.40 10.53
C PRO X 23 -23.27 -7.86 9.21
N SER X 24 -22.27 -8.73 9.22
CA SER X 24 -21.66 -9.17 7.97
C SER X 24 -21.34 -10.66 8.01
N LEU X 25 -21.59 -11.33 6.90
CA LEU X 25 -21.20 -12.71 6.67
C LEU X 25 -20.19 -12.74 5.53
N THR X 26 -19.45 -13.83 5.43
CA THR X 26 -18.62 -14.05 4.25
C THR X 26 -18.53 -15.56 4.01
N LEU X 27 -19.11 -16.01 2.91
CA LEU X 27 -18.96 -17.39 2.50
C LEU X 27 -17.51 -17.64 2.09
N PRO X 28 -17.04 -18.88 2.15
CA PRO X 28 -15.66 -19.14 1.73
C PRO X 28 -15.47 -18.96 0.24
N LYS X 29 -14.36 -18.32 -0.11
CA LYS X 29 -13.98 -18.12 -1.50
C LYS X 29 -13.49 -19.44 -2.07
N LEU X 30 -14.28 -20.02 -2.96
CA LEU X 30 -13.89 -21.26 -3.62
C LEU X 30 -12.95 -20.90 -4.76
N ALA X 31 -11.66 -21.15 -4.58
CA ALA X 31 -10.69 -20.95 -5.63
C ALA X 31 -10.05 -22.30 -5.93
N VAL X 32 -9.94 -22.63 -7.19
CA VAL X 32 -9.19 -23.82 -7.54
C VAL X 32 -7.72 -23.43 -7.61
N LYS X 33 -6.85 -24.37 -7.32
CA LYS X 33 -5.42 -24.10 -7.29
C LYS X 33 -4.88 -24.33 -8.69
N THR X 34 -4.82 -23.27 -9.48
CA THR X 34 -4.28 -23.38 -10.83
C THR X 34 -2.76 -23.25 -10.79
N GLU X 35 -2.12 -24.00 -11.67
CA GLU X 35 -0.74 -23.76 -12.04
C GLU X 35 -0.72 -23.40 -13.51
N GLN X 36 -0.10 -22.27 -13.84
CA GLN X 36 -0.04 -21.80 -15.22
C GLN X 36 0.90 -22.72 -15.99
N TYR X 37 0.36 -23.46 -16.94
CA TYR X 37 1.07 -24.56 -17.57
C TYR X 37 1.47 -24.17 -18.99
N ARG X 38 2.75 -23.84 -19.16
CA ARG X 38 3.36 -23.54 -20.45
C ARG X 38 4.38 -24.64 -20.74
N ALA X 39 4.29 -25.23 -21.92
CA ALA X 39 5.13 -26.38 -22.24
C ALA X 39 5.44 -26.33 -23.74
N GLY X 40 5.78 -27.49 -24.29
CA GLY X 40 6.28 -27.54 -25.65
C GLY X 40 5.18 -27.26 -26.66
N GLY X 41 5.56 -26.53 -27.71
CA GLY X 41 4.65 -26.28 -28.81
C GLY X 41 3.51 -25.34 -28.50
N MET X 42 3.69 -24.41 -27.56
CA MET X 42 2.62 -23.50 -27.22
C MET X 42 3.17 -22.20 -26.64
N ASP X 43 2.51 -21.10 -26.98
CA ASP X 43 2.98 -19.75 -26.65
C ASP X 43 2.36 -19.18 -25.39
N ALA X 44 1.34 -19.82 -24.83
CA ALA X 44 0.64 -19.26 -23.69
C ALA X 44 0.36 -20.36 -22.68
N PRO X 45 0.30 -20.03 -21.39
CA PRO X 45 -0.08 -21.02 -20.39
C PRO X 45 -1.56 -21.39 -20.49
N VAL X 46 -1.94 -22.45 -19.78
CA VAL X 46 -3.26 -23.02 -20.01
C VAL X 46 -4.00 -23.34 -18.71
N SER X 47 -3.31 -23.27 -17.57
CA SER X 47 -3.89 -23.33 -16.22
C SER X 47 -4.62 -24.66 -15.93
N ILE X 48 -3.82 -25.71 -15.76
CA ILE X 48 -4.31 -26.98 -15.23
C ILE X 48 -4.73 -26.82 -13.76
N ASP X 49 -5.75 -27.55 -13.35
CA ASP X 49 -6.17 -27.57 -11.95
C ASP X 49 -5.30 -28.51 -11.12
N MET X 50 -5.10 -28.15 -9.86
CA MET X 50 -4.28 -28.93 -8.94
C MET X 50 -5.03 -29.21 -7.64
N GLY X 51 -6.34 -29.07 -7.63
CA GLY X 51 -7.14 -29.18 -6.42
C GLY X 51 -7.66 -27.83 -5.98
N LEU X 52 -8.42 -27.84 -4.90
CA LEU X 52 -8.96 -26.60 -4.37
C LEU X 52 -7.99 -25.93 -3.41
N GLU X 53 -8.20 -24.64 -3.21
CA GLU X 53 -7.51 -23.86 -2.20
C GLU X 53 -8.13 -24.11 -0.83
N ALA X 54 -7.49 -23.54 0.19
CA ALA X 54 -8.03 -23.61 1.54
C ALA X 54 -9.16 -22.61 1.70
N MET X 55 -10.24 -23.06 2.32
CA MET X 55 -11.45 -22.26 2.46
C MET X 55 -11.50 -21.63 3.84
N GLU X 56 -11.74 -20.33 3.90
CA GLU X 56 -12.04 -19.67 5.15
C GLU X 56 -13.36 -18.91 5.02
N ALA X 57 -14.25 -19.14 5.98
CA ALA X 57 -15.47 -18.35 6.11
C ALA X 57 -15.32 -17.45 7.31
N LYS X 58 -15.55 -16.16 7.12
CA LYS X 58 -15.42 -15.23 8.22
C LYS X 58 -16.76 -14.55 8.43
N PHE X 59 -16.99 -14.13 9.67
CA PHE X 59 -18.24 -13.47 10.01
C PHE X 59 -18.01 -12.63 11.24
N SER X 60 -18.85 -11.64 11.42
CA SER X 60 -18.69 -10.69 12.52
C SER X 60 -19.96 -10.60 13.33
N THR X 61 -19.80 -10.57 14.64
CA THR X 61 -20.84 -10.15 15.55
C THR X 61 -20.38 -8.88 16.24
N ASN X 62 -21.31 -8.13 16.79
CA ASN X 62 -20.92 -6.91 17.50
C ASN X 62 -21.61 -6.75 18.85
N GLY X 63 -22.21 -7.81 19.36
CA GLY X 63 -22.48 -7.95 20.77
C GLY X 63 -21.47 -8.88 21.41
N ALA X 64 -21.80 -9.34 22.62
CA ALA X 64 -20.88 -10.21 23.34
C ALA X 64 -20.87 -11.62 22.76
N ARG X 65 -22.03 -12.29 22.84
CA ARG X 65 -22.35 -13.51 22.09
C ARG X 65 -21.38 -14.65 22.40
N ARG X 66 -21.53 -15.15 23.63
CA ARG X 66 -20.84 -16.35 24.06
C ARG X 66 -21.16 -17.57 23.21
N GLU X 67 -22.34 -17.60 22.58
CA GLU X 67 -22.74 -18.71 21.72
C GLU X 67 -21.89 -18.83 20.45
N ALA X 68 -21.06 -17.84 20.15
CA ALA X 68 -20.00 -17.97 19.17
C ALA X 68 -18.60 -17.86 19.76
N LEU X 69 -18.44 -17.23 20.91
CA LEU X 69 -17.13 -17.15 21.55
C LEU X 69 -16.67 -18.49 22.11
N ASN X 70 -17.61 -19.35 22.50
CA ASN X 70 -17.27 -20.63 23.12
C ASN X 70 -16.86 -21.70 22.13
N PHE X 71 -16.74 -21.39 20.84
CA PHE X 71 -16.28 -22.35 19.86
C PHE X 71 -14.87 -22.07 19.36
N PHE X 72 -14.21 -21.05 19.90
CA PHE X 72 -12.83 -20.79 19.54
C PHE X 72 -11.91 -21.83 20.15
N GLY X 73 -10.98 -22.34 19.33
CA GLY X 73 -9.81 -23.04 19.82
C GLY X 73 -10.08 -24.31 20.57
N LEU X 74 -11.13 -25.03 20.20
CA LEU X 74 -11.41 -26.30 20.84
C LEU X 74 -10.39 -27.34 20.39
N ALA X 75 -10.26 -28.39 21.19
CA ALA X 75 -9.41 -29.51 20.79
C ALA X 75 -10.01 -30.22 19.59
N ASP X 76 -11.33 -30.28 19.52
CA ASP X 76 -12.04 -30.87 18.40
C ASP X 76 -12.06 -29.86 17.26
N GLN X 77 -11.16 -30.01 16.30
CA GLN X 77 -11.33 -29.29 15.05
C GLN X 77 -12.51 -29.88 14.29
N SER X 78 -13.05 -29.10 13.35
CA SER X 78 -14.28 -29.42 12.61
C SER X 78 -15.46 -29.70 13.55
N ALA X 79 -15.50 -28.98 14.67
CA ALA X 79 -16.63 -29.06 15.60
C ALA X 79 -17.49 -27.80 15.58
N PHE X 80 -16.95 -26.68 15.12
CA PHE X 80 -17.78 -25.53 14.79
C PHE X 80 -18.65 -25.92 13.62
N ASN X 81 -19.92 -26.17 13.85
CA ASN X 81 -20.85 -26.21 12.74
C ASN X 81 -21.44 -24.82 12.57
N GLY X 82 -22.18 -24.64 11.49
CA GLY X 82 -22.64 -23.30 11.17
C GLY X 82 -23.37 -23.21 9.86
N VAL X 83 -24.42 -22.40 9.81
CA VAL X 83 -25.26 -22.27 8.63
C VAL X 83 -25.31 -20.79 8.28
N PHE X 84 -24.74 -20.42 7.14
CA PHE X 84 -24.86 -19.06 6.64
C PHE X 84 -26.05 -19.02 5.71
N ARG X 85 -27.01 -18.15 5.98
CA ARG X 85 -28.20 -18.05 5.15
C ARG X 85 -28.31 -16.67 4.53
N GLY X 86 -28.84 -16.63 3.33
CA GLY X 86 -29.10 -15.37 2.65
C GLY X 86 -30.39 -15.48 1.87
N SER X 87 -31.06 -14.34 1.77
CA SER X 87 -32.31 -14.25 1.01
C SER X 87 -32.07 -13.32 -0.16
N PHE X 88 -32.06 -13.85 -1.37
CA PHE X 88 -31.86 -13.02 -2.55
C PHE X 88 -33.24 -12.67 -3.10
N LYS X 89 -33.48 -11.38 -3.34
CA LYS X 89 -34.84 -10.90 -3.44
C LYS X 89 -35.43 -11.09 -4.83
N GLY X 90 -34.87 -10.44 -5.84
CA GLY X 90 -35.52 -10.48 -7.14
C GLY X 90 -36.57 -9.39 -7.29
N GLN X 91 -36.72 -8.91 -8.52
CA GLN X 91 -37.59 -7.77 -8.77
C GLN X 91 -39.07 -8.16 -8.69
N LYS X 92 -39.42 -9.34 -9.17
CA LYS X 92 -40.81 -9.76 -9.15
C LYS X 92 -41.28 -10.24 -7.77
N GLY X 93 -40.38 -10.32 -6.79
CA GLY X 93 -40.75 -10.70 -5.45
C GLY X 93 -40.53 -12.15 -5.09
N ALA X 94 -39.86 -12.92 -5.92
CA ALA X 94 -39.62 -14.33 -5.65
C ALA X 94 -38.28 -14.46 -4.92
N SER X 95 -38.34 -14.52 -3.60
CA SER X 95 -37.13 -14.60 -2.79
C SER X 95 -36.53 -16.01 -2.85
N VAL X 96 -35.25 -16.07 -3.20
CA VAL X 96 -34.52 -17.32 -3.40
C VAL X 96 -33.55 -17.49 -2.23
N PRO X 97 -33.65 -18.57 -1.47
CA PRO X 97 -32.72 -18.77 -0.35
C PRO X 97 -31.37 -19.29 -0.82
N VAL X 98 -30.31 -18.77 -0.20
CA VAL X 98 -28.95 -19.26 -0.42
C VAL X 98 -28.42 -19.67 0.94
N VAL X 99 -28.31 -20.97 1.17
CA VAL X 99 -27.98 -21.51 2.48
C VAL X 99 -26.69 -22.31 2.37
N ALA X 100 -25.71 -21.97 3.20
CA ALA X 100 -24.39 -22.55 3.13
C ALA X 100 -24.04 -23.17 4.47
N THR X 101 -24.42 -24.43 4.66
CA THR X 101 -23.98 -25.17 5.82
C THR X 101 -22.49 -25.43 5.74
N LEU X 102 -21.79 -25.19 6.84
CA LEU X 102 -20.35 -25.36 6.82
C LEU X 102 -19.87 -25.78 8.19
N ARG X 103 -18.66 -26.33 8.21
CA ARG X 103 -18.13 -27.00 9.38
C ARG X 103 -16.62 -26.81 9.39
N GLY X 104 -16.05 -26.56 10.54
CA GLY X 104 -14.61 -26.34 10.59
C GLY X 104 -14.12 -25.89 11.94
N LEU X 105 -13.00 -25.17 11.93
CA LEU X 105 -12.35 -24.71 13.14
C LEU X 105 -12.47 -23.20 13.18
N LEU X 106 -13.06 -22.67 14.24
CA LEU X 106 -13.10 -21.22 14.47
C LEU X 106 -11.68 -20.78 14.81
N LYS X 107 -10.97 -20.22 13.84
CA LYS X 107 -9.53 -20.11 13.95
C LYS X 107 -9.03 -18.77 14.45
N GLU X 108 -9.82 -17.70 14.34
CA GLU X 108 -9.41 -16.47 15.01
C GLU X 108 -10.61 -15.68 15.47
N VAL X 109 -10.49 -15.12 16.67
CA VAL X 109 -11.44 -14.19 17.23
C VAL X 109 -10.72 -12.86 17.33
N ASP X 110 -11.26 -11.84 16.67
CA ASP X 110 -10.62 -10.53 16.55
C ASP X 110 -11.55 -9.48 17.14
N PRO X 111 -11.52 -9.27 18.46
CA PRO X 111 -12.15 -8.07 19.02
C PRO X 111 -11.31 -6.86 18.62
N GLY X 112 -11.94 -5.94 17.89
CA GLY X 112 -11.22 -4.81 17.34
C GLY X 112 -10.91 -3.74 18.36
N ASP X 113 -10.80 -2.51 17.88
CA ASP X 113 -10.62 -1.39 18.78
C ASP X 113 -11.91 -1.13 19.54
N TRP X 114 -11.77 -0.81 20.82
CA TRP X 114 -12.90 -0.45 21.66
C TRP X 114 -12.80 1.03 21.98
N LYS X 115 -13.36 1.85 21.11
CA LYS X 115 -13.59 3.24 21.44
C LYS X 115 -14.97 3.38 22.06
N ALA X 116 -15.15 4.46 22.81
CA ALA X 116 -16.34 4.59 23.65
C ALA X 116 -17.60 4.79 22.82
N GLY X 117 -17.67 5.85 22.05
CA GLY X 117 -18.89 6.05 21.29
C GLY X 117 -19.03 5.22 20.04
N GLU X 118 -18.02 4.43 19.67
CA GLU X 118 -18.01 3.71 18.42
C GLU X 118 -18.46 2.27 18.62
N LYS X 119 -19.18 1.76 17.63
CA LYS X 119 -19.62 0.36 17.61
C LYS X 119 -18.43 -0.59 17.56
N ALA X 120 -18.41 -1.54 18.48
CA ALA X 120 -17.32 -2.51 18.61
C ALA X 120 -17.73 -3.83 17.97
N GLU X 121 -16.89 -4.34 17.08
CA GLU X 121 -17.22 -5.46 16.21
C GLU X 121 -16.24 -6.60 16.43
N PHE X 122 -16.75 -7.73 16.94
CA PHE X 122 -15.96 -8.95 17.05
C PHE X 122 -15.89 -9.59 15.67
N LYS X 123 -14.70 -9.67 15.09
CA LYS X 123 -14.52 -10.34 13.80
C LYS X 123 -14.03 -11.76 14.02
N TYR X 124 -14.73 -12.72 13.46
CA TYR X 124 -14.37 -14.13 13.59
C TYR X 124 -13.95 -14.65 12.23
N ALA X 125 -13.31 -15.82 12.22
CA ALA X 125 -12.95 -16.48 10.96
C ALA X 125 -12.87 -17.96 11.23
N VAL X 126 -13.47 -18.77 10.37
CA VAL X 126 -13.45 -20.21 10.56
C VAL X 126 -12.63 -20.82 9.44
N ALA X 127 -12.07 -21.98 9.74
CA ALA X 127 -11.23 -22.71 8.79
C ALA X 127 -12.05 -23.90 8.31
N VAL X 128 -12.61 -23.77 7.11
CA VAL X 128 -13.73 -24.58 6.67
C VAL X 128 -13.26 -25.99 6.31
N SER X 129 -13.79 -26.98 7.02
CA SER X 129 -13.48 -28.39 6.80
C SER X 129 -14.59 -29.14 6.09
N TYR X 130 -15.73 -28.50 5.87
CA TYR X 130 -16.83 -29.06 5.09
C TYR X 130 -17.68 -27.89 4.64
N TYR X 131 -18.12 -27.94 3.39
CA TYR X 131 -18.88 -26.81 2.87
C TYR X 131 -19.90 -27.31 1.87
N LYS X 132 -21.18 -27.02 2.12
CA LYS X 132 -22.24 -27.31 1.17
C LYS X 132 -23.05 -26.05 0.93
N LEU X 133 -23.11 -25.62 -0.32
CA LEU X 133 -23.90 -24.47 -0.71
C LEU X 133 -25.16 -24.94 -1.42
N GLU X 134 -26.31 -24.58 -0.88
CA GLU X 134 -27.59 -24.84 -1.55
C GLU X 134 -28.19 -23.51 -1.99
N VAL X 135 -28.58 -23.46 -3.26
CA VAL X 135 -29.25 -22.28 -3.83
C VAL X 135 -30.62 -22.74 -4.30
N ASP X 136 -31.65 -22.07 -3.79
CA ASP X 136 -33.07 -22.41 -4.00
C ASP X 136 -33.35 -23.84 -3.58
N GLY X 137 -32.73 -24.25 -2.48
CA GLY X 137 -32.88 -25.60 -1.97
C GLY X 137 -32.29 -26.69 -2.83
N ARG X 138 -31.31 -26.35 -3.67
CA ARG X 138 -30.71 -27.31 -4.59
C ARG X 138 -29.21 -27.25 -4.41
N GLU X 139 -28.58 -28.41 -4.27
CA GLU X 139 -27.15 -28.50 -3.97
C GLU X 139 -26.33 -27.95 -5.12
N VAL X 140 -25.59 -26.87 -4.86
CA VAL X 140 -24.65 -26.36 -5.84
C VAL X 140 -23.28 -26.92 -5.51
N TYR X 141 -22.77 -26.64 -4.32
CA TYR X 141 -21.43 -27.08 -3.97
C TYR X 141 -21.51 -28.06 -2.83
N GLU X 142 -20.56 -28.98 -2.80
CA GLU X 142 -20.38 -29.84 -1.64
C GLU X 142 -18.91 -30.24 -1.60
N ILE X 143 -18.17 -29.66 -0.67
CA ILE X 143 -16.72 -29.82 -0.60
C ILE X 143 -16.38 -30.41 0.75
N ASP X 144 -15.82 -31.61 0.73
CA ASP X 144 -15.36 -32.29 1.94
C ASP X 144 -13.95 -32.75 1.63
N PRO X 145 -12.91 -32.05 2.13
CA PRO X 145 -11.52 -32.41 1.80
C PRO X 145 -11.12 -33.81 2.21
N VAL X 146 -11.15 -34.12 3.51
CA VAL X 146 -11.08 -35.51 3.93
C VAL X 146 -12.38 -36.17 3.49
N ASN X 147 -12.30 -37.44 3.06
CA ASN X 147 -13.31 -38.08 2.22
C ASN X 147 -13.55 -37.24 0.97
N GLY X 148 -12.53 -37.21 0.11
CA GLY X 148 -12.44 -36.23 -0.96
C GLY X 148 -13.60 -36.18 -1.93
N VAL X 149 -14.45 -35.18 -1.74
CA VAL X 149 -15.70 -34.99 -2.46
C VAL X 149 -15.72 -33.57 -2.97
N ARG X 150 -15.94 -33.40 -4.27
CA ARG X 150 -16.16 -32.08 -4.85
C ARG X 150 -17.35 -32.20 -5.80
N ALA X 151 -18.56 -32.01 -5.28
CA ALA X 151 -19.77 -32.11 -6.06
C ALA X 151 -20.20 -30.73 -6.54
N ILE X 152 -20.58 -30.63 -7.81
CA ILE X 152 -20.82 -29.34 -8.45
C ILE X 152 -22.27 -29.22 -8.92
N ASN X 153 -22.92 -30.32 -9.20
CA ASN X 153 -24.38 -30.23 -9.37
C ASN X 153 -25.03 -31.47 -8.78
N GLY X 154 -24.50 -31.93 -7.65
CA GLY X 154 -24.72 -33.29 -7.23
C GLY X 154 -23.80 -34.29 -7.88
N VAL X 155 -22.98 -33.85 -8.84
CA VAL X 155 -22.06 -34.71 -9.59
C VAL X 155 -20.69 -34.61 -8.94
N ASP X 156 -20.22 -35.70 -8.37
CA ASP X 156 -18.93 -35.73 -7.71
C ASP X 156 -17.83 -35.70 -8.76
N GLN X 157 -17.10 -34.59 -8.84
CA GLN X 157 -16.04 -34.45 -9.82
C GLN X 157 -14.82 -35.30 -9.49
N LEU X 158 -14.68 -35.73 -8.25
CA LEU X 158 -13.51 -36.49 -7.83
C LEU X 158 -13.72 -37.98 -7.87
N ALA X 159 -14.70 -38.48 -8.62
CA ALA X 159 -14.83 -39.92 -8.81
C ALA X 159 -13.71 -40.45 -9.69
N GLY X 160 -13.10 -39.59 -10.49
CA GLY X 160 -11.96 -40.01 -11.29
C GLY X 160 -10.75 -40.31 -10.45
N MET X 161 -10.37 -39.38 -9.57
CA MET X 161 -9.22 -39.61 -8.71
C MET X 161 -9.51 -40.61 -7.60
N ARG X 162 -10.78 -40.86 -7.29
CA ARG X 162 -11.11 -41.76 -6.19
C ARG X 162 -10.81 -43.20 -6.56
N ASN X 163 -11.13 -43.59 -7.80
CA ASN X 163 -10.80 -44.93 -8.25
C ASN X 163 -9.33 -45.08 -8.57
N ASP X 164 -8.66 -44.00 -8.95
CA ASP X 164 -7.22 -44.06 -9.23
C ASP X 164 -6.44 -44.28 -7.95
N LEU X 165 -6.84 -43.63 -6.86
CA LEU X 165 -6.13 -43.76 -5.61
C LEU X 165 -6.62 -44.94 -4.80
N GLY X 166 -7.68 -45.62 -5.23
CA GLY X 166 -8.22 -46.73 -4.46
C GLY X 166 -8.88 -46.30 -3.17
N LEU X 167 -9.50 -45.14 -3.15
CA LEU X 167 -10.05 -44.57 -1.93
C LEU X 167 -11.36 -45.22 -1.52
#